data_7TB3
#
_entry.id   7TB3
#
_entity_poly.entity_id   1
_entity_poly.type   'polypeptide(L)'
_entity_poly.pdbx_seq_one_letter_code
;HMGVRKGWHEHVTQDLRSHLVHKLVQAIFPCPDPCALKDRRMENLVAYAKKVEGDMYESANSRDEYYHLLAEKIYKIQKE
LEEKSQVRQNYHQDAEAAINRQINLELYASYVYLSMSCYFDRDDVALKNFAKYFLHQSHEEREHAEKLMKLQNQRGGRIF
LQDIKKPDRDDWCSGLNAMESALHLEKSVNQSLLELHKLATDKNDPHLCDFIETYYLSEQVKSIKELGDHVTNLRKMGAP
CAGMAEYLFDKHTLGHGDES
;
_entity_poly.pdbx_strand_id   A,B,C,D,E,F,G,H,I,J,K,L,M,N,O,P,Q,R,S,T,U,V,W,X
#
# COMPACT_ATOMS: atom_id res chain seq x y z
N THR A 13 6.91 -66.31 41.07
CA THR A 13 8.25 -66.83 40.81
C THR A 13 8.36 -67.29 39.36
N GLN A 14 7.31 -67.96 38.87
CA GLN A 14 7.32 -68.43 37.49
C GLN A 14 7.26 -67.27 36.51
N ASP A 15 6.45 -66.26 36.80
CA ASP A 15 6.39 -65.08 35.94
C ASP A 15 7.72 -64.35 35.92
N LEU A 16 8.36 -64.21 37.08
CA LEU A 16 9.68 -63.59 37.12
C LEU A 16 10.71 -64.44 36.36
N ARG A 17 10.58 -65.77 36.44
CA ARG A 17 11.50 -66.63 35.71
C ARG A 17 11.34 -66.45 34.20
N SER A 18 10.10 -66.38 33.72
CA SER A 18 9.87 -66.15 32.30
C SER A 18 10.38 -64.77 31.88
N HIS A 19 10.18 -63.76 32.72
CA HIS A 19 10.63 -62.42 32.38
C HIS A 19 12.15 -62.33 32.33
N LEU A 20 12.84 -63.06 33.21
CA LEU A 20 14.29 -63.04 33.19
C LEU A 20 14.89 -63.92 32.11
N VAL A 21 14.17 -64.95 31.67
CA VAL A 21 14.67 -65.79 30.58
C VAL A 21 14.35 -65.22 29.20
N HIS A 22 13.29 -64.40 29.08
CA HIS A 22 12.96 -63.79 27.81
C HIS A 22 13.88 -62.63 27.45
N LYS A 23 14.89 -62.34 28.26
CA LYS A 23 15.85 -61.28 27.94
C LYS A 23 17.04 -61.81 27.14
N LEU A 24 17.65 -62.91 27.60
CA LEU A 24 18.80 -63.45 26.88
C LEU A 24 18.38 -64.10 25.57
N VAL A 25 17.23 -64.78 25.55
CA VAL A 25 16.77 -65.41 24.31
C VAL A 25 16.40 -64.38 23.26
N GLN A 26 16.15 -63.14 23.66
CA GLN A 26 15.91 -62.07 22.69
C GLN A 26 17.16 -61.26 22.39
N ALA A 27 18.14 -61.26 23.31
CA ALA A 27 19.39 -60.56 23.04
C ALA A 27 20.31 -61.37 22.14
N ILE A 28 20.20 -62.70 22.18
CA ILE A 28 21.04 -63.54 21.32
C ILE A 28 20.63 -63.38 19.86
N PHE A 29 19.36 -63.63 19.55
CA PHE A 29 18.82 -63.54 18.20
C PHE A 29 17.69 -62.52 18.22
N PRO A 30 17.99 -61.24 18.01
CA PRO A 30 16.97 -60.20 18.15
C PRO A 30 16.12 -59.97 16.90
N CYS A 31 16.53 -60.46 15.72
CA CYS A 31 15.83 -60.21 14.47
C CYS A 31 15.38 -61.53 13.88
N PRO A 32 14.19 -62.02 14.27
CA PRO A 32 13.66 -63.24 13.65
C PRO A 32 13.12 -62.98 12.25
N ASP A 33 14.01 -62.81 11.29
CA ASP A 33 13.63 -62.46 9.92
C ASP A 33 13.03 -63.68 9.23
N PRO A 34 11.75 -63.65 8.83
CA PRO A 34 11.16 -64.80 8.14
C PRO A 34 11.40 -64.82 6.64
N CYS A 35 12.14 -63.85 6.10
CA CYS A 35 12.40 -63.75 4.67
C CYS A 35 13.61 -64.55 4.23
N ALA A 36 13.99 -65.59 4.98
CA ALA A 36 15.14 -66.41 4.64
C ALA A 36 14.95 -67.84 5.11
N LEU A 37 15.46 -68.16 6.30
CA LEU A 37 15.36 -69.51 6.84
C LEU A 37 14.00 -69.71 7.50
N LYS A 38 13.83 -70.87 8.13
CA LYS A 38 12.58 -71.19 8.81
C LYS A 38 12.61 -70.69 10.25
N ASP A 39 12.03 -71.47 11.18
CA ASP A 39 11.97 -71.08 12.58
C ASP A 39 12.37 -72.22 13.51
N ARG A 40 13.15 -73.18 13.01
CA ARG A 40 13.62 -74.27 13.86
C ARG A 40 14.95 -73.95 14.54
N ARG A 41 15.80 -73.14 13.89
CA ARG A 41 17.05 -72.72 14.52
C ARG A 41 16.77 -71.81 15.70
N MET A 42 15.73 -70.97 15.60
CA MET A 42 15.33 -70.14 16.73
C MET A 42 14.88 -71.00 17.92
N GLU A 43 14.11 -72.05 17.65
CA GLU A 43 13.68 -72.94 18.72
C GLU A 43 14.86 -73.69 19.33
N ASN A 44 15.82 -74.11 18.49
CA ASN A 44 17.02 -74.76 19.02
C ASN A 44 17.82 -73.81 19.91
N LEU A 45 17.96 -72.56 19.48
CA LEU A 45 18.67 -71.57 20.30
C LEU A 45 17.93 -71.31 21.61
N VAL A 46 16.60 -71.25 21.56
CA VAL A 46 15.82 -71.05 22.78
C VAL A 46 16.01 -72.22 23.74
N ALA A 47 15.99 -73.44 23.22
CA ALA A 47 16.19 -74.62 24.07
C ALA A 47 17.60 -74.62 24.67
N TYR A 48 18.60 -74.26 23.87
CA TYR A 48 19.97 -74.20 24.40
C TYR A 48 20.10 -73.14 25.49
N ALA A 49 19.49 -71.98 25.27
CA ALA A 49 19.53 -70.93 26.28
C ALA A 49 18.80 -71.35 27.56
N LYS A 50 17.68 -72.07 27.41
CA LYS A 50 16.97 -72.56 28.58
C LYS A 50 17.80 -73.57 29.35
N LYS A 51 18.49 -74.46 28.64
CA LYS A 51 19.35 -75.43 29.32
C LYS A 51 20.51 -74.72 30.03
N VAL A 52 21.10 -73.71 29.39
CA VAL A 52 22.19 -72.95 30.00
C VAL A 52 21.70 -72.24 31.26
N GLU A 53 20.54 -71.60 31.17
CA GLU A 53 19.97 -70.93 32.34
C GLU A 53 19.69 -71.92 33.45
N GLY A 54 19.17 -73.10 33.11
CA GLY A 54 18.90 -74.11 34.13
C GLY A 54 20.15 -74.56 34.85
N ASP A 55 21.21 -74.87 34.09
CA ASP A 55 22.42 -75.36 34.74
C ASP A 55 23.12 -74.25 35.53
N MET A 56 23.07 -73.00 35.04
CA MET A 56 23.70 -71.93 35.78
C MET A 56 22.89 -71.49 36.99
N TYR A 57 21.58 -71.77 37.01
CA TYR A 57 20.79 -71.56 38.21
C TYR A 57 20.98 -72.69 39.21
N GLU A 58 21.18 -73.91 38.71
CA GLU A 58 21.53 -75.01 39.61
C GLU A 58 22.91 -74.80 40.23
N SER A 59 23.84 -74.21 39.49
CA SER A 59 25.17 -73.91 39.99
C SER A 59 25.29 -72.50 40.56
N ALA A 60 24.20 -71.96 41.10
CA ALA A 60 24.19 -70.63 41.67
C ALA A 60 24.42 -70.71 43.18
N ASN A 61 24.18 -69.61 43.90
CA ASN A 61 24.38 -69.58 45.33
C ASN A 61 23.50 -68.53 46.00
N SER A 62 23.33 -67.38 45.34
CA SER A 62 22.55 -66.29 45.92
C SER A 62 21.65 -65.72 44.82
N ARG A 63 21.22 -64.47 45.01
CA ARG A 63 20.30 -63.80 44.09
C ARG A 63 20.90 -62.57 43.45
N ASP A 64 21.57 -61.72 44.22
CA ASP A 64 22.14 -60.50 43.66
C ASP A 64 23.32 -60.81 42.75
N GLU A 65 24.20 -61.72 43.18
CA GLU A 65 25.31 -62.12 42.33
C GLU A 65 24.83 -62.79 41.05
N TYR A 66 23.69 -63.49 41.12
CA TYR A 66 23.12 -64.10 39.93
C TYR A 66 22.69 -63.03 38.92
N TYR A 67 22.03 -61.98 39.40
CA TYR A 67 21.63 -60.89 38.52
C TYR A 67 22.85 -60.16 37.96
N HIS A 68 23.89 -59.98 38.79
CA HIS A 68 25.11 -59.35 38.30
C HIS A 68 25.78 -60.18 37.21
N LEU A 69 25.84 -61.49 37.39
CA LEU A 69 26.42 -62.36 36.38
C LEU A 69 25.58 -62.35 35.10
N LEU A 70 24.26 -62.30 35.24
CA LEU A 70 23.40 -62.22 34.06
C LEU A 70 23.63 -60.91 33.31
N ALA A 71 23.76 -59.80 34.04
CA ALA A 71 24.02 -58.53 33.39
C ALA A 71 25.38 -58.54 32.69
N GLU A 72 26.40 -59.12 33.32
CA GLU A 72 27.71 -59.21 32.70
C GLU A 72 27.65 -60.08 31.44
N LYS A 73 26.90 -61.18 31.49
CA LYS A 73 26.77 -62.05 30.32
C LYS A 73 26.05 -61.33 29.19
N ILE A 74 25.01 -60.56 29.51
CA ILE A 74 24.30 -59.81 28.47
C ILE A 74 25.21 -58.76 27.86
N TYR A 75 26.00 -58.07 28.69
CA TYR A 75 26.92 -57.06 28.17
C TYR A 75 28.03 -57.68 27.34
N LYS A 76 28.42 -58.92 27.65
CA LYS A 76 29.46 -59.58 26.89
C LYS A 76 28.95 -60.09 25.56
N ILE A 77 27.75 -60.67 25.54
CA ILE A 77 27.22 -61.24 24.31
C ILE A 77 26.75 -60.16 23.33
N GLN A 78 26.49 -58.95 23.79
CA GLN A 78 26.08 -57.87 22.92
C GLN A 78 27.25 -57.21 22.20
N LYS A 79 28.48 -57.72 22.39
CA LYS A 79 29.68 -57.21 21.71
C LYS A 79 30.42 -58.41 21.12
N GLU A 80 29.77 -59.08 20.18
CA GLU A 80 30.30 -60.31 19.57
C GLU A 80 30.73 -59.99 18.13
N LEU A 81 29.86 -60.15 17.13
CA LEU A 81 30.24 -59.90 15.74
C LEU A 81 29.10 -59.21 14.99
N GLU A 82 28.77 -57.99 15.44
CA GLU A 82 27.73 -57.19 14.82
C GLU A 82 28.29 -56.25 13.75
N GLU A 83 29.42 -56.60 13.14
CA GLU A 83 30.08 -55.79 12.10
C GLU A 83 30.41 -54.38 12.58
N LYS A 84 30.51 -54.19 13.90
CA LYS A 84 30.81 -52.89 14.49
C LYS A 84 29.81 -51.84 14.00
N SER A 85 30.18 -51.10 12.97
CA SER A 85 29.34 -50.08 12.37
C SER A 85 29.95 -49.68 11.04
N GLN A 86 29.25 -48.80 10.31
CA GLN A 86 29.73 -48.30 9.03
C GLN A 86 30.30 -46.89 9.10
N VAL A 87 30.00 -46.14 10.16
CA VAL A 87 30.51 -44.79 10.34
C VAL A 87 31.37 -44.66 11.59
N ARG A 88 31.57 -45.74 12.34
CA ARG A 88 32.37 -45.70 13.56
C ARG A 88 33.85 -45.80 13.19
N GLN A 89 34.62 -44.78 13.55
CA GLN A 89 36.05 -44.74 13.26
C GLN A 89 36.79 -44.20 14.47
N ASN A 90 37.65 -45.02 15.06
CA ASN A 90 38.43 -44.66 16.24
C ASN A 90 37.52 -44.23 17.40
N TYR A 91 36.95 -45.20 18.10
CA TYR A 91 36.07 -44.91 19.23
C TYR A 91 36.10 -46.10 20.19
N HIS A 92 36.63 -45.88 21.38
CA HIS A 92 36.78 -46.91 22.39
C HIS A 92 35.48 -47.09 23.16
N GLN A 93 35.36 -48.24 23.82
CA GLN A 93 34.16 -48.54 24.59
C GLN A 93 34.05 -47.68 25.85
N ASP A 94 35.16 -47.18 26.37
CA ASP A 94 35.10 -46.31 27.54
C ASP A 94 34.36 -45.01 27.22
N ALA A 95 34.63 -44.43 26.04
CA ALA A 95 33.90 -43.24 25.64
C ALA A 95 32.41 -43.52 25.45
N GLU A 96 32.08 -44.70 24.93
CA GLU A 96 30.67 -45.06 24.78
C GLU A 96 29.99 -45.19 26.14
N ALA A 97 30.65 -45.83 27.10
CA ALA A 97 30.09 -45.94 28.44
C ALA A 97 29.94 -44.58 29.09
N ALA A 98 30.91 -43.69 28.87
CA ALA A 98 30.81 -42.34 29.43
C ALA A 98 29.66 -41.57 28.81
N ILE A 99 29.45 -41.72 27.50
CA ILE A 99 28.32 -41.06 26.84
C ILE A 99 27.00 -41.62 27.36
N ASN A 100 26.94 -42.93 27.60
CA ASN A 100 25.73 -43.53 28.15
C ASN A 100 25.44 -43.01 29.54
N ARG A 101 26.48 -42.91 30.39
CA ARG A 101 26.28 -42.38 31.73
C ARG A 101 25.86 -40.90 31.68
N GLN A 102 26.43 -40.14 30.75
CA GLN A 102 26.04 -38.74 30.61
C GLN A 102 24.59 -38.61 30.16
N ILE A 103 24.15 -39.48 29.25
CA ILE A 103 22.76 -39.46 28.81
C ILE A 103 21.83 -39.83 29.96
N ASN A 104 22.22 -40.83 30.76
CA ASN A 104 21.42 -41.19 31.92
C ASN A 104 21.32 -40.04 32.92
N LEU A 105 22.44 -39.33 33.14
CA LEU A 105 22.41 -38.19 34.05
C LEU A 105 21.55 -37.06 33.48
N GLU A 106 21.59 -36.85 32.16
CA GLU A 106 20.73 -35.84 31.55
C GLU A 106 19.26 -36.19 31.72
N LEU A 107 18.92 -37.47 31.54
CA LEU A 107 17.53 -37.89 31.72
C LEU A 107 17.10 -37.73 33.18
N TYR A 108 17.99 -38.06 34.13
CA TYR A 108 17.67 -37.88 35.53
C TYR A 108 17.47 -36.40 35.87
N ALA A 109 18.31 -35.52 35.30
CA ALA A 109 18.15 -34.09 35.53
C ALA A 109 16.84 -33.58 34.93
N SER A 110 16.47 -34.07 33.75
CA SER A 110 15.20 -33.68 33.16
C SER A 110 14.03 -34.14 34.02
N TYR A 111 14.11 -35.35 34.57
CA TYR A 111 13.05 -35.84 35.44
C TYR A 111 12.96 -35.00 36.72
N VAL A 112 14.11 -34.64 37.30
CA VAL A 112 14.10 -33.82 38.51
C VAL A 112 13.52 -32.45 38.21
N TYR A 113 13.86 -31.87 37.06
CA TYR A 113 13.31 -30.55 36.71
C TYR A 113 11.82 -30.63 36.44
N LEU A 114 11.35 -31.72 35.84
CA LEU A 114 9.91 -31.91 35.66
C LEU A 114 9.20 -32.02 37.00
N SER A 115 9.79 -32.78 37.93
CA SER A 115 9.19 -32.89 39.27
C SER A 115 9.16 -31.54 39.97
N MET A 116 10.22 -30.73 39.81
CA MET A 116 10.23 -29.40 40.41
C MET A 116 9.16 -28.50 39.78
N SER A 117 9.01 -28.57 38.45
CA SER A 117 8.00 -27.76 37.78
C SER A 117 6.59 -28.18 38.20
N CYS A 118 6.36 -29.47 38.41
CA CYS A 118 5.04 -29.94 38.82
C CYS A 118 4.78 -29.72 40.30
N TYR A 119 5.83 -29.58 41.12
CA TYR A 119 5.63 -29.33 42.55
C TYR A 119 5.25 -27.87 42.81
N PHE A 120 5.95 -26.94 42.17
CA PHE A 120 5.65 -25.52 42.37
C PHE A 120 4.34 -25.11 41.69
N ASP A 121 3.82 -25.93 40.78
CA ASP A 121 2.55 -25.65 40.11
C ASP A 121 1.36 -26.15 40.90
N ARG A 122 1.57 -26.73 42.08
CA ARG A 122 0.49 -27.27 42.89
C ARG A 122 -0.29 -26.16 43.59
N ASP A 123 -1.12 -26.53 44.56
CA ASP A 123 -1.92 -25.57 45.32
C ASP A 123 -1.27 -25.14 46.62
N ASP A 124 -0.37 -25.95 47.18
CA ASP A 124 0.30 -25.61 48.43
C ASP A 124 1.52 -24.72 48.23
N VAL A 125 1.89 -24.44 46.98
CA VAL A 125 3.04 -23.59 46.68
C VAL A 125 2.61 -22.31 45.96
N ALA A 126 1.87 -22.46 44.86
CA ALA A 126 1.33 -21.34 44.08
C ALA A 126 2.45 -20.41 43.60
N LEU A 127 3.29 -20.97 42.72
CA LEU A 127 4.39 -20.23 42.10
C LEU A 127 4.44 -20.62 40.62
N LYS A 128 3.87 -19.79 39.77
CA LYS A 128 3.79 -20.09 38.34
C LYS A 128 5.08 -19.77 37.60
N ASN A 129 5.79 -18.71 37.98
CA ASN A 129 7.02 -18.35 37.29
C ASN A 129 8.12 -19.39 37.54
N PHE A 130 8.24 -19.86 38.78
CA PHE A 130 9.21 -20.92 39.08
C PHE A 130 8.85 -22.19 38.33
N ALA A 131 7.56 -22.52 38.24
CA ALA A 131 7.16 -23.70 37.50
C ALA A 131 7.49 -23.58 36.02
N LYS A 132 7.26 -22.40 35.44
CA LYS A 132 7.59 -22.18 34.03
C LYS A 132 9.10 -22.25 33.80
N TYR A 133 9.89 -21.70 34.71
CA TYR A 133 11.34 -21.76 34.59
C TYR A 133 11.83 -23.20 34.68
N PHE A 134 11.28 -23.98 35.62
CA PHE A 134 11.69 -25.37 35.75
C PHE A 134 11.26 -26.19 34.54
N LEU A 135 10.09 -25.88 33.96
CA LEU A 135 9.65 -26.56 32.75
C LEU A 135 10.57 -26.23 31.57
N HIS A 136 10.99 -24.97 31.47
CA HIS A 136 11.94 -24.59 30.42
C HIS A 136 13.28 -25.30 30.61
N GLN A 137 13.74 -25.40 31.85
CA GLN A 137 14.98 -26.13 32.12
C GLN A 137 14.84 -27.61 31.77
N SER A 138 13.69 -28.20 32.08
CA SER A 138 13.47 -29.60 31.72
C SER A 138 13.45 -29.79 30.20
N HIS A 139 12.84 -28.84 29.49
CA HIS A 139 12.84 -28.90 28.02
C HIS A 139 14.26 -28.78 27.47
N GLU A 140 15.07 -27.90 28.06
CA GLU A 140 16.46 -27.76 27.63
C GLU A 140 17.24 -29.04 27.90
N GLU A 141 17.02 -29.67 29.06
CA GLU A 141 17.70 -30.93 29.35
C GLU A 141 17.26 -32.03 28.38
N ARG A 142 15.97 -32.06 28.04
CA ARG A 142 15.48 -33.04 27.08
CA ARG A 142 15.47 -33.04 27.08
C ARG A 142 16.10 -32.83 25.71
N GLU A 143 16.22 -31.57 25.28
CA GLU A 143 16.84 -31.27 24.00
C GLU A 143 18.32 -31.65 24.01
N HIS A 144 19.01 -31.40 25.11
CA HIS A 144 20.42 -31.78 25.21
C HIS A 144 20.58 -33.29 25.18
N ALA A 145 19.68 -34.03 25.84
CA ALA A 145 19.73 -35.48 25.82
C ALA A 145 19.48 -36.01 24.41
N GLU A 146 18.50 -35.43 23.71
CA GLU A 146 18.24 -35.85 22.33
C GLU A 146 19.41 -35.54 21.42
N LYS A 147 20.08 -34.40 21.65
CA LYS A 147 21.25 -34.07 20.85
C LYS A 147 22.40 -35.03 21.12
N LEU A 148 22.59 -35.41 22.38
CA LEU A 148 23.61 -36.41 22.72
C LEU A 148 23.30 -37.75 22.08
N MET A 149 22.03 -38.15 22.09
CA MET A 149 21.64 -39.42 21.46
C MET A 149 21.89 -39.36 19.96
N LYS A 150 21.56 -38.25 19.32
CA LYS A 150 21.79 -38.11 17.89
C LYS A 150 23.27 -38.13 17.56
N LEU A 151 24.09 -37.47 18.39
CA LEU A 151 25.54 -37.48 18.17
C LEU A 151 26.12 -38.88 18.34
N GLN A 152 25.61 -39.64 19.32
CA GLN A 152 26.08 -41.01 19.50
C GLN A 152 25.64 -41.89 18.32
N ASN A 153 24.44 -41.65 17.80
CA ASN A 153 23.98 -42.42 16.64
C ASN A 153 24.78 -42.08 15.39
N GLN A 154 25.22 -40.83 15.25
CA GLN A 154 26.01 -40.44 14.08
C GLN A 154 27.44 -40.98 14.14
N ARG A 155 27.93 -41.34 15.33
CA ARG A 155 29.27 -41.89 15.48
C ARG A 155 29.30 -43.41 15.41
N GLY A 156 28.17 -44.05 15.13
CA GLY A 156 28.13 -45.50 15.04
C GLY A 156 28.29 -46.21 16.36
N GLY A 157 27.60 -45.74 17.40
CA GLY A 157 27.70 -46.36 18.71
C GLY A 157 26.36 -46.80 19.26
N ARG A 158 26.38 -47.83 20.11
CA ARG A 158 25.15 -48.37 20.70
C ARG A 158 24.74 -47.51 21.89
N ILE A 159 23.44 -47.44 22.13
CA ILE A 159 22.87 -46.69 23.24
C ILE A 159 22.15 -47.67 24.15
N PHE A 160 22.64 -47.82 25.38
CA PHE A 160 22.08 -48.75 26.37
C PHE A 160 21.24 -47.93 27.35
N LEU A 161 19.95 -47.83 27.06
CA LEU A 161 19.04 -47.09 27.93
C LEU A 161 18.70 -47.92 29.16
N GLN A 162 19.09 -47.43 30.33
CA GLN A 162 18.84 -48.11 31.59
C GLN A 162 17.54 -47.58 32.19
N ASP A 163 17.35 -47.75 33.50
CA ASP A 163 16.15 -47.30 34.19
C ASP A 163 16.40 -45.92 34.79
N ILE A 164 15.49 -44.99 34.52
CA ILE A 164 15.60 -43.63 35.04
C ILE A 164 15.26 -43.65 36.53
N LYS A 165 16.18 -43.17 37.36
CA LYS A 165 15.96 -43.15 38.80
C LYS A 165 15.00 -42.04 39.19
N LYS A 166 14.28 -42.25 40.29
CA LYS A 166 13.32 -41.28 40.80
C LYS A 166 14.02 -40.26 41.69
N PRO A 167 13.49 -39.03 41.76
CA PRO A 167 14.09 -38.02 42.63
C PRO A 167 14.01 -38.42 44.09
N ASP A 168 15.11 -38.21 44.81
CA ASP A 168 15.17 -38.58 46.22
C ASP A 168 14.32 -37.66 47.09
N ARG A 169 14.03 -36.44 46.64
CA ARG A 169 13.24 -35.48 47.39
C ARG A 169 11.99 -35.15 46.60
N ASP A 170 10.82 -35.28 47.24
CA ASP A 170 9.54 -34.99 46.61
C ASP A 170 8.87 -33.74 47.16
N ASP A 171 9.09 -33.44 48.45
CA ASP A 171 8.51 -32.26 49.10
C ASP A 171 9.61 -31.20 49.20
N TRP A 172 9.59 -30.25 48.26
CA TRP A 172 10.58 -29.18 48.26
C TRP A 172 10.26 -28.05 49.23
N CYS A 173 9.07 -28.06 49.82
CA CYS A 173 8.67 -27.07 50.82
C CYS A 173 8.76 -25.65 50.27
N SER A 174 9.88 -24.99 50.52
CA SER A 174 10.07 -23.62 50.06
C SER A 174 10.73 -23.61 48.68
N GLY A 175 11.61 -22.63 48.44
CA GLY A 175 12.27 -22.53 47.15
C GLY A 175 13.79 -22.57 47.26
N LEU A 176 14.32 -22.27 48.45
CA LEU A 176 15.76 -22.29 48.65
C LEU A 176 16.33 -23.70 48.55
N ASN A 177 15.64 -24.69 49.13
CA ASN A 177 16.10 -26.07 49.03
C ASN A 177 16.09 -26.56 47.59
N ALA A 178 15.07 -26.16 46.82
CA ALA A 178 15.02 -26.54 45.41
C ALA A 178 16.17 -25.91 44.64
N MET A 179 16.50 -24.66 44.94
CA MET A 179 17.63 -24.01 44.28
C MET A 179 18.95 -24.68 44.64
N GLU A 180 19.11 -25.07 45.92
CA GLU A 180 20.32 -25.77 46.31
C GLU A 180 20.43 -27.14 45.63
N SER A 181 19.31 -27.85 45.53
CA SER A 181 19.32 -29.14 44.84
C SER A 181 19.66 -28.97 43.36
N ALA A 182 19.10 -27.95 42.72
CA ALA A 182 19.40 -27.69 41.32
C ALA A 182 20.86 -27.32 41.12
N LEU A 183 21.42 -26.53 42.05
CA LEU A 183 22.84 -26.17 41.97
C LEU A 183 23.73 -27.40 42.14
N HIS A 184 23.39 -28.27 43.08
CA HIS A 184 24.16 -29.50 43.26
C HIS A 184 24.06 -30.39 42.03
N LEU A 185 22.87 -30.48 41.43
CA LEU A 185 22.70 -31.27 40.23
C LEU A 185 23.52 -30.71 39.07
N GLU A 186 23.53 -29.38 38.92
CA GLU A 186 24.33 -28.77 37.86
C GLU A 186 25.82 -28.97 38.10
N LYS A 187 26.26 -28.93 39.36
CA LYS A 187 27.66 -29.20 39.67
C LYS A 187 28.02 -30.65 39.34
N SER A 188 27.12 -31.58 39.63
CA SER A 188 27.36 -32.98 39.29
C SER A 188 27.42 -33.17 37.78
N VAL A 189 26.54 -32.49 37.04
CA VAL A 189 26.56 -32.56 35.58
C VAL A 189 27.87 -31.99 35.03
N ASN A 190 28.33 -30.88 35.61
CA ASN A 190 29.59 -30.29 35.17
C ASN A 190 30.77 -31.22 35.46
N GLN A 191 30.75 -31.88 36.62
CA GLN A 191 31.81 -32.84 36.94
C GLN A 191 31.78 -34.02 35.98
N SER A 192 30.59 -34.51 35.64
CA SER A 192 30.49 -35.60 34.67
C SER A 192 30.99 -35.17 33.30
N LEU A 193 30.70 -33.93 32.90
CA LEU A 193 31.19 -33.43 31.62
C LEU A 193 32.70 -33.29 31.62
N LEU A 194 33.28 -32.85 32.75
CA LEU A 194 34.73 -32.77 32.85
C LEU A 194 35.37 -34.15 32.78
N GLU A 195 34.76 -35.14 33.44
CA GLU A 195 35.28 -36.51 33.36
C GLU A 195 35.18 -37.05 31.94
N LEU A 196 34.08 -36.77 31.25
CA LEU A 196 33.93 -37.20 29.86
C LEU A 196 34.98 -36.54 28.97
N HIS A 197 35.24 -35.25 29.19
CA HIS A 197 36.27 -34.56 28.42
C HIS A 197 37.65 -35.16 28.66
N LYS A 198 37.96 -35.45 29.94
CA LYS A 198 39.25 -36.05 30.25
C LYS A 198 39.39 -37.42 29.63
N LEU A 199 38.32 -38.22 29.65
CA LEU A 199 38.37 -39.56 29.07
C LEU A 199 38.51 -39.49 27.55
N ALA A 200 37.84 -38.53 26.92
CA ALA A 200 37.97 -38.37 25.48
C ALA A 200 39.37 -37.87 25.09
N THR A 201 39.98 -37.03 25.94
CA THR A 201 41.33 -36.56 25.66
C THR A 201 42.34 -37.69 25.85
N ASP A 202 42.16 -38.52 26.87
CA ASP A 202 43.09 -39.62 27.11
C ASP A 202 42.92 -40.75 26.12
N LYS A 203 41.78 -40.83 25.43
CA LYS A 203 41.52 -41.88 24.46
C LYS A 203 41.50 -41.35 23.02
N ASN A 204 42.02 -40.14 22.81
CA ASN A 204 42.10 -39.53 21.48
C ASN A 204 40.73 -39.45 20.81
N ASP A 205 39.95 -38.44 21.17
CA ASP A 205 38.64 -38.20 20.58
C ASP A 205 38.45 -36.70 20.45
N PRO A 206 38.96 -36.11 19.36
CA PRO A 206 38.90 -34.64 19.22
C PRO A 206 37.50 -34.13 18.88
N HIS A 207 36.78 -34.89 18.04
CA HIS A 207 35.46 -34.43 17.61
C HIS A 207 34.47 -34.36 18.77
N LEU A 208 34.38 -35.44 19.55
CA LEU A 208 33.47 -35.46 20.69
C LEU A 208 33.89 -34.42 21.73
N CYS A 209 35.19 -34.28 21.97
CA CYS A 209 35.69 -33.29 22.91
C CYS A 209 35.27 -31.88 22.49
N ASP A 210 35.49 -31.54 21.21
CA ASP A 210 35.12 -30.22 20.72
C ASP A 210 33.61 -30.00 20.80
N PHE A 211 32.82 -31.02 20.43
CA PHE A 211 31.38 -30.89 20.47
C PHE A 211 30.88 -30.66 21.88
N ILE A 212 31.43 -31.39 22.85
CA ILE A 212 31.01 -31.23 24.25
C ILE A 212 31.43 -29.87 24.78
N GLU A 213 32.66 -29.44 24.47
CA GLU A 213 33.14 -28.16 25.00
C GLU A 213 32.52 -26.96 24.29
N THR A 214 31.91 -27.16 23.13
CA THR A 214 31.28 -26.06 22.39
C THR A 214 29.77 -26.00 22.60
N TYR A 215 29.05 -27.05 22.21
CA TYR A 215 27.60 -27.03 22.19
C TYR A 215 26.97 -27.57 23.47
N TYR A 216 27.68 -27.49 24.61
CA TYR A 216 27.13 -27.96 25.86
C TYR A 216 27.60 -27.12 27.04
N LEU A 217 28.91 -26.90 27.14
CA LEU A 217 29.44 -26.13 28.26
C LEU A 217 28.99 -24.67 28.21
N SER A 218 28.80 -24.13 27.01
CA SER A 218 28.39 -22.74 26.89
C SER A 218 27.03 -22.48 27.54
N GLU A 219 26.17 -23.49 27.59
CA GLU A 219 24.88 -23.37 28.24
C GLU A 219 24.94 -23.80 29.71
N GLN A 220 25.74 -24.81 30.01
CA GLN A 220 25.85 -25.29 31.39
C GLN A 220 26.47 -24.24 32.30
N VAL A 221 27.50 -23.54 31.81
CA VAL A 221 28.13 -22.50 32.62
C VAL A 221 27.15 -21.36 32.89
N LYS A 222 26.37 -20.98 31.87
CA LYS A 222 25.38 -19.92 32.05
C LYS A 222 24.29 -20.35 33.03
N SER A 223 23.86 -21.61 32.95
CA SER A 223 22.85 -22.11 33.88
C SER A 223 23.38 -22.12 35.31
N ILE A 224 24.62 -22.56 35.50
CA ILE A 224 25.22 -22.57 36.83
C ILE A 224 25.34 -21.15 37.37
N LYS A 225 25.75 -20.20 36.52
CA LYS A 225 25.86 -18.81 36.95
C LYS A 225 24.50 -18.23 37.33
N GLU A 226 23.46 -18.55 36.54
CA GLU A 226 22.13 -18.05 36.86
C GLU A 226 21.61 -18.65 38.17
N LEU A 227 21.85 -19.94 38.39
CA LEU A 227 21.42 -20.56 39.65
C LEU A 227 22.18 -19.98 40.84
N GLY A 228 23.48 -19.71 40.66
CA GLY A 228 24.24 -19.09 41.72
C GLY A 228 23.75 -17.68 42.03
N ASP A 229 23.41 -16.92 41.00
CA ASP A 229 22.85 -15.58 41.21
C ASP A 229 21.51 -15.66 41.93
N HIS A 230 20.68 -16.63 41.57
CA HIS A 230 19.39 -16.79 42.24
C HIS A 230 19.58 -17.16 43.71
N VAL A 231 20.53 -18.06 44.00
CA VAL A 231 20.79 -18.44 45.38
C VAL A 231 21.32 -17.26 46.17
N THR A 232 22.20 -16.46 45.56
CA THR A 232 22.74 -15.28 46.24
C THR A 232 21.64 -14.26 46.52
N ASN A 233 20.71 -14.09 45.57
CA ASN A 233 19.60 -13.16 45.79
C ASN A 233 18.66 -13.67 46.88
N LEU A 234 18.43 -14.98 46.93
CA LEU A 234 17.55 -15.54 47.95
C LEU A 234 18.19 -15.49 49.34
N ARG A 235 19.51 -15.61 49.42
CA ARG A 235 20.22 -15.59 50.69
C ARG A 235 20.59 -14.18 51.15
N LYS A 236 19.89 -13.16 50.65
CA LYS A 236 20.17 -11.79 51.05
C LYS A 236 18.87 -11.03 51.31
N MET A 237 17.81 -11.37 50.55
CA MET A 237 16.54 -10.68 50.73
C MET A 237 15.85 -11.05 52.03
N GLY A 238 16.03 -12.29 52.49
CA GLY A 238 15.44 -12.72 53.74
C GLY A 238 14.89 -14.13 53.69
N ALA A 239 14.99 -14.78 52.55
CA ALA A 239 14.50 -16.14 52.40
C ALA A 239 15.33 -17.10 53.25
N PRO A 240 14.71 -18.16 53.82
CA PRO A 240 13.29 -18.48 53.68
C PRO A 240 12.41 -17.80 54.73
N CYS A 241 13.01 -16.99 55.60
CA CYS A 241 12.28 -16.31 56.67
C CYS A 241 11.70 -14.98 56.23
N ALA A 242 11.22 -14.90 54.98
CA ALA A 242 10.62 -13.66 54.48
C ALA A 242 9.67 -14.05 53.34
N GLY A 243 8.37 -14.09 53.63
CA GLY A 243 7.38 -14.47 52.64
C GLY A 243 7.25 -13.48 51.50
N MET A 244 7.52 -12.21 51.74
CA MET A 244 7.42 -11.21 50.69
C MET A 244 8.60 -11.27 49.73
N ALA A 245 9.76 -11.73 50.20
CA ALA A 245 10.92 -11.83 49.32
C ALA A 245 10.71 -12.85 48.21
N GLU A 246 10.05 -13.96 48.52
CA GLU A 246 9.75 -14.97 47.50
C GLU A 246 8.81 -14.40 46.45
N TYR A 247 7.77 -13.68 46.89
CA TYR A 247 6.84 -13.09 45.93
C TYR A 247 7.53 -12.02 45.07
N LEU A 248 8.44 -11.25 45.67
CA LEU A 248 9.17 -10.24 44.90
C LEU A 248 10.07 -10.90 43.86
N PHE A 249 10.79 -11.96 44.24
CA PHE A 249 11.63 -12.67 43.29
C PHE A 249 10.81 -13.39 42.23
N ASP A 250 9.56 -13.75 42.54
CA ASP A 250 8.70 -14.41 41.58
C ASP A 250 8.14 -13.43 40.55
N LYS A 251 7.65 -12.28 41.03
CA LYS A 251 6.99 -11.30 40.16
C LYS A 251 7.95 -10.28 39.58
N HIS A 252 9.23 -10.60 39.46
CA HIS A 252 10.20 -9.68 38.87
C HIS A 252 11.28 -10.42 38.09
N THR A 253 11.98 -11.34 38.75
CA THR A 253 13.05 -12.08 38.08
C THR A 253 12.50 -13.02 37.02
N LEU A 254 11.74 -14.03 37.44
CA LEU A 254 11.17 -15.00 36.52
C LEU A 254 9.79 -14.60 36.00
N GLY A 255 9.33 -13.39 36.31
CA GLY A 255 8.03 -12.93 35.85
C GLY A 255 8.11 -12.04 34.63
N THR B 13 -14.91 -42.64 -66.43
CA THR B 13 -13.49 -42.69 -66.75
C THR B 13 -12.95 -41.29 -67.05
N GLN B 14 -13.63 -40.27 -66.54
CA GLN B 14 -13.23 -38.88 -66.78
C GLN B 14 -13.03 -38.07 -65.51
N ASP B 15 -13.34 -38.62 -64.32
CA ASP B 15 -13.10 -37.88 -63.09
C ASP B 15 -11.60 -37.76 -62.80
N LEU B 16 -10.90 -38.90 -62.77
CA LEU B 16 -9.45 -38.88 -62.60
C LEU B 16 -8.78 -38.12 -63.75
N ARG B 17 -9.31 -38.25 -64.97
CA ARG B 17 -8.75 -37.52 -66.11
C ARG B 17 -8.89 -36.02 -65.90
N SER B 18 -10.06 -35.57 -65.46
CA SER B 18 -10.26 -34.15 -65.20
C SER B 18 -9.36 -33.66 -64.06
N HIS B 19 -9.21 -34.48 -63.02
CA HIS B 19 -8.38 -34.10 -61.90
C HIS B 19 -6.90 -33.99 -62.30
N LEU B 20 -6.45 -34.86 -63.19
CA LEU B 20 -5.05 -34.82 -63.62
C LEU B 20 -4.81 -33.75 -64.68
N VAL B 21 -5.83 -33.35 -65.44
CA VAL B 21 -5.65 -32.28 -66.41
C VAL B 21 -5.83 -30.89 -65.80
N HIS B 22 -6.58 -30.77 -64.70
CA HIS B 22 -6.75 -29.49 -64.04
C HIS B 22 -5.52 -29.06 -63.24
N LYS B 23 -4.45 -29.84 -63.26
CA LYS B 23 -3.22 -29.46 -62.56
C LYS B 23 -2.30 -28.64 -63.47
N LEU B 24 -2.04 -29.12 -64.68
CA LEU B 24 -1.14 -28.40 -65.58
C LEU B 24 -1.79 -27.11 -66.09
N VAL B 25 -3.10 -27.15 -66.38
CA VAL B 25 -3.78 -25.95 -66.86
C VAL B 25 -3.84 -24.87 -65.79
N GLN B 26 -3.69 -25.24 -64.52
CA GLN B 26 -3.61 -24.27 -63.44
C GLN B 26 -2.17 -23.87 -63.12
N ALA B 27 -1.22 -24.77 -63.37
CA ALA B 27 0.18 -24.45 -63.11
C ALA B 27 0.76 -23.54 -64.19
N ILE B 28 0.26 -23.62 -65.42
CA ILE B 28 0.76 -22.78 -66.49
C ILE B 28 0.36 -21.32 -66.24
N PHE B 29 -0.94 -21.06 -66.10
CA PHE B 29 -1.47 -19.72 -65.87
C PHE B 29 -2.23 -19.74 -64.55
N PRO B 30 -1.54 -19.47 -63.44
CA PRO B 30 -2.18 -19.60 -62.12
C PRO B 30 -2.96 -18.38 -61.67
N CYS B 31 -2.76 -17.22 -62.28
CA CYS B 31 -3.40 -15.96 -61.86
C CYS B 31 -4.27 -15.43 -62.99
N PRO B 32 -5.53 -15.87 -63.06
CA PRO B 32 -6.44 -15.30 -64.07
C PRO B 32 -6.93 -13.91 -63.68
N ASP B 33 -6.05 -12.92 -63.82
CA ASP B 33 -6.37 -11.56 -63.41
C ASP B 33 -7.35 -10.92 -64.40
N PRO B 34 -8.56 -10.56 -63.98
CA PRO B 34 -9.51 -9.93 -64.90
C PRO B 34 -9.33 -8.42 -65.02
N CYS B 35 -8.35 -7.83 -64.35
CA CYS B 35 -8.13 -6.39 -64.36
C CYS B 35 -7.24 -5.94 -65.53
N ALA B 36 -7.19 -6.72 -66.61
CA ALA B 36 -6.37 -6.37 -67.76
C ALA B 36 -6.98 -6.89 -69.04
N LEU B 37 -6.54 -8.08 -69.49
CA LEU B 37 -7.05 -8.66 -70.71
C LEU B 37 -8.37 -9.38 -70.46
N LYS B 38 -8.87 -10.05 -71.50
CA LYS B 38 -10.13 -10.78 -71.40
C LYS B 38 -9.90 -12.20 -70.89
N ASP B 39 -10.66 -13.16 -71.43
CA ASP B 39 -10.53 -14.55 -71.01
C ASP B 39 -10.49 -15.50 -72.19
N ARG B 40 -10.06 -15.02 -73.36
CA ARG B 40 -9.92 -15.90 -74.52
C ARG B 40 -8.53 -16.52 -74.62
N ARG B 41 -7.50 -15.82 -74.14
CA ARG B 41 -6.17 -16.41 -74.11
C ARG B 41 -6.10 -17.57 -73.13
N MET B 42 -6.83 -17.47 -72.01
CA MET B 42 -6.89 -18.58 -71.07
C MET B 42 -7.55 -19.80 -71.71
N GLU B 43 -8.63 -19.59 -72.49
CA GLU B 43 -9.28 -20.70 -73.17
C GLU B 43 -8.36 -21.30 -74.24
N ASN B 44 -7.61 -20.46 -74.95
CA ASN B 44 -6.67 -20.97 -75.93
C ASN B 44 -5.57 -21.81 -75.26
N LEU B 45 -5.06 -21.34 -74.13
CA LEU B 45 -4.05 -22.11 -73.40
C LEU B 45 -4.62 -23.42 -72.88
N VAL B 46 -5.87 -23.41 -72.42
CA VAL B 46 -6.50 -24.64 -71.94
C VAL B 46 -6.66 -25.63 -73.09
N ALA B 47 -7.07 -25.14 -74.27
CA ALA B 47 -7.21 -26.04 -75.42
C ALA B 47 -5.86 -26.60 -75.86
N TYR B 48 -4.82 -25.76 -75.84
CA TYR B 48 -3.49 -26.24 -76.20
C TYR B 48 -2.99 -27.29 -75.22
N ALA B 49 -3.21 -27.06 -73.92
CA ALA B 49 -2.80 -28.04 -72.91
C ALA B 49 -3.60 -29.33 -73.06
N LYS B 50 -4.88 -29.24 -73.40
CA LYS B 50 -5.68 -30.44 -73.61
C LYS B 50 -5.17 -31.23 -74.81
N LYS B 51 -4.81 -30.54 -75.90
CA LYS B 51 -4.27 -31.23 -77.06
C LYS B 51 -2.93 -31.88 -76.73
N VAL B 52 -2.08 -31.18 -75.97
CA VAL B 52 -0.78 -31.74 -75.59
C VAL B 52 -0.98 -32.98 -74.73
N GLU B 53 -1.88 -32.90 -73.75
CA GLU B 53 -2.17 -34.07 -72.91
C GLU B 53 -2.71 -35.22 -73.74
N GLY B 54 -3.58 -34.93 -74.71
CA GLY B 54 -4.11 -35.99 -75.54
C GLY B 54 -3.04 -36.69 -76.36
N ASP B 55 -2.17 -35.91 -77.00
CA ASP B 55 -1.14 -36.54 -77.83
C ASP B 55 -0.11 -37.28 -76.98
N MET B 56 0.22 -36.75 -75.80
CA MET B 56 1.18 -37.43 -74.95
C MET B 56 0.59 -38.66 -74.27
N TYR B 57 -0.74 -38.71 -74.10
CA TYR B 57 -1.37 -39.93 -73.63
C TYR B 57 -1.51 -40.96 -74.73
N GLU B 58 -1.72 -40.50 -75.97
CA GLU B 58 -1.70 -41.42 -77.10
C GLU B 58 -0.31 -42.01 -77.31
N SER B 59 0.74 -41.22 -77.07
CA SER B 59 2.12 -41.67 -77.20
C SER B 59 2.69 -42.18 -75.88
N ALA B 60 1.85 -42.74 -75.01
CA ALA B 60 2.28 -43.26 -73.73
C ALA B 60 2.52 -44.77 -73.85
N ASN B 61 2.66 -45.45 -72.70
CA ASN B 61 2.91 -46.89 -72.71
C ASN B 61 2.45 -47.53 -71.42
N SER B 62 2.61 -46.85 -70.30
CA SER B 62 2.24 -47.40 -69.00
C SER B 62 1.52 -46.31 -68.20
N ARG B 63 1.50 -46.47 -66.88
CA ARG B 63 0.81 -45.54 -65.99
C ARG B 63 1.74 -44.84 -65.00
N ASP B 64 2.67 -45.58 -64.39
CA ASP B 64 3.57 -44.96 -63.43
C ASP B 64 4.57 -44.04 -64.12
N GLU B 65 5.12 -44.46 -65.24
CA GLU B 65 6.03 -43.60 -66.00
C GLU B 65 5.31 -42.36 -66.51
N TYR B 66 4.02 -42.48 -66.81
CA TYR B 66 3.24 -41.32 -67.23
C TYR B 66 3.13 -40.30 -66.12
N TYR B 67 2.84 -40.76 -64.90
CA TYR B 67 2.77 -39.86 -63.76
C TYR B 67 4.14 -39.24 -63.46
N HIS B 68 5.21 -40.03 -63.60
CA HIS B 68 6.55 -39.49 -63.38
C HIS B 68 6.88 -38.40 -64.40
N LEU B 69 6.53 -38.64 -65.68
CA LEU B 69 6.78 -37.63 -66.71
C LEU B 69 5.95 -36.39 -66.47
N LEU B 70 4.70 -36.55 -66.00
CA LEU B 70 3.88 -35.40 -65.68
C LEU B 70 4.47 -34.60 -64.54
N ALA B 71 4.97 -35.28 -63.51
CA ALA B 71 5.60 -34.59 -62.39
C ALA B 71 6.85 -33.85 -62.84
N GLU B 72 7.66 -34.48 -63.69
CA GLU B 72 8.85 -33.81 -64.21
C GLU B 72 8.49 -32.59 -65.04
N LYS B 73 7.43 -32.70 -65.86
CA LYS B 73 6.99 -31.57 -66.66
C LYS B 73 6.50 -30.42 -65.79
N ILE B 74 5.75 -30.75 -64.73
CA ILE B 74 5.27 -29.71 -63.80
C ILE B 74 6.44 -29.03 -63.11
N TYR B 75 7.44 -29.82 -62.68
CA TYR B 75 8.60 -29.25 -62.03
C TYR B 75 9.44 -28.40 -63.00
N LYS B 76 9.44 -28.75 -64.28
CA LYS B 76 10.20 -27.98 -65.25
C LYS B 76 9.49 -26.68 -65.60
N ILE B 77 8.17 -26.71 -65.77
CA ILE B 77 7.45 -25.51 -66.18
C ILE B 77 7.30 -24.51 -65.04
N GLN B 78 7.46 -24.95 -63.80
CA GLN B 78 7.37 -24.04 -62.66
C GLN B 78 8.67 -23.27 -62.41
N LYS B 79 9.68 -23.44 -63.27
CA LYS B 79 10.95 -22.72 -63.19
C LYS B 79 11.26 -22.15 -64.57
N GLU B 80 10.39 -21.24 -65.03
CA GLU B 80 10.48 -20.66 -66.38
C GLU B 80 10.94 -19.21 -66.24
N LEU B 81 10.04 -18.24 -66.15
CA LEU B 81 10.41 -16.82 -66.05
C LEU B 81 9.52 -16.09 -65.07
N GLU B 82 9.61 -16.51 -63.80
CA GLU B 82 8.86 -15.88 -62.71
C GLU B 82 9.63 -14.77 -62.03
N GLU B 83 10.57 -14.14 -62.73
CA GLU B 83 11.41 -13.06 -62.20
C GLU B 83 12.19 -13.48 -60.96
N LYS B 84 12.39 -14.78 -60.77
CA LYS B 84 13.10 -15.32 -59.61
C LYS B 84 12.48 -14.83 -58.31
N SER B 85 13.02 -13.76 -57.75
CA SER B 85 12.51 -13.15 -56.53
C SER B 85 13.17 -11.79 -56.37
N GLN B 86 12.76 -11.05 -55.35
CA GLN B 86 13.31 -9.75 -55.05
C GLN B 86 14.30 -9.75 -53.89
N VAL B 87 14.29 -10.79 -53.06
CA VAL B 87 15.21 -10.91 -51.93
C VAL B 87 16.11 -12.13 -52.05
N ARG B 88 15.99 -12.91 -53.11
CA ARG B 88 16.80 -14.11 -53.30
C ARG B 88 18.16 -13.69 -53.87
N GLN B 89 19.22 -14.01 -53.14
CA GLN B 89 20.59 -13.67 -53.55
C GLN B 89 21.50 -14.85 -53.24
N ASN B 90 22.08 -15.44 -54.28
CA ASN B 90 22.97 -16.59 -54.16
C ASN B 90 22.29 -17.75 -53.43
N TYR B 91 21.47 -18.51 -54.16
CA TYR B 91 20.77 -19.64 -53.59
C TYR B 91 20.46 -20.63 -54.69
N HIS B 92 21.09 -21.81 -54.62
CA HIS B 92 20.94 -22.84 -55.63
C HIS B 92 19.68 -23.66 -55.36
N GLN B 93 19.22 -24.37 -56.41
CA GLN B 93 18.02 -25.18 -56.30
C GLN B 93 18.23 -26.40 -55.42
N ASP B 94 19.46 -26.88 -55.28
CA ASP B 94 19.72 -28.02 -54.41
C ASP B 94 19.42 -27.67 -52.95
N ALA B 95 19.80 -26.48 -52.51
CA ALA B 95 19.47 -26.06 -51.16
C ALA B 95 17.96 -25.92 -50.96
N GLU B 96 17.26 -25.44 -51.99
CA GLU B 96 15.80 -25.33 -51.90
C GLU B 96 15.17 -26.72 -51.78
N ALA B 97 15.63 -27.68 -52.57
CA ALA B 97 15.10 -29.04 -52.47
C ALA B 97 15.42 -29.66 -51.11
N ALA B 98 16.61 -29.37 -50.58
CA ALA B 98 16.97 -29.89 -49.25
C ALA B 98 16.08 -29.28 -48.17
N ILE B 99 15.79 -27.97 -48.28
CA ILE B 99 14.90 -27.34 -47.31
C ILE B 99 13.50 -27.91 -47.42
N ASN B 100 13.04 -28.19 -48.64
CA ASN B 100 11.72 -28.78 -48.82
C ASN B 100 11.66 -30.18 -48.19
N ARG B 101 12.70 -30.99 -48.40
CA ARG B 101 12.73 -32.32 -47.80
C ARG B 101 12.80 -32.23 -46.29
N GLN B 102 13.54 -31.26 -45.75
CA GLN B 102 13.60 -31.08 -44.30
C GLN B 102 12.25 -30.67 -43.74
N ILE B 103 11.53 -29.79 -44.45
CA ILE B 103 10.20 -29.39 -44.00
C ILE B 103 9.25 -30.58 -44.04
N ASN B 104 9.33 -31.41 -45.08
CA ASN B 104 8.50 -32.60 -45.16
C ASN B 104 8.80 -33.56 -44.01
N LEU B 105 10.08 -33.73 -43.68
CA LEU B 105 10.46 -34.59 -42.56
C LEU B 105 9.97 -34.02 -41.23
N GLU B 106 10.02 -32.69 -41.07
CA GLU B 106 9.50 -32.07 -39.87
C GLU B 106 8.00 -32.29 -39.73
N LEU B 107 7.27 -32.16 -40.84
CA LEU B 107 5.83 -32.40 -40.80
C LEU B 107 5.53 -33.86 -40.49
N TYR B 108 6.31 -34.79 -41.05
CA TYR B 108 6.12 -36.20 -40.74
C TYR B 108 6.40 -36.49 -39.28
N ALA B 109 7.45 -35.87 -38.72
CA ALA B 109 7.75 -36.05 -37.31
C ALA B 109 6.65 -35.48 -36.42
N SER B 110 6.10 -34.32 -36.80
CA SER B 110 4.99 -33.76 -36.04
C SER B 110 3.77 -34.66 -36.09
N TYR B 111 3.49 -35.25 -37.25
CA TYR B 111 2.36 -36.17 -37.37
C TYR B 111 2.58 -37.41 -36.52
N VAL B 112 3.80 -37.95 -36.51
CA VAL B 112 4.11 -39.13 -35.71
C VAL B 112 3.97 -38.81 -34.22
N TYR B 113 4.43 -37.63 -33.81
CA TYR B 113 4.32 -37.25 -32.41
C TYR B 113 2.86 -37.03 -32.01
N LEU B 114 2.06 -36.47 -32.91
CA LEU B 114 0.62 -36.33 -32.64
C LEU B 114 -0.04 -37.70 -32.50
N SER B 115 0.32 -38.65 -33.36
CA SER B 115 -0.23 -40.00 -33.26
C SER B 115 0.18 -40.66 -31.94
N MET B 116 1.43 -40.44 -31.52
CA MET B 116 1.88 -40.99 -30.24
C MET B 116 1.13 -40.36 -29.07
N SER B 117 0.91 -39.04 -29.12
CA SER B 117 0.18 -38.37 -28.05
C SER B 117 -1.27 -38.84 -27.99
N CYS B 118 -1.88 -39.10 -29.15
CA CYS B 118 -3.26 -39.57 -29.16
C CYS B 118 -3.40 -41.05 -28.85
N TYR B 119 -2.32 -41.83 -29.02
CA TYR B 119 -2.39 -43.25 -28.69
C TYR B 119 -2.28 -43.47 -27.18
N PHE B 120 -1.34 -42.79 -26.52
CA PHE B 120 -1.18 -42.94 -25.09
C PHE B 120 -2.31 -42.29 -24.30
N ASP B 121 -3.10 -41.42 -24.93
CA ASP B 121 -4.23 -40.78 -24.29
C ASP B 121 -5.51 -41.61 -24.37
N ARG B 122 -5.43 -42.81 -24.96
CA ARG B 122 -6.60 -43.67 -25.11
C ARG B 122 -6.97 -44.36 -23.79
N ASP B 123 -7.83 -45.35 -23.86
CA ASP B 123 -8.26 -46.10 -22.68
C ASP B 123 -7.47 -47.37 -22.45
N ASP B 124 -6.85 -47.93 -23.49
CA ASP B 124 -6.06 -49.15 -23.34
C ASP B 124 -4.63 -48.89 -22.89
N VAL B 125 -4.23 -47.63 -22.76
CA VAL B 125 -2.89 -47.26 -22.33
C VAL B 125 -2.92 -46.51 -21.00
N ALA B 126 -3.71 -45.44 -20.93
CA ALA B 126 -3.90 -44.64 -19.72
C ALA B 126 -2.57 -44.08 -19.21
N LEU B 127 -1.98 -43.20 -20.01
CA LEU B 127 -0.72 -42.53 -19.67
C LEU B 127 -0.86 -41.07 -20.09
N LYS B 128 -1.17 -40.20 -19.14
CA LYS B 128 -1.39 -38.78 -19.43
C LYS B 128 -0.09 -37.99 -19.56
N ASN B 129 0.93 -38.32 -18.76
CA ASN B 129 2.18 -37.59 -18.83
C ASN B 129 2.91 -37.84 -20.14
N PHE B 130 2.92 -39.10 -20.61
CA PHE B 130 3.51 -39.40 -21.90
C PHE B 130 2.76 -38.71 -23.02
N ALA B 131 1.43 -38.66 -22.93
CA ALA B 131 0.64 -37.97 -23.95
C ALA B 131 0.94 -36.48 -23.96
N LYS B 132 1.08 -35.86 -22.79
CA LYS B 132 1.41 -34.45 -22.72
C LYS B 132 2.81 -34.17 -23.27
N TYR B 133 3.76 -35.05 -22.96
CA TYR B 133 5.11 -34.89 -23.48
C TYR B 133 5.14 -35.02 -25.00
N PHE B 134 4.40 -35.99 -25.55
CA PHE B 134 4.36 -36.15 -27.00
C PHE B 134 3.64 -34.99 -27.66
N LEU B 135 2.62 -34.43 -27.01
CA LEU B 135 1.95 -33.26 -27.55
C LEU B 135 2.87 -32.05 -27.56
N HIS B 136 3.66 -31.89 -26.49
CA HIS B 136 4.64 -30.80 -26.46
C HIS B 136 5.69 -30.97 -27.55
N GLN B 137 6.14 -32.21 -27.76
CA GLN B 137 7.11 -32.47 -28.83
C GLN B 137 6.51 -32.18 -30.20
N SER B 138 5.24 -32.54 -30.40
CA SER B 138 4.57 -32.23 -31.66
C SER B 138 4.43 -30.72 -31.87
N HIS B 139 4.13 -29.99 -30.79
CA HIS B 139 4.07 -28.53 -30.89
C HIS B 139 5.42 -27.94 -31.23
N GLU B 140 6.49 -28.48 -30.64
CA GLU B 140 7.83 -28.00 -30.95
C GLU B 140 8.20 -28.29 -32.41
N GLU B 141 7.83 -29.47 -32.90
CA GLU B 141 8.08 -29.80 -34.30
C GLU B 141 7.29 -28.88 -35.23
N ARG B 142 6.04 -28.56 -34.86
CA ARG B 142 5.24 -27.66 -35.67
CA ARG B 142 5.23 -27.65 -35.66
C ARG B 142 5.84 -26.26 -35.69
N GLU B 143 6.33 -25.78 -34.54
CA GLU B 143 6.97 -24.47 -34.49
C GLU B 143 8.25 -24.45 -35.31
N HIS B 144 9.03 -25.53 -35.26
CA HIS B 144 10.25 -25.61 -36.07
C HIS B 144 9.92 -25.63 -37.55
N ALA B 145 8.86 -26.34 -37.94
CA ALA B 145 8.46 -26.35 -39.34
C ALA B 145 7.99 -24.98 -39.80
N GLU B 146 7.23 -24.28 -38.97
CA GLU B 146 6.79 -22.93 -39.31
C GLU B 146 7.98 -21.98 -39.41
N LYS B 147 8.97 -22.15 -38.53
CA LYS B 147 10.17 -21.30 -38.59
C LYS B 147 10.96 -21.58 -39.87
N LEU B 148 11.07 -22.84 -40.26
CA LEU B 148 11.74 -23.18 -41.51
C LEU B 148 11.00 -22.59 -42.71
N MET B 149 9.66 -22.67 -42.70
CA MET B 149 8.88 -22.09 -43.78
C MET B 149 9.07 -20.57 -43.85
N LYS B 150 9.08 -19.91 -42.70
CA LYS B 150 9.30 -18.47 -42.67
C LYS B 150 10.69 -18.10 -43.16
N LEU B 151 11.70 -18.88 -42.78
CA LEU B 151 13.06 -18.62 -43.25
C LEU B 151 13.17 -18.82 -44.75
N GLN B 152 12.50 -19.84 -45.29
CA GLN B 152 12.52 -20.05 -46.73
C GLN B 152 11.78 -18.93 -47.46
N ASN B 153 10.70 -18.42 -46.87
CA ASN B 153 9.99 -17.31 -47.48
C ASN B 153 10.80 -16.02 -47.43
N GLN B 154 11.61 -15.83 -46.40
CA GLN B 154 12.44 -14.63 -46.31
C GLN B 154 13.62 -14.67 -47.26
N ARG B 155 14.02 -15.85 -47.73
CA ARG B 155 15.13 -15.98 -48.66
C ARG B 155 14.67 -15.96 -50.12
N GLY B 156 13.39 -15.74 -50.38
CA GLY B 156 12.90 -15.70 -51.75
C GLY B 156 12.87 -17.04 -52.44
N GLY B 157 12.40 -18.08 -51.75
CA GLY B 157 12.35 -19.41 -52.33
C GLY B 157 10.96 -20.01 -52.33
N ARG B 158 10.68 -20.89 -53.29
CA ARG B 158 9.39 -21.53 -53.40
C ARG B 158 9.30 -22.71 -52.43
N ILE B 159 8.09 -22.98 -51.95
CA ILE B 159 7.84 -24.08 -51.03
C ILE B 159 6.88 -25.04 -51.72
N PHE B 160 7.34 -26.26 -51.98
CA PHE B 160 6.56 -27.29 -52.66
C PHE B 160 6.05 -28.27 -51.60
N LEU B 161 4.84 -28.02 -51.11
CA LEU B 161 4.24 -28.88 -50.10
C LEU B 161 3.71 -30.15 -50.75
N GLN B 162 4.29 -31.29 -50.37
CA GLN B 162 3.88 -32.57 -50.91
C GLN B 162 2.82 -33.19 -49.98
N ASP B 163 2.64 -34.51 -50.06
CA ASP B 163 1.68 -35.22 -49.24
C ASP B 163 2.36 -35.77 -48.00
N ILE B 164 1.77 -35.50 -46.83
CA ILE B 164 2.33 -35.96 -45.57
C ILE B 164 2.05 -37.46 -45.44
N LYS B 165 3.11 -38.25 -45.26
CA LYS B 165 2.96 -39.69 -45.14
C LYS B 165 2.41 -40.06 -43.77
N LYS B 166 1.71 -41.20 -43.72
CA LYS B 166 1.12 -41.70 -42.49
C LYS B 166 2.13 -42.54 -41.70
N PRO B 167 2.02 -42.57 -40.38
CA PRO B 167 2.94 -43.39 -39.59
C PRO B 167 2.78 -44.87 -39.91
N ASP B 168 3.92 -45.56 -40.03
CA ASP B 168 3.90 -46.97 -40.37
C ASP B 168 3.42 -47.84 -39.21
N ARG B 169 3.51 -47.35 -37.98
CA ARG B 169 3.09 -48.09 -36.80
C ARG B 169 1.98 -47.32 -36.10
N ASP B 170 0.86 -47.99 -35.85
CA ASP B 170 -0.29 -47.39 -35.19
C ASP B 170 -0.52 -47.93 -33.78
N ASP B 171 -0.17 -49.19 -33.54
CA ASP B 171 -0.32 -49.81 -32.22
C ASP B 171 1.05 -49.85 -31.56
N TRP B 172 1.30 -48.89 -30.67
CA TRP B 172 2.58 -48.82 -29.97
C TRP B 172 2.66 -49.76 -28.78
N CYS B 173 1.55 -50.38 -28.39
CA CYS B 173 1.51 -51.36 -27.31
C CYS B 173 2.02 -50.76 -26.00
N SER B 174 3.31 -50.96 -25.71
CA SER B 174 3.90 -50.44 -24.49
C SER B 174 4.48 -49.04 -24.72
N GLY B 175 5.60 -48.75 -24.06
CA GLY B 175 6.23 -47.44 -24.20
C GLY B 175 7.65 -47.51 -24.72
N LEU B 176 8.29 -48.67 -24.58
CA LEU B 176 9.67 -48.83 -25.05
C LEU B 176 9.76 -48.76 -26.56
N ASN B 177 8.81 -49.38 -27.27
CA ASN B 177 8.82 -49.33 -28.72
C ASN B 177 8.60 -47.91 -29.23
N ALA B 178 7.73 -47.15 -28.54
CA ALA B 178 7.51 -45.76 -28.92
C ALA B 178 8.77 -44.94 -28.70
N MET B 179 9.49 -45.18 -27.61
CA MET B 179 10.73 -44.47 -27.36
C MET B 179 11.79 -44.82 -28.41
N GLU B 180 11.87 -46.09 -28.79
CA GLU B 180 12.82 -46.49 -29.84
C GLU B 180 12.46 -45.84 -31.17
N SER B 181 11.17 -45.79 -31.51
CA SER B 181 10.76 -45.15 -32.75
C SER B 181 11.07 -43.67 -32.73
N ALA B 182 10.84 -43.01 -31.60
CA ALA B 182 11.16 -41.58 -31.48
C ALA B 182 12.66 -41.34 -31.59
N LEU B 183 13.47 -42.23 -31.01
CA LEU B 183 14.91 -42.10 -31.11
C LEU B 183 15.38 -42.28 -32.54
N HIS B 184 14.83 -43.27 -33.25
CA HIS B 184 15.18 -43.45 -34.65
C HIS B 184 14.76 -42.26 -35.50
N LEU B 185 13.59 -41.69 -35.21
CA LEU B 185 13.13 -40.53 -35.95
C LEU B 185 14.03 -39.33 -35.70
N GLU B 186 14.46 -39.13 -34.44
CA GLU B 186 15.36 -38.03 -34.14
C GLU B 186 16.73 -38.24 -34.80
N LYS B 187 17.21 -39.49 -34.86
CA LYS B 187 18.46 -39.76 -35.55
C LYS B 187 18.34 -39.48 -37.04
N SER B 188 17.19 -39.83 -37.64
CA SER B 188 16.98 -39.52 -39.05
C SER B 188 16.92 -38.01 -39.29
N VAL B 189 16.27 -37.27 -38.38
CA VAL B 189 16.21 -35.83 -38.50
C VAL B 189 17.61 -35.22 -38.37
N ASN B 190 18.42 -35.75 -37.46
CA ASN B 190 19.78 -35.25 -37.30
C ASN B 190 20.62 -35.55 -38.55
N GLN B 191 20.45 -36.72 -39.14
CA GLN B 191 21.16 -37.05 -40.36
C GLN B 191 20.74 -36.12 -41.51
N SER B 192 19.44 -35.83 -41.60
CA SER B 192 18.96 -34.91 -42.62
C SER B 192 19.53 -33.51 -42.41
N LEU B 193 19.61 -33.07 -41.15
CA LEU B 193 20.19 -31.76 -40.86
C LEU B 193 21.67 -31.72 -41.21
N LEU B 194 22.39 -32.82 -40.95
CA LEU B 194 23.80 -32.88 -41.32
C LEU B 194 23.97 -32.83 -42.83
N GLU B 195 23.11 -33.55 -43.57
CA GLU B 195 23.16 -33.50 -45.02
C GLU B 195 22.85 -32.11 -45.55
N LEU B 196 21.87 -31.44 -44.94
CA LEU B 196 21.55 -30.07 -45.35
C LEU B 196 22.72 -29.13 -45.06
N HIS B 197 23.38 -29.29 -43.92
CA HIS B 197 24.54 -28.46 -43.60
C HIS B 197 25.66 -28.70 -44.59
N LYS B 198 25.92 -29.96 -44.94
CA LYS B 198 26.98 -30.26 -45.91
C LYS B 198 26.65 -29.68 -47.28
N LEU B 199 25.38 -29.77 -47.69
CA LEU B 199 24.99 -29.23 -48.99
C LEU B 199 25.09 -27.71 -49.00
N ALA B 200 24.74 -27.06 -47.89
CA ALA B 200 24.85 -25.61 -47.82
C ALA B 200 26.32 -25.16 -47.78
N THR B 201 27.19 -25.97 -47.17
CA THR B 201 28.61 -25.64 -47.16
C THR B 201 29.22 -25.83 -48.53
N ASP B 202 28.83 -26.89 -49.24
CA ASP B 202 29.38 -27.15 -50.57
C ASP B 202 28.82 -26.19 -51.62
N LYS B 203 27.70 -25.54 -51.36
CA LYS B 203 27.08 -24.61 -52.29
C LYS B 203 27.18 -23.16 -51.82
N ASN B 204 28.03 -22.90 -50.84
CA ASN B 204 28.27 -21.55 -50.32
C ASN B 204 26.97 -20.90 -49.83
N ASP B 205 26.55 -21.27 -48.61
CA ASP B 205 25.36 -20.69 -47.99
C ASP B 205 25.63 -20.51 -46.50
N PRO B 206 26.28 -19.40 -46.13
CA PRO B 206 26.67 -19.21 -44.72
C PRO B 206 25.49 -18.89 -43.81
N HIS B 207 24.54 -18.11 -44.31
CA HIS B 207 23.41 -17.69 -43.48
C HIS B 207 22.54 -18.87 -43.08
N LEU B 208 22.14 -19.68 -44.06
CA LEU B 208 21.32 -20.86 -43.76
C LEU B 208 22.08 -21.85 -42.88
N CYS B 209 23.37 -22.04 -43.16
CA CYS B 209 24.18 -22.93 -42.34
C CYS B 209 24.21 -22.48 -40.89
N ASP B 210 24.47 -21.19 -40.66
CA ASP B 210 24.52 -20.67 -39.30
C ASP B 210 23.16 -20.77 -38.63
N PHE B 211 22.08 -20.46 -39.35
CA PHE B 211 20.75 -20.53 -38.77
C PHE B 211 20.40 -21.96 -38.35
N ILE B 212 20.73 -22.94 -39.20
CA ILE B 212 20.44 -24.32 -38.88
C ILE B 212 21.28 -24.81 -37.72
N GLU B 213 22.57 -24.44 -37.69
CA GLU B 213 23.44 -24.93 -36.63
C GLU B 213 23.20 -24.20 -35.31
N THR B 214 22.52 -23.05 -35.34
CA THR B 214 22.24 -22.30 -34.11
C THR B 214 20.84 -22.54 -33.57
N TYR B 215 19.81 -22.21 -34.36
CA TYR B 215 18.43 -22.23 -33.88
C TYR B 215 17.72 -23.55 -34.16
N TYR B 216 18.46 -24.65 -34.29
CA TYR B 216 17.83 -25.95 -34.53
C TYR B 216 18.59 -27.08 -33.85
N LEU B 217 19.91 -27.13 -34.06
CA LEU B 217 20.70 -28.21 -33.47
C LEU B 217 20.72 -28.13 -31.95
N SER B 218 20.66 -26.91 -31.39
CA SER B 218 20.71 -26.76 -29.94
C SER B 218 19.52 -27.43 -29.26
N GLU B 219 18.38 -27.54 -29.95
CA GLU B 219 17.22 -28.23 -29.41
C GLU B 219 17.20 -29.70 -29.80
N GLN B 220 17.66 -30.03 -31.01
CA GLN B 220 17.66 -31.41 -31.47
C GLN B 220 18.62 -32.26 -30.64
N VAL B 221 19.79 -31.73 -30.31
CA VAL B 221 20.74 -32.48 -29.49
C VAL B 221 20.17 -32.74 -28.11
N LYS B 222 19.52 -31.72 -27.52
CA LYS B 222 18.93 -31.90 -26.20
C LYS B 222 17.79 -32.92 -26.25
N SER B 223 16.98 -32.90 -27.31
CA SER B 223 15.91 -33.87 -27.44
C SER B 223 16.45 -35.29 -27.59
N ILE B 224 17.50 -35.46 -28.38
CA ILE B 224 18.12 -36.77 -28.55
C ILE B 224 18.70 -37.26 -27.23
N LYS B 225 19.34 -36.36 -26.48
CA LYS B 225 19.90 -36.74 -25.19
C LYS B 225 18.81 -37.14 -24.20
N GLU B 226 17.70 -36.41 -24.19
CA GLU B 226 16.60 -36.73 -23.30
C GLU B 226 15.97 -38.07 -23.67
N LEU B 227 15.80 -38.34 -24.97
CA LEU B 227 15.24 -39.62 -25.39
C LEU B 227 16.19 -40.76 -25.06
N GLY B 228 17.50 -40.54 -25.21
CA GLY B 228 18.46 -41.57 -24.83
C GLY B 228 18.44 -41.85 -23.33
N ASP B 229 18.32 -40.79 -22.52
CA ASP B 229 18.22 -40.98 -21.07
C ASP B 229 16.95 -41.73 -20.71
N HIS B 230 15.84 -41.42 -21.38
CA HIS B 230 14.59 -42.14 -21.11
C HIS B 230 14.71 -43.61 -21.49
N VAL B 231 15.33 -43.90 -22.64
CA VAL B 231 15.52 -45.30 -23.05
C VAL B 231 16.43 -46.03 -22.07
N THR B 232 17.49 -45.37 -21.60
CA THR B 232 18.39 -45.98 -20.64
C THR B 232 17.67 -46.26 -19.31
N ASN B 233 16.80 -45.34 -18.89
CA ASN B 233 16.05 -45.56 -17.65
C ASN B 233 15.04 -46.69 -17.82
N LEU B 234 14.42 -46.79 -18.99
CA LEU B 234 13.44 -47.86 -19.21
C LEU B 234 14.11 -49.22 -19.33
N ARG B 235 15.34 -49.27 -19.86
CA ARG B 235 16.06 -50.52 -20.04
C ARG B 235 16.87 -50.92 -18.80
N LYS B 236 16.51 -50.40 -17.63
CA LYS B 236 17.22 -50.75 -16.40
C LYS B 236 16.23 -51.02 -15.26
N MET B 237 15.10 -50.31 -15.27
CA MET B 237 14.12 -50.49 -14.21
C MET B 237 13.40 -51.83 -14.33
N GLY B 238 13.19 -52.32 -15.55
CA GLY B 238 12.54 -53.60 -15.75
C GLY B 238 11.57 -53.62 -16.90
N ALA B 239 11.43 -52.49 -17.58
CA ALA B 239 10.53 -52.41 -18.72
C ALA B 239 11.05 -53.27 -19.88
N PRO B 240 10.15 -53.88 -20.67
CA PRO B 240 8.70 -53.79 -20.53
C PRO B 240 8.11 -54.84 -19.58
N CYS B 241 8.97 -55.67 -18.99
CA CYS B 241 8.52 -56.74 -18.09
C CYS B 241 8.37 -56.26 -16.65
N ALA B 242 7.90 -55.03 -16.45
CA ALA B 242 7.69 -54.49 -15.10
C ALA B 242 6.63 -53.41 -15.21
N GLY B 243 5.40 -53.74 -14.82
CA GLY B 243 4.31 -52.78 -14.90
C GLY B 243 4.45 -51.62 -13.95
N MET B 244 5.11 -51.81 -12.81
CA MET B 244 5.29 -50.73 -11.86
C MET B 244 6.35 -49.73 -12.31
N ALA B 245 7.33 -50.18 -13.11
CA ALA B 245 8.37 -49.27 -13.57
C ALA B 245 7.81 -48.21 -14.50
N GLU B 246 6.84 -48.58 -15.35
CA GLU B 246 6.22 -47.60 -16.24
C GLU B 246 5.45 -46.56 -15.43
N TYR B 247 4.71 -47.00 -14.40
CA TYR B 247 3.98 -46.05 -13.57
C TYR B 247 4.92 -45.14 -12.79
N LEU B 248 6.05 -45.68 -12.34
CA LEU B 248 7.04 -44.86 -11.63
C LEU B 248 7.66 -43.81 -12.56
N PHE B 249 8.02 -44.22 -13.77
CA PHE B 249 8.56 -43.27 -14.74
C PHE B 249 7.52 -42.25 -15.19
N ASP B 250 6.22 -42.61 -15.14
CA ASP B 250 5.17 -41.69 -15.52
C ASP B 250 4.91 -40.66 -14.44
N LYS B 251 4.81 -41.10 -13.17
CA LYS B 251 4.46 -40.23 -12.06
C LYS B 251 5.68 -39.59 -11.39
N HIS B 252 6.78 -39.43 -12.12
CA HIS B 252 7.97 -38.80 -11.56
C HIS B 252 8.73 -38.00 -12.62
N THR B 253 9.13 -38.67 -13.70
CA THR B 253 9.90 -38.00 -14.75
C THR B 253 9.04 -36.99 -15.50
N LEU B 254 8.02 -37.47 -16.21
CA LEU B 254 7.14 -36.59 -16.97
C LEU B 254 5.95 -36.10 -16.17
N GLY B 255 5.89 -36.37 -14.87
CA GLY B 255 4.79 -35.95 -14.04
C GLY B 255 5.10 -34.69 -13.24
N THR C 13 -26.83 63.30 -39.20
CA THR C 13 -27.75 64.01 -38.33
C THR C 13 -27.03 64.56 -37.10
N GLN C 14 -27.70 64.50 -35.95
CA GLN C 14 -27.13 64.98 -34.69
C GLN C 14 -26.60 63.88 -33.80
N ASP C 15 -27.08 62.65 -33.95
CA ASP C 15 -26.53 61.54 -33.17
C ASP C 15 -25.07 61.29 -33.54
N LEU C 16 -24.76 61.30 -34.84
CA LEU C 16 -23.36 61.17 -35.27
C LEU C 16 -22.53 62.35 -34.78
N ARG C 17 -23.12 63.55 -34.77
CA ARG C 17 -22.39 64.72 -34.28
C ARG C 17 -22.04 64.56 -32.81
N SER C 18 -23.01 64.12 -32.00
CA SER C 18 -22.75 63.89 -30.59
C SER C 18 -21.71 62.79 -30.39
N HIS C 19 -21.78 61.72 -31.18
CA HIS C 19 -20.84 60.63 -31.05
C HIS C 19 -19.42 61.06 -31.41
N LEU C 20 -19.28 61.94 -32.41
CA LEU C 20 -17.96 62.41 -32.80
C LEU C 20 -17.43 63.50 -31.88
N VAL C 21 -18.30 64.25 -31.21
CA VAL C 21 -17.83 65.26 -30.27
C VAL C 21 -17.55 64.69 -28.88
N HIS C 22 -18.19 63.57 -28.52
CA HIS C 22 -17.94 62.94 -27.23
C HIS C 22 -16.61 62.19 -27.19
N LYS C 23 -15.83 62.21 -28.26
CA LYS C 23 -14.52 61.56 -28.27
C LYS C 23 -13.42 62.50 -27.80
N LEU C 24 -13.36 63.71 -28.36
CA LEU C 24 -12.31 64.65 -27.97
C LEU C 24 -12.54 65.18 -26.56
N VAL C 25 -13.81 65.43 -26.19
CA VAL C 25 -14.09 65.94 -24.85
C VAL C 25 -13.79 64.90 -23.78
N GLN C 26 -13.71 63.62 -24.15
CA GLN C 26 -13.31 62.58 -23.23
C GLN C 26 -11.81 62.31 -23.30
N ALA C 27 -11.18 62.55 -24.46
CA ALA C 27 -9.74 62.33 -24.58
C ALA C 27 -8.95 63.45 -23.93
N ILE C 28 -9.50 64.67 -23.87
CA ILE C 28 -8.79 65.78 -23.24
C ILE C 28 -8.71 65.56 -21.74
N PHE C 29 -9.85 65.40 -21.07
CA PHE C 29 -9.93 65.20 -19.63
C PHE C 29 -10.62 63.86 -19.38
N PRO C 30 -9.85 62.76 -19.33
CA PRO C 30 -10.46 61.43 -19.21
C PRO C 30 -10.81 61.00 -17.80
N CYS C 31 -10.27 61.65 -16.77
CA CYS C 31 -10.48 61.24 -15.37
C CYS C 31 -11.17 62.37 -14.62
N PRO C 32 -12.51 62.41 -14.65
CA PRO C 32 -13.23 63.40 -13.85
C PRO C 32 -13.23 63.04 -12.37
N ASP C 33 -12.11 63.25 -11.70
CA ASP C 33 -11.97 62.87 -10.30
C ASP C 33 -12.74 63.84 -9.41
N PRO C 34 -13.76 63.41 -8.68
CA PRO C 34 -14.49 64.32 -7.80
C PRO C 34 -13.86 64.49 -6.42
N CYS C 35 -12.72 63.86 -6.16
CA CYS C 35 -12.07 63.93 -4.86
C CYS C 35 -11.13 65.12 -4.74
N ALA C 36 -11.35 66.17 -5.51
CA ALA C 36 -10.49 67.36 -5.47
C ALA C 36 -11.28 68.62 -5.80
N LEU C 37 -11.25 69.02 -7.06
CA LEU C 37 -11.95 70.23 -7.50
C LEU C 37 -13.42 69.92 -7.76
N LYS C 38 -14.14 70.92 -8.25
CA LYS C 38 -15.56 70.77 -8.55
C LYS C 38 -15.76 70.23 -9.96
N ASP C 39 -16.81 70.71 -10.64
CA ASP C 39 -17.09 70.25 -12.00
C ASP C 39 -17.35 71.41 -12.97
N ARG C 40 -16.88 72.61 -12.64
CA ARG C 40 -17.05 73.75 -13.54
C ARG C 40 -15.93 73.85 -14.57
N ARG C 41 -14.72 73.43 -14.22
CA ARG C 41 -13.63 73.42 -15.19
C ARG C 41 -13.90 72.40 -16.29
N MET C 42 -14.52 71.27 -15.95
CA MET C 42 -14.91 70.30 -16.97
C MET C 42 -15.92 70.89 -17.93
N GLU C 43 -16.90 71.63 -17.41
CA GLU C 43 -17.88 72.27 -18.28
C GLU C 43 -17.24 73.34 -19.16
N ASN C 44 -16.29 74.10 -18.61
CA ASN C 44 -15.58 75.08 -19.42
C ASN C 44 -14.78 74.42 -20.53
N LEU C 45 -14.12 73.30 -20.22
CA LEU C 45 -13.37 72.59 -21.24
C LEU C 45 -14.30 72.01 -22.31
N VAL C 46 -15.47 71.52 -21.89
CA VAL C 46 -16.44 71.00 -22.86
C VAL C 46 -16.93 72.11 -23.78
N ALA C 47 -17.21 73.28 -23.22
CA ALA C 47 -17.66 74.41 -24.03
C ALA C 47 -16.57 74.86 -24.99
N TYR C 48 -15.32 74.90 -24.53
CA TYR C 48 -14.21 75.27 -25.40
C TYR C 48 -14.03 74.27 -26.54
N ALA C 49 -14.13 72.97 -26.22
CA ALA C 49 -14.02 71.96 -27.26
C ALA C 49 -15.16 72.04 -28.25
N LYS C 50 -16.37 72.36 -27.77
CA LYS C 50 -17.50 72.50 -28.68
C LYS C 50 -17.32 73.70 -29.60
N LYS C 51 -16.80 74.81 -29.07
CA LYS C 51 -16.52 75.96 -29.92
C LYS C 51 -15.45 75.65 -30.95
N VAL C 52 -14.40 74.94 -30.54
CA VAL C 52 -13.34 74.57 -31.47
C VAL C 52 -13.88 73.66 -32.56
N GLU C 53 -14.68 72.67 -32.19
CA GLU C 53 -15.29 71.78 -33.18
C GLU C 53 -16.18 72.56 -34.13
N GLY C 54 -16.94 73.52 -33.60
CA GLY C 54 -17.81 74.31 -34.46
C GLY C 54 -17.04 75.14 -35.48
N ASP C 55 -15.99 75.82 -35.03
CA ASP C 55 -15.24 76.66 -35.96
C ASP C 55 -14.46 75.80 -36.97
N MET C 56 -13.94 74.64 -36.53
CA MET C 56 -13.21 73.80 -37.47
C MET C 56 -14.13 73.07 -38.43
N TYR C 57 -15.40 72.87 -38.07
CA TYR C 57 -16.37 72.34 -39.02
C TYR C 57 -16.86 73.42 -39.98
N GLU C 58 -16.95 74.67 -39.51
CA GLU C 58 -17.25 75.78 -40.40
C GLU C 58 -16.13 75.99 -41.40
N SER C 59 -14.88 75.80 -40.98
CA SER C 59 -13.71 75.95 -41.84
C SER C 59 -13.29 74.63 -42.48
N ALA C 60 -14.23 73.73 -42.72
CA ALA C 60 -13.95 72.44 -43.32
C ALA C 60 -14.19 72.52 -44.83
N ASN C 61 -14.22 71.37 -45.50
CA ASN C 61 -14.44 71.33 -46.95
C ASN C 61 -15.04 70.01 -47.39
N SER C 62 -14.63 68.91 -46.76
CA SER C 62 -15.12 67.59 -47.15
C SER C 62 -15.43 66.81 -45.87
N ARG C 63 -15.47 65.48 -46.00
CA ARG C 63 -15.80 64.59 -44.88
C ARG C 63 -14.65 63.68 -44.49
N ASP C 64 -13.99 63.04 -45.45
CA ASP C 64 -12.91 62.12 -45.13
C ASP C 64 -11.70 62.86 -44.57
N GLU C 65 -11.34 63.99 -45.17
CA GLU C 65 -10.24 64.79 -44.65
C GLU C 65 -10.55 65.33 -43.27
N TYR C 66 -11.83 65.59 -42.98
CA TYR C 66 -12.23 66.04 -41.65
C TYR C 66 -11.97 64.94 -40.62
N TYR C 67 -12.35 63.70 -40.95
CA TYR C 67 -12.09 62.59 -40.04
C TYR C 67 -10.60 62.34 -39.88
N HIS C 68 -9.83 62.48 -40.96
CA HIS C 68 -8.38 62.31 -40.86
C HIS C 68 -7.76 63.38 -39.95
N LEU C 69 -8.20 64.63 -40.09
CA LEU C 69 -7.69 65.69 -39.24
C LEU C 69 -8.09 65.48 -37.79
N LEU C 70 -9.30 64.97 -37.55
CA LEU C 70 -9.73 64.67 -36.19
C LEU C 70 -8.87 63.57 -35.58
N ALA C 71 -8.58 62.52 -36.37
CA ALA C 71 -7.73 61.44 -35.88
C ALA C 71 -6.33 61.94 -35.58
N GLU C 72 -5.78 62.80 -36.45
CA GLU C 72 -4.46 63.37 -36.19
C GLU C 72 -4.45 64.23 -34.94
N LYS C 73 -5.51 65.01 -34.73
CA LYS C 73 -5.60 65.84 -33.53
C LYS C 73 -5.69 64.99 -32.28
N ILE C 74 -6.47 63.90 -32.33
CA ILE C 74 -6.57 63.00 -31.18
C ILE C 74 -5.23 62.35 -30.88
N TYR C 75 -4.51 61.93 -31.93
CA TYR C 75 -3.20 61.31 -31.74
C TYR C 75 -2.18 62.32 -31.21
N LYS C 76 -2.34 63.60 -31.57
CA LYS C 76 -1.41 64.62 -31.11
C LYS C 76 -1.68 64.98 -29.65
N ILE C 77 -2.95 65.12 -29.28
CA ILE C 77 -3.28 65.54 -27.91
C ILE C 77 -3.06 64.43 -26.90
N GLN C 78 -3.01 63.18 -27.33
CA GLN C 78 -2.77 62.07 -26.42
C GLN C 78 -1.30 61.87 -26.10
N LYS C 79 -0.42 62.76 -26.59
CA LYS C 79 1.01 62.72 -26.29
C LYS C 79 1.44 64.13 -25.86
N GLU C 80 0.89 64.60 -24.75
CA GLU C 80 1.12 65.95 -24.26
C GLU C 80 2.00 65.87 -23.01
N LEU C 81 1.45 65.78 -21.81
CA LEU C 81 2.25 65.75 -20.59
C LEU C 81 1.66 64.75 -19.59
N GLU C 82 1.65 63.49 -19.99
CA GLU C 82 1.16 62.41 -19.14
C GLU C 82 2.27 61.77 -18.30
N GLU C 83 3.34 62.51 -18.03
CA GLU C 83 4.49 62.04 -17.25
C GLU C 83 5.12 60.78 -17.85
N LYS C 84 4.93 60.58 -19.16
CA LYS C 84 5.47 59.42 -19.87
C LYS C 84 5.08 58.12 -19.18
N SER C 85 5.94 57.60 -18.32
CA SER C 85 5.68 56.39 -17.56
C SER C 85 6.74 56.29 -16.46
N GLN C 86 6.61 55.28 -15.61
CA GLN C 86 7.55 55.03 -14.54
C GLN C 86 8.53 53.90 -14.82
N VAL C 87 8.22 53.04 -15.79
CA VAL C 87 9.09 51.93 -16.17
C VAL C 87 9.57 52.03 -17.61
N ARG C 88 9.18 53.06 -18.34
CA ARG C 88 9.57 53.24 -19.73
C ARG C 88 10.97 53.85 -19.77
N GLN C 89 11.91 53.14 -20.39
CA GLN C 89 13.29 53.58 -20.50
C GLN C 89 13.80 53.26 -21.90
N ASN C 90 14.13 54.30 -22.67
CA ASN C 90 14.64 54.17 -24.03
C ASN C 90 13.65 53.40 -24.90
N TYR C 91 12.62 54.07 -25.38
CA TYR C 91 11.61 53.45 -26.23
C TYR C 91 10.97 54.53 -27.10
N HIS C 92 11.20 54.43 -28.41
CA HIS C 92 10.71 55.40 -29.37
C HIS C 92 9.27 55.08 -29.75
N GLN C 93 8.59 56.10 -30.29
CA GLN C 93 7.19 55.94 -30.69
C GLN C 93 7.02 55.03 -31.89
N ASP C 94 8.06 54.90 -32.73
CA ASP C 94 7.98 54.00 -33.88
C ASP C 94 7.84 52.55 -33.43
N ALA C 95 8.60 52.15 -32.40
CA ALA C 95 8.46 50.80 -31.87
C ALA C 95 7.08 50.58 -31.26
N GLU C 96 6.52 51.61 -30.61
CA GLU C 96 5.17 51.48 -30.06
C GLU C 96 4.14 51.30 -31.16
N ALA C 97 4.26 52.07 -32.25
CA ALA C 97 3.34 51.92 -33.37
C ALA C 97 3.49 50.55 -34.03
N ALA C 98 4.73 50.06 -34.12
CA ALA C 98 4.95 48.73 -34.69
C ALA C 98 4.33 47.64 -33.81
N ILE C 99 4.46 47.79 -32.49
CA ILE C 99 3.84 46.82 -31.58
C ILE C 99 2.33 46.88 -31.69
N ASN C 100 1.77 48.07 -31.83
CA ASN C 100 0.32 48.20 -32.00
C ASN C 100 -0.14 47.54 -33.29
N ARG C 101 0.58 47.75 -34.39
CA ARG C 101 0.22 47.10 -35.65
C ARG C 101 0.36 45.59 -35.55
N GLN C 102 1.38 45.11 -34.85
CA GLN C 102 1.55 43.66 -34.67
C GLN C 102 0.41 43.08 -33.85
N ILE C 103 -0.03 43.79 -32.81
CA ILE C 103 -1.16 43.33 -32.01
C ILE C 103 -2.44 43.32 -32.84
N ASN C 104 -2.64 44.33 -33.67
CA ASN C 104 -3.81 44.35 -34.55
C ASN C 104 -3.77 43.18 -35.52
N LEU C 105 -2.60 42.87 -36.08
CA LEU C 105 -2.48 41.75 -36.99
C LEU C 105 -2.72 40.43 -36.28
N GLU C 106 -2.25 40.31 -35.02
CA GLU C 106 -2.52 39.11 -34.24
C GLU C 106 -4.01 38.92 -33.98
N LEU C 107 -4.70 40.02 -33.65
CA LEU C 107 -6.14 39.95 -33.43
C LEU C 107 -6.87 39.57 -34.72
N TYR C 108 -6.43 40.13 -35.85
CA TYR C 108 -7.05 39.78 -37.13
C TYR C 108 -6.82 38.31 -37.46
N ALA C 109 -5.62 37.79 -37.18
CA ALA C 109 -5.34 36.39 -37.43
C ALA C 109 -6.17 35.49 -36.53
N SER C 110 -6.36 35.90 -35.26
CA SER C 110 -7.20 35.13 -34.36
C SER C 110 -8.65 35.11 -34.84
N TYR C 111 -9.13 36.25 -35.33
CA TYR C 111 -10.50 36.32 -35.86
C TYR C 111 -10.64 35.43 -37.10
N VAL C 112 -9.65 35.44 -37.98
CA VAL C 112 -9.70 34.61 -39.18
C VAL C 112 -9.69 33.13 -38.80
N TYR C 113 -8.87 32.76 -37.82
CA TYR C 113 -8.82 31.37 -37.39
C TYR C 113 -10.11 30.95 -36.72
N LEU C 114 -10.74 31.85 -35.96
CA LEU C 114 -12.05 31.55 -35.38
C LEU C 114 -13.10 31.35 -36.47
N SER C 115 -13.07 32.20 -37.49
CA SER C 115 -14.01 32.04 -38.61
C SER C 115 -13.78 30.71 -39.33
N MET C 116 -12.52 30.33 -39.50
CA MET C 116 -12.23 29.05 -40.14
C MET C 116 -12.70 27.88 -39.29
N SER C 117 -12.50 27.96 -37.97
CA SER C 117 -12.95 26.89 -37.08
C SER C 117 -14.47 26.78 -37.08
N CYS C 118 -15.17 27.91 -37.16
CA CYS C 118 -16.63 27.89 -37.16
C CYS C 118 -17.21 27.52 -38.53
N TYR C 119 -16.44 27.69 -39.61
CA TYR C 119 -16.93 27.32 -40.93
C TYR C 119 -16.85 25.81 -41.15
N PHE C 120 -15.72 25.20 -40.77
CA PHE C 120 -15.57 23.76 -40.94
C PHE C 120 -16.41 22.96 -39.95
N ASP C 121 -16.92 23.61 -38.89
CA ASP C 121 -17.78 22.95 -37.91
C ASP C 121 -19.25 22.98 -38.31
N ARG C 122 -19.56 23.53 -39.49
CA ARG C 122 -20.95 23.62 -39.94
C ARG C 122 -21.46 22.28 -40.44
N ASP C 123 -22.60 22.30 -41.13
CA ASP C 123 -23.20 21.09 -41.68
C ASP C 123 -22.84 20.84 -43.13
N ASP C 124 -22.46 21.87 -43.87
CA ASP C 124 -22.08 21.71 -45.27
C ASP C 124 -20.63 21.31 -45.46
N VAL C 125 -19.85 21.22 -44.38
CA VAL C 125 -18.45 20.83 -44.44
C VAL C 125 -18.20 19.52 -43.70
N ALA C 126 -18.61 19.47 -42.42
CA ALA C 126 -18.51 18.27 -41.59
C ALA C 126 -17.05 17.81 -41.47
N LEU C 127 -16.25 18.66 -40.83
CA LEU C 127 -14.84 18.36 -40.57
C LEU C 127 -14.51 18.83 -39.16
N LYS C 128 -14.52 17.90 -38.20
CA LYS C 128 -14.29 18.23 -36.80
C LYS C 128 -12.83 18.41 -36.47
N ASN C 129 -11.93 17.62 -37.08
CA ASN C 129 -10.51 17.74 -36.77
C ASN C 129 -9.95 19.07 -37.26
N PHE C 130 -10.34 19.49 -38.47
CA PHE C 130 -9.91 20.80 -38.97
C PHE C 130 -10.45 21.92 -38.09
N ALA C 131 -11.69 21.79 -37.64
CA ALA C 131 -12.26 22.81 -36.76
C ALA C 131 -11.50 22.88 -35.44
N LYS C 132 -11.16 21.73 -34.87
CA LYS C 132 -10.40 21.71 -33.63
C LYS C 132 -9.00 22.30 -33.82
N TYR C 133 -8.35 21.98 -34.94
CA TYR C 133 -7.03 22.55 -35.21
C TYR C 133 -7.10 24.06 -35.36
N PHE C 134 -8.12 24.55 -36.08
CA PHE C 134 -8.26 25.99 -36.25
C PHE C 134 -8.60 26.68 -34.94
N LEU C 135 -9.38 26.02 -34.07
CA LEU C 135 -9.67 26.59 -32.76
C LEU C 135 -8.42 26.65 -31.90
N HIS C 136 -7.57 25.61 -31.97
CA HIS C 136 -6.31 25.63 -31.24
C HIS C 136 -5.39 26.73 -31.76
N GLN C 137 -5.37 26.93 -33.08
CA GLN C 137 -4.56 28.00 -33.65
C GLN C 137 -5.09 29.37 -33.21
N SER C 138 -6.41 29.53 -33.16
CA SER C 138 -6.99 30.78 -32.68
C SER C 138 -6.66 31.03 -31.22
N HIS C 139 -6.68 29.97 -30.40
CA HIS C 139 -6.30 30.11 -29.01
C HIS C 139 -4.83 30.50 -28.87
N GLU C 140 -3.96 29.91 -29.70
CA GLU C 140 -2.55 30.28 -29.67
C GLU C 140 -2.34 31.74 -30.08
N GLU C 141 -3.08 32.18 -31.11
CA GLU C 141 -2.98 33.58 -31.53
C GLU C 141 -3.48 34.51 -30.42
N ARG C 142 -4.55 34.12 -29.74
CA ARG C 142 -5.06 34.94 -28.63
CA ARG C 142 -5.07 34.92 -28.63
C ARG C 142 -4.05 35.02 -27.50
N GLU C 143 -3.40 33.90 -27.17
CA GLU C 143 -2.39 33.90 -26.12
C GLU C 143 -1.19 34.75 -26.52
N HIS C 144 -0.78 34.69 -27.79
CA HIS C 144 0.32 35.51 -28.25
C HIS C 144 -0.04 37.00 -28.20
N ALA C 145 -1.27 37.34 -28.56
CA ALA C 145 -1.71 38.73 -28.48
C ALA C 145 -1.74 39.21 -27.04
N GLU C 146 -2.23 38.38 -26.12
CA GLU C 146 -2.23 38.75 -24.70
C GLU C 146 -0.81 38.91 -24.18
N LYS C 147 0.10 38.06 -24.61
CA LYS C 147 1.50 38.17 -24.19
C LYS C 147 2.13 39.45 -24.72
N LEU C 148 1.82 39.81 -25.98
CA LEU C 148 2.32 41.07 -26.53
C LEU C 148 1.76 42.27 -25.77
N MET C 149 0.47 42.22 -25.42
CA MET C 149 -0.13 43.29 -24.64
C MET C 149 0.52 43.42 -23.27
N LYS C 150 0.78 42.28 -22.62
CA LYS C 150 1.42 42.31 -21.30
C LYS C 150 2.85 42.84 -21.41
N LEU C 151 3.58 42.46 -22.46
CA LEU C 151 4.94 42.97 -22.65
C LEU C 151 4.93 44.46 -22.91
N GLN C 152 3.95 44.96 -23.67
CA GLN C 152 3.86 46.39 -23.91
C GLN C 152 3.50 47.14 -22.63
N ASN C 153 2.64 46.54 -21.79
CA ASN C 153 2.28 47.16 -20.53
C ASN C 153 3.46 47.18 -19.56
N GLN C 154 4.32 46.16 -19.61
CA GLN C 154 5.49 46.12 -18.73
C GLN C 154 6.56 47.12 -19.15
N ARG C 155 6.56 47.55 -20.40
CA ARG C 155 7.54 48.51 -20.89
C ARG C 155 7.07 49.95 -20.77
N GLY C 156 5.92 50.18 -20.16
CA GLY C 156 5.42 51.54 -19.99
C GLY C 156 4.96 52.19 -21.28
N GLY C 157 4.20 51.47 -22.10
CA GLY C 157 3.73 52.01 -23.36
C GLY C 157 2.22 51.95 -23.49
N ARG C 158 1.65 52.88 -24.26
CA ARG C 158 0.21 52.93 -24.47
C ARG C 158 -0.20 51.93 -25.55
N ILE C 159 -1.42 51.41 -25.42
CA ILE C 159 -1.98 50.46 -26.37
C ILE C 159 -3.21 51.10 -26.99
N PHE C 160 -3.15 51.33 -28.30
CA PHE C 160 -4.23 51.96 -29.05
C PHE C 160 -4.99 50.86 -29.80
N LEU C 161 -6.04 50.35 -29.17
CA LEU C 161 -6.85 49.30 -29.79
C LEU C 161 -7.77 49.90 -30.84
N GLN C 162 -7.56 49.50 -32.09
CA GLN C 162 -8.37 50.00 -33.20
C GLN C 162 -9.54 49.02 -33.44
N ASP C 163 -10.12 49.06 -34.64
CA ASP C 163 -11.24 48.19 -34.99
C ASP C 163 -10.71 46.95 -35.70
N ILE C 164 -11.14 45.78 -35.23
CA ILE C 164 -10.72 44.52 -35.82
C ILE C 164 -11.45 44.34 -37.16
N LYS C 165 -10.69 44.15 -38.23
CA LYS C 165 -11.27 43.99 -39.55
C LYS C 165 -11.87 42.59 -39.71
N LYS C 166 -12.89 42.50 -40.57
CA LYS C 166 -13.56 41.23 -40.83
C LYS C 166 -12.83 40.46 -41.93
N PRO C 167 -12.91 39.13 -41.89
CA PRO C 167 -12.27 38.33 -42.95
C PRO C 167 -12.88 38.61 -44.31
N ASP C 168 -12.02 38.74 -45.32
CA ASP C 168 -12.48 39.03 -46.67
C ASP C 168 -13.17 37.84 -47.31
N ARG C 169 -12.89 36.62 -46.86
CA ARG C 169 -13.49 35.41 -47.41
C ARG C 169 -14.29 34.71 -46.31
N ASP C 170 -15.55 34.42 -46.60
CA ASP C 170 -16.43 33.74 -45.66
C ASP C 170 -16.76 32.32 -46.07
N ASP C 171 -16.82 32.03 -47.36
CA ASP C 171 -17.12 30.71 -47.88
C ASP C 171 -15.81 30.07 -48.33
N TRP C 172 -15.24 29.22 -47.48
CA TRP C 172 -13.98 28.55 -47.79
C TRP C 172 -14.16 27.34 -48.68
N CYS C 173 -15.40 26.90 -48.93
CA CYS C 173 -15.70 25.79 -49.82
C CYS C 173 -14.99 24.52 -49.38
N SER C 174 -13.82 24.25 -49.96
CA SER C 174 -13.05 23.05 -49.63
C SER C 174 -12.08 23.35 -48.49
N GLY C 175 -10.90 22.73 -48.54
CA GLY C 175 -9.90 22.92 -47.50
C GLY C 175 -8.59 23.47 -48.02
N LEU C 176 -8.34 23.31 -49.33
CA LEU C 176 -7.10 23.80 -49.91
C LEU C 176 -7.05 25.32 -49.90
N ASN C 177 -8.16 25.99 -50.22
CA ASN C 177 -8.18 27.44 -50.20
C ASN C 177 -7.97 27.97 -48.79
N ALA C 178 -8.53 27.30 -47.79
CA ALA C 178 -8.32 27.71 -46.41
C ALA C 178 -6.86 27.56 -46.00
N MET C 179 -6.21 26.46 -46.44
CA MET C 179 -4.80 26.27 -46.15
C MET C 179 -3.94 27.33 -46.83
N GLU C 180 -4.28 27.69 -48.07
CA GLU C 180 -3.53 28.74 -48.77
C GLU C 180 -3.71 30.08 -48.08
N SER C 181 -4.93 30.38 -47.63
CA SER C 181 -5.16 31.64 -46.91
C SER C 181 -4.41 31.67 -45.60
N ALA C 182 -4.39 30.54 -44.88
CA ALA C 182 -3.63 30.48 -43.62
C ALA C 182 -2.14 30.64 -43.86
N LEU C 183 -1.62 30.04 -44.95
CA LEU C 183 -0.21 30.19 -45.26
C LEU C 183 0.14 31.63 -45.62
N HIS C 184 -0.72 32.29 -46.39
CA HIS C 184 -0.49 33.70 -46.72
C HIS C 184 -0.55 34.56 -45.48
N LEU C 185 -1.48 34.27 -44.56
CA LEU C 185 -1.58 35.03 -43.32
C LEU C 185 -0.34 34.83 -42.46
N GLU C 186 0.17 33.60 -42.39
CA GLU C 186 1.38 33.34 -41.62
C GLU C 186 2.59 34.03 -42.25
N LYS C 187 2.65 34.06 -43.59
CA LYS C 187 3.74 34.78 -44.24
C LYS C 187 3.66 36.28 -43.97
N SER C 188 2.45 36.84 -43.96
CA SER C 188 2.29 38.25 -43.63
C SER C 188 2.70 38.52 -42.19
N VAL C 189 2.34 37.63 -41.27
CA VAL C 189 2.73 37.79 -39.87
C VAL C 189 4.25 37.71 -39.73
N ASN C 190 4.89 36.80 -40.46
CA ASN C 190 6.34 36.69 -40.42
C ASN C 190 7.01 37.95 -40.98
N GLN C 191 6.45 38.50 -42.06
CA GLN C 191 6.99 39.74 -42.61
C GLN C 191 6.84 40.90 -41.63
N SER C 192 5.70 40.97 -40.95
CA SER C 192 5.49 42.01 -39.95
C SER C 192 6.47 41.85 -38.78
N LEU C 193 6.73 40.60 -38.38
CA LEU C 193 7.69 40.37 -37.30
C LEU C 193 9.11 40.74 -37.74
N LEU C 194 9.46 40.47 -38.99
CA LEU C 194 10.77 40.88 -39.49
C LEU C 194 10.89 42.40 -39.53
N GLU C 195 9.83 43.09 -39.96
CA GLU C 195 9.86 44.54 -39.97
C GLU C 195 9.97 45.10 -38.55
N LEU C 196 9.27 44.50 -37.60
CA LEU C 196 9.38 44.93 -36.21
C LEU C 196 10.79 44.71 -35.67
N HIS C 197 11.40 43.57 -36.01
CA HIS C 197 12.76 43.31 -35.58
C HIS C 197 13.73 44.32 -36.17
N LYS C 198 13.57 44.64 -37.46
CA LYS C 198 14.45 45.61 -38.09
C LYS C 198 14.27 47.00 -37.48
N LEU C 199 13.03 47.37 -37.17
CA LEU C 199 12.78 48.68 -36.55
C LEU C 199 13.35 48.74 -35.14
N ALA C 200 13.25 47.64 -34.39
CA ALA C 200 13.82 47.62 -33.05
C ALA C 200 15.34 47.63 -33.09
N THR C 201 15.94 47.02 -34.11
CA THR C 201 17.40 47.04 -34.23
C THR C 201 17.89 48.43 -34.65
N ASP C 202 17.15 49.10 -35.55
CA ASP C 202 17.55 50.43 -35.98
C ASP C 202 17.29 51.49 -34.93
N LYS C 203 16.43 51.22 -33.95
CA LYS C 203 16.10 52.16 -32.89
C LYS C 203 16.66 51.74 -31.53
N ASN C 204 17.59 50.78 -31.53
CA ASN C 204 18.24 50.31 -30.31
C ASN C 204 17.23 49.81 -29.28
N ASP C 205 16.76 48.57 -29.47
CA ASP C 205 15.82 47.94 -28.54
C ASP C 205 16.19 46.46 -28.43
N PRO C 206 17.16 46.15 -27.56
CA PRO C 206 17.63 44.75 -27.48
C PRO C 206 16.65 43.83 -26.78
N HIS C 207 15.96 44.32 -25.75
CA HIS C 207 15.05 43.47 -24.99
C HIS C 207 13.87 43.03 -25.84
N LEU C 208 13.20 43.97 -26.50
CA LEU C 208 12.07 43.61 -27.36
C LEU C 208 12.50 42.72 -28.51
N CYS C 209 13.67 43.02 -29.10
CA CYS C 209 14.18 42.20 -30.20
C CYS C 209 14.40 40.76 -29.73
N ASP C 210 15.06 40.58 -28.59
CA ASP C 210 15.31 39.23 -28.08
C ASP C 210 14.00 38.53 -27.74
N PHE C 211 13.06 39.24 -27.13
CA PHE C 211 11.79 38.61 -26.76
C PHE C 211 11.03 38.16 -28.00
N ILE C 212 11.02 38.99 -29.05
CA ILE C 212 10.31 38.62 -30.27
C ILE C 212 11.00 37.45 -30.97
N GLU C 213 12.33 37.47 -31.03
CA GLU C 213 13.05 36.41 -31.73
C GLU C 213 13.09 35.12 -30.94
N THR C 214 12.79 35.15 -29.64
CA THR C 214 12.81 33.95 -28.81
C THR C 214 11.41 33.37 -28.60
N TYR C 215 10.51 34.15 -27.97
CA TYR C 215 9.22 33.64 -27.55
C TYR C 215 8.12 33.85 -28.59
N TYR C 216 8.48 33.97 -29.87
CA TYR C 216 7.47 34.16 -30.91
C TYR C 216 7.85 33.46 -32.21
N LEU C 217 9.09 33.69 -32.68
CA LEU C 217 9.52 33.09 -33.93
C LEU C 217 9.62 31.57 -33.83
N SER C 218 9.96 31.05 -32.65
CA SER C 218 10.09 29.61 -32.48
C SER C 218 8.78 28.88 -32.73
N GLU C 219 7.65 29.55 -32.51
CA GLU C 219 6.35 28.95 -32.79
C GLU C 219 5.85 29.31 -34.19
N GLN C 220 6.15 30.52 -34.66
CA GLN C 220 5.70 30.92 -35.99
C GLN C 220 6.37 30.09 -37.08
N VAL C 221 7.66 29.81 -36.93
CA VAL C 221 8.36 29.00 -37.92
C VAL C 221 7.79 27.60 -37.95
N LYS C 222 7.51 27.02 -36.79
CA LYS C 222 6.92 25.68 -36.74
C LYS C 222 5.53 25.67 -37.35
N SER C 223 4.74 26.71 -37.10
CA SER C 223 3.40 26.79 -37.70
C SER C 223 3.48 26.90 -39.21
N ILE C 224 4.40 27.73 -39.72
CA ILE C 224 4.57 27.87 -41.16
C ILE C 224 5.01 26.54 -41.77
N LYS C 225 5.93 25.83 -41.10
CA LYS C 225 6.38 24.55 -41.62
C LYS C 225 5.25 23.53 -41.63
N GLU C 226 4.42 23.51 -40.59
CA GLU C 226 3.30 22.59 -40.54
C GLU C 226 2.28 22.89 -41.63
N LEU C 227 1.99 24.18 -41.84
CA LEU C 227 1.05 24.55 -42.90
C LEU C 227 1.61 24.20 -44.28
N GLY C 228 2.92 24.40 -44.48
CA GLY C 228 3.52 24.01 -45.75
C GLY C 228 3.46 22.51 -45.97
N ASP C 229 3.71 21.73 -44.92
CA ASP C 229 3.59 20.28 -45.03
C ASP C 229 2.16 19.86 -45.35
N HIS C 230 1.18 20.51 -44.72
CA HIS C 230 -0.21 20.19 -45.01
C HIS C 230 -0.57 20.53 -46.45
N VAL C 231 -0.11 21.67 -46.95
CA VAL C 231 -0.37 22.05 -48.33
C VAL C 231 0.29 21.07 -49.29
N THR C 232 1.52 20.65 -48.98
CA THR C 232 2.21 19.68 -49.83
C THR C 232 1.49 18.34 -49.84
N ASN C 233 0.97 17.92 -48.69
CA ASN C 233 0.22 16.66 -48.64
C ASN C 233 -1.09 16.77 -49.40
N LEU C 234 -1.75 17.92 -49.32
CA LEU C 234 -3.02 18.10 -50.04
C LEU C 234 -2.80 18.19 -51.55
N ARG C 235 -1.68 18.75 -51.99
CA ARG C 235 -1.39 18.90 -53.41
C ARG C 235 -0.70 17.67 -54.00
N LYS C 236 -0.84 16.50 -53.38
CA LYS C 236 -0.25 15.29 -53.91
C LYS C 236 -1.22 14.12 -53.83
N MET C 237 -2.08 14.12 -52.80
CA MET C 237 -3.04 13.04 -52.64
C MET C 237 -4.14 13.09 -53.70
N GLY C 238 -4.53 14.29 -54.13
CA GLY C 238 -5.55 14.44 -55.15
C GLY C 238 -6.51 15.57 -54.89
N ALA C 239 -6.32 16.29 -53.78
CA ALA C 239 -7.19 17.40 -53.45
C ALA C 239 -6.99 18.53 -54.45
N PRO C 240 -8.06 19.29 -54.76
CA PRO C 240 -9.42 19.11 -54.23
C PRO C 240 -10.27 18.13 -55.03
N CYS C 241 -9.69 17.53 -56.06
CA CYS C 241 -10.42 16.59 -56.92
C CYS C 241 -10.37 15.16 -56.40
N ALA C 242 -10.43 14.99 -55.07
CA ALA C 242 -10.41 13.65 -54.47
C ALA C 242 -11.08 13.76 -53.10
N GLY C 243 -12.35 13.34 -53.04
CA GLY C 243 -13.09 13.42 -51.78
C GLY C 243 -12.57 12.51 -50.69
N MET C 244 -11.95 11.38 -51.07
CA MET C 244 -11.41 10.45 -50.07
C MET C 244 -10.11 10.97 -49.47
N ALA C 245 -9.35 11.77 -50.22
CA ALA C 245 -8.10 12.30 -49.70
C ALA C 245 -8.34 13.24 -48.52
N GLU C 246 -9.39 14.06 -48.59
CA GLU C 246 -9.71 14.95 -47.49
C GLU C 246 -10.09 14.15 -46.24
N TYR C 247 -10.89 13.11 -46.40
CA TYR C 247 -11.27 12.28 -45.26
C TYR C 247 -10.07 11.56 -44.67
N LEU C 248 -9.14 11.11 -45.53
CA LEU C 248 -7.93 10.45 -45.04
C LEU C 248 -7.05 11.42 -44.27
N PHE C 249 -6.87 12.64 -44.78
CA PHE C 249 -6.09 13.64 -44.06
C PHE C 249 -6.79 14.09 -42.78
N ASP C 250 -8.12 14.00 -42.72
CA ASP C 250 -8.84 14.39 -41.52
C ASP C 250 -8.73 13.33 -40.44
N LYS C 251 -8.92 12.06 -40.81
CA LYS C 251 -8.95 10.95 -39.84
C LYS C 251 -7.57 10.33 -39.60
N HIS C 252 -6.50 11.10 -39.81
CA HIS C 252 -5.16 10.58 -39.56
C HIS C 252 -4.22 11.69 -39.07
N THR C 253 -4.09 12.75 -39.85
CA THR C 253 -3.17 13.84 -39.48
C THR C 253 -3.70 14.59 -38.26
N LEU C 254 -4.84 15.27 -38.42
CA LEU C 254 -5.43 16.03 -37.33
C LEU C 254 -6.39 15.22 -36.47
N GLY C 255 -6.49 13.91 -36.70
CA GLY C 255 -7.37 13.07 -35.91
C GLY C 255 -6.66 12.32 -34.81
N THR D 13 -9.85 38.33 68.19
CA THR D 13 -9.69 37.44 69.32
C THR D 13 -8.29 36.83 69.34
N GLN D 14 -8.19 35.53 69.56
CA GLN D 14 -6.91 34.83 69.57
C GLN D 14 -6.54 34.27 68.20
N ASP D 15 -7.30 34.63 67.15
CA ASP D 15 -7.06 34.03 65.84
C ASP D 15 -5.72 34.46 65.26
N LEU D 16 -5.46 35.76 65.21
CA LEU D 16 -4.20 36.25 64.66
C LEU D 16 -3.01 35.81 65.51
N ARG D 17 -3.19 35.81 66.84
CA ARG D 17 -2.12 35.38 67.73
C ARG D 17 -1.78 33.92 67.49
N SER D 18 -2.80 33.07 67.38
CA SER D 18 -2.56 31.66 67.11
C SER D 18 -1.92 31.46 65.75
N HIS D 19 -2.35 32.23 64.74
CA HIS D 19 -1.78 32.09 63.41
C HIS D 19 -0.31 32.52 63.38
N LEU D 20 0.03 33.55 64.14
CA LEU D 20 1.42 33.99 64.16
C LEU D 20 2.31 33.13 65.06
N VAL D 21 1.74 32.44 66.05
CA VAL D 21 2.54 31.56 66.87
C VAL D 21 2.69 30.16 66.26
N HIS D 22 1.75 29.74 65.41
CA HIS D 22 1.85 28.45 64.75
C HIS D 22 2.87 28.42 63.62
N LYS D 23 3.59 29.51 63.36
CA LYS D 23 4.61 29.49 62.34
C LYS D 23 5.99 29.17 62.89
N LEU D 24 6.38 29.75 64.03
CA LEU D 24 7.69 29.42 64.59
C LEU D 24 7.69 28.02 65.20
N VAL D 25 6.59 27.61 65.84
CA VAL D 25 6.53 26.29 66.43
C VAL D 25 6.53 25.20 65.36
N GLN D 26 6.18 25.54 64.12
CA GLN D 26 6.29 24.60 63.01
C GLN D 26 7.62 24.71 62.28
N ALA D 27 8.24 25.89 62.30
CA ALA D 27 9.54 26.05 61.64
C ALA D 27 10.67 25.46 62.46
N ILE D 28 10.53 25.43 63.78
CA ILE D 28 11.57 24.85 64.63
C ILE D 28 11.65 23.35 64.43
N PHE D 29 10.53 22.64 64.64
CA PHE D 29 10.46 21.20 64.50
C PHE D 29 9.40 20.88 63.44
N PRO D 30 9.79 20.82 62.16
CA PRO D 30 8.80 20.66 61.09
C PRO D 30 8.39 19.22 60.81
N CYS D 31 9.14 18.22 61.28
CA CYS D 31 8.88 16.81 60.98
C CYS D 31 8.60 16.06 62.28
N PRO D 32 7.35 16.05 62.73
CA PRO D 32 7.01 15.25 63.92
C PRO D 32 6.95 13.76 63.60
N ASP D 33 8.12 13.14 63.44
CA ASP D 33 8.18 11.73 63.07
C ASP D 33 7.81 10.85 64.25
N PRO D 34 6.72 10.07 64.17
CA PRO D 34 6.35 9.19 65.28
C PRO D 34 7.05 7.84 65.27
N CYS D 35 7.95 7.60 64.31
CA CYS D 35 8.65 6.32 64.19
C CYS D 35 9.92 6.26 65.03
N ALA D 36 10.01 7.07 66.09
CA ALA D 36 11.19 7.08 66.95
C ALA D 36 10.82 7.43 68.38
N LEU D 37 10.93 8.70 68.74
CA LEU D 37 10.62 9.14 70.09
C LEU D 37 9.12 9.33 70.26
N LYS D 38 8.73 9.84 71.43
CA LYS D 38 7.32 10.08 71.72
C LYS D 38 6.90 11.47 71.26
N ASP D 39 6.03 12.13 72.03
CA ASP D 39 5.56 13.46 71.66
C ASP D 39 5.65 14.45 72.82
N ARG D 40 6.48 14.18 73.83
CA ARG D 40 6.63 15.10 74.94
C ARG D 40 7.69 16.17 74.68
N ARG D 41 8.73 15.85 73.89
CA ARG D 41 9.71 16.86 73.53
C ARG D 41 9.09 17.92 72.63
N MET D 42 8.16 17.52 71.76
CA MET D 42 7.45 18.49 70.94
C MET D 42 6.64 19.45 71.80
N GLU D 43 5.96 18.92 72.84
CA GLU D 43 5.19 19.77 73.73
C GLU D 43 6.10 20.70 74.53
N ASN D 44 7.26 20.20 74.96
CA ASN D 44 8.21 21.05 75.66
C ASN D 44 8.72 22.17 74.76
N LEU D 45 9.01 21.86 73.50
CA LEU D 45 9.45 22.89 72.56
C LEU D 45 8.35 23.90 72.29
N VAL D 46 7.09 23.44 72.20
CA VAL D 46 5.97 24.36 72.00
C VAL D 46 5.81 25.29 73.19
N ALA D 47 5.94 24.75 74.41
CA ALA D 47 5.83 25.58 75.59
C ALA D 47 6.97 26.59 75.66
N TYR D 48 8.19 26.17 75.31
CA TYR D 48 9.31 27.09 75.32
C TYR D 48 9.12 28.21 74.29
N ALA D 49 8.64 27.85 73.09
CA ALA D 49 8.38 28.85 72.07
C ALA D 49 7.27 29.81 72.50
N LYS D 50 6.25 29.30 73.19
CA LYS D 50 5.19 30.17 73.67
C LYS D 50 5.70 31.13 74.73
N LYS D 51 6.57 30.65 75.63
CA LYS D 51 7.15 31.54 76.63
C LYS D 51 8.03 32.60 75.98
N VAL D 52 8.82 32.21 74.97
CA VAL D 52 9.68 33.15 74.28
C VAL D 52 8.83 34.21 73.57
N GLU D 53 7.77 33.79 72.89
CA GLU D 53 6.89 34.73 72.22
C GLU D 53 6.23 35.67 73.22
N GLY D 54 5.83 35.14 74.39
CA GLY D 54 5.22 35.98 75.39
C GLY D 54 6.17 37.06 75.91
N ASP D 55 7.41 36.66 76.24
CA ASP D 55 8.34 37.64 76.78
C ASP D 55 8.77 38.65 75.71
N MET D 56 8.91 38.20 74.46
CA MET D 56 9.30 39.15 73.42
C MET D 56 8.15 40.05 72.98
N TYR D 57 6.90 39.64 73.21
CA TYR D 57 5.79 40.54 73.00
C TYR D 57 5.62 41.51 74.16
N GLU D 58 5.95 41.07 75.38
CA GLU D 58 5.97 41.98 76.51
C GLU D 58 7.06 43.03 76.34
N SER D 59 8.20 42.63 75.78
CA SER D 59 9.32 43.54 75.54
C SER D 59 9.28 44.16 74.14
N ALA D 60 8.10 44.35 73.59
CA ALA D 60 7.93 44.93 72.26
C ALA D 60 7.67 46.42 72.39
N ASN D 61 7.25 47.06 71.29
CA ASN D 61 6.97 48.50 71.31
C ASN D 61 5.97 48.89 70.23
N SER D 62 6.04 48.24 69.07
CA SER D 62 5.15 48.57 67.96
C SER D 62 4.65 47.27 67.34
N ARG D 63 4.20 47.34 66.09
CA ARG D 63 3.65 46.21 65.37
C ARG D 63 4.48 45.82 64.15
N ASP D 64 4.86 46.79 63.33
CA ASP D 64 5.61 46.48 62.11
C ASP D 64 7.01 45.98 62.44
N GLU D 65 7.69 46.63 63.40
CA GLU D 65 9.01 46.16 63.81
C GLU D 65 8.93 44.78 64.44
N TYR D 66 7.81 44.47 65.11
CA TYR D 66 7.63 43.13 65.67
C TYR D 66 7.58 42.08 64.56
N TYR D 67 6.82 42.36 63.50
CA TYR D 67 6.75 41.42 62.38
C TYR D 67 8.09 41.30 61.67
N HIS D 68 8.83 42.42 61.56
CA HIS D 68 10.15 42.37 60.94
C HIS D 68 11.11 41.52 61.77
N LEU D 69 11.07 41.68 63.09
CA LEU D 69 11.93 40.87 63.97
C LEU D 69 11.54 39.40 63.89
N LEU D 70 10.24 39.11 63.81
CA LEU D 70 9.81 37.72 63.67
C LEU D 70 10.29 37.11 62.36
N ALA D 71 10.21 37.89 61.27
CA ALA D 71 10.70 37.39 59.99
C ALA D 71 12.21 37.15 60.03
N GLU D 72 12.95 38.07 60.65
CA GLU D 72 14.39 37.87 60.78
C GLU D 72 14.72 36.65 61.61
N LYS D 73 13.96 36.43 62.70
CA LYS D 73 14.20 35.25 63.53
C LYS D 73 13.89 33.96 62.76
N ILE D 74 12.81 33.96 61.97
CA ILE D 74 12.49 32.78 61.17
C ILE D 74 13.57 32.52 60.14
N TYR D 75 14.07 33.58 59.49
CA TYR D 75 15.13 33.41 58.50
C TYR D 75 16.43 32.95 59.15
N LYS D 76 16.68 33.34 60.41
CA LYS D 76 17.90 32.93 61.08
C LYS D 76 17.82 31.49 61.57
N ILE D 77 16.66 31.06 62.07
CA ILE D 77 16.54 29.71 62.60
C ILE D 77 16.43 28.67 61.50
N GLN D 78 16.07 29.07 60.28
CA GLN D 78 15.99 28.14 59.16
C GLN D 78 17.35 27.85 58.53
N LYS D 79 18.44 28.40 59.09
CA LYS D 79 19.79 28.15 58.60
C LYS D 79 20.66 27.79 59.82
N GLU D 80 20.33 26.67 60.45
CA GLU D 80 20.98 26.22 61.68
C GLU D 80 21.85 25.01 61.33
N LEU D 81 21.35 23.78 61.45
CA LEU D 81 22.15 22.59 61.18
C LEU D 81 21.32 21.54 60.44
N GLU D 82 20.90 21.90 59.22
CA GLU D 82 20.13 21.01 58.37
C GLU D 82 21.02 20.19 57.43
N GLU D 83 22.28 19.98 57.80
CA GLU D 83 23.25 19.22 57.01
C GLU D 83 23.44 19.82 55.61
N LYS D 84 23.13 21.10 55.45
CA LYS D 84 23.25 21.79 54.17
C LYS D 84 22.49 21.06 53.08
N SER D 85 23.19 20.21 52.33
CA SER D 85 22.61 19.41 51.26
C SER D 85 23.62 18.35 50.86
N GLN D 86 23.22 17.47 49.95
CA GLN D 86 24.08 16.42 49.43
C GLN D 86 24.63 16.71 48.05
N VAL D 87 24.04 17.64 47.31
CA VAL D 87 24.49 18.02 45.98
C VAL D 87 24.92 19.48 45.90
N ARG D 88 24.84 20.23 46.99
CA ARG D 88 25.21 21.63 47.02
C ARG D 88 26.73 21.74 47.15
N GLN D 89 27.38 22.37 46.17
CA GLN D 89 28.82 22.54 46.16
C GLN D 89 29.15 23.95 45.68
N ASN D 90 29.76 24.75 46.55
CA ASN D 90 30.13 26.13 46.23
C ASN D 90 28.92 26.94 45.80
N TYR D 91 28.12 27.41 46.77
CA TYR D 91 26.94 28.21 46.48
C TYR D 91 26.63 29.08 47.68
N HIS D 92 26.77 30.39 47.50
CA HIS D 92 26.57 31.36 48.57
C HIS D 92 25.09 31.69 48.70
N GLN D 93 24.73 32.23 49.87
CA GLN D 93 23.34 32.57 50.15
C GLN D 93 22.85 33.75 49.32
N ASP D 94 23.76 34.62 48.86
CA ASP D 94 23.35 35.73 48.02
C ASP D 94 22.79 35.24 46.69
N ALA D 95 23.43 34.23 46.09
CA ALA D 95 22.89 33.65 44.87
C ALA D 95 21.55 32.99 45.09
N GLU D 96 21.35 32.35 46.25
CA GLU D 96 20.06 31.75 46.56
C GLU D 96 18.98 32.82 46.70
N ALA D 97 19.29 33.92 47.38
CA ALA D 97 18.32 35.00 47.50
C ALA D 97 18.01 35.62 46.15
N ALA D 98 19.02 35.75 45.29
CA ALA D 98 18.79 36.29 43.95
C ALA D 98 17.91 35.37 43.13
N ILE D 99 18.12 34.05 43.25
CA ILE D 99 17.28 33.09 42.53
C ILE D 99 15.85 33.15 43.06
N ASN D 100 15.69 33.31 44.38
CA ASN D 100 14.35 33.43 44.94
C ASN D 100 13.64 34.68 44.44
N ARG D 101 14.36 35.81 44.40
CA ARG D 101 13.76 37.04 43.88
C ARG D 101 13.41 36.91 42.40
N GLN D 102 14.27 36.22 41.63
CA GLN D 102 13.98 36.02 40.21
C GLN D 102 12.75 35.14 40.04
N ILE D 103 12.60 34.10 40.86
CA ILE D 103 11.42 33.25 40.80
C ILE D 103 10.17 34.03 41.16
N ASN D 104 10.26 34.89 42.18
CA ASN D 104 9.12 35.72 42.55
C ASN D 104 8.74 36.67 41.41
N LEU D 105 9.74 37.25 40.75
CA LEU D 105 9.46 38.14 39.62
C LEU D 105 8.85 37.38 38.45
N GLU D 106 9.31 36.14 38.21
CA GLU D 106 8.72 35.32 37.16
C GLU D 106 7.26 35.00 37.48
N LEU D 107 6.96 34.67 38.73
CA LEU D 107 5.58 34.41 39.11
C LEU D 107 4.71 35.66 38.97
N TYR D 108 5.25 36.82 39.35
CA TYR D 108 4.50 38.07 39.19
C TYR D 108 4.24 38.36 37.71
N ALA D 109 5.24 38.12 36.86
CA ALA D 109 5.05 38.33 35.42
C ALA D 109 4.02 37.37 34.85
N SER D 110 4.03 36.11 35.31
CA SER D 110 3.01 35.16 34.86
C SER D 110 1.63 35.60 35.30
N TYR D 111 1.50 36.10 36.52
CA TYR D 111 0.20 36.58 37.01
C TYR D 111 -0.27 37.79 36.19
N VAL D 112 0.64 38.70 35.87
CA VAL D 112 0.28 39.87 35.08
C VAL D 112 -0.15 39.46 33.68
N TYR D 113 0.56 38.50 33.08
CA TYR D 113 0.19 38.03 31.75
C TYR D 113 -1.16 37.30 31.77
N LEU D 114 -1.44 36.55 32.84
CA LEU D 114 -2.74 35.91 32.97
C LEU D 114 -3.85 36.96 33.09
N SER D 115 -3.60 38.00 33.88
CA SER D 115 -4.59 39.08 34.00
C SER D 115 -4.82 39.78 32.67
N MET D 116 -3.75 39.98 31.90
CA MET D 116 -3.89 40.59 30.57
C MET D 116 -4.68 39.69 29.63
N SER D 117 -4.41 38.38 29.66
CA SER D 117 -5.13 37.45 28.81
C SER D 117 -6.61 37.39 29.19
N CYS D 118 -6.93 37.48 30.47
CA CYS D 118 -8.31 37.44 30.90
C CYS D 118 -9.03 38.76 30.72
N TYR D 119 -8.29 39.88 30.63
CA TYR D 119 -8.93 41.17 30.40
C TYR D 119 -9.33 41.34 28.94
N PHE D 120 -8.45 40.99 28.01
CA PHE D 120 -8.75 41.12 26.60
C PHE D 120 -9.77 40.08 26.13
N ASP D 121 -9.99 39.03 26.90
CA ASP D 121 -10.98 38.01 26.57
C ASP D 121 -12.38 38.35 27.05
N ARG D 122 -12.56 39.53 27.66
CA ARG D 122 -13.86 39.94 28.17
C ARG D 122 -14.79 40.39 27.05
N ASP D 123 -15.89 41.04 27.42
CA ASP D 123 -16.87 41.53 26.46
C ASP D 123 -16.66 42.98 26.07
N ASP D 124 -15.99 43.77 26.93
CA ASP D 124 -15.76 45.18 26.63
C ASP D 124 -14.51 45.40 25.78
N VAL D 125 -13.76 44.36 25.48
CA VAL D 125 -12.55 44.46 24.67
C VAL D 125 -12.69 43.67 23.37
N ALA D 126 -13.05 42.39 23.46
CA ALA D 126 -13.29 41.52 22.30
C ALA D 126 -12.05 41.43 21.41
N LEU D 127 -10.99 40.86 21.97
CA LEU D 127 -9.73 40.63 21.26
C LEU D 127 -9.22 39.25 21.62
N LYS D 128 -9.48 38.27 20.74
CA LYS D 128 -9.11 36.89 21.01
C LYS D 128 -7.64 36.61 20.73
N ASN D 129 -7.07 37.22 19.68
CA ASN D 129 -5.67 36.97 19.36
C ASN D 129 -4.74 37.52 20.44
N PHE D 130 -5.03 38.73 20.94
CA PHE D 130 -4.23 39.27 22.04
C PHE D 130 -4.35 38.42 23.28
N ALA D 131 -5.56 37.91 23.57
CA ALA D 131 -5.73 37.04 24.72
C ALA D 131 -4.95 35.75 24.58
N LYS D 132 -4.95 35.16 23.37
CA LYS D 132 -4.18 33.94 23.15
C LYS D 132 -2.69 34.19 23.26
N TYR D 133 -2.21 35.33 22.74
CA TYR D 133 -0.80 35.66 22.86
C TYR D 133 -0.40 35.86 24.31
N PHE D 134 -1.24 36.55 25.08
CA PHE D 134 -0.92 36.76 26.50
C PHE D 134 -0.97 35.46 27.28
N LEU D 135 -1.89 34.55 26.91
CA LEU D 135 -1.94 33.24 27.56
C LEU D 135 -0.69 32.42 27.22
N HIS D 136 -0.22 32.50 25.98
CA HIS D 136 1.01 31.81 25.62
C HIS D 136 2.21 32.39 26.37
N GLN D 137 2.25 33.72 26.51
CA GLN D 137 3.32 34.34 27.29
C GLN D 137 3.27 33.93 28.75
N SER D 138 2.07 33.83 29.32
CA SER D 138 1.93 33.38 30.70
C SER D 138 2.38 31.93 30.85
N HIS D 139 2.06 31.09 29.87
CA HIS D 139 2.53 29.70 29.89
C HIS D 139 4.05 29.63 29.81
N GLU D 140 4.65 30.48 28.97
CA GLU D 140 6.11 30.50 28.87
C GLU D 140 6.74 30.96 30.18
N GLU D 141 6.15 31.98 30.83
CA GLU D 141 6.66 32.43 32.11
C GLU D 141 6.52 31.34 33.17
N ARG D 142 5.41 30.60 33.15
CA ARG D 142 5.23 29.51 34.10
CA ARG D 142 5.22 29.50 34.09
C ARG D 142 6.26 28.41 33.88
N GLU D 143 6.53 28.07 32.61
CA GLU D 143 7.54 27.06 32.32
C GLU D 143 8.93 27.53 32.74
N HIS D 144 9.24 28.81 32.53
CA HIS D 144 10.53 29.33 32.97
C HIS D 144 10.65 29.31 34.48
N ALA D 145 9.57 29.63 35.19
CA ALA D 145 9.60 29.57 36.65
C ALA D 145 9.79 28.15 37.14
N GLU D 146 9.10 27.19 36.51
CA GLU D 146 9.28 25.79 36.90
C GLU D 146 10.69 25.31 36.61
N LYS D 147 11.27 25.77 35.50
CA LYS D 147 12.65 25.39 35.18
C LYS D 147 13.62 25.98 36.19
N LEU D 148 13.40 27.23 36.61
CA LEU D 148 14.24 27.83 37.63
C LEU D 148 14.11 27.08 38.96
N MET D 149 12.89 26.69 39.32
CA MET D 149 12.70 25.93 40.55
C MET D 149 13.40 24.58 40.48
N LYS D 150 13.31 23.91 39.34
CA LYS D 150 14.00 22.62 39.18
C LYS D 150 15.51 22.79 39.24
N LEU D 151 16.03 23.85 38.62
CA LEU D 151 17.47 24.10 38.67
C LEU D 151 17.93 24.40 40.10
N GLN D 152 17.13 25.14 40.86
CA GLN D 152 17.48 25.42 42.25
C GLN D 152 17.41 24.14 43.09
N ASN D 153 16.45 23.27 42.80
CA ASN D 153 16.36 22.01 43.53
C ASN D 153 17.53 21.07 43.18
N GLN D 154 18.02 21.13 41.94
CA GLN D 154 19.15 20.28 41.57
C GLN D 154 20.46 20.77 42.16
N ARG D 155 20.56 22.04 42.55
CA ARG D 155 21.76 22.59 43.15
C ARG D 155 21.77 22.48 44.66
N GLY D 156 20.78 21.84 45.26
CA GLY D 156 20.73 21.71 46.70
C GLY D 156 20.44 22.99 47.45
N GLY D 157 19.47 23.76 46.99
CA GLY D 157 19.13 25.01 47.62
C GLY D 157 17.68 25.10 48.04
N ARG D 158 17.40 25.88 49.10
CA ARG D 158 16.05 26.04 49.59
C ARG D 158 15.30 27.06 48.76
N ILE D 159 13.98 26.88 48.65
CA ILE D 159 13.11 27.78 47.91
C ILE D 159 12.12 28.38 48.89
N PHE D 160 12.19 29.70 49.07
CA PHE D 160 11.33 30.43 49.99
C PHE D 160 10.24 31.12 49.18
N LEU D 161 9.10 30.44 49.03
CA LEU D 161 7.98 30.99 48.28
C LEU D 161 7.26 32.03 49.12
N GLN D 162 7.27 33.28 48.66
CA GLN D 162 6.61 34.38 49.36
C GLN D 162 5.20 34.55 48.80
N ASP D 163 4.60 35.72 49.00
CA ASP D 163 3.26 36.01 48.53
C ASP D 163 3.34 36.70 47.17
N ILE D 164 2.58 36.19 46.20
CA ILE D 164 2.56 36.77 44.86
C ILE D 164 1.75 38.06 44.90
N LYS D 165 2.38 39.16 44.47
CA LYS D 165 1.71 40.45 44.47
C LYS D 165 0.71 40.55 43.34
N LYS D 166 -0.33 41.37 43.56
CA LYS D 166 -1.37 41.58 42.56
C LYS D 166 -0.97 42.67 41.58
N PRO D 167 -1.46 42.60 40.34
CA PRO D 167 -1.13 43.65 39.36
C PRO D 167 -1.69 45.00 39.80
N ASP D 168 -0.88 46.04 39.63
CA ASP D 168 -1.28 47.38 40.03
C ASP D 168 -2.33 47.98 39.11
N ARG D 169 -2.43 47.49 37.87
CA ARG D 169 -3.40 47.98 36.90
C ARG D 169 -4.32 46.85 36.51
N ASP D 170 -5.63 47.08 36.62
CA ASP D 170 -6.64 46.08 36.27
C ASP D 170 -7.42 46.44 35.01
N ASP D 171 -7.62 47.73 34.74
CA ASP D 171 -8.34 48.20 33.57
C ASP D 171 -7.31 48.68 32.54
N TRP D 172 -7.00 47.82 31.57
CA TRP D 172 -6.04 48.16 30.54
C TRP D 172 -6.62 49.01 29.42
N CYS D 173 -7.94 49.20 29.40
CA CYS D 173 -8.61 50.05 28.43
C CYS D 173 -8.32 49.60 27.00
N SER D 174 -7.31 50.21 26.37
CA SER D 174 -6.95 49.87 25.00
C SER D 174 -5.88 48.78 24.98
N GLY D 175 -4.97 48.85 24.03
CA GLY D 175 -3.92 47.86 23.92
C GLY D 175 -2.52 48.44 24.02
N LEU D 176 -2.38 49.74 23.77
CA LEU D 176 -1.08 50.38 23.83
C LEU D 176 -0.55 50.42 25.26
N ASN D 177 -1.41 50.72 26.24
CA ASN D 177 -0.98 50.73 27.62
C ASN D 177 -0.55 49.35 28.09
N ALA D 178 -1.25 48.31 27.64
CA ALA D 178 -0.86 46.94 27.99
C ALA D 178 0.49 46.60 27.38
N MET D 179 0.74 47.03 26.14
CA MET D 179 2.04 46.77 25.52
C MET D 179 3.15 47.52 26.25
N GLU D 180 2.89 48.76 26.67
CA GLU D 180 3.90 49.50 27.41
C GLU D 180 4.19 48.84 28.76
N SER D 181 3.14 48.37 29.44
CA SER D 181 3.34 47.68 30.72
C SER D 181 4.12 46.39 30.52
N ALA D 182 3.82 45.63 29.46
CA ALA D 182 4.57 44.41 29.19
C ALA D 182 6.03 44.71 28.86
N LEU D 183 6.28 45.79 28.12
CA LEU D 183 7.65 46.16 27.81
C LEU D 183 8.41 46.56 29.06
N HIS D 184 7.77 47.33 29.95
CA HIS D 184 8.42 47.70 31.21
C HIS D 184 8.69 46.47 32.07
N LEU D 185 7.75 45.53 32.09
CA LEU D 185 7.95 44.31 32.86
C LEU D 185 9.10 43.48 32.30
N GLU D 186 9.20 43.39 30.97
CA GLU D 186 10.31 42.66 30.36
C GLU D 186 11.64 43.35 30.62
N LYS D 187 11.65 44.68 30.61
CA LYS D 187 12.87 45.41 30.94
C LYS D 187 13.28 45.17 32.39
N SER D 188 12.32 45.14 33.30
CA SER D 188 12.63 44.84 34.70
C SER D 188 13.15 43.42 34.86
N VAL D 189 12.57 42.46 34.13
CA VAL D 189 13.05 41.08 34.18
C VAL D 189 14.47 41.00 33.64
N ASN D 190 14.76 41.73 32.55
CA ASN D 190 16.11 41.72 32.00
C ASN D 190 17.11 42.35 32.97
N GLN D 191 16.72 43.42 33.66
CA GLN D 191 17.58 44.02 34.65
C GLN D 191 17.85 43.07 35.81
N SER D 192 16.81 42.35 36.25
CA SER D 192 16.99 41.37 37.32
C SER D 192 17.91 40.24 36.88
N LEU D 193 17.78 39.81 35.62
CA LEU D 193 18.67 38.76 35.10
C LEU D 193 20.11 39.25 35.03
N LEU D 194 20.31 40.51 34.63
CA LEU D 194 21.65 41.07 34.59
C LEU D 194 22.24 41.16 35.99
N GLU D 195 21.43 41.56 36.98
CA GLU D 195 21.92 41.61 38.36
C GLU D 195 22.26 40.22 38.87
N LEU D 196 21.44 39.22 38.53
CA LEU D 196 21.74 37.85 38.93
C LEU D 196 23.03 37.36 38.28
N HIS D 197 23.24 37.68 37.01
CA HIS D 197 24.47 37.30 36.33
C HIS D 197 25.68 37.95 36.98
N LYS D 198 25.58 39.24 37.31
CA LYS D 198 26.69 39.93 37.96
C LYS D 198 26.98 39.35 39.33
N LEU D 199 25.93 39.01 40.09
CA LEU D 199 26.14 38.42 41.41
C LEU D 199 26.76 37.03 41.32
N ALA D 200 26.34 36.24 40.32
CA ALA D 200 26.93 34.92 40.14
C ALA D 200 28.38 35.02 39.67
N THR D 201 28.71 36.04 38.88
CA THR D 201 30.10 36.22 38.45
C THR D 201 30.97 36.69 39.61
N ASP D 202 30.45 37.57 40.45
CA ASP D 202 31.23 38.06 41.59
C ASP D 202 31.36 37.02 42.70
N LYS D 203 30.49 36.01 42.72
CA LYS D 203 30.53 34.97 43.74
C LYS D 203 30.98 33.63 43.19
N ASN D 204 31.56 33.63 41.98
CA ASN D 204 32.08 32.41 41.35
C ASN D 204 31.01 31.35 41.21
N ASP D 205 30.16 31.47 40.18
CA ASP D 205 29.11 30.51 39.88
C ASP D 205 29.01 30.35 38.38
N PRO D 206 29.86 29.52 37.77
CA PRO D 206 29.87 29.42 36.31
C PRO D 206 28.68 28.66 35.74
N HIS D 207 28.23 27.62 36.45
CA HIS D 207 27.13 26.80 35.94
C HIS D 207 25.84 27.59 35.87
N LEU D 208 25.48 28.26 36.97
CA LEU D 208 24.25 29.07 36.98
C LEU D 208 24.34 30.21 35.98
N CYS D 209 25.51 30.85 35.88
CA CYS D 209 25.70 31.93 34.93
C CYS D 209 25.47 31.45 33.50
N ASP D 210 26.09 30.32 33.14
CA ASP D 210 25.93 29.78 31.80
C ASP D 210 24.48 29.38 31.53
N PHE D 211 23.83 28.75 32.52
CA PHE D 211 22.45 28.33 32.33
C PHE D 211 21.53 29.53 32.12
N ILE D 212 21.73 30.59 32.89
CA ILE D 212 20.90 31.78 32.75
C ILE D 212 21.16 32.47 31.41
N GLU D 213 22.43 32.57 31.01
CA GLU D 213 22.74 33.27 29.76
C GLU D 213 22.41 32.45 28.53
N THR D 214 22.19 31.13 28.68
CA THR D 214 21.87 30.27 27.55
C THR D 214 20.37 29.99 27.44
N TYR D 215 19.79 29.36 28.47
CA TYR D 215 18.41 28.88 28.39
C TYR D 215 17.40 29.90 28.93
N TYR D 216 17.72 31.19 28.91
CA TYR D 216 16.77 32.20 29.39
C TYR D 216 16.87 33.48 28.58
N LEU D 217 18.10 34.00 28.41
CA LEU D 217 18.27 35.26 27.68
C LEU D 217 17.88 35.12 26.21
N SER D 218 18.09 33.93 25.64
CA SER D 218 17.78 33.72 24.22
C SER D 218 16.29 33.92 23.94
N GLU D 219 15.44 33.66 24.93
CA GLU D 219 14.01 33.89 24.77
C GLU D 219 13.59 35.27 25.23
N GLN D 220 14.22 35.79 26.28
CA GLN D 220 13.87 37.11 26.79
C GLN D 220 14.20 38.21 25.78
N VAL D 221 15.36 38.10 25.11
CA VAL D 221 15.72 39.08 24.10
C VAL D 221 14.73 39.07 22.95
N LYS D 222 14.34 37.87 22.51
CA LYS D 222 13.37 37.76 21.43
C LYS D 222 12.01 38.33 21.84
N SER D 223 11.59 38.07 23.08
CA SER D 223 10.33 38.62 23.56
C SER D 223 10.37 40.14 23.63
N ILE D 224 11.48 40.71 24.11
CA ILE D 224 11.63 42.15 24.17
C ILE D 224 11.61 42.75 22.77
N LYS D 225 12.28 42.09 21.81
CA LYS D 225 12.28 42.58 20.44
C LYS D 225 10.90 42.53 19.83
N GLU D 226 10.15 41.46 20.09
CA GLU D 226 8.79 41.35 19.56
C GLU D 226 7.88 42.41 20.17
N LEU D 227 8.00 42.65 21.47
CA LEU D 227 7.19 43.68 22.10
C LEU D 227 7.55 45.07 21.57
N GLY D 228 8.83 45.33 21.35
CA GLY D 228 9.23 46.59 20.76
C GLY D 228 8.70 46.78 19.35
N ASP D 229 8.73 45.71 18.55
CA ASP D 229 8.17 45.78 17.21
C ASP D 229 6.67 46.03 17.26
N HIS D 230 5.96 45.38 18.19
CA HIS D 230 4.53 45.62 18.32
C HIS D 230 4.24 47.06 18.73
N VAL D 231 5.02 47.60 19.66
CA VAL D 231 4.82 48.99 20.09
C VAL D 231 5.10 49.94 18.93
N THR D 232 6.16 49.66 18.15
CA THR D 232 6.47 50.52 17.01
C THR D 232 5.36 50.46 15.96
N ASN D 233 4.79 49.28 15.73
CA ASN D 233 3.68 49.17 14.78
C ASN D 233 2.44 49.88 15.28
N LEU D 234 2.18 49.82 16.59
CA LEU D 234 1.01 50.50 17.13
C LEU D 234 1.16 52.01 17.14
N ARG D 235 2.39 52.51 17.30
CA ARG D 235 2.66 53.94 17.34
C ARG D 235 2.91 54.53 15.95
N LYS D 236 2.43 53.87 14.89
CA LYS D 236 2.59 54.38 13.54
C LYS D 236 1.29 54.23 12.74
N MET D 237 0.53 53.17 13.02
CA MET D 237 -0.72 52.96 12.30
C MET D 237 -1.79 53.97 12.68
N GLY D 238 -1.80 54.42 13.94
CA GLY D 238 -2.77 55.41 14.37
C GLY D 238 -3.31 55.14 15.76
N ALA D 239 -2.86 54.06 16.39
CA ALA D 239 -3.32 53.73 17.73
C ALA D 239 -2.82 54.78 18.74
N PRO D 240 -3.61 55.07 19.79
CA PRO D 240 -4.92 54.49 20.05
C PRO D 240 -6.07 55.23 19.37
N CYS D 241 -5.76 56.27 18.60
CA CYS D 241 -6.77 57.08 17.92
C CYS D 241 -7.15 56.51 16.56
N ALA D 242 -7.21 55.18 16.43
CA ALA D 242 -7.59 54.54 15.18
C ALA D 242 -8.14 53.16 15.51
N GLY D 243 -9.47 53.03 15.51
CA GLY D 243 -10.09 51.76 15.83
C GLY D 243 -9.83 50.67 14.81
N MET D 244 -9.63 51.02 13.55
CA MET D 244 -9.36 50.02 12.53
C MET D 244 -7.94 49.48 12.61
N ALA D 245 -7.00 50.28 13.12
CA ALA D 245 -5.62 49.81 13.23
C ALA D 245 -5.51 48.66 14.23
N GLU D 246 -6.25 48.72 15.32
CA GLU D 246 -6.23 47.62 16.29
C GLU D 246 -6.78 46.34 15.68
N TYR D 247 -7.88 46.44 14.93
CA TYR D 247 -8.45 45.27 14.29
C TYR D 247 -7.51 44.71 13.22
N LEU D 248 -6.81 45.58 12.50
CA LEU D 248 -5.84 45.11 11.50
C LEU D 248 -4.67 44.40 12.16
N PHE D 249 -4.14 44.95 13.25
CA PHE D 249 -3.06 44.30 13.97
C PHE D 249 -3.52 43.01 14.64
N ASP D 250 -4.81 42.90 14.97
CA ASP D 250 -5.33 41.68 15.58
C ASP D 250 -5.52 40.57 14.55
N LYS D 251 -6.10 40.90 13.40
CA LYS D 251 -6.43 39.91 12.38
C LYS D 251 -5.32 39.69 11.37
N HIS D 252 -4.07 39.96 11.75
CA HIS D 252 -2.95 39.75 10.83
C HIS D 252 -1.70 39.31 11.60
N THR D 253 -1.26 40.13 12.56
CA THR D 253 -0.05 39.82 13.31
C THR D 253 -0.25 38.61 14.21
N LEU D 254 -1.13 38.74 15.21
CA LEU D 254 -1.40 37.65 16.13
C LEU D 254 -2.54 36.74 15.68
N GLY D 255 -3.04 36.93 14.47
CA GLY D 255 -4.12 36.10 13.95
C GLY D 255 -3.64 34.99 13.03
N THR E 13 60.27 -54.15 -5.48
CA THR E 13 59.05 -53.46 -5.06
C THR E 13 57.81 -54.20 -5.53
N GLN E 14 56.88 -54.47 -4.60
CA GLN E 14 55.63 -55.15 -4.92
C GLN E 14 54.40 -54.28 -4.77
N ASP E 15 54.47 -53.19 -4.02
CA ASP E 15 53.33 -52.28 -3.93
C ASP E 15 53.09 -51.59 -5.27
N LEU E 16 54.16 -51.08 -5.88
CA LEU E 16 54.05 -50.51 -7.22
C LEU E 16 53.59 -51.56 -8.23
N ARG E 17 54.05 -52.80 -8.08
CA ARG E 17 53.62 -53.87 -8.96
C ARG E 17 52.13 -54.12 -8.84
N SER E 18 51.62 -54.17 -7.61
CA SER E 18 50.18 -54.35 -7.41
C SER E 18 49.40 -53.17 -7.96
N HIS E 19 49.92 -51.95 -7.77
CA HIS E 19 49.21 -50.77 -8.27
C HIS E 19 49.17 -50.73 -9.78
N LEU E 20 50.23 -51.20 -10.45
CA LEU E 20 50.24 -51.20 -11.91
C LEU E 20 49.48 -52.38 -12.49
N VAL E 21 49.32 -53.49 -11.74
CA VAL E 21 48.54 -54.61 -12.24
C VAL E 21 47.05 -54.45 -11.97
N HIS E 22 46.68 -53.69 -10.93
CA HIS E 22 45.27 -53.45 -10.62
C HIS E 22 44.60 -52.47 -11.59
N LYS E 23 45.33 -51.98 -12.60
CA LYS E 23 44.74 -51.08 -13.59
C LYS E 23 44.15 -51.85 -14.76
N LEU E 24 44.92 -52.77 -15.35
CA LEU E 24 44.42 -53.53 -16.48
C LEU E 24 43.34 -54.52 -16.07
N VAL E 25 43.49 -55.15 -14.90
CA VAL E 25 42.49 -56.10 -14.45
C VAL E 25 41.17 -55.41 -14.12
N GLN E 26 41.19 -54.10 -13.89
CA GLN E 26 39.96 -53.34 -13.69
C GLN E 26 39.45 -52.73 -14.99
N ALA E 27 40.35 -52.44 -15.93
CA ALA E 27 39.92 -51.88 -17.21
C ALA E 27 39.32 -52.94 -18.13
N ILE E 28 39.73 -54.20 -17.98
CA ILE E 28 39.17 -55.27 -18.81
C ILE E 28 37.72 -55.53 -18.43
N PHE E 29 37.47 -55.84 -17.15
CA PHE E 29 36.13 -56.12 -16.64
C PHE E 29 35.83 -55.12 -15.54
N PRO E 30 35.26 -53.96 -15.88
CA PRO E 30 35.07 -52.90 -14.88
C PRO E 30 33.80 -53.03 -14.05
N CYS E 31 32.83 -53.84 -14.47
CA CYS E 31 31.53 -53.94 -13.80
C CYS E 31 31.34 -55.38 -13.31
N PRO E 32 31.82 -55.70 -12.11
CA PRO E 32 31.57 -57.04 -11.55
C PRO E 32 30.14 -57.18 -11.04
N ASP E 33 29.20 -57.31 -11.96
CA ASP E 33 27.78 -57.38 -11.60
C ASP E 33 27.46 -58.72 -10.98
N PRO E 34 27.05 -58.79 -9.71
CA PRO E 34 26.69 -60.07 -9.10
C PRO E 34 25.27 -60.53 -9.36
N CYS E 35 24.49 -59.77 -10.14
CA CYS E 35 23.10 -60.10 -10.41
C CYS E 35 22.94 -61.02 -11.61
N ALA E 36 23.96 -61.80 -11.95
CA ALA E 36 23.90 -62.71 -13.08
C ALA E 36 24.75 -63.94 -12.85
N LEU E 37 25.99 -63.92 -13.34
CA LEU E 37 26.90 -65.04 -13.19
C LEU E 37 27.57 -65.01 -11.81
N LYS E 38 28.50 -65.94 -11.60
CA LYS E 38 29.22 -66.03 -10.33
C LYS E 38 30.45 -65.13 -10.35
N ASP E 39 31.54 -65.60 -9.73
CA ASP E 39 32.77 -64.81 -9.67
C ASP E 39 34.01 -65.65 -10.02
N ARG E 40 33.82 -66.73 -10.78
CA ARG E 40 34.96 -67.54 -11.21
C ARG E 40 35.54 -67.05 -12.54
N ARG E 41 34.70 -66.50 -13.42
CA ARG E 41 35.22 -65.93 -14.66
C ARG E 41 36.08 -64.71 -14.39
N MET E 42 35.72 -63.93 -13.38
CA MET E 42 36.56 -62.79 -12.99
C MET E 42 37.93 -63.26 -12.51
N GLU E 43 37.95 -64.33 -11.71
CA GLU E 43 39.23 -64.86 -11.24
C GLU E 43 40.05 -65.42 -12.39
N ASN E 44 39.39 -66.09 -13.35
CA ASN E 44 40.11 -66.59 -14.52
C ASN E 44 40.71 -65.44 -15.33
N LEU E 45 39.95 -64.36 -15.51
CA LEU E 45 40.47 -63.20 -16.24
C LEU E 45 41.62 -62.55 -15.49
N VAL E 46 41.53 -62.49 -14.16
CA VAL E 46 42.62 -61.92 -13.36
C VAL E 46 43.87 -62.77 -13.50
N ALA E 47 43.73 -64.09 -13.46
CA ALA E 47 44.88 -64.97 -13.63
C ALA E 47 45.50 -64.84 -15.01
N TYR E 48 44.66 -64.74 -16.04
CA TYR E 48 45.16 -64.56 -17.40
C TYR E 48 45.90 -63.24 -17.55
N ALA E 49 45.35 -62.16 -16.96
CA ALA E 49 46.02 -60.87 -17.03
C ALA E 49 47.34 -60.89 -16.26
N LYS E 50 47.38 -61.62 -15.13
CA LYS E 50 48.63 -61.72 -14.39
C LYS E 50 49.68 -62.49 -15.17
N LYS E 51 49.28 -63.55 -15.86
CA LYS E 51 50.22 -64.30 -16.69
C LYS E 51 50.73 -63.44 -17.84
N VAL E 52 49.83 -62.68 -18.47
CA VAL E 52 50.23 -61.80 -19.57
C VAL E 52 51.21 -60.74 -19.08
N GLU E 53 50.92 -60.13 -17.94
CA GLU E 53 51.81 -59.13 -17.37
C GLU E 53 53.17 -59.75 -17.03
N GLY E 54 53.17 -60.98 -16.51
CA GLY E 54 54.42 -61.64 -16.19
C GLY E 54 55.27 -61.89 -17.42
N ASP E 55 54.66 -62.43 -18.48
CA ASP E 55 55.45 -62.73 -19.67
C ASP E 55 55.90 -61.46 -20.38
N MET E 56 55.07 -60.41 -20.38
CA MET E 56 55.48 -59.17 -21.02
C MET E 56 56.51 -58.41 -20.20
N TYR E 57 56.56 -58.62 -18.89
CA TYR E 57 57.64 -58.05 -18.09
C TYR E 57 58.93 -58.85 -18.24
N GLU E 58 58.82 -60.17 -18.43
CA GLU E 58 60.00 -60.97 -18.71
C GLU E 58 60.56 -60.67 -20.10
N SER E 59 59.70 -60.29 -21.05
CA SER E 59 60.13 -59.89 -22.38
C SER E 59 60.26 -58.38 -22.53
N ALA E 60 60.60 -57.68 -21.45
CA ALA E 60 60.76 -56.23 -21.46
C ALA E 60 62.24 -55.89 -21.67
N ASN E 61 62.60 -54.62 -21.45
CA ASN E 61 63.97 -54.19 -21.62
C ASN E 61 64.28 -52.96 -20.77
N SER E 62 63.33 -52.06 -20.64
CA SER E 62 63.54 -50.83 -19.88
C SER E 62 62.30 -50.57 -19.01
N ARG E 63 62.12 -49.33 -18.61
CA ARG E 63 61.01 -48.95 -17.74
C ARG E 63 60.05 -47.94 -18.37
N ASP E 64 60.57 -46.91 -19.04
CA ASP E 64 59.70 -45.92 -19.66
C ASP E 64 58.94 -46.51 -20.85
N GLU E 65 59.64 -47.28 -21.70
CA GLU E 65 58.96 -47.93 -22.80
C GLU E 65 57.92 -48.94 -22.32
N TYR E 66 58.17 -49.56 -21.17
CA TYR E 66 57.18 -50.47 -20.59
C TYR E 66 55.90 -49.73 -20.22
N TYR E 67 56.05 -48.57 -19.57
CA TYR E 67 54.88 -47.78 -19.22
C TYR E 67 54.16 -47.26 -20.46
N HIS E 68 54.92 -46.89 -21.49
CA HIS E 68 54.30 -46.43 -22.73
C HIS E 68 53.51 -47.55 -23.39
N LEU E 69 54.08 -48.77 -23.41
CA LEU E 69 53.37 -49.91 -24.00
C LEU E 69 52.12 -50.25 -23.18
N LEU E 70 52.21 -50.14 -21.85
CA LEU E 70 51.04 -50.38 -21.02
C LEU E 70 49.95 -49.35 -21.29
N ALA E 71 50.32 -48.08 -21.44
CA ALA E 71 49.34 -47.05 -21.75
C ALA E 71 48.70 -47.29 -23.11
N GLU E 72 49.51 -47.68 -24.10
CA GLU E 72 48.96 -47.99 -25.42
C GLU E 72 48.01 -49.17 -25.36
N LYS E 73 48.35 -50.20 -24.58
CA LYS E 73 47.48 -51.36 -24.45
C LYS E 73 46.17 -50.99 -23.77
N ILE E 74 46.23 -50.15 -22.73
CA ILE E 74 45.02 -49.71 -22.06
C ILE E 74 44.15 -48.90 -23.01
N TYR E 75 44.75 -48.01 -23.80
CA TYR E 75 43.99 -47.22 -24.75
C TYR E 75 43.39 -48.08 -25.86
N LYS E 76 44.06 -49.18 -26.21
CA LYS E 76 43.56 -50.06 -27.26
C LYS E 76 42.41 -50.92 -26.75
N ILE E 77 42.53 -51.44 -25.53
CA ILE E 77 41.50 -52.34 -25.00
C ILE E 77 40.24 -51.58 -24.58
N GLN E 78 40.34 -50.28 -24.35
CA GLN E 78 39.17 -49.49 -23.99
C GLN E 78 38.32 -49.08 -25.19
N LYS E 79 38.68 -49.55 -26.39
CA LYS E 79 37.91 -49.29 -27.61
C LYS E 79 37.71 -50.63 -28.33
N GLU E 80 36.98 -51.52 -27.68
CA GLU E 80 36.76 -52.88 -28.18
C GLU E 80 35.31 -52.99 -28.64
N LEU E 81 34.38 -53.42 -27.78
CA LEU E 81 32.98 -53.59 -28.19
C LEU E 81 32.04 -53.13 -27.08
N GLU E 82 32.12 -51.83 -26.78
CA GLU E 82 31.26 -51.21 -25.77
C GLU E 82 29.98 -50.63 -26.37
N GLU E 83 29.54 -51.17 -27.50
CA GLU E 83 28.32 -50.72 -28.20
C GLU E 83 28.38 -49.24 -28.56
N LYS E 84 29.57 -48.67 -28.64
CA LYS E 84 29.78 -47.27 -28.96
C LYS E 84 28.98 -46.38 -28.01
N SER E 85 27.78 -45.97 -28.41
CA SER E 85 26.90 -45.14 -27.60
C SER E 85 25.53 -45.17 -28.25
N GLN E 86 24.56 -44.52 -27.59
CA GLN E 86 23.20 -44.43 -28.09
C GLN E 86 22.87 -43.07 -28.70
N VAL E 87 23.66 -42.04 -28.41
CA VAL E 87 23.45 -40.71 -28.95
C VAL E 87 24.63 -40.23 -29.79
N ARG E 88 25.67 -41.04 -29.95
CA ARG E 88 26.84 -40.69 -30.74
C ARG E 88 26.54 -40.92 -32.21
N GLN E 89 26.62 -39.86 -33.01
CA GLN E 89 26.36 -39.93 -34.44
C GLN E 89 27.38 -39.07 -35.18
N ASN E 90 28.21 -39.72 -36.00
CA ASN E 90 29.25 -39.05 -36.78
C ASN E 90 30.20 -38.28 -35.86
N TYR E 91 31.16 -38.99 -35.26
CA TYR E 91 32.13 -38.37 -34.37
C TYR E 91 33.39 -39.23 -34.35
N HIS E 92 34.47 -38.68 -34.87
CA HIS E 92 35.75 -39.38 -34.98
C HIS E 92 36.51 -39.30 -33.67
N GLN E 93 37.46 -40.21 -33.50
CA GLN E 93 38.27 -40.25 -32.28
C GLN E 93 39.22 -39.06 -32.17
N ASP E 94 39.60 -38.45 -33.30
CA ASP E 94 40.46 -37.29 -33.24
C ASP E 94 39.77 -36.12 -32.55
N ALA E 95 38.48 -35.90 -32.84
CA ALA E 95 37.73 -34.86 -32.15
C ALA E 95 37.60 -35.16 -30.67
N GLU E 96 37.43 -36.43 -30.29
CA GLU E 96 37.36 -36.80 -28.88
C GLU E 96 38.68 -36.51 -28.18
N ALA E 97 39.81 -36.86 -28.81
CA ALA E 97 41.10 -36.57 -28.22
C ALA E 97 41.33 -35.07 -28.10
N ALA E 98 40.89 -34.31 -29.10
CA ALA E 98 41.03 -32.85 -29.04
C ALA E 98 40.19 -32.27 -27.91
N ILE E 99 38.97 -32.79 -27.72
CA ILE E 99 38.14 -32.31 -26.61
C ILE E 99 38.76 -32.68 -25.28
N ASN E 100 39.36 -33.86 -25.17
CA ASN E 100 40.03 -34.25 -23.94
C ASN E 100 41.21 -33.33 -23.64
N ARG E 101 42.01 -33.02 -24.66
CA ARG E 101 43.14 -32.12 -24.47
C ARG E 101 42.67 -30.71 -24.09
N GLN E 102 41.56 -30.26 -24.69
CA GLN E 102 41.02 -28.95 -24.34
C GLN E 102 40.52 -28.93 -22.90
N ILE E 103 39.89 -30.02 -22.45
CA ILE E 103 39.43 -30.09 -21.07
C ILE E 103 40.62 -30.10 -20.11
N ASN E 104 41.68 -30.83 -20.47
CA ASN E 104 42.88 -30.83 -19.64
C ASN E 104 43.49 -29.43 -19.55
N LEU E 105 43.53 -28.72 -20.69
CA LEU E 105 44.06 -27.35 -20.67
C LEU E 105 43.19 -26.42 -19.86
N GLU E 106 41.87 -26.60 -19.92
CA GLU E 106 40.96 -25.80 -19.10
C GLU E 106 41.19 -26.05 -17.62
N LEU E 107 41.38 -27.32 -17.23
CA LEU E 107 41.65 -27.64 -15.84
C LEU E 107 42.99 -27.05 -15.40
N TYR E 108 44.00 -27.11 -16.26
CA TYR E 108 45.30 -26.53 -15.93
C TYR E 108 45.18 -25.02 -15.76
N ALA E 109 44.40 -24.36 -16.63
CA ALA E 109 44.21 -22.92 -16.51
C ALA E 109 43.46 -22.57 -15.22
N SER E 110 42.46 -23.38 -14.86
CA SER E 110 41.75 -23.14 -13.60
C SER E 110 42.69 -23.31 -12.41
N TYR E 111 43.57 -24.32 -12.45
CA TYR E 111 44.52 -24.50 -11.36
C TYR E 111 45.49 -23.34 -11.27
N VAL E 112 45.96 -22.84 -12.42
CA VAL E 112 46.89 -21.71 -12.42
C VAL E 112 46.20 -20.47 -11.88
N TYR E 113 44.93 -20.25 -12.26
CA TYR E 113 44.21 -19.09 -11.76
C TYR E 113 43.94 -19.21 -10.26
N LEU E 114 43.68 -20.42 -9.77
CA LEU E 114 43.52 -20.61 -8.33
C LEU E 114 44.82 -20.32 -7.60
N SER E 115 45.95 -20.78 -8.15
CA SER E 115 47.24 -20.49 -7.54
C SER E 115 47.52 -18.99 -7.52
N MET E 116 47.16 -18.29 -8.61
CA MET E 116 47.35 -16.85 -8.64
C MET E 116 46.47 -16.15 -7.61
N SER E 117 45.21 -16.59 -7.48
CA SER E 117 44.32 -15.99 -6.49
C SER E 117 44.80 -16.23 -5.07
N CYS E 118 45.37 -17.41 -4.81
CA CYS E 118 45.87 -17.70 -3.47
C CYS E 118 47.23 -17.07 -3.19
N TYR E 119 47.98 -16.72 -4.23
CA TYR E 119 49.27 -16.06 -4.00
C TYR E 119 49.10 -14.59 -3.67
N PHE E 120 48.23 -13.89 -4.41
CA PHE E 120 48.00 -12.48 -4.15
C PHE E 120 47.21 -12.24 -2.87
N ASP E 121 46.56 -13.28 -2.33
CA ASP E 121 45.81 -13.18 -1.08
C ASP E 121 46.68 -13.40 0.14
N ARG E 122 47.99 -13.62 -0.04
CA ARG E 122 48.90 -13.87 1.07
C ARG E 122 49.23 -12.59 1.82
N ASP E 123 50.25 -12.64 2.68
CA ASP E 123 50.67 -11.50 3.47
C ASP E 123 51.81 -10.73 2.82
N ASP E 124 52.60 -11.36 1.95
CA ASP E 124 53.71 -10.69 1.30
C ASP E 124 53.29 -9.92 0.05
N VAL E 125 52.04 -10.01 -0.35
CA VAL E 125 51.52 -9.32 -1.52
C VAL E 125 50.45 -8.29 -1.13
N ALA E 126 49.42 -8.74 -0.41
CA ALA E 126 48.34 -7.88 0.09
C ALA E 126 47.63 -7.15 -1.06
N LEU E 127 46.98 -7.96 -1.91
CA LEU E 127 46.19 -7.45 -3.03
C LEU E 127 44.90 -8.25 -3.10
N LYS E 128 43.82 -7.69 -2.55
CA LYS E 128 42.54 -8.39 -2.50
C LYS E 128 41.77 -8.33 -3.81
N ASN E 129 41.84 -7.21 -4.53
CA ASN E 129 41.10 -7.10 -5.79
C ASN E 129 41.67 -8.04 -6.85
N PHE E 130 43.00 -8.14 -6.94
CA PHE E 130 43.61 -9.09 -7.86
C PHE E 130 43.25 -10.52 -7.50
N ALA E 131 43.23 -10.83 -6.20
CA ALA E 131 42.85 -12.17 -5.77
C ALA E 131 41.41 -12.48 -6.13
N LYS E 132 40.50 -11.52 -5.94
CA LYS E 132 39.10 -11.73 -6.30
C LYS E 132 38.94 -11.90 -7.81
N TYR E 133 39.67 -11.11 -8.60
CA TYR E 133 39.60 -11.24 -10.05
C TYR E 133 40.12 -12.60 -10.51
N PHE E 134 41.22 -13.06 -9.92
CA PHE E 134 41.75 -14.37 -10.29
C PHE E 134 40.83 -15.49 -9.84
N LEU E 135 40.16 -15.33 -8.69
CA LEU E 135 39.19 -16.33 -8.26
C LEU E 135 37.99 -16.38 -9.20
N HIS E 136 37.53 -15.20 -9.66
CA HIS E 136 36.44 -15.18 -10.63
C HIS E 136 36.85 -15.82 -11.95
N GLN E 137 38.09 -15.58 -12.38
CA GLN E 137 38.58 -16.21 -13.60
C GLN E 137 38.67 -17.72 -13.44
N SER E 138 39.11 -18.18 -12.26
CA SER E 138 39.16 -19.61 -12.00
C SER E 138 37.77 -20.23 -12.00
N HIS E 139 36.80 -19.52 -11.43
CA HIS E 139 35.41 -20.01 -11.46
C HIS E 139 34.89 -20.07 -12.88
N GLU E 140 35.21 -19.08 -13.71
CA GLU E 140 34.79 -19.11 -15.11
C GLU E 140 35.43 -20.28 -15.85
N GLU E 141 36.71 -20.53 -15.60
CA GLU E 141 37.38 -21.67 -16.23
C GLU E 141 36.75 -22.98 -15.78
N ARG E 142 36.41 -23.09 -14.49
CA ARG E 142 35.76 -24.29 -14.00
CA ARG E 142 35.75 -24.29 -13.99
C ARG E 142 34.40 -24.50 -14.65
N GLU E 143 33.63 -23.42 -14.80
CA GLU E 143 32.33 -23.53 -15.45
C GLU E 143 32.47 -23.92 -16.92
N HIS E 144 33.48 -23.36 -17.60
CA HIS E 144 33.71 -23.73 -18.99
C HIS E 144 34.13 -25.20 -19.11
N ALA E 145 34.96 -25.68 -18.18
CA ALA E 145 35.34 -27.09 -18.20
C ALA E 145 34.15 -28.00 -17.94
N GLU E 146 33.28 -27.62 -17.00
CA GLU E 146 32.09 -28.42 -16.74
C GLU E 146 31.16 -28.41 -17.95
N LYS E 147 31.06 -27.27 -18.64
CA LYS E 147 30.22 -27.20 -19.83
C LYS E 147 30.78 -28.07 -20.95
N LEU E 148 32.11 -28.07 -21.11
CA LEU E 148 32.73 -28.95 -22.10
C LEU E 148 32.50 -30.42 -21.76
N MET E 149 32.61 -30.77 -20.48
CA MET E 149 32.36 -32.16 -20.06
C MET E 149 30.91 -32.55 -20.33
N LYS E 150 29.97 -31.65 -20.04
CA LYS E 150 28.56 -31.94 -20.29
C LYS E 150 28.29 -32.08 -21.79
N LEU E 151 28.91 -31.23 -22.61
CA LEU E 151 28.73 -31.33 -24.06
C LEU E 151 29.31 -32.64 -24.59
N GLN E 152 30.46 -33.07 -24.05
CA GLN E 152 31.03 -34.35 -24.48
C GLN E 152 30.16 -35.52 -24.04
N ASN E 153 29.56 -35.41 -22.86
CA ASN E 153 28.66 -36.47 -22.39
C ASN E 153 27.38 -36.52 -23.22
N GLN E 154 26.90 -35.37 -23.69
CA GLN E 154 25.69 -35.36 -24.52
C GLN E 154 25.94 -35.90 -25.92
N ARG E 155 27.18 -35.90 -26.39
CA ARG E 155 27.51 -36.42 -27.71
C ARG E 155 27.88 -37.89 -27.70
N GLY E 156 27.77 -38.56 -26.55
CA GLY E 156 28.11 -39.97 -26.48
C GLY E 156 29.59 -40.27 -26.60
N GLY E 157 30.43 -39.51 -25.90
CA GLY E 157 31.86 -39.73 -25.97
C GLY E 157 32.49 -39.97 -24.61
N ARG E 158 33.59 -40.70 -24.58
CA ARG E 158 34.29 -41.01 -23.34
C ARG E 158 35.17 -39.84 -22.94
N ILE E 159 35.36 -39.68 -21.63
CA ILE E 159 36.19 -38.63 -21.06
C ILE E 159 37.33 -39.30 -20.31
N PHE E 160 38.55 -39.08 -20.77
CA PHE E 160 39.75 -39.67 -20.18
C PHE E 160 40.44 -38.59 -19.34
N LEU E 161 40.11 -38.56 -18.05
CA LEU E 161 40.70 -37.57 -17.16
C LEU E 161 42.12 -38.00 -16.78
N GLN E 162 43.10 -37.20 -17.17
CA GLN E 162 44.50 -37.49 -16.88
C GLN E 162 44.89 -36.78 -15.58
N ASP E 163 46.18 -36.56 -15.37
CA ASP E 163 46.69 -35.91 -14.17
C ASP E 163 46.88 -34.42 -14.45
N ILE E 164 46.33 -33.58 -13.57
CA ILE E 164 46.45 -32.14 -13.71
C ILE E 164 47.86 -31.71 -13.34
N LYS E 165 48.54 -31.04 -14.27
CA LYS E 165 49.90 -30.60 -14.02
C LYS E 165 49.93 -29.40 -13.08
N LYS E 166 51.04 -29.27 -12.35
CA LYS E 166 51.23 -28.17 -11.42
C LYS E 166 51.79 -26.95 -12.12
N PRO E 167 51.49 -25.74 -11.62
CA PRO E 167 52.05 -24.53 -12.24
C PRO E 167 53.56 -24.50 -12.12
N ASP E 168 54.22 -24.10 -13.22
CA ASP E 168 55.67 -24.06 -13.24
C ASP E 168 56.22 -22.90 -12.40
N ARG E 169 55.44 -21.87 -12.16
CA ARG E 169 55.85 -20.71 -11.39
C ARG E 169 54.98 -20.58 -10.16
N ASP E 170 55.60 -20.51 -8.98
CA ASP E 170 54.89 -20.38 -7.71
C ASP E 170 55.04 -19.01 -7.07
N ASP E 171 56.19 -18.36 -7.28
CA ASP E 171 56.45 -17.03 -6.72
C ASP E 171 56.27 -16.02 -7.84
N TRP E 172 55.10 -15.37 -7.86
CA TRP E 172 54.81 -14.37 -8.89
C TRP E 172 55.41 -13.01 -8.58
N CYS E 173 55.95 -12.82 -7.38
CA CYS E 173 56.62 -11.58 -6.99
C CYS E 173 55.68 -10.38 -7.12
N SER E 174 55.76 -9.69 -8.26
CA SER E 174 54.91 -8.52 -8.51
C SER E 174 53.61 -8.93 -9.18
N GLY E 175 53.11 -8.07 -10.08
CA GLY E 175 51.87 -8.36 -10.78
C GLY E 175 52.02 -8.41 -12.29
N LEU E 176 53.09 -7.79 -12.81
CA LEU E 176 53.31 -7.77 -14.25
C LEU E 176 53.64 -9.17 -14.77
N ASN E 177 54.45 -9.94 -14.05
CA ASN E 177 54.78 -11.29 -14.48
C ASN E 177 53.53 -12.17 -14.47
N ALA E 178 52.66 -12.00 -13.47
CA ALA E 178 51.42 -12.76 -13.43
C ALA E 178 50.53 -12.41 -14.61
N MET E 179 50.46 -11.13 -14.97
CA MET E 179 49.66 -10.73 -16.13
C MET E 179 50.24 -11.29 -17.42
N GLU E 180 51.57 -11.30 -17.55
CA GLU E 180 52.18 -11.88 -18.75
C GLU E 180 51.92 -13.39 -18.82
N SER E 181 52.00 -14.09 -17.69
CA SER E 181 51.71 -15.51 -17.68
C SER E 181 50.26 -15.78 -18.03
N ALA E 182 49.34 -14.97 -17.51
CA ALA E 182 47.92 -15.14 -17.85
C ALA E 182 47.68 -14.87 -19.32
N LEU E 183 48.35 -13.86 -19.89
CA LEU E 183 48.19 -13.58 -21.31
C LEU E 183 48.72 -14.73 -22.16
N HIS E 184 49.88 -15.28 -21.79
CA HIS E 184 50.42 -16.42 -22.53
C HIS E 184 49.50 -17.63 -22.42
N LEU E 185 48.92 -17.85 -21.24
CA LEU E 185 47.99 -18.97 -21.06
C LEU E 185 46.74 -18.78 -21.91
N GLU E 186 46.21 -17.55 -21.97
CA GLU E 186 45.04 -17.28 -22.80
C GLU E 186 45.37 -17.44 -24.27
N LYS E 187 46.57 -17.04 -24.70
CA LYS E 187 46.97 -17.25 -26.08
C LYS E 187 47.08 -18.74 -26.41
N SER E 188 47.61 -19.52 -25.47
CA SER E 188 47.69 -20.97 -25.69
C SER E 188 46.30 -21.59 -25.77
N VAL E 189 45.38 -21.12 -24.92
CA VAL E 189 44.00 -21.62 -24.96
C VAL E 189 43.34 -21.26 -26.28
N ASN E 190 43.59 -20.04 -26.77
CA ASN E 190 43.03 -19.63 -28.05
C ASN E 190 43.60 -20.46 -29.19
N GLN E 191 44.90 -20.76 -29.14
CA GLN E 191 45.51 -21.61 -30.17
C GLN E 191 44.93 -23.01 -30.13
N SER E 192 44.71 -23.55 -28.93
CA SER E 192 44.09 -24.87 -28.81
C SER E 192 42.67 -24.87 -29.35
N LEU E 193 41.93 -23.79 -29.09
CA LEU E 193 40.57 -23.70 -29.61
C LEU E 193 40.56 -23.60 -31.14
N LEU E 194 41.53 -22.86 -31.70
CA LEU E 194 41.63 -22.79 -33.16
C LEU E 194 41.98 -24.14 -33.76
N GLU E 195 42.89 -24.89 -33.11
CA GLU E 195 43.21 -26.22 -33.59
C GLU E 195 42.02 -27.15 -33.50
N LEU E 196 41.25 -27.06 -32.41
CA LEU E 196 40.04 -27.87 -32.29
C LEU E 196 39.02 -27.52 -33.37
N HIS E 197 38.86 -26.22 -33.66
CA HIS E 197 37.94 -25.81 -34.71
C HIS E 197 38.38 -26.34 -36.07
N LYS E 198 39.69 -26.26 -36.36
CA LYS E 198 40.19 -26.77 -37.63
C LYS E 198 39.99 -28.28 -37.74
N LEU E 199 40.22 -29.01 -36.64
CA LEU E 199 40.05 -30.45 -36.66
C LEU E 199 38.59 -30.83 -36.83
N ALA E 200 37.68 -30.08 -36.20
CA ALA E 200 36.26 -30.35 -36.35
C ALA E 200 35.77 -30.01 -37.77
N THR E 201 36.36 -28.98 -38.39
CA THR E 201 35.99 -28.63 -39.76
C THR E 201 36.52 -29.67 -40.74
N ASP E 202 37.74 -30.17 -40.52
CA ASP E 202 38.30 -31.18 -41.41
C ASP E 202 37.67 -32.55 -41.23
N LYS E 203 37.01 -32.80 -40.09
CA LYS E 203 36.37 -34.08 -39.82
C LYS E 203 34.85 -33.99 -39.84
N ASN E 204 34.31 -32.90 -40.39
CA ASN E 204 32.87 -32.70 -40.51
C ASN E 204 32.17 -32.78 -39.16
N ASP E 205 32.21 -31.69 -38.39
CA ASP E 205 31.54 -31.62 -37.10
C ASP E 205 30.97 -30.22 -36.95
N PRO E 206 29.79 -29.97 -37.50
CA PRO E 206 29.23 -28.61 -37.47
C PRO E 206 28.72 -28.19 -36.10
N HIS E 207 28.12 -29.13 -35.37
CA HIS E 207 27.53 -28.79 -34.07
C HIS E 207 28.61 -28.38 -33.06
N LEU E 208 29.66 -29.18 -32.93
CA LEU E 208 30.74 -28.85 -32.01
C LEU E 208 31.44 -27.56 -32.43
N CYS E 209 31.66 -27.39 -33.74
CA CYS E 209 32.29 -26.17 -34.25
C CYS E 209 31.48 -24.94 -33.87
N ASP E 210 30.16 -24.99 -34.11
CA ASP E 210 29.30 -23.86 -33.79
C ASP E 210 29.28 -23.60 -32.29
N PHE E 211 29.20 -24.66 -31.48
CA PHE E 211 29.16 -24.49 -30.04
C PHE E 211 30.44 -23.85 -29.53
N ILE E 212 31.59 -24.28 -30.05
CA ILE E 212 32.86 -23.71 -29.61
C ILE E 212 33.00 -22.26 -30.06
N GLU E 213 32.60 -21.97 -31.30
CA GLU E 213 32.75 -20.61 -31.80
C GLU E 213 31.72 -19.65 -31.23
N THR E 214 30.65 -20.17 -30.63
CA THR E 214 29.61 -19.31 -30.05
C THR E 214 29.76 -19.16 -28.54
N TYR E 215 29.67 -20.26 -27.79
CA TYR E 215 29.62 -20.22 -26.34
C TYR E 215 30.99 -20.34 -25.68
N TYR E 216 32.06 -19.96 -26.38
CA TYR E 216 33.39 -20.04 -25.79
C TYR E 216 34.28 -18.90 -26.27
N LEU E 217 34.34 -18.70 -27.59
CA LEU E 217 35.20 -17.64 -28.12
C LEU E 217 34.74 -16.26 -27.71
N SER E 218 33.41 -16.07 -27.55
CA SER E 218 32.89 -14.77 -27.18
C SER E 218 33.41 -14.30 -25.82
N GLU E 219 33.73 -15.25 -24.93
CA GLU E 219 34.29 -14.91 -23.63
C GLU E 219 35.82 -14.90 -23.65
N GLN E 220 36.43 -15.80 -24.43
CA GLN E 220 37.88 -15.86 -24.50
C GLN E 220 38.46 -14.60 -25.14
N VAL E 221 37.82 -14.09 -26.20
CA VAL E 221 38.31 -12.87 -26.84
C VAL E 221 38.20 -11.69 -25.88
N LYS E 222 37.11 -11.60 -25.14
CA LYS E 222 36.96 -10.51 -24.17
C LYS E 222 37.99 -10.62 -23.05
N SER E 223 38.27 -11.84 -22.60
CA SER E 223 39.27 -12.02 -21.55
C SER E 223 40.66 -11.64 -22.06
N ILE E 224 41.00 -12.02 -23.30
CA ILE E 224 42.29 -11.67 -23.87
C ILE E 224 42.40 -10.15 -24.02
N LYS E 225 41.31 -9.50 -24.46
CA LYS E 225 41.33 -8.06 -24.60
C LYS E 225 41.49 -7.36 -23.26
N GLU E 226 40.82 -7.86 -22.22
CA GLU E 226 40.94 -7.27 -20.90
C GLU E 226 42.36 -7.44 -20.35
N LEU E 227 42.95 -8.63 -20.54
CA LEU E 227 44.32 -8.85 -20.08
C LEU E 227 45.30 -7.97 -20.84
N GLY E 228 45.09 -7.79 -22.14
CA GLY E 228 45.94 -6.89 -22.90
C GLY E 228 45.83 -5.45 -22.45
N ASP E 229 44.60 -5.01 -22.15
CA ASP E 229 44.41 -3.66 -21.62
C ASP E 229 45.10 -3.50 -20.27
N HIS E 230 45.01 -4.51 -19.42
CA HIS E 230 45.67 -4.45 -18.11
C HIS E 230 47.19 -4.39 -18.28
N VAL E 231 47.74 -5.18 -19.19
CA VAL E 231 49.18 -5.15 -19.43
C VAL E 231 49.61 -3.79 -19.98
N THR E 232 48.81 -3.23 -20.88
CA THR E 232 49.13 -1.91 -21.44
C THR E 232 49.08 -0.84 -20.36
N ASN E 233 48.11 -0.92 -19.45
CA ASN E 233 48.02 0.04 -18.37
C ASN E 233 49.19 -0.10 -17.40
N LEU E 234 49.62 -1.35 -17.14
CA LEU E 234 50.74 -1.56 -16.23
C LEU E 234 52.06 -1.12 -16.84
N ARG E 235 52.20 -1.25 -18.16
CA ARG E 235 53.44 -0.88 -18.85
C ARG E 235 53.47 0.60 -19.25
N LYS E 236 52.68 1.45 -18.59
CA LYS E 236 52.68 2.88 -18.89
C LYS E 236 52.67 3.70 -17.61
N MET E 237 52.03 3.19 -16.56
CA MET E 237 51.96 3.92 -15.30
C MET E 237 53.32 3.95 -14.60
N GLY E 238 54.10 2.89 -14.73
CA GLY E 238 55.42 2.86 -14.10
C GLY E 238 55.77 1.51 -13.51
N ALA E 239 54.86 0.55 -13.62
CA ALA E 239 55.10 -0.78 -13.09
C ALA E 239 56.21 -1.47 -13.89
N PRO E 240 57.03 -2.31 -13.23
CA PRO E 240 56.97 -2.62 -11.80
C PRO E 240 57.76 -1.65 -10.93
N CYS E 241 58.37 -0.64 -11.53
CA CYS E 241 59.18 0.33 -10.80
C CYS E 241 58.36 1.49 -10.27
N ALA E 242 57.14 1.22 -9.81
CA ALA E 242 56.28 2.27 -9.25
C ALA E 242 55.29 1.58 -8.31
N GLY E 243 55.56 1.67 -7.01
CA GLY E 243 54.69 1.04 -6.02
C GLY E 243 53.31 1.65 -5.93
N MET E 244 53.18 2.95 -6.23
CA MET E 244 51.88 3.60 -6.18
C MET E 244 51.00 3.24 -7.36
N ALA E 245 51.61 2.90 -8.51
CA ALA E 245 50.83 2.54 -9.68
C ALA E 245 50.05 1.25 -9.44
N GLU E 246 50.66 0.27 -8.76
CA GLU E 246 49.97 -0.97 -8.45
C GLU E 246 48.77 -0.71 -7.54
N TYR E 247 48.96 0.13 -6.52
CA TYR E 247 47.85 0.43 -5.62
C TYR E 247 46.75 1.19 -6.34
N LEU E 248 47.11 2.09 -7.26
CA LEU E 248 46.10 2.80 -8.04
C LEU E 248 45.32 1.87 -8.94
N PHE E 249 46.00 0.94 -9.62
CA PHE E 249 45.31 -0.03 -10.46
C PHE E 249 44.49 -1.01 -9.63
N ASP E 250 44.86 -1.24 -8.37
CA ASP E 250 44.11 -2.14 -7.51
C ASP E 250 42.84 -1.47 -6.99
N LYS E 251 42.94 -0.23 -6.52
CA LYS E 251 41.83 0.48 -5.90
C LYS E 251 40.99 1.27 -6.90
N HIS E 252 41.00 0.88 -8.18
CA HIS E 252 40.20 1.58 -9.17
C HIS E 252 39.68 0.63 -10.24
N THR E 253 40.58 -0.08 -10.90
CA THR E 253 40.19 -1.00 -11.97
C THR E 253 39.43 -2.20 -11.41
N LEU E 254 40.11 -3.02 -10.61
CA LEU E 254 39.50 -4.21 -10.04
C LEU E 254 38.85 -3.94 -8.69
N GLY E 255 38.79 -2.69 -8.25
CA GLY E 255 38.19 -2.36 -6.97
C GLY E 255 36.77 -1.86 -7.09
N THR F 13 -51.26 -58.32 15.86
CA THR F 13 -52.10 -58.70 14.73
C THR F 13 -52.67 -57.45 14.05
N GLN F 14 -52.60 -56.32 14.73
CA GLN F 14 -53.11 -55.06 14.20
C GLN F 14 -52.05 -54.25 13.47
N ASP F 15 -50.77 -54.56 13.70
CA ASP F 15 -49.68 -53.71 13.20
C ASP F 15 -49.68 -53.64 11.68
N LEU F 16 -49.50 -54.78 11.01
CA LEU F 16 -49.31 -54.75 9.56
C LEU F 16 -50.59 -54.36 8.85
N ARG F 17 -51.74 -54.81 9.36
CA ARG F 17 -53.02 -54.45 8.76
C ARG F 17 -53.25 -52.94 8.84
N SER F 18 -52.99 -52.36 10.01
CA SER F 18 -53.13 -50.92 10.18
C SER F 18 -52.16 -50.17 9.28
N HIS F 19 -50.93 -50.67 9.17
CA HIS F 19 -49.94 -49.98 8.35
C HIS F 19 -50.30 -50.04 6.87
N LEU F 20 -50.91 -51.14 6.42
CA LEU F 20 -51.30 -51.24 5.02
C LEU F 20 -52.61 -50.52 4.72
N VAL F 21 -53.47 -50.33 5.72
CA VAL F 21 -54.71 -49.58 5.50
C VAL F 21 -54.51 -48.08 5.63
N HIS F 22 -53.51 -47.64 6.40
CA HIS F 22 -53.23 -46.22 6.55
C HIS F 22 -52.56 -45.61 5.33
N LYS F 23 -52.33 -46.38 4.27
CA LYS F 23 -51.74 -45.86 3.04
C LYS F 23 -52.80 -45.35 2.08
N LEU F 24 -53.83 -46.15 1.81
CA LEU F 24 -54.87 -45.74 0.88
C LEU F 24 -55.74 -44.63 1.47
N VAL F 25 -56.03 -44.72 2.78
CA VAL F 25 -56.85 -43.69 3.40
C VAL F 25 -56.13 -42.34 3.47
N GLN F 26 -54.80 -42.35 3.35
CA GLN F 26 -54.03 -41.12 3.26
C GLN F 26 -53.80 -40.68 1.82
N ALA F 27 -53.77 -41.63 0.87
CA ALA F 27 -53.58 -41.28 -0.52
C ALA F 27 -54.85 -40.73 -1.16
N ILE F 28 -56.01 -41.15 -0.66
CA ILE F 28 -57.27 -40.65 -1.21
C ILE F 28 -57.45 -39.17 -0.86
N PHE F 29 -57.42 -38.85 0.44
CA PHE F 29 -57.59 -37.48 0.93
C PHE F 29 -56.33 -37.11 1.71
N PRO F 30 -55.32 -36.57 1.04
CA PRO F 30 -54.04 -36.29 1.71
C PRO F 30 -53.97 -34.98 2.47
N CYS F 31 -54.89 -34.04 2.21
CA CYS F 31 -54.83 -32.71 2.81
C CYS F 31 -56.09 -32.49 3.65
N PRO F 32 -56.08 -32.89 4.92
CA PRO F 32 -57.22 -32.61 5.80
C PRO F 32 -57.26 -31.16 6.24
N ASP F 33 -57.65 -30.27 5.34
CA ASP F 33 -57.64 -28.85 5.62
C ASP F 33 -58.79 -28.48 6.55
N PRO F 34 -58.52 -27.98 7.76
CA PRO F 34 -59.60 -27.61 8.68
C PRO F 34 -60.14 -26.20 8.46
N CYS F 35 -59.62 -25.48 7.47
CA CYS F 35 -60.05 -24.10 7.20
C CYS F 35 -61.27 -24.02 6.28
N ALA F 36 -62.08 -25.08 6.23
CA ALA F 36 -63.26 -25.08 5.37
C ALA F 36 -64.36 -25.93 5.98
N LEU F 37 -64.44 -27.20 5.57
CA LEU F 37 -65.48 -28.10 6.07
C LEU F 37 -65.07 -28.68 7.43
N LYS F 38 -65.88 -29.60 7.93
CA LYS F 38 -65.61 -30.23 9.22
C LYS F 38 -64.73 -31.46 9.03
N ASP F 39 -65.00 -32.52 9.81
CA ASP F 39 -64.20 -33.74 9.73
C ASP F 39 -65.07 -34.99 9.69
N ARG F 40 -66.31 -34.86 9.23
CA ARG F 40 -67.17 -36.03 9.11
C ARG F 40 -67.05 -36.68 7.73
N ARG F 41 -66.77 -35.91 6.69
CA ARG F 41 -66.54 -36.49 5.38
C ARG F 41 -65.27 -37.34 5.36
N MET F 42 -64.25 -36.92 6.11
CA MET F 42 -63.04 -37.72 6.23
C MET F 42 -63.34 -39.05 6.90
N GLU F 43 -64.16 -39.04 7.96
CA GLU F 43 -64.53 -40.28 8.62
C GLU F 43 -65.35 -41.18 7.72
N ASN F 44 -66.25 -40.59 6.93
CA ASN F 44 -67.03 -41.38 5.98
C ASN F 44 -66.13 -42.02 4.93
N LEU F 45 -65.15 -41.26 4.42
CA LEU F 45 -64.21 -41.81 3.45
C LEU F 45 -63.37 -42.92 4.07
N VAL F 46 -62.95 -42.74 5.33
CA VAL F 46 -62.17 -43.78 6.00
C VAL F 46 -63.00 -45.05 6.17
N ALA F 47 -64.27 -44.90 6.55
CA ALA F 47 -65.14 -46.08 6.69
C ALA F 47 -65.36 -46.77 5.36
N TYR F 48 -65.56 -45.99 4.30
CA TYR F 48 -65.74 -46.59 2.97
C TYR F 48 -64.48 -47.33 2.53
N ALA F 49 -63.31 -46.74 2.76
CA ALA F 49 -62.06 -47.40 2.40
C ALA F 49 -61.85 -48.67 3.22
N LYS F 50 -62.24 -48.65 4.50
CA LYS F 50 -62.12 -49.85 5.32
C LYS F 50 -63.05 -50.95 4.83
N LYS F 51 -64.27 -50.59 4.44
CA LYS F 51 -65.18 -51.59 3.88
C LYS F 51 -64.65 -52.16 2.57
N VAL F 52 -64.10 -51.29 1.72
CA VAL F 52 -63.54 -51.76 0.45
C VAL F 52 -62.37 -52.71 0.70
N GLU F 53 -61.48 -52.35 1.63
CA GLU F 53 -60.35 -53.23 1.90
C GLU F 53 -60.82 -54.54 2.53
N GLY F 54 -61.88 -54.50 3.35
CA GLY F 54 -62.40 -55.73 3.91
C GLY F 54 -62.96 -56.66 2.84
N ASP F 55 -63.76 -56.12 1.93
CA ASP F 55 -64.35 -56.99 0.91
C ASP F 55 -63.30 -57.47 -0.08
N MET F 56 -62.31 -56.65 -0.40
CA MET F 56 -61.28 -57.09 -1.34
C MET F 56 -60.27 -58.04 -0.69
N TYR F 57 -60.16 -58.03 0.64
CA TYR F 57 -59.37 -59.05 1.33
C TYR F 57 -60.16 -60.35 1.47
N GLU F 58 -61.48 -60.25 1.63
CA GLU F 58 -62.31 -61.46 1.63
C GLU F 58 -62.33 -62.10 0.25
N SER F 59 -62.26 -61.31 -0.80
CA SER F 59 -62.23 -61.81 -2.18
C SER F 59 -60.81 -61.94 -2.71
N ALA F 60 -59.85 -62.22 -1.83
CA ALA F 60 -58.45 -62.37 -2.22
C ALA F 60 -58.14 -63.86 -2.42
N ASN F 61 -56.85 -64.19 -2.52
CA ASN F 61 -56.44 -65.58 -2.73
C ASN F 61 -55.03 -65.83 -2.22
N SER F 62 -54.14 -64.85 -2.38
CA SER F 62 -52.76 -65.01 -1.97
C SER F 62 -52.31 -63.73 -1.28
N ARG F 63 -51.00 -63.50 -1.22
CA ARG F 63 -50.42 -62.35 -0.55
C ARG F 63 -49.64 -61.43 -1.47
N ASP F 64 -48.83 -61.98 -2.37
CA ASP F 64 -48.05 -61.15 -3.28
C ASP F 64 -48.95 -60.47 -4.31
N GLU F 65 -49.90 -61.21 -4.88
CA GLU F 65 -50.84 -60.61 -5.82
C GLU F 65 -51.70 -59.55 -5.15
N TYR F 66 -51.99 -59.73 -3.86
CA TYR F 66 -52.74 -58.72 -3.13
C TYR F 66 -51.95 -57.42 -3.03
N TYR F 67 -50.66 -57.51 -2.70
CA TYR F 67 -49.82 -56.32 -2.65
C TYR F 67 -49.67 -55.68 -4.02
N HIS F 68 -49.56 -56.50 -5.08
CA HIS F 68 -49.47 -55.96 -6.43
C HIS F 68 -50.74 -55.21 -6.81
N LEU F 69 -51.90 -55.78 -6.47
CA LEU F 69 -53.17 -55.11 -6.77
C LEU F 69 -53.31 -53.83 -5.97
N LEU F 70 -52.85 -53.83 -4.72
CA LEU F 70 -52.89 -52.61 -3.91
C LEU F 70 -51.99 -51.53 -4.52
N ALA F 71 -50.80 -51.91 -4.98
CA ALA F 71 -49.91 -50.95 -5.61
C ALA F 71 -50.51 -50.40 -6.89
N GLU F 72 -51.13 -51.26 -7.69
CA GLU F 72 -51.79 -50.79 -8.92
C GLU F 72 -52.94 -49.85 -8.60
N LYS F 73 -53.72 -50.15 -7.56
CA LYS F 73 -54.83 -49.28 -7.17
C LYS F 73 -54.31 -47.93 -6.70
N ILE F 74 -53.22 -47.92 -5.92
CA ILE F 74 -52.64 -46.66 -5.46
C ILE F 74 -52.13 -45.85 -6.65
N TYR F 75 -51.48 -46.50 -7.60
CA TYR F 75 -50.98 -45.80 -8.77
C TYR F 75 -52.12 -45.27 -9.65
N LYS F 76 -53.25 -45.98 -9.65
CA LYS F 76 -54.39 -45.53 -10.46
C LYS F 76 -55.10 -44.35 -9.80
N ILE F 77 -55.29 -44.41 -8.48
CA ILE F 77 -56.03 -43.35 -7.81
C ILE F 77 -55.22 -42.06 -7.68
N GLN F 78 -53.90 -42.14 -7.80
CA GLN F 78 -53.05 -40.96 -7.73
C GLN F 78 -52.98 -40.21 -9.05
N LYS F 79 -53.77 -40.60 -10.05
CA LYS F 79 -53.86 -39.92 -11.34
C LYS F 79 -55.34 -39.76 -11.68
N GLU F 80 -56.06 -39.01 -10.86
CA GLU F 80 -57.50 -38.83 -11.00
C GLU F 80 -57.76 -37.40 -11.49
N LEU F 81 -57.97 -36.42 -10.62
CA LEU F 81 -58.26 -35.06 -11.04
C LEU F 81 -57.54 -34.05 -10.15
N GLU F 82 -56.22 -34.09 -10.20
CA GLU F 82 -55.37 -33.18 -9.45
C GLU F 82 -55.00 -31.94 -10.25
N GLU F 83 -55.82 -31.54 -11.22
CA GLU F 83 -55.60 -30.38 -12.08
C GLU F 83 -54.26 -30.45 -12.82
N LYS F 84 -53.71 -31.66 -12.99
CA LYS F 84 -52.43 -31.88 -13.66
C LYS F 84 -51.35 -31.02 -13.02
N SER F 85 -51.09 -29.85 -13.60
CA SER F 85 -50.09 -28.91 -13.08
C SER F 85 -50.32 -27.58 -13.78
N GLN F 86 -49.54 -26.57 -13.36
CA GLN F 86 -49.62 -25.24 -13.96
C GLN F 86 -48.47 -24.95 -14.92
N VAL F 87 -47.38 -25.72 -14.87
CA VAL F 87 -46.24 -25.54 -15.76
C VAL F 87 -45.99 -26.76 -16.63
N ARG F 88 -46.79 -27.81 -16.50
CA ARG F 88 -46.63 -29.03 -17.28
C ARG F 88 -47.25 -28.82 -18.65
N GLN F 89 -46.43 -28.95 -19.70
CA GLN F 89 -46.88 -28.78 -21.08
C GLN F 89 -46.23 -29.84 -21.95
N ASN F 90 -47.05 -30.72 -22.53
CA ASN F 90 -46.58 -31.80 -23.38
C ASN F 90 -45.60 -32.69 -22.65
N TYR F 91 -46.10 -33.61 -21.83
CA TYR F 91 -45.25 -34.52 -21.08
C TYR F 91 -46.04 -35.78 -20.75
N HIS F 92 -45.63 -36.90 -21.34
CA HIS F 92 -46.31 -38.17 -21.18
C HIS F 92 -45.86 -38.85 -19.90
N GLN F 93 -46.68 -39.80 -19.43
CA GLN F 93 -46.38 -40.52 -18.20
C GLN F 93 -45.18 -41.45 -18.35
N ASP F 94 -44.88 -41.91 -19.57
CA ASP F 94 -43.72 -42.76 -19.78
C ASP F 94 -42.43 -42.02 -19.46
N ALA F 95 -42.33 -40.75 -19.88
CA ALA F 95 -41.15 -39.95 -19.54
C ALA F 95 -41.05 -39.73 -18.03
N GLU F 96 -42.18 -39.55 -17.35
CA GLU F 96 -42.16 -39.39 -15.90
C GLU F 96 -41.67 -40.66 -15.22
N ALA F 97 -42.15 -41.82 -15.67
CA ALA F 97 -41.68 -43.08 -15.10
C ALA F 97 -40.20 -43.30 -15.37
N ALA F 98 -39.74 -42.92 -16.57
CA ALA F 98 -38.32 -43.04 -16.88
C ALA F 98 -37.48 -42.13 -16.00
N ILE F 99 -37.95 -40.91 -15.75
CA ILE F 99 -37.23 -40.00 -14.86
C ILE F 99 -37.21 -40.54 -13.44
N ASN F 100 -38.32 -41.14 -13.00
CA ASN F 100 -38.34 -41.73 -11.66
C ASN F 100 -37.36 -42.89 -11.55
N ARG F 101 -37.31 -43.75 -12.57
CA ARG F 101 -36.35 -44.85 -12.55
C ARG F 101 -34.92 -44.35 -12.58
N GLN F 102 -34.66 -43.29 -13.35
CA GLN F 102 -33.33 -42.71 -13.40
C GLN F 102 -32.93 -42.13 -12.05
N ILE F 103 -33.87 -41.48 -11.36
CA ILE F 103 -33.59 -40.93 -10.04
C ILE F 103 -33.33 -42.05 -9.05
N ASN F 104 -34.10 -43.15 -9.14
CA ASN F 104 -33.84 -44.29 -8.26
C ASN F 104 -32.47 -44.89 -8.51
N LEU F 105 -32.07 -44.99 -9.79
CA LEU F 105 -30.75 -45.52 -10.11
C LEU F 105 -29.64 -44.59 -9.62
N GLU F 106 -29.86 -43.27 -9.71
CA GLU F 106 -28.89 -42.32 -9.19
C GLU F 106 -28.75 -42.45 -7.68
N LEU F 107 -29.86 -42.62 -6.96
CA LEU F 107 -29.79 -42.81 -5.53
C LEU F 107 -29.08 -44.11 -5.17
N TYR F 108 -29.35 -45.18 -5.93
CA TYR F 108 -28.66 -46.45 -5.68
C TYR F 108 -27.16 -46.31 -5.93
N ALA F 109 -26.78 -45.59 -6.99
CA ALA F 109 -25.36 -45.38 -7.26
C ALA F 109 -24.70 -44.56 -6.16
N SER F 110 -25.41 -43.54 -5.66
CA SER F 110 -24.86 -42.75 -4.56
C SER F 110 -24.69 -43.61 -3.30
N TYR F 111 -25.65 -44.48 -3.03
CA TYR F 111 -25.53 -45.37 -1.87
C TYR F 111 -24.36 -46.34 -2.04
N VAL F 112 -24.18 -46.87 -3.25
CA VAL F 112 -23.07 -47.79 -3.50
C VAL F 112 -21.74 -47.07 -3.35
N TYR F 113 -21.65 -45.83 -3.83
CA TYR F 113 -20.42 -45.06 -3.70
C TYR F 113 -20.13 -44.71 -2.25
N LEU F 114 -21.18 -44.41 -1.48
CA LEU F 114 -20.99 -44.17 -0.06
C LEU F 114 -20.49 -45.42 0.66
N SER F 115 -21.06 -46.58 0.31
CA SER F 115 -20.59 -47.83 0.91
C SER F 115 -19.14 -48.11 0.54
N MET F 116 -18.76 -47.81 -0.71
CA MET F 116 -17.37 -47.99 -1.12
C MET F 116 -16.43 -47.05 -0.37
N SER F 117 -16.85 -45.79 -0.20
CA SER F 117 -16.03 -44.83 0.53
C SER F 117 -15.89 -45.22 2.00
N CYS F 118 -16.93 -45.78 2.60
CA CYS F 118 -16.86 -46.19 3.99
C CYS F 118 -16.14 -47.52 4.18
N TYR F 119 -16.06 -48.35 3.13
CA TYR F 119 -15.35 -49.62 3.25
C TYR F 119 -13.84 -49.42 3.17
N PHE F 120 -13.38 -48.60 2.23
CA PHE F 120 -11.94 -48.34 2.09
C PHE F 120 -11.40 -47.47 3.21
N ASP F 121 -12.27 -46.80 3.97
CA ASP F 121 -11.87 -45.96 5.09
C ASP F 121 -11.74 -46.76 6.39
N ARG F 122 -11.96 -48.08 6.34
CA ARG F 122 -11.90 -48.91 7.54
C ARG F 122 -10.45 -49.19 7.94
N ASP F 123 -10.27 -50.16 8.83
CA ASP F 123 -8.94 -50.52 9.32
C ASP F 123 -8.33 -51.70 8.56
N ASP F 124 -9.16 -52.54 7.94
CA ASP F 124 -8.66 -53.68 7.19
C ASP F 124 -8.26 -53.35 5.77
N VAL F 125 -8.48 -52.11 5.32
CA VAL F 125 -8.13 -51.67 3.98
C VAL F 125 -7.07 -50.57 4.02
N ALA F 126 -7.33 -49.50 4.77
CA ALA F 126 -6.39 -48.39 4.96
C ALA F 126 -6.02 -47.76 3.62
N LEU F 127 -7.02 -47.16 2.98
CA LEU F 127 -6.85 -46.43 1.73
C LEU F 127 -7.67 -45.15 1.79
N LYS F 128 -7.01 -44.04 2.11
CA LYS F 128 -7.69 -42.77 2.27
C LYS F 128 -8.00 -42.08 0.95
N ASN F 129 -7.11 -42.19 -0.04
CA ASN F 129 -7.34 -41.53 -1.32
C ASN F 129 -8.52 -42.16 -2.06
N PHE F 130 -8.61 -43.50 -2.04
CA PHE F 130 -9.75 -44.17 -2.66
C PHE F 130 -11.05 -43.79 -1.94
N ALA F 131 -11.01 -43.70 -0.61
CA ALA F 131 -12.20 -43.30 0.14
C ALA F 131 -12.62 -41.88 -0.21
N LYS F 132 -11.66 -40.97 -0.35
CA LYS F 132 -11.99 -39.59 -0.72
C LYS F 132 -12.55 -39.53 -2.13
N TYR F 133 -11.98 -40.30 -3.06
CA TYR F 133 -12.50 -40.32 -4.42
C TYR F 133 -13.92 -40.87 -4.47
N PHE F 134 -14.18 -41.94 -3.71
CA PHE F 134 -15.53 -42.51 -3.69
C PHE F 134 -16.52 -41.55 -3.02
N LEU F 135 -16.07 -40.82 -2.00
CA LEU F 135 -16.93 -39.82 -1.37
C LEU F 135 -17.25 -38.68 -2.34
N HIS F 136 -16.27 -38.25 -3.12
CA HIS F 136 -16.51 -37.22 -4.13
C HIS F 136 -17.47 -37.72 -5.20
N GLN F 137 -17.32 -38.97 -5.61
CA GLN F 137 -18.25 -39.55 -6.59
C GLN F 137 -19.66 -39.64 -6.02
N SER F 138 -19.78 -40.00 -4.74
CA SER F 138 -21.10 -40.05 -4.11
C SER F 138 -21.72 -38.66 -4.02
N HIS F 139 -20.90 -37.64 -3.72
CA HIS F 139 -21.41 -36.27 -3.70
C HIS F 139 -21.86 -35.83 -5.08
N GLU F 140 -21.11 -36.21 -6.12
CA GLU F 140 -21.52 -35.87 -7.49
C GLU F 140 -22.83 -36.56 -7.86
N GLU F 141 -22.98 -37.83 -7.47
CA GLU F 141 -24.23 -38.54 -7.74
C GLU F 141 -25.39 -37.90 -6.98
N ARG F 142 -25.16 -37.46 -5.74
CA ARG F 142 -26.21 -36.79 -4.99
CA ARG F 142 -26.20 -36.79 -4.98
C ARG F 142 -26.61 -35.48 -5.64
N GLU F 143 -25.63 -34.71 -6.12
CA GLU F 143 -25.92 -33.45 -6.79
C GLU F 143 -26.69 -33.70 -8.09
N HIS F 144 -26.31 -34.75 -8.83
CA HIS F 144 -27.03 -35.07 -10.06
C HIS F 144 -28.47 -35.49 -9.76
N ALA F 145 -28.66 -36.26 -8.69
CA ALA F 145 -30.02 -36.66 -8.31
C ALA F 145 -30.86 -35.46 -7.90
N GLU F 146 -30.27 -34.54 -7.14
CA GLU F 146 -30.98 -33.33 -6.75
C GLU F 146 -31.32 -32.47 -7.97
N LYS F 147 -30.41 -32.40 -8.94
CA LYS F 147 -30.67 -31.65 -10.16
C LYS F 147 -31.79 -32.28 -10.97
N LEU F 148 -31.81 -33.61 -11.05
CA LEU F 148 -32.91 -34.30 -11.73
C LEU F 148 -34.23 -34.06 -11.02
N MET F 149 -34.24 -34.09 -9.69
CA MET F 149 -35.46 -33.82 -8.95
C MET F 149 -35.95 -32.39 -9.19
N LYS F 150 -35.02 -31.44 -9.20
CA LYS F 150 -35.40 -30.04 -9.45
C LYS F 150 -35.93 -29.87 -10.87
N LEU F 151 -35.32 -30.54 -11.85
CA LEU F 151 -35.81 -30.46 -13.21
C LEU F 151 -37.19 -31.07 -13.35
N GLN F 152 -37.44 -32.17 -12.65
CA GLN F 152 -38.77 -32.78 -12.69
C GLN F 152 -39.79 -31.89 -12.01
N ASN F 153 -39.40 -31.22 -10.93
CA ASN F 153 -40.32 -30.30 -10.26
C ASN F 153 -40.61 -29.07 -11.11
N GLN F 154 -39.64 -28.61 -11.91
CA GLN F 154 -39.88 -27.46 -12.78
C GLN F 154 -40.75 -27.79 -13.97
N ARG F 155 -40.86 -29.07 -14.34
CA ARG F 155 -41.69 -29.48 -15.46
C ARG F 155 -43.11 -29.86 -15.04
N GLY F 156 -43.45 -29.69 -13.76
CA GLY F 156 -44.78 -30.01 -13.30
C GLY F 156 -45.08 -31.50 -13.24
N GLY F 157 -44.14 -32.30 -12.73
CA GLY F 157 -44.33 -33.74 -12.65
C GLY F 157 -44.19 -34.27 -11.24
N ARG F 158 -44.87 -35.38 -10.96
CA ARG F 158 -44.83 -36.00 -9.63
C ARG F 158 -43.58 -36.84 -9.50
N ILE F 159 -43.07 -36.95 -8.28
CA ILE F 159 -41.89 -37.73 -7.97
C ILE F 159 -42.30 -38.83 -6.99
N PHE F 160 -42.20 -40.08 -7.43
CA PHE F 160 -42.58 -41.24 -6.62
C PHE F 160 -41.31 -41.87 -6.06
N LEU F 161 -40.94 -41.46 -4.86
CA LEU F 161 -39.74 -41.99 -4.21
C LEU F 161 -40.02 -43.38 -3.66
N GLN F 162 -39.33 -44.38 -4.18
CA GLN F 162 -39.50 -45.76 -3.74
C GLN F 162 -38.46 -46.07 -2.66
N ASP F 163 -38.18 -47.34 -2.44
CA ASP F 163 -37.21 -47.77 -1.43
C ASP F 163 -35.85 -47.96 -2.08
N ILE F 164 -34.82 -47.37 -1.48
CA ILE F 164 -33.47 -47.48 -1.99
C ILE F 164 -32.93 -48.86 -1.67
N LYS F 165 -32.51 -49.60 -2.70
CA LYS F 165 -31.99 -50.94 -2.50
C LYS F 165 -30.59 -50.91 -1.91
N LYS F 166 -30.24 -51.97 -1.17
CA LYS F 166 -28.93 -52.08 -0.56
C LYS F 166 -27.92 -52.69 -1.53
N PRO F 167 -26.65 -52.35 -1.39
CA PRO F 167 -25.63 -52.94 -2.26
C PRO F 167 -25.53 -54.44 -2.07
N ASP F 168 -25.42 -55.16 -3.19
CA ASP F 168 -25.36 -56.62 -3.14
C ASP F 168 -24.01 -57.12 -2.61
N ARG F 169 -22.97 -56.30 -2.70
CA ARG F 169 -21.63 -56.67 -2.23
C ARG F 169 -21.21 -55.72 -1.13
N ASP F 170 -20.81 -56.26 0.02
CA ASP F 170 -20.37 -55.47 1.16
C ASP F 170 -18.88 -55.58 1.43
N ASP F 171 -18.28 -56.73 1.13
CA ASP F 171 -16.84 -56.95 1.32
C ASP F 171 -16.16 -56.84 -0.03
N TRP F 172 -15.57 -55.67 -0.31
CA TRP F 172 -14.88 -55.43 -1.57
C TRP F 172 -13.48 -56.01 -1.60
N CYS F 173 -12.96 -56.48 -0.46
CA CYS F 173 -11.65 -57.11 -0.38
C CYS F 173 -10.55 -56.18 -0.88
N SER F 174 -10.18 -56.32 -2.16
CA SER F 174 -9.14 -55.49 -2.74
C SER F 174 -9.74 -54.24 -3.37
N GLY F 175 -9.17 -53.79 -4.49
CA GLY F 175 -9.64 -52.60 -5.16
C GLY F 175 -10.09 -52.85 -6.59
N LEU F 176 -9.61 -53.94 -7.18
CA LEU F 176 -9.97 -54.25 -8.56
C LEU F 176 -11.45 -54.61 -8.68
N ASN F 177 -11.97 -55.39 -7.73
CA ASN F 177 -13.39 -55.75 -7.76
C ASN F 177 -14.27 -54.51 -7.60
N ALA F 178 -13.85 -53.58 -6.74
CA ALA F 178 -14.61 -52.33 -6.58
C ALA F 178 -14.60 -51.52 -7.86
N MET F 179 -13.46 -51.47 -8.54
CA MET F 179 -13.40 -50.75 -9.81
C MET F 179 -14.27 -51.40 -10.87
N GLU F 180 -14.29 -52.74 -10.92
CA GLU F 180 -15.15 -53.42 -11.87
C GLU F 180 -16.63 -53.18 -11.57
N SER F 181 -16.99 -53.19 -10.28
CA SER F 181 -18.37 -52.91 -9.91
C SER F 181 -18.77 -51.48 -10.27
N ALA F 182 -17.86 -50.53 -10.03
CA ALA F 182 -18.14 -49.14 -10.40
C ALA F 182 -18.28 -48.98 -11.91
N LEU F 183 -17.44 -49.68 -12.67
CA LEU F 183 -17.55 -49.62 -14.12
C LEU F 183 -18.86 -50.20 -14.62
N HIS F 184 -19.28 -51.34 -14.04
CA HIS F 184 -20.56 -51.92 -14.42
C HIS F 184 -21.72 -51.01 -14.04
N LEU F 185 -21.63 -50.35 -12.88
CA LEU F 185 -22.68 -49.42 -12.47
C LEU F 185 -22.75 -48.22 -13.41
N GLU F 186 -21.59 -47.70 -13.83
CA GLU F 186 -21.58 -46.58 -14.76
C GLU F 186 -22.12 -46.99 -16.12
N LYS F 187 -21.82 -48.22 -16.57
CA LYS F 187 -22.37 -48.71 -17.82
C LYS F 187 -23.89 -48.85 -17.74
N SER F 188 -24.39 -49.32 -16.59
CA SER F 188 -25.84 -49.42 -16.41
C SER F 188 -26.49 -48.04 -16.40
N VAL F 189 -25.83 -47.06 -15.76
CA VAL F 189 -26.35 -45.70 -15.76
C VAL F 189 -26.37 -45.12 -17.16
N ASN F 190 -25.32 -45.39 -17.94
CA ASN F 190 -25.28 -44.90 -19.32
C ASN F 190 -26.36 -45.56 -20.16
N GLN F 191 -26.61 -46.85 -19.96
CA GLN F 191 -27.69 -47.52 -20.69
C GLN F 191 -29.04 -46.95 -20.31
N SER F 192 -29.25 -46.66 -19.02
CA SER F 192 -30.50 -46.05 -18.60
C SER F 192 -30.68 -44.66 -19.19
N LEU F 193 -29.58 -43.90 -19.28
CA LEU F 193 -29.66 -42.57 -19.89
C LEU F 193 -29.96 -42.67 -21.38
N LEU F 194 -29.38 -43.66 -22.07
CA LEU F 194 -29.70 -43.85 -23.48
C LEU F 194 -31.16 -44.24 -23.68
N GLU F 195 -31.68 -45.11 -22.81
CA GLU F 195 -33.09 -45.47 -22.90
C GLU F 195 -33.99 -44.28 -22.63
N LEU F 196 -33.63 -43.44 -21.65
CA LEU F 196 -34.40 -42.23 -21.38
C LEU F 196 -34.36 -41.28 -22.57
N HIS F 197 -33.20 -41.13 -23.21
CA HIS F 197 -33.10 -40.28 -24.39
C HIS F 197 -33.95 -40.81 -25.53
N LYS F 198 -33.93 -42.13 -25.75
CA LYS F 198 -34.74 -42.71 -26.81
C LYS F 198 -36.23 -42.54 -26.52
N LEU F 199 -36.64 -42.70 -25.26
CA LEU F 199 -38.05 -42.53 -24.92
C LEU F 199 -38.49 -41.08 -25.07
N ALA F 200 -37.61 -40.13 -24.70
CA ALA F 200 -37.94 -38.72 -24.88
C ALA F 200 -37.99 -38.33 -26.34
N THR F 201 -37.15 -38.95 -27.18
CA THR F 201 -37.20 -38.67 -28.61
C THR F 201 -38.45 -39.25 -29.25
N ASP F 202 -38.85 -40.46 -28.83
CA ASP F 202 -40.04 -41.09 -29.39
C ASP F 202 -41.32 -40.46 -28.89
N LYS F 203 -41.28 -39.72 -27.77
CA LYS F 203 -42.45 -39.08 -27.21
C LYS F 203 -42.41 -37.56 -27.34
N ASN F 204 -41.51 -37.05 -28.19
CA ASN F 204 -41.38 -35.61 -28.45
C ASN F 204 -41.12 -34.83 -27.16
N ASP F 205 -39.86 -34.82 -26.71
CA ASP F 205 -39.47 -34.07 -25.52
C ASP F 205 -38.08 -33.48 -25.79
N PRO F 206 -38.02 -32.33 -26.46
CA PRO F 206 -36.71 -31.76 -26.82
C PRO F 206 -35.95 -31.17 -25.65
N HIS F 207 -36.68 -30.54 -24.72
CA HIS F 207 -36.03 -29.88 -23.59
C HIS F 207 -35.33 -30.88 -22.69
N LEU F 208 -36.06 -31.93 -22.28
CA LEU F 208 -35.46 -32.95 -21.42
C LEU F 208 -34.32 -33.67 -22.12
N CYS F 209 -34.50 -33.96 -23.42
CA CYS F 209 -33.44 -34.61 -24.18
C CYS F 209 -32.18 -33.76 -24.20
N ASP F 210 -32.31 -32.48 -24.50
CA ASP F 210 -31.15 -31.59 -24.54
C ASP F 210 -30.51 -31.47 -23.17
N PHE F 211 -31.32 -31.35 -22.11
CA PHE F 211 -30.78 -31.21 -20.76
C PHE F 211 -29.99 -32.46 -20.37
N ILE F 212 -30.53 -33.65 -20.68
CA ILE F 212 -29.84 -34.89 -20.34
C ILE F 212 -28.56 -35.03 -21.15
N GLU F 213 -28.60 -34.72 -22.44
CA GLU F 213 -27.42 -34.90 -23.28
C GLU F 213 -26.37 -33.83 -23.05
N THR F 214 -26.73 -32.71 -22.39
CA THR F 214 -25.77 -31.65 -22.12
C THR F 214 -25.23 -31.70 -20.70
N TYR F 215 -26.10 -31.57 -19.69
CA TYR F 215 -25.67 -31.42 -18.31
C TYR F 215 -25.59 -32.74 -17.56
N TYR F 216 -25.39 -33.86 -18.27
CA TYR F 216 -25.27 -35.15 -17.60
C TYR F 216 -24.29 -36.07 -18.31
N LEU F 217 -24.43 -36.21 -19.64
CA LEU F 217 -23.54 -37.11 -20.38
C LEU F 217 -22.10 -36.60 -20.37
N SER F 218 -21.91 -35.27 -20.35
CA SER F 218 -20.56 -34.72 -20.37
C SER F 218 -19.75 -35.14 -19.15
N GLU F 219 -20.42 -35.41 -18.03
CA GLU F 219 -19.74 -35.90 -16.84
C GLU F 219 -19.70 -37.41 -16.77
N GLN F 220 -20.76 -38.07 -17.24
CA GLN F 220 -20.80 -39.54 -17.20
C GLN F 220 -19.74 -40.14 -18.12
N VAL F 221 -19.55 -39.57 -19.31
CA VAL F 221 -18.54 -40.09 -20.22
C VAL F 221 -17.15 -39.92 -19.62
N LYS F 222 -16.88 -38.78 -19.00
CA LYS F 222 -15.59 -38.56 -18.37
C LYS F 222 -15.37 -39.53 -17.20
N SER F 223 -16.42 -39.78 -16.41
CA SER F 223 -16.29 -40.73 -15.31
C SER F 223 -16.03 -42.14 -15.81
N ILE F 224 -16.73 -42.55 -16.88
CA ILE F 224 -16.50 -43.88 -17.44
C ILE F 224 -15.08 -43.99 -17.99
N LYS F 225 -14.59 -42.93 -18.65
CA LYS F 225 -13.23 -42.95 -19.17
C LYS F 225 -12.20 -43.02 -18.05
N GLU F 226 -12.43 -42.28 -16.96
CA GLU F 226 -11.51 -42.33 -15.83
C GLU F 226 -11.50 -43.70 -15.17
N LEU F 227 -12.68 -44.31 -15.01
CA LEU F 227 -12.74 -45.64 -14.42
C LEU F 227 -12.07 -46.67 -15.34
N GLY F 228 -12.25 -46.55 -16.65
CA GLY F 228 -11.57 -47.44 -17.57
C GLY F 228 -10.06 -47.28 -17.52
N ASP F 229 -9.58 -46.04 -17.42
CA ASP F 229 -8.15 -45.81 -17.29
C ASP F 229 -7.62 -46.41 -15.98
N HIS F 230 -8.38 -46.27 -14.89
CA HIS F 230 -7.95 -46.85 -13.62
C HIS F 230 -7.89 -48.37 -13.71
N VAL F 231 -8.89 -48.99 -14.34
CA VAL F 231 -8.90 -50.44 -14.49
C VAL F 231 -7.72 -50.89 -15.35
N THR F 232 -7.44 -50.15 -16.43
CA THR F 232 -6.31 -50.50 -17.29
C THR F 232 -4.99 -50.38 -16.55
N ASN F 233 -4.86 -49.35 -15.69
CA ASN F 233 -3.63 -49.20 -14.91
C ASN F 233 -3.50 -50.30 -13.87
N LEU F 234 -4.61 -50.72 -13.27
CA LEU F 234 -4.56 -51.77 -12.27
C LEU F 234 -4.27 -53.13 -12.90
N ARG F 235 -4.74 -53.36 -14.12
CA ARG F 235 -4.53 -54.63 -14.81
C ARG F 235 -3.22 -54.68 -15.59
N LYS F 236 -2.25 -53.86 -15.22
CA LYS F 236 -0.95 -53.86 -15.90
C LYS F 236 0.19 -53.77 -14.89
N MET F 237 -0.05 -53.07 -13.77
CA MET F 237 1.00 -52.91 -12.76
C MET F 237 1.24 -54.22 -12.01
N GLY F 238 0.21 -55.03 -11.81
CA GLY F 238 0.36 -56.29 -11.12
C GLY F 238 -0.78 -56.61 -10.17
N ALA F 239 -1.75 -55.72 -10.08
CA ALA F 239 -2.89 -55.94 -9.20
C ALA F 239 -3.74 -57.10 -9.72
N PRO F 240 -4.35 -57.88 -8.81
CA PRO F 240 -4.28 -57.72 -7.36
C PRO F 240 -3.10 -58.45 -6.73
N CYS F 241 -2.27 -59.10 -7.55
CA CYS F 241 -1.12 -59.86 -7.06
C CYS F 241 0.12 -59.00 -6.89
N ALA F 242 -0.04 -57.75 -6.45
CA ALA F 242 1.09 -56.85 -6.24
C ALA F 242 0.67 -55.81 -5.21
N GLY F 243 1.09 -55.99 -3.97
CA GLY F 243 0.73 -55.07 -2.90
C GLY F 243 1.32 -53.68 -3.07
N MET F 244 2.49 -53.57 -3.70
CA MET F 244 3.10 -52.26 -3.90
C MET F 244 2.42 -51.46 -4.99
N ALA F 245 1.80 -52.14 -5.97
CA ALA F 245 1.12 -51.44 -7.05
C ALA F 245 -0.07 -50.65 -6.53
N GLU F 246 -0.81 -51.23 -5.58
CA GLU F 246 -1.96 -50.52 -5.00
C GLU F 246 -1.49 -49.27 -4.25
N TYR F 247 -0.41 -49.38 -3.48
CA TYR F 247 0.12 -48.23 -2.76
C TYR F 247 0.62 -47.16 -3.72
N LEU F 248 1.24 -47.57 -4.82
CA LEU F 248 1.71 -46.62 -5.82
C LEU F 248 0.55 -45.89 -6.49
N PHE F 249 -0.49 -46.62 -6.86
CA PHE F 249 -1.67 -45.99 -7.44
C PHE F 249 -2.42 -45.12 -6.44
N ASP F 250 -2.29 -45.43 -5.15
CA ASP F 250 -2.95 -44.62 -4.12
C ASP F 250 -2.20 -43.31 -3.88
N LYS F 251 -0.88 -43.38 -3.75
CA LYS F 251 -0.06 -42.22 -3.40
C LYS F 251 0.43 -41.45 -4.62
N HIS F 252 -0.27 -41.54 -5.74
CA HIS F 252 0.11 -40.79 -6.94
C HIS F 252 -1.10 -40.35 -7.74
N THR F 253 -1.94 -41.30 -8.14
CA THR F 253 -3.12 -40.98 -8.95
C THR F 253 -4.14 -40.20 -8.14
N LEU F 254 -4.71 -40.82 -7.12
CA LEU F 254 -5.71 -40.18 -6.27
C LEU F 254 -5.11 -39.45 -5.08
N GLY F 255 -3.79 -39.35 -5.00
CA GLY F 255 -3.14 -38.68 -3.89
C GLY F 255 -2.72 -37.26 -4.23
N THR G 13 -55.18 50.49 26.86
CA THR G 13 -54.93 49.96 25.52
C THR G 13 -53.99 50.88 24.74
N GLN G 14 -53.31 51.78 25.45
CA GLN G 14 -52.36 52.68 24.81
C GLN G 14 -51.13 51.96 24.29
N ASP G 15 -50.83 50.78 24.83
CA ASP G 15 -49.73 49.99 24.29
C ASP G 15 -49.99 49.61 22.83
N LEU G 16 -51.25 49.25 22.53
CA LEU G 16 -51.60 48.98 21.13
C LEU G 16 -51.46 50.22 20.27
N ARG G 17 -51.80 51.39 20.83
CA ARG G 17 -51.64 52.64 20.08
C ARG G 17 -50.17 52.91 19.76
N SER G 18 -49.30 52.71 20.74
CA SER G 18 -47.86 52.89 20.50
C SER G 18 -47.35 51.89 19.49
N HIS G 19 -47.82 50.64 19.57
CA HIS G 19 -47.35 49.61 18.65
C HIS G 19 -47.82 49.90 17.22
N LEU G 20 -49.01 50.45 17.06
CA LEU G 20 -49.50 50.76 15.72
C LEU G 20 -48.92 52.05 15.18
N VAL G 21 -48.50 52.98 16.04
CA VAL G 21 -47.88 54.20 15.56
C VAL G 21 -46.39 54.04 15.30
N HIS G 22 -45.73 53.10 15.97
CA HIS G 22 -44.31 52.85 15.74
C HIS G 22 -44.02 52.12 14.44
N LYS G 23 -45.05 51.82 13.64
CA LYS G 23 -44.86 51.16 12.36
C LYS G 23 -44.65 52.18 11.23
N LEU G 24 -45.53 53.18 11.14
CA LEU G 24 -45.41 54.18 10.07
C LEU G 24 -44.21 55.10 10.31
N VAL G 25 -43.95 55.46 11.57
CA VAL G 25 -42.82 56.33 11.86
C VAL G 25 -41.49 55.63 11.59
N GLN G 26 -41.48 54.30 11.54
CA GLN G 26 -40.28 53.55 11.16
C GLN G 26 -40.25 53.24 9.68
N ALA G 27 -41.42 53.13 9.03
CA ALA G 27 -41.45 52.87 7.59
C ALA G 27 -41.14 54.11 6.78
N ILE G 28 -41.44 55.30 7.31
CA ILE G 28 -41.13 56.53 6.58
C ILE G 28 -39.63 56.75 6.52
N PHE G 29 -38.96 56.80 7.68
CA PHE G 29 -37.53 57.02 7.78
C PHE G 29 -36.92 55.82 8.49
N PRO G 30 -36.54 54.78 7.74
CA PRO G 30 -36.07 53.54 8.39
C PRO G 30 -34.60 53.53 8.76
N CYS G 31 -33.78 54.44 8.22
CA CYS G 31 -32.34 54.46 8.44
C CYS G 31 -31.95 55.76 9.13
N PRO G 32 -32.00 55.81 10.46
CA PRO G 32 -31.52 57.01 11.17
C PRO G 32 -30.01 57.09 11.20
N ASP G 33 -29.41 57.45 10.08
CA ASP G 33 -27.96 57.48 9.97
C ASP G 33 -27.40 58.69 10.71
N PRO G 34 -26.59 58.49 11.75
CA PRO G 34 -26.01 59.64 12.47
C PRO G 34 -24.74 60.18 11.86
N CYS G 35 -24.28 59.63 10.73
CA CYS G 35 -23.04 60.05 10.09
C CYS G 35 -23.25 61.20 9.12
N ALA G 36 -24.29 62.01 9.32
CA ALA G 36 -24.57 63.14 8.43
C ALA G 36 -25.26 64.26 9.19
N LEU G 37 -26.59 64.29 9.13
CA LEU G 37 -27.36 65.33 9.79
C LEU G 37 -27.54 64.99 11.28
N LYS G 38 -28.32 65.83 11.96
CA LYS G 38 -28.58 65.62 13.38
C LYS G 38 -29.79 64.71 13.59
N ASP G 39 -30.59 65.00 14.61
CA ASP G 39 -31.77 64.18 14.89
C ASP G 39 -33.03 65.01 15.11
N ARG G 40 -33.06 66.24 14.61
CA ARG G 40 -34.24 67.09 14.76
C ARG G 40 -35.24 66.87 13.62
N ARG G 41 -34.76 66.55 12.42
CA ARG G 41 -35.67 66.23 11.33
C ARG G 41 -36.44 64.95 11.61
N MET G 42 -35.80 63.98 12.26
CA MET G 42 -36.51 62.76 12.65
C MET G 42 -37.62 63.07 13.64
N GLU G 43 -37.35 63.96 14.61
CA GLU G 43 -38.38 64.34 15.58
C GLU G 43 -39.51 65.10 14.90
N ASN G 44 -39.18 65.97 13.93
CA ASN G 44 -40.23 66.68 13.20
C ASN G 44 -41.09 65.70 12.40
N LEU G 45 -40.46 64.71 11.76
CA LEU G 45 -41.22 63.71 11.02
C LEU G 45 -42.11 62.89 11.96
N VAL G 46 -41.59 62.55 13.14
CA VAL G 46 -42.38 61.79 14.11
C VAL G 46 -43.58 62.60 14.56
N ALA G 47 -43.38 63.90 14.82
CA ALA G 47 -44.49 64.74 15.23
C ALA G 47 -45.53 64.89 14.13
N TYR G 48 -45.07 65.04 12.88
CA TYR G 48 -46.00 65.13 11.75
C TYR G 48 -46.80 63.83 11.60
N ALA G 49 -46.13 62.69 11.72
CA ALA G 49 -46.83 61.41 11.62
C ALA G 49 -47.82 61.23 12.75
N LYS G 50 -47.47 61.69 13.96
CA LYS G 50 -48.39 61.61 15.08
C LYS G 50 -49.62 62.48 14.85
N LYS G 51 -49.43 63.68 14.31
CA LYS G 51 -50.56 64.55 14.01
C LYS G 51 -51.44 63.93 12.92
N VAL G 52 -50.82 63.35 11.90
CA VAL G 52 -51.59 62.70 10.83
C VAL G 52 -52.40 61.54 11.38
N GLU G 53 -51.77 60.70 12.22
CA GLU G 53 -52.48 59.59 12.83
C GLU G 53 -53.63 60.08 13.69
N GLY G 54 -53.41 61.16 14.44
CA GLY G 54 -54.46 61.70 15.29
C GLY G 54 -55.66 62.17 14.48
N ASP G 55 -55.40 62.95 13.42
CA ASP G 55 -56.53 63.46 12.64
C ASP G 55 -57.23 62.35 11.86
N MET G 56 -56.49 61.35 11.39
CA MET G 56 -57.13 60.26 10.66
C MET G 56 -57.86 59.29 11.59
N TYR G 57 -57.47 59.24 12.87
CA TYR G 57 -58.25 58.48 13.85
C TYR G 57 -59.48 59.25 14.30
N GLU G 58 -59.39 60.59 14.36
CA GLU G 58 -60.57 61.39 14.62
C GLU G 58 -61.57 61.30 13.49
N SER G 59 -61.07 61.21 12.25
CA SER G 59 -61.93 61.08 11.07
C SER G 59 -62.16 59.64 10.67
N ALA G 60 -62.16 58.71 11.63
CA ALA G 60 -62.37 57.30 11.37
C ALA G 60 -63.84 56.96 11.59
N ASN G 61 -64.15 55.66 11.65
CA ASN G 61 -65.52 55.23 11.85
C ASN G 61 -65.59 53.84 12.48
N SER G 62 -64.67 52.95 12.10
CA SER G 62 -64.67 51.59 12.61
C SER G 62 -63.23 51.20 12.96
N ARG G 63 -62.96 49.90 13.01
CA ARG G 63 -61.65 49.39 13.38
C ARG G 63 -60.99 48.57 12.28
N ASP G 64 -61.74 47.70 11.61
CA ASP G 64 -61.15 46.88 10.55
C ASP G 64 -60.80 47.73 9.33
N GLU G 65 -61.70 48.63 8.93
CA GLU G 65 -61.41 49.52 7.82
C GLU G 65 -60.23 50.44 8.14
N TYR G 66 -60.06 50.80 9.41
CA TYR G 66 -58.91 51.60 9.81
C TYR G 66 -57.61 50.84 9.59
N TYR G 67 -57.57 49.58 10.00
CA TYR G 67 -56.38 48.76 9.77
C TYR G 67 -56.13 48.55 8.29
N HIS G 68 -57.20 48.36 7.50
CA HIS G 68 -57.03 48.20 6.06
C HIS G 68 -56.46 49.47 5.43
N LEU G 69 -56.95 50.63 5.85
CA LEU G 69 -56.43 51.89 5.31
C LEU G 69 -54.98 52.09 5.73
N LEU G 70 -54.63 51.70 6.96
CA LEU G 70 -53.25 51.81 7.40
C LEU G 70 -52.34 50.90 6.58
N ALA G 71 -52.79 49.68 6.30
CA ALA G 71 -52.00 48.76 5.48
C ALA G 71 -51.83 49.30 4.06
N GLU G 72 -52.90 49.87 3.50
CA GLU G 72 -52.80 50.45 2.17
C GLU G 72 -51.84 51.64 2.15
N LYS G 73 -51.88 52.46 3.21
CA LYS G 73 -50.97 53.60 3.28
C LYS G 73 -49.52 53.14 3.40
N ILE G 74 -49.26 52.10 4.20
CA ILE G 74 -47.87 51.66 4.29
C ILE G 74 -47.42 51.04 2.96
N TYR G 75 -48.30 50.28 2.30
CA TYR G 75 -47.91 49.73 1.00
C TYR G 75 -47.69 50.82 -0.03
N LYS G 76 -48.40 51.95 0.08
CA LYS G 76 -48.22 53.04 -0.86
C LYS G 76 -46.95 53.84 -0.59
N ILE G 77 -46.63 54.07 0.69
CA ILE G 77 -45.46 54.87 1.02
C ILE G 77 -44.17 54.09 0.85
N GLN G 78 -44.23 52.75 0.85
CA GLN G 78 -43.05 51.93 0.62
C GLN G 78 -42.69 51.79 -0.86
N LYS G 79 -43.34 52.53 -1.76
CA LYS G 79 -43.02 52.56 -3.18
C LYS G 79 -43.02 54.02 -3.63
N GLU G 80 -42.10 54.79 -3.08
CA GLU G 80 -42.00 56.23 -3.34
C GLU G 80 -40.76 56.48 -4.21
N LEU G 81 -39.60 56.76 -3.64
CA LEU G 81 -38.40 57.04 -4.43
C LEU G 81 -37.17 56.39 -3.81
N GLU G 82 -37.19 55.06 -3.77
CA GLU G 82 -36.08 54.28 -3.26
C GLU G 82 -35.09 53.88 -4.34
N GLU G 83 -35.01 54.65 -5.42
CA GLU G 83 -34.11 54.39 -6.55
C GLU G 83 -34.32 53.02 -7.17
N LYS G 84 -35.51 52.45 -6.98
CA LYS G 84 -35.86 51.13 -7.50
C LYS G 84 -34.83 50.08 -7.06
N SER G 85 -33.84 49.83 -7.91
CA SER G 85 -32.77 48.88 -7.62
C SER G 85 -31.68 49.07 -8.66
N GLN G 86 -30.58 48.35 -8.49
CA GLN G 86 -29.46 48.39 -9.43
C GLN G 86 -29.41 47.20 -10.37
N VAL G 87 -30.10 46.11 -10.05
CA VAL G 87 -30.12 44.93 -10.91
C VAL G 87 -31.52 44.60 -11.40
N ARG G 88 -32.53 45.40 -11.04
CA ARG G 88 -33.91 45.16 -11.46
C ARG G 88 -34.10 45.71 -12.86
N GLN G 89 -34.47 44.83 -13.79
CA GLN G 89 -34.68 45.20 -15.19
C GLN G 89 -35.91 44.49 -15.70
N ASN G 90 -36.94 45.26 -16.08
CA ASN G 90 -38.20 44.73 -16.58
C ASN G 90 -38.84 43.77 -15.58
N TYR G 91 -39.51 44.30 -14.58
CA TYR G 91 -40.16 43.48 -13.57
C TYR G 91 -41.31 44.27 -12.95
N HIS G 92 -42.53 43.80 -13.20
CA HIS G 92 -43.74 44.48 -12.74
C HIS G 92 -44.04 44.09 -11.29
N GLN G 93 -44.86 44.92 -10.64
CA GLN G 93 -45.21 44.67 -9.24
C GLN G 93 -46.12 43.46 -9.08
N ASP G 94 -46.86 43.08 -10.12
CA ASP G 94 -47.71 41.90 -10.03
C ASP G 94 -46.86 40.64 -9.85
N ALA G 95 -45.76 40.53 -10.59
CA ALA G 95 -44.86 39.40 -10.42
C ALA G 95 -44.24 39.38 -9.03
N GLU G 96 -43.92 40.56 -8.48
CA GLU G 96 -43.38 40.62 -7.13
C GLU G 96 -44.40 40.16 -6.11
N ALA G 97 -45.66 40.58 -6.25
CA ALA G 97 -46.71 40.14 -5.33
C ALA G 97 -46.94 38.64 -5.47
N ALA G 98 -46.87 38.11 -6.69
CA ALA G 98 -47.04 36.68 -6.88
C ALA G 98 -45.90 35.90 -6.24
N ILE G 99 -44.66 36.41 -6.35
CA ILE G 99 -43.53 35.75 -5.70
C ILE G 99 -43.68 35.80 -4.19
N ASN G 100 -44.17 36.91 -3.65
CA ASN G 100 -44.39 37.02 -2.22
C ASN G 100 -45.44 36.03 -1.74
N ARG G 101 -46.54 35.90 -2.50
CA ARG G 101 -47.57 34.94 -2.13
C ARG G 101 -47.05 33.50 -2.23
N GLN G 102 -46.22 33.22 -3.23
CA GLN G 102 -45.64 31.89 -3.36
C GLN G 102 -44.71 31.59 -2.20
N ILE G 103 -43.92 32.58 -1.77
CA ILE G 103 -43.04 32.38 -0.62
C ILE G 103 -43.85 32.15 0.64
N ASN G 104 -44.94 32.90 0.81
CA ASN G 104 -45.80 32.69 1.97
C ASN G 104 -46.41 31.28 1.95
N LEU G 105 -46.83 30.81 0.78
CA LEU G 105 -47.39 29.46 0.68
C LEU G 105 -46.33 28.40 0.95
N GLU G 106 -45.09 28.64 0.50
CA GLU G 106 -44.01 27.72 0.80
C GLU G 106 -43.72 27.65 2.30
N LEU G 107 -43.73 28.81 2.97
CA LEU G 107 -43.53 28.81 4.41
C LEU G 107 -44.66 28.12 5.14
N TYR G 108 -45.90 28.31 4.68
CA TYR G 108 -47.03 27.63 5.29
C TYR G 108 -46.93 26.12 5.09
N ALA G 109 -46.51 25.68 3.90
CA ALA G 109 -46.33 24.26 3.65
C ALA G 109 -45.23 23.67 4.52
N SER G 110 -44.13 24.42 4.70
CA SER G 110 -43.06 23.96 5.58
C SER G 110 -43.55 23.84 7.02
N TYR G 111 -44.35 24.80 7.48
CA TYR G 111 -44.89 24.74 8.82
C TYR G 111 -45.83 23.53 8.99
N VAL G 112 -46.66 23.28 7.98
CA VAL G 112 -47.57 22.14 8.04
C VAL G 112 -46.79 20.83 8.06
N TYR G 113 -45.73 20.74 7.26
CA TYR G 113 -44.93 19.53 7.25
C TYR G 113 -44.19 19.34 8.56
N LEU G 114 -43.73 20.42 9.18
CA LEU G 114 -43.10 20.33 10.49
C LEU G 114 -44.11 19.85 11.54
N SER G 115 -45.33 20.37 11.48
CA SER G 115 -46.36 19.92 12.41
C SER G 115 -46.68 18.44 12.21
N MET G 116 -46.72 18.00 10.95
CA MET G 116 -46.96 16.59 10.68
C MET G 116 -45.82 15.71 11.19
N SER G 117 -44.58 16.16 11.00
CA SER G 117 -43.43 15.40 11.49
C SER G 117 -43.41 15.33 13.01
N CYS G 118 -43.82 16.41 13.69
CA CYS G 118 -43.85 16.40 15.15
C CYS G 118 -45.06 15.67 15.71
N TYR G 119 -46.13 15.52 14.92
CA TYR G 119 -47.30 14.79 15.42
C TYR G 119 -47.08 13.29 15.37
N PHE G 120 -46.52 12.78 14.26
CA PHE G 120 -46.27 11.36 14.13
C PHE G 120 -45.11 10.89 15.01
N ASP G 121 -44.29 11.81 15.51
CA ASP G 121 -43.18 11.48 16.39
C ASP G 121 -43.60 11.43 17.85
N ARG G 122 -44.88 11.62 18.16
CA ARG G 122 -45.37 11.61 19.53
C ARG G 122 -45.48 10.18 20.06
N ASP G 123 -46.17 10.03 21.20
CA ASP G 123 -46.35 8.74 21.83
C ASP G 123 -47.67 8.06 21.44
N ASP G 124 -48.67 8.85 21.03
CA ASP G 124 -49.96 8.28 20.65
C ASP G 124 -50.01 7.81 19.20
N VAL G 125 -48.94 8.02 18.43
CA VAL G 125 -48.86 7.60 17.04
C VAL G 125 -47.76 6.56 16.83
N ALA G 126 -46.54 6.88 17.27
CA ALA G 126 -45.39 5.97 17.19
C ALA G 126 -45.12 5.53 15.76
N LEU G 127 -44.74 6.50 14.93
CA LEU G 127 -44.38 6.27 13.53
C LEU G 127 -43.15 7.12 13.21
N LYS G 128 -41.98 6.49 13.25
CA LYS G 128 -40.72 7.20 13.03
C LYS G 128 -40.43 7.44 11.56
N ASN G 129 -40.77 6.50 10.68
CA ASN G 129 -40.48 6.68 9.26
C ASN G 129 -41.33 7.79 8.67
N PHE G 130 -42.61 7.86 9.03
CA PHE G 130 -43.46 8.96 8.56
C PHE G 130 -42.94 10.30 9.09
N ALA G 131 -42.49 10.34 10.34
CA ALA G 131 -41.94 11.57 10.89
C ALA G 131 -40.69 12.00 10.16
N LYS G 132 -39.81 11.04 9.83
CA LYS G 132 -38.60 11.37 9.09
C LYS G 132 -38.92 11.86 7.69
N TYR G 133 -39.90 11.22 7.03
CA TYR G 133 -40.29 11.66 5.69
C TYR G 133 -40.88 13.06 5.72
N PHE G 134 -41.72 13.35 6.72
CA PHE G 134 -42.30 14.69 6.83
C PHE G 134 -41.23 15.73 7.16
N LEU G 135 -40.24 15.36 7.97
CA LEU G 135 -39.15 16.27 8.26
C LEU G 135 -38.31 16.55 7.01
N HIS G 136 -38.07 15.52 6.20
CA HIS G 136 -37.36 15.72 4.94
C HIS G 136 -38.16 16.62 3.99
N GLN G 137 -39.47 16.42 3.94
CA GLN G 137 -40.32 17.29 3.11
C GLN G 137 -40.29 18.73 3.61
N SER G 138 -40.30 18.92 4.92
CA SER G 138 -40.22 20.27 5.48
C SER G 138 -38.87 20.91 5.16
N HIS G 139 -37.80 20.13 5.22
CA HIS G 139 -36.48 20.66 4.85
C HIS G 139 -36.44 21.05 3.37
N GLU G 140 -37.06 20.22 2.51
CA GLU G 140 -37.11 20.56 1.09
C GLU G 140 -37.92 21.83 0.85
N GLU G 141 -39.05 21.99 1.55
CA GLU G 141 -39.83 23.21 1.43
C GLU G 141 -39.05 24.42 1.91
N ARG G 142 -38.29 24.26 3.00
CA ARG G 142 -37.48 25.37 3.50
CA ARG G 142 -37.47 25.37 3.50
C ARG G 142 -36.39 25.75 2.50
N GLU G 143 -35.75 24.75 1.89
CA GLU G 143 -34.74 25.03 0.88
C GLU G 143 -35.34 25.71 -0.34
N HIS G 144 -36.53 25.28 -0.76
CA HIS G 144 -37.20 25.92 -1.89
C HIS G 144 -37.56 27.36 -1.56
N ALA G 145 -38.02 27.62 -0.33
CA ALA G 145 -38.36 28.98 0.07
C ALA G 145 -37.11 29.86 0.10
N GLU G 146 -36.00 29.33 0.62
CA GLU G 146 -34.76 30.09 0.63
C GLU G 146 -34.27 30.37 -0.79
N LYS G 147 -34.43 29.40 -1.69
CA LYS G 147 -34.04 29.61 -3.08
C LYS G 147 -34.90 30.67 -3.75
N LEU G 148 -36.20 30.66 -3.47
CA LEU G 148 -37.09 31.70 -3.99
C LEU G 148 -36.70 33.07 -3.45
N MET G 149 -36.38 33.15 -2.16
CA MET G 149 -35.95 34.42 -1.58
C MET G 149 -34.66 34.91 -2.21
N LYS G 150 -33.70 34.01 -2.44
CA LYS G 150 -32.45 34.40 -3.07
C LYS G 150 -32.67 34.85 -4.51
N LEU G 151 -33.56 34.17 -5.24
CA LEU G 151 -33.85 34.57 -6.61
C LEU G 151 -34.53 35.94 -6.64
N GLN G 152 -35.42 36.21 -5.69
CA GLN G 152 -36.06 37.52 -5.63
C GLN G 152 -35.04 38.60 -5.26
N ASN G 153 -34.10 38.28 -4.39
CA ASN G 153 -33.06 39.25 -4.04
C ASN G 153 -32.12 39.52 -5.21
N GLN G 154 -31.85 38.51 -6.04
CA GLN G 154 -30.98 38.71 -7.19
C GLN G 154 -31.65 39.51 -8.30
N ARG G 155 -32.98 39.58 -8.32
CA ARG G 155 -33.71 40.34 -9.33
C ARG G 155 -34.01 41.77 -8.89
N GLY G 156 -33.50 42.18 -7.73
CA GLY G 156 -33.74 43.53 -7.26
C GLY G 156 -35.16 43.81 -6.83
N GLY G 157 -35.77 42.90 -6.07
CA GLY G 157 -37.13 43.06 -5.62
C GLY G 157 -37.27 42.99 -4.11
N ARG G 158 -38.28 43.68 -3.57
CA ARG G 158 -38.53 43.70 -2.14
C ARG G 158 -39.27 42.44 -1.71
N ILE G 159 -39.02 42.00 -0.49
CA ILE G 159 -39.67 40.83 0.09
C ILE G 159 -40.47 41.29 1.30
N PHE G 160 -41.78 41.14 1.22
CA PHE G 160 -42.70 41.55 2.28
C PHE G 160 -43.12 40.29 3.05
N LEU G 161 -42.39 40.00 4.12
CA LEU G 161 -42.70 38.84 4.95
C LEU G 161 -43.89 39.13 5.84
N GLN G 162 -44.98 38.39 5.64
CA GLN G 162 -46.19 38.56 6.42
C GLN G 162 -46.17 37.59 7.60
N ASP G 163 -47.33 37.29 8.18
CA ASP G 163 -47.44 36.38 9.30
C ASP G 163 -47.76 34.99 8.80
N ILE G 164 -46.99 33.99 9.27
CA ILE G 164 -47.19 32.62 8.87
C ILE G 164 -48.43 32.08 9.58
N LYS G 165 -49.39 31.58 8.81
CA LYS G 165 -50.62 31.06 9.39
C LYS G 165 -50.39 29.69 10.01
N LYS G 166 -51.19 29.37 11.03
CA LYS G 166 -51.11 28.10 11.73
C LYS G 166 -51.92 27.03 11.01
N PRO G 167 -51.52 25.77 11.11
CA PRO G 167 -52.29 24.68 10.48
C PRO G 167 -53.68 24.58 11.07
N ASP G 168 -54.67 24.40 10.20
CA ASP G 168 -56.05 24.30 10.64
C ASP G 168 -56.35 22.99 11.35
N ARG G 169 -55.56 21.95 11.10
CA ARG G 169 -55.75 20.64 11.72
C ARG G 169 -54.51 20.30 12.54
N ASP G 170 -54.73 19.96 13.81
CA ASP G 170 -53.65 19.60 14.72
C ASP G 170 -53.64 18.12 15.08
N ASP G 171 -54.80 17.49 15.12
CA ASP G 171 -54.93 16.06 15.45
C ASP G 171 -55.16 15.30 14.16
N TRP G 172 -54.08 14.72 13.62
CA TRP G 172 -54.17 13.97 12.37
C TRP G 172 -54.70 12.55 12.56
N CYS G 173 -54.82 12.09 13.81
CA CYS G 173 -55.37 10.78 14.13
C CYS G 173 -54.58 9.67 13.45
N SER G 174 -55.04 9.23 12.28
CA SER G 174 -54.36 8.17 11.54
C SER G 174 -53.34 8.75 10.58
N GLY G 175 -53.19 8.12 9.42
CA GLY G 175 -52.24 8.58 8.42
C GLY G 175 -52.87 8.93 7.09
N LEU G 176 -54.06 8.39 6.83
CA LEU G 176 -54.74 8.67 5.57
C LEU G 176 -55.18 10.14 5.48
N ASN G 177 -55.68 10.71 6.58
CA ASN G 177 -56.08 12.11 6.57
C ASN G 177 -54.87 13.01 6.35
N ALA G 178 -53.73 12.67 6.95
CA ALA G 178 -52.52 13.44 6.74
C ALA G 178 -52.07 13.38 5.28
N MET G 179 -52.17 12.20 4.66
CA MET G 179 -51.81 12.08 3.25
C MET G 179 -52.75 12.88 2.36
N GLU G 180 -54.05 12.87 2.68
CA GLU G 180 -55.00 13.67 1.91
C GLU G 180 -54.72 15.15 2.06
N SER G 181 -54.40 15.60 3.28
CA SER G 181 -54.07 17.01 3.49
C SER G 181 -52.81 17.39 2.74
N ALA G 182 -51.79 16.52 2.75
CA ALA G 182 -50.56 16.81 2.02
C ALA G 182 -50.81 16.86 0.52
N LEU G 183 -51.67 15.97 0.00
CA LEU G 183 -52.00 15.99 -1.42
C LEU G 183 -52.73 17.26 -1.79
N HIS G 184 -53.68 17.69 -0.95
CA HIS G 184 -54.39 18.94 -1.22
C HIS G 184 -53.44 20.13 -1.18
N LEU G 185 -52.51 20.12 -0.22
CA LEU G 185 -51.53 21.21 -0.14
C LEU G 185 -50.63 21.24 -1.36
N GLU G 186 -50.20 20.07 -1.84
CA GLU G 186 -49.37 20.02 -3.04
C GLU G 186 -50.15 20.47 -4.27
N LYS G 187 -51.43 20.13 -4.34
CA LYS G 187 -52.26 20.60 -5.45
C LYS G 187 -52.41 22.13 -5.41
N SER G 188 -52.59 22.68 -4.21
CA SER G 188 -52.68 24.14 -4.09
C SER G 188 -51.37 24.81 -4.48
N VAL G 189 -50.23 24.20 -4.09
CA VAL G 189 -48.93 24.75 -4.48
C VAL G 189 -48.75 24.70 -5.99
N ASN G 190 -49.19 23.59 -6.61
CA ASN G 190 -49.09 23.49 -8.06
C ASN G 190 -49.97 24.51 -8.76
N GLN G 191 -51.18 24.74 -8.23
CA GLN G 191 -52.04 25.76 -8.80
C GLN G 191 -51.43 27.15 -8.67
N SER G 192 -50.82 27.44 -7.51
CA SER G 192 -50.16 28.72 -7.34
C SER G 192 -48.98 28.88 -8.29
N LEU G 193 -48.23 27.80 -8.52
CA LEU G 193 -47.12 27.85 -9.46
C LEU G 193 -47.62 28.07 -10.89
N LEU G 194 -48.74 27.44 -11.26
CA LEU G 194 -49.31 27.67 -12.57
C LEU G 194 -49.79 29.11 -12.74
N GLU G 195 -50.41 29.67 -11.69
CA GLU G 195 -50.83 31.07 -11.75
C GLU G 195 -49.63 32.00 -11.87
N LEU G 196 -48.55 31.70 -11.13
CA LEU G 196 -47.34 32.51 -11.24
C LEU G 196 -46.74 32.43 -12.64
N HIS G 197 -46.73 31.23 -13.23
CA HIS G 197 -46.22 31.07 -14.58
C HIS G 197 -47.06 31.85 -15.58
N LYS G 198 -48.39 31.79 -15.44
CA LYS G 198 -49.26 32.54 -16.35
C LYS G 198 -49.06 34.04 -16.19
N LEU G 199 -48.90 34.52 -14.95
CA LEU G 199 -48.68 35.94 -14.74
C LEU G 199 -47.34 36.40 -15.29
N ALA G 200 -46.30 35.56 -15.15
CA ALA G 200 -45.00 35.90 -15.71
C ALA G 200 -45.02 35.88 -17.23
N THR G 201 -45.81 34.98 -17.83
CA THR G 201 -45.92 34.95 -19.29
C THR G 201 -46.70 36.15 -19.81
N ASP G 202 -47.75 36.55 -19.10
CA ASP G 202 -48.55 37.70 -19.54
C ASP G 202 -47.85 39.02 -19.29
N LYS G 203 -46.84 39.05 -18.41
CA LYS G 203 -46.10 40.27 -18.09
C LYS G 203 -44.68 40.23 -18.63
N ASN G 204 -44.38 39.30 -19.53
CA ASN G 204 -43.07 39.19 -20.16
C ASN G 204 -41.96 39.00 -19.12
N ASP G 205 -41.80 37.79 -18.63
CA ASP G 205 -40.74 37.45 -17.67
C ASP G 205 -40.20 36.07 -18.00
N PRO G 206 -39.27 35.99 -18.95
CA PRO G 206 -38.79 34.67 -19.39
C PRO G 206 -37.87 34.00 -18.38
N HIS G 207 -37.04 34.78 -17.69
CA HIS G 207 -36.08 34.20 -16.76
C HIS G 207 -36.78 33.55 -15.58
N LEU G 208 -37.70 34.28 -14.94
CA LEU G 208 -38.43 33.72 -13.81
C LEU G 208 -39.29 32.53 -14.24
N CYS G 209 -39.92 32.63 -15.41
CA CYS G 209 -40.72 31.52 -15.92
C CYS G 209 -39.87 30.26 -16.10
N ASP G 210 -38.70 30.40 -16.75
CA ASP G 210 -37.83 29.26 -16.95
C ASP G 210 -37.33 28.70 -15.64
N PHE G 211 -36.96 29.58 -14.70
CA PHE G 211 -36.46 29.11 -13.41
C PHE G 211 -37.53 28.32 -12.65
N ILE G 212 -38.77 28.82 -12.66
CA ILE G 212 -39.85 28.13 -11.96
C ILE G 212 -40.17 26.81 -12.64
N GLU G 213 -40.21 26.79 -13.97
CA GLU G 213 -40.57 25.56 -14.66
C GLU G 213 -39.44 24.53 -14.68
N THR G 214 -38.21 24.95 -14.36
CA THR G 214 -37.07 24.03 -14.34
C THR G 214 -36.73 23.57 -12.94
N TYR G 215 -36.36 24.50 -12.04
CA TYR G 215 -35.84 24.15 -10.73
C TYR G 215 -36.91 24.09 -9.65
N TYR G 216 -38.17 23.82 -10.02
CA TYR G 216 -39.23 23.74 -9.03
C TYR G 216 -40.27 22.69 -9.42
N LEU G 217 -40.77 22.75 -10.66
CA LEU G 217 -41.80 21.81 -11.09
C LEU G 217 -41.26 20.39 -11.15
N SER G 218 -39.98 20.22 -11.47
CA SER G 218 -39.40 18.88 -11.56
C SER G 218 -39.46 18.13 -10.24
N GLU G 219 -39.45 18.86 -9.12
CA GLU G 219 -39.58 18.24 -7.81
C GLU G 219 -41.03 18.18 -7.34
N GLN G 220 -41.81 19.20 -7.67
CA GLN G 220 -43.21 19.22 -7.24
C GLN G 220 -44.01 18.10 -7.91
N VAL G 221 -43.77 17.85 -9.19
CA VAL G 221 -44.48 16.78 -9.88
C VAL G 221 -44.12 15.43 -9.27
N LYS G 222 -42.84 15.22 -8.97
CA LYS G 222 -42.42 13.97 -8.35
C LYS G 222 -43.03 13.80 -6.96
N SER G 223 -43.10 14.89 -6.19
CA SER G 223 -43.71 14.82 -4.86
C SER G 223 -45.20 14.50 -4.96
N ILE G 224 -45.90 15.12 -5.91
CA ILE G 224 -47.32 14.85 -6.09
C ILE G 224 -47.53 13.40 -6.50
N LYS G 225 -46.67 12.89 -7.41
CA LYS G 225 -46.79 11.50 -7.83
C LYS G 225 -46.54 10.54 -6.68
N GLU G 226 -45.54 10.84 -5.84
CA GLU G 226 -45.25 9.98 -4.70
C GLU G 226 -46.40 9.99 -3.69
N LEU G 227 -46.97 11.17 -3.44
CA LEU G 227 -48.11 11.24 -2.52
C LEU G 227 -49.32 10.51 -3.08
N GLY G 228 -49.55 10.60 -4.39
CA GLY G 228 -50.63 9.86 -5.01
C GLY G 228 -50.43 8.36 -4.91
N ASP G 229 -49.19 7.91 -5.13
CA ASP G 229 -48.89 6.49 -4.99
C ASP G 229 -49.10 6.02 -3.55
N HIS G 230 -48.70 6.84 -2.58
CA HIS G 230 -48.90 6.49 -1.18
C HIS G 230 -50.39 6.40 -0.85
N VAL G 231 -51.19 7.35 -1.35
CA VAL G 231 -52.63 7.32 -1.10
C VAL G 231 -53.25 6.10 -1.75
N THR G 232 -52.83 5.76 -2.96
CA THR G 232 -53.35 4.58 -3.64
C THR G 232 -53.00 3.31 -2.89
N ASN G 233 -51.77 3.24 -2.35
CA ASN G 233 -51.39 2.06 -1.57
C ASN G 233 -52.16 1.97 -0.27
N LEU G 234 -52.43 3.11 0.37
CA LEU G 234 -53.19 3.10 1.61
C LEU G 234 -54.66 2.76 1.40
N ARG G 235 -55.22 3.15 0.25
CA ARG G 235 -56.61 2.88 -0.06
C ARG G 235 -56.83 1.52 -0.73
N LYS G 236 -55.91 0.59 -0.55
CA LYS G 236 -56.05 -0.75 -1.12
C LYS G 236 -55.66 -1.82 -0.11
N MET G 237 -54.69 -1.52 0.75
CA MET G 237 -54.25 -2.50 1.74
C MET G 237 -55.29 -2.72 2.83
N GLY G 238 -56.04 -1.68 3.18
CA GLY G 238 -57.08 -1.82 4.19
C GLY G 238 -57.17 -0.63 5.13
N ALA G 239 -56.31 0.35 4.92
CA ALA G 239 -56.33 1.54 5.78
C ALA G 239 -57.60 2.34 5.54
N PRO G 240 -58.13 3.00 6.59
CA PRO G 240 -57.60 3.01 7.95
C PRO G 240 -58.09 1.85 8.81
N CYS G 241 -58.91 0.96 8.25
CA CYS G 241 -59.48 -0.17 8.99
C CYS G 241 -58.56 -1.38 8.97
N ALA G 242 -57.25 -1.17 9.05
CA ALA G 242 -56.30 -2.28 9.07
C ALA G 242 -55.02 -1.78 9.75
N GLY G 243 -54.85 -2.13 11.03
CA GLY G 243 -53.69 -1.69 11.78
C GLY G 243 -52.39 -2.27 11.29
N MET G 244 -52.41 -3.46 10.71
CA MET G 244 -51.19 -4.08 10.19
C MET G 244 -50.73 -3.44 8.89
N ALA G 245 -51.67 -2.89 8.11
CA ALA G 245 -51.29 -2.27 6.84
C ALA G 245 -50.43 -1.03 7.07
N GLU G 246 -50.76 -0.24 8.10
CA GLU G 246 -49.95 0.94 8.41
C GLU G 246 -48.54 0.54 8.82
N TYR G 247 -48.41 -0.51 9.64
CA TYR G 247 -47.09 -0.96 10.05
C TYR G 247 -46.30 -1.51 8.87
N LEU G 248 -46.98 -2.20 7.95
CA LEU G 248 -46.30 -2.72 6.76
C LEU G 248 -45.82 -1.58 5.87
N PHE G 249 -46.66 -0.56 5.65
CA PHE G 249 -46.24 0.59 4.86
C PHE G 249 -45.16 1.40 5.55
N ASP G 250 -45.10 1.35 6.89
CA ASP G 250 -44.06 2.08 7.62
C ASP G 250 -42.72 1.36 7.55
N LYS G 251 -42.72 0.04 7.76
CA LYS G 251 -41.48 -0.73 7.83
C LYS G 251 -41.05 -1.28 6.46
N HIS G 252 -41.45 -0.64 5.37
CA HIS G 252 -41.04 -1.09 4.04
C HIS G 252 -40.87 0.09 3.09
N THR G 253 -41.93 0.89 2.92
CA THR G 253 -41.86 2.02 1.98
C THR G 253 -40.92 3.10 2.51
N LEU G 254 -41.26 3.72 3.64
CA LEU G 254 -40.46 4.78 4.21
C LEU G 254 -39.42 4.26 5.20
N GLY G 255 -39.26 2.94 5.32
CA GLY G 255 -38.29 2.37 6.24
C GLY G 255 -37.00 1.96 5.56
N THR H 13 53.77 56.56 9.26
CA THR H 13 55.20 56.28 9.29
C THR H 13 55.60 55.43 8.10
N GLN H 14 56.16 54.25 8.37
CA GLN H 14 56.55 53.32 7.30
C GLN H 14 55.41 52.43 6.86
N ASP H 15 54.28 52.45 7.58
CA ASP H 15 53.18 51.52 7.30
C ASP H 15 52.60 51.75 5.91
N LEU H 16 52.21 53.00 5.61
CA LEU H 16 51.57 53.27 4.33
C LEU H 16 52.55 53.08 3.18
N ARG H 17 53.81 53.45 3.37
CA ARG H 17 54.82 53.26 2.34
C ARG H 17 55.03 51.78 2.03
N SER H 18 55.12 50.96 3.08
CA SER H 18 55.27 49.53 2.89
C SER H 18 54.04 48.94 2.21
N HIS H 19 52.85 49.40 2.59
CA HIS H 19 51.63 48.86 2.01
C HIS H 19 51.49 49.25 0.54
N LEU H 20 51.97 50.44 0.17
CA LEU H 20 51.90 50.84 -1.23
C LEU H 20 53.02 50.25 -2.07
N VAL H 21 54.16 49.88 -1.46
CA VAL H 21 55.22 49.24 -2.22
C VAL H 21 55.03 47.73 -2.34
N HIS H 22 54.31 47.10 -1.40
CA HIS H 22 54.04 45.67 -1.48
C HIS H 22 53.00 45.31 -2.52
N LYS H 23 52.47 46.27 -3.27
CA LYS H 23 51.51 45.93 -4.32
C LYS H 23 52.18 45.74 -5.67
N LEU H 24 53.11 46.62 -6.06
CA LEU H 24 53.79 46.43 -7.34
C LEU H 24 54.76 45.26 -7.30
N VAL H 25 55.46 45.08 -6.17
CA VAL H 25 56.41 43.98 -6.06
C VAL H 25 55.68 42.63 -6.05
N GLN H 26 54.39 42.61 -5.74
CA GLN H 26 53.60 41.39 -5.83
C GLN H 26 52.89 41.26 -7.18
N ALA H 27 52.60 42.38 -7.84
CA ALA H 27 51.96 42.32 -9.15
C ALA H 27 52.95 41.96 -10.25
N ILE H 28 54.22 42.31 -10.08
CA ILE H 28 55.22 41.97 -11.09
C ILE H 28 55.46 40.46 -11.12
N PHE H 29 55.83 39.88 -9.98
CA PHE H 29 56.11 38.45 -9.86
C PHE H 29 55.15 37.88 -8.82
N PRO H 30 53.96 37.44 -9.24
CA PRO H 30 52.95 37.01 -8.26
C PRO H 30 53.07 35.56 -7.82
N CYS H 31 53.82 34.72 -8.53
CA CYS H 31 53.93 33.29 -8.23
C CYS H 31 55.38 32.95 -7.91
N PRO H 32 55.79 33.09 -6.64
CA PRO H 32 57.14 32.67 -6.26
C PRO H 32 57.25 31.16 -6.15
N ASP H 33 57.32 30.50 -7.29
CA ASP H 33 57.35 29.03 -7.33
C ASP H 33 58.73 28.54 -6.90
N PRO H 34 58.83 27.78 -5.80
CA PRO H 34 60.14 27.26 -5.37
C PRO H 34 60.53 25.96 -6.05
N CYS H 35 59.70 25.43 -6.95
CA CYS H 35 59.97 24.16 -7.61
C CYS H 35 60.83 24.31 -8.87
N ALA H 36 61.63 25.37 -8.95
CA ALA H 36 62.47 25.60 -10.12
C ALA H 36 63.74 26.35 -9.73
N LEU H 37 63.72 27.67 -9.87
CA LEU H 37 64.89 28.48 -9.55
C LEU H 37 64.96 28.75 -8.05
N LYS H 38 65.91 29.58 -7.65
CA LYS H 38 66.09 29.92 -6.25
C LYS H 38 65.24 31.14 -5.88
N ASP H 39 65.77 32.02 -5.02
CA ASP H 39 65.03 33.20 -4.59
C ASP H 39 65.89 34.46 -4.64
N ARG H 40 66.92 34.47 -5.49
CA ARG H 40 67.74 35.67 -5.65
C ARG H 40 67.21 36.60 -6.74
N ARG H 41 66.58 36.04 -7.77
CA ARG H 41 65.96 36.87 -8.80
C ARG H 41 64.79 37.66 -8.23
N MET H 42 64.05 37.05 -7.31
CA MET H 42 62.96 37.77 -6.65
C MET H 42 63.50 38.94 -5.84
N GLU H 43 64.61 38.74 -5.13
CA GLU H 43 65.21 39.83 -4.37
C GLU H 43 65.74 40.93 -5.29
N ASN H 44 66.32 40.55 -6.42
CA ASN H 44 66.79 41.54 -7.39
C ASN H 44 65.61 42.35 -7.94
N LEU H 45 64.51 41.68 -8.25
CA LEU H 45 63.32 42.38 -8.74
C LEU H 45 62.76 43.32 -7.67
N VAL H 46 62.76 42.87 -6.41
CA VAL H 46 62.27 43.71 -5.32
C VAL H 46 63.15 44.95 -5.17
N ALA H 47 64.47 44.77 -5.25
CA ALA H 47 65.37 45.92 -5.15
C ALA H 47 65.18 46.89 -6.32
N TYR H 48 65.00 46.35 -7.53
CA TYR H 48 64.78 47.21 -8.68
C TYR H 48 63.47 47.98 -8.54
N ALA H 49 62.41 47.32 -8.07
CA ALA H 49 61.14 48.00 -7.87
C ALA H 49 61.24 49.06 -6.78
N LYS H 50 62.01 48.78 -5.73
CA LYS H 50 62.20 49.79 -4.69
C LYS H 50 62.96 51.00 -5.20
N LYS H 51 63.99 50.78 -6.03
CA LYS H 51 64.70 51.90 -6.62
C LYS H 51 63.81 52.70 -7.55
N VAL H 52 62.98 52.01 -8.35
CA VAL H 52 62.06 52.71 -9.25
C VAL H 52 61.07 53.55 -8.45
N GLU H 53 60.50 52.97 -7.39
CA GLU H 53 59.57 53.71 -6.55
C GLU H 53 60.25 54.91 -5.91
N GLY H 54 61.50 54.74 -5.46
CA GLY H 54 62.22 55.85 -4.86
C GLY H 54 62.43 56.99 -5.82
N ASP H 55 62.89 56.68 -7.05
CA ASP H 55 63.16 57.76 -8.00
C ASP H 55 61.87 58.41 -8.48
N MET H 56 60.80 57.62 -8.64
CA MET H 56 59.52 58.18 -9.06
C MET H 56 58.93 59.06 -7.97
N TYR H 57 59.13 58.69 -6.69
CA TYR H 57 58.64 59.52 -5.61
C TYR H 57 59.47 60.78 -5.45
N GLU H 58 60.77 60.70 -5.75
CA GLU H 58 61.60 61.91 -5.76
C GLU H 58 61.24 62.82 -6.92
N SER H 59 60.78 62.26 -8.03
CA SER H 59 60.33 63.04 -9.19
C SER H 59 58.81 63.23 -9.19
N ALA H 60 58.18 63.28 -8.02
CA ALA H 60 56.75 63.46 -7.90
C ALA H 60 56.43 64.95 -7.68
N ASN H 61 55.20 65.25 -7.30
CA ASN H 61 54.80 66.63 -7.08
C ASN H 61 53.63 66.73 -6.11
N SER H 62 52.71 65.78 -6.18
CA SER H 62 51.52 65.80 -5.31
C SER H 62 51.27 64.38 -4.79
N ARG H 63 50.04 64.11 -4.39
CA ARG H 63 49.68 62.82 -3.81
C ARG H 63 48.60 62.09 -4.61
N ASP H 64 47.57 62.79 -5.07
CA ASP H 64 46.52 62.13 -5.83
C ASP H 64 47.01 61.71 -7.22
N GLU H 65 47.76 62.59 -7.89
CA GLU H 65 48.32 62.23 -9.18
C GLU H 65 49.32 61.09 -9.05
N TYR H 66 50.02 61.00 -7.92
CA TYR H 66 50.93 59.88 -7.69
C TYR H 66 50.16 58.56 -7.62
N TYR H 67 49.04 58.54 -6.89
CA TYR H 67 48.24 57.34 -6.81
C TYR H 67 47.63 56.99 -8.18
N HIS H 68 47.23 58.01 -8.94
CA HIS H 68 46.68 57.75 -10.27
C HIS H 68 47.75 57.14 -11.19
N LEU H 69 48.97 57.67 -11.13
CA LEU H 69 50.05 57.13 -11.94
C LEU H 69 50.40 55.71 -11.52
N LEU H 70 50.37 55.43 -10.21
CA LEU H 70 50.61 54.07 -9.73
C LEU H 70 49.54 53.12 -10.22
N ALA H 71 48.27 53.54 -10.19
CA ALA H 71 47.20 52.70 -10.69
C ALA H 71 47.34 52.44 -12.19
N GLU H 72 47.71 53.48 -12.94
CA GLU H 72 47.92 53.30 -14.39
C GLU H 72 49.08 52.34 -14.65
N LYS H 73 50.16 52.46 -13.87
CA LYS H 73 51.30 51.56 -14.04
C LYS H 73 50.93 50.13 -13.71
N ILE H 74 50.13 49.92 -12.66
CA ILE H 74 49.69 48.57 -12.31
C ILE H 74 48.81 48.00 -13.41
N TYR H 75 47.90 48.82 -13.95
CA TYR H 75 47.03 48.35 -15.03
C TYR H 75 47.81 48.07 -16.30
N LYS H 76 48.91 48.79 -16.53
CA LYS H 76 49.71 48.55 -17.73
C LYS H 76 50.56 47.29 -17.58
N ILE H 77 51.16 47.08 -16.41
CA ILE H 77 52.05 45.93 -16.24
C ILE H 77 51.28 44.63 -16.13
N GLN H 78 49.99 44.67 -15.80
CA GLN H 78 49.19 43.46 -15.71
C GLN H 78 48.69 42.98 -17.08
N LYS H 79 49.10 43.64 -18.17
CA LYS H 79 48.75 43.23 -19.53
C LYS H 79 50.04 43.20 -20.36
N GLU H 80 50.95 42.32 -19.97
CA GLU H 80 52.27 42.23 -20.60
C GLU H 80 52.31 40.95 -21.43
N LEU H 81 52.76 39.81 -20.89
CA LEU H 81 52.86 38.57 -21.65
C LEU H 81 52.42 37.38 -20.81
N GLU H 82 51.15 37.39 -20.42
CA GLU H 82 50.56 36.31 -19.65
C GLU H 82 49.91 35.24 -20.54
N GLU H 83 50.36 35.11 -21.79
CA GLU H 83 49.84 34.13 -22.74
C GLU H 83 48.34 34.30 -22.99
N LYS H 84 47.82 35.50 -22.72
CA LYS H 84 46.39 35.80 -22.89
C LYS H 84 45.54 34.80 -22.13
N SER H 85 45.08 33.76 -22.82
CA SER H 85 44.26 32.70 -22.22
C SER H 85 44.21 31.55 -23.22
N GLN H 86 43.57 30.45 -22.80
CA GLN H 86 43.41 29.28 -23.64
C GLN H 86 42.01 29.15 -24.24
N VAL H 87 41.02 29.86 -23.68
CA VAL H 87 39.64 29.83 -24.18
C VAL H 87 39.17 31.19 -24.65
N ARG H 88 40.01 32.21 -24.57
CA ARG H 88 39.64 33.57 -24.98
C ARG H 88 39.79 33.67 -26.50
N GLN H 89 38.68 33.98 -27.19
CA GLN H 89 38.67 34.11 -28.64
C GLN H 89 37.81 35.31 -29.01
N ASN H 90 38.43 36.31 -29.63
CA ASN H 90 37.76 37.54 -30.05
C ASN H 90 37.08 38.22 -28.87
N TYR H 91 37.85 38.96 -28.08
CA TYR H 91 37.31 39.67 -26.92
C TYR H 91 38.21 40.86 -26.62
N HIS H 92 37.67 42.06 -26.80
CA HIS H 92 38.41 43.30 -26.60
C HIS H 92 38.41 43.68 -25.13
N GLN H 93 39.37 44.54 -24.76
CA GLN H 93 39.49 44.98 -23.38
C GLN H 93 38.35 45.89 -22.94
N ASP H 94 37.69 46.56 -23.89
CA ASP H 94 36.56 47.41 -23.53
C ASP H 94 35.41 46.58 -22.98
N ALA H 95 35.14 45.42 -23.60
CA ALA H 95 34.10 44.53 -23.08
C ALA H 95 34.48 44.00 -21.70
N GLU H 96 35.76 43.71 -21.47
CA GLU H 96 36.19 43.26 -20.15
C GLU H 96 36.00 44.34 -19.11
N ALA H 97 36.34 45.59 -19.43
CA ALA H 97 36.13 46.69 -18.50
C ALA H 97 34.65 46.90 -18.23
N ALA H 98 33.81 46.75 -19.27
CA ALA H 98 32.37 46.89 -19.07
C ALA H 98 31.82 45.80 -18.18
N ILE H 99 32.31 44.56 -18.35
CA ILE H 99 31.88 43.47 -17.49
C ILE H 99 32.32 43.70 -16.05
N ASN H 100 33.53 44.23 -15.87
CA ASN H 100 34.01 44.54 -14.53
C ASN H 100 33.15 45.61 -13.87
N ARG H 101 32.81 46.67 -14.62
CA ARG H 101 31.95 47.71 -14.08
C ARG H 101 30.56 47.17 -13.76
N GLN H 102 30.04 46.28 -14.60
CA GLN H 102 28.73 45.68 -14.33
C GLN H 102 28.77 44.82 -13.08
N ILE H 103 29.85 44.07 -12.89
CA ILE H 103 29.99 43.25 -11.68
C ILE H 103 30.09 44.14 -10.44
N ASN H 104 30.83 45.24 -10.54
CA ASN H 104 30.91 46.18 -9.43
C ASN H 104 29.54 46.77 -9.09
N LEU H 105 28.77 47.11 -10.13
CA LEU H 105 27.43 47.65 -9.90
C LEU H 105 26.51 46.61 -9.29
N GLU H 106 26.65 45.35 -9.71
CA GLU H 106 25.85 44.27 -9.12
C GLU H 106 26.19 44.09 -7.65
N LEU H 107 27.49 44.14 -7.31
CA LEU H 107 27.89 44.02 -5.91
C LEU H 107 27.38 45.20 -5.09
N TYR H 108 27.42 46.41 -5.66
CA TYR H 108 26.89 47.57 -4.96
C TYR H 108 25.39 47.44 -4.73
N ALA H 109 24.66 46.95 -5.73
CA ALA H 109 23.22 46.75 -5.59
C ALA H 109 22.92 45.69 -4.53
N SER H 110 23.71 44.62 -4.50
CA SER H 110 23.52 43.59 -3.46
C SER H 110 23.79 44.17 -2.08
N TYR H 111 24.82 45.01 -1.94
CA TYR H 111 25.10 45.64 -0.65
C TYR H 111 23.97 46.56 -0.23
N VAL H 112 23.43 47.34 -1.18
CA VAL H 112 22.32 48.24 -0.87
C VAL H 112 21.09 47.46 -0.45
N TYR H 113 20.81 46.35 -1.14
CA TYR H 113 19.65 45.53 -0.79
C TYR H 113 19.84 44.87 0.58
N LEU H 114 21.07 44.46 0.90
CA LEU H 114 21.34 43.91 2.23
C LEU H 114 21.13 44.97 3.30
N SER H 115 21.59 46.20 3.05
CA SER H 115 21.38 47.29 4.00
C SER H 115 19.89 47.58 4.17
N MET H 116 19.12 47.54 3.08
CA MET H 116 17.68 47.75 3.18
C MET H 116 17.02 46.64 3.98
N SER H 117 17.42 45.39 3.74
CA SER H 117 16.84 44.27 4.48
C SER H 117 17.18 44.35 5.97
N CYS H 118 18.39 44.80 6.31
CA CYS H 118 18.77 44.92 7.71
C CYS H 118 18.19 46.16 8.38
N TYR H 119 17.81 47.17 7.61
CA TYR H 119 17.21 48.37 8.20
C TYR H 119 15.75 48.13 8.57
N PHE H 120 14.99 47.51 7.66
CA PHE H 120 13.58 47.24 7.94
C PHE H 120 13.39 46.13 8.98
N ASP H 121 14.43 45.36 9.26
CA ASP H 121 14.38 44.30 10.26
C ASP H 121 14.70 44.81 11.66
N ARG H 122 14.93 46.11 11.82
CA ARG H 122 15.28 46.67 13.12
C ARG H 122 14.05 46.81 14.01
N ASP H 123 14.19 47.56 15.10
CA ASP H 123 13.10 47.77 16.04
C ASP H 123 12.32 49.06 15.78
N ASP H 124 12.94 50.04 15.11
CA ASP H 124 12.27 51.30 14.82
C ASP H 124 11.42 51.25 13.55
N VAL H 125 11.46 50.13 12.82
CA VAL H 125 10.68 49.98 11.60
C VAL H 125 9.65 48.85 11.75
N ALA H 126 10.10 47.67 12.14
CA ALA H 126 9.22 46.51 12.37
C ALA H 126 8.43 46.14 11.12
N LEU H 127 9.16 45.72 10.09
CA LEU H 127 8.57 45.27 8.83
C LEU H 127 9.33 44.04 8.37
N LYS H 128 8.76 42.86 8.64
CA LYS H 128 9.42 41.61 8.32
C LYS H 128 9.26 41.21 6.85
N ASN H 129 8.11 41.50 6.24
CA ASN H 129 7.91 41.13 4.84
C ASN H 129 8.81 41.95 3.92
N PHE H 130 8.95 43.25 4.17
CA PHE H 130 9.86 44.07 3.40
C PHE H 130 11.30 43.60 3.56
N ALA H 131 11.68 43.23 4.79
CA ALA H 131 13.03 42.72 5.02
C ALA H 131 13.27 41.42 4.27
N LYS H 132 12.29 40.53 4.27
CA LYS H 132 12.43 39.27 3.53
C LYS H 132 12.51 39.51 2.03
N TYR H 133 11.71 40.44 1.51
CA TYR H 133 11.76 40.76 0.09
C TYR H 133 13.12 41.36 -0.29
N PHE H 134 13.65 42.25 0.54
CA PHE H 134 14.94 42.85 0.26
C PHE H 134 16.06 41.82 0.36
N LEU H 135 15.94 40.87 1.30
CA LEU H 135 16.93 39.80 1.40
C LEU H 135 16.88 38.90 0.17
N HIS H 136 15.68 38.60 -0.34
CA HIS H 136 15.56 37.81 -1.55
C HIS H 136 16.14 38.55 -2.74
N GLN H 137 15.91 39.87 -2.82
CA GLN H 137 16.50 40.66 -3.90
C GLN H 137 18.02 40.68 -3.80
N SER H 138 18.56 40.77 -2.59
CA SER H 138 20.01 40.73 -2.41
C SER H 138 20.57 39.37 -2.82
N HIS H 139 19.86 38.29 -2.49
CA HIS H 139 20.31 36.97 -2.91
C HIS H 139 20.28 36.84 -4.43
N GLU H 140 19.25 37.40 -5.08
CA GLU H 140 19.20 37.37 -6.54
C GLU H 140 20.34 38.16 -7.16
N GLU H 141 20.65 39.32 -6.58
CA GLU H 141 21.77 40.11 -7.08
C GLU H 141 23.09 39.37 -6.89
N ARG H 142 23.24 38.68 -5.75
CA ARG H 142 24.46 37.92 -5.52
CA ARG H 142 24.46 37.91 -5.52
C ARG H 142 24.58 36.77 -6.52
N GLU H 143 23.48 36.08 -6.81
CA GLU H 143 23.51 35.01 -7.80
C GLU H 143 23.83 35.54 -9.19
N HIS H 144 23.27 36.70 -9.54
CA HIS H 144 23.57 37.30 -10.84
C HIS H 144 25.04 37.71 -10.92
N ALA H 145 25.60 38.24 -9.84
CA ALA H 145 27.01 38.60 -9.84
C ALA H 145 27.89 37.37 -9.97
N GLU H 146 27.54 36.29 -9.26
CA GLU H 146 28.31 35.05 -9.39
C GLU H 146 28.21 34.47 -10.80
N LYS H 147 27.03 34.58 -11.42
CA LYS H 147 26.87 34.10 -12.78
C LYS H 147 27.70 34.93 -13.76
N LEU H 148 27.74 36.25 -13.56
CA LEU H 148 28.58 37.10 -14.40
C LEU H 148 30.05 36.76 -14.22
N MET H 149 30.48 36.52 -12.98
CA MET H 149 31.87 36.14 -12.73
C MET H 149 32.21 34.81 -13.41
N LYS H 150 31.30 33.84 -13.33
CA LYS H 150 31.53 32.55 -13.96
C LYS H 150 31.58 32.69 -15.48
N LEU H 151 30.71 33.52 -16.06
CA LEU H 151 30.73 33.74 -17.49
C LEU H 151 32.02 34.41 -17.93
N GLN H 152 32.51 35.37 -17.14
CA GLN H 152 33.77 36.01 -17.47
C GLN H 152 34.94 35.04 -17.35
N ASN H 153 34.88 34.14 -16.36
CA ASN H 153 35.94 33.13 -16.23
C ASN H 153 35.91 32.13 -17.37
N GLN H 154 34.72 31.81 -17.89
CA GLN H 154 34.62 30.87 -19.00
C GLN H 154 35.09 31.47 -20.31
N ARG H 155 35.11 32.79 -20.43
CA ARG H 155 35.56 33.47 -21.64
C ARG H 155 37.04 33.80 -21.62
N GLY H 156 37.78 33.38 -20.58
CA GLY H 156 39.20 33.65 -20.51
C GLY H 156 39.54 35.10 -20.25
N GLY H 157 38.84 35.74 -19.31
CA GLY H 157 39.10 37.13 -19.00
C GLY H 157 39.44 37.36 -17.53
N ARG H 158 40.21 38.41 -17.27
CA ARG H 158 40.60 38.74 -15.90
C ARG H 158 39.49 39.50 -15.21
N ILE H 159 39.40 39.32 -13.89
CA ILE H 159 38.40 39.99 -13.06
C ILE H 159 39.15 40.87 -12.07
N PHE H 160 38.95 42.18 -12.17
CA PHE H 160 39.61 43.17 -11.31
C PHE H 160 38.60 43.61 -10.26
N LEU H 161 38.62 42.95 -9.11
CA LEU H 161 37.70 43.30 -8.02
C LEU H 161 38.20 44.55 -7.31
N GLN H 162 37.41 45.62 -7.37
CA GLN H 162 37.76 46.88 -6.73
C GLN H 162 37.12 46.92 -5.34
N ASP H 163 36.97 48.11 -4.78
CA ASP H 163 36.38 48.29 -3.45
C ASP H 163 34.90 48.57 -3.58
N ILE H 164 34.10 47.82 -2.82
CA ILE H 164 32.65 47.99 -2.85
C ILE H 164 32.29 49.26 -2.08
N LYS H 165 31.59 50.17 -2.75
CA LYS H 165 31.20 51.43 -2.13
C LYS H 165 30.06 51.23 -1.14
N LYS H 166 30.00 52.09 -0.14
CA LYS H 166 28.96 52.04 0.88
C LYS H 166 27.72 52.79 0.42
N PRO H 167 26.54 52.39 0.89
CA PRO H 167 25.31 53.11 0.52
C PRO H 167 25.34 54.54 1.05
N ASP H 168 24.91 55.48 0.20
CA ASP H 168 24.90 56.89 0.57
C ASP H 168 23.81 57.21 1.58
N ARG H 169 22.76 56.39 1.67
CA ARG H 169 21.67 56.62 2.60
C ARG H 169 21.58 55.43 3.55
N ASP H 170 21.59 55.72 4.85
CA ASP H 170 21.52 54.69 5.88
C ASP H 170 20.18 54.70 6.63
N ASP H 171 19.56 55.86 6.78
CA ASP H 171 18.27 55.99 7.47
C ASP H 171 17.18 56.13 6.40
N TRP H 172 16.51 55.03 6.10
CA TRP H 172 15.44 55.04 5.09
C TRP H 172 14.13 55.56 5.63
N CYS H 173 14.01 55.76 6.95
CA CYS H 173 12.81 56.31 7.58
C CYS H 173 11.58 55.47 7.26
N SER H 174 10.83 55.86 6.23
CA SER H 174 9.63 55.14 5.84
C SER H 174 9.95 54.06 4.82
N GLY H 175 9.04 53.83 3.87
CA GLY H 175 9.25 52.82 2.86
C GLY H 175 9.22 53.38 1.44
N LEU H 176 8.60 54.55 1.27
CA LEU H 176 8.53 55.15 -0.06
C LEU H 176 9.90 55.59 -0.57
N ASN H 177 10.72 56.16 0.31
CA ASN H 177 12.07 56.57 -0.10
C ASN H 177 12.91 55.35 -0.47
N ALA H 178 12.77 54.25 0.26
CA ALA H 178 13.49 53.04 -0.08
C ALA H 178 13.05 52.49 -1.44
N MET H 179 11.74 52.54 -1.73
CA MET H 179 11.25 52.10 -3.03
C MET H 179 11.77 52.99 -4.15
N GLU H 180 11.82 54.31 -3.93
CA GLU H 180 12.35 55.20 -4.94
C GLU H 180 13.84 54.95 -5.18
N SER H 181 14.60 54.71 -4.10
CA SER H 181 16.01 54.41 -4.25
C SER H 181 16.22 53.10 -5.01
N ALA H 182 15.40 52.09 -4.70
CA ALA H 182 15.51 50.82 -5.40
C ALA H 182 15.16 50.97 -6.88
N LEU H 183 14.14 51.80 -7.18
CA LEU H 183 13.77 52.03 -8.57
C LEU H 183 14.89 52.75 -9.33
N HIS H 184 15.51 53.76 -8.69
CA HIS H 184 16.62 54.45 -9.32
C HIS H 184 17.81 53.52 -9.54
N LEU H 185 18.07 52.64 -8.57
CA LEU H 185 19.16 51.68 -8.72
C LEU H 185 18.89 50.70 -9.85
N GLU H 186 17.64 50.24 -9.97
CA GLU H 186 17.29 49.34 -11.07
C GLU H 186 17.39 50.04 -12.42
N LYS H 187 17.00 51.32 -12.47
CA LYS H 187 17.15 52.08 -13.71
C LYS H 187 18.62 52.25 -14.08
N SER H 188 19.47 52.49 -13.09
CA SER H 188 20.90 52.61 -13.36
C SER H 188 21.47 51.27 -13.84
N VAL H 189 21.02 50.17 -13.24
CA VAL H 189 21.48 48.85 -13.69
C VAL H 189 21.02 48.57 -15.12
N ASN H 190 19.79 48.97 -15.45
CA ASN H 190 19.30 48.77 -16.81
C ASN H 190 20.08 49.62 -17.80
N GLN H 191 20.42 50.85 -17.42
CA GLN H 191 21.23 51.70 -18.29
C GLN H 191 22.62 51.11 -18.50
N SER H 192 23.22 50.56 -17.43
CA SER H 192 24.51 49.92 -17.56
C SER H 192 24.44 48.70 -18.46
N LEU H 193 23.36 47.91 -18.35
CA LEU H 193 23.19 46.76 -19.21
C LEU H 193 23.01 47.16 -20.66
N LEU H 194 22.28 48.26 -20.91
CA LEU H 194 22.13 48.75 -22.28
C LEU H 194 23.46 49.22 -22.84
N GLU H 195 24.27 49.91 -22.02
CA GLU H 195 25.58 50.34 -22.48
C GLU H 195 26.49 49.14 -22.77
N LEU H 196 26.42 48.11 -21.93
CA LEU H 196 27.19 46.90 -22.18
C LEU H 196 26.76 46.21 -23.46
N HIS H 197 25.45 46.16 -23.71
CA HIS H 197 24.94 45.56 -24.94
C HIS H 197 25.41 46.34 -26.16
N LYS H 198 25.36 47.68 -26.08
CA LYS H 198 25.81 48.50 -27.20
C LYS H 198 27.31 48.32 -27.45
N LEU H 199 28.10 48.24 -26.37
CA LEU H 199 29.54 48.05 -26.53
C LEU H 199 29.86 46.68 -27.11
N ALA H 200 29.12 45.64 -26.70
CA ALA H 200 29.33 44.31 -27.25
C ALA H 200 28.90 44.24 -28.70
N THR H 201 27.86 44.98 -29.08
CA THR H 201 27.43 45.01 -30.48
C THR H 201 28.44 45.76 -31.35
N ASP H 202 28.98 46.86 -30.84
CA ASP H 202 29.95 47.63 -31.61
C ASP H 202 31.32 46.95 -31.68
N LYS H 203 31.60 46.01 -30.78
CA LYS H 203 32.87 45.30 -30.76
C LYS H 203 32.73 43.84 -31.19
N ASN H 204 31.60 43.48 -31.79
CA ASN H 204 31.35 42.13 -32.29
C ASN H 204 31.48 41.08 -31.18
N ASP H 205 30.44 40.94 -30.37
CA ASP H 205 30.40 39.95 -29.30
C ASP H 205 28.99 39.39 -29.22
N PRO H 206 28.68 38.40 -30.06
CA PRO H 206 27.31 37.88 -30.10
C PRO H 206 26.95 37.01 -28.89
N HIS H 207 27.91 36.24 -28.40
CA HIS H 207 27.62 35.33 -27.29
C HIS H 207 27.29 36.09 -26.02
N LEU H 208 28.13 37.06 -25.65
CA LEU H 208 27.88 37.86 -24.45
C LEU H 208 26.60 38.68 -24.60
N CYS H 209 26.37 39.23 -25.79
CA CYS H 209 25.14 39.99 -26.03
C CYS H 209 23.92 39.13 -25.82
N ASP H 210 23.90 37.93 -26.41
CA ASP H 210 22.76 37.03 -26.25
C ASP H 210 22.58 36.60 -24.80
N PHE H 211 23.68 36.30 -24.12
CA PHE H 211 23.59 35.88 -22.72
C PHE H 211 23.01 36.98 -21.84
N ILE H 212 23.46 38.22 -22.06
CA ILE H 212 22.96 39.34 -21.27
C ILE H 212 21.49 39.62 -21.59
N GLU H 213 21.12 39.57 -22.87
CA GLU H 213 19.74 39.88 -23.22
C GLU H 213 18.78 38.74 -22.89
N THR H 214 19.29 37.54 -22.63
CA THR H 214 18.44 36.40 -22.31
C THR H 214 18.37 36.14 -20.80
N TYR H 215 19.51 35.84 -20.18
CA TYR H 215 19.54 35.38 -18.79
C TYR H 215 19.74 36.53 -17.80
N TYR H 216 19.36 37.75 -18.16
CA TYR H 216 19.52 38.88 -17.24
C TYR H 216 18.38 39.88 -17.39
N LEU H 217 18.10 40.31 -18.62
CA LEU H 217 17.05 41.29 -18.85
C LEU H 217 15.68 40.75 -18.50
N SER H 218 15.46 39.44 -18.68
CA SER H 218 14.16 38.85 -18.39
C SER H 218 13.79 39.00 -16.92
N GLU H 219 14.79 39.05 -16.03
CA GLU H 219 14.53 39.25 -14.61
C GLU H 219 14.57 40.73 -14.23
N GLN H 220 15.45 41.51 -14.86
CA GLN H 220 15.55 42.93 -14.55
C GLN H 220 14.28 43.67 -14.93
N VAL H 221 13.69 43.36 -16.09
CA VAL H 221 12.46 44.01 -16.51
C VAL H 221 11.33 43.68 -15.54
N LYS H 222 11.24 42.42 -15.11
CA LYS H 222 10.20 42.03 -14.16
C LYS H 222 10.41 42.73 -12.81
N SER H 223 11.65 42.85 -12.36
CA SER H 223 11.92 43.54 -11.10
C SER H 223 11.55 45.02 -11.20
N ILE H 224 11.89 45.66 -12.32
CA ILE H 224 11.54 47.07 -12.50
C ILE H 224 10.02 47.23 -12.52
N LYS H 225 9.32 46.32 -13.20
CA LYS H 225 7.87 46.40 -13.25
C LYS H 225 7.25 46.22 -11.87
N GLU H 226 7.79 45.27 -11.09
CA GLU H 226 7.27 45.05 -9.74
C GLU H 226 7.52 46.26 -8.85
N LEU H 227 8.71 46.86 -8.94
CA LEU H 227 8.99 48.05 -8.15
C LEU H 227 8.11 49.22 -8.56
N GLY H 228 7.85 49.37 -9.87
CA GLY H 228 6.95 50.41 -10.31
C GLY H 228 5.53 50.20 -9.82
N ASP H 229 5.07 48.95 -9.83
CA ASP H 229 3.74 48.64 -9.30
C ASP H 229 3.67 48.93 -7.81
N HIS H 230 4.73 48.60 -7.06
CA HIS H 230 4.75 48.89 -5.64
C HIS H 230 4.73 50.39 -5.37
N VAL H 231 5.49 51.16 -6.15
CA VAL H 231 5.50 52.61 -5.99
C VAL H 231 4.13 53.19 -6.32
N THR H 232 3.49 52.69 -7.38
CA THR H 232 2.16 53.17 -7.75
C THR H 232 1.14 52.85 -6.67
N ASN H 233 1.24 51.66 -6.05
CA ASN H 233 0.33 51.30 -4.97
C ASN H 233 0.57 52.17 -3.74
N LEU H 234 1.84 52.48 -3.45
CA LEU H 234 2.14 53.31 -2.29
C LEU H 234 1.71 54.76 -2.50
N ARG H 235 1.77 55.25 -3.73
CA ARG H 235 1.40 56.63 -4.04
C ARG H 235 -0.09 56.79 -4.33
N LYS H 236 -0.93 55.87 -3.86
CA LYS H 236 -2.36 55.97 -4.06
C LYS H 236 -3.12 55.64 -2.78
N MET H 237 -2.58 54.73 -1.97
CA MET H 237 -3.25 54.33 -0.74
C MET H 237 -3.20 55.44 0.31
N GLY H 238 -2.12 56.23 0.32
CA GLY H 238 -2.01 57.32 1.28
C GLY H 238 -0.62 57.48 1.86
N ALA H 239 0.30 56.61 1.45
CA ALA H 239 1.67 56.69 1.94
C ALA H 239 2.35 57.96 1.43
N PRO H 240 3.24 58.56 2.23
CA PRO H 240 3.63 58.11 3.58
C PRO H 240 2.74 58.64 4.69
N CYS H 241 1.71 59.42 4.32
CA CYS H 241 0.80 60.02 5.30
C CYS H 241 -0.35 59.10 5.67
N ALA H 242 -0.09 57.79 5.77
CA ALA H 242 -1.14 56.83 6.15
C ALA H 242 -0.44 55.61 6.74
N GLY H 243 -0.44 55.53 8.07
CA GLY H 243 0.21 54.41 8.74
C GLY H 243 -0.45 53.07 8.50
N MET H 244 -1.75 53.05 8.25
CA MET H 244 -2.45 51.79 7.99
C MET H 244 -2.17 51.26 6.59
N ALA H 245 -1.88 52.14 5.64
CA ALA H 245 -1.60 51.70 4.27
C ALA H 245 -0.32 50.87 4.22
N GLU H 246 0.70 51.27 4.98
CA GLU H 246 1.93 50.48 5.01
C GLU H 246 1.69 49.10 5.59
N TYR H 247 0.91 49.01 6.67
CA TYR H 247 0.61 47.71 7.26
C TYR H 247 -0.22 46.85 6.31
N LEU H 248 -1.15 47.47 5.57
CA LEU H 248 -1.93 46.71 4.60
C LEU H 248 -1.07 46.19 3.48
N PHE H 249 -0.17 47.01 2.95
CA PHE H 249 0.73 46.55 1.90
C PHE H 249 1.74 45.52 2.41
N ASP H 250 2.04 45.54 3.72
CA ASP H 250 2.96 44.57 4.29
C ASP H 250 2.28 43.22 4.49
N LYS H 251 1.07 43.22 5.04
CA LYS H 251 0.36 41.99 5.38
C LYS H 251 -0.51 41.46 4.25
N HIS H 252 -0.19 41.80 3.00
CA HIS H 252 -0.97 41.31 1.86
C HIS H 252 -0.08 41.08 0.64
N THR H 253 0.62 42.13 0.20
CA THR H 253 1.46 42.02 -1.00
C THR H 253 2.67 41.12 -0.73
N LEU H 254 3.55 41.54 0.17
CA LEU H 254 4.75 40.77 0.49
C LEU H 254 4.53 39.79 1.64
N GLY H 255 3.30 39.65 2.12
CA GLY H 255 3.01 38.72 3.21
C GLY H 255 2.47 37.38 2.74
N THR I 13 12.76 -54.01 -57.89
CA THR I 13 11.43 -53.80 -57.33
C THR I 13 11.25 -54.59 -56.03
N GLN I 14 12.35 -54.88 -55.35
CA GLN I 14 12.32 -55.62 -54.10
C GLN I 14 12.18 -54.73 -52.87
N ASP I 15 12.62 -53.47 -52.95
CA ASP I 15 12.44 -52.56 -51.83
C ASP I 15 10.95 -52.26 -51.62
N LEU I 16 10.23 -51.95 -52.70
CA LEU I 16 8.79 -51.80 -52.64
C LEU I 16 8.12 -53.07 -52.15
N ARG I 17 8.63 -54.23 -52.57
CA ARG I 17 8.07 -55.51 -52.12
C ARG I 17 8.23 -55.67 -50.62
N SER I 18 9.41 -55.36 -50.09
CA SER I 18 9.62 -55.43 -48.65
C SER I 18 8.74 -54.44 -47.91
N HIS I 19 8.59 -53.22 -48.46
CA HIS I 19 7.76 -52.22 -47.80
C HIS I 19 6.30 -52.62 -47.78
N LEU I 20 5.82 -53.28 -48.83
CA LEU I 20 4.42 -53.71 -48.87
C LEU I 20 4.18 -54.99 -48.07
N VAL I 21 5.21 -55.82 -47.88
CA VAL I 21 5.03 -57.02 -47.07
C VAL I 21 5.22 -56.74 -45.58
N HIS I 22 5.98 -55.71 -45.21
CA HIS I 22 6.18 -55.36 -43.81
C HIS I 22 4.97 -54.68 -43.19
N LYS I 23 3.87 -54.51 -43.94
CA LYS I 23 2.65 -53.93 -43.40
C LYS I 23 1.73 -54.98 -42.79
N LEU I 24 1.45 -56.05 -43.54
CA LEU I 24 0.57 -57.09 -43.04
C LEU I 24 1.22 -57.89 -41.92
N VAL I 25 2.52 -58.16 -42.04
CA VAL I 25 3.20 -58.93 -40.99
C VAL I 25 3.30 -58.13 -39.70
N GLN I 26 3.16 -56.81 -39.76
CA GLN I 26 3.09 -55.99 -38.55
C GLN I 26 1.67 -55.76 -38.08
N ALA I 27 0.69 -55.79 -39.00
CA ALA I 27 -0.70 -55.61 -38.60
C ALA I 27 -1.28 -56.87 -37.97
N ILE I 28 -0.78 -58.04 -38.36
CA ILE I 28 -1.28 -59.28 -37.77
C ILE I 28 -0.88 -59.38 -36.30
N PHE I 29 0.43 -59.32 -36.03
CA PHE I 29 0.98 -59.41 -34.68
C PHE I 29 1.74 -58.12 -34.39
N PRO I 30 1.07 -57.09 -33.87
CA PRO I 30 1.72 -55.79 -33.69
C PRO I 30 2.52 -55.64 -32.41
N CYS I 31 2.32 -56.51 -31.41
CA CYS I 31 2.98 -56.40 -30.11
C CYS I 31 3.85 -57.62 -29.87
N PRO I 32 5.10 -57.60 -30.32
CA PRO I 32 6.01 -58.72 -30.02
C PRO I 32 6.51 -58.66 -28.58
N ASP I 33 5.65 -59.03 -27.65
CA ASP I 33 5.99 -58.95 -26.23
C ASP I 33 6.95 -60.07 -25.86
N PRO I 34 8.17 -59.75 -25.41
CA PRO I 34 9.13 -60.79 -25.02
C PRO I 34 8.96 -61.27 -23.59
N CYS I 35 7.99 -60.74 -22.84
CA CYS I 35 7.79 -61.10 -21.45
C CYS I 35 6.90 -62.32 -21.27
N ALA I 36 6.82 -63.19 -22.28
CA ALA I 36 5.99 -64.39 -22.20
C ALA I 36 6.59 -65.52 -23.02
N LEU I 37 6.15 -65.67 -24.27
CA LEU I 37 6.62 -66.73 -25.13
C LEU I 37 7.95 -66.32 -25.78
N LYS I 38 8.44 -67.18 -26.68
CA LYS I 38 9.69 -66.91 -27.38
C LYS I 38 9.45 -66.09 -28.63
N ASP I 39 10.19 -66.39 -29.71
CA ASP I 39 10.05 -65.65 -30.96
C ASP I 39 9.98 -66.59 -32.16
N ARG I 40 9.56 -67.84 -31.97
CA ARG I 40 9.40 -68.76 -33.08
C ARG I 40 8.01 -68.69 -33.70
N ARG I 41 6.99 -68.39 -32.89
CA ARG I 41 5.65 -68.22 -33.43
C ARG I 41 5.58 -66.99 -34.33
N MET I 42 6.31 -65.94 -33.99
CA MET I 42 6.38 -64.76 -34.85
C MET I 42 7.01 -65.11 -36.20
N GLU I 43 8.08 -65.91 -36.18
CA GLU I 43 8.71 -66.32 -37.43
C GLU I 43 7.79 -67.20 -38.25
N ASN I 44 7.04 -68.10 -37.59
CA ASN I 44 6.08 -68.92 -38.31
C ASN I 44 4.99 -68.08 -38.95
N LEU I 45 4.49 -67.08 -38.22
CA LEU I 45 3.48 -66.18 -38.78
C LEU I 45 4.03 -65.38 -39.95
N VAL I 46 5.29 -64.93 -39.85
CA VAL I 46 5.91 -64.19 -40.94
C VAL I 46 6.04 -65.08 -42.17
N ALA I 47 6.45 -66.33 -41.98
CA ALA I 47 6.59 -67.24 -43.11
C ALA I 47 5.23 -67.52 -43.75
N TYR I 48 4.19 -67.71 -42.92
CA TYR I 48 2.85 -67.94 -43.46
C TYR I 48 2.35 -66.73 -44.23
N ALA I 49 2.59 -65.52 -43.71
CA ALA I 49 2.18 -64.32 -44.42
C ALA I 49 2.95 -64.15 -45.72
N LYS I 50 4.24 -64.51 -45.72
CA LYS I 50 5.03 -64.46 -46.94
C LYS I 50 4.49 -65.42 -47.99
N LYS I 51 4.13 -66.64 -47.58
CA LYS I 51 3.57 -67.60 -48.52
C LYS I 51 2.23 -67.14 -49.06
N VAL I 52 1.39 -66.56 -48.18
CA VAL I 52 0.09 -66.05 -48.63
C VAL I 52 0.28 -64.91 -49.63
N GLU I 53 1.19 -63.99 -49.35
CA GLU I 53 1.46 -62.90 -50.28
C GLU I 53 2.00 -63.43 -51.60
N GLY I 54 2.86 -64.45 -51.55
CA GLY I 54 3.38 -65.02 -52.79
C GLY I 54 2.30 -65.65 -53.64
N ASP I 55 1.42 -66.44 -53.03
CA ASP I 55 0.39 -67.10 -53.82
C ASP I 55 -0.65 -66.09 -54.33
N MET I 56 -0.97 -65.06 -53.54
CA MET I 56 -1.93 -64.08 -53.98
C MET I 56 -1.34 -63.13 -55.02
N TYR I 57 -0.02 -62.96 -55.05
CA TYR I 57 0.61 -62.22 -56.14
C TYR I 57 0.73 -63.06 -57.40
N GLU I 58 0.93 -64.37 -57.24
CA GLU I 58 0.89 -65.26 -58.40
C GLU I 58 -0.51 -65.32 -59.00
N SER I 59 -1.53 -65.25 -58.17
CA SER I 59 -2.92 -65.27 -58.62
C SER I 59 -3.49 -63.86 -58.81
N ALA I 60 -2.65 -62.90 -59.15
CA ALA I 60 -3.07 -61.52 -59.35
C ALA I 60 -3.33 -61.29 -60.84
N ASN I 61 -3.47 -60.01 -61.24
CA ASN I 61 -3.74 -59.68 -62.63
C ASN I 61 -3.27 -58.28 -62.97
N SER I 62 -3.42 -57.34 -62.03
CA SER I 62 -3.04 -55.95 -62.27
C SER I 62 -2.30 -55.43 -61.05
N ARG I 63 -2.29 -54.11 -60.88
CA ARG I 63 -1.58 -53.47 -59.78
C ARG I 63 -2.47 -52.67 -58.86
N ASP I 64 -3.41 -51.89 -59.43
CA ASP I 64 -4.31 -51.10 -58.59
C ASP I 64 -5.30 -51.98 -57.83
N GLU I 65 -5.87 -52.98 -58.51
CA GLU I 65 -6.76 -53.91 -57.83
C GLU I 65 -6.04 -54.70 -56.76
N TYR I 66 -4.75 -54.97 -56.96
CA TYR I 66 -3.96 -55.65 -55.94
C TYR I 66 -3.84 -54.81 -54.69
N TYR I 67 -3.54 -53.51 -54.86
CA TYR I 67 -3.46 -52.62 -53.71
C TYR I 67 -4.82 -52.47 -53.03
N HIS I 68 -5.90 -52.42 -53.81
CA HIS I 68 -7.23 -52.33 -53.22
C HIS I 68 -7.55 -53.57 -52.40
N LEU I 69 -7.22 -54.75 -52.93
CA LEU I 69 -7.46 -55.99 -52.19
C LEU I 69 -6.61 -56.05 -50.93
N LEU I 70 -5.37 -55.57 -51.00
CA LEU I 70 -4.53 -55.53 -49.81
C LEU I 70 -5.10 -54.60 -48.76
N ALA I 71 -5.60 -53.44 -49.17
CA ALA I 71 -6.22 -52.51 -48.23
C ALA I 71 -7.46 -53.11 -47.60
N GLU I 72 -8.29 -53.79 -48.41
CA GLU I 72 -9.48 -54.44 -47.86
C GLU I 72 -9.10 -55.54 -46.88
N LYS I 73 -8.05 -56.32 -47.18
CA LYS I 73 -7.62 -57.37 -46.28
C LYS I 73 -7.10 -56.78 -44.97
N ILE I 74 -6.35 -55.68 -45.05
CA ILE I 74 -5.85 -55.03 -43.83
C ILE I 74 -7.01 -54.51 -43.00
N TYR I 75 -8.01 -53.90 -43.64
CA TYR I 75 -9.16 -53.39 -42.92
C TYR I 75 -9.99 -54.52 -42.31
N LYS I 76 -10.01 -55.69 -42.96
CA LYS I 76 -10.76 -56.82 -42.43
C LYS I 76 -10.05 -57.46 -41.24
N ILE I 77 -8.73 -57.63 -41.34
CA ILE I 77 -7.99 -58.31 -40.27
C ILE I 77 -7.84 -57.43 -39.04
N GLN I 78 -7.98 -56.11 -39.17
CA GLN I 78 -7.88 -55.23 -38.02
C GLN I 78 -9.17 -55.15 -37.21
N LYS I 79 -10.19 -55.96 -37.55
CA LYS I 79 -11.44 -56.03 -36.81
C LYS I 79 -11.76 -57.52 -36.58
N GLU I 80 -10.90 -58.17 -35.83
CA GLU I 80 -10.99 -59.61 -35.57
C GLU I 80 -11.42 -59.81 -34.12
N LEU I 81 -10.52 -59.96 -33.16
CA LEU I 81 -10.88 -60.20 -31.76
C LEU I 81 -9.96 -59.41 -30.82
N GLU I 82 -10.05 -58.08 -30.93
CA GLU I 82 -9.28 -57.18 -30.09
C GLU I 82 -10.05 -56.77 -28.84
N GLU I 83 -10.99 -57.59 -28.38
CA GLU I 83 -11.81 -57.33 -27.21
C GLU I 83 -12.56 -56.01 -27.30
N LYS I 84 -12.79 -55.53 -28.52
CA LYS I 84 -13.50 -54.27 -28.77
C LYS I 84 -12.86 -53.13 -27.99
N SER I 85 -13.39 -52.84 -26.81
CA SER I 85 -12.86 -51.78 -25.94
C SER I 85 -13.50 -51.96 -24.57
N GLN I 86 -13.07 -51.13 -23.62
CA GLN I 86 -13.62 -51.15 -22.27
C GLN I 86 -14.59 -50.00 -22.00
N VAL I 87 -14.59 -48.95 -22.82
CA VAL I 87 -15.50 -47.83 -22.66
C VAL I 87 -16.41 -47.65 -23.85
N ARG I 88 -16.31 -48.50 -24.87
CA ARG I 88 -17.14 -48.40 -26.06
C ARG I 88 -18.49 -49.05 -25.77
N GLN I 89 -19.57 -48.25 -25.91
CA GLN I 89 -20.92 -48.72 -25.66
C GLN I 89 -21.83 -48.14 -26.72
N ASN I 90 -22.43 -49.01 -27.53
CA ASN I 90 -23.34 -48.62 -28.60
C ASN I 90 -22.66 -47.65 -29.57
N TYR I 91 -21.86 -48.19 -30.49
CA TYR I 91 -21.16 -47.36 -31.47
C TYR I 91 -20.87 -48.22 -32.70
N HIS I 92 -21.50 -47.86 -33.81
CA HIS I 92 -21.38 -48.60 -35.06
C HIS I 92 -20.13 -48.16 -35.80
N GLN I 93 -19.68 -49.01 -36.73
CA GLN I 93 -18.48 -48.72 -37.51
C GLN I 93 -18.69 -47.58 -38.50
N ASP I 94 -19.94 -47.33 -38.91
CA ASP I 94 -20.20 -46.21 -39.81
C ASP I 94 -19.88 -44.88 -39.14
N ALA I 95 -20.26 -44.72 -37.87
CA ALA I 95 -19.92 -43.52 -37.14
C ALA I 95 -18.41 -43.37 -36.98
N GLU I 96 -17.70 -44.47 -36.78
CA GLU I 96 -16.24 -44.42 -36.67
C GLU I 96 -15.61 -43.98 -37.99
N ALA I 97 -16.10 -44.52 -39.11
CA ALA I 97 -15.59 -44.11 -40.41
C ALA I 97 -15.90 -42.64 -40.68
N ALA I 98 -17.08 -42.18 -40.27
CA ALA I 98 -17.43 -40.77 -40.45
C ALA I 98 -16.53 -39.87 -39.62
N ILE I 99 -16.23 -40.28 -38.39
CA ILE I 99 -15.32 -39.50 -37.55
C ILE I 99 -13.93 -39.47 -38.15
N ASN I 100 -13.48 -40.60 -38.71
CA ASN I 100 -12.17 -40.63 -39.35
C ASN I 100 -12.11 -39.71 -40.56
N ARG I 101 -13.17 -39.72 -41.38
CA ARG I 101 -13.22 -38.82 -42.53
C ARG I 101 -13.26 -37.36 -42.09
N GLN I 102 -14.00 -37.07 -41.01
CA GLN I 102 -14.04 -35.71 -40.50
C GLN I 102 -12.68 -35.26 -39.98
N ILE I 103 -11.96 -36.15 -39.31
CA ILE I 103 -10.61 -35.82 -38.83
C ILE I 103 -9.67 -35.59 -40.01
N ASN I 104 -9.79 -36.41 -41.05
CA ASN I 104 -8.96 -36.21 -42.24
C ASN I 104 -9.27 -34.86 -42.89
N LEU I 105 -10.55 -34.50 -42.97
CA LEU I 105 -10.92 -33.20 -43.54
C LEU I 105 -10.42 -32.05 -42.69
N GLU I 106 -10.46 -32.20 -41.36
CA GLU I 106 -9.92 -31.18 -40.48
C GLU I 106 -8.42 -31.00 -40.67
N LEU I 107 -7.70 -32.11 -40.81
CA LEU I 107 -6.26 -32.03 -41.06
C LEU I 107 -5.97 -31.38 -42.41
N TYR I 108 -6.76 -31.71 -43.43
CA TYR I 108 -6.58 -31.09 -44.73
C TYR I 108 -6.85 -29.59 -44.66
N ALA I 109 -7.88 -29.19 -43.93
CA ALA I 109 -8.19 -27.77 -43.77
C ALA I 109 -7.07 -27.04 -43.02
N SER I 110 -6.52 -27.68 -41.99
CA SER I 110 -5.40 -27.09 -41.27
C SER I 110 -4.18 -26.93 -42.18
N TYR I 111 -3.91 -27.93 -43.02
CA TYR I 111 -2.80 -27.83 -43.96
C TYR I 111 -3.02 -26.70 -44.96
N VAL I 112 -4.25 -26.57 -45.47
CA VAL I 112 -4.56 -25.51 -46.43
C VAL I 112 -4.41 -24.14 -45.77
N TYR I 113 -4.85 -24.01 -44.52
CA TYR I 113 -4.72 -22.74 -43.82
C TYR I 113 -3.26 -22.41 -43.53
N LEU I 114 -2.46 -23.43 -43.21
CA LEU I 114 -1.03 -23.20 -43.03
C LEU I 114 -0.37 -22.75 -44.34
N SER I 115 -0.75 -23.37 -45.46
CA SER I 115 -0.22 -22.96 -46.75
C SER I 115 -0.63 -21.52 -47.08
N MET I 116 -1.87 -21.15 -46.75
CA MET I 116 -2.32 -19.78 -46.98
C MET I 116 -1.55 -18.79 -46.11
N SER I 117 -1.33 -19.15 -44.85
CA SER I 117 -0.57 -18.27 -43.95
C SER I 117 0.87 -18.11 -44.41
N CYS I 118 1.48 -19.17 -44.94
CA CYS I 118 2.85 -19.09 -45.41
C CYS I 118 2.97 -18.43 -46.78
N TYR I 119 1.89 -18.41 -47.57
CA TYR I 119 1.95 -17.76 -48.87
C TYR I 119 1.85 -16.24 -48.74
N PHE I 120 0.92 -15.76 -47.90
CA PHE I 120 0.77 -14.32 -47.71
C PHE I 120 1.90 -13.71 -46.91
N ASP I 121 2.70 -14.54 -46.22
CA ASP I 121 3.85 -14.07 -45.46
C ASP I 121 5.11 -13.96 -46.31
N ARG I 122 5.02 -14.24 -47.61
CA ARG I 122 6.18 -14.19 -48.49
C ARG I 122 6.55 -12.76 -48.85
N ASP I 123 7.41 -12.60 -49.85
CA ASP I 123 7.84 -11.28 -50.30
C ASP I 123 7.03 -10.75 -51.48
N ASP I 124 6.40 -11.63 -52.25
CA ASP I 124 5.60 -11.20 -53.39
C ASP I 124 4.17 -10.82 -53.02
N VAL I 125 3.78 -10.99 -51.76
CA VAL I 125 2.45 -10.63 -51.28
C VAL I 125 2.51 -9.53 -50.25
N ALA I 126 3.31 -9.71 -49.19
CA ALA I 126 3.51 -8.72 -48.13
C ALA I 126 2.18 -8.34 -47.47
N LEU I 127 1.60 -9.33 -46.79
CA LEU I 127 0.36 -9.14 -46.03
C LEU I 127 0.50 -9.90 -44.72
N LYS I 128 0.84 -9.18 -43.65
CA LYS I 128 1.07 -9.80 -42.36
C LYS I 128 -0.23 -10.10 -41.60
N ASN I 129 -1.24 -9.24 -41.72
CA ASN I 129 -2.49 -9.48 -41.01
C ASN I 129 -3.22 -10.69 -41.55
N PHE I 130 -3.26 -10.84 -42.88
CA PHE I 130 -3.86 -12.03 -43.47
C PHE I 130 -3.11 -13.29 -43.07
N ALA I 131 -1.78 -13.21 -43.02
CA ALA I 131 -1.00 -14.37 -42.59
C ALA I 131 -1.28 -14.73 -41.14
N LYS I 132 -1.40 -13.73 -40.27
CA LYS I 132 -1.71 -14.00 -38.87
C LYS I 132 -3.11 -14.58 -38.72
N TYR I 133 -4.08 -14.07 -39.48
CA TYR I 133 -5.43 -14.62 -39.43
C TYR I 133 -5.47 -16.06 -39.91
N PHE I 134 -4.75 -16.36 -40.99
CA PHE I 134 -4.71 -17.73 -41.49
C PHE I 134 -3.99 -18.66 -40.53
N LEU I 135 -2.95 -18.16 -39.85
CA LEU I 135 -2.28 -18.97 -38.84
C LEU I 135 -3.19 -19.25 -37.65
N HIS I 136 -3.98 -18.25 -37.23
CA HIS I 136 -4.94 -18.47 -36.16
C HIS I 136 -6.00 -19.47 -36.58
N GLN I 137 -6.47 -19.39 -37.82
CA GLN I 137 -7.44 -20.36 -38.31
C GLN I 137 -6.85 -21.77 -38.35
N SER I 138 -5.58 -21.88 -38.76
CA SER I 138 -4.92 -23.18 -38.77
C SER I 138 -4.78 -23.74 -37.35
N HIS I 139 -4.45 -22.87 -36.39
CA HIS I 139 -4.38 -23.31 -35.00
C HIS I 139 -5.74 -23.77 -34.49
N GLU I 140 -6.80 -23.06 -34.86
CA GLU I 140 -8.14 -23.48 -34.45
C GLU I 140 -8.51 -24.82 -35.06
N GLU I 141 -8.16 -25.03 -36.34
CA GLU I 141 -8.43 -26.32 -36.98
C GLU I 141 -7.63 -27.43 -36.31
N ARG I 142 -6.39 -27.15 -35.94
CA ARG I 142 -5.58 -28.15 -35.24
CA ARG I 142 -5.57 -28.14 -35.24
C ARG I 142 -6.17 -28.50 -33.89
N GLU I 143 -6.64 -27.49 -33.15
CA GLU I 143 -7.27 -27.75 -31.86
C GLU I 143 -8.55 -28.54 -32.01
N HIS I 144 -9.35 -28.24 -33.04
CA HIS I 144 -10.57 -28.99 -33.30
C HIS I 144 -10.26 -30.44 -33.65
N ALA I 145 -9.21 -30.65 -34.45
CA ALA I 145 -8.82 -32.01 -34.81
C ALA I 145 -8.33 -32.78 -33.58
N GLU I 146 -7.55 -32.14 -32.72
CA GLU I 146 -7.11 -32.79 -31.49
C GLU I 146 -8.28 -33.10 -30.58
N LYS I 147 -9.27 -32.21 -30.52
CA LYS I 147 -10.46 -32.46 -29.70
C LYS I 147 -11.26 -33.63 -30.26
N LEU I 148 -11.39 -33.71 -31.58
CA LEU I 148 -12.08 -34.85 -32.19
C LEU I 148 -11.34 -36.15 -31.91
N MET I 149 -10.01 -36.12 -31.99
CA MET I 149 -9.22 -37.32 -31.69
C MET I 149 -9.41 -37.74 -30.24
N LYS I 150 -9.39 -36.78 -29.31
CA LYS I 150 -9.59 -37.09 -27.91
C LYS I 150 -10.99 -37.65 -27.65
N LEU I 151 -12.00 -37.08 -28.31
CA LEU I 151 -13.37 -37.59 -28.14
C LEU I 151 -13.49 -39.00 -28.69
N GLN I 152 -12.83 -39.29 -29.82
CA GLN I 152 -12.86 -40.65 -30.36
C GLN I 152 -12.12 -41.63 -29.44
N ASN I 153 -11.03 -41.18 -28.82
CA ASN I 153 -10.31 -42.03 -27.89
C ASN I 153 -11.11 -42.29 -26.62
N GLN I 154 -11.91 -41.31 -26.18
CA GLN I 154 -12.73 -41.50 -24.99
C GLN I 154 -13.91 -42.42 -25.23
N ARG I 155 -14.33 -42.59 -26.49
CA ARG I 155 -15.44 -43.47 -26.82
C ARG I 155 -15.00 -44.89 -27.15
N GLY I 156 -13.72 -45.20 -27.01
CA GLY I 156 -13.23 -46.54 -27.29
C GLY I 156 -13.23 -46.89 -28.76
N GLY I 157 -12.77 -45.99 -29.61
CA GLY I 157 -12.73 -46.25 -31.04
C GLY I 157 -11.34 -46.11 -31.64
N ARG I 158 -11.09 -46.84 -32.73
CA ARG I 158 -9.80 -46.80 -33.40
C ARG I 158 -9.72 -45.59 -34.31
N ILE I 159 -8.51 -45.06 -34.48
CA ILE I 159 -8.25 -43.91 -35.34
C ILE I 159 -7.32 -44.36 -36.44
N PHE I 160 -7.79 -44.33 -37.68
CA PHE I 160 -7.03 -44.75 -38.85
C PHE I 160 -6.52 -43.49 -39.56
N LEU I 161 -5.31 -43.08 -39.22
CA LEU I 161 -4.71 -41.90 -39.82
C LEU I 161 -4.20 -42.24 -41.22
N GLN I 162 -4.78 -41.61 -42.23
CA GLN I 162 -4.38 -41.83 -43.61
C GLN I 162 -3.33 -40.79 -44.01
N ASP I 163 -3.16 -40.56 -45.31
CA ASP I 163 -2.19 -39.60 -45.82
C ASP I 163 -2.88 -38.26 -46.05
N ILE I 164 -2.28 -37.19 -45.52
CA ILE I 164 -2.83 -35.85 -45.68
C ILE I 164 -2.57 -35.38 -47.10
N LYS I 165 -3.62 -35.01 -47.82
CA LYS I 165 -3.49 -34.56 -49.19
C LYS I 165 -2.93 -33.14 -49.24
N LYS I 166 -2.25 -32.83 -50.34
CA LYS I 166 -1.65 -31.52 -50.55
C LYS I 166 -2.67 -30.56 -51.16
N PRO I 167 -2.54 -29.26 -50.89
CA PRO I 167 -3.46 -28.30 -51.49
C PRO I 167 -3.32 -28.26 -53.01
N ASP I 168 -4.48 -28.22 -53.69
CA ASP I 168 -4.48 -28.21 -55.15
C ASP I 168 -3.99 -26.89 -55.72
N ARG I 169 -4.08 -25.80 -54.96
CA ARG I 169 -3.65 -24.48 -55.41
C ARG I 169 -2.52 -23.99 -54.51
N ASP I 170 -1.41 -23.60 -55.12
CA ASP I 170 -0.25 -23.10 -54.39
C ASP I 170 -0.02 -21.61 -54.59
N ASP I 171 -0.38 -21.07 -55.75
CA ASP I 171 -0.22 -19.65 -56.05
C ASP I 171 -1.59 -18.97 -55.92
N TRP I 172 -1.82 -18.34 -54.77
CA TRP I 172 -3.09 -17.68 -54.52
C TRP I 172 -3.17 -16.30 -55.16
N CYS I 173 -2.06 -15.77 -55.69
CA CYS I 173 -2.03 -14.49 -56.39
C CYS I 173 -2.53 -13.36 -55.49
N SER I 174 -3.81 -13.03 -55.60
CA SER I 174 -4.39 -11.95 -54.79
C SER I 174 -4.96 -12.51 -53.49
N GLY I 175 -6.07 -11.94 -53.03
CA GLY I 175 -6.68 -12.38 -51.80
C GLY I 175 -8.11 -12.85 -51.96
N LEU I 176 -8.76 -12.43 -53.06
CA LEU I 176 -10.13 -12.85 -53.30
C LEU I 176 -10.23 -14.34 -53.58
N ASN I 177 -9.31 -14.88 -54.37
CA ASN I 177 -9.33 -16.32 -54.66
C ASN I 177 -9.09 -17.13 -53.40
N ALA I 178 -8.21 -16.66 -52.51
CA ALA I 178 -7.98 -17.34 -51.25
C ALA I 178 -9.23 -17.32 -50.38
N MET I 179 -9.95 -16.19 -50.36
CA MET I 179 -11.18 -16.12 -49.59
C MET I 179 -12.25 -17.05 -50.16
N GLU I 180 -12.35 -17.12 -51.49
CA GLU I 180 -13.30 -18.03 -52.11
C GLU I 180 -12.96 -19.49 -51.80
N SER I 181 -11.67 -19.84 -51.85
CA SER I 181 -11.25 -21.19 -51.51
C SER I 181 -11.56 -21.52 -50.06
N ALA I 182 -11.31 -20.57 -49.15
CA ALA I 182 -11.61 -20.79 -47.74
C ALA I 182 -13.11 -20.95 -47.51
N LEU I 183 -13.92 -20.16 -48.23
CA LEU I 183 -15.37 -20.29 -48.11
C LEU I 183 -15.85 -21.65 -48.61
N HIS I 184 -15.31 -22.10 -49.75
CA HIS I 184 -15.68 -23.41 -50.25
C HIS I 184 -15.24 -24.52 -49.30
N LEU I 185 -14.06 -24.38 -48.70
CA LEU I 185 -13.59 -25.37 -47.73
C LEU I 185 -14.50 -25.41 -46.50
N GLU I 186 -14.90 -24.23 -46.01
CA GLU I 186 -15.80 -24.18 -44.86
C GLU I 186 -17.17 -24.77 -45.20
N LYS I 187 -17.66 -24.53 -46.42
CA LYS I 187 -18.92 -25.14 -46.84
C LYS I 187 -18.81 -26.65 -46.90
N SER I 188 -17.67 -27.16 -47.40
CA SER I 188 -17.46 -28.60 -47.44
C SER I 188 -17.40 -29.19 -46.02
N VAL I 189 -16.73 -28.48 -45.11
CA VAL I 189 -16.66 -28.94 -43.72
C VAL I 189 -18.04 -28.95 -43.08
N ASN I 190 -18.86 -27.93 -43.38
CA ASN I 190 -20.21 -27.89 -42.84
C ASN I 190 -21.06 -29.02 -43.41
N GLN I 191 -20.90 -29.33 -44.70
CA GLN I 191 -21.63 -30.44 -45.29
C GLN I 191 -21.21 -31.76 -44.67
N SER I 192 -19.91 -31.93 -44.41
CA SER I 192 -19.43 -33.15 -43.77
C SER I 192 -19.97 -33.26 -42.35
N LEU I 193 -20.04 -32.14 -41.63
CA LEU I 193 -20.61 -32.16 -40.28
C LEU I 193 -22.09 -32.50 -40.31
N LEU I 194 -22.82 -31.98 -41.29
CA LEU I 194 -24.24 -32.34 -41.42
C LEU I 194 -24.42 -33.81 -41.74
N GLU I 195 -23.57 -34.36 -42.61
CA GLU I 195 -23.64 -35.79 -42.91
C GLU I 195 -23.31 -36.63 -41.67
N LEU I 196 -22.32 -36.20 -40.90
CA LEU I 196 -21.99 -36.91 -39.66
C LEU I 196 -23.15 -36.86 -38.67
N HIS I 197 -23.79 -35.70 -38.56
CA HIS I 197 -24.94 -35.58 -37.66
C HIS I 197 -26.08 -36.48 -38.11
N LYS I 198 -26.36 -36.52 -39.41
CA LYS I 198 -27.42 -37.38 -39.93
C LYS I 198 -27.09 -38.85 -39.69
N LEU I 199 -25.83 -39.24 -39.88
CA LEU I 199 -25.45 -40.63 -39.66
C LEU I 199 -25.53 -41.00 -38.19
N ALA I 200 -25.16 -40.08 -37.30
CA ALA I 200 -25.26 -40.35 -35.87
C ALA I 200 -26.71 -40.41 -35.41
N THR I 201 -27.60 -39.62 -36.04
CA THR I 201 -29.02 -39.67 -35.70
C THR I 201 -29.65 -40.96 -36.20
N ASP I 202 -29.26 -41.40 -37.40
CA ASP I 202 -29.83 -42.64 -37.95
C ASP I 202 -29.27 -43.88 -37.28
N LYS I 203 -28.13 -43.78 -36.59
CA LYS I 203 -27.51 -44.92 -35.92
C LYS I 203 -27.60 -44.79 -34.40
N ASN I 204 -28.44 -43.89 -33.89
CA ASN I 204 -28.65 -43.70 -32.46
C ASN I 204 -27.35 -43.38 -31.74
N ASP I 205 -26.92 -42.12 -31.81
CA ASP I 205 -25.71 -41.66 -31.12
C ASP I 205 -25.98 -40.25 -30.59
N PRO I 206 -26.61 -40.14 -29.43
CA PRO I 206 -26.99 -38.82 -28.91
C PRO I 206 -25.80 -38.02 -28.39
N HIS I 207 -24.84 -38.69 -27.75
CA HIS I 207 -23.71 -37.99 -27.16
C HIS I 207 -22.84 -37.33 -28.24
N LEU I 208 -22.46 -38.09 -29.27
CA LEU I 208 -21.65 -37.53 -30.34
C LEU I 208 -22.41 -36.44 -31.09
N CYS I 209 -23.70 -36.66 -31.33
CA CYS I 209 -24.52 -35.65 -32.00
C CYS I 209 -24.54 -34.33 -31.21
N ASP I 210 -24.78 -34.41 -29.91
CA ASP I 210 -24.81 -33.22 -29.07
C ASP I 210 -23.45 -32.55 -29.04
N PHE I 211 -22.38 -33.33 -28.92
CA PHE I 211 -21.03 -32.75 -28.86
C PHE I 211 -20.70 -32.02 -30.16
N ILE I 212 -21.05 -32.62 -31.30
CA ILE I 212 -20.77 -31.98 -32.58
C ILE I 212 -21.61 -30.72 -32.77
N GLU I 213 -22.89 -30.78 -32.40
CA GLU I 213 -23.75 -29.63 -32.60
C GLU I 213 -23.50 -28.52 -31.59
N THR I 214 -22.80 -28.81 -30.49
CA THR I 214 -22.51 -27.80 -29.47
C THR I 214 -21.11 -27.23 -29.61
N TYR I 215 -20.08 -28.07 -29.47
CA TYR I 215 -18.70 -27.61 -29.40
C TYR I 215 -18.00 -27.58 -30.75
N TYR I 216 -18.75 -27.44 -31.85
CA TYR I 216 -18.14 -27.38 -33.17
C TYR I 216 -18.90 -26.45 -34.10
N LEU I 217 -20.23 -26.63 -34.20
CA LEU I 217 -21.02 -25.80 -35.10
C LEU I 217 -21.03 -24.34 -34.65
N SER I 218 -20.96 -24.08 -33.35
CA SER I 218 -20.99 -22.71 -32.85
C SER I 218 -19.80 -21.90 -33.36
N GLU I 219 -18.68 -22.55 -33.64
CA GLU I 219 -17.52 -21.87 -34.20
C GLU I 219 -17.51 -21.91 -35.73
N GLN I 220 -17.98 -23.01 -36.32
CA GLN I 220 -18.00 -23.12 -37.77
C GLN I 220 -18.96 -22.11 -38.39
N VAL I 221 -20.13 -21.92 -37.79
CA VAL I 221 -21.08 -20.94 -38.31
C VAL I 221 -20.50 -19.54 -38.25
N LYS I 222 -19.84 -19.20 -37.13
CA LYS I 222 -19.23 -17.88 -37.00
C LYS I 222 -18.11 -17.70 -38.02
N SER I 223 -17.31 -18.74 -38.25
CA SER I 223 -16.24 -18.64 -39.24
C SER I 223 -16.80 -18.46 -40.65
N ILE I 224 -17.87 -19.19 -40.99
CA ILE I 224 -18.49 -19.03 -42.29
C ILE I 224 -19.06 -17.63 -42.46
N LYS I 225 -19.69 -17.11 -41.40
CA LYS I 225 -20.25 -15.76 -41.46
C LYS I 225 -19.15 -14.72 -41.62
N GLU I 226 -18.03 -14.89 -40.92
CA GLU I 226 -16.93 -13.95 -41.05
C GLU I 226 -16.32 -13.99 -42.45
N LEU I 227 -16.16 -15.20 -43.00
CA LEU I 227 -15.62 -15.30 -44.35
C LEU I 227 -16.58 -14.70 -45.39
N GLY I 228 -17.89 -14.90 -45.19
CA GLY I 228 -18.85 -14.28 -46.08
C GLY I 228 -18.83 -12.77 -46.00
N ASP I 229 -18.69 -12.23 -44.79
CA ASP I 229 -18.58 -10.79 -44.64
C ASP I 229 -17.32 -10.26 -45.30
N HIS I 230 -16.20 -10.99 -45.17
CA HIS I 230 -14.97 -10.57 -45.82
C HIS I 230 -15.10 -10.59 -47.34
N VAL I 231 -15.74 -11.62 -47.88
CA VAL I 231 -15.94 -11.70 -49.32
C VAL I 231 -16.85 -10.57 -49.79
N THR I 232 -17.90 -10.27 -49.03
CA THR I 232 -18.80 -9.18 -49.40
C THR I 232 -18.07 -7.84 -49.37
N ASN I 233 -17.20 -7.63 -48.38
CA ASN I 233 -16.43 -6.39 -48.31
C ASN I 233 -15.44 -6.30 -49.47
N LEU I 234 -14.82 -7.41 -49.84
CA LEU I 234 -13.87 -7.39 -50.94
C LEU I 234 -14.55 -7.18 -52.29
N ARG I 235 -15.77 -7.68 -52.45
CA ARG I 235 -16.51 -7.55 -53.70
C ARG I 235 -17.31 -6.26 -53.79
N LYS I 236 -16.95 -5.23 -53.01
CA LYS I 236 -17.64 -3.96 -53.06
C LYS I 236 -16.65 -2.80 -53.06
N MET I 237 -15.51 -2.97 -52.39
CA MET I 237 -14.52 -1.91 -52.32
C MET I 237 -13.82 -1.71 -53.66
N GLY I 238 -13.62 -2.78 -54.43
CA GLY I 238 -12.99 -2.68 -55.73
C GLY I 238 -12.03 -3.80 -56.03
N ALA I 239 -11.88 -4.73 -55.09
CA ALA I 239 -10.98 -5.86 -55.29
C ALA I 239 -11.54 -6.78 -56.39
N PRO I 240 -10.64 -7.41 -57.17
CA PRO I 240 -9.18 -7.30 -57.08
C PRO I 240 -8.61 -6.15 -57.89
N CYS I 241 -9.47 -5.36 -58.54
CA CYS I 241 -9.03 -4.24 -59.37
C CYS I 241 -8.85 -2.96 -58.58
N ALA I 242 -8.37 -3.05 -57.34
CA ALA I 242 -8.15 -1.87 -56.51
C ALA I 242 -7.08 -2.22 -55.48
N GLY I 243 -5.84 -1.79 -55.74
CA GLY I 243 -4.74 -2.09 -54.83
C GLY I 243 -4.86 -1.44 -53.47
N MET I 244 -5.52 -0.28 -53.39
CA MET I 244 -5.68 0.40 -52.11
C MET I 244 -6.74 -0.27 -51.24
N ALA I 245 -7.72 -0.93 -51.85
CA ALA I 245 -8.76 -1.60 -51.07
C ALA I 245 -8.18 -2.75 -50.25
N GLU I 246 -7.24 -3.50 -50.82
CA GLU I 246 -6.61 -4.58 -50.08
C GLU I 246 -5.83 -4.05 -48.89
N TYR I 247 -5.08 -2.96 -49.09
CA TYR I 247 -4.33 -2.37 -47.98
C TYR I 247 -5.26 -1.83 -46.91
N LEU I 248 -6.40 -1.25 -47.31
CA LEU I 248 -7.36 -0.75 -46.33
C LEU I 248 -7.97 -1.88 -45.53
N PHE I 249 -8.36 -2.98 -46.20
CA PHE I 249 -8.89 -4.13 -45.49
C PHE I 249 -7.84 -4.81 -44.62
N ASP I 250 -6.56 -4.68 -44.98
CA ASP I 250 -5.49 -5.28 -44.18
C ASP I 250 -5.21 -4.46 -42.92
N LYS I 251 -5.12 -3.14 -43.06
CA LYS I 251 -4.75 -2.27 -41.96
C LYS I 251 -5.95 -1.76 -41.17
N HIS I 252 -7.05 -2.50 -41.18
CA HIS I 252 -8.24 -2.09 -40.40
C HIS I 252 -9.00 -3.30 -39.88
N THR I 253 -9.41 -4.20 -40.78
CA THR I 253 -10.18 -5.37 -40.37
C THR I 253 -9.31 -6.34 -39.55
N LEU I 254 -8.31 -6.92 -40.20
CA LEU I 254 -7.42 -7.87 -39.54
C LEU I 254 -6.22 -7.22 -38.89
N GLY I 255 -6.16 -5.88 -38.86
CA GLY I 255 -5.04 -5.18 -38.26
C GLY I 255 -5.33 -4.71 -36.85
N THR J 13 29.23 -52.19 52.90
CA THR J 13 27.79 -52.40 52.91
C THR J 13 27.11 -51.35 53.78
N GLN J 14 27.80 -50.22 53.99
CA GLN J 14 27.27 -49.13 54.80
C GLN J 14 26.73 -47.98 53.97
N ASP J 15 27.22 -47.80 52.74
CA ASP J 15 26.65 -46.76 51.88
C ASP J 15 25.19 -47.05 51.56
N LEU J 16 24.88 -48.31 51.26
CA LEU J 16 23.49 -48.70 51.04
C LEU J 16 22.66 -48.51 52.30
N ARG J 17 23.25 -48.77 53.48
CA ARG J 17 22.53 -48.56 54.73
C ARG J 17 22.19 -47.09 54.93
N SER J 18 23.16 -46.21 54.67
CA SER J 18 22.90 -44.78 54.78
C SER J 18 21.86 -44.32 53.77
N HIS J 19 21.92 -44.85 52.55
CA HIS J 19 20.96 -44.46 51.52
C HIS J 19 19.55 -44.91 51.87
N LEU J 20 19.41 -46.09 52.49
CA LEU J 20 18.10 -46.58 52.86
C LEU J 20 17.58 -45.94 54.14
N VAL J 21 18.46 -45.46 55.02
CA VAL J 21 17.99 -44.78 56.22
C VAL J 21 17.71 -43.30 55.99
N HIS J 22 18.34 -42.68 54.99
CA HIS J 22 18.10 -41.28 54.68
C HIS J 22 16.76 -41.06 53.97
N LYS J 23 15.98 -42.10 53.75
CA LYS J 23 14.67 -41.96 53.12
C LYS J 23 13.57 -41.73 54.15
N LEU J 24 13.51 -42.55 55.20
CA LEU J 24 12.48 -42.38 56.21
C LEU J 24 12.72 -41.15 57.06
N VAL J 25 13.99 -40.84 57.38
CA VAL J 25 14.28 -39.67 58.18
C VAL J 25 13.97 -38.38 57.43
N GLN J 26 13.89 -38.44 56.09
CA GLN J 26 13.47 -37.28 55.32
C GLN J 26 11.99 -37.30 54.98
N ALA J 27 11.35 -38.47 55.00
CA ALA J 27 9.91 -38.54 54.77
C ALA J 27 9.12 -38.17 56.01
N ILE J 28 9.68 -38.40 57.21
CA ILE J 28 8.99 -38.04 58.43
C ILE J 28 8.90 -36.53 58.58
N PHE J 29 10.06 -35.86 58.57
CA PHE J 29 10.13 -34.41 58.71
C PHE J 29 10.81 -33.85 57.46
N PRO J 30 10.04 -33.54 56.42
CA PRO J 30 10.64 -33.12 55.14
C PRO J 30 10.99 -31.64 55.06
N CYS J 31 10.47 -30.79 55.94
CA CYS J 31 10.67 -29.35 55.86
C CYS J 31 11.37 -28.88 57.13
N PRO J 32 12.71 -28.91 57.15
CA PRO J 32 13.44 -28.37 58.31
C PRO J 32 13.46 -26.85 58.30
N ASP J 33 12.33 -26.24 58.66
CA ASP J 33 12.20 -24.79 58.62
C ASP J 33 12.97 -24.17 59.78
N PRO J 34 13.99 -23.35 59.51
CA PRO J 34 14.73 -22.71 60.60
C PRO J 34 14.11 -21.42 61.10
N CYS J 35 12.97 -21.00 60.55
CA CYS J 35 12.33 -19.75 60.93
C CYS J 35 11.38 -19.91 62.12
N ALA J 36 11.62 -20.92 62.97
CA ALA J 36 10.76 -21.15 64.13
C ALA J 36 11.56 -21.76 65.28
N LEU J 37 11.52 -23.09 65.37
CA LEU J 37 12.23 -23.79 66.44
C LEU J 37 13.70 -23.97 66.07
N LYS J 38 14.43 -24.71 66.92
CA LYS J 38 15.84 -24.96 66.69
C LYS J 38 16.04 -26.20 65.84
N ASP J 39 17.08 -26.98 66.14
CA ASP J 39 17.37 -28.19 65.38
C ASP J 39 17.66 -29.38 66.28
N ARG J 40 17.15 -29.37 67.51
CA ARG J 40 17.33 -30.51 68.41
C ARG J 40 16.20 -31.54 68.27
N ARG J 41 15.00 -31.09 67.95
CA ARG J 41 13.90 -32.03 67.72
C ARG J 41 14.15 -32.86 66.47
N MET J 42 14.78 -32.26 65.45
CA MET J 42 15.15 -33.02 64.27
C MET J 42 16.17 -34.11 64.60
N GLU J 43 17.15 -33.78 65.44
CA GLU J 43 18.14 -34.77 65.86
C GLU J 43 17.49 -35.88 66.69
N ASN J 44 16.55 -35.51 67.56
CA ASN J 44 15.84 -36.53 68.35
C ASN J 44 15.04 -37.46 67.43
N LEU J 45 14.36 -36.89 66.42
CA LEU J 45 13.61 -37.73 65.49
C LEU J 45 14.53 -38.62 64.68
N VAL J 46 15.70 -38.10 64.29
CA VAL J 46 16.66 -38.93 63.55
C VAL J 46 17.16 -40.07 64.41
N ALA J 47 17.45 -39.81 65.69
CA ALA J 47 17.90 -40.87 66.58
C ALA J 47 16.81 -41.91 66.80
N TYR J 48 15.56 -41.46 66.95
CA TYR J 48 14.46 -42.39 67.13
C TYR J 48 14.27 -43.26 65.89
N ALA J 49 14.36 -42.65 64.70
CA ALA J 49 14.23 -43.41 63.46
C ALA J 49 15.38 -44.40 63.31
N LYS J 50 16.60 -44.00 63.71
CA LYS J 50 17.73 -44.91 63.67
C LYS J 50 17.52 -46.11 64.58
N LYS J 51 17.02 -45.86 65.79
CA LYS J 51 16.75 -46.95 66.72
C LYS J 51 15.67 -47.87 66.18
N VAL J 52 14.62 -47.30 65.59
CA VAL J 52 13.55 -48.11 65.02
C VAL J 52 14.08 -48.98 63.88
N GLU J 53 14.88 -48.38 63.00
CA GLU J 53 15.48 -49.13 61.90
C GLU J 53 16.38 -50.24 62.43
N GLY J 54 17.15 -49.96 63.48
CA GLY J 54 18.01 -50.98 64.05
C GLY J 54 17.24 -52.16 64.61
N ASP J 55 16.20 -51.88 65.38
CA ASP J 55 15.45 -52.98 65.98
C ASP J 55 14.66 -53.75 64.92
N MET J 56 14.14 -53.07 63.91
CA MET J 56 13.39 -53.78 62.87
C MET J 56 14.32 -54.55 61.93
N TYR J 57 15.58 -54.14 61.81
CA TYR J 57 16.54 -54.95 61.07
C TYR J 57 17.03 -56.13 61.89
N GLU J 58 17.13 -55.97 63.21
CA GLU J 58 17.44 -57.10 64.07
C GLU J 58 16.31 -58.12 64.05
N SER J 59 15.07 -57.65 63.98
CA SER J 59 13.90 -58.53 63.93
C SER J 59 13.47 -58.84 62.50
N ALA J 60 14.40 -58.87 61.56
CA ALA J 60 14.10 -59.15 60.17
C ALA J 60 14.34 -60.63 59.88
N ASN J 61 14.36 -61.01 58.61
CA ASN J 61 14.57 -62.40 58.24
C ASN J 61 15.17 -62.54 56.84
N SER J 62 14.75 -61.67 55.92
CA SER J 62 15.23 -61.72 54.55
C SER J 62 15.55 -60.31 54.08
N ARG J 63 15.57 -60.11 52.76
CA ARG J 63 15.90 -58.82 52.17
C ARG J 63 14.77 -58.22 51.36
N ASP J 64 14.09 -59.01 50.54
CA ASP J 64 13.00 -58.49 49.72
C ASP J 64 11.80 -58.11 50.58
N GLU J 65 11.44 -58.96 51.54
CA GLU J 65 10.34 -58.64 52.45
C GLU J 65 10.67 -57.41 53.30
N TYR J 66 11.95 -57.20 53.61
CA TYR J 66 12.34 -56.01 54.35
C TYR J 66 12.09 -54.76 53.52
N TYR J 67 12.46 -54.78 52.25
CA TYR J 67 12.20 -53.64 51.37
C TYR J 67 10.71 -53.41 51.18
N HIS J 68 9.94 -54.50 51.08
CA HIS J 68 8.48 -54.36 50.95
C HIS J 68 7.88 -53.74 52.19
N LEU J 69 8.32 -54.16 53.38
CA LEU J 69 7.83 -53.58 54.61
C LEU J 69 8.23 -52.12 54.73
N LEU J 70 9.44 -51.77 54.30
CA LEU J 70 9.86 -50.37 54.32
C LEU J 70 9.01 -49.53 53.39
N ALA J 71 8.70 -50.05 52.19
CA ALA J 71 7.84 -49.32 51.27
C ALA J 71 6.45 -49.14 51.84
N GLU J 72 5.90 -50.18 52.46
CA GLU J 72 4.58 -50.07 53.08
C GLU J 72 4.60 -49.05 54.22
N LYS J 73 5.66 -49.04 55.02
CA LYS J 73 5.75 -48.06 56.11
C LYS J 73 5.85 -46.64 55.57
N ILE J 74 6.62 -46.44 54.49
CA ILE J 74 6.71 -45.11 53.89
C ILE J 74 5.37 -44.67 53.34
N TYR J 75 4.65 -45.59 52.68
CA TYR J 75 3.33 -45.25 52.14
C TYR J 75 2.32 -44.98 53.25
N LYS J 76 2.48 -45.62 54.40
CA LYS J 76 1.56 -45.40 55.52
C LYS J 76 1.84 -44.07 56.21
N ILE J 77 3.12 -43.75 56.42
CA ILE J 77 3.45 -42.53 57.15
C ILE J 77 3.23 -41.28 56.31
N GLN J 78 3.17 -41.41 54.99
CA GLN J 78 2.93 -40.26 54.12
C GLN J 78 1.45 -39.90 54.02
N LYS J 79 0.59 -40.58 54.78
CA LYS J 79 -0.85 -40.28 54.82
C LYS J 79 -1.26 -40.20 56.29
N GLU J 80 -0.71 -39.22 57.00
CA GLU J 80 -0.92 -39.06 58.44
C GLU J 80 -1.80 -37.83 58.66
N LEU J 81 -1.25 -36.64 58.85
CA LEU J 81 -2.05 -35.44 59.10
C LEU J 81 -1.46 -34.24 58.37
N GLU J 82 -1.45 -34.32 57.04
CA GLU J 82 -0.98 -33.24 56.19
C GLU J 82 -2.08 -32.28 55.77
N GLU J 83 -3.16 -32.19 56.55
CA GLU J 83 -4.30 -31.32 56.30
C GLU J 83 -4.96 -31.62 54.95
N LYS J 84 -4.76 -32.82 54.43
CA LYS J 84 -5.31 -33.24 53.14
C LYS J 84 -4.91 -32.27 52.04
N SER J 85 -5.78 -31.32 51.75
CA SER J 85 -5.53 -30.28 50.74
C SER J 85 -6.59 -29.20 50.91
N GLN J 86 -6.45 -28.13 50.12
CA GLN J 86 -7.40 -27.03 50.14
C GLN J 86 -8.37 -27.04 48.98
N VAL J 87 -8.08 -27.78 47.91
CA VAL J 87 -8.96 -27.88 46.76
C VAL J 87 -9.44 -29.31 46.51
N ARG J 88 -9.03 -30.26 47.35
CA ARG J 88 -9.44 -31.66 47.20
C ARG J 88 -10.83 -31.83 47.79
N GLN J 89 -11.78 -32.27 46.96
CA GLN J 89 -13.17 -32.48 47.38
C GLN J 89 -13.68 -33.76 46.74
N ASN J 90 -14.01 -34.75 47.58
CA ASN J 90 -14.51 -36.04 47.12
C ASN J 90 -13.54 -36.71 46.17
N TYR J 91 -12.50 -37.34 46.70
CA TYR J 91 -11.50 -38.02 45.89
C TYR J 91 -10.86 -39.12 46.73
N HIS J 92 -11.09 -40.36 46.33
CA HIS J 92 -10.60 -41.53 47.05
C HIS J 92 -9.16 -41.83 46.64
N GLN J 93 -8.47 -42.60 47.49
CA GLN J 93 -7.08 -42.94 47.23
C GLN J 93 -6.93 -43.90 46.06
N ASP J 94 -7.97 -44.68 45.75
CA ASP J 94 -7.89 -45.59 44.61
C ASP J 94 -7.77 -44.82 43.30
N ALA J 95 -8.52 -43.72 43.16
CA ALA J 95 -8.40 -42.88 41.97
C ALA J 95 -7.01 -42.25 41.89
N GLU J 96 -6.44 -41.86 43.04
CA GLU J 96 -5.10 -41.29 43.04
C GLU J 96 -4.07 -42.34 42.59
N ALA J 97 -4.18 -43.57 43.09
CA ALA J 97 -3.27 -44.62 42.68
C ALA J 97 -3.43 -44.94 41.19
N ALA J 98 -4.67 -44.91 40.70
CA ALA J 98 -4.90 -45.15 39.27
C ALA J 98 -4.29 -44.04 38.42
N ILE J 99 -4.40 -42.79 38.86
CA ILE J 99 -3.80 -41.68 38.13
C ILE J 99 -2.27 -41.80 38.15
N ASN J 100 -1.71 -42.23 39.29
CA ASN J 100 -0.27 -42.43 39.36
C ASN J 100 0.19 -43.52 38.41
N ARG J 101 -0.54 -44.64 38.36
CA ARG J 101 -0.19 -45.71 37.44
C ARG J 101 -0.33 -45.27 35.99
N GLN J 102 -1.36 -44.46 35.69
CA GLN J 102 -1.53 -43.95 34.33
C GLN J 102 -0.39 -43.01 33.96
N ILE J 103 0.05 -42.18 34.89
CA ILE J 103 1.19 -41.29 34.62
C ILE J 103 2.46 -42.09 34.39
N ASN J 104 2.67 -43.14 35.19
CA ASN J 104 3.83 -44.00 34.99
C ASN J 104 3.78 -44.68 33.62
N LEU J 105 2.60 -45.14 33.21
CA LEU J 105 2.48 -45.76 31.89
C LEU J 105 2.71 -44.76 30.78
N GLU J 106 2.25 -43.52 30.96
CA GLU J 106 2.50 -42.48 29.97
C GLU J 106 3.99 -42.18 29.85
N LEU J 107 4.69 -42.13 30.99
CA LEU J 107 6.14 -41.90 30.95
C LEU J 107 6.86 -43.06 30.28
N TYR J 108 6.43 -44.29 30.56
CA TYR J 108 7.03 -45.45 29.92
C TYR J 108 6.79 -45.43 28.41
N ALA J 109 5.59 -45.04 27.99
CA ALA J 109 5.30 -44.94 26.56
C ALA J 109 6.13 -43.85 25.90
N SER J 110 6.32 -42.73 26.59
CA SER J 110 7.17 -41.66 26.05
C SER J 110 8.61 -42.14 25.91
N TYR J 111 9.11 -42.88 26.90
CA TYR J 111 10.46 -43.41 26.82
C TYR J 111 10.61 -44.41 25.67
N VAL J 112 9.61 -45.27 25.48
CA VAL J 112 9.65 -46.24 24.39
C VAL J 112 9.62 -45.53 23.05
N TYR J 113 8.81 -44.48 22.93
CA TYR J 113 8.75 -43.74 21.67
C TYR J 113 10.05 -42.98 21.41
N LEU J 114 10.69 -42.47 22.46
CA LEU J 114 11.98 -41.83 22.29
C LEU J 114 13.03 -42.84 21.84
N SER J 115 13.02 -44.04 22.43
CA SER J 115 13.95 -45.09 22.00
C SER J 115 13.70 -45.47 20.55
N MET J 116 12.44 -45.55 20.14
CA MET J 116 12.13 -45.88 18.74
C MET J 116 12.60 -44.77 17.81
N SER J 117 12.41 -43.51 18.19
CA SER J 117 12.86 -42.40 17.37
C SER J 117 14.37 -42.36 17.25
N CYS J 118 15.09 -42.71 18.33
CA CYS J 118 16.54 -42.72 18.29
C CYS J 118 17.11 -43.96 17.60
N TYR J 119 16.34 -45.04 17.52
CA TYR J 119 16.82 -46.23 16.85
C TYR J 119 16.73 -46.10 15.34
N PHE J 120 15.61 -45.58 14.84
CA PHE J 120 15.43 -45.41 13.40
C PHE J 120 16.29 -44.27 12.85
N ASP J 121 16.79 -43.39 13.72
CA ASP J 121 17.65 -42.29 13.30
C ASP J 121 19.12 -42.69 13.23
N ARG J 122 19.45 -43.95 13.48
CA ARG J 122 20.82 -44.42 13.46
C ARG J 122 21.32 -44.60 12.04
N ASP J 123 22.47 -45.28 11.89
CA ASP J 123 23.06 -45.53 10.58
C ASP J 123 22.68 -46.87 9.99
N ASP J 124 22.30 -47.84 10.83
CA ASP J 124 21.92 -49.16 10.34
C ASP J 124 20.46 -49.25 9.92
N VAL J 125 19.69 -48.18 10.10
CA VAL J 125 18.29 -48.14 9.70
C VAL J 125 18.05 -47.11 8.62
N ALA J 126 18.46 -45.86 8.86
CA ALA J 126 18.35 -44.77 7.89
C ALA J 126 16.89 -44.54 7.48
N LEU J 127 16.09 -44.12 8.46
CA LEU J 127 14.68 -43.79 8.24
C LEU J 127 14.36 -42.53 9.03
N LYS J 128 14.37 -41.38 8.34
CA LYS J 128 14.15 -40.09 8.99
C LYS J 128 12.68 -39.81 9.26
N ASN J 129 11.79 -40.21 8.36
CA ASN J 129 10.36 -39.93 8.56
C ASN J 129 9.81 -40.73 9.73
N PHE J 130 10.20 -42.00 9.86
CA PHE J 130 9.77 -42.80 11.01
C PHE J 130 10.32 -42.21 12.31
N ALA J 131 11.57 -41.74 12.29
CA ALA J 131 12.14 -41.12 13.48
C ALA J 131 11.39 -39.85 13.85
N LYS J 132 11.04 -39.03 12.87
CA LYS J 132 10.28 -37.81 13.15
C LYS J 132 8.89 -38.13 13.69
N TYR J 133 8.23 -39.15 13.13
CA TYR J 133 6.92 -39.54 13.61
C TYR J 133 7.00 -40.05 15.05
N PHE J 134 8.01 -40.86 15.36
CA PHE J 134 8.17 -41.36 16.72
C PHE J 134 8.51 -40.25 17.69
N LEU J 135 9.29 -39.26 17.24
CA LEU J 135 9.59 -38.12 18.10
C LEU J 135 8.34 -37.28 18.37
N HIS J 136 7.49 -37.11 17.35
CA HIS J 136 6.23 -36.40 17.56
C HIS J 136 5.32 -37.17 18.51
N GLN J 137 5.29 -38.49 18.38
CA GLN J 137 4.49 -39.30 19.31
C GLN J 137 5.02 -39.20 20.73
N SER J 138 6.34 -39.18 20.88
CA SER J 138 6.93 -39.02 22.22
C SER J 138 6.61 -37.65 22.80
N HIS J 139 6.63 -36.61 21.96
CA HIS J 139 6.25 -35.28 22.43
C HIS J 139 4.79 -35.24 22.86
N GLU J 140 3.92 -35.91 22.09
CA GLU J 140 2.50 -35.96 22.47
C GLU J 140 2.31 -36.70 23.79
N GLU J 141 3.04 -37.80 23.98
CA GLU J 141 2.95 -38.54 25.24
C GLU J 141 3.46 -37.69 26.40
N ARG J 142 4.53 -36.92 26.18
CA ARG J 142 5.05 -36.05 27.22
CA ARG J 142 5.05 -36.04 27.21
C ARG J 142 4.04 -34.96 27.57
N GLU J 143 3.39 -34.38 26.56
CA GLU J 143 2.38 -33.36 26.82
C GLU J 143 1.19 -33.94 27.56
N HIS J 144 0.77 -35.16 27.19
CA HIS J 144 -0.34 -35.81 27.90
C HIS J 144 0.04 -36.10 29.36
N ALA J 145 1.28 -36.54 29.59
CA ALA J 145 1.72 -36.78 30.96
C ALA J 145 1.76 -35.49 31.78
N GLU J 146 2.25 -34.40 31.18
CA GLU J 146 2.26 -33.12 31.87
C GLU J 146 0.84 -32.64 32.16
N LYS J 147 -0.09 -32.87 31.22
CA LYS J 147 -1.47 -32.48 31.45
C LYS J 147 -2.10 -33.30 32.57
N LEU J 148 -1.80 -34.60 32.63
CA LEU J 148 -2.29 -35.42 33.72
C LEU J 148 -1.72 -34.97 35.06
N MET J 149 -0.42 -34.62 35.09
CA MET J 149 0.18 -34.12 36.31
C MET J 149 -0.46 -32.82 36.76
N LYS J 150 -0.72 -31.91 35.81
CA LYS J 150 -1.37 -30.64 36.15
C LYS J 150 -2.78 -30.87 36.65
N LEU J 151 -3.52 -31.79 36.04
CA LEU J 151 -4.87 -32.09 36.49
C LEU J 151 -4.87 -32.70 37.90
N GLN J 152 -3.89 -33.56 38.18
CA GLN J 152 -3.78 -34.13 39.52
C GLN J 152 -3.40 -33.06 40.54
N ASN J 153 -2.56 -32.10 40.15
CA ASN J 153 -2.20 -31.02 41.05
C ASN J 153 -3.37 -30.08 41.31
N GLN J 154 -4.23 -29.88 40.31
CA GLN J 154 -5.40 -29.02 40.49
C GLN J 154 -6.47 -29.66 41.36
N ARG J 155 -6.47 -30.98 41.49
CA ARG J 155 -7.45 -31.68 42.31
C ARG J 155 -6.97 -31.89 43.75
N GLY J 156 -5.80 -31.36 44.11
CA GLY J 156 -5.30 -31.52 45.45
C GLY J 156 -4.84 -32.92 45.79
N GLY J 157 -4.10 -33.56 44.88
CA GLY J 157 -3.62 -34.90 45.11
C GLY J 157 -2.11 -35.04 45.02
N ARG J 158 -1.54 -35.99 45.73
CA ARG J 158 -0.10 -36.22 45.72
C ARG J 158 0.30 -37.02 44.50
N ILE J 159 1.51 -36.78 44.01
CA ILE J 159 2.06 -37.48 42.86
C ILE J 159 3.30 -38.24 43.33
N PHE J 160 3.24 -39.57 43.25
CA PHE J 160 4.32 -40.44 43.68
C PHE J 160 5.06 -40.91 42.42
N LEU J 161 6.12 -40.19 42.07
CA LEU J 161 6.92 -40.54 40.90
C LEU J 161 7.84 -41.70 41.22
N GLN J 162 7.63 -42.83 40.55
CA GLN J 162 8.43 -44.03 40.77
C GLN J 162 9.59 -44.03 39.76
N ASP J 163 10.17 -45.20 39.51
CA ASP J 163 11.28 -45.35 38.57
C ASP J 163 10.75 -45.74 37.20
N ILE J 164 11.17 -45.03 36.18
CA ILE J 164 10.74 -45.30 34.80
C ILE J 164 11.46 -46.55 34.31
N LYS J 165 10.69 -47.55 33.89
CA LYS J 165 11.27 -48.79 33.41
C LYS J 165 11.86 -48.63 32.02
N LYS J 166 12.88 -49.44 31.72
CA LYS J 166 13.54 -49.41 30.42
C LYS J 166 12.80 -50.28 29.41
N PRO J 167 12.88 -49.94 28.13
CA PRO J 167 12.22 -50.77 27.11
C PRO J 167 12.83 -52.17 27.06
N ASP J 168 11.96 -53.18 26.95
CA ASP J 168 12.43 -54.56 26.92
C ASP J 168 13.11 -54.92 25.60
N ARG J 169 12.82 -54.18 24.53
CA ARG J 169 13.41 -54.43 23.22
C ARG J 169 14.20 -53.20 22.80
N ASP J 170 15.47 -53.42 22.43
CA ASP J 170 16.35 -52.34 21.99
C ASP J 170 16.66 -52.41 20.50
N ASP J 171 16.71 -53.61 19.93
CA ASP J 171 17.01 -53.79 18.50
C ASP J 171 15.69 -54.07 17.80
N TRP J 172 15.13 -53.05 17.17
CA TRP J 172 13.86 -53.19 16.45
C TRP J 172 14.03 -53.78 15.07
N CYS J 173 15.26 -53.91 14.58
CA CYS J 173 15.56 -54.52 13.29
C CYS J 173 14.83 -53.80 12.15
N SER J 174 13.66 -54.29 11.77
CA SER J 174 12.89 -53.68 10.69
C SER J 174 11.92 -52.65 11.25
N GLY J 175 10.74 -52.55 10.64
CA GLY J 175 9.75 -51.58 11.08
C GLY J 175 8.44 -52.22 11.50
N LEU J 176 8.18 -53.44 11.03
CA LEU J 176 6.94 -54.12 11.39
C LEU J 176 6.89 -54.47 12.87
N ASN J 177 8.01 -54.94 13.43
CA ASN J 177 8.04 -55.27 14.86
C ASN J 177 7.84 -54.01 15.71
N ALA J 178 8.40 -52.88 15.29
CA ALA J 178 8.19 -51.63 16.00
C ALA J 178 6.73 -51.21 15.96
N MET J 179 6.09 -51.38 14.80
CA MET J 179 4.66 -51.04 14.70
C MET J 179 3.82 -51.96 15.57
N GLU J 180 4.14 -53.25 15.61
CA GLU J 180 3.40 -54.17 16.47
C GLU J 180 3.59 -53.81 17.95
N SER J 181 4.82 -53.45 18.34
CA SER J 181 5.06 -53.05 19.72
C SER J 181 4.31 -51.77 20.07
N ALA J 182 4.28 -50.80 19.14
CA ALA J 182 3.54 -49.58 19.38
C ALA J 182 2.04 -49.84 19.48
N LEU J 183 1.52 -50.76 18.66
CA LEU J 183 0.10 -51.10 18.74
C LEU J 183 -0.23 -51.77 20.05
N HIS J 184 0.63 -52.69 20.51
CA HIS J 184 0.41 -53.33 21.80
C HIS J 184 0.47 -52.32 22.94
N LEU J 185 1.41 -51.37 22.85
CA LEU J 185 1.51 -50.34 23.88
C LEU J 185 0.27 -49.46 23.91
N GLU J 186 -0.25 -49.09 22.73
CA GLU J 186 -1.46 -48.29 22.67
C GLU J 186 -2.67 -49.06 23.20
N LYS J 187 -2.73 -50.36 22.92
CA LYS J 187 -3.82 -51.17 23.46
C LYS J 187 -3.72 -51.25 24.98
N SER J 188 -2.51 -51.38 25.52
CA SER J 188 -2.34 -51.39 26.97
C SER J 188 -2.74 -50.05 27.58
N VAL J 189 -2.39 -48.95 26.91
CA VAL J 189 -2.78 -47.63 27.40
C VAL J 189 -4.29 -47.47 27.38
N ASN J 190 -4.94 -47.96 26.32
CA ASN J 190 -6.39 -47.89 26.25
C ASN J 190 -7.04 -48.73 27.33
N GLN J 191 -6.49 -49.91 27.61
CA GLN J 191 -7.03 -50.74 28.69
C GLN J 191 -6.87 -50.06 30.04
N SER J 192 -5.72 -49.41 30.26
CA SER J 192 -5.51 -48.68 31.51
C SER J 192 -6.48 -47.51 31.63
N LEU J 193 -6.75 -46.82 30.52
CA LEU J 193 -7.71 -45.73 30.55
C LEU J 193 -9.12 -46.23 30.83
N LEU J 194 -9.48 -47.38 30.26
CA LEU J 194 -10.80 -47.96 30.55
C LEU J 194 -10.91 -48.37 32.01
N GLU J 195 -9.84 -48.93 32.58
CA GLU J 195 -9.85 -49.29 34.00
C GLU J 195 -9.97 -48.04 34.88
N LEU J 196 -9.25 -46.97 34.51
CA LEU J 196 -9.36 -45.72 35.25
C LEU J 196 -10.77 -45.15 35.18
N HIS J 197 -11.38 -45.20 33.99
CA HIS J 197 -12.76 -44.72 33.84
C HIS J 197 -13.72 -45.54 34.69
N LYS J 198 -13.56 -46.86 34.70
CA LYS J 198 -14.43 -47.71 35.51
C LYS J 198 -14.24 -47.43 36.99
N LEU J 199 -13.00 -47.23 37.43
CA LEU J 199 -12.75 -46.94 38.83
C LEU J 199 -13.31 -45.58 39.24
N ALA J 200 -13.21 -44.59 38.35
CA ALA J 200 -13.78 -43.28 38.64
C ALA J 200 -15.30 -43.31 38.65
N THR J 201 -15.91 -44.15 37.81
CA THR J 201 -17.36 -44.29 37.83
C THR J 201 -17.84 -45.00 39.07
N ASP J 202 -17.11 -46.04 39.52
CA ASP J 202 -17.50 -46.78 40.71
C ASP J 202 -17.23 -45.99 41.99
N LYS J 203 -16.36 -44.99 41.94
CA LYS J 203 -16.02 -44.18 43.11
C LYS J 203 -16.58 -42.77 43.03
N ASN J 204 -17.52 -42.53 42.10
CA ASN J 204 -18.17 -41.22 41.93
C ASN J 204 -17.16 -40.12 41.67
N ASP J 205 -16.69 -40.01 40.43
CA ASP J 205 -15.75 -38.97 40.02
C ASP J 205 -16.13 -38.50 38.62
N PRO J 206 -17.09 -37.59 38.51
CA PRO J 206 -17.58 -37.18 37.19
C PRO J 206 -16.60 -36.29 36.44
N HIS J 207 -15.90 -35.40 37.16
CA HIS J 207 -15.00 -34.46 36.51
C HIS J 207 -13.83 -35.18 35.86
N LEU J 208 -13.15 -36.06 36.62
CA LEU J 208 -12.02 -36.80 36.07
C LEU J 208 -12.48 -37.72 34.93
N CYS J 209 -13.63 -38.36 35.09
CA CYS J 209 -14.16 -39.22 34.05
C CYS J 209 -14.38 -38.44 32.75
N ASP J 210 -15.04 -37.28 32.85
CA ASP J 210 -15.29 -36.47 31.66
C ASP J 210 -13.99 -35.98 31.05
N PHE J 211 -13.04 -35.56 31.87
CA PHE J 211 -11.77 -35.06 31.35
C PHE J 211 -11.02 -36.15 30.61
N ILE J 212 -11.00 -37.37 31.16
CA ILE J 212 -10.30 -38.48 30.52
C ILE J 212 -11.00 -38.88 29.22
N GLU J 213 -12.35 -38.94 29.25
CA GLU J 213 -13.06 -39.37 28.05
C GLU J 213 -13.12 -38.29 26.98
N THR J 214 -12.81 -37.04 27.32
CA THR J 214 -12.83 -35.95 26.34
C THR J 214 -11.44 -35.62 25.82
N TYR J 215 -10.53 -35.19 26.70
CA TYR J 215 -9.23 -34.66 26.30
C TYR J 215 -8.14 -35.72 26.27
N TYR J 216 -8.50 -36.99 26.08
CA TYR J 216 -7.50 -38.05 26.02
C TYR J 216 -7.90 -39.15 25.04
N LEU J 217 -9.12 -39.66 25.16
CA LEU J 217 -9.56 -40.74 24.28
C LEU J 217 -9.67 -40.28 22.83
N SER J 218 -10.01 -39.00 22.60
CA SER J 218 -10.16 -38.51 21.24
C SER J 218 -8.85 -38.59 20.47
N GLU J 219 -7.71 -38.52 21.16
CA GLU J 219 -6.42 -38.65 20.51
C GLU J 219 -5.92 -40.10 20.51
N GLN J 220 -6.21 -40.85 21.58
CA GLN J 220 -5.77 -42.24 21.66
C GLN J 220 -6.45 -43.10 20.61
N VAL J 221 -7.74 -42.89 20.38
CA VAL J 221 -8.45 -43.66 19.36
C VAL J 221 -7.88 -43.37 17.97
N LYS J 222 -7.60 -42.09 17.69
CA LYS J 222 -7.02 -41.73 16.40
C LYS J 222 -5.63 -42.33 16.24
N SER J 223 -4.83 -42.33 17.31
CA SER J 223 -3.50 -42.93 17.23
C SER J 223 -3.58 -44.43 16.99
N ILE J 224 -4.50 -45.11 17.67
CA ILE J 224 -4.66 -46.55 17.48
C ILE J 224 -5.12 -46.83 16.04
N LYS J 225 -6.04 -46.01 15.52
CA LYS J 225 -6.51 -46.21 14.15
C LYS J 225 -5.38 -45.99 13.15
N GLU J 226 -4.55 -44.96 13.37
CA GLU J 226 -3.44 -44.71 12.47
C GLU J 226 -2.41 -45.84 12.52
N LEU J 227 -2.11 -46.35 13.72
CA LEU J 227 -1.18 -47.47 13.82
C LEU J 227 -1.75 -48.72 13.16
N GLY J 228 -3.06 -48.96 13.31
CA GLY J 228 -3.66 -50.10 12.64
C GLY J 228 -3.62 -49.97 11.13
N ASP J 229 -3.86 -48.76 10.61
CA ASP J 229 -3.75 -48.53 9.18
C ASP J 229 -2.33 -48.74 8.69
N HIS J 230 -1.34 -48.29 9.46
CA HIS J 230 0.04 -48.49 9.08
C HIS J 230 0.40 -49.98 9.06
N VAL J 231 -0.06 -50.73 10.07
CA VAL J 231 0.20 -52.17 10.10
C VAL J 231 -0.47 -52.87 8.93
N THR J 232 -1.70 -52.46 8.61
CA THR J 232 -2.40 -53.07 7.47
C THR J 232 -1.69 -52.77 6.16
N ASN J 233 -1.16 -51.54 6.01
CA ASN J 233 -0.43 -51.20 4.80
C ASN J 233 0.89 -51.96 4.71
N LEU J 234 1.56 -52.17 5.85
CA LEU J 234 2.82 -52.91 5.84
C LEU J 234 2.61 -54.39 5.57
N ARG J 235 1.48 -54.95 6.03
CA ARG J 235 1.19 -56.36 5.85
C ARG J 235 0.48 -56.65 4.53
N LYS J 236 0.62 -55.77 3.52
CA LYS J 236 0.02 -56.00 2.21
C LYS J 236 0.99 -55.66 1.10
N MET J 237 1.86 -54.66 1.34
CA MET J 237 2.81 -54.25 0.30
C MET J 237 3.90 -55.29 0.11
N GLY J 238 4.29 -55.99 1.18
CA GLY J 238 5.31 -57.01 1.06
C GLY J 238 6.29 -57.03 2.23
N ALA J 239 6.10 -56.12 3.18
CA ALA J 239 6.98 -56.06 4.34
C ALA J 239 6.79 -57.30 5.21
N PRO J 240 7.86 -57.79 5.87
CA PRO J 240 9.22 -57.23 5.81
C PRO J 240 10.05 -57.77 4.66
N CYS J 241 9.47 -58.65 3.83
CA CYS J 241 10.18 -59.26 2.71
C CYS J 241 10.13 -58.41 1.44
N ALA J 242 10.19 -57.09 1.59
CA ALA J 242 10.17 -56.19 0.43
C ALA J 242 10.85 -54.88 0.85
N GLY J 243 12.11 -54.72 0.46
CA GLY J 243 12.86 -53.53 0.81
C GLY J 243 12.33 -52.25 0.19
N MET J 244 11.71 -52.35 -0.99
CA MET J 244 11.17 -51.16 -1.65
C MET J 244 9.88 -50.69 -1.00
N ALA J 245 9.12 -51.60 -0.39
CA ALA J 245 7.87 -51.21 0.25
C ALA J 245 8.12 -50.30 1.44
N GLU J 246 9.17 -50.57 2.21
CA GLU J 246 9.51 -49.70 3.34
C GLU J 246 9.88 -48.30 2.85
N TYR J 247 10.67 -48.21 1.79
CA TYR J 247 11.06 -46.91 1.25
C TYR J 247 9.85 -46.17 0.69
N LEU J 248 8.92 -46.89 0.06
CA LEU J 248 7.71 -46.26 -0.45
C LEU J 248 6.84 -45.73 0.68
N PHE J 249 6.66 -46.52 1.74
CA PHE J 249 5.89 -46.05 2.89
C PHE J 249 6.59 -44.92 3.63
N ASP J 250 7.92 -44.85 3.55
CA ASP J 250 8.65 -43.77 4.19
C ASP J 250 8.55 -42.46 3.41
N LYS J 251 8.72 -42.53 2.09
CA LYS J 251 8.75 -41.34 1.25
C LYS J 251 7.37 -40.95 0.72
N HIS J 252 6.30 -41.32 1.41
CA HIS J 252 4.95 -40.96 0.98
C HIS J 252 4.03 -40.74 2.17
N THR J 253 3.90 -41.75 3.03
CA THR J 253 3.00 -41.64 4.18
C THR J 253 3.53 -40.64 5.19
N LEU J 254 4.67 -40.94 5.80
CA LEU J 254 5.27 -40.07 6.80
C LEU J 254 6.22 -39.04 6.20
N GLY J 255 6.31 -38.95 4.88
CA GLY J 255 7.20 -38.01 4.23
C GLY J 255 6.49 -36.75 3.78
N THR K 13 10.85 58.57 51.95
CA THR K 13 9.62 58.96 52.64
C THR K 13 8.47 59.15 51.65
N GLN K 14 8.82 59.30 50.37
CA GLN K 14 7.82 59.47 49.34
C GLN K 14 7.31 58.16 48.77
N ASP K 15 8.02 57.05 49.03
CA ASP K 15 7.72 55.79 48.37
C ASP K 15 6.32 55.29 48.69
N LEU K 16 6.05 55.03 49.97
CA LEU K 16 4.77 54.38 50.31
C LEU K 16 3.60 55.32 50.11
N ARG K 17 3.78 56.60 50.42
CA ARG K 17 2.71 57.57 50.21
C ARG K 17 2.36 57.69 48.73
N SER K 18 3.38 57.78 47.87
CA SER K 18 3.13 57.84 46.44
C SER K 18 2.48 56.56 45.93
N HIS K 19 2.92 55.40 46.44
CA HIS K 19 2.33 54.14 45.99
C HIS K 19 0.88 54.00 46.43
N LEU K 20 0.53 54.52 47.60
CA LEU K 20 -0.86 54.44 48.06
C LEU K 20 -1.74 55.52 47.42
N VAL K 21 -1.17 56.64 46.99
CA VAL K 21 -1.97 57.65 46.31
C VAL K 21 -2.13 57.37 44.82
N HIS K 22 -1.19 56.65 44.20
CA HIS K 22 -1.31 56.30 42.80
C HIS K 22 -2.33 55.22 42.51
N LYS K 23 -3.03 54.73 43.54
CA LYS K 23 -4.07 53.73 43.35
C LYS K 23 -5.43 54.36 43.08
N LEU K 24 -5.84 55.32 43.93
CA LEU K 24 -7.14 55.95 43.74
C LEU K 24 -7.15 56.87 42.53
N VAL K 25 -6.04 57.57 42.27
CA VAL K 25 -5.99 58.46 41.11
C VAL K 25 -6.01 57.68 39.81
N GLN K 26 -5.66 56.39 39.84
CA GLN K 26 -5.78 55.54 38.68
C GLN K 26 -7.12 54.81 38.62
N ALA K 27 -7.73 54.55 39.78
CA ALA K 27 -9.02 53.87 39.80
C ALA K 27 -10.16 54.81 39.43
N ILE K 28 -10.01 56.11 39.69
CA ILE K 28 -11.05 57.07 39.33
C ILE K 28 -11.14 57.22 37.82
N PHE K 29 -10.02 57.59 37.18
CA PHE K 29 -9.95 57.78 35.73
C PHE K 29 -8.90 56.83 35.18
N PRO K 30 -9.30 55.60 34.82
CA PRO K 30 -8.32 54.59 34.41
C PRO K 30 -7.91 54.65 32.95
N CYS K 31 -8.68 55.34 32.09
CA CYS K 31 -8.43 55.38 30.65
C CYS K 31 -8.14 56.81 30.22
N PRO K 32 -6.89 57.25 30.30
CA PRO K 32 -6.55 58.60 29.80
C PRO K 32 -6.49 58.63 28.28
N ASP K 33 -7.66 58.63 27.65
CA ASP K 33 -7.74 58.59 26.19
C ASP K 33 -7.36 59.94 25.61
N PRO K 34 -6.28 60.04 24.82
CA PRO K 34 -5.90 61.32 24.22
C PRO K 34 -6.62 61.63 22.91
N CYS K 35 -7.52 60.75 22.46
CA CYS K 35 -8.22 60.94 21.19
C CYS K 35 -9.49 61.77 21.35
N ALA K 36 -9.57 62.62 22.37
CA ALA K 36 -10.75 63.44 22.58
C ALA K 36 -10.38 64.76 23.25
N LEU K 37 -10.47 64.82 24.58
CA LEU K 37 -10.16 66.03 25.31
C LEU K 37 -8.65 66.15 25.53
N LYS K 38 -8.25 67.17 26.30
CA LYS K 38 -6.84 67.39 26.59
C LYS K 38 -6.41 66.60 27.83
N ASP K 39 -5.55 67.20 28.66
CA ASP K 39 -5.03 66.55 29.85
C ASP K 39 -5.14 67.42 31.09
N ARG K 40 -5.97 68.47 31.06
CA ARG K 40 -6.11 69.35 32.22
C ARG K 40 -7.16 68.84 33.21
N ARG K 41 -8.20 68.16 32.72
CA ARG K 41 -9.18 67.57 33.61
C ARG K 41 -8.56 66.45 34.44
N MET K 42 -7.64 65.70 33.84
CA MET K 42 -6.93 64.67 34.59
C MET K 42 -6.10 65.29 35.71
N GLU K 43 -5.43 66.41 35.43
CA GLU K 43 -4.64 67.07 36.46
C GLU K 43 -5.54 67.64 37.56
N ASN K 44 -6.70 68.18 37.18
CA ASN K 44 -7.65 68.66 38.18
C ASN K 44 -8.14 67.53 39.07
N LEU K 45 -8.45 66.38 38.47
CA LEU K 45 -8.89 65.24 39.26
C LEU K 45 -7.78 64.73 40.17
N VAL K 46 -6.54 64.74 39.69
CA VAL K 46 -5.41 64.32 40.53
C VAL K 46 -5.25 65.27 41.71
N ALA K 47 -5.37 66.57 41.46
CA ALA K 47 -5.25 67.54 42.55
C ALA K 47 -6.37 67.38 43.56
N TYR K 48 -7.59 67.14 43.08
CA TYR K 48 -8.72 66.93 43.99
C TYR K 48 -8.53 65.68 44.82
N ALA K 49 -8.05 64.59 44.20
CA ALA K 49 -7.80 63.36 44.93
C ALA K 49 -6.68 63.55 45.96
N LYS K 50 -5.66 64.33 45.61
CA LYS K 50 -4.58 64.60 46.57
C LYS K 50 -5.09 65.41 47.76
N LYS K 51 -5.95 66.39 47.50
CA LYS K 51 -6.52 67.16 48.60
C LYS K 51 -7.40 66.29 49.49
N VAL K 52 -8.20 65.41 48.87
CA VAL K 52 -9.06 64.51 49.64
C VAL K 52 -8.21 63.57 50.50
N GLU K 53 -7.15 63.02 49.93
CA GLU K 53 -6.30 62.12 50.72
C GLU K 53 -5.58 62.88 51.82
N GLY K 54 -5.20 64.13 51.57
CA GLY K 54 -4.58 64.92 52.62
C GLY K 54 -5.52 65.19 53.79
N ASP K 55 -6.75 65.60 53.49
CA ASP K 55 -7.68 65.90 54.58
C ASP K 55 -8.11 64.63 55.31
N MET K 56 -8.26 63.51 54.59
CA MET K 56 -8.66 62.28 55.26
C MET K 56 -7.51 61.63 56.02
N TYR K 57 -6.26 61.95 55.68
CA TYR K 57 -5.13 61.54 56.50
C TYR K 57 -4.96 62.44 57.71
N GLU K 58 -5.28 63.73 57.57
CA GLU K 58 -5.27 64.61 58.73
C GLU K 58 -6.39 64.24 59.70
N SER K 59 -7.53 63.76 59.20
CA SER K 59 -8.64 63.32 60.03
C SER K 59 -8.60 61.83 60.31
N ALA K 60 -7.42 61.23 60.35
CA ALA K 60 -7.27 59.81 60.60
C ALA K 60 -6.99 59.57 62.09
N ASN K 61 -6.57 58.37 62.46
CA ASN K 61 -6.29 58.04 63.84
C ASN K 61 -5.29 56.90 63.97
N SER K 62 -5.37 55.92 63.08
CA SER K 62 -4.48 54.77 63.13
C SER K 62 -3.99 54.46 61.71
N ARG K 63 -3.56 53.22 61.49
CA ARG K 63 -3.02 52.80 60.21
C ARG K 63 -3.81 51.68 59.55
N ASP K 64 -4.23 50.67 60.32
CA ASP K 64 -4.99 49.56 59.74
C ASP K 64 -6.39 50.01 59.35
N GLU K 65 -7.05 50.78 60.20
CA GLU K 65 -8.37 51.30 59.86
C GLU K 65 -8.30 52.24 58.66
N TYR K 66 -7.18 52.95 58.50
CA TYR K 66 -7.02 53.81 57.33
C TYR K 66 -6.96 52.98 56.05
N TYR K 67 -6.20 51.88 56.07
CA TYR K 67 -6.15 51.00 54.90
C TYR K 67 -7.50 50.35 54.62
N HIS K 68 -8.23 49.98 55.69
CA HIS K 68 -9.56 49.40 55.51
C HIS K 68 -10.51 50.41 54.88
N LEU K 69 -10.48 51.67 55.33
CA LEU K 69 -11.32 52.70 54.76
C LEU K 69 -10.94 52.97 53.31
N LEU K 70 -9.65 52.95 53.00
CA LEU K 70 -9.22 53.14 51.62
C LEU K 70 -9.72 52.00 50.73
N ALA K 71 -9.64 50.76 51.22
CA ALA K 71 -10.14 49.63 50.44
C ALA K 71 -11.64 49.73 50.24
N GLU K 72 -12.38 50.13 51.27
CA GLU K 72 -13.83 50.30 51.12
C GLU K 72 -14.15 51.41 50.12
N LYS K 73 -13.39 52.50 50.16
CA LYS K 73 -13.62 53.59 49.20
C LYS K 73 -13.33 53.15 47.78
N ILE K 74 -12.26 52.37 47.58
CA ILE K 74 -11.93 51.86 46.25
C ILE K 74 -13.03 50.93 45.76
N TYR K 75 -13.53 50.05 46.64
CA TYR K 75 -14.59 49.13 46.25
C TYR K 75 -15.90 49.87 45.97
N LYS K 76 -16.12 51.02 46.62
CA LYS K 76 -17.38 51.74 46.38
C LYS K 76 -17.30 52.66 45.16
N ILE K 77 -16.12 53.16 44.81
CA ILE K 77 -16.01 53.99 43.62
C ILE K 77 -15.91 53.16 42.35
N GLN K 78 -15.55 51.87 42.45
CA GLN K 78 -15.48 51.01 41.29
C GLN K 78 -16.84 50.46 40.87
N LYS K 79 -17.93 50.88 41.54
CA LYS K 79 -19.28 50.48 41.19
C LYS K 79 -20.15 51.74 41.12
N GLU K 80 -19.82 52.62 40.18
CA GLU K 80 -20.48 53.91 40.03
C GLU K 80 -21.35 53.87 38.78
N LEU K 81 -20.85 54.27 37.62
CA LEU K 81 -21.65 54.28 36.40
C LEU K 81 -20.84 53.80 35.20
N GLU K 82 -20.42 52.54 35.26
CA GLU K 82 -19.66 51.91 34.19
C GLU K 82 -20.56 51.18 33.19
N GLU K 83 -21.82 51.60 33.07
CA GLU K 83 -22.79 51.00 32.15
C GLU K 83 -22.99 49.51 32.41
N LYS K 84 -22.69 49.05 33.63
CA LYS K 84 -22.81 47.66 34.01
C LYS K 84 -22.06 46.75 33.03
N SER K 85 -22.77 46.23 32.04
CA SER K 85 -22.18 45.38 31.00
C SER K 85 -23.22 45.24 29.89
N GLN K 86 -22.81 44.55 28.82
CA GLN K 86 -23.69 44.30 27.68
C GLN K 86 -24.24 42.89 27.64
N VAL K 87 -23.64 41.95 28.38
CA VAL K 87 -24.12 40.57 28.43
C VAL K 87 -24.53 40.16 29.83
N ARG K 88 -24.44 41.05 30.82
CA ARG K 88 -24.80 40.74 32.19
C ARG K 88 -26.32 40.86 32.34
N GLN K 89 -26.97 39.76 32.73
CA GLN K 89 -28.42 39.72 32.90
C GLN K 89 -28.73 38.92 34.15
N ASN K 90 -29.33 39.59 35.14
CA ASN K 90 -29.70 38.96 36.41
C ASN K 90 -28.48 38.35 37.10
N TYR K 91 -27.69 39.18 37.77
CA TYR K 91 -26.51 38.70 38.47
C TYR K 91 -26.18 39.67 39.60
N HIS K 92 -26.32 39.18 40.83
CA HIS K 92 -26.10 39.99 42.02
C HIS K 92 -24.61 40.05 42.36
N GLN K 93 -24.26 41.06 43.15
CA GLN K 93 -22.86 41.24 43.54
C GLN K 93 -22.37 40.15 44.50
N ASP K 94 -23.28 39.52 45.24
CA ASP K 94 -22.87 38.43 46.13
C ASP K 94 -22.31 37.25 45.33
N ALA K 95 -22.96 36.91 44.22
CA ALA K 95 -22.44 35.85 43.37
C ALA K 95 -21.08 36.22 42.77
N GLU K 96 -20.90 37.49 42.42
CA GLU K 96 -19.61 37.93 41.89
C GLU K 96 -18.51 37.81 42.95
N ALA K 97 -18.82 38.22 44.19
CA ALA K 97 -17.84 38.08 45.27
C ALA K 97 -17.53 36.62 45.56
N ALA K 98 -18.56 35.75 45.48
CA ALA K 98 -18.33 34.33 45.69
C ALA K 98 -17.45 33.74 44.60
N ILE K 99 -17.67 34.16 43.34
CA ILE K 99 -16.83 33.68 42.24
C ILE K 99 -15.40 34.18 42.41
N ASN K 100 -15.24 35.42 42.88
CA ASN K 100 -13.89 35.94 43.11
C ASN K 100 -13.18 35.15 44.22
N ARG K 101 -13.89 34.85 45.30
CA ARG K 101 -13.29 34.06 46.37
C ARG K 101 -12.95 32.66 45.90
N GLN K 102 -13.81 32.07 45.07
CA GLN K 102 -13.53 30.75 44.53
C GLN K 102 -12.31 30.76 43.63
N ILE K 103 -12.16 31.81 42.81
CA ILE K 103 -10.98 31.93 41.96
C ILE K 103 -9.73 32.10 42.80
N ASN K 104 -9.81 32.90 43.86
CA ASN K 104 -8.67 33.05 44.76
C ASN K 104 -8.29 31.73 45.41
N LEU K 105 -9.29 30.95 45.83
CA LEU K 105 -9.00 29.65 46.43
C LEU K 105 -8.41 28.69 45.40
N GLU K 106 -8.88 28.75 44.15
CA GLU K 106 -8.30 27.92 43.11
C GLU K 106 -6.84 28.28 42.86
N LEU K 107 -6.53 29.58 42.84
CA LEU K 107 -5.15 30.01 42.66
C LEU K 107 -4.28 29.57 43.83
N TYR K 108 -4.81 29.67 45.05
CA TYR K 108 -4.06 29.22 46.22
C TYR K 108 -3.80 27.72 46.16
N ALA K 109 -4.81 26.95 45.74
CA ALA K 109 -4.63 25.50 45.61
C ALA K 109 -3.59 25.17 44.53
N SER K 110 -3.60 25.90 43.42
CA SER K 110 -2.61 25.68 42.39
C SER K 110 -1.20 26.01 42.90
N TYR K 111 -1.08 27.08 43.67
CA TYR K 111 0.23 27.43 44.25
C TYR K 111 0.70 26.35 45.22
N VAL K 112 -0.22 25.84 46.05
CA VAL K 112 0.16 24.79 47.01
C VAL K 112 0.58 23.52 46.27
N TYR K 113 -0.14 23.18 45.19
CA TYR K 113 0.22 21.99 44.44
C TYR K 113 1.55 22.16 43.72
N LEU K 114 1.84 23.38 43.23
CA LEU K 114 3.15 23.65 42.64
C LEU K 114 4.26 23.52 43.67
N SER K 115 4.03 24.03 44.88
CA SER K 115 5.02 23.91 45.95
C SER K 115 5.23 22.44 46.31
N MET K 116 4.16 21.64 46.34
CA MET K 116 4.31 20.22 46.63
C MET K 116 5.08 19.51 45.52
N SER K 117 4.80 19.85 44.26
CA SER K 117 5.52 19.23 43.16
C SER K 117 7.00 19.60 43.16
N CYS K 118 7.32 20.84 43.56
CA CYS K 118 8.71 21.26 43.60
C CYS K 118 9.44 20.76 44.85
N TYR K 119 8.70 20.42 45.91
CA TYR K 119 9.35 19.89 47.12
C TYR K 119 9.74 18.44 46.95
N PHE K 120 8.85 17.62 46.39
CA PHE K 120 9.15 16.21 46.19
C PHE K 120 10.15 15.99 45.06
N ASP K 121 10.38 16.99 44.22
CA ASP K 121 11.35 16.90 43.13
C ASP K 121 12.76 17.28 43.58
N ARG K 122 12.95 17.59 44.86
CA ARG K 122 14.26 18.00 45.36
C ARG K 122 15.18 16.80 45.54
N ASP K 123 16.29 17.00 46.25
CA ASP K 123 17.26 15.94 46.50
C ASP K 123 17.05 15.23 47.82
N ASP K 124 16.41 15.88 48.79
CA ASP K 124 16.17 15.27 50.09
C ASP K 124 14.93 14.40 50.13
N VAL K 125 14.16 14.35 49.04
CA VAL K 125 12.95 13.54 48.95
C VAL K 125 13.09 12.46 47.88
N ALA K 126 13.43 12.85 46.66
CA ALA K 126 13.66 11.92 45.55
C ALA K 126 12.42 11.07 45.26
N LEU K 127 11.36 11.76 44.84
CA LEU K 127 10.10 11.12 44.46
C LEU K 127 9.58 11.80 43.20
N LYS K 128 9.83 11.18 42.04
CA LYS K 128 9.45 11.76 40.76
C LYS K 128 7.98 11.55 40.43
N ASN K 129 7.40 10.41 40.80
CA ASN K 129 6.00 10.15 40.48
C ASN K 129 5.08 11.07 41.28
N PHE K 130 5.38 11.28 42.56
CA PHE K 130 4.59 12.22 43.35
C PHE K 130 4.71 13.64 42.81
N ALA K 131 5.91 14.02 42.38
CA ALA K 131 6.10 15.35 41.79
C ALA K 131 5.31 15.50 40.51
N LYS K 132 5.29 14.48 39.66
CA LYS K 132 4.52 14.54 38.42
C LYS K 132 3.03 14.60 38.71
N TYR K 133 2.56 13.83 39.69
CA TYR K 133 1.15 13.87 40.06
C TYR K 133 0.75 15.25 40.60
N PHE K 134 1.59 15.83 41.43
CA PHE K 134 1.30 17.16 41.97
C PHE K 134 1.35 18.22 40.88
N LEU K 135 2.25 18.07 39.91
CA LEU K 135 2.29 19.00 38.79
C LEU K 135 1.05 18.88 37.92
N HIS K 136 0.57 17.65 37.71
CA HIS K 136 -0.68 17.46 36.96
C HIS K 136 -1.86 18.06 37.71
N GLN K 137 -1.89 17.90 39.03
CA GLN K 137 -2.96 18.51 39.83
C GLN K 137 -2.91 20.03 39.77
N SER K 138 -1.69 20.60 39.80
CA SER K 138 -1.56 22.05 39.67
C SER K 138 -2.01 22.52 38.30
N HIS K 139 -1.70 21.76 37.25
CA HIS K 139 -2.17 22.13 35.92
C HIS K 139 -3.70 22.06 35.83
N GLU K 140 -4.30 21.05 36.47
CA GLU K 140 -5.76 20.95 36.48
C GLU K 140 -6.38 22.12 37.23
N GLU K 141 -5.78 22.51 38.37
CA GLU K 141 -6.27 23.67 39.11
C GLU K 141 -6.14 24.94 38.30
N ARG K 142 -5.03 25.09 37.57
CA ARG K 142 -4.85 26.27 36.73
CA ARG K 142 -4.84 26.26 36.71
C ARG K 142 -5.89 26.31 35.61
N GLU K 143 -6.17 25.16 34.99
CA GLU K 143 -7.19 25.11 33.95
C GLU K 143 -8.57 25.42 34.51
N HIS K 144 -8.88 24.92 35.71
CA HIS K 144 -10.16 25.22 36.32
C HIS K 144 -10.28 26.71 36.65
N ALA K 145 -9.19 27.32 37.12
CA ALA K 145 -9.21 28.75 37.41
C ALA K 145 -9.40 29.57 36.13
N GLU K 146 -8.72 29.18 35.05
CA GLU K 146 -8.90 29.87 33.78
C GLU K 146 -10.32 29.71 33.26
N LYS K 147 -10.91 28.52 33.45
CA LYS K 147 -12.28 28.30 33.01
C LYS K 147 -13.26 29.15 33.84
N LEU K 148 -13.02 29.27 35.15
CA LEU K 148 -13.85 30.13 35.98
C LEU K 148 -13.73 31.59 35.55
N MET K 149 -12.49 32.03 35.25
CA MET K 149 -12.30 33.40 34.79
C MET K 149 -13.02 33.65 33.47
N LYS K 150 -12.94 32.69 32.54
CA LYS K 150 -13.63 32.84 31.26
C LYS K 150 -15.14 32.87 31.45
N LEU K 151 -15.66 32.02 32.34
CA LEU K 151 -17.10 32.03 32.60
C LEU K 151 -17.55 33.34 33.22
N GLN K 152 -16.74 33.90 34.13
CA GLN K 152 -17.07 35.20 34.72
C GLN K 152 -17.01 36.31 33.67
N ASN K 153 -16.06 36.23 32.74
CA ASN K 153 -15.98 37.23 31.68
C ASN K 153 -17.15 37.12 30.71
N GLN K 154 -17.65 35.90 30.48
CA GLN K 154 -18.78 35.73 29.57
C GLN K 154 -20.09 36.20 30.19
N ARG K 155 -20.16 36.29 31.52
CA ARG K 155 -21.37 36.74 32.20
C ARG K 155 -21.37 38.25 32.46
N GLY K 156 -20.38 38.96 31.97
CA GLY K 156 -20.32 40.41 32.16
C GLY K 156 -20.02 40.83 33.58
N GLY K 157 -19.05 40.19 34.22
CA GLY K 157 -18.71 40.53 35.59
C GLY K 157 -17.25 40.90 35.76
N ARG K 158 -16.96 41.74 36.76
CA ARG K 158 -15.60 42.19 37.02
C ARG K 158 -14.85 41.13 37.82
N ILE K 159 -13.54 41.06 37.60
CA ILE K 159 -12.67 40.12 38.30
C ILE K 159 -11.67 40.93 39.11
N PHE K 160 -11.73 40.81 40.43
CA PHE K 160 -10.86 41.53 41.35
C PHE K 160 -9.77 40.57 41.83
N LEU K 161 -8.63 40.58 41.13
CA LEU K 161 -7.52 39.72 41.48
C LEU K 161 -6.78 40.29 42.68
N GLN K 162 -6.79 39.56 43.79
CA GLN K 162 -6.12 39.99 45.02
C GLN K 162 -4.71 39.40 45.05
N ASP K 163 -4.11 39.31 46.23
CA ASP K 163 -2.77 38.77 46.39
C ASP K 163 -2.85 37.29 46.75
N ILE K 164 -2.10 36.47 46.02
CA ILE K 164 -2.08 35.03 46.27
C ILE K 164 -1.28 34.77 47.53
N LYS K 165 -1.89 34.10 48.50
CA LYS K 165 -1.22 33.80 49.75
C LYS K 165 -0.22 32.66 49.58
N LYS K 166 0.81 32.68 50.43
CA LYS K 166 1.86 31.66 50.39
C LYS K 166 1.45 30.45 51.22
N PRO K 167 1.94 29.26 50.86
CA PRO K 167 1.62 28.06 51.67
C PRO K 167 2.19 28.17 53.07
N ASP K 168 1.37 27.78 54.05
CA ASP K 168 1.78 27.85 55.44
C ASP K 168 2.83 26.81 55.80
N ARG K 169 2.92 25.72 55.04
CA ARG K 169 3.89 24.66 55.29
C ARG K 169 4.81 24.54 54.08
N ASP K 170 6.11 24.58 54.33
CA ASP K 170 7.12 24.48 53.27
C ASP K 170 7.89 23.17 53.32
N ASP K 171 8.09 22.60 54.51
CA ASP K 171 8.81 21.34 54.69
C ASP K 171 7.78 20.25 54.93
N TRP K 172 7.47 19.50 53.86
CA TRP K 172 6.49 18.42 53.96
C TRP K 172 7.07 17.13 54.53
N CYS K 173 8.39 17.07 54.69
CA CYS K 173 9.07 15.91 55.29
C CYS K 173 8.76 14.63 54.52
N SER K 174 7.76 13.88 54.99
CA SER K 174 7.38 12.63 54.34
C SER K 174 6.31 12.87 53.28
N GLY K 175 5.38 11.94 53.13
CA GLY K 175 4.33 12.06 52.15
C GLY K 175 2.94 12.03 52.74
N LEU K 176 2.81 11.47 53.95
CA LEU K 176 1.51 11.40 54.60
C LEU K 176 0.98 12.78 54.97
N ASN K 177 1.85 13.66 55.48
CA ASN K 177 1.42 15.01 55.82
C ASN K 177 0.99 15.78 54.59
N ALA K 178 1.70 15.59 53.46
CA ALA K 178 1.29 16.24 52.22
C ALA K 178 -0.06 15.74 51.75
N MET K 179 -0.32 14.44 51.88
CA MET K 179 -1.61 13.89 51.50
C MET K 179 -2.73 14.43 52.39
N GLU K 180 -2.46 14.55 53.70
CA GLU K 180 -3.46 15.11 54.61
C GLU K 180 -3.74 16.57 54.28
N SER K 181 -2.69 17.35 53.96
CA SER K 181 -2.89 18.74 53.59
C SER K 181 -3.68 18.86 52.30
N ALA K 182 -3.39 18.00 51.32
CA ALA K 182 -4.14 18.02 50.07
C ALA K 182 -5.60 17.64 50.30
N LEU K 183 -5.85 16.67 51.18
CA LEU K 183 -7.22 16.28 51.48
C LEU K 183 -7.97 17.42 52.16
N HIS K 184 -7.32 18.09 53.11
CA HIS K 184 -7.96 19.23 53.77
C HIS K 184 -8.23 20.36 52.78
N LEU K 185 -7.30 20.60 51.86
CA LEU K 185 -7.50 21.63 50.85
C LEU K 185 -8.67 21.28 49.92
N GLU K 186 -8.77 20.01 49.52
CA GLU K 186 -9.88 19.60 48.67
C GLU K 186 -11.21 19.69 49.41
N LYS K 187 -11.21 19.38 50.72
CA LYS K 187 -12.44 19.53 51.50
C LYS K 187 -12.83 21.00 51.61
N SER K 188 -11.86 21.89 51.78
CA SER K 188 -12.17 23.32 51.81
C SER K 188 -12.70 23.81 50.48
N VAL K 189 -12.12 23.31 49.38
CA VAL K 189 -12.61 23.68 48.05
C VAL K 189 -14.04 23.18 47.84
N ASN K 190 -14.33 21.96 48.31
CA ASN K 190 -15.68 21.43 48.18
C ASN K 190 -16.66 22.23 49.02
N GLN K 191 -16.26 22.65 50.23
CA GLN K 191 -17.13 23.48 51.05
C GLN K 191 -17.38 24.83 50.39
N SER K 192 -16.35 25.42 49.79
CA SER K 192 -16.53 26.68 49.09
C SER K 192 -17.46 26.53 47.89
N LEU K 193 -17.35 25.40 47.17
CA LEU K 193 -18.24 25.16 46.04
C LEU K 193 -19.68 24.96 46.51
N LEU K 194 -19.87 24.28 47.65
CA LEU K 194 -21.22 24.13 48.19
C LEU K 194 -21.80 25.48 48.61
N GLU K 195 -20.98 26.33 49.22
CA GLU K 195 -21.45 27.66 49.59
C GLU K 195 -21.81 28.49 48.37
N LEU K 196 -20.99 28.38 47.31
CA LEU K 196 -21.29 29.09 46.07
C LEU K 196 -22.58 28.59 45.45
N HIS K 197 -22.81 27.27 45.47
CA HIS K 197 -24.04 26.70 44.94
C HIS K 197 -25.25 27.19 45.73
N LYS K 198 -25.13 27.22 47.06
CA LYS K 198 -26.23 27.68 47.90
C LYS K 198 -26.52 29.16 47.64
N LEU K 199 -25.47 29.98 47.49
CA LEU K 199 -25.67 31.40 47.23
C LEU K 199 -26.30 31.62 45.86
N ALA K 200 -25.89 30.84 44.86
CA ALA K 200 -26.49 30.97 43.54
C ALA K 200 -27.94 30.50 43.53
N THR K 201 -28.27 29.49 44.34
CA THR K 201 -29.66 29.04 44.42
C THR K 201 -30.53 30.06 45.15
N ASP K 202 -30.00 30.67 46.20
CA ASP K 202 -30.77 31.67 46.95
C ASP K 202 -30.89 32.99 46.20
N LYS K 203 -30.03 33.24 45.22
CA LYS K 203 -30.06 34.48 44.45
C LYS K 203 -30.53 34.25 43.01
N ASN K 204 -31.11 33.09 42.72
CA ASN K 204 -31.65 32.75 41.41
C ASN K 204 -30.57 32.85 40.32
N ASP K 205 -29.74 31.83 40.22
CA ASP K 205 -28.70 31.76 39.19
C ASP K 205 -28.60 30.32 38.69
N PRO K 206 -29.46 29.94 37.75
CA PRO K 206 -29.49 28.54 37.30
C PRO K 206 -28.30 28.16 36.43
N HIS K 207 -27.85 29.09 35.57
CA HIS K 207 -26.76 28.78 34.66
C HIS K 207 -25.45 28.52 35.40
N LEU K 208 -25.08 29.43 36.31
CA LEU K 208 -23.86 29.24 37.08
C LEU K 208 -23.94 28.01 37.97
N CYS K 209 -25.12 27.78 38.58
CA CYS K 209 -25.30 26.59 39.40
C CYS K 209 -25.09 25.32 38.60
N ASP K 210 -25.71 25.23 37.42
CA ASP K 210 -25.56 24.05 36.58
C ASP K 210 -24.12 23.88 36.12
N PHE K 211 -23.47 24.98 35.73
CA PHE K 211 -22.08 24.89 35.27
C PHE K 211 -21.16 24.41 36.38
N ILE K 212 -21.35 24.91 37.60
CA ILE K 212 -20.52 24.49 38.71
C ILE K 212 -20.78 23.02 39.08
N GLU K 213 -22.05 22.62 39.10
CA GLU K 213 -22.37 21.25 39.49
C GLU K 213 -22.05 20.24 38.39
N THR K 214 -21.84 20.69 37.16
CA THR K 214 -21.53 19.78 36.05
C THR K 214 -20.03 19.74 35.74
N TYR K 215 -19.44 20.87 35.37
CA TYR K 215 -18.07 20.91 34.88
C TYR K 215 -17.05 21.20 35.97
N TYR K 216 -17.36 20.88 37.22
CA TYR K 216 -16.41 21.11 38.31
C TYR K 216 -16.51 20.03 39.39
N LEU K 217 -17.72 19.75 39.86
CA LEU K 217 -17.89 18.74 40.91
C LEU K 217 -17.52 17.34 40.42
N SER K 218 -17.74 17.06 39.14
CA SER K 218 -17.44 15.73 38.61
C SER K 218 -15.95 15.40 38.72
N GLU K 219 -15.09 16.42 38.70
CA GLU K 219 -13.65 16.22 38.86
C GLU K 219 -13.23 16.35 40.32
N GLN K 220 -13.86 17.25 41.08
CA GLN K 220 -13.50 17.42 42.48
C GLN K 220 -13.84 16.19 43.30
N VAL K 221 -14.98 15.57 43.04
CA VAL K 221 -15.35 14.36 43.78
C VAL K 221 -14.36 13.24 43.49
N LYS K 222 -13.98 13.09 42.21
CA LYS K 222 -13.01 12.06 41.86
C LYS K 222 -11.65 12.32 42.50
N SER K 223 -11.23 13.59 42.53
CA SER K 223 -9.96 13.92 43.17
C SER K 223 -10.00 13.63 44.67
N ILE K 224 -11.11 13.98 45.34
CA ILE K 224 -11.24 13.70 46.76
C ILE K 224 -11.23 12.19 47.01
N LYS K 225 -11.90 11.42 46.16
CA LYS K 225 -11.92 9.98 46.31
C LYS K 225 -10.53 9.38 46.11
N GLU K 226 -9.79 9.89 45.12
CA GLU K 226 -8.44 9.39 44.88
C GLU K 226 -7.51 9.72 46.05
N LEU K 227 -7.63 10.94 46.58
CA LEU K 227 -6.80 11.30 47.74
C LEU K 227 -7.16 10.47 48.96
N GLY K 228 -8.45 10.20 49.16
CA GLY K 228 -8.84 9.34 50.27
C GLY K 228 -8.31 7.92 50.11
N ASP K 229 -8.36 7.39 48.89
CA ASP K 229 -7.80 6.06 48.64
C ASP K 229 -6.30 6.05 48.89
N HIS K 230 -5.59 7.10 48.48
CA HIS K 230 -4.15 7.17 48.72
C HIS K 230 -3.85 7.24 50.21
N VAL K 231 -4.63 8.02 50.96
CA VAL K 231 -4.42 8.11 52.42
C VAL K 231 -4.71 6.76 53.07
N THR K 232 -5.76 6.08 52.63
CA THR K 232 -6.08 4.77 53.18
C THR K 232 -4.98 3.75 52.89
N ASN K 233 -4.41 3.80 51.68
CA ASN K 233 -3.32 2.90 51.34
C ASN K 233 -2.06 3.21 52.15
N LEU K 234 -1.79 4.50 52.39
CA LEU K 234 -0.61 4.86 53.17
C LEU K 234 -0.77 4.51 54.64
N ARG K 235 -1.99 4.57 55.16
CA ARG K 235 -2.25 4.27 56.57
C ARG K 235 -2.50 2.79 56.82
N LYS K 236 -2.03 1.91 55.93
CA LYS K 236 -2.20 0.48 56.12
C LYS K 236 -0.91 -0.27 55.78
N MET K 237 -0.15 0.25 54.81
CA MET K 237 1.09 -0.41 54.42
C MET K 237 2.17 -0.28 55.49
N GLY K 238 2.19 0.83 56.22
CA GLY K 238 3.16 1.03 57.27
C GLY K 238 3.72 2.43 57.34
N ALA K 239 3.27 3.30 56.44
CA ALA K 239 3.73 4.68 56.43
C ALA K 239 3.24 5.42 57.67
N PRO K 240 4.04 6.36 58.20
CA PRO K 240 5.35 6.75 57.68
C PRO K 240 6.50 5.91 58.24
N CYS K 241 6.19 4.92 59.07
CA CYS K 241 7.21 4.08 59.69
C CYS K 241 7.58 2.88 58.83
N ALA K 242 7.63 3.06 57.50
CA ALA K 242 7.99 1.99 56.59
C ALA K 242 8.53 2.63 55.32
N GLY K 243 9.86 2.65 55.18
CA GLY K 243 10.48 3.26 54.02
C GLY K 243 10.21 2.52 52.72
N MET K 244 10.00 1.22 52.78
CA MET K 244 9.73 0.45 51.57
C MET K 244 8.30 0.67 51.07
N ALA K 245 7.37 0.98 51.96
CA ALA K 245 5.98 1.21 51.55
C ALA K 245 5.87 2.44 50.66
N GLU K 246 6.62 3.50 50.97
CA GLU K 246 6.60 4.69 50.13
C GLU K 246 7.14 4.39 48.73
N TYR K 247 8.24 3.62 48.65
CA TYR K 247 8.80 3.26 47.36
C TYR K 247 7.85 2.38 46.57
N LEU K 248 7.15 1.47 47.26
CA LEU K 248 6.18 0.62 46.58
C LEU K 248 5.01 1.43 46.04
N PHE K 249 4.48 2.35 46.84
CA PHE K 249 3.41 3.21 46.37
C PHE K 249 3.86 4.16 45.27
N ASP K 250 5.15 4.50 45.24
CA ASP K 250 5.67 5.38 44.19
C ASP K 250 5.85 4.64 42.87
N LYS K 251 6.43 3.43 42.92
CA LYS K 251 6.75 2.67 41.72
C LYS K 251 5.62 1.75 41.28
N HIS K 252 4.37 2.05 41.63
CA HIS K 252 3.24 1.23 41.22
C HIS K 252 2.00 2.07 40.99
N THR K 253 1.57 2.82 42.01
CA THR K 253 0.36 3.63 41.89
C THR K 253 0.57 4.78 40.91
N LEU K 254 1.45 5.72 41.27
CA LEU K 254 1.72 6.87 40.43
C LEU K 254 2.85 6.63 39.42
N GLY K 255 3.35 5.41 39.32
CA GLY K 255 4.41 5.10 38.39
C GLY K 255 3.93 4.46 37.10
N THR L 13 -6.39 56.19 -56.98
CA THR L 13 -7.52 55.84 -56.13
C THR L 13 -8.21 54.57 -56.62
N GLN L 14 -7.49 53.78 -57.41
CA GLN L 14 -8.02 52.54 -57.96
C GLN L 14 -7.91 51.37 -56.99
N ASP L 15 -7.12 51.49 -55.93
CA ASP L 15 -7.00 50.41 -54.96
C ASP L 15 -8.31 50.18 -54.22
N LEU L 16 -8.95 51.26 -53.75
CA LEU L 16 -10.26 51.15 -53.14
C LEU L 16 -11.28 50.60 -54.12
N ARG L 17 -11.19 51.00 -55.38
CA ARG L 17 -12.11 50.49 -56.39
C ARG L 17 -11.96 48.98 -56.57
N SER L 18 -10.71 48.51 -56.63
CA SER L 18 -10.48 47.07 -56.75
C SER L 18 -10.96 46.33 -55.50
N HIS L 19 -10.74 46.93 -54.32
CA HIS L 19 -11.16 46.28 -53.09
C HIS L 19 -12.68 46.19 -52.99
N LEU L 20 -13.39 47.21 -53.49
CA LEU L 20 -14.85 47.18 -53.44
C LEU L 20 -15.45 46.33 -54.55
N VAL L 21 -14.75 46.14 -55.66
CA VAL L 21 -15.27 45.29 -56.73
C VAL L 21 -14.93 43.81 -56.49
N HIS L 22 -13.86 43.51 -55.75
CA HIS L 22 -13.52 42.12 -55.46
C HIS L 22 -14.42 41.49 -54.40
N LYS L 23 -15.42 42.21 -53.91
CA LYS L 23 -16.36 41.65 -52.94
C LYS L 23 -17.55 40.98 -53.63
N LEU L 24 -18.19 41.69 -54.57
CA LEU L 24 -19.35 41.11 -55.25
C LEU L 24 -18.94 39.99 -56.19
N VAL L 25 -17.80 40.14 -56.88
CA VAL L 25 -17.35 39.10 -57.80
C VAL L 25 -16.96 37.83 -57.05
N GLN L 26 -16.68 37.93 -55.75
CA GLN L 26 -16.41 36.76 -54.92
C GLN L 26 -17.68 36.24 -54.23
N ALA L 27 -18.64 37.13 -53.97
CA ALA L 27 -19.88 36.70 -53.34
C ALA L 27 -20.81 36.01 -54.33
N ILE L 28 -20.73 36.36 -55.61
CA ILE L 28 -21.58 35.71 -56.61
C ILE L 28 -21.17 34.26 -56.80
N PHE L 29 -19.90 34.03 -57.14
CA PHE L 29 -19.36 32.69 -57.39
C PHE L 29 -18.20 32.48 -56.41
N PRO L 30 -18.49 31.97 -55.20
CA PRO L 30 -17.44 31.87 -54.18
C PRO L 30 -16.59 30.61 -54.27
N CYS L 31 -17.01 29.59 -55.00
CA CYS L 31 -16.30 28.31 -55.07
C CYS L 31 -15.87 28.04 -56.51
N PRO L 32 -14.69 28.54 -56.90
CA PRO L 32 -14.18 28.23 -58.25
C PRO L 32 -13.63 26.81 -58.32
N ASP L 33 -14.53 25.83 -58.38
CA ASP L 33 -14.12 24.43 -58.37
C ASP L 33 -13.56 24.05 -59.73
N PRO L 34 -12.28 23.66 -59.82
CA PRO L 34 -11.70 23.26 -61.10
C PRO L 34 -11.95 21.80 -61.47
N CYS L 35 -12.66 21.05 -60.64
CA CYS L 35 -12.92 19.64 -60.88
C CYS L 35 -14.15 19.39 -61.75
N ALA L 36 -14.53 20.37 -62.57
CA ALA L 36 -15.71 20.21 -63.43
C ALA L 36 -15.54 21.01 -64.72
N LEU L 37 -16.06 22.24 -64.73
CA LEU L 37 -15.98 23.08 -65.91
C LEU L 37 -14.63 23.78 -65.97
N LYS L 38 -14.48 24.67 -66.96
CA LYS L 38 -13.23 25.41 -67.13
C LYS L 38 -13.25 26.69 -66.31
N ASP L 39 -12.70 27.78 -66.86
CA ASP L 39 -12.64 29.05 -66.14
C ASP L 39 -13.06 30.22 -67.03
N ARG L 40 -13.85 29.96 -68.07
CA ARG L 40 -14.34 31.04 -68.91
C ARG L 40 -15.67 31.61 -68.42
N ARG L 41 -16.50 30.79 -67.78
CA ARG L 41 -17.74 31.30 -67.19
C ARG L 41 -17.44 32.23 -66.03
N MET L 42 -16.39 31.94 -65.27
CA MET L 42 -15.99 32.85 -64.20
C MET L 42 -15.55 34.20 -64.76
N GLU L 43 -14.80 34.19 -65.87
CA GLU L 43 -14.39 35.45 -66.49
C GLU L 43 -15.59 36.21 -67.04
N ASN L 44 -16.55 35.49 -67.63
CA ASN L 44 -17.76 36.15 -68.12
C ASN L 44 -18.54 36.79 -66.98
N LEU L 45 -18.66 36.08 -65.85
CA LEU L 45 -19.34 36.63 -64.69
C LEU L 45 -18.61 37.84 -64.14
N VAL L 46 -17.28 37.80 -64.13
CA VAL L 46 -16.49 38.93 -63.65
C VAL L 46 -16.70 40.14 -64.55
N ALA L 47 -16.71 39.92 -65.87
CA ALA L 47 -16.94 41.02 -66.81
C ALA L 47 -18.33 41.60 -66.66
N TYR L 48 -19.34 40.74 -66.47
CA TYR L 48 -20.70 41.22 -66.27
C TYR L 48 -20.81 42.03 -64.98
N ALA L 49 -20.18 41.56 -63.90
CA ALA L 49 -20.21 42.29 -62.64
C ALA L 49 -19.48 43.63 -62.77
N LYS L 50 -18.38 43.66 -63.52
CA LYS L 50 -17.67 44.91 -63.75
C LYS L 50 -18.54 45.90 -64.51
N LYS L 51 -19.24 45.42 -65.55
CA LYS L 51 -20.12 46.31 -66.31
C LYS L 51 -21.27 46.83 -65.43
N VAL L 52 -21.84 45.95 -64.59
CA VAL L 52 -22.91 46.37 -63.70
C VAL L 52 -22.41 47.42 -62.72
N GLU L 53 -21.24 47.19 -62.13
CA GLU L 53 -20.67 48.17 -61.21
C GLU L 53 -20.40 49.49 -61.92
N GLY L 54 -19.90 49.43 -63.16
CA GLY L 54 -19.65 50.65 -63.90
C GLY L 54 -20.91 51.46 -64.15
N ASP L 55 -21.97 50.79 -64.61
CA ASP L 55 -23.19 51.53 -64.91
C ASP L 55 -23.87 52.03 -63.64
N MET L 56 -23.79 51.26 -62.55
CA MET L 56 -24.38 51.69 -61.29
C MET L 56 -23.61 52.85 -60.68
N TYR L 57 -22.29 52.89 -60.90
CA TYR L 57 -21.50 54.02 -60.43
C TYR L 57 -21.71 55.26 -61.29
N GLU L 58 -21.95 55.06 -62.59
CA GLU L 58 -22.30 56.20 -63.44
C GLU L 58 -23.69 56.73 -63.12
N SER L 59 -24.59 55.87 -62.65
CA SER L 59 -25.94 56.28 -62.22
C SER L 59 -26.02 56.50 -60.71
N ALA L 60 -24.92 56.91 -60.08
CA ALA L 60 -24.89 57.15 -58.65
C ALA L 60 -25.12 58.63 -58.38
N ASN L 61 -24.86 59.07 -57.14
CA ASN L 61 -25.06 60.46 -56.77
C ASN L 61 -24.17 60.86 -55.59
N SER L 62 -23.99 59.96 -54.65
CA SER L 62 -23.19 60.26 -53.47
C SER L 62 -22.27 59.07 -53.18
N ARG L 63 -21.82 58.96 -51.93
CA ARG L 63 -20.89 57.91 -51.52
C ARG L 63 -21.46 56.99 -50.45
N ASP L 64 -22.11 57.54 -49.43
CA ASP L 64 -22.66 56.70 -48.37
C ASP L 64 -23.85 55.89 -48.87
N GLU L 65 -24.75 56.52 -49.64
CA GLU L 65 -25.87 55.78 -50.20
C GLU L 65 -25.39 54.70 -51.17
N TYR L 66 -24.26 54.94 -51.86
CA TYR L 66 -23.70 53.92 -52.74
C TYR L 66 -23.25 52.69 -51.95
N TYR L 67 -22.57 52.92 -50.82
CA TYR L 67 -22.15 51.80 -49.97
C TYR L 67 -23.35 51.09 -49.38
N HIS L 68 -24.39 51.84 -48.99
CA HIS L 68 -25.60 51.21 -48.46
C HIS L 68 -26.28 50.34 -49.52
N LEU L 69 -26.37 50.84 -50.76
CA LEU L 69 -26.96 50.05 -51.83
C LEU L 69 -26.12 48.81 -52.13
N LEU L 70 -24.80 48.93 -52.08
CA LEU L 70 -23.93 47.78 -52.29
C LEU L 70 -24.14 46.74 -51.20
N ALA L 71 -24.25 47.19 -49.95
CA ALA L 71 -24.49 46.25 -48.84
C ALA L 71 -25.85 45.56 -49.00
N GLU L 72 -26.88 46.31 -49.39
CA GLU L 72 -28.19 45.71 -49.61
C GLU L 72 -28.14 44.70 -50.75
N LYS L 73 -27.42 45.02 -51.83
CA LYS L 73 -27.30 44.08 -52.94
C LYS L 73 -26.57 42.81 -52.53
N ILE L 74 -25.51 42.95 -51.73
CA ILE L 74 -24.79 41.78 -51.25
C ILE L 74 -25.67 40.92 -50.35
N TYR L 75 -26.45 41.57 -49.47
CA TYR L 75 -27.35 40.82 -48.60
C TYR L 75 -28.47 40.15 -49.39
N LYS L 76 -28.89 40.75 -50.50
CA LYS L 76 -29.95 40.17 -51.31
C LYS L 76 -29.44 38.99 -52.13
N ILE L 77 -28.24 39.11 -52.71
CA ILE L 77 -27.72 38.05 -53.57
C ILE L 77 -27.24 36.84 -52.76
N GLN L 78 -26.96 37.02 -51.47
CA GLN L 78 -26.53 35.92 -50.62
C GLN L 78 -27.69 35.04 -50.15
N LYS L 79 -28.93 35.35 -50.58
CA LYS L 79 -30.11 34.56 -50.22
C LYS L 79 -30.87 34.26 -51.52
N GLU L 80 -30.23 33.51 -52.41
CA GLU L 80 -30.78 33.20 -53.73
C GLU L 80 -31.19 31.73 -53.74
N LEU L 81 -30.34 30.80 -54.14
CA LEU L 81 -30.71 29.39 -54.22
C LEU L 81 -29.54 28.50 -53.76
N GLU L 82 -29.20 28.66 -52.47
CA GLU L 82 -28.15 27.87 -51.85
C GLU L 82 -28.69 26.60 -51.19
N GLU L 83 -29.83 26.10 -51.64
CA GLU L 83 -30.47 24.89 -51.10
C GLU L 83 -30.76 25.02 -49.61
N LYS L 84 -30.87 26.25 -49.12
CA LYS L 84 -31.14 26.52 -47.71
C LYS L 84 -30.13 25.81 -46.81
N SER L 85 -30.50 24.62 -46.33
CA SER L 85 -29.62 23.80 -45.49
C SER L 85 -30.23 22.41 -45.41
N GLN L 86 -29.51 21.50 -44.74
CA GLN L 86 -29.97 20.14 -44.55
C GLN L 86 -30.52 19.87 -43.15
N VAL L 87 -30.21 20.72 -42.18
CA VAL L 87 -30.70 20.57 -40.82
C VAL L 87 -31.56 21.76 -40.37
N ARG L 88 -31.78 22.75 -41.24
CA ARG L 88 -32.59 23.91 -40.91
C ARG L 88 -34.05 23.56 -41.07
N GLN L 89 -34.82 23.68 -39.98
CA GLN L 89 -36.24 23.37 -39.97
C GLN L 89 -36.97 24.42 -39.15
N ASN L 90 -37.85 25.18 -39.81
CA ASN L 90 -38.62 26.25 -39.17
C ASN L 90 -37.70 27.26 -38.49
N TYR L 91 -37.15 28.19 -39.28
CA TYR L 91 -36.28 29.22 -38.74
C TYR L 91 -36.32 30.43 -39.67
N HIS L 92 -36.86 31.53 -39.17
CA HIS L 92 -37.03 32.76 -39.93
C HIS L 92 -35.73 33.56 -39.94
N GLN L 93 -35.63 34.46 -40.91
CA GLN L 93 -34.43 35.30 -41.04
C GLN L 93 -34.30 36.31 -39.91
N ASP L 94 -35.42 36.69 -39.28
CA ASP L 94 -35.34 37.63 -38.16
C ASP L 94 -34.58 37.01 -36.99
N ALA L 95 -34.83 35.74 -36.69
CA ALA L 95 -34.08 35.06 -35.64
C ALA L 95 -32.61 34.96 -35.99
N GLU L 96 -32.28 34.73 -37.27
CA GLU L 96 -30.88 34.68 -37.68
C GLU L 96 -30.21 36.03 -37.50
N ALA L 97 -30.88 37.11 -37.88
CA ALA L 97 -30.32 38.45 -37.68
C ALA L 97 -30.15 38.76 -36.21
N ALA L 98 -31.10 38.33 -35.37
CA ALA L 98 -30.99 38.55 -33.94
C ALA L 98 -29.81 37.78 -33.35
N ILE L 99 -29.61 36.54 -33.81
CA ILE L 99 -28.47 35.76 -33.34
C ILE L 99 -27.16 36.40 -33.79
N ASN L 100 -27.13 36.93 -35.01
CA ASN L 100 -25.93 37.62 -35.48
C ASN L 100 -25.63 38.85 -34.65
N ARG L 101 -26.66 39.64 -34.33
CA ARG L 101 -26.46 40.82 -33.50
C ARG L 101 -26.02 40.43 -32.09
N GLN L 102 -26.56 39.34 -31.56
CA GLN L 102 -26.15 38.88 -30.24
C GLN L 102 -24.70 38.42 -30.24
N ILE L 103 -24.28 37.75 -31.31
CA ILE L 103 -22.88 37.32 -31.42
C ILE L 103 -21.96 38.53 -31.52
N ASN L 104 -22.37 39.54 -32.29
CA ASN L 104 -21.58 40.77 -32.39
C ASN L 104 -21.47 41.45 -31.04
N LEU L 105 -22.56 41.49 -30.28
CA LEU L 105 -22.52 42.11 -28.95
C LEU L 105 -21.64 41.31 -28.00
N GLU L 106 -21.67 39.98 -28.10
CA GLU L 106 -20.79 39.14 -27.29
C GLU L 106 -19.33 39.39 -27.62
N LEU L 107 -19.01 39.52 -28.90
CA LEU L 107 -17.63 39.82 -29.30
C LEU L 107 -17.20 41.19 -28.80
N TYR L 108 -18.10 42.18 -28.89
CA TYR L 108 -17.78 43.51 -28.38
C TYR L 108 -17.55 43.48 -26.87
N ALA L 109 -18.38 42.72 -26.14
CA ALA L 109 -18.19 42.61 -24.70
C ALA L 109 -16.87 41.93 -24.36
N SER L 110 -16.51 40.90 -25.13
CA SER L 110 -15.23 40.24 -24.90
C SER L 110 -14.07 41.18 -25.17
N TYR L 111 -14.17 42.00 -26.22
CA TYR L 111 -13.12 42.98 -26.50
C TYR L 111 -13.01 44.01 -25.39
N VAL L 112 -14.15 44.48 -24.89
CA VAL L 112 -14.14 45.47 -23.81
C VAL L 112 -13.53 44.87 -22.54
N TYR L 113 -13.86 43.60 -22.25
CA TYR L 113 -13.29 42.96 -21.06
C TYR L 113 -11.80 42.72 -21.23
N LEU L 114 -11.35 42.39 -22.44
CA LEU L 114 -9.92 42.27 -22.69
C LEU L 114 -9.21 43.61 -22.49
N SER L 115 -9.81 44.69 -22.99
CA SER L 115 -9.22 46.01 -22.79
C SER L 115 -9.16 46.38 -21.32
N MET L 116 -10.20 46.04 -20.56
CA MET L 116 -10.19 46.30 -19.13
C MET L 116 -9.11 45.48 -18.42
N SER L 117 -8.95 44.21 -18.80
CA SER L 117 -7.92 43.37 -18.19
C SER L 117 -6.53 43.88 -18.52
N CYS L 118 -6.32 44.40 -19.73
CA CYS L 118 -5.01 44.92 -20.11
C CYS L 118 -4.75 46.30 -19.56
N TYR L 119 -5.80 47.06 -19.21
CA TYR L 119 -5.59 48.39 -18.63
C TYR L 119 -5.19 48.31 -17.17
N PHE L 120 -5.87 47.46 -16.39
CA PHE L 120 -5.55 47.31 -14.97
C PHE L 120 -4.23 46.57 -14.75
N ASP L 121 -3.73 45.89 -15.77
CA ASP L 121 -2.46 45.17 -15.69
C ASP L 121 -1.27 46.06 -16.00
N ARG L 122 -1.50 47.34 -16.28
CA ARG L 122 -0.41 48.26 -16.63
C ARG L 122 0.37 48.68 -15.40
N ASP L 123 1.20 49.73 -15.55
CA ASP L 123 2.02 50.23 -14.46
C ASP L 123 1.37 51.40 -13.72
N ASP L 124 0.46 52.12 -14.35
CA ASP L 124 -0.21 53.25 -13.72
C ASP L 124 -1.41 52.85 -12.88
N VAL L 125 -1.78 51.57 -12.89
CA VAL L 125 -2.91 51.07 -12.12
C VAL L 125 -2.45 50.07 -11.06
N ALA L 126 -1.72 49.04 -11.47
CA ALA L 126 -1.16 48.03 -10.57
C ALA L 126 -2.26 47.33 -9.77
N LEU L 127 -3.12 46.60 -10.50
CA LEU L 127 -4.19 45.81 -9.92
C LEU L 127 -4.25 44.47 -10.64
N LYS L 128 -3.65 43.45 -10.04
CA LYS L 128 -3.59 42.13 -10.67
C LYS L 128 -4.87 41.33 -10.52
N ASN L 129 -5.55 41.45 -9.38
CA ASN L 129 -6.79 40.68 -9.18
C ASN L 129 -7.90 41.17 -10.10
N PHE L 130 -8.03 42.49 -10.27
CA PHE L 130 -9.01 43.02 -11.21
C PHE L 130 -8.69 42.58 -12.64
N ALA L 131 -7.40 42.58 -12.99
CA ALA L 131 -7.02 42.15 -14.33
C ALA L 131 -7.35 40.67 -14.54
N LYS L 132 -7.10 39.83 -13.54
CA LYS L 132 -7.42 38.42 -13.66
C LYS L 132 -8.93 38.20 -13.76
N TYR L 133 -9.71 38.95 -12.98
CA TYR L 133 -11.16 38.83 -13.05
C TYR L 133 -11.68 39.26 -14.43
N PHE L 134 -11.14 40.35 -14.96
CA PHE L 134 -11.57 40.81 -16.28
C PHE L 134 -11.15 39.83 -17.37
N LEU L 135 -9.98 39.20 -17.21
CA LEU L 135 -9.56 38.19 -18.18
C LEU L 135 -10.46 36.97 -18.11
N HIS L 136 -10.86 36.56 -16.91
CA HIS L 136 -11.80 35.45 -16.78
C HIS L 136 -13.16 35.79 -17.39
N GLN L 137 -13.62 37.03 -17.19
CA GLN L 137 -14.88 37.45 -17.82
C GLN L 137 -14.76 37.47 -19.33
N SER L 138 -13.62 37.91 -19.86
CA SER L 138 -13.42 37.88 -21.31
C SER L 138 -13.40 36.46 -21.85
N HIS L 139 -12.78 35.54 -21.10
CA HIS L 139 -12.78 34.13 -21.51
C HIS L 139 -14.19 33.57 -21.50
N GLU L 140 -14.99 33.93 -20.49
CA GLU L 140 -16.37 33.46 -20.44
C GLU L 140 -17.19 34.02 -21.61
N GLU L 141 -16.97 35.29 -21.94
CA GLU L 141 -17.67 35.87 -23.09
C GLU L 141 -17.25 35.19 -24.39
N ARG L 142 -15.95 34.87 -24.51
CA ARG L 142 -15.49 34.17 -25.72
CA ARG L 142 -15.48 34.17 -25.71
C ARG L 142 -16.11 32.79 -25.81
N GLU L 143 -16.20 32.07 -24.69
CA GLU L 143 -16.82 30.75 -24.71
C GLU L 143 -18.30 30.84 -25.04
N HIS L 144 -18.99 31.85 -24.51
CA HIS L 144 -20.39 32.03 -24.84
C HIS L 144 -20.59 32.36 -26.32
N ALA L 145 -19.70 33.18 -26.88
CA ALA L 145 -19.78 33.49 -28.30
C ALA L 145 -19.53 32.25 -29.16
N GLU L 146 -18.55 31.44 -28.78
CA GLU L 146 -18.28 30.20 -29.51
C GLU L 146 -19.46 29.24 -29.41
N LYS L 147 -20.10 29.19 -28.24
CA LYS L 147 -21.27 28.32 -28.07
C LYS L 147 -22.43 28.81 -28.93
N LEU L 148 -22.64 30.12 -29.00
CA LEU L 148 -23.68 30.67 -29.87
C LEU L 148 -23.38 30.37 -31.34
N MET L 149 -22.12 30.50 -31.75
CA MET L 149 -21.75 30.17 -33.12
C MET L 149 -22.00 28.70 -33.43
N LYS L 150 -21.64 27.82 -32.49
CA LYS L 150 -21.87 26.39 -32.69
C LYS L 150 -23.36 26.07 -32.76
N LEU L 151 -24.17 26.72 -31.92
CA LEU L 151 -25.61 26.50 -31.94
C LEU L 151 -26.21 26.99 -33.26
N GLN L 152 -25.72 28.13 -33.77
CA GLN L 152 -26.21 28.62 -35.06
C GLN L 152 -25.78 27.69 -36.19
N ASN L 153 -24.58 27.12 -36.11
CA ASN L 153 -24.14 26.18 -37.14
C ASN L 153 -24.92 24.88 -37.08
N GLN L 154 -25.35 24.45 -35.90
CA GLN L 154 -26.13 23.23 -35.78
C GLN L 154 -27.57 23.40 -36.27
N ARG L 155 -28.06 24.63 -36.33
CA ARG L 155 -29.41 24.90 -36.80
C ARG L 155 -29.47 25.19 -38.30
N GLY L 156 -28.36 25.08 -39.01
CA GLY L 156 -28.33 25.33 -40.43
C GLY L 156 -28.51 26.78 -40.81
N GLY L 157 -27.81 27.68 -40.13
CA GLY L 157 -27.93 29.10 -40.42
C GLY L 157 -26.59 29.75 -40.74
N ARG L 158 -26.64 30.81 -41.54
CA ARG L 158 -25.43 31.52 -41.93
C ARG L 158 -25.00 32.48 -40.83
N ILE L 159 -23.69 32.71 -40.74
CA ILE L 159 -23.11 33.61 -39.75
C ILE L 159 -22.42 34.73 -40.51
N PHE L 160 -22.90 35.95 -40.35
CA PHE L 160 -22.36 37.13 -41.02
C PHE L 160 -21.51 37.90 -40.01
N LEU L 161 -20.22 37.61 -40.02
CA LEU L 161 -19.29 38.28 -39.10
C LEU L 161 -18.97 39.68 -39.63
N GLN L 162 -19.36 40.70 -38.86
CA GLN L 162 -19.12 42.07 -39.24
C GLN L 162 -17.81 42.55 -38.60
N ASP L 163 -17.63 43.86 -38.47
CA ASP L 163 -16.42 44.43 -37.88
C ASP L 163 -16.65 44.69 -36.39
N ILE L 164 -15.72 44.22 -35.57
CA ILE L 164 -15.81 44.40 -34.13
C ILE L 164 -15.46 45.86 -33.80
N LYS L 165 -16.38 46.54 -33.12
CA LYS L 165 -16.16 47.94 -32.77
C LYS L 165 -15.18 48.05 -31.61
N LYS L 166 -14.48 49.19 -31.57
CA LYS L 166 -13.51 49.46 -30.52
C LYS L 166 -14.18 50.07 -29.30
N PRO L 167 -13.63 49.85 -28.11
CA PRO L 167 -14.21 50.45 -26.90
C PRO L 167 -14.13 51.98 -26.96
N ASP L 168 -15.24 52.62 -26.56
CA ASP L 168 -15.29 54.08 -26.59
C ASP L 168 -14.44 54.72 -25.51
N ARG L 169 -14.13 53.99 -24.43
CA ARG L 169 -13.33 54.50 -23.33
C ARG L 169 -12.06 53.66 -23.21
N ASP L 170 -10.90 54.32 -23.21
CA ASP L 170 -9.62 53.64 -23.11
C ASP L 170 -8.93 53.89 -21.77
N ASP L 171 -9.14 55.07 -21.18
CA ASP L 171 -8.54 55.42 -19.89
C ASP L 171 -9.61 55.27 -18.81
N TRP L 172 -9.58 54.14 -18.11
CA TRP L 172 -10.56 53.87 -17.06
C TRP L 172 -10.21 54.56 -15.74
N CYS L 173 -9.02 55.14 -15.62
CA CYS L 173 -8.61 55.88 -14.44
C CYS L 173 -8.67 55.01 -13.19
N SER L 174 -9.78 55.09 -12.46
CA SER L 174 -9.96 54.31 -11.24
C SER L 174 -10.61 52.98 -11.54
N GLY L 175 -11.46 52.49 -10.63
CA GLY L 175 -12.13 51.23 -10.82
C GLY L 175 -13.64 51.34 -10.82
N LEU L 176 -14.17 52.42 -10.23
CA LEU L 176 -15.61 52.60 -10.18
C LEU L 176 -16.21 52.83 -11.57
N ASN L 177 -15.53 53.64 -12.40
CA ASN L 177 -16.02 53.87 -13.75
C ASN L 177 -16.01 52.58 -14.57
N ALA L 178 -14.99 51.74 -14.39
CA ALA L 178 -14.94 50.46 -15.08
C ALA L 178 -16.09 49.56 -14.64
N MET L 179 -16.39 49.56 -13.34
CA MET L 179 -17.50 48.75 -12.86
C MET L 179 -18.84 49.25 -13.40
N GLU L 180 -19.01 50.58 -13.47
CA GLU L 180 -20.24 51.12 -14.04
C GLU L 180 -20.36 50.78 -15.52
N SER L 181 -19.25 50.85 -16.27
CA SER L 181 -19.29 50.49 -17.67
C SER L 181 -19.62 49.01 -17.86
N ALA L 182 -19.04 48.15 -17.01
CA ALA L 182 -19.33 46.73 -17.09
C ALA L 182 -20.79 46.45 -16.75
N LEU L 183 -21.34 47.16 -15.76
CA LEU L 183 -22.75 46.98 -15.41
C LEU L 183 -23.65 47.43 -16.55
N HIS L 184 -23.34 48.56 -17.18
CA HIS L 184 -24.13 49.02 -18.32
C HIS L 184 -24.04 48.03 -19.48
N LEU L 185 -22.86 47.47 -19.71
CA LEU L 185 -22.70 46.48 -20.78
C LEU L 185 -23.50 45.22 -20.49
N GLU L 186 -23.50 44.77 -19.23
CA GLU L 186 -24.28 43.59 -18.88
C GLU L 186 -25.77 43.87 -18.99
N LYS L 187 -26.21 45.08 -18.64
CA LYS L 187 -27.62 45.42 -18.81
C LYS L 187 -28.00 45.45 -20.29
N SER L 188 -27.12 45.96 -21.15
CA SER L 188 -27.39 45.95 -22.58
C SER L 188 -27.45 44.52 -23.11
N VAL L 189 -26.55 43.65 -22.64
CA VAL L 189 -26.57 42.26 -23.06
C VAL L 189 -27.86 41.58 -22.61
N ASN L 190 -28.31 41.88 -21.39
CA ASN L 190 -29.56 41.30 -20.90
C ASN L 190 -30.75 41.80 -21.72
N GLN L 191 -30.75 43.09 -22.08
CA GLN L 191 -31.82 43.62 -22.92
C GLN L 191 -31.82 42.96 -24.29
N SER L 192 -30.64 42.75 -24.87
CA SER L 192 -30.55 42.07 -26.16
C SER L 192 -31.05 40.62 -26.05
N LEU L 193 -30.73 39.95 -24.95
CA LEU L 193 -31.20 38.59 -24.75
C LEU L 193 -32.72 38.55 -24.60
N LEU L 194 -33.29 39.53 -23.89
CA LEU L 194 -34.74 39.60 -23.77
C LEU L 194 -35.40 39.86 -25.11
N GLU L 195 -34.82 40.73 -25.93
CA GLU L 195 -35.35 40.98 -27.26
C GLU L 195 -35.27 39.73 -28.13
N LEU L 196 -34.16 39.00 -28.04
CA LEU L 196 -34.02 37.75 -28.79
C LEU L 196 -35.05 36.73 -28.34
N HIS L 197 -35.29 36.63 -27.02
CA HIS L 197 -36.30 35.71 -26.51
C HIS L 197 -37.69 36.08 -27.02
N LYS L 198 -38.01 37.38 -27.00
CA LYS L 198 -39.31 37.82 -27.48
C LYS L 198 -39.47 37.55 -28.97
N LEU L 199 -38.42 37.76 -29.75
CA LEU L 199 -38.49 37.51 -31.19
C LEU L 199 -38.63 36.01 -31.47
N ALA L 200 -37.94 35.17 -30.70
CA ALA L 200 -38.07 33.74 -30.89
C ALA L 200 -39.45 33.23 -30.46
N THR L 201 -40.05 33.86 -29.45
CA THR L 201 -41.39 33.47 -29.03
C THR L 201 -42.43 33.91 -30.06
N ASP L 202 -42.26 35.11 -30.63
CA ASP L 202 -43.21 35.59 -31.62
C ASP L 202 -43.05 34.89 -32.96
N LYS L 203 -41.92 34.25 -33.22
CA LYS L 203 -41.67 33.55 -34.48
C LYS L 203 -41.65 32.04 -34.31
N ASN L 204 -42.14 31.53 -33.17
CA ASN L 204 -42.22 30.10 -32.89
C ASN L 204 -40.85 29.44 -32.98
N ASP L 205 -40.04 29.56 -31.93
CA ASP L 205 -38.72 28.94 -31.86
C ASP L 205 -38.50 28.45 -30.44
N PRO L 206 -39.01 27.26 -30.11
CA PRO L 206 -38.91 26.78 -28.72
C PRO L 206 -37.51 26.34 -28.33
N HIS L 207 -36.80 25.71 -29.26
CA HIS L 207 -35.47 25.17 -28.95
C HIS L 207 -34.49 26.30 -28.63
N LEU L 208 -34.41 27.31 -29.50
CA LEU L 208 -33.51 28.43 -29.26
C LEU L 208 -33.90 29.19 -28.00
N CYS L 209 -35.21 29.38 -27.78
CA CYS L 209 -35.69 30.05 -26.58
C CYS L 209 -35.25 29.33 -25.33
N ASP L 210 -35.46 28.00 -25.30
CA ASP L 210 -35.06 27.23 -24.13
C ASP L 210 -33.55 27.25 -23.93
N PHE L 211 -32.78 27.14 -25.02
CA PHE L 211 -31.33 27.14 -24.91
C PHE L 211 -30.83 28.47 -24.35
N ILE L 212 -31.40 29.58 -24.83
CA ILE L 212 -30.98 30.90 -24.35
C ILE L 212 -31.38 31.10 -22.90
N GLU L 213 -32.60 30.69 -22.53
CA GLU L 213 -33.05 30.90 -21.16
C GLU L 213 -32.41 29.94 -20.17
N THR L 214 -31.80 28.85 -20.64
CA THR L 214 -31.16 27.89 -19.76
C THR L 214 -29.65 28.08 -19.68
N TYR L 215 -28.94 27.96 -20.81
CA TYR L 215 -27.49 27.94 -20.82
C TYR L 215 -26.87 29.31 -21.04
N TYR L 216 -27.59 30.39 -20.69
CA TYR L 216 -27.04 31.73 -20.87
C TYR L 216 -27.50 32.67 -19.76
N LEU L 217 -28.81 32.71 -19.51
CA LEU L 217 -29.32 33.61 -18.48
C LEU L 217 -28.85 33.23 -17.08
N SER L 218 -28.64 31.93 -16.84
CA SER L 218 -28.21 31.49 -15.52
C SER L 218 -26.86 32.06 -15.14
N GLU L 219 -26.01 32.35 -16.14
CA GLU L 219 -24.72 32.98 -15.88
C GLU L 219 -24.79 34.50 -15.95
N GLN L 220 -25.61 35.04 -16.85
CA GLN L 220 -25.72 36.48 -16.98
C GLN L 220 -26.33 37.11 -15.74
N VAL L 221 -27.35 36.47 -15.15
CA VAL L 221 -27.95 37.01 -13.95
C VAL L 221 -26.95 37.00 -12.80
N LYS L 222 -26.17 35.92 -12.68
CA LYS L 222 -25.16 35.86 -11.62
C LYS L 222 -24.08 36.91 -11.83
N SER L 223 -23.67 37.14 -13.08
CA SER L 223 -22.68 38.16 -13.36
C SER L 223 -23.20 39.56 -13.03
N ILE L 224 -24.46 39.83 -13.38
CA ILE L 224 -25.05 41.13 -13.08
C ILE L 224 -25.15 41.31 -11.56
N LYS L 225 -25.54 40.26 -10.83
CA LYS L 225 -25.63 40.35 -9.38
C LYS L 225 -24.26 40.59 -8.76
N GLU L 226 -23.23 39.92 -9.27
CA GLU L 226 -21.88 40.12 -8.73
C GLU L 226 -21.38 41.52 -9.01
N LEU L 227 -21.64 42.05 -10.21
CA LEU L 227 -21.22 43.41 -10.52
C LEU L 227 -21.98 44.42 -9.67
N GLY L 228 -23.27 44.18 -9.43
CA GLY L 228 -24.02 45.07 -8.55
C GLY L 228 -23.50 45.05 -7.13
N ASP L 229 -23.15 43.85 -6.63
CA ASP L 229 -22.57 43.76 -5.29
C ASP L 229 -21.23 44.49 -5.22
N HIS L 230 -20.42 44.36 -6.27
CA HIS L 230 -19.13 45.06 -6.29
C HIS L 230 -19.33 46.57 -6.30
N VAL L 231 -20.29 47.05 -7.09
CA VAL L 231 -20.57 48.49 -7.13
C VAL L 231 -21.08 48.98 -5.77
N THR L 232 -21.94 48.19 -5.13
CA THR L 232 -22.45 48.57 -3.81
C THR L 232 -21.34 48.61 -2.78
N ASN L 233 -20.41 47.65 -2.85
CA ASN L 233 -19.27 47.65 -1.92
C ASN L 233 -18.36 48.84 -2.17
N LEU L 234 -18.15 49.20 -3.44
CA LEU L 234 -17.28 50.32 -3.76
C LEU L 234 -17.91 51.66 -3.37
N ARG L 235 -19.24 51.76 -3.45
CA ARG L 235 -19.95 52.99 -3.12
C ARG L 235 -20.30 53.09 -1.63
N LYS L 236 -19.58 52.37 -0.77
CA LYS L 236 -19.83 52.44 0.67
C LYS L 236 -18.52 52.52 1.43
N MET L 237 -17.47 51.88 0.92
CA MET L 237 -16.18 51.88 1.61
C MET L 237 -15.51 53.24 1.54
N GLY L 238 -15.71 53.98 0.45
CA GLY L 238 -15.12 55.30 0.31
C GLY L 238 -14.60 55.60 -1.07
N ALA L 239 -14.71 54.63 -1.98
CA ALA L 239 -14.24 54.82 -3.35
C ALA L 239 -15.10 55.86 -4.06
N PRO L 240 -14.49 56.65 -4.97
CA PRO L 240 -13.08 56.60 -5.33
C PRO L 240 -12.19 57.47 -4.44
N CYS L 241 -12.78 58.13 -3.44
CA CYS L 241 -12.04 59.01 -2.55
C CYS L 241 -11.43 58.26 -1.36
N ALA L 242 -10.95 57.04 -1.58
CA ALA L 242 -10.33 56.27 -0.51
C ALA L 242 -9.38 55.26 -1.18
N GLY L 243 -8.09 55.56 -1.17
CA GLY L 243 -7.11 54.69 -1.78
C GLY L 243 -6.95 53.34 -1.10
N MET L 244 -7.19 53.28 0.21
CA MET L 244 -7.08 52.02 0.93
C MET L 244 -8.25 51.10 0.66
N ALA L 245 -9.43 51.65 0.33
CA ALA L 245 -10.59 50.82 0.06
C ALA L 245 -10.39 49.98 -1.19
N GLU L 246 -9.75 50.56 -2.22
CA GLU L 246 -9.47 49.80 -3.43
C GLU L 246 -8.52 48.65 -3.15
N TYR L 247 -7.47 48.90 -2.36
CA TYR L 247 -6.52 47.85 -2.02
C TYR L 247 -7.18 46.76 -1.18
N LEU L 248 -8.09 47.16 -0.27
CA LEU L 248 -8.80 46.17 0.52
C LEU L 248 -9.71 45.31 -0.33
N PHE L 249 -10.45 45.92 -1.26
CA PHE L 249 -11.30 45.15 -2.16
C PHE L 249 -10.49 44.30 -3.12
N ASP L 250 -9.26 44.70 -3.43
CA ASP L 250 -8.40 43.91 -4.32
C ASP L 250 -7.82 42.70 -3.60
N LYS L 251 -7.32 42.88 -2.39
CA LYS L 251 -6.64 41.82 -1.65
C LYS L 251 -7.57 41.01 -0.77
N HIS L 252 -8.86 40.95 -1.10
CA HIS L 252 -9.81 40.17 -0.32
C HIS L 252 -10.90 39.57 -1.21
N THR L 253 -11.62 40.42 -1.94
CA THR L 253 -12.71 39.95 -2.78
C THR L 253 -12.17 39.14 -3.97
N LEU L 254 -11.42 39.79 -4.86
CA LEU L 254 -10.87 39.12 -6.03
C LEU L 254 -9.49 38.53 -5.79
N GLY L 255 -9.01 38.55 -4.55
CA GLY L 255 -7.70 38.01 -4.23
C GLY L 255 -7.75 36.61 -3.65
N THR M 13 -38.72 -68.07 -13.86
CA THR M 13 -39.01 -68.61 -12.54
C THR M 13 -37.73 -68.94 -11.78
N GLN M 14 -36.59 -68.73 -12.43
CA GLN M 14 -35.29 -69.01 -11.84
C GLN M 14 -34.45 -67.76 -11.62
N ASP M 15 -34.94 -66.59 -12.01
CA ASP M 15 -34.17 -65.36 -11.80
C ASP M 15 -34.12 -65.02 -10.31
N LEU M 16 -35.26 -65.06 -9.62
CA LEU M 16 -35.28 -64.86 -8.18
C LEU M 16 -34.48 -65.93 -7.46
N ARG M 17 -34.53 -67.17 -7.95
CA ARG M 17 -33.76 -68.24 -7.34
C ARG M 17 -32.27 -67.97 -7.46
N SER M 18 -31.81 -67.55 -8.64
CA SER M 18 -30.41 -67.20 -8.82
C SER M 18 -30.01 -66.02 -7.94
N HIS M 19 -30.89 -65.02 -7.83
CA HIS M 19 -30.57 -63.85 -7.03
C HIS M 19 -30.47 -64.20 -5.55
N LEU M 20 -31.31 -65.12 -5.08
CA LEU M 20 -31.26 -65.50 -3.67
C LEU M 20 -30.14 -66.50 -3.37
N VAL M 21 -29.69 -67.26 -4.37
CA VAL M 21 -28.58 -68.17 -4.14
C VAL M 21 -27.23 -67.49 -4.30
N HIS M 22 -27.15 -66.41 -5.09
CA HIS M 22 -25.90 -65.68 -5.25
C HIS M 22 -25.53 -64.82 -4.05
N LYS M 23 -26.34 -64.86 -2.98
CA LYS M 23 -26.03 -64.10 -1.77
C LYS M 23 -25.18 -64.92 -0.80
N LEU M 24 -25.59 -66.16 -0.51
CA LEU M 24 -24.84 -66.99 0.42
C LEU M 24 -23.51 -67.45 -0.19
N VAL M 25 -23.51 -67.77 -1.48
CA VAL M 25 -22.27 -68.21 -2.12
C VAL M 25 -21.26 -67.10 -2.20
N GLN M 26 -21.68 -65.83 -2.08
CA GLN M 26 -20.76 -64.72 -2.03
C GLN M 26 -20.45 -64.29 -0.60
N ALA M 27 -21.33 -64.59 0.35
CA ALA M 27 -21.05 -64.27 1.75
C ALA M 27 -20.11 -65.28 2.38
N ILE M 28 -20.12 -66.53 1.90
CA ILE M 28 -19.22 -67.54 2.46
C ILE M 28 -17.78 -67.22 2.09
N PHE M 29 -17.50 -67.10 0.79
CA PHE M 29 -16.16 -66.82 0.27
C PHE M 29 -16.22 -65.53 -0.52
N PRO M 30 -16.03 -64.37 0.13
CA PRO M 30 -16.22 -63.09 -0.55
C PRO M 30 -15.01 -62.60 -1.33
N CYS M 31 -13.82 -63.14 -1.08
CA CYS M 31 -12.58 -62.66 -1.71
C CYS M 31 -11.97 -63.79 -2.53
N PRO M 32 -12.37 -63.93 -3.79
CA PRO M 32 -11.73 -64.93 -4.66
C PRO M 32 -10.36 -64.48 -5.13
N ASP M 33 -9.38 -64.55 -4.24
CA ASP M 33 -8.04 -64.07 -4.53
C ASP M 33 -7.33 -65.05 -5.47
N PRO M 34 -6.96 -64.64 -6.68
CA PRO M 34 -6.25 -65.55 -7.59
C PRO M 34 -4.74 -65.59 -7.38
N CYS M 35 -4.22 -64.86 -6.41
CA CYS M 35 -2.79 -64.79 -6.16
C CYS M 35 -2.29 -65.90 -5.23
N ALA M 36 -3.02 -67.02 -5.15
CA ALA M 36 -2.62 -68.12 -4.29
C ALA M 36 -3.07 -69.45 -4.87
N LEU M 37 -4.23 -69.94 -4.45
CA LEU M 37 -4.74 -71.22 -4.92
C LEU M 37 -5.44 -71.04 -6.27
N LYS M 38 -6.04 -72.13 -6.75
CA LYS M 38 -6.74 -72.10 -8.03
C LYS M 38 -8.20 -71.68 -7.84
N ASP M 39 -9.10 -72.28 -8.60
CA ASP M 39 -10.52 -71.94 -8.52
C ASP M 39 -11.41 -73.17 -8.46
N ARG M 40 -10.87 -74.30 -7.98
CA ARG M 40 -11.69 -75.50 -7.82
C ARG M 40 -12.34 -75.58 -6.44
N ARG M 41 -11.69 -75.04 -5.41
CA ARG M 41 -12.30 -75.00 -4.09
C ARG M 41 -13.51 -74.09 -4.08
N MET M 42 -13.46 -72.99 -4.84
CA MET M 42 -14.62 -72.12 -4.96
C MET M 42 -15.79 -72.84 -5.62
N GLU M 43 -15.51 -73.63 -6.65
CA GLU M 43 -16.57 -74.40 -7.31
C GLU M 43 -17.13 -75.46 -6.37
N ASN M 44 -16.27 -76.11 -5.59
CA ASN M 44 -16.75 -77.09 -4.62
C ASN M 44 -17.64 -76.43 -3.57
N LEU M 45 -17.25 -75.25 -3.08
CA LEU M 45 -18.08 -74.54 -2.11
C LEU M 45 -19.39 -74.11 -2.72
N VAL M 46 -19.38 -73.69 -3.99
CA VAL M 46 -20.63 -73.30 -4.65
C VAL M 46 -21.55 -74.50 -4.79
N ALA M 47 -20.99 -75.66 -5.16
CA ALA M 47 -21.82 -76.86 -5.28
C ALA M 47 -22.39 -77.29 -3.94
N TYR M 48 -21.57 -77.20 -2.88
CA TYR M 48 -22.06 -77.55 -1.54
C TYR M 48 -23.17 -76.60 -1.10
N ALA M 49 -23.00 -75.31 -1.36
CA ALA M 49 -24.04 -74.35 -1.00
C ALA M 49 -25.32 -74.58 -1.80
N LYS M 50 -25.17 -74.95 -3.08
CA LYS M 50 -26.34 -75.25 -3.90
C LYS M 50 -27.08 -76.47 -3.36
N LYS M 51 -26.34 -77.51 -2.96
CA LYS M 51 -26.98 -78.70 -2.39
C LYS M 51 -27.68 -78.37 -1.08
N VAL M 52 -27.03 -77.55 -0.24
CA VAL M 52 -27.64 -77.16 1.03
C VAL M 52 -28.92 -76.37 0.79
N GLU M 53 -28.88 -75.41 -0.16
CA GLU M 53 -30.08 -74.64 -0.49
C GLU M 53 -31.17 -75.56 -1.02
N GLY M 54 -30.81 -76.53 -1.85
CA GLY M 54 -31.81 -77.44 -2.38
C GLY M 54 -32.49 -78.26 -1.30
N ASP M 55 -31.70 -78.83 -0.38
CA ASP M 55 -32.31 -79.66 0.65
C ASP M 55 -33.11 -78.82 1.64
N MET M 56 -32.66 -77.60 1.93
CA MET M 56 -33.41 -76.76 2.87
C MET M 56 -34.65 -76.16 2.23
N TYR M 57 -34.68 -76.04 0.90
CA TYR M 57 -35.91 -75.66 0.22
C TYR M 57 -36.88 -76.83 0.10
N GLU M 58 -36.35 -78.04 -0.05
CA GLU M 58 -37.20 -79.23 -0.03
C GLU M 58 -37.80 -79.44 1.36
N SER M 59 -37.06 -79.10 2.41
CA SER M 59 -37.53 -79.22 3.79
C SER M 59 -38.13 -77.91 4.30
N ALA M 60 -38.71 -77.10 3.43
CA ALA M 60 -39.31 -75.84 3.80
C ALA M 60 -40.82 -76.03 4.02
N ASN M 61 -41.56 -74.92 4.11
CA ASN M 61 -42.99 -75.00 4.33
C ASN M 61 -43.71 -73.76 3.81
N SER M 62 -43.08 -72.60 3.96
CA SER M 62 -43.69 -71.34 3.53
C SER M 62 -42.65 -70.50 2.82
N ARG M 63 -42.87 -69.19 2.75
CA ARG M 63 -41.98 -68.28 2.05
C ARG M 63 -41.34 -67.24 2.97
N ASP M 64 -42.14 -66.63 3.86
CA ASP M 64 -41.60 -65.60 4.74
C ASP M 64 -40.65 -66.21 5.77
N GLU M 65 -41.03 -67.34 6.36
CA GLU M 65 -40.14 -68.02 7.30
C GLU M 65 -38.86 -68.49 6.63
N TYR M 66 -38.95 -68.84 5.34
CA TYR M 66 -37.75 -69.22 4.60
C TYR M 66 -36.78 -68.05 4.48
N TYR M 67 -37.31 -66.86 4.14
CA TYR M 67 -36.45 -65.68 4.06
C TYR M 67 -35.89 -65.30 5.42
N HIS M 68 -36.69 -65.46 6.48
CA HIS M 68 -36.19 -65.17 7.83
C HIS M 68 -35.07 -66.13 8.21
N LEU M 69 -35.22 -67.42 7.90
CA LEU M 69 -34.17 -68.38 8.20
C LEU M 69 -32.92 -68.10 7.38
N LEU M 70 -33.09 -67.68 6.12
CA LEU M 70 -31.93 -67.32 5.30
C LEU M 70 -31.20 -66.12 5.87
N ALA M 71 -31.96 -65.12 6.33
CA ALA M 71 -31.33 -63.94 6.93
C ALA M 71 -30.59 -64.31 8.22
N GLU M 72 -31.20 -65.17 9.04
CA GLU M 72 -30.53 -65.61 10.26
C GLU M 72 -29.26 -66.40 9.95
N LYS M 73 -29.30 -67.25 8.91
CA LYS M 73 -28.11 -68.00 8.52
C LYS M 73 -27.01 -67.08 8.02
N ILE M 74 -27.38 -66.06 7.24
CA ILE M 74 -26.39 -65.10 6.75
C ILE M 74 -25.77 -64.33 7.92
N TYR M 75 -26.60 -63.92 8.88
CA TYR M 75 -26.08 -63.19 10.04
C TYR M 75 -25.21 -64.08 10.91
N LYS M 76 -25.49 -65.39 10.94
CA LYS M 76 -24.69 -66.31 11.75
C LYS M 76 -23.35 -66.62 11.09
N ILE M 77 -23.35 -66.81 9.77
CA ILE M 77 -22.11 -67.17 9.09
C ILE M 77 -21.17 -65.98 8.93
N GLN M 78 -21.68 -64.75 9.03
CA GLN M 78 -20.84 -63.57 8.93
C GLN M 78 -20.11 -63.25 10.23
N LYS M 79 -20.25 -64.10 11.26
CA LYS M 79 -19.56 -63.93 12.53
C LYS M 79 -18.91 -65.27 12.90
N GLU M 80 -17.98 -65.71 12.08
CA GLU M 80 -17.33 -67.00 12.22
C GLU M 80 -15.89 -66.77 12.70
N LEU M 81 -14.90 -66.66 11.81
CA LEU M 81 -13.51 -66.48 12.22
C LEU M 81 -12.81 -65.47 11.30
N GLU M 82 -13.29 -64.24 11.34
CA GLU M 82 -12.72 -63.15 10.57
C GLU M 82 -11.66 -62.37 11.35
N GLU M 83 -11.02 -63.01 12.33
CA GLU M 83 -9.99 -62.40 13.17
C GLU M 83 -10.49 -61.15 13.89
N LYS M 84 -11.80 -61.03 14.07
CA LYS M 84 -12.42 -59.89 14.73
C LYS M 84 -11.98 -58.58 14.07
N SER M 85 -10.95 -57.94 14.62
CA SER M 85 -10.40 -56.71 14.08
C SER M 85 -9.06 -56.46 14.76
N GLN M 86 -8.37 -55.40 14.33
CA GLN M 86 -7.09 -55.02 14.90
C GLN M 86 -7.19 -53.83 15.85
N VAL M 87 -8.27 -53.06 15.80
CA VAL M 87 -8.47 -51.92 16.68
C VAL M 87 -9.70 -52.06 17.56
N ARG M 88 -10.43 -53.18 17.46
CA ARG M 88 -11.63 -53.41 18.26
C ARG M 88 -11.21 -53.91 19.63
N GLN M 89 -11.59 -53.17 20.67
CA GLN M 89 -11.26 -53.52 22.05
C GLN M 89 -12.47 -53.25 22.92
N ASN M 90 -13.01 -54.30 23.53
CA ASN M 90 -14.19 -54.21 24.40
C ASN M 90 -15.37 -53.58 23.66
N TYR M 91 -16.07 -54.36 22.86
CA TYR M 91 -17.21 -53.87 22.12
C TYR M 91 -18.14 -55.05 21.82
N HIS M 92 -19.33 -55.02 22.42
CA HIS M 92 -20.31 -56.08 22.29
C HIS M 92 -21.12 -55.91 21.00
N GLN M 93 -21.75 -56.99 20.57
CA GLN M 93 -22.54 -56.97 19.34
C GLN M 93 -23.81 -56.15 19.49
N ASP M 94 -24.32 -56.00 20.71
CA ASP M 94 -25.51 -55.19 20.93
C ASP M 94 -25.24 -53.72 20.58
N ALA M 95 -24.09 -53.21 20.98
CA ALA M 95 -23.72 -51.84 20.62
C ALA M 95 -23.56 -51.69 19.11
N GLU M 96 -23.02 -52.71 18.44
CA GLU M 96 -22.89 -52.66 16.99
C GLU M 96 -24.25 -52.62 16.31
N ALA M 97 -25.19 -53.45 16.79
CA ALA M 97 -26.54 -53.44 16.24
C ALA M 97 -27.24 -52.12 16.49
N ALA M 98 -27.02 -51.52 17.67
CA ALA M 98 -27.60 -50.23 17.97
C ALA M 98 -27.03 -49.15 17.07
N ILE M 99 -25.72 -49.19 16.81
CA ILE M 99 -25.11 -48.21 15.90
C ILE M 99 -25.65 -48.40 14.48
N ASN M 100 -25.85 -49.64 14.06
CA ASN M 100 -26.41 -49.89 12.74
C ASN M 100 -27.84 -49.35 12.63
N ARG M 101 -28.65 -49.57 13.67
CA ARG M 101 -30.01 -49.04 13.65
C ARG M 101 -30.01 -47.52 13.67
N GLN M 102 -29.08 -46.91 14.42
CA GLN M 102 -28.98 -45.45 14.43
C GLN M 102 -28.58 -44.91 13.07
N ILE M 103 -27.65 -45.59 12.39
CA ILE M 103 -27.25 -45.16 11.06
C ILE M 103 -28.41 -45.29 10.07
N ASN M 104 -29.18 -46.38 10.19
CA ASN M 104 -30.35 -46.54 9.33
C ASN M 104 -31.37 -45.44 9.58
N LEU M 105 -31.58 -45.08 10.85
CA LEU M 105 -32.51 -44.01 11.16
C LEU M 105 -32.01 -42.66 10.65
N GLU M 106 -30.70 -42.43 10.73
CA GLU M 106 -30.13 -41.20 10.18
C GLU M 106 -30.32 -41.12 8.67
N LEU M 107 -30.11 -42.24 7.97
CA LEU M 107 -30.33 -42.27 6.54
C LEU M 107 -31.79 -42.04 6.19
N TYR M 108 -32.70 -42.63 6.97
CA TYR M 108 -34.13 -42.41 6.74
C TYR M 108 -34.50 -40.95 6.96
N ALA M 109 -33.94 -40.33 8.01
CA ALA M 109 -34.20 -38.92 8.27
C ALA M 109 -33.66 -38.04 7.15
N SER M 110 -32.48 -38.37 6.63
CA SER M 110 -31.92 -37.62 5.51
C SER M 110 -32.79 -37.75 4.28
N TYR M 111 -33.31 -38.96 4.02
CA TYR M 111 -34.20 -39.15 2.89
C TYR M 111 -35.49 -38.36 3.05
N VAL M 112 -36.05 -38.36 4.26
CA VAL M 112 -37.28 -37.60 4.51
C VAL M 112 -37.04 -36.10 4.33
N TYR M 113 -35.90 -35.62 4.81
CA TYR M 113 -35.59 -34.20 4.65
C TYR M 113 -35.36 -33.83 3.19
N LEU M 114 -34.73 -34.73 2.42
CA LEU M 114 -34.59 -34.50 1.00
C LEU M 114 -35.94 -34.45 0.30
N SER M 115 -36.84 -35.36 0.66
CA SER M 115 -38.18 -35.34 0.09
C SER M 115 -38.92 -34.05 0.44
N MET M 116 -38.76 -33.58 1.68
CA MET M 116 -39.39 -32.32 2.08
C MET M 116 -38.80 -31.14 1.30
N SER M 117 -37.48 -31.12 1.11
CA SER M 117 -36.86 -30.04 0.36
C SER M 117 -37.29 -30.05 -1.10
N CYS M 118 -37.48 -31.24 -1.68
CA CYS M 118 -37.91 -31.33 -3.07
C CYS M 118 -39.40 -31.09 -3.24
N TYR M 119 -40.20 -31.27 -2.18
CA TYR M 119 -41.64 -31.02 -2.28
C TYR M 119 -41.94 -29.53 -2.22
N PHE M 120 -41.31 -28.81 -1.29
CA PHE M 120 -41.54 -27.37 -1.18
C PHE M 120 -40.91 -26.59 -2.32
N ASP M 121 -40.00 -27.20 -3.08
CA ASP M 121 -39.36 -26.56 -4.21
C ASP M 121 -40.17 -26.72 -5.49
N ARG M 122 -41.34 -27.36 -5.43
CA ARG M 122 -42.16 -27.60 -6.61
C ARG M 122 -42.90 -26.34 -7.03
N ASP M 123 -43.89 -26.49 -7.92
CA ASP M 123 -44.67 -25.37 -8.40
C ASP M 123 -45.97 -25.17 -7.63
N ASP M 124 -46.49 -26.22 -7.00
CA ASP M 124 -47.73 -26.12 -6.24
C ASP M 124 -47.53 -25.61 -4.81
N VAL M 125 -46.28 -25.40 -4.39
CA VAL M 125 -45.97 -24.91 -3.06
C VAL M 125 -45.29 -23.54 -3.12
N ALA M 126 -44.20 -23.44 -3.89
CA ALA M 126 -43.47 -22.19 -4.10
C ALA M 126 -42.97 -21.61 -2.77
N LEU M 127 -42.07 -22.35 -2.13
CA LEU M 127 -41.43 -21.93 -0.89
C LEU M 127 -39.95 -22.28 -0.97
N LYS M 128 -39.13 -21.29 -1.31
CA LYS M 128 -37.69 -21.51 -1.48
C LYS M 128 -36.94 -21.56 -0.16
N ASN M 129 -37.33 -20.74 0.81
CA ASN M 129 -36.61 -20.73 2.09
C ASN M 129 -36.82 -22.04 2.84
N PHE M 130 -38.05 -22.56 2.85
CA PHE M 130 -38.29 -23.86 3.48
C PHE M 130 -37.51 -24.96 2.78
N ALA M 131 -37.45 -24.92 1.44
CA ALA M 131 -36.69 -25.91 0.70
C ALA M 131 -35.20 -25.84 1.04
N LYS M 132 -34.66 -24.62 1.15
CA LYS M 132 -33.25 -24.47 1.50
C LYS M 132 -32.98 -24.96 2.92
N TYR M 133 -33.89 -24.67 3.85
CA TYR M 133 -33.72 -25.14 5.22
C TYR M 133 -33.77 -26.66 5.29
N PHE M 134 -34.70 -27.28 4.55
CA PHE M 134 -34.79 -28.73 4.55
C PHE M 134 -33.57 -29.36 3.88
N LEU M 135 -33.03 -28.71 2.85
CA LEU M 135 -31.82 -29.22 2.22
C LEU M 135 -30.63 -29.12 3.16
N HIS M 136 -30.54 -28.02 3.92
CA HIS M 136 -29.47 -27.90 4.92
C HIS M 136 -29.61 -28.96 6.00
N GLN M 137 -30.85 -29.24 6.44
CA GLN M 137 -31.07 -30.28 7.43
C GLN M 137 -30.69 -31.65 6.88
N SER M 138 -31.01 -31.91 5.61
CA SER M 138 -30.62 -33.17 4.99
C SER M 138 -29.10 -33.29 4.89
N HIS M 139 -28.43 -32.20 4.56
CA HIS M 139 -26.96 -32.22 4.53
C HIS M 139 -26.38 -32.48 5.92
N GLU M 140 -26.97 -31.89 6.95
CA GLU M 140 -26.51 -32.14 8.31
C GLU M 140 -26.72 -33.59 8.71
N GLU M 141 -27.87 -34.17 8.34
CA GLU M 141 -28.12 -35.57 8.62
C GLU M 141 -27.14 -36.47 7.88
N ARG M 142 -26.83 -36.12 6.63
CA ARG M 142 -25.85 -36.90 5.87
CA ARG M 142 -25.85 -36.89 5.86
C ARG M 142 -24.48 -36.83 6.51
N GLU M 143 -24.07 -35.64 6.96
CA GLU M 143 -22.78 -35.51 7.62
C GLU M 143 -22.74 -36.28 8.93
N HIS M 144 -23.84 -36.26 9.69
CA HIS M 144 -23.90 -37.04 10.93
C HIS M 144 -23.82 -38.53 10.66
N ALA M 145 -24.49 -38.99 9.60
CA ALA M 145 -24.42 -40.41 9.23
C ALA M 145 -23.02 -40.80 8.81
N GLU M 146 -22.35 -39.95 8.03
CA GLU M 146 -20.97 -40.23 7.64
C GLU M 146 -20.04 -40.24 8.84
N LYS M 147 -20.28 -39.35 9.80
CA LYS M 147 -19.46 -39.32 11.01
C LYS M 147 -19.68 -40.58 11.84
N LEU M 148 -20.93 -41.04 11.94
CA LEU M 148 -21.21 -42.30 12.65
C LEU M 148 -20.55 -43.48 11.95
N MET M 149 -20.58 -43.51 10.62
CA MET M 149 -19.94 -44.58 9.88
C MET M 149 -18.43 -44.56 10.11
N LYS M 150 -17.82 -43.38 10.09
CA LYS M 150 -16.39 -43.27 10.33
C LYS M 150 -16.02 -43.70 11.74
N LEU M 151 -16.85 -43.32 12.73
CA LEU M 151 -16.60 -43.74 14.10
C LEU M 151 -16.71 -45.24 14.26
N GLN M 152 -17.69 -45.86 13.59
CA GLN M 152 -17.82 -47.31 13.64
C GLN M 152 -16.64 -48.00 12.95
N ASN M 153 -16.14 -47.41 11.86
CA ASN M 153 -14.99 -47.98 11.19
C ASN M 153 -13.72 -47.85 12.03
N GLN M 154 -13.60 -46.77 12.81
CA GLN M 154 -12.43 -46.59 13.66
C GLN M 154 -12.43 -47.51 14.87
N ARG M 155 -13.60 -48.02 15.26
CA ARG M 155 -13.71 -48.94 16.39
C ARG M 155 -13.60 -50.40 15.99
N GLY M 156 -13.33 -50.68 14.71
CA GLY M 156 -13.21 -52.06 14.27
C GLY M 156 -14.51 -52.83 14.24
N GLY M 157 -15.58 -52.22 13.73
CA GLY M 157 -16.87 -52.88 13.66
C GLY M 157 -17.44 -52.94 12.26
N ARG M 158 -18.26 -53.95 12.01
CA ARG M 158 -18.88 -54.13 10.69
C ARG M 158 -20.09 -53.24 10.56
N ILE M 159 -20.36 -52.81 9.33
CA ILE M 159 -21.51 -51.96 9.02
C ILE M 159 -22.40 -52.73 8.07
N PHE M 160 -23.62 -53.05 8.51
CA PHE M 160 -24.59 -53.79 7.73
C PHE M 160 -25.61 -52.81 7.18
N LEU M 161 -25.36 -52.34 5.95
CA LEU M 161 -26.27 -51.40 5.31
C LEU M 161 -27.50 -52.13 4.77
N GLN M 162 -28.67 -51.81 5.31
CA GLN M 162 -29.91 -52.43 4.89
C GLN M 162 -30.56 -51.57 3.80
N ASP M 163 -31.86 -51.73 3.60
CA ASP M 163 -32.59 -50.97 2.59
C ASP M 163 -33.22 -49.75 3.22
N ILE M 164 -33.00 -48.59 2.61
CA ILE M 164 -33.55 -47.33 3.11
C ILE M 164 -35.04 -47.29 2.79
N LYS M 165 -35.86 -47.12 3.84
CA LYS M 165 -37.31 -47.08 3.65
C LYS M 165 -37.74 -45.75 3.05
N LYS M 166 -38.87 -45.79 2.33
CA LYS M 166 -39.42 -44.61 1.69
C LYS M 166 -40.31 -43.84 2.66
N PRO M 167 -40.42 -42.53 2.50
CA PRO M 167 -41.30 -41.74 3.38
C PRO M 167 -42.75 -42.15 3.21
N ASP M 168 -43.46 -42.28 4.33
CA ASP M 168 -44.86 -42.69 4.30
C ASP M 168 -45.77 -41.60 3.77
N ARG M 169 -45.35 -40.33 3.84
CA ARG M 169 -46.15 -39.21 3.35
C ARG M 169 -45.39 -38.51 2.24
N ASP M 170 -46.06 -38.34 1.10
CA ASP M 170 -45.46 -37.68 -0.06
C ASP M 170 -46.07 -36.31 -0.34
N ASP M 171 -47.35 -36.12 -0.02
CA ASP M 171 -48.03 -34.84 -0.23
C ASP M 171 -48.14 -34.14 1.12
N TRP M 172 -47.24 -33.19 1.36
CA TRP M 172 -47.23 -32.45 2.61
C TRP M 172 -48.24 -31.31 2.63
N CYS M 173 -48.86 -31.00 1.50
CA CYS M 173 -49.89 -29.97 1.41
C CYS M 173 -49.37 -28.62 1.90
N SER M 174 -49.61 -28.30 3.16
CA SER M 174 -49.17 -27.03 3.73
C SER M 174 -47.78 -27.17 4.34
N GLY M 175 -47.54 -26.47 5.45
CA GLY M 175 -46.25 -26.52 6.10
C GLY M 175 -46.32 -27.00 7.54
N LEU M 176 -47.50 -26.89 8.15
CA LEU M 176 -47.66 -27.32 9.53
C LEU M 176 -47.52 -28.83 9.68
N ASN M 177 -48.08 -29.60 8.74
CA ASN M 177 -47.94 -31.05 8.80
C ASN M 177 -46.50 -31.47 8.62
N ALA M 178 -45.76 -30.79 7.74
CA ALA M 178 -44.34 -31.08 7.56
C ALA M 178 -43.56 -30.79 8.84
N MET M 179 -43.88 -29.69 9.52
CA MET M 179 -43.20 -29.36 10.77
C MET M 179 -43.52 -30.40 11.84
N GLU M 180 -44.78 -30.85 11.91
CA GLU M 180 -45.13 -31.88 12.89
C GLU M 180 -44.42 -33.19 12.59
N SER M 181 -44.31 -33.56 11.31
CA SER M 181 -43.60 -34.79 10.95
C SER M 181 -42.11 -34.67 11.29
N ALA M 182 -41.52 -33.50 11.04
CA ALA M 182 -40.11 -33.31 11.38
C ALA M 182 -39.90 -33.35 12.89
N LEU M 183 -40.83 -32.79 13.66
CA LEU M 183 -40.72 -32.85 15.11
C LEU M 183 -40.84 -34.28 15.62
N HIS M 184 -41.76 -35.06 15.06
CA HIS M 184 -41.89 -36.45 15.46
C HIS M 184 -40.64 -37.24 15.09
N LEU M 185 -40.08 -36.96 13.91
CA LEU M 185 -38.85 -37.65 13.50
C LEU M 185 -37.69 -37.30 14.43
N GLU M 186 -37.58 -36.03 14.82
CA GLU M 186 -36.51 -35.64 15.74
C GLU M 186 -36.71 -36.26 17.12
N LYS M 187 -37.96 -36.38 17.57
CA LYS M 187 -38.23 -37.04 18.84
C LYS M 187 -37.85 -38.52 18.77
N SER M 188 -38.15 -39.18 17.64
CA SER M 188 -37.76 -40.57 17.48
C SER M 188 -36.24 -40.73 17.45
N VAL M 189 -35.54 -39.80 16.79
CA VAL M 189 -34.09 -39.84 16.77
C VAL M 189 -33.52 -39.63 18.16
N ASN M 190 -34.12 -38.73 18.94
CA ASN M 190 -33.67 -38.50 20.31
C ASN M 190 -33.90 -39.74 21.17
N GLN M 191 -35.05 -40.40 21.00
CA GLN M 191 -35.31 -41.63 21.74
C GLN M 191 -34.33 -42.73 21.38
N SER M 192 -34.00 -42.84 20.09
CA SER M 192 -33.01 -43.83 19.66
C SER M 192 -31.64 -43.52 20.24
N LEU M 193 -31.28 -42.23 20.30
CA LEU M 193 -30.00 -41.85 20.89
C LEU M 193 -29.97 -42.15 22.38
N LEU M 194 -31.09 -41.93 23.08
CA LEU M 194 -31.16 -42.26 24.49
C LEU M 194 -31.04 -43.77 24.71
N GLU M 195 -31.69 -44.56 23.86
CA GLU M 195 -31.57 -46.02 23.97
C GLU M 195 -30.14 -46.47 23.70
N LEU M 196 -29.48 -45.86 22.71
CA LEU M 196 -28.09 -46.19 22.43
C LEU M 196 -27.19 -45.83 23.61
N HIS M 197 -27.43 -44.68 24.23
CA HIS M 197 -26.64 -44.28 25.39
C HIS M 197 -26.85 -45.24 26.55
N LYS M 198 -28.10 -45.66 26.78
CA LYS M 198 -28.37 -46.60 27.86
C LYS M 198 -27.72 -47.95 27.59
N LEU M 199 -27.75 -48.41 26.33
CA LEU M 199 -27.12 -49.69 26.00
C LEU M 199 -25.61 -49.61 26.13
N ALA M 200 -25.01 -48.48 25.75
CA ALA M 200 -23.57 -48.32 25.90
C ALA M 200 -23.16 -48.22 27.36
N THR M 201 -24.02 -47.62 28.20
CA THR M 201 -23.72 -47.55 29.62
C THR M 201 -23.86 -48.92 30.29
N ASP M 202 -24.86 -49.70 29.89
CA ASP M 202 -25.06 -51.02 30.48
C ASP M 202 -24.04 -52.04 29.97
N LYS M 203 -23.38 -51.76 28.84
CA LYS M 203 -22.39 -52.67 28.28
C LYS M 203 -20.97 -52.12 28.39
N ASN M 204 -20.77 -51.09 29.22
CA ASN M 204 -19.45 -50.49 29.46
C ASN M 204 -18.82 -50.00 28.17
N ASP M 205 -19.23 -48.82 27.70
CA ASP M 205 -18.67 -48.20 26.50
C ASP M 205 -18.57 -46.71 26.74
N PRO M 206 -17.50 -46.25 27.39
CA PRO M 206 -17.40 -44.83 27.73
C PRO M 206 -17.10 -43.94 26.55
N HIS M 207 -16.26 -44.42 25.61
CA HIS M 207 -15.86 -43.60 24.47
C HIS M 207 -17.06 -43.29 23.57
N LEU M 208 -17.81 -44.32 23.19
CA LEU M 208 -18.97 -44.11 22.33
C LEU M 208 -20.03 -43.27 23.04
N CYS M 209 -20.23 -43.52 24.33
CA CYS M 209 -21.19 -42.72 25.10
C CYS M 209 -20.82 -41.25 25.10
N ASP M 210 -19.55 -40.95 25.37
CA ASP M 210 -19.10 -39.56 25.39
C ASP M 210 -19.21 -38.93 24.00
N PHE M 211 -18.84 -39.68 22.97
CA PHE M 211 -18.91 -39.13 21.61
C PHE M 211 -20.34 -38.81 21.22
N ILE M 212 -21.28 -39.70 21.57
CA ILE M 212 -22.69 -39.48 21.22
C ILE M 212 -23.24 -38.30 22.02
N GLU M 213 -22.91 -38.23 23.32
CA GLU M 213 -23.46 -37.16 24.15
C GLU M 213 -22.80 -35.81 23.87
N THR M 214 -21.64 -35.79 23.21
CA THR M 214 -20.96 -34.54 22.93
C THR M 214 -21.20 -34.06 21.50
N TYR M 215 -20.80 -34.86 20.50
CA TYR M 215 -20.81 -34.42 19.10
C TYR M 215 -22.11 -34.80 18.38
N TYR M 216 -23.21 -34.96 19.10
CA TYR M 216 -24.48 -35.30 18.45
C TYR M 216 -25.66 -34.66 19.16
N LEU M 217 -25.73 -34.82 20.48
CA LEU M 217 -26.86 -34.27 21.24
C LEU M 217 -26.86 -32.74 21.21
N SER M 218 -25.67 -32.12 21.16
CA SER M 218 -25.60 -30.66 21.17
C SER M 218 -26.28 -30.06 19.95
N GLU M 219 -26.33 -30.80 18.84
CA GLU M 219 -27.02 -30.32 17.64
C GLU M 219 -28.47 -30.79 17.60
N GLN M 220 -28.74 -32.01 18.09
CA GLN M 220 -30.10 -32.53 18.07
C GLN M 220 -31.01 -31.73 18.98
N VAL M 221 -30.52 -31.33 20.16
CA VAL M 221 -31.34 -30.54 21.08
C VAL M 221 -31.66 -29.18 20.46
N LYS M 222 -30.66 -28.56 19.81
CA LYS M 222 -30.90 -27.28 19.16
C LYS M 222 -31.89 -27.41 18.02
N SER M 223 -31.79 -28.50 17.24
CA SER M 223 -32.73 -28.70 16.14
C SER M 223 -34.14 -28.91 16.67
N ILE M 224 -34.30 -29.69 17.75
CA ILE M 224 -35.62 -29.91 18.33
C ILE M 224 -36.19 -28.60 18.86
N LYS M 225 -35.34 -27.77 19.50
CA LYS M 225 -35.80 -26.50 20.02
C LYS M 225 -36.23 -25.57 18.88
N GLU M 226 -35.47 -25.55 17.78
CA GLU M 226 -35.83 -24.71 16.65
C GLU M 226 -37.14 -25.17 16.01
N LEU M 227 -37.32 -26.49 15.87
CA LEU M 227 -38.57 -26.99 15.30
C LEU M 227 -39.75 -26.69 16.22
N GLY M 228 -39.56 -26.79 17.54
CA GLY M 228 -40.61 -26.44 18.46
C GLY M 228 -40.97 -24.97 18.39
N ASP M 229 -39.96 -24.11 18.26
CA ASP M 229 -40.22 -22.68 18.11
C ASP M 229 -40.96 -22.39 16.82
N HIS M 230 -40.60 -23.08 15.74
CA HIS M 230 -41.30 -22.89 14.47
C HIS M 230 -42.76 -23.34 14.57
N VAL M 231 -43.00 -24.48 15.23
CA VAL M 231 -44.36 -24.96 15.40
C VAL M 231 -45.17 -23.99 16.26
N THR M 232 -44.56 -23.46 17.32
CA THR M 232 -45.25 -22.50 18.17
C THR M 232 -45.58 -21.22 17.41
N ASN M 233 -44.67 -20.77 16.55
CA ASN M 233 -44.93 -19.57 15.75
C ASN M 233 -46.03 -19.82 14.73
N LEU M 234 -46.05 -21.03 14.13
CA LEU M 234 -47.09 -21.34 13.15
C LEU M 234 -48.45 -21.50 13.80
N ARG M 235 -48.50 -22.00 15.04
CA ARG M 235 -49.76 -22.23 15.74
C ARG M 235 -50.24 -21.00 16.51
N LYS M 236 -49.78 -19.80 16.12
CA LYS M 236 -50.22 -18.58 16.77
C LYS M 236 -50.51 -17.49 15.74
N MET M 237 -49.78 -17.49 14.63
CA MET M 237 -50.00 -16.46 13.61
C MET M 237 -51.31 -16.68 12.87
N GLY M 238 -51.74 -17.93 12.69
CA GLY M 238 -52.99 -18.21 12.02
C GLY M 238 -52.93 -19.40 11.09
N ALA M 239 -51.75 -20.03 10.99
CA ALA M 239 -51.60 -21.18 10.13
C ALA M 239 -52.40 -22.37 10.68
N PRO M 240 -52.94 -23.22 9.79
CA PRO M 240 -52.84 -23.12 8.33
C PRO M 240 -53.93 -22.25 7.70
N CYS M 241 -54.80 -21.67 8.51
CA CYS M 241 -55.90 -20.85 8.02
C CYS M 241 -55.51 -19.40 7.83
N ALA M 242 -54.27 -19.14 7.38
CA ALA M 242 -53.82 -17.77 7.14
C ALA M 242 -52.69 -17.84 6.11
N GLY M 243 -53.02 -17.53 4.85
CA GLY M 243 -52.04 -17.57 3.79
C GLY M 243 -50.93 -16.56 3.92
N MET M 244 -51.20 -15.41 4.55
CA MET M 244 -50.18 -14.39 4.71
C MET M 244 -49.18 -14.76 5.81
N ALA M 245 -49.61 -15.55 6.80
CA ALA M 245 -48.70 -15.94 7.88
C ALA M 245 -47.57 -16.82 7.35
N GLU M 246 -47.87 -17.72 6.42
CA GLU M 246 -46.83 -18.57 5.84
C GLU M 246 -45.82 -17.73 5.07
N TYR M 247 -46.30 -16.75 4.29
CA TYR M 247 -45.38 -15.89 3.55
C TYR M 247 -44.54 -15.04 4.49
N LEU M 248 -45.13 -14.58 5.59
CA LEU M 248 -44.36 -13.80 6.57
C LEU M 248 -43.29 -14.65 7.23
N PHE M 249 -43.63 -15.88 7.63
CA PHE M 249 -42.64 -16.77 8.22
C PHE M 249 -41.58 -17.20 7.21
N ASP M 250 -41.91 -17.20 5.92
CA ASP M 250 -40.95 -17.56 4.89
C ASP M 250 -39.97 -16.43 4.62
N LYS M 251 -40.48 -15.21 4.47
CA LYS M 251 -39.66 -14.05 4.10
C LYS M 251 -39.08 -13.32 5.31
N HIS M 252 -38.91 -14.00 6.44
CA HIS M 252 -38.33 -13.37 7.62
C HIS M 252 -37.51 -14.36 8.43
N THR M 253 -38.12 -15.46 8.85
CA THR M 253 -37.41 -16.45 9.66
C THR M 253 -36.34 -17.16 8.86
N LEU M 254 -36.75 -17.93 7.84
CA LEU M 254 -35.83 -18.67 7.01
C LEU M 254 -35.35 -17.88 5.79
N GLY M 255 -35.71 -16.60 5.70
CA GLY M 255 -35.28 -15.78 4.58
C GLY M 255 -34.08 -14.91 4.87
N THR N 13 66.03 -35.26 -27.29
CA THR N 13 65.50 -35.30 -25.93
C THR N 13 66.00 -34.12 -25.10
N GLN N 14 66.51 -33.09 -25.79
CA GLN N 14 66.99 -31.90 -25.10
C GLN N 14 65.85 -31.04 -24.58
N ASP N 15 64.62 -31.23 -25.07
CA ASP N 15 63.49 -30.49 -24.53
C ASP N 15 63.25 -30.83 -23.07
N LEU N 16 63.32 -32.12 -22.73
CA LEU N 16 63.20 -32.53 -21.34
C LEU N 16 64.34 -31.96 -20.50
N ARG N 17 65.55 -31.89 -21.06
CA ARG N 17 66.68 -31.33 -20.34
C ARG N 17 66.44 -29.85 -20.04
N SER N 18 65.96 -29.09 -21.03
CA SER N 18 65.66 -27.69 -20.81
C SER N 18 64.54 -27.53 -19.78
N HIS N 19 63.51 -28.38 -19.85
CA HIS N 19 62.41 -28.27 -18.91
C HIS N 19 62.83 -28.61 -17.49
N LEU N 20 63.77 -29.54 -17.31
CA LEU N 20 64.24 -29.87 -15.97
C LEU N 20 65.28 -28.88 -15.46
N VAL N 21 66.00 -28.19 -16.34
CA VAL N 21 66.95 -27.19 -15.88
C VAL N 21 66.30 -25.83 -15.64
N HIS N 22 65.17 -25.54 -16.30
CA HIS N 22 64.48 -24.28 -16.08
C HIS N 22 63.71 -24.24 -14.76
N LYS N 23 63.78 -25.29 -13.96
CA LYS N 23 63.11 -25.31 -12.66
C LYS N 23 64.01 -24.76 -11.56
N LEU N 24 65.25 -25.26 -11.47
CA LEU N 24 66.15 -24.78 -10.43
C LEU N 24 66.61 -23.35 -10.69
N VAL N 25 66.86 -23.00 -11.96
CA VAL N 25 67.30 -21.66 -12.26
C VAL N 25 66.19 -20.63 -12.00
N GLN N 26 64.94 -21.07 -11.93
CA GLN N 26 63.84 -20.19 -11.55
C GLN N 26 63.54 -20.25 -10.06
N ALA N 27 63.84 -21.37 -9.41
CA ALA N 27 63.62 -21.46 -7.96
C ALA N 27 64.70 -20.73 -7.17
N ILE N 28 65.91 -20.62 -7.71
CA ILE N 28 66.98 -19.92 -7.01
C ILE N 28 66.68 -18.42 -6.96
N PHE N 29 66.50 -17.81 -8.13
CA PHE N 29 66.22 -16.38 -8.24
C PHE N 29 64.87 -16.22 -8.95
N PRO N 30 63.78 -16.20 -8.19
CA PRO N 30 62.45 -16.17 -8.83
C PRO N 30 61.93 -14.80 -9.21
N CYS N 31 62.53 -13.72 -8.69
CA CYS N 31 62.06 -12.36 -8.93
C CYS N 31 63.14 -11.56 -9.63
N PRO N 32 63.19 -11.61 -10.96
CA PRO N 32 64.16 -10.79 -11.70
C PRO N 32 63.72 -9.33 -11.75
N ASP N 33 63.87 -8.62 -10.64
CA ASP N 33 63.41 -7.24 -10.54
C ASP N 33 64.35 -6.32 -11.31
N PRO N 34 63.89 -5.63 -12.36
CA PRO N 34 64.76 -4.72 -13.10
C PRO N 34 64.85 -3.32 -12.50
N CYS N 35 64.19 -3.07 -11.38
CA CYS N 35 64.18 -1.75 -10.76
C CYS N 35 65.35 -1.55 -9.80
N ALA N 36 66.46 -2.26 -10.00
CA ALA N 36 67.62 -2.13 -9.13
C ALA N 36 68.90 -2.41 -9.89
N LEU N 37 69.38 -3.65 -9.83
CA LEU N 37 70.62 -4.04 -10.50
C LEU N 37 70.34 -4.34 -11.98
N LYS N 38 71.37 -4.81 -12.68
CA LYS N 38 71.25 -5.14 -14.09
C LYS N 38 70.79 -6.59 -14.26
N ASP N 39 71.33 -7.28 -15.28
CA ASP N 39 70.95 -8.66 -15.54
C ASP N 39 72.17 -9.55 -15.81
N ARG N 40 73.33 -9.17 -15.28
CA ARG N 40 74.52 -10.01 -15.42
C ARG N 40 74.66 -11.00 -14.27
N ARG N 41 74.20 -10.65 -13.08
CA ARG N 41 74.23 -11.58 -11.97
C ARG N 41 73.28 -12.75 -12.22
N MET N 42 72.14 -12.48 -12.85
CA MET N 42 71.23 -13.56 -13.23
C MET N 42 71.89 -14.52 -14.21
N GLU N 43 72.61 -13.98 -15.19
CA GLU N 43 73.30 -14.85 -16.15
C GLU N 43 74.41 -15.65 -15.48
N ASN N 44 75.12 -15.02 -14.53
CA ASN N 44 76.15 -15.76 -13.79
C ASN N 44 75.54 -16.89 -12.97
N LEU N 45 74.39 -16.62 -12.32
CA LEU N 45 73.71 -17.66 -11.57
C LEU N 45 73.22 -18.78 -12.47
N VAL N 46 72.73 -18.43 -13.66
CA VAL N 46 72.26 -19.44 -14.60
C VAL N 46 73.43 -20.31 -15.06
N ALA N 47 74.58 -19.69 -15.35
CA ALA N 47 75.74 -20.46 -15.76
C ALA N 47 76.24 -21.37 -14.64
N TYR N 48 76.24 -20.87 -13.41
CA TYR N 48 76.65 -21.70 -12.27
C TYR N 48 75.70 -22.88 -12.08
N ALA N 49 74.39 -22.63 -12.20
CA ALA N 49 73.43 -23.72 -12.07
C ALA N 49 73.58 -24.74 -13.19
N LYS N 50 73.88 -24.26 -14.40
CA LYS N 50 74.10 -25.18 -15.52
C LYS N 50 75.33 -26.05 -15.28
N LYS N 51 76.41 -25.45 -14.78
CA LYS N 51 77.60 -26.23 -14.47
C LYS N 51 77.33 -27.24 -13.37
N VAL N 52 76.58 -26.85 -12.34
CA VAL N 52 76.25 -27.76 -11.26
C VAL N 52 75.42 -28.93 -11.78
N GLU N 53 74.41 -28.62 -12.60
CA GLU N 53 73.59 -29.68 -13.19
C GLU N 53 74.43 -30.60 -14.06
N GLY N 54 75.37 -30.04 -14.83
CA GLY N 54 76.21 -30.87 -15.67
C GLY N 54 77.07 -31.83 -14.85
N ASP N 55 77.73 -31.32 -13.81
CA ASP N 55 78.60 -32.19 -13.03
C ASP N 55 77.81 -33.21 -12.23
N MET N 56 76.62 -32.83 -11.73
CA MET N 56 75.79 -33.77 -11.00
C MET N 56 75.24 -34.85 -11.93
N TYR N 57 74.94 -34.50 -13.18
CA TYR N 57 74.48 -35.50 -14.14
C TYR N 57 75.61 -36.41 -14.59
N GLU N 58 76.83 -35.88 -14.66
CA GLU N 58 77.98 -36.74 -14.95
C GLU N 58 78.31 -37.66 -13.78
N SER N 59 78.01 -37.22 -12.55
CA SER N 59 78.19 -38.05 -11.37
C SER N 59 76.91 -38.75 -10.94
N ALA N 60 76.03 -39.06 -11.89
CA ALA N 60 74.78 -39.73 -11.60
C ALA N 60 74.94 -41.24 -11.81
N ASN N 61 73.82 -41.97 -11.84
CA ASN N 61 73.87 -43.42 -12.01
C ASN N 61 72.58 -43.95 -12.62
N SER N 62 71.45 -43.37 -12.23
CA SER N 62 70.16 -43.83 -12.73
C SER N 62 69.31 -42.62 -13.09
N ARG N 63 67.99 -42.80 -13.12
CA ARG N 63 67.06 -41.74 -13.49
C ARG N 63 66.08 -41.38 -12.39
N ASP N 64 65.51 -42.37 -11.70
CA ASP N 64 64.56 -42.07 -10.63
C ASP N 64 65.25 -41.45 -9.42
N GLU N 65 66.41 -41.98 -9.04
CA GLU N 65 67.17 -41.39 -7.93
C GLU N 65 67.63 -39.98 -8.28
N TYR N 66 67.91 -39.71 -9.56
CA TYR N 66 68.26 -38.36 -9.99
C TYR N 66 67.12 -37.39 -9.76
N TYR N 67 65.91 -37.79 -10.15
CA TYR N 67 64.74 -36.94 -9.93
C TYR N 67 64.46 -36.75 -8.44
N HIS N 68 64.66 -37.81 -7.65
CA HIS N 68 64.47 -37.68 -6.20
C HIS N 68 65.47 -36.71 -5.60
N LEU N 69 66.74 -36.80 -6.02
CA LEU N 69 67.75 -35.87 -5.52
C LEU N 69 67.45 -34.44 -5.96
N LEU N 70 66.96 -34.26 -7.18
CA LEU N 70 66.59 -32.93 -7.63
C LEU N 70 65.44 -32.37 -6.81
N ALA N 71 64.43 -33.20 -6.51
CA ALA N 71 63.32 -32.75 -5.68
C ALA N 71 63.80 -32.39 -4.28
N GLU N 72 64.68 -33.20 -3.71
CA GLU N 72 65.22 -32.88 -2.38
C GLU N 72 66.01 -31.58 -2.40
N LYS N 73 66.80 -31.36 -3.47
CA LYS N 73 67.57 -30.11 -3.56
C LYS N 73 66.64 -28.91 -3.70
N ILE N 74 65.57 -29.04 -4.48
CA ILE N 74 64.61 -27.95 -4.63
C ILE N 74 63.94 -27.65 -3.29
N TYR N 75 63.55 -28.70 -2.56
CA TYR N 75 62.91 -28.52 -1.26
C TYR N 75 63.88 -27.91 -0.24
N LYS N 76 65.18 -28.18 -0.38
CA LYS N 76 66.14 -27.65 0.59
C LYS N 76 66.58 -26.22 0.25
N ILE N 77 66.58 -25.84 -1.03
CA ILE N 77 66.94 -24.47 -1.38
C ILE N 77 65.76 -23.51 -1.21
N GLN N 78 64.54 -24.01 -1.16
CA GLN N 78 63.37 -23.15 -0.94
C GLN N 78 63.16 -22.81 0.52
N LYS N 79 64.05 -23.22 1.41
CA LYS N 79 63.98 -22.89 2.84
C LYS N 79 65.36 -22.39 3.26
N GLU N 80 65.77 -21.27 2.69
CA GLU N 80 67.09 -20.69 2.92
C GLU N 80 66.93 -19.43 3.77
N LEU N 81 66.79 -18.25 3.20
CA LEU N 81 66.67 -17.02 3.96
C LEU N 81 65.64 -16.08 3.33
N GLU N 82 64.39 -16.55 3.33
CA GLU N 82 63.28 -15.77 2.81
C GLU N 82 62.58 -14.95 3.89
N GLU N 83 63.30 -14.61 4.96
CA GLU N 83 62.76 -13.82 6.08
C GLU N 83 61.55 -14.48 6.73
N LYS N 84 61.41 -15.80 6.56
CA LYS N 84 60.29 -16.56 7.10
C LYS N 84 58.95 -15.95 6.66
N SER N 85 58.39 -15.10 7.51
CA SER N 85 57.13 -14.41 7.22
C SER N 85 56.96 -13.29 8.26
N GLN N 86 55.90 -12.50 8.09
CA GLN N 86 55.59 -11.42 9.01
C GLN N 86 54.46 -11.75 9.97
N VAL N 87 53.66 -12.77 9.68
CA VAL N 87 52.57 -13.18 10.55
C VAL N 87 52.74 -14.60 11.07
N ARG N 88 53.81 -15.29 10.70
CA ARG N 88 54.06 -16.66 11.13
C ARG N 88 54.66 -16.64 12.54
N GLN N 89 53.97 -17.27 13.48
CA GLN N 89 54.41 -17.32 14.87
C GLN N 89 54.15 -18.72 15.41
N ASN N 90 55.23 -19.42 15.78
CA ASN N 90 55.15 -20.78 16.31
C ASN N 90 54.45 -21.71 15.34
N TYR N 91 55.16 -22.19 14.32
CA TYR N 91 54.60 -23.09 13.33
C TYR N 91 55.72 -23.92 12.72
N HIS N 92 55.70 -25.22 12.98
CA HIS N 92 56.72 -26.14 12.52
C HIS N 92 56.45 -26.57 11.09
N GLN N 93 57.50 -27.06 10.43
CA GLN N 93 57.37 -27.50 9.05
C GLN N 93 56.52 -28.76 8.90
N ASP N 94 56.44 -29.58 9.96
CA ASP N 94 55.60 -30.78 9.89
C ASP N 94 54.13 -30.42 9.73
N ALA N 95 53.67 -29.39 10.45
CA ALA N 95 52.30 -28.93 10.29
C ALA N 95 52.05 -28.37 8.89
N GLU N 96 53.05 -27.69 8.33
CA GLU N 96 52.91 -27.17 6.97
C GLU N 96 52.80 -28.31 5.96
N ALA N 97 53.63 -29.34 6.12
CA ALA N 97 53.55 -30.49 5.22
C ALA N 97 52.21 -31.22 5.38
N ALA N 98 51.71 -31.31 6.61
CA ALA N 98 50.41 -31.95 6.83
C ALA N 98 49.29 -31.14 6.18
N ILE N 99 49.36 -29.81 6.28
CA ILE N 99 48.35 -28.97 5.63
C ILE N 99 48.43 -29.12 4.11
N ASN N 100 49.64 -29.21 3.57
CA ASN N 100 49.79 -29.40 2.13
C ASN N 100 49.21 -30.73 1.69
N ARG N 101 49.47 -31.80 2.45
CA ARG N 101 48.90 -33.11 2.11
C ARG N 101 47.38 -33.09 2.22
N GLN N 102 46.85 -32.39 3.23
CA GLN N 102 45.41 -32.29 3.37
C GLN N 102 44.79 -31.52 2.21
N ILE N 103 45.45 -30.46 1.75
CA ILE N 103 44.96 -29.70 0.60
C ILE N 103 44.99 -30.56 -0.66
N ASN N 104 46.06 -31.35 -0.83
CA ASN N 104 46.14 -32.25 -1.98
C ASN N 104 45.02 -33.29 -1.93
N LEU N 105 44.74 -33.83 -0.74
CA LEU N 105 43.66 -34.80 -0.62
C LEU N 105 42.30 -34.16 -0.89
N GLU N 106 42.11 -32.91 -0.45
CA GLU N 106 40.87 -32.20 -0.74
C GLU N 106 40.70 -31.98 -2.24
N LEU N 107 41.77 -31.62 -2.93
CA LEU N 107 41.70 -31.44 -4.37
C LEU N 107 41.42 -32.76 -5.08
N TYR N 108 42.02 -33.85 -4.61
CA TYR N 108 41.75 -35.16 -5.19
C TYR N 108 40.30 -35.56 -4.98
N ALA N 109 39.76 -35.29 -3.78
CA ALA N 109 38.36 -35.59 -3.51
C ALA N 109 37.43 -34.76 -4.39
N SER N 110 37.76 -33.48 -4.59
CA SER N 110 36.95 -32.64 -5.47
C SER N 110 36.99 -33.16 -6.90
N TYR N 111 38.16 -33.60 -7.36
CA TYR N 111 38.26 -34.16 -8.71
C TYR N 111 37.45 -35.44 -8.84
N VAL N 112 37.50 -36.30 -7.82
CA VAL N 112 36.73 -37.55 -7.86
C VAL N 112 35.24 -37.25 -7.86
N TYR N 113 34.81 -36.27 -7.08
CA TYR N 113 33.39 -35.92 -7.05
C TYR N 113 32.94 -35.29 -8.36
N LEU N 114 33.81 -34.51 -9.01
CA LEU N 114 33.49 -33.97 -10.32
C LEU N 114 33.37 -35.09 -11.35
N SER N 115 34.27 -36.07 -11.30
CA SER N 115 34.18 -37.21 -12.20
C SER N 115 32.90 -38.00 -11.98
N MET N 116 32.51 -38.17 -10.71
CA MET N 116 31.25 -38.87 -10.41
C MET N 116 30.05 -38.09 -10.92
N SER N 117 30.05 -36.76 -10.75
CA SER N 117 28.95 -35.94 -11.23
C SER N 117 28.86 -35.98 -12.76
N CYS N 118 30.00 -36.02 -13.44
CA CYS N 118 29.99 -36.06 -14.90
C CYS N 118 29.71 -37.46 -15.44
N TYR N 119 29.92 -38.51 -14.65
CA TYR N 119 29.63 -39.85 -15.11
C TYR N 119 28.14 -40.16 -15.04
N PHE N 120 27.49 -39.79 -13.93
CA PHE N 120 26.06 -40.02 -13.79
C PHE N 120 25.22 -39.10 -14.67
N ASP N 121 25.81 -38.03 -15.19
CA ASP N 121 25.11 -37.10 -16.08
C ASP N 121 25.18 -37.53 -17.53
N ARG N 122 25.80 -38.68 -17.83
CA ARG N 122 25.93 -39.16 -19.19
C ARG N 122 24.63 -39.76 -19.70
N ASP N 123 24.69 -40.47 -20.83
CA ASP N 123 23.53 -41.09 -21.43
C ASP N 123 23.35 -42.55 -21.03
N ASP N 124 24.41 -43.22 -20.61
CA ASP N 124 24.33 -44.62 -20.21
C ASP N 124 23.91 -44.80 -18.76
N VAL N 125 23.77 -43.71 -18.01
CA VAL N 125 23.35 -43.75 -16.61
C VAL N 125 22.01 -43.07 -16.39
N ALA N 126 21.89 -41.81 -16.84
CA ALA N 126 20.65 -41.04 -16.77
C ALA N 126 20.17 -40.92 -15.32
N LEU N 127 20.97 -40.22 -14.52
CA LEU N 127 20.64 -39.94 -13.12
C LEU N 127 21.03 -38.49 -12.83
N LYS N 128 20.05 -37.59 -12.87
CA LYS N 128 20.30 -36.17 -12.68
C LYS N 128 20.45 -35.79 -11.21
N ASN N 129 19.68 -36.42 -10.32
CA ASN N 129 19.77 -36.07 -8.90
C ASN N 129 21.12 -36.48 -8.31
N PHE N 130 21.61 -37.67 -8.67
CA PHE N 130 22.92 -38.09 -8.21
C PHE N 130 24.01 -37.16 -8.75
N ALA N 131 23.88 -36.75 -10.01
CA ALA N 131 24.85 -35.82 -10.60
C ALA N 131 24.84 -34.49 -9.87
N LYS N 132 23.64 -33.98 -9.55
CA LYS N 132 23.56 -32.71 -8.82
C LYS N 132 24.14 -32.83 -7.42
N TYR N 133 23.88 -33.96 -6.74
CA TYR N 133 24.44 -34.17 -5.41
C TYR N 133 25.96 -34.25 -5.46
N PHE N 134 26.51 -34.95 -6.45
CA PHE N 134 27.95 -35.06 -6.58
C PHE N 134 28.57 -33.71 -6.94
N LEU N 135 27.88 -32.91 -7.74
CA LEU N 135 28.38 -31.57 -8.06
C LEU N 135 28.37 -30.68 -6.82
N HIS N 136 27.33 -30.78 -6.00
CA HIS N 136 27.30 -30.02 -4.75
C HIS N 136 28.41 -30.46 -3.81
N GLN N 137 28.68 -31.77 -3.75
CA GLN N 137 29.78 -32.26 -2.92
C GLN N 137 31.12 -31.76 -3.43
N SER N 138 31.30 -31.73 -4.76
CA SER N 138 32.52 -31.21 -5.34
C SER N 138 32.69 -29.72 -5.04
N HIS N 139 31.59 -28.97 -5.09
CA HIS N 139 31.65 -27.54 -4.75
C HIS N 139 32.02 -27.36 -3.28
N GLU N 140 31.47 -28.20 -2.40
CA GLU N 140 31.82 -28.12 -0.98
C GLU N 140 33.29 -28.44 -0.75
N GLU N 141 33.80 -29.46 -1.46
CA GLU N 141 35.21 -29.79 -1.34
C GLU N 141 36.09 -28.66 -1.86
N ARG N 142 35.68 -28.01 -2.94
CA ARG N 142 36.43 -26.89 -3.47
CA ARG N 142 36.43 -26.88 -3.48
C ARG N 142 36.44 -25.72 -2.48
N GLU N 143 35.30 -25.44 -1.86
CA GLU N 143 35.23 -24.37 -0.87
C GLU N 143 36.09 -24.70 0.35
N HIS N 144 36.08 -25.96 0.78
CA HIS N 144 36.93 -26.35 1.91
C HIS N 144 38.41 -26.23 1.56
N ALA N 145 38.79 -26.59 0.33
CA ALA N 145 40.17 -26.45 -0.08
C ALA N 145 40.58 -24.98 -0.15
N GLU N 146 39.70 -24.12 -0.66
CA GLU N 146 40.01 -22.69 -0.69
C GLU N 146 40.12 -22.12 0.70
N LYS N 147 39.27 -22.58 1.63
CA LYS N 147 39.35 -22.12 3.01
C LYS N 147 40.65 -22.57 3.67
N LEU N 148 41.08 -23.80 3.40
CA LEU N 148 42.36 -24.28 3.92
C LEU N 148 43.52 -23.47 3.36
N MET N 149 43.46 -23.16 2.05
CA MET N 149 44.51 -22.34 1.45
C MET N 149 44.54 -20.94 2.07
N LYS N 150 43.38 -20.34 2.29
CA LYS N 150 43.33 -19.02 2.91
C LYS N 150 43.85 -19.06 4.34
N LEU N 151 43.52 -20.11 5.09
CA LEU N 151 44.01 -20.23 6.46
C LEU N 151 45.52 -20.41 6.48
N GLN N 152 46.06 -21.18 5.53
CA GLN N 152 47.52 -21.33 5.44
C GLN N 152 48.19 -20.03 5.06
N ASN N 153 47.56 -19.25 4.18
CA ASN N 153 48.12 -17.95 3.81
C ASN N 153 48.07 -16.96 4.96
N GLN N 154 47.04 -17.04 5.81
CA GLN N 154 46.95 -16.14 6.95
C GLN N 154 47.95 -16.48 8.05
N ARG N 155 48.44 -17.71 8.08
CA ARG N 155 49.42 -18.12 9.08
C ARG N 155 50.86 -17.92 8.62
N GLY N 156 51.07 -17.34 7.46
CA GLY N 156 52.42 -17.11 6.97
C GLY N 156 53.15 -18.37 6.54
N GLY N 157 52.48 -19.25 5.80
CA GLY N 157 53.09 -20.49 5.37
C GLY N 157 53.07 -20.66 3.86
N ARG N 158 54.03 -21.40 3.32
CA ARG N 158 54.12 -21.64 1.89
C ARG N 158 53.18 -22.77 1.49
N ILE N 159 52.67 -22.70 0.27
CA ILE N 159 51.77 -23.70 -0.28
C ILE N 159 52.46 -24.33 -1.49
N PHE N 160 52.77 -25.62 -1.39
CA PHE N 160 53.44 -26.36 -2.46
C PHE N 160 52.39 -27.18 -3.20
N LEU N 161 51.86 -26.61 -4.28
CA LEU N 161 50.85 -27.30 -5.08
C LEU N 161 51.53 -28.34 -5.97
N GLN N 162 51.19 -29.61 -5.74
CA GLN N 162 51.75 -30.70 -6.51
C GLN N 162 50.82 -31.03 -7.67
N ASP N 163 50.92 -32.23 -8.24
CA ASP N 163 50.08 -32.66 -9.35
C ASP N 163 48.88 -33.42 -8.82
N ILE N 164 47.69 -33.04 -9.27
CA ILE N 164 46.45 -33.69 -8.86
C ILE N 164 46.36 -35.03 -9.55
N LYS N 165 46.22 -36.10 -8.76
CA LYS N 165 46.14 -37.44 -9.32
C LYS N 165 44.76 -37.68 -9.93
N LYS N 166 44.72 -38.58 -10.92
CA LYS N 166 43.48 -38.93 -11.60
C LYS N 166 42.76 -40.04 -10.85
N PRO N 167 41.43 -40.09 -10.95
CA PRO N 167 40.68 -41.16 -10.29
C PRO N 167 41.04 -42.52 -10.87
N ASP N 168 41.21 -43.50 -9.97
CA ASP N 168 41.58 -44.84 -10.40
C ASP N 168 40.44 -45.57 -11.09
N ARG N 169 39.19 -45.17 -10.83
CA ARG N 169 38.02 -45.80 -11.43
C ARG N 169 37.27 -44.76 -12.25
N ASP N 170 37.00 -45.10 -13.52
CA ASP N 170 36.30 -44.21 -14.44
C ASP N 170 34.90 -44.71 -14.78
N ASP N 171 34.68 -46.03 -14.80
CA ASP N 171 33.39 -46.61 -15.10
C ASP N 171 32.76 -47.07 -13.78
N TRP N 172 31.86 -46.25 -13.25
CA TRP N 172 31.19 -46.57 -11.99
C TRP N 172 30.03 -47.54 -12.15
N CYS N 173 29.63 -47.83 -13.39
CA CYS N 173 28.57 -48.79 -13.68
C CYS N 173 27.27 -48.40 -13.00
N SER N 174 27.02 -48.97 -11.81
CA SER N 174 25.79 -48.67 -11.07
C SER N 174 26.01 -47.51 -10.12
N GLY N 175 25.39 -47.56 -8.94
CA GLY N 175 25.51 -46.50 -7.97
C GLY N 175 26.07 -46.95 -6.65
N LEU N 176 25.97 -48.25 -6.36
CA LEU N 176 26.49 -48.77 -5.11
C LEU N 176 28.00 -48.69 -5.03
N ASN N 177 28.70 -48.99 -6.13
CA ASN N 177 30.16 -48.89 -6.14
C ASN N 177 30.60 -47.45 -5.95
N ALA N 178 29.89 -46.50 -6.55
CA ALA N 178 30.21 -45.09 -6.37
C ALA N 178 30.02 -44.67 -4.92
N MET N 179 28.95 -45.15 -4.28
CA MET N 179 28.72 -44.84 -2.87
C MET N 179 29.81 -45.43 -1.98
N GLU N 180 30.23 -46.67 -2.28
CA GLU N 180 31.31 -47.29 -1.51
C GLU N 180 32.62 -46.52 -1.69
N SER N 181 32.92 -46.09 -2.92
CA SER N 181 34.13 -45.32 -3.16
C SER N 181 34.08 -43.98 -2.43
N ALA N 182 32.92 -43.32 -2.43
CA ALA N 182 32.79 -42.06 -1.71
C ALA N 182 32.93 -42.25 -0.22
N LEU N 183 32.39 -43.35 0.31
CA LEU N 183 32.53 -43.64 1.74
C LEU N 183 33.99 -43.89 2.10
N HIS N 184 34.69 -44.66 1.27
CA HIS N 184 36.12 -44.90 1.52
C HIS N 184 36.92 -43.61 1.45
N LEU N 185 36.58 -42.74 0.49
CA LEU N 185 37.28 -41.46 0.37
C LEU N 185 37.02 -40.59 1.59
N GLU N 186 35.78 -40.57 2.08
CA GLU N 186 35.47 -39.78 3.28
C GLU N 186 36.17 -40.35 4.51
N LYS N 187 36.28 -41.68 4.60
CA LYS N 187 37.01 -42.27 5.71
C LYS N 187 38.50 -41.92 5.64
N SER N 188 39.07 -41.90 4.44
CA SER N 188 40.46 -41.50 4.29
C SER N 188 40.66 -40.04 4.66
N VAL N 189 39.71 -39.18 4.27
CA VAL N 189 39.80 -37.76 4.63
C VAL N 189 39.70 -37.59 6.14
N ASN N 190 38.81 -38.36 6.78
CA ASN N 190 38.70 -38.28 8.24
C ASN N 190 39.96 -38.76 8.93
N GLN N 191 40.58 -39.82 8.40
CA GLN N 191 41.84 -40.30 8.97
C GLN N 191 42.94 -39.25 8.80
N SER N 192 42.99 -38.60 7.64
CA SER N 192 43.98 -37.54 7.44
C SER N 192 43.74 -36.37 8.37
N LEU N 193 42.48 -36.02 8.61
CA LEU N 193 42.17 -34.94 9.55
C LEU N 193 42.56 -35.32 10.98
N LEU N 194 42.35 -36.58 11.36
CA LEU N 194 42.76 -37.03 12.69
C LEU N 194 44.28 -36.98 12.83
N GLU N 195 45.00 -37.39 11.78
CA GLU N 195 46.47 -37.32 11.81
C GLU N 195 46.94 -35.88 11.91
N LEU N 196 46.30 -34.98 11.17
CA LEU N 196 46.65 -33.56 11.25
C LEU N 196 46.38 -33.00 12.64
N HIS N 197 45.26 -33.39 13.25
CA HIS N 197 44.96 -32.94 14.61
C HIS N 197 45.99 -33.46 15.60
N LYS N 198 46.37 -34.73 15.47
CA LYS N 198 47.38 -35.29 16.37
C LYS N 198 48.73 -34.60 16.20
N LEU N 199 49.10 -34.30 14.96
CA LEU N 199 50.37 -33.63 14.71
C LEU N 199 50.36 -32.20 15.25
N ALA N 200 49.22 -31.51 15.11
CA ALA N 200 49.11 -30.15 15.65
C ALA N 200 49.11 -30.16 17.17
N THR N 201 48.54 -31.19 17.79
CA THR N 201 48.57 -31.29 19.24
C THR N 201 49.96 -31.61 19.76
N ASP N 202 50.69 -32.49 19.05
CA ASP N 202 52.03 -32.84 19.47
C ASP N 202 53.05 -31.74 19.20
N LYS N 203 52.72 -30.79 18.31
CA LYS N 203 53.61 -29.69 17.96
C LYS N 203 53.12 -28.35 18.48
N ASN N 204 52.15 -28.38 19.41
CA ASN N 204 51.60 -27.17 20.03
C ASN N 204 51.06 -26.20 18.99
N ASP N 205 49.84 -26.46 18.50
CA ASP N 205 49.17 -25.59 17.53
C ASP N 205 47.68 -25.55 17.88
N PRO N 206 47.31 -24.69 18.82
CA PRO N 206 45.90 -24.66 19.29
C PRO N 206 44.95 -24.04 18.28
N HIS N 207 45.40 -23.00 17.57
CA HIS N 207 44.53 -22.30 16.64
C HIS N 207 44.13 -23.20 15.47
N LEU N 208 45.12 -23.83 14.82
CA LEU N 208 44.82 -24.72 13.71
C LEU N 208 44.00 -25.93 14.17
N CYS N 209 44.31 -26.46 15.34
CA CYS N 209 43.55 -27.59 15.88
C CYS N 209 42.08 -27.21 16.08
N ASP N 210 41.83 -26.05 16.70
CA ASP N 210 40.46 -25.61 16.92
C ASP N 210 39.75 -25.35 15.60
N PHE N 211 40.43 -24.72 14.65
CA PHE N 211 39.81 -24.42 13.37
C PHE N 211 39.43 -25.70 12.63
N ILE N 212 40.31 -26.70 12.65
CA ILE N 212 40.02 -27.96 11.98
C ILE N 212 38.89 -28.70 12.67
N GLU N 213 38.90 -28.72 14.01
CA GLU N 213 37.86 -29.47 14.73
C GLU N 213 36.52 -28.74 14.73
N THR N 214 36.49 -27.45 14.40
CA THR N 214 35.26 -26.69 14.39
C THR N 214 34.68 -26.54 12.99
N TYR N 215 35.42 -25.90 12.08
CA TYR N 215 34.90 -25.54 10.76
C TYR N 215 35.19 -26.59 9.70
N TYR N 216 35.37 -27.85 10.08
CA TYR N 216 35.64 -28.91 9.10
C TYR N 216 35.00 -30.23 9.52
N LEU N 217 35.25 -30.65 10.75
CA LEU N 217 34.71 -31.93 11.22
C LEU N 217 33.19 -31.90 11.29
N SER N 218 32.60 -30.74 11.60
CA SER N 218 31.14 -30.65 11.72
C SER N 218 30.45 -30.98 10.40
N GLU N 219 31.12 -30.74 9.27
CA GLU N 219 30.56 -31.09 7.98
C GLU N 219 30.98 -32.47 7.51
N GLN N 220 32.21 -32.88 7.84
CA GLN N 220 32.70 -34.18 7.43
C GLN N 220 31.93 -35.31 8.11
N VAL N 221 31.62 -35.14 9.41
CA VAL N 221 30.86 -36.17 10.12
C VAL N 221 29.45 -36.29 9.53
N LYS N 222 28.83 -35.16 9.21
CA LYS N 222 27.49 -35.19 8.61
C LYS N 222 27.53 -35.84 7.23
N SER N 223 28.57 -35.55 6.45
CA SER N 223 28.68 -36.17 5.13
C SER N 223 28.89 -37.67 5.24
N ILE N 224 29.73 -38.11 6.19
CA ILE N 224 29.93 -39.55 6.39
C ILE N 224 28.64 -40.22 6.84
N LYS N 225 27.90 -39.57 7.72
CA LYS N 225 26.63 -40.14 8.18
C LYS N 225 25.63 -40.24 7.03
N GLU N 226 25.56 -39.21 6.18
CA GLU N 226 24.64 -39.25 5.05
C GLU N 226 25.03 -40.34 4.06
N LEU N 227 26.32 -40.49 3.79
CA LEU N 227 26.76 -41.55 2.88
C LEU N 227 26.48 -42.93 3.47
N GLY N 228 26.67 -43.09 4.78
CA GLY N 228 26.35 -44.36 5.41
C GLY N 228 24.86 -44.66 5.35
N ASP N 229 24.02 -43.65 5.55
CA ASP N 229 22.58 -43.84 5.44
C ASP N 229 22.19 -44.22 4.00
N HIS N 230 22.82 -43.58 3.02
CA HIS N 230 22.53 -43.91 1.62
C HIS N 230 22.95 -45.34 1.31
N VAL N 231 24.12 -45.77 1.79
CA VAL N 231 24.58 -47.14 1.56
C VAL N 231 23.64 -48.14 2.25
N THR N 232 23.19 -47.82 3.45
CA THR N 232 22.27 -48.70 4.16
C THR N 232 20.93 -48.80 3.42
N ASN N 233 20.46 -47.69 2.88
CA ASN N 233 19.21 -47.72 2.11
C ASN N 233 19.37 -48.50 0.82
N LEU N 234 20.53 -48.38 0.17
CA LEU N 234 20.75 -49.12 -1.08
C LEU N 234 20.92 -50.62 -0.83
N ARG N 235 21.49 -51.00 0.31
CA ARG N 235 21.72 -52.39 0.65
C ARG N 235 20.52 -53.04 1.33
N LYS N 236 19.32 -52.49 1.16
CA LYS N 236 18.12 -53.07 1.76
C LYS N 236 16.97 -53.07 0.77
N MET N 237 16.93 -52.07 -0.12
CA MET N 237 15.83 -52.00 -1.09
C MET N 237 15.96 -53.07 -2.16
N GLY N 238 17.19 -53.45 -2.53
CA GLY N 238 17.40 -54.48 -3.52
C GLY N 238 18.53 -54.18 -4.48
N ALA N 239 19.18 -53.03 -4.31
CA ALA N 239 20.29 -52.66 -5.18
C ALA N 239 21.48 -53.59 -4.94
N PRO N 240 22.26 -53.89 -5.99
CA PRO N 240 22.07 -53.40 -7.36
C PRO N 240 21.14 -54.27 -8.20
N CYS N 241 20.59 -55.32 -7.61
CA CYS N 241 19.70 -56.24 -8.32
C CYS N 241 18.25 -55.80 -8.30
N ALA N 242 18.00 -54.49 -8.39
CA ALA N 242 16.64 -53.96 -8.41
C ALA N 242 16.68 -52.60 -9.11
N GLY N 243 16.27 -52.59 -10.38
CA GLY N 243 16.29 -51.35 -11.15
C GLY N 243 15.32 -50.31 -10.66
N MET N 244 14.20 -50.72 -10.06
CA MET N 244 13.23 -49.77 -9.55
C MET N 244 13.68 -49.10 -8.26
N ALA N 245 14.52 -49.79 -7.48
CA ALA N 245 15.00 -49.21 -6.22
C ALA N 245 15.88 -47.99 -6.48
N GLU N 246 16.71 -48.05 -7.53
CA GLU N 246 17.54 -46.90 -7.87
C GLU N 246 16.69 -45.70 -8.27
N TYR N 247 15.66 -45.95 -9.09
CA TYR N 247 14.78 -44.86 -9.51
C TYR N 247 14.02 -44.28 -8.32
N LEU N 248 13.60 -45.15 -7.38
CA LEU N 248 12.91 -44.66 -6.20
C LEU N 248 13.82 -43.81 -5.32
N PHE N 249 15.06 -44.25 -5.11
CA PHE N 249 16.02 -43.46 -4.34
C PHE N 249 16.41 -42.18 -5.06
N ASP N 250 16.33 -42.16 -6.39
CA ASP N 250 16.66 -40.96 -7.14
C ASP N 250 15.54 -39.93 -7.08
N LYS N 251 14.28 -40.37 -7.27
CA LYS N 251 13.14 -39.48 -7.34
C LYS N 251 12.50 -39.23 -5.97
N HIS N 252 13.25 -39.38 -4.88
CA HIS N 252 12.71 -39.12 -3.55
C HIS N 252 13.77 -38.55 -2.62
N THR N 253 14.88 -39.27 -2.45
CA THR N 253 15.93 -38.82 -1.54
C THR N 253 16.63 -37.57 -2.09
N LEU N 254 17.32 -37.71 -3.22
CA LEU N 254 18.03 -36.60 -3.82
C LEU N 254 17.18 -35.81 -4.81
N GLY N 255 15.89 -36.10 -4.91
CA GLY N 255 15.01 -35.40 -5.83
C GLY N 255 14.21 -34.31 -5.16
N THR O 13 35.31 69.16 -10.39
CA THR O 13 35.66 69.48 -9.02
C THR O 13 34.41 69.84 -8.20
N GLN O 14 33.50 70.59 -8.83
CA GLN O 14 32.27 70.97 -8.13
C GLN O 14 31.35 69.77 -7.93
N ASP O 15 31.47 68.74 -8.76
CA ASP O 15 30.71 67.52 -8.53
C ASP O 15 31.13 66.86 -7.22
N LEU O 16 32.43 66.81 -6.95
CA LEU O 16 32.91 66.32 -5.67
C LEU O 16 32.42 67.19 -4.53
N ARG O 17 32.35 68.50 -4.74
CA ARG O 17 31.86 69.40 -3.71
C ARG O 17 30.39 69.11 -3.38
N SER O 18 29.57 68.91 -4.42
CA SER O 18 28.17 68.57 -4.21
C SER O 18 28.04 67.22 -3.51
N HIS O 19 28.86 66.25 -3.90
CA HIS O 19 28.78 64.92 -3.29
C HIS O 19 29.19 64.96 -1.83
N LEU O 20 30.17 65.80 -1.46
CA LEU O 20 30.58 65.89 -0.07
C LEU O 20 29.65 66.75 0.76
N VAL O 21 28.92 67.70 0.15
CA VAL O 21 27.98 68.50 0.90
C VAL O 21 26.62 67.82 1.05
N HIS O 22 26.26 66.91 0.13
CA HIS O 22 25.00 66.19 0.23
C HIS O 22 25.01 65.09 1.29
N LYS O 23 26.12 64.93 2.02
CA LYS O 23 26.20 63.94 3.08
C LYS O 23 25.72 64.52 4.41
N LEU O 24 26.25 65.68 4.81
CA LEU O 24 25.87 66.28 6.09
C LEU O 24 24.44 66.80 6.04
N VAL O 25 24.02 67.39 4.91
CA VAL O 25 22.66 67.90 4.81
C VAL O 25 21.64 66.79 4.83
N GLN O 26 22.04 65.55 4.54
CA GLN O 26 21.15 64.40 4.67
C GLN O 26 21.29 63.70 6.01
N ALA O 27 22.45 63.81 6.65
CA ALA O 27 22.62 63.21 7.96
C ALA O 27 21.97 64.04 9.07
N ILE O 28 21.87 65.35 8.88
CA ILE O 28 21.22 66.20 9.88
C ILE O 28 19.72 65.91 9.94
N PHE O 29 19.04 66.05 8.80
CA PHE O 29 17.59 65.83 8.70
C PHE O 29 17.37 64.73 7.68
N PRO O 30 17.36 63.46 8.10
CA PRO O 30 17.27 62.35 7.15
C PRO O 30 15.86 61.98 6.73
N CYS O 31 14.82 62.43 7.45
CA CYS O 31 13.44 62.05 7.17
C CYS O 31 12.63 63.29 6.84
N PRO O 32 12.61 63.70 5.57
CA PRO O 32 11.76 64.83 5.17
C PRO O 32 10.30 64.44 5.09
N ASP O 33 9.66 64.28 6.25
CA ASP O 33 8.28 63.83 6.30
C ASP O 33 7.34 64.95 5.87
N PRO O 34 6.58 64.79 4.77
CA PRO O 34 5.65 65.84 4.35
C PRO O 34 4.30 65.79 5.04
N CYS O 35 4.09 64.84 5.95
CA CYS O 35 2.80 64.68 6.63
C CYS O 35 2.68 65.56 7.87
N ALA O 36 3.42 66.66 7.94
CA ALA O 36 3.36 67.55 9.09
C ALA O 36 3.64 69.00 8.69
N LEU O 37 4.89 69.42 8.80
CA LEU O 37 5.26 70.79 8.46
C LEU O 37 5.48 70.91 6.95
N LYS O 38 5.93 72.09 6.53
CA LYS O 38 6.19 72.35 5.12
C LYS O 38 7.60 71.95 4.74
N ASP O 39 8.26 72.74 3.88
CA ASP O 39 9.60 72.43 3.43
C ASP O 39 10.51 73.65 3.46
N ARG O 40 10.19 74.64 4.29
CA ARG O 40 11.05 75.82 4.42
C ARG O 40 12.10 75.64 5.50
N ARG O 41 11.80 74.88 6.55
CA ARG O 41 12.81 74.59 7.58
C ARG O 41 13.93 73.73 7.00
N MET O 42 13.59 72.82 6.10
CA MET O 42 14.62 72.03 5.43
C MET O 42 15.55 72.91 4.60
N GLU O 43 14.97 73.89 3.89
CA GLU O 43 15.80 74.80 3.10
C GLU O 43 16.67 75.68 4.00
N ASN O 44 16.12 76.11 5.14
CA ASN O 44 16.92 76.90 6.08
C ASN O 44 18.07 76.07 6.63
N LEU O 45 17.82 74.80 6.97
CA LEU O 45 18.88 73.93 7.45
C LEU O 45 19.93 73.70 6.37
N VAL O 46 19.50 73.53 5.12
CA VAL O 46 20.45 73.34 4.03
C VAL O 46 21.32 74.58 3.85
N ALA O 47 20.72 75.77 3.91
CA ALA O 47 21.49 77.00 3.78
C ALA O 47 22.47 77.15 4.94
N TYR O 48 22.05 76.83 6.16
CA TYR O 48 22.94 76.91 7.31
C TYR O 48 24.11 75.94 7.17
N ALA O 49 23.83 74.71 6.72
CA ALA O 49 24.89 73.74 6.52
C ALA O 49 25.85 74.17 5.42
N LYS O 50 25.31 74.80 4.36
CA LYS O 50 26.17 75.30 3.29
C LYS O 50 27.08 76.41 3.80
N LYS O 51 26.54 77.32 4.62
CA LYS O 51 27.36 78.38 5.18
C LYS O 51 28.43 77.82 6.11
N VAL O 52 28.07 76.82 6.92
CA VAL O 52 29.05 76.21 7.82
C VAL O 52 30.15 75.53 7.01
N GLU O 53 29.78 74.77 5.98
CA GLU O 53 30.77 74.14 5.11
C GLU O 53 31.68 75.18 4.46
N GLY O 54 31.10 76.29 4.01
CA GLY O 54 31.90 77.33 3.39
C GLY O 54 32.92 77.93 4.33
N ASP O 55 32.49 78.28 5.55
CA ASP O 55 33.43 78.90 6.48
C ASP O 55 34.47 77.90 6.96
N MET O 56 34.10 76.62 7.13
CA MET O 56 35.10 75.66 7.59
C MET O 56 36.00 75.16 6.47
N TYR O 57 35.63 75.39 5.20
CA TYR O 57 36.56 75.20 4.10
C TYR O 57 37.47 76.40 3.92
N GLU O 58 36.96 77.60 4.20
CA GLU O 58 37.82 78.78 4.19
C GLU O 58 38.84 78.72 5.32
N SER O 59 38.46 78.16 6.47
CA SER O 59 39.36 78.01 7.61
C SER O 59 40.04 76.65 7.63
N ALA O 60 40.29 76.06 6.47
CA ALA O 60 40.93 74.77 6.36
C ALA O 60 42.43 74.96 6.12
N ASN O 61 43.13 73.88 5.74
CA ASN O 61 44.57 73.97 5.50
C ASN O 61 45.03 72.88 4.53
N SER O 62 44.45 71.69 4.64
CA SER O 62 44.86 70.58 3.79
C SER O 62 43.60 69.87 3.29
N ARG O 63 43.75 68.60 2.89
CA ARG O 63 42.66 67.82 2.33
C ARG O 63 42.32 66.61 3.19
N ASP O 64 43.33 65.84 3.62
CA ASP O 64 43.07 64.64 4.41
C ASP O 64 42.52 64.99 5.79
N GLU O 65 43.11 65.99 6.45
CA GLU O 65 42.60 66.43 7.74
C GLU O 65 41.18 66.99 7.62
N TYR O 66 40.85 67.60 6.48
CA TYR O 66 39.50 68.07 6.25
C TYR O 66 38.50 66.91 6.21
N TYR O 67 38.86 65.85 5.49
CA TYR O 67 37.98 64.68 5.44
C TYR O 67 37.88 64.01 6.82
N HIS O 68 38.98 63.97 7.57
CA HIS O 68 38.93 63.41 8.91
C HIS O 68 38.03 64.21 9.82
N LEU O 69 38.11 65.54 9.74
CA LEU O 69 37.25 66.40 10.56
C LEU O 69 35.79 66.24 10.14
N LEU O 70 35.53 66.10 8.84
CA LEU O 70 34.16 65.87 8.39
C LEU O 70 33.61 64.54 8.90
N ALA O 71 34.43 63.49 8.88
CA ALA O 71 34.01 62.20 9.40
C ALA O 71 33.73 62.28 10.90
N GLU O 72 34.60 62.98 11.64
CA GLU O 72 34.37 63.14 13.07
C GLU O 72 33.09 63.92 13.34
N LYS O 73 32.83 64.96 12.55
CA LYS O 73 31.61 65.74 12.73
C LYS O 73 30.37 64.90 12.42
N ILE O 74 30.43 64.08 11.38
CA ILE O 74 29.30 63.20 11.06
C ILE O 74 29.08 62.20 12.18
N TYR O 75 30.16 61.62 12.71
CA TYR O 75 30.02 60.65 13.80
C TYR O 75 29.50 61.32 15.08
N LYS O 76 29.79 62.61 15.28
CA LYS O 76 29.32 63.26 16.50
C LYS O 76 27.90 63.80 16.38
N ILE O 77 27.45 64.15 15.17
CA ILE O 77 26.07 64.60 15.01
C ILE O 77 25.10 63.44 14.92
N GLN O 78 25.57 62.23 14.60
CA GLN O 78 24.69 61.06 14.55
C GLN O 78 24.42 60.46 15.91
N LYS O 79 24.92 61.08 16.99
CA LYS O 79 24.67 60.63 18.36
C LYS O 79 24.22 61.85 19.17
N GLU O 80 23.07 62.41 18.80
CA GLU O 80 22.56 63.63 19.41
C GLU O 80 21.34 63.25 20.27
N LEU O 81 20.12 63.29 19.74
CA LEU O 81 18.92 62.98 20.52
C LEU O 81 17.93 62.16 19.70
N GLU O 82 18.36 60.96 19.33
CA GLU O 82 17.54 60.03 18.58
C GLU O 82 16.76 59.07 19.48
N GLU O 83 16.49 59.47 20.72
CA GLU O 83 15.76 58.67 21.71
C GLU O 83 16.42 57.31 21.94
N LYS O 84 17.73 57.21 21.68
CA LYS O 84 18.49 55.98 21.85
C LYS O 84 17.82 54.82 21.12
N SER O 85 17.00 54.05 21.83
CA SER O 85 16.26 52.92 21.26
C SER O 85 15.21 52.50 22.27
N GLN O 86 14.39 51.53 21.87
CA GLN O 86 13.35 50.99 22.74
C GLN O 86 13.70 49.64 23.33
N VAL O 87 14.68 48.93 22.78
CA VAL O 87 15.12 47.65 23.29
C VAL O 87 16.57 47.66 23.76
N ARG O 88 17.25 48.79 23.65
CA ARG O 88 18.66 48.89 24.05
C ARG O 88 18.72 49.09 25.56
N GLN O 89 19.39 48.17 26.24
CA GLN O 89 19.54 48.21 27.69
C GLN O 89 20.96 47.81 28.07
N ASN O 90 21.70 48.74 28.66
CA ASN O 90 23.08 48.52 29.07
C ASN O 90 23.94 48.09 27.88
N TYR O 91 24.38 49.05 27.08
CA TYR O 91 25.21 48.76 25.92
C TYR O 91 26.03 50.00 25.59
N HIS O 92 27.34 49.90 25.75
CA HIS O 92 28.26 51.00 25.53
C HIS O 92 28.61 51.11 24.05
N GLN O 93 29.10 52.30 23.67
CA GLN O 93 29.44 52.55 22.28
C GLN O 93 30.68 51.76 21.84
N ASP O 94 31.54 51.38 22.77
CA ASP O 94 32.71 50.58 22.42
C ASP O 94 32.31 49.22 21.90
N ALA O 95 31.32 48.59 22.52
CA ALA O 95 30.81 47.32 22.03
C ALA O 95 30.17 47.47 20.66
N GLU O 96 29.47 48.58 20.42
CA GLU O 96 28.89 48.81 19.10
C GLU O 96 29.97 48.98 18.04
N ALA O 97 31.03 49.72 18.35
CA ALA O 97 32.12 49.87 17.40
C ALA O 97 32.82 48.54 17.14
N ALA O 98 32.97 47.72 18.18
CA ALA O 98 33.58 46.41 18.01
C ALA O 98 32.71 45.51 17.13
N ILE O 99 31.39 45.56 17.32
CA ILE O 99 30.50 44.77 16.48
C ILE O 99 30.56 45.25 15.04
N ASN O 100 30.65 46.57 14.84
CA ASN O 100 30.76 47.10 13.48
C ASN O 100 32.05 46.65 12.82
N ARG O 101 33.17 46.68 13.55
CA ARG O 101 34.44 46.21 13.00
C ARG O 101 34.39 44.72 12.70
N GLN O 102 33.73 43.94 13.57
CA GLN O 102 33.60 42.51 13.32
C GLN O 102 32.76 42.24 12.08
N ILE O 103 31.69 43.01 11.88
CA ILE O 103 30.86 42.85 10.69
C ILE O 103 31.65 43.22 9.44
N ASN O 104 32.45 44.29 9.51
CA ASN O 104 33.29 44.66 8.38
C ASN O 104 34.30 43.56 8.06
N LEU O 105 34.89 42.96 9.09
CA LEU O 105 35.84 41.88 8.87
C LEU O 105 35.16 40.65 8.28
N GLU O 106 33.93 40.36 8.72
CA GLU O 106 33.17 39.25 8.15
C GLU O 106 32.87 39.49 6.67
N LEU O 107 32.48 40.72 6.33
CA LEU O 107 32.23 41.04 4.93
C LEU O 107 33.50 40.94 4.09
N TYR O 108 34.63 41.40 4.64
CA TYR O 108 35.89 41.28 3.93
C TYR O 108 36.27 39.81 3.72
N ALA O 109 36.06 38.98 4.74
CA ALA O 109 36.35 37.55 4.60
C ALA O 109 35.44 36.90 3.57
N SER O 110 34.16 37.29 3.54
CA SER O 110 33.26 36.76 2.53
C SER O 110 33.68 37.17 1.13
N TYR O 111 34.13 38.42 0.98
CA TYR O 111 34.62 38.88 -0.33
C TYR O 111 35.86 38.11 -0.75
N VAL O 112 36.78 37.88 0.19
CA VAL O 112 38.00 37.14 -0.12
C VAL O 112 37.67 35.71 -0.51
N TYR O 113 36.72 35.08 0.19
CA TYR O 113 36.34 33.72 -0.15
C TYR O 113 35.64 33.65 -1.49
N LEU O 114 34.83 34.67 -1.82
CA LEU O 114 34.21 34.71 -3.15
C LEU O 114 35.27 34.86 -4.23
N SER O 115 36.28 35.71 -4.00
CA SER O 115 37.36 35.86 -4.96
C SER O 115 38.13 34.55 -5.14
N MET O 116 38.36 33.84 -4.04
CA MET O 116 39.04 32.55 -4.13
C MET O 116 38.21 31.52 -4.89
N SER O 117 36.90 31.49 -4.64
CA SER O 117 36.02 30.57 -5.37
C SER O 117 35.97 30.89 -6.86
N CYS O 118 35.99 32.18 -7.21
CA CYS O 118 35.96 32.57 -8.61
C CYS O 118 37.32 32.41 -9.29
N TYR O 119 38.41 32.41 -8.54
CA TYR O 119 39.72 32.23 -9.15
C TYR O 119 39.99 30.78 -9.50
N PHE O 120 39.66 29.86 -8.58
CA PHE O 120 39.88 28.44 -8.84
C PHE O 120 38.89 27.88 -9.85
N ASP O 121 37.80 28.60 -10.13
CA ASP O 121 36.81 28.17 -11.12
C ASP O 121 37.17 28.63 -12.52
N ARG O 122 38.31 29.29 -12.71
CA ARG O 122 38.72 29.79 -14.02
C ARG O 122 39.25 28.66 -14.90
N ASP O 123 39.90 29.02 -16.01
CA ASP O 123 40.45 28.05 -16.94
C ASP O 123 41.93 27.76 -16.68
N ASP O 124 42.65 28.67 -16.04
CA ASP O 124 44.06 28.46 -15.76
C ASP O 124 44.31 27.67 -14.48
N VAL O 125 43.26 27.33 -13.73
CA VAL O 125 43.38 26.57 -12.51
C VAL O 125 42.67 25.22 -12.62
N ALA O 126 41.40 25.24 -13.01
CA ALA O 126 40.60 24.03 -13.22
C ALA O 126 40.53 23.17 -11.95
N LEU O 127 39.90 23.73 -10.92
CA LEU O 127 39.69 23.05 -9.65
C LEU O 127 38.28 23.35 -9.18
N LYS O 128 37.35 22.43 -9.42
CA LYS O 128 35.95 22.62 -9.09
C LYS O 128 35.66 22.38 -7.61
N ASN O 129 36.32 21.39 -6.99
CA ASN O 129 36.04 21.10 -5.59
C ASN O 129 36.53 22.23 -4.69
N PHE O 130 37.71 22.79 -4.97
CA PHE O 130 38.18 23.94 -4.20
C PHE O 130 37.26 25.13 -4.38
N ALA O 131 36.76 25.35 -5.60
CA ALA O 131 35.84 26.45 -5.84
C ALA O 131 34.54 26.26 -5.07
N LYS O 132 34.02 25.03 -5.04
CA LYS O 132 32.80 24.76 -4.30
C LYS O 132 33.02 24.94 -2.79
N TYR O 133 34.17 24.50 -2.28
CA TYR O 133 34.46 24.67 -0.86
C TYR O 133 34.57 26.15 -0.51
N PHE O 134 35.24 26.94 -1.36
CA PHE O 134 35.37 28.36 -1.09
C PHE O 134 34.03 29.07 -1.20
N LEU O 135 33.16 28.62 -2.11
CA LEU O 135 31.82 29.20 -2.20
C LEU O 135 30.99 28.88 -0.97
N HIS O 136 31.13 27.64 -0.45
CA HIS O 136 30.43 27.29 0.78
C HIS O 136 30.95 28.10 1.96
N GLN O 137 32.26 28.33 2.01
CA GLN O 137 32.82 29.16 3.08
C GLN O 137 32.34 30.60 2.96
N SER O 138 32.23 31.12 1.74
CA SER O 138 31.71 32.47 1.55
C SER O 138 30.25 32.55 1.97
N HIS O 139 29.47 31.52 1.67
CA HIS O 139 28.08 31.50 2.11
C HIS O 139 27.97 31.45 3.63
N GLU O 140 28.85 30.68 4.28
CA GLU O 140 28.85 30.63 5.73
C GLU O 140 29.23 31.98 6.33
N GLU O 141 30.22 32.66 5.74
CA GLU O 141 30.59 34.00 6.21
C GLU O 141 29.45 34.98 6.02
N ARG O 142 28.74 34.88 4.89
CA ARG O 142 27.61 35.77 4.66
CA ARG O 142 27.60 35.76 4.65
C ARG O 142 26.50 35.52 5.68
N GLU O 143 26.22 34.25 5.98
CA GLU O 143 25.20 33.93 6.99
C GLU O 143 25.62 34.43 8.37
N HIS O 144 26.90 34.29 8.71
CA HIS O 144 27.38 34.79 10.00
C HIS O 144 27.27 36.32 10.06
N ALA O 145 27.58 37.01 8.96
CA ALA O 145 27.45 38.46 8.95
C ALA O 145 25.99 38.88 9.08
N GLU O 146 25.07 38.19 8.41
CA GLU O 146 23.66 38.49 8.54
C GLU O 146 23.17 38.23 9.95
N LYS O 147 23.67 37.16 10.58
CA LYS O 147 23.28 36.87 11.96
C LYS O 147 23.80 37.93 12.91
N LEU O 148 25.03 38.42 12.70
CA LEU O 148 25.56 39.50 13.51
C LEU O 148 24.75 40.78 13.33
N MET O 149 24.36 41.09 12.09
CA MET O 149 23.54 42.26 11.84
C MET O 149 22.18 42.14 12.52
N LYS O 150 21.57 40.96 12.47
CA LYS O 150 20.28 40.76 13.12
C LYS O 150 20.41 40.88 14.64
N LEU O 151 21.50 40.33 15.20
CA LEU O 151 21.71 40.45 16.64
C LEU O 151 21.92 41.90 17.05
N GLN O 152 22.65 42.67 16.24
CA GLN O 152 22.84 44.08 16.55
C GLN O 152 21.53 44.85 16.43
N ASN O 153 20.68 44.49 15.47
CA ASN O 153 19.38 45.14 15.33
C ASN O 153 18.46 44.79 16.49
N GLN O 154 18.56 43.57 17.03
CA GLN O 154 17.72 43.18 18.15
C GLN O 154 18.14 43.84 19.45
N ARG O 155 19.39 44.31 19.55
CA ARG O 155 19.89 44.97 20.75
C ARG O 155 19.70 46.48 20.70
N GLY O 156 19.05 47.01 19.67
CA GLY O 156 18.83 48.44 19.58
C GLY O 156 20.08 49.25 19.29
N GLY O 157 20.91 48.79 18.35
CA GLY O 157 22.13 49.49 18.02
C GLY O 157 22.22 49.86 16.54
N ARG O 158 22.94 50.94 16.25
CA ARG O 158 23.10 51.40 14.88
C ARG O 158 24.19 50.59 14.18
N ILE O 159 24.04 50.43 12.87
CA ILE O 159 24.99 49.71 12.04
C ILE O 159 25.56 50.69 11.03
N PHE O 160 26.86 50.95 11.11
CA PHE O 160 27.56 51.88 10.23
C PHE O 160 28.31 51.06 9.19
N LEU O 161 27.67 50.84 8.04
CA LEU O 161 28.28 50.08 6.96
C LEU O 161 29.30 50.96 6.22
N GLN O 162 30.57 50.58 6.28
CA GLN O 162 31.63 51.31 5.61
C GLN O 162 31.86 50.71 4.23
N ASP O 163 33.04 50.95 3.65
CA ASP O 163 33.38 50.44 2.33
C ASP O 163 34.14 49.14 2.47
N ILE O 164 33.70 48.12 1.73
CA ILE O 164 34.34 46.81 1.76
C ILE O 164 35.65 46.89 0.99
N LYS O 165 36.75 46.54 1.65
CA LYS O 165 38.06 46.59 1.00
C LYS O 165 38.23 45.43 0.04
N LYS O 166 39.06 45.65 -0.99
CA LYS O 166 39.34 44.64 -2.00
C LYS O 166 40.48 43.73 -1.54
N PRO O 167 40.49 42.47 -1.99
CA PRO O 167 41.58 41.56 -1.62
C PRO O 167 42.91 42.05 -2.16
N ASP O 168 43.95 41.97 -1.31
CA ASP O 168 45.27 42.43 -1.71
C ASP O 168 45.94 41.50 -2.73
N ARG O 169 45.51 40.24 -2.79
CA ARG O 169 46.08 39.27 -3.71
C ARG O 169 44.98 38.79 -4.65
N ASP O 170 45.24 38.86 -5.95
CA ASP O 170 44.28 38.43 -6.97
C ASP O 170 44.72 37.17 -7.69
N ASP O 171 46.03 36.96 -7.85
CA ASP O 171 46.57 35.79 -8.53
C ASP O 171 47.08 34.83 -7.46
N TRP O 172 46.27 33.82 -7.13
CA TRP O 172 46.64 32.84 -6.13
C TRP O 172 47.56 31.76 -6.66
N CYS O 173 47.78 31.69 -7.98
CA CYS O 173 48.69 30.75 -8.60
C CYS O 173 48.31 29.30 -8.26
N SER O 174 48.95 28.75 -7.23
CA SER O 174 48.66 27.38 -6.82
C SER O 174 47.55 27.34 -5.78
N GLY O 175 47.65 26.42 -4.83
CA GLY O 175 46.65 26.28 -3.80
C GLY O 175 47.19 26.46 -2.39
N LEU O 176 48.50 26.28 -2.22
CA LEU O 176 49.11 26.43 -0.91
C LEU O 176 49.06 27.87 -0.42
N ASN O 177 49.32 28.83 -1.31
CA ASN O 177 49.26 30.24 -0.92
C ASN O 177 47.85 30.63 -0.54
N ALA O 178 46.84 30.11 -1.25
CA ALA O 178 45.46 30.40 -0.90
C ALA O 178 45.12 29.82 0.47
N MET O 179 45.60 28.61 0.77
CA MET O 179 45.36 28.02 2.08
C MET O 179 46.04 28.82 3.19
N GLU O 180 47.26 29.30 2.94
CA GLU O 180 47.95 30.11 3.94
C GLU O 180 47.21 31.44 4.16
N SER O 181 46.72 32.05 3.08
CA SER O 181 45.96 33.29 3.23
C SER O 181 44.67 33.06 3.99
N ALA O 182 43.98 31.95 3.71
CA ALA O 182 42.75 31.64 4.45
C ALA O 182 43.04 31.38 5.92
N LEU O 183 44.15 30.70 6.21
CA LEU O 183 44.51 30.45 7.60
C LEU O 183 44.83 31.75 8.33
N HIS O 184 45.56 32.65 7.67
CA HIS O 184 45.86 33.95 8.29
C HIS O 184 44.58 34.75 8.51
N LEU O 185 43.65 34.70 7.55
CA LEU O 185 42.39 35.41 7.70
C LEU O 185 41.57 34.84 8.86
N GLU O 186 41.55 33.52 8.99
CA GLU O 186 40.83 32.90 10.11
C GLU O 186 41.47 33.24 11.44
N LYS O 187 42.81 33.31 11.48
CA LYS O 187 43.49 33.71 12.71
C LYS O 187 43.16 35.16 13.06
N SER O 188 43.10 36.04 12.06
CA SER O 188 42.72 37.42 12.31
C SER O 188 41.29 37.52 12.82
N VAL O 189 40.39 36.73 12.24
CA VAL O 189 39.00 36.72 12.70
C VAL O 189 38.91 36.22 14.13
N ASN O 190 39.69 35.20 14.47
CA ASN O 190 39.69 34.68 15.83
C ASN O 190 40.24 35.72 16.81
N GLN O 191 41.29 36.44 16.40
CA GLN O 191 41.82 37.50 17.26
C GLN O 191 40.79 38.61 17.46
N SER O 192 40.08 38.98 16.39
CA SER O 192 39.04 40.00 16.52
C SER O 192 37.91 39.53 17.44
N LEU O 193 37.55 38.25 17.35
CA LEU O 193 36.51 37.71 18.23
C LEU O 193 36.98 37.70 19.68
N LEU O 194 38.26 37.38 19.91
CA LEU O 194 38.78 37.41 21.28
C LEU O 194 38.79 38.84 21.82
N GLU O 195 39.16 39.81 20.99
CA GLU O 195 39.13 41.21 21.42
C GLU O 195 37.70 41.66 21.72
N LEU O 196 36.74 41.24 20.89
CA LEU O 196 35.34 41.57 21.15
C LEU O 196 34.86 40.96 22.45
N HIS O 197 35.25 39.70 22.71
CA HIS O 197 34.87 39.04 23.96
C HIS O 197 35.47 39.76 25.16
N LYS O 198 36.74 40.16 25.07
CA LYS O 198 37.38 40.88 26.17
C LYS O 198 36.71 42.23 26.40
N LEU O 199 36.35 42.93 25.33
CA LEU O 199 35.69 44.23 25.47
C LEU O 199 34.30 44.08 26.07
N ALA O 200 33.58 43.03 25.68
CA ALA O 200 32.26 42.80 26.25
C ALA O 200 32.34 42.38 27.71
N THR O 201 33.39 41.65 28.09
CA THR O 201 33.57 41.28 29.49
C THR O 201 33.95 42.49 30.34
N ASP O 202 34.80 43.37 29.80
CA ASP O 202 35.22 44.55 30.55
C ASP O 202 34.13 45.60 30.62
N LYS O 203 33.14 45.55 29.74
CA LYS O 203 32.04 46.51 29.72
C LYS O 203 30.71 45.90 30.16
N ASN O 204 30.76 44.72 30.78
CA ASN O 204 29.57 44.04 31.30
C ASN O 204 28.54 43.80 30.21
N ASP O 205 28.75 42.76 29.41
CA ASP O 205 27.81 42.38 28.35
C ASP O 205 27.75 40.86 28.30
N PRO O 206 26.93 40.24 29.15
CA PRO O 206 26.89 38.78 29.22
C PRO O 206 26.19 38.14 28.02
N HIS O 207 25.13 38.77 27.53
CA HIS O 207 24.35 38.19 26.44
C HIS O 207 25.18 38.11 25.16
N LEU O 208 25.79 39.22 24.77
CA LEU O 208 26.62 39.24 23.56
C LEU O 208 27.82 38.30 23.71
N CYS O 209 28.44 38.29 24.89
CA CYS O 209 29.57 37.39 25.14
C CYS O 209 29.16 35.93 24.95
N ASP O 210 28.04 35.54 25.55
CA ASP O 210 27.57 34.16 25.42
C ASP O 210 27.22 33.84 23.98
N PHE O 211 26.55 34.76 23.29
CA PHE O 211 26.16 34.51 21.90
C PHE O 211 27.39 34.32 21.01
N ILE O 212 28.42 35.16 21.21
CA ILE O 212 29.62 35.05 20.40
C ILE O 212 30.38 33.76 20.72
N GLU O 213 30.48 33.41 22.01
CA GLU O 213 31.23 32.21 22.38
C GLU O 213 30.47 30.93 22.08
N THR O 214 29.17 31.00 21.83
CA THR O 214 28.38 29.81 21.52
C THR O 214 28.13 29.65 20.03
N TYR O 215 27.46 30.61 19.40
CA TYR O 215 27.02 30.47 18.02
C TYR O 215 28.01 31.03 17.01
N TYR O 216 29.29 31.09 17.35
CA TYR O 216 30.30 31.59 16.41
C TYR O 216 31.62 30.86 16.56
N LEU O 217 32.13 30.75 17.80
CA LEU O 217 33.41 30.10 18.01
C LEU O 217 33.35 28.62 17.68
N SER O 218 32.20 27.97 17.89
CA SER O 218 32.08 26.55 17.61
C SER O 218 32.32 26.23 16.14
N GLU O 219 32.03 27.17 15.25
CA GLU O 219 32.28 26.98 13.83
C GLU O 219 33.65 27.51 13.42
N GLN O 220 34.10 28.60 14.04
CA GLN O 220 35.41 29.16 13.69
C GLN O 220 36.54 28.22 14.08
N VAL O 221 36.44 27.58 15.24
CA VAL O 221 37.48 26.65 15.66
C VAL O 221 37.53 25.46 14.71
N LYS O 222 36.38 24.94 14.31
CA LYS O 222 36.35 23.83 13.37
C LYS O 222 36.92 24.22 12.01
N SER O 223 36.61 25.44 11.55
CA SER O 223 37.16 25.90 10.29
C SER O 223 38.67 26.06 10.36
N ILE O 224 39.18 26.60 11.46
CA ILE O 224 40.63 26.74 11.63
C ILE O 224 41.29 25.36 11.67
N LYS O 225 40.67 24.41 12.35
CA LYS O 225 41.23 23.07 12.42
C LYS O 225 41.24 22.41 11.05
N GLU O 226 40.17 22.58 10.28
CA GLU O 226 40.12 22.00 8.94
C GLU O 226 41.16 22.63 8.02
N LEU O 227 41.34 23.96 8.10
CA LEU O 227 42.35 24.61 7.28
C LEU O 227 43.75 24.17 7.69
N GLY O 228 43.99 24.00 9.00
CA GLY O 228 45.28 23.50 9.43
C GLY O 228 45.55 22.08 8.95
N ASP O 229 44.53 21.23 8.99
CA ASP O 229 44.68 19.87 8.47
C ASP O 229 44.96 19.88 6.98
N HIS O 230 44.28 20.76 6.23
CA HIS O 230 44.53 20.86 4.80
C HIS O 230 45.96 21.33 4.52
N VAL O 231 46.44 22.31 5.28
CA VAL O 231 47.80 22.80 5.09
C VAL O 231 48.80 21.72 5.43
N THR O 232 48.55 20.95 6.49
CA THR O 232 49.44 19.87 6.87
C THR O 232 49.47 18.78 5.80
N ASN O 233 48.32 18.48 5.21
CA ASN O 233 48.28 17.48 4.14
C ASN O 233 48.99 17.98 2.89
N LEU O 234 48.87 19.28 2.58
CA LEU O 234 49.54 19.82 1.41
C LEU O 234 51.04 19.90 1.59
N ARG O 235 51.51 20.14 2.82
CA ARG O 235 52.93 20.26 3.12
C ARG O 235 53.59 18.92 3.42
N LYS O 236 52.99 17.81 2.97
CA LYS O 236 53.57 16.48 3.18
C LYS O 236 53.49 15.64 1.91
N MET O 237 52.43 15.85 1.11
CA MET O 237 52.28 15.07 -0.11
C MET O 237 53.30 15.46 -1.17
N GLY O 238 53.68 16.74 -1.21
CA GLY O 238 54.66 17.20 -2.17
C GLY O 238 54.34 18.55 -2.77
N ALA O 239 53.21 19.14 -2.37
CA ALA O 239 52.83 20.45 -2.88
C ALA O 239 53.81 21.52 -2.39
N PRO O 240 54.06 22.55 -3.21
CA PRO O 240 53.49 22.75 -4.54
C PRO O 240 54.28 22.06 -5.65
N CYS O 241 55.36 21.36 -5.29
CA CYS O 241 56.22 20.70 -6.27
C CYS O 241 55.73 19.30 -6.61
N ALA O 242 54.41 19.10 -6.69
CA ALA O 242 53.85 17.80 -7.04
C ALA O 242 52.46 18.04 -7.63
N GLY O 243 52.37 17.98 -8.95
CA GLY O 243 51.09 18.21 -9.61
C GLY O 243 50.05 17.15 -9.35
N MET O 244 50.47 15.92 -9.09
CA MET O 244 49.52 14.85 -8.81
C MET O 244 48.94 14.95 -7.40
N ALA O 245 49.69 15.53 -6.46
CA ALA O 245 49.20 15.67 -5.09
C ALA O 245 47.98 16.59 -5.04
N GLU O 246 48.00 17.68 -5.81
CA GLU O 246 46.86 18.58 -5.85
C GLU O 246 45.63 17.88 -6.40
N TYR O 247 45.79 17.10 -7.47
CA TYR O 247 44.66 16.38 -8.04
C TYR O 247 44.13 15.32 -7.08
N LEU O 248 45.04 14.66 -6.34
CA LEU O 248 44.60 13.69 -5.35
C LEU O 248 43.83 14.34 -4.21
N PHE O 249 44.31 15.47 -3.71
CA PHE O 249 43.59 16.19 -2.66
C PHE O 249 42.28 16.77 -3.17
N ASP O 250 42.18 17.05 -4.47
CA ASP O 250 40.95 17.59 -5.04
C ASP O 250 39.90 16.49 -5.22
N LYS O 251 40.30 15.34 -5.75
CA LYS O 251 39.37 14.26 -6.07
C LYS O 251 39.18 13.27 -4.92
N HIS O 252 39.40 13.71 -3.68
CA HIS O 252 39.21 12.83 -2.53
C HIS O 252 38.72 13.61 -1.32
N THR O 253 39.48 14.62 -0.90
CA THR O 253 39.10 15.40 0.28
C THR O 253 37.85 16.22 0.02
N LEU O 254 37.94 17.20 -0.88
CA LEU O 254 36.82 18.06 -1.21
C LEU O 254 35.95 17.51 -2.34
N GLY O 255 36.21 16.29 -2.80
CA GLY O 255 35.44 15.71 -3.87
C GLY O 255 34.37 14.74 -3.39
N THR P 13 -69.19 37.20 2.66
CA THR P 13 -70.16 37.47 3.72
C THR P 13 -70.23 36.30 4.70
N GLN P 14 -70.45 35.09 4.17
CA GLN P 14 -70.53 33.89 4.98
C GLN P 14 -69.26 33.05 4.94
N ASP P 15 -68.24 33.48 4.18
CA ASP P 15 -66.98 32.73 4.14
C ASP P 15 -66.30 32.78 5.50
N LEU P 16 -66.22 33.97 6.11
CA LEU P 16 -65.63 34.08 7.45
C LEU P 16 -66.45 33.31 8.47
N ARG P 17 -67.78 33.32 8.32
CA ARG P 17 -68.63 32.58 9.25
C ARG P 17 -68.36 31.08 9.15
N SER P 18 -68.26 30.57 7.92
CA SER P 18 -67.94 29.15 7.74
C SER P 18 -66.56 28.82 8.28
N HIS P 19 -65.59 29.71 8.07
CA HIS P 19 -64.23 29.45 8.55
C HIS P 19 -64.18 29.44 10.06
N LEU P 20 -64.95 30.30 10.71
CA LEU P 20 -64.95 30.34 12.18
C LEU P 20 -65.80 29.23 12.79
N VAL P 21 -66.79 28.71 12.06
CA VAL P 21 -67.58 27.60 12.60
C VAL P 21 -66.93 26.24 12.33
N HIS P 22 -66.10 26.13 11.29
CA HIS P 22 -65.41 24.87 11.00
C HIS P 22 -64.25 24.60 11.95
N LYS P 23 -64.02 25.45 12.94
CA LYS P 23 -62.97 25.22 13.92
C LYS P 23 -63.48 24.43 15.13
N LEU P 24 -64.60 24.86 15.70
CA LEU P 24 -65.13 24.15 16.87
C LEU P 24 -65.70 22.79 16.48
N VAL P 25 -66.36 22.71 15.32
CA VAL P 25 -66.92 21.42 14.90
C VAL P 25 -65.84 20.42 14.57
N GLN P 26 -64.61 20.86 14.32
CA GLN P 26 -63.49 19.96 14.13
C GLN P 26 -62.68 19.73 15.40
N ALA P 27 -62.74 20.67 16.36
CA ALA P 27 -62.05 20.48 17.63
C ALA P 27 -62.84 19.56 18.56
N ILE P 28 -64.16 19.53 18.43
CA ILE P 28 -64.97 18.66 19.29
C ILE P 28 -64.73 17.20 18.93
N PHE P 29 -64.96 16.84 17.66
CA PHE P 29 -64.79 15.48 17.17
C PHE P 29 -63.75 15.51 16.05
N PRO P 30 -62.46 15.38 16.38
CA PRO P 30 -61.42 15.53 15.36
C PRO P 30 -61.12 14.28 14.55
N CYS P 31 -61.54 13.09 15.01
CA CYS P 31 -61.23 11.82 14.34
C CYS P 31 -62.51 11.16 13.88
N PRO P 32 -62.99 11.48 12.68
CA PRO P 32 -64.17 10.78 12.15
C PRO P 32 -63.83 9.39 11.66
N ASP P 33 -63.63 8.47 12.59
CA ASP P 33 -63.22 7.11 12.25
C ASP P 33 -64.40 6.34 11.66
N PRO P 34 -64.32 5.90 10.40
CA PRO P 34 -65.43 5.13 9.81
C PRO P 34 -65.37 3.64 10.10
N CYS P 35 -64.38 3.17 10.87
CA CYS P 35 -64.22 1.76 11.16
C CYS P 35 -65.02 1.32 12.39
N ALA P 36 -66.10 2.03 12.72
CA ALA P 36 -66.91 1.68 13.87
C ALA P 36 -68.38 2.08 13.64
N LEU P 37 -68.76 3.26 14.12
CA LEU P 37 -70.12 3.73 13.98
C LEU P 37 -70.34 4.34 12.60
N LYS P 38 -71.53 4.91 12.39
CA LYS P 38 -71.86 5.53 11.12
C LYS P 38 -71.43 7.00 11.10
N ASP P 39 -72.24 7.86 10.48
CA ASP P 39 -71.93 9.28 10.39
C ASP P 39 -73.12 10.16 10.74
N ARG P 40 -74.06 9.65 11.52
CA ARG P 40 -75.21 10.46 11.95
C ARG P 40 -74.93 11.18 13.27
N ARG P 41 -74.12 10.60 14.15
CA ARG P 41 -73.74 11.29 15.37
C ARG P 41 -72.89 12.51 15.08
N MET P 42 -72.03 12.42 14.05
CA MET P 42 -71.25 13.58 13.63
C MET P 42 -72.15 14.70 13.14
N GLU P 43 -73.18 14.36 12.35
CA GLU P 43 -74.11 15.37 11.88
C GLU P 43 -74.92 15.98 13.03
N ASN P 44 -75.30 15.15 14.02
CA ASN P 44 -76.00 15.68 15.18
C ASN P 44 -75.11 16.64 15.97
N LEU P 45 -73.84 16.29 16.13
CA LEU P 45 -72.91 17.18 16.84
C LEU P 45 -72.69 18.47 16.06
N VAL P 46 -72.63 18.38 14.73
CA VAL P 46 -72.46 19.59 13.92
C VAL P 46 -73.68 20.49 14.06
N ALA P 47 -74.88 19.91 14.04
CA ALA P 47 -76.09 20.70 14.20
C ALA P 47 -76.15 21.35 15.58
N TYR P 48 -75.77 20.60 16.62
CA TYR P 48 -75.75 21.16 17.96
C TYR P 48 -74.75 22.31 18.08
N ALA P 49 -73.57 22.14 17.49
CA ALA P 49 -72.58 23.21 17.51
C ALA P 49 -73.04 24.42 16.73
N LYS P 50 -73.74 24.20 15.62
CA LYS P 50 -74.29 25.32 14.85
C LYS P 50 -75.33 26.08 15.66
N LYS P 51 -76.21 25.35 16.35
CA LYS P 51 -77.21 26.01 17.19
C LYS P 51 -76.57 26.79 18.33
N VAL P 52 -75.53 26.21 18.95
CA VAL P 52 -74.82 26.89 20.02
C VAL P 52 -74.16 28.16 19.51
N GLU P 53 -73.50 28.08 18.36
CA GLU P 53 -72.88 29.25 17.75
C GLU P 53 -73.92 30.31 17.42
N GLY P 54 -75.08 29.89 16.92
CA GLY P 54 -76.12 30.85 16.59
C GLY P 54 -76.64 31.58 17.82
N ASP P 55 -76.92 30.85 18.89
CA ASP P 55 -77.46 31.51 20.08
C ASP P 55 -76.41 32.38 20.76
N MET P 56 -75.14 31.95 20.74
CA MET P 56 -74.10 32.76 21.37
C MET P 56 -73.72 33.96 20.52
N TYR P 57 -73.97 33.92 19.21
CA TYR P 57 -73.80 35.11 18.39
C TYR P 57 -74.99 36.06 18.53
N GLU P 58 -76.19 35.52 18.75
CA GLU P 58 -77.34 36.36 19.04
C GLU P 58 -77.20 37.03 20.40
N SER P 59 -76.57 36.36 21.36
CA SER P 59 -76.32 36.91 22.68
C SER P 59 -74.94 37.55 22.79
N ALA P 60 -74.42 38.09 21.70
CA ALA P 60 -73.10 38.72 21.69
C ALA P 60 -73.27 40.23 21.87
N ASN P 61 -72.20 40.99 21.62
CA ASN P 61 -72.25 42.44 21.77
C ASN P 61 -71.21 43.13 20.91
N SER P 62 -70.04 42.53 20.77
CA SER P 62 -68.96 43.12 19.98
C SER P 62 -68.31 42.04 19.13
N ARG P 63 -67.08 42.27 18.70
CA ARG P 63 -66.36 41.35 17.83
C ARG P 63 -65.09 40.79 18.45
N ASP P 64 -64.29 41.63 19.11
CA ASP P 64 -63.05 41.15 19.72
C ASP P 64 -63.34 40.26 20.93
N GLU P 65 -64.28 40.66 21.78
CA GLU P 65 -64.65 39.83 22.92
C GLU P 65 -65.26 38.51 22.46
N TYR P 66 -65.95 38.52 21.31
CA TYR P 66 -66.49 37.26 20.77
C TYR P 66 -65.36 36.31 20.40
N TYR P 67 -64.32 36.82 19.72
CA TYR P 67 -63.19 35.98 19.37
C TYR P 67 -62.44 35.50 20.61
N HIS P 68 -62.33 36.36 21.63
CA HIS P 68 -61.69 35.95 22.88
C HIS P 68 -62.47 34.83 23.56
N LEU P 69 -63.80 34.96 23.60
CA LEU P 69 -64.62 33.92 24.20
C LEU P 69 -64.54 32.62 23.41
N LEU P 70 -64.47 32.72 22.07
CA LEU P 70 -64.33 31.52 21.26
C LEU P 70 -62.99 30.84 21.53
N ALA P 71 -61.92 31.62 21.65
CA ALA P 71 -60.61 31.05 21.95
C ALA P 71 -60.60 30.40 23.33
N GLU P 72 -61.23 31.03 24.32
CA GLU P 72 -61.32 30.43 25.65
C GLU P 72 -62.12 29.14 25.62
N LYS P 73 -63.22 29.12 24.86
CA LYS P 73 -64.02 27.90 24.76
C LYS P 73 -63.24 26.78 24.08
N ILE P 74 -62.47 27.10 23.04
CA ILE P 74 -61.66 26.09 22.37
C ILE P 74 -60.59 25.56 23.32
N TYR P 75 -59.95 26.45 24.08
CA TYR P 75 -58.93 26.01 25.03
C TYR P 75 -59.54 25.18 26.16
N LYS P 76 -60.78 25.45 26.53
CA LYS P 76 -61.42 24.68 27.59
C LYS P 76 -61.86 23.31 27.10
N ILE P 77 -62.42 23.22 25.89
CA ILE P 77 -62.92 21.95 25.40
C ILE P 77 -61.79 21.01 24.98
N GLN P 78 -60.60 21.54 24.73
CA GLN P 78 -59.46 20.69 24.36
C GLN P 78 -58.79 20.05 25.57
N LYS P 79 -59.33 20.26 26.77
CA LYS P 79 -58.81 19.63 28.00
C LYS P 79 -59.99 19.01 28.74
N GLU P 80 -60.60 18.01 28.11
CA GLU P 80 -61.80 17.36 28.64
C GLU P 80 -61.42 15.96 29.11
N LEU P 81 -61.52 14.93 28.29
CA LEU P 81 -61.20 13.55 28.71
C LEU P 81 -60.46 12.81 27.60
N GLU P 82 -59.27 13.31 27.27
CA GLU P 82 -58.41 12.70 26.27
C GLU P 82 -57.43 11.69 26.87
N GLU P 83 -57.76 11.12 28.03
CA GLU P 83 -56.93 10.14 28.72
C GLU P 83 -55.55 10.68 29.06
N LYS P 84 -55.42 12.01 29.12
CA LYS P 84 -54.15 12.68 29.41
C LYS P 84 -53.06 12.22 28.45
N SER P 85 -52.28 11.23 28.87
CA SER P 85 -51.22 10.66 28.05
C SER P 85 -50.76 9.37 28.71
N GLN P 86 -49.84 8.66 28.06
CA GLN P 86 -49.29 7.42 28.58
C GLN P 86 -47.89 7.58 29.16
N VAL P 87 -47.19 8.67 28.84
CA VAL P 87 -45.85 8.93 29.37
C VAL P 87 -45.80 10.21 30.19
N ARG P 88 -46.91 10.92 30.35
CA ARG P 88 -46.95 12.16 31.11
C ARG P 88 -47.06 11.82 32.60
N GLN P 89 -46.07 12.26 33.38
CA GLN P 89 -46.03 12.02 34.81
C GLN P 89 -45.56 13.29 35.51
N ASN P 90 -46.43 13.85 36.35
CA ASN P 90 -46.14 15.08 37.09
C ASN P 90 -45.76 16.21 36.15
N TYR P 91 -46.75 16.86 35.55
CA TYR P 91 -46.50 17.97 34.63
C TYR P 91 -47.74 18.87 34.62
N HIS P 92 -47.58 20.08 35.12
CA HIS P 92 -48.67 21.05 35.22
C HIS P 92 -48.85 21.77 33.90
N GLN P 93 -50.04 22.36 33.73
CA GLN P 93 -50.36 23.08 32.51
C GLN P 93 -49.56 24.37 32.36
N ASP P 94 -49.10 24.96 33.48
CA ASP P 94 -48.30 26.16 33.39
C ASP P 94 -46.98 25.89 32.68
N ALA P 95 -46.33 24.75 32.99
CA ALA P 95 -45.11 24.38 32.29
C ALA P 95 -45.36 24.14 30.81
N GLU P 96 -46.51 23.55 30.47
CA GLU P 96 -46.84 23.34 29.06
C GLU P 96 -47.02 24.66 28.34
N ALA P 97 -47.72 25.61 28.96
CA ALA P 97 -47.90 26.93 28.35
C ALA P 97 -46.56 27.64 28.20
N ALA P 98 -45.68 27.50 29.20
CA ALA P 98 -44.35 28.12 29.10
C ALA P 98 -43.54 27.50 27.97
N ILE P 99 -43.62 26.18 27.81
CA ILE P 99 -42.91 25.52 26.70
C ILE P 99 -43.47 25.98 25.36
N ASN P 100 -44.80 26.14 25.28
CA ASN P 100 -45.40 26.62 24.04
C ASN P 100 -44.95 28.03 23.72
N ARG P 101 -44.91 28.91 24.72
CA ARG P 101 -44.43 30.27 24.49
C ARG P 101 -42.96 30.28 24.10
N GLN P 102 -42.15 29.41 24.70
CA GLN P 102 -40.74 29.33 24.34
C GLN P 102 -40.57 28.84 22.91
N ILE P 103 -41.38 27.87 22.49
CA ILE P 103 -41.32 27.39 21.11
C ILE P 103 -41.74 28.49 20.14
N ASN P 104 -42.77 29.26 20.49
CA ASN P 104 -43.19 30.38 19.65
C ASN P 104 -42.08 31.42 19.53
N LEU P 105 -41.41 31.71 20.65
CA LEU P 105 -40.30 32.67 20.61
C LEU P 105 -39.14 32.15 19.79
N GLU P 106 -38.86 30.84 19.87
CA GLU P 106 -37.81 30.26 19.04
C GLU P 106 -38.15 30.36 17.56
N LEU P 107 -39.41 30.10 17.20
CA LEU P 107 -39.82 30.23 15.81
C LEU P 107 -39.72 31.67 15.34
N TYR P 108 -40.11 32.62 16.20
CA TYR P 108 -39.99 34.03 15.84
C TYR P 108 -38.53 34.43 15.65
N ALA P 109 -37.64 33.93 16.51
CA ALA P 109 -36.22 34.23 16.36
C ALA P 109 -35.66 33.62 15.09
N SER P 110 -36.09 32.40 14.74
CA SER P 110 -35.65 31.79 13.50
C SER P 110 -36.13 32.59 12.29
N TYR P 111 -37.37 33.09 12.35
CA TYR P 111 -37.88 33.90 11.24
C TYR P 111 -37.11 35.21 11.12
N VAL P 112 -36.79 35.84 12.26
CA VAL P 112 -36.03 37.09 12.23
C VAL P 112 -34.63 36.84 11.68
N TYR P 113 -34.01 35.73 12.06
CA TYR P 113 -32.67 35.43 11.55
C TYR P 113 -32.71 35.11 10.06
N LEU P 114 -33.77 34.45 9.60
CA LEU P 114 -33.92 34.21 8.16
C LEU P 114 -34.09 35.52 7.41
N SER P 115 -34.89 36.44 7.96
CA SER P 115 -35.06 37.74 7.32
C SER P 115 -33.75 38.51 7.27
N MET P 116 -32.96 38.43 8.35
CA MET P 116 -31.65 39.09 8.36
C MET P 116 -30.71 38.47 7.33
N SER P 117 -30.71 37.14 7.22
CA SER P 117 -29.85 36.48 6.23
C SER P 117 -30.27 36.83 4.81
N CYS P 118 -31.57 36.97 4.56
CA CYS P 118 -32.03 37.32 3.22
C CYS P 118 -31.89 38.80 2.92
N TYR P 119 -31.80 39.66 3.94
CA TYR P 119 -31.62 41.08 3.69
C TYR P 119 -30.17 41.41 3.33
N PHE P 120 -29.21 40.84 4.06
CA PHE P 120 -27.81 41.09 3.78
C PHE P 120 -27.34 40.40 2.51
N ASP P 121 -28.10 39.44 1.99
CA ASP P 121 -27.78 38.74 0.76
C ASP P 121 -28.30 39.46 -0.48
N ARG P 122 -28.93 40.63 -0.30
CA ARG P 122 -29.49 41.37 -1.42
C ARG P 122 -28.41 42.11 -2.20
N ASP P 123 -28.81 43.03 -3.06
CA ASP P 123 -27.88 43.80 -3.88
C ASP P 123 -27.52 45.15 -3.27
N ASP P 124 -28.38 45.69 -2.39
CA ASP P 124 -28.11 46.98 -1.76
C ASP P 124 -27.23 46.87 -0.52
N VAL P 125 -26.89 45.65 -0.10
CA VAL P 125 -26.05 45.42 1.06
C VAL P 125 -24.73 44.75 0.68
N ALA P 126 -24.82 43.61 -0.03
CA ALA P 126 -23.65 42.89 -0.52
C ALA P 126 -22.72 42.48 0.62
N LEU P 127 -23.23 41.61 1.48
CA LEU P 127 -22.48 41.05 2.60
C LEU P 127 -22.80 39.56 2.70
N LYS P 128 -21.92 38.73 2.16
CA LYS P 128 -22.15 37.29 2.13
C LYS P 128 -21.82 36.61 3.45
N ASN P 129 -20.78 37.06 4.15
CA ASN P 129 -20.42 36.43 5.42
C ASN P 129 -21.48 36.67 6.49
N PHE P 130 -22.01 37.89 6.56
CA PHE P 130 -23.09 38.15 7.49
C PHE P 130 -24.33 37.33 7.17
N ALA P 131 -24.64 37.18 5.87
CA ALA P 131 -25.77 36.37 5.46
C ALA P 131 -25.57 34.91 5.85
N LYS P 132 -24.37 34.39 5.66
CA LYS P 132 -24.09 33.00 6.03
C LYS P 132 -24.17 32.81 7.55
N TYR P 133 -23.67 33.78 8.31
CA TYR P 133 -23.76 33.69 9.77
C TYR P 133 -25.20 33.73 10.24
N PHE P 134 -26.02 34.60 9.64
CA PHE P 134 -27.42 34.68 10.03
C PHE P 134 -28.18 33.42 9.62
N LEU P 135 -27.81 32.83 8.48
CA LEU P 135 -28.43 31.57 8.08
C LEU P 135 -28.06 30.44 9.02
N HIS P 136 -26.80 30.40 9.47
CA HIS P 136 -26.39 29.41 10.45
C HIS P 136 -27.12 29.61 11.78
N GLN P 137 -27.30 30.86 12.19
CA GLN P 137 -28.05 31.13 13.42
C GLN P 137 -29.51 30.71 13.28
N SER P 138 -30.10 30.94 12.10
CA SER P 138 -31.48 30.50 11.87
C SER P 138 -31.58 28.98 11.89
N HIS P 139 -30.59 28.30 11.32
CA HIS P 139 -30.59 26.84 11.38
C HIS P 139 -30.46 26.33 12.81
N GLU P 140 -29.62 27.00 13.61
CA GLU P 140 -29.48 26.61 15.01
C GLU P 140 -30.79 26.84 15.78
N GLU P 141 -31.46 27.96 15.51
CA GLU P 141 -32.76 28.21 16.15
C GLU P 141 -33.79 27.17 15.73
N ARG P 142 -33.78 26.79 14.44
CA ARG P 142 -34.71 25.77 13.98
CA ARG P 142 -34.71 25.76 13.97
C ARG P 142 -34.44 24.43 14.65
N GLU P 143 -33.16 24.06 14.80
CA GLU P 143 -32.82 22.81 15.46
C GLU P 143 -33.22 22.85 16.94
N HIS P 144 -33.02 24.00 17.60
CA HIS P 144 -33.43 24.11 19.00
C HIS P 144 -34.95 24.01 19.14
N ALA P 145 -35.70 24.61 18.20
CA ALA P 145 -37.15 24.51 18.24
C ALA P 145 -37.61 23.08 18.01
N GLU P 146 -36.98 22.38 17.07
CA GLU P 146 -37.33 20.97 16.85
C GLU P 146 -37.00 20.12 18.06
N LYS P 147 -35.88 20.41 18.73
CA LYS P 147 -35.52 19.68 19.93
C LYS P 147 -36.51 19.93 21.05
N LEU P 148 -36.96 21.18 21.20
CA LEU P 148 -37.98 21.49 22.20
C LEU P 148 -39.29 20.77 21.89
N MET P 149 -39.68 20.73 20.61
CA MET P 149 -40.89 20.03 20.23
C MET P 149 -40.78 18.54 20.52
N LYS P 150 -39.62 17.94 20.22
CA LYS P 150 -39.42 16.53 20.51
C LYS P 150 -39.44 16.24 22.00
N LEU P 151 -38.84 17.13 22.80
CA LEU P 151 -38.86 16.96 24.25
C LEU P 151 -40.28 17.08 24.80
N GLN P 152 -41.07 18.00 24.25
CA GLN P 152 -42.47 18.12 24.69
C GLN P 152 -43.27 16.91 24.29
N ASN P 153 -42.99 16.34 23.10
CA ASN P 153 -43.69 15.14 22.67
C ASN P 153 -43.31 13.93 23.52
N GLN P 154 -42.06 13.86 23.98
CA GLN P 154 -41.63 12.75 24.82
C GLN P 154 -42.19 12.82 26.22
N ARG P 155 -42.61 14.00 26.67
CA ARG P 155 -43.19 14.17 28.00
C ARG P 155 -44.70 14.02 28.01
N GLY P 156 -45.31 13.68 26.89
CA GLY P 156 -46.76 13.51 26.82
C GLY P 156 -47.53 14.80 26.94
N GLY P 157 -47.11 15.85 26.21
CA GLY P 157 -47.79 17.12 26.27
C GLY P 157 -48.25 17.60 24.91
N ARG P 158 -49.32 18.39 24.87
CA ARG P 158 -49.86 18.93 23.63
C ARG P 158 -49.05 20.15 23.19
N ILE P 159 -48.97 20.35 21.88
CA ILE P 159 -48.27 21.48 21.30
C ILE P 159 -49.29 22.32 20.54
N PHE P 160 -49.50 23.55 20.99
CA PHE P 160 -50.46 24.47 20.38
C PHE P 160 -49.68 25.46 19.52
N LEU P 161 -49.55 25.15 18.23
CA LEU P 161 -48.84 26.02 17.30
C LEU P 161 -49.73 27.20 16.93
N GLN P 162 -49.29 28.40 17.29
CA GLN P 162 -50.03 29.62 16.98
C GLN P 162 -49.51 30.20 15.67
N ASP P 163 -49.75 31.49 15.44
CA ASP P 163 -49.31 32.16 14.22
C ASP P 163 -47.97 32.85 14.47
N ILE P 164 -47.02 32.60 13.58
CA ILE P 164 -45.69 33.19 13.70
C ILE P 164 -45.77 34.66 13.30
N LYS P 165 -45.35 35.54 14.21
CA LYS P 165 -45.40 36.97 13.95
C LYS P 165 -44.28 37.38 12.99
N LYS P 166 -44.55 38.46 12.24
CA LYS P 166 -43.59 38.99 11.28
C LYS P 166 -42.61 39.94 11.96
N PRO P 167 -41.39 40.05 11.44
CA PRO P 167 -40.43 40.99 12.03
C PRO P 167 -40.90 42.43 11.90
N ASP P 168 -40.74 43.20 12.97
CA ASP P 168 -41.18 44.58 12.98
C ASP P 168 -40.29 45.49 12.12
N ARG P 169 -39.05 45.08 11.87
CA ARG P 169 -38.11 45.86 11.06
C ARG P 169 -37.73 45.04 9.84
N ASP P 170 -37.87 45.63 8.67
CA ASP P 170 -37.53 44.99 7.41
C ASP P 170 -36.30 45.58 6.74
N ASP P 171 -36.07 46.88 6.92
CA ASP P 171 -34.91 47.56 6.33
C ASP P 171 -33.87 47.76 7.43
N TRP P 172 -32.87 46.87 7.46
CA TRP P 172 -31.83 46.95 8.47
C TRP P 172 -30.75 47.96 8.14
N CYS P 173 -30.76 48.52 6.92
CA CYS P 173 -29.83 49.56 6.50
C CYS P 173 -28.38 49.08 6.63
N SER P 174 -27.74 49.40 7.76
CA SER P 174 -26.35 49.00 7.99
C SER P 174 -26.29 47.65 8.69
N GLY P 175 -25.31 47.48 9.58
CA GLY P 175 -25.15 46.23 10.30
C GLY P 175 -25.23 46.39 11.80
N LEU P 176 -24.99 47.61 12.29
CA LEU P 176 -25.05 47.85 13.73
C LEU P 176 -26.46 47.69 14.28
N ASN P 177 -27.46 48.19 13.56
CA ASN P 177 -28.84 48.04 14.01
C ASN P 177 -29.26 46.58 14.03
N ALA P 178 -28.82 45.81 13.04
CA ALA P 178 -29.11 44.38 13.03
C ALA P 178 -28.47 43.67 14.22
N MET P 179 -27.24 44.04 14.56
CA MET P 179 -26.58 43.45 15.71
C MET P 179 -27.29 43.82 17.01
N GLU P 180 -27.74 45.07 17.13
CA GLU P 180 -28.48 45.48 18.31
C GLU P 180 -29.81 44.73 18.43
N SER P 181 -30.51 44.55 17.30
CA SER P 181 -31.76 43.80 17.32
C SER P 181 -31.52 42.35 17.69
N ALA P 182 -30.45 41.74 17.18
CA ALA P 182 -30.14 40.36 17.53
C ALA P 182 -29.77 40.24 19.00
N LEU P 183 -29.05 41.23 19.54
CA LEU P 183 -28.70 41.20 20.97
C LEU P 183 -29.95 41.33 21.83
N HIS P 184 -30.87 42.22 21.45
CA HIS P 184 -32.12 42.36 22.20
C HIS P 184 -32.95 41.08 22.12
N LEU P 185 -32.97 40.45 20.95
CA LEU P 185 -33.71 39.19 20.80
C LEU P 185 -33.11 38.09 21.67
N GLU P 186 -31.77 38.02 21.71
CA GLU P 186 -31.12 37.01 22.55
C GLU P 186 -31.36 37.28 24.02
N LYS P 187 -31.38 38.57 24.43
CA LYS P 187 -31.70 38.89 25.81
C LYS P 187 -33.13 38.51 26.16
N SER P 188 -34.06 38.73 25.23
CA SER P 188 -35.44 38.32 25.47
C SER P 188 -35.56 36.80 25.58
N VAL P 189 -34.83 36.07 24.73
CA VAL P 189 -34.84 34.62 24.80
C VAL P 189 -34.26 34.14 26.12
N ASN P 190 -33.18 34.78 26.59
CA ASN P 190 -32.59 34.42 27.87
C ASN P 190 -33.55 34.69 29.02
N GLN P 191 -34.27 35.82 28.96
CA GLN P 191 -35.26 36.13 29.99
C GLN P 191 -36.39 35.11 29.98
N SER P 192 -36.83 34.69 28.79
CA SER P 192 -37.88 33.68 28.70
C SER P 192 -37.39 32.35 29.25
N LEU P 193 -36.13 31.99 28.99
CA LEU P 193 -35.57 30.76 29.53
C LEU P 193 -35.46 30.82 31.04
N LEU P 194 -35.08 31.98 31.59
CA LEU P 194 -35.03 32.13 33.05
C LEU P 194 -36.42 32.01 33.66
N GLU P 195 -37.43 32.60 33.02
CA GLU P 195 -38.80 32.47 33.52
C GLU P 195 -39.27 31.03 33.46
N LEU P 196 -38.94 30.32 32.38
CA LEU P 196 -39.29 28.91 32.28
C LEU P 196 -38.61 28.09 33.36
N HIS P 197 -37.33 28.37 33.64
CA HIS P 197 -36.62 27.66 34.68
C HIS P 197 -37.24 27.93 36.05
N LYS P 198 -37.62 29.18 36.33
CA LYS P 198 -38.24 29.52 37.60
C LYS P 198 -39.59 28.83 37.73
N LEU P 199 -40.37 28.79 36.64
CA LEU P 199 -41.68 28.13 36.70
C LEU P 199 -41.54 26.62 36.89
N ALA P 200 -40.53 26.01 36.25
CA ALA P 200 -40.31 24.58 36.44
C ALA P 200 -39.81 24.27 37.85
N THR P 201 -39.03 25.18 38.43
CA THR P 201 -38.57 24.97 39.80
C THR P 201 -39.71 25.12 40.80
N ASP P 202 -40.59 26.10 40.58
CA ASP P 202 -41.72 26.32 41.48
C ASP P 202 -42.80 25.26 41.32
N LYS P 203 -42.83 24.54 40.20
CA LYS P 203 -43.82 23.51 39.95
C LYS P 203 -43.23 22.11 40.00
N ASN P 204 -42.01 21.96 40.53
CA ASN P 204 -41.34 20.68 40.68
C ASN P 204 -41.19 19.96 39.33
N ASP P 205 -40.20 20.36 38.54
CA ASP P 205 -39.90 19.73 37.26
C ASP P 205 -38.40 19.67 37.09
N PRO P 206 -37.76 18.63 37.65
CA PRO P 206 -36.29 18.57 37.61
C PRO P 206 -35.74 18.20 36.24
N HIS P 207 -36.44 17.31 35.51
CA HIS P 207 -35.94 16.86 34.22
C HIS P 207 -35.93 17.99 33.21
N LEU P 208 -37.04 18.70 33.07
CA LEU P 208 -37.10 19.82 32.13
C LEU P 208 -36.12 20.93 32.52
N CYS P 209 -36.01 21.20 33.83
CA CYS P 209 -35.07 22.21 34.30
C CYS P 209 -33.63 21.85 33.92
N ASP P 210 -33.25 20.60 34.18
CA ASP P 210 -31.89 20.17 33.85
C ASP P 210 -31.66 20.20 32.34
N PHE P 211 -32.64 19.76 31.55
CA PHE P 211 -32.48 19.75 30.11
C PHE P 211 -32.32 21.17 29.57
N ILE P 212 -33.10 22.12 30.07
CA ILE P 212 -33.01 23.50 29.61
C ILE P 212 -31.68 24.12 30.04
N GLU P 213 -31.25 23.87 31.29
CA GLU P 213 -30.01 24.48 31.76
C GLU P 213 -28.78 23.82 31.18
N THR P 214 -28.90 22.62 30.61
CA THR P 214 -27.76 21.92 30.03
C THR P 214 -27.69 22.09 28.51
N TYR P 215 -28.71 21.62 27.79
CA TYR P 215 -28.66 21.56 26.33
C TYR P 215 -29.24 22.80 25.66
N TYR P 216 -29.24 23.95 26.33
CA TYR P 216 -29.77 25.17 25.73
C TYR P 216 -28.99 26.40 26.18
N LEU P 217 -28.80 26.55 27.49
CA LEU P 217 -28.09 27.72 28.00
C LEU P 217 -26.63 27.73 27.57
N SER P 218 -26.02 26.55 27.42
CA SER P 218 -24.62 26.48 27.03
C SER P 218 -24.38 27.10 25.66
N GLU P 219 -25.37 27.08 24.78
CA GLU P 219 -25.26 27.70 23.48
C GLU P 219 -25.77 29.14 23.48
N GLN P 220 -26.81 29.43 24.26
CA GLN P 220 -27.35 30.78 24.31
C GLN P 220 -26.35 31.75 24.92
N VAL P 221 -25.65 31.34 25.98
CA VAL P 221 -24.66 32.21 26.60
C VAL P 221 -23.52 32.50 25.62
N LYS P 222 -23.08 31.49 24.89
CA LYS P 222 -22.01 31.69 23.91
C LYS P 222 -22.47 32.61 22.78
N SER P 223 -23.72 32.46 22.34
CA SER P 223 -24.24 33.32 21.28
C SER P 223 -24.34 34.77 21.77
N ILE P 224 -24.80 34.98 23.01
CA ILE P 224 -24.89 36.33 23.55
C ILE P 224 -23.50 36.93 23.68
N LYS P 225 -22.52 36.14 24.12
CA LYS P 225 -21.16 36.64 24.25
C LYS P 225 -20.57 37.01 22.89
N GLU P 226 -20.83 36.19 21.86
CA GLU P 226 -20.33 36.49 20.53
C GLU P 226 -20.98 37.74 19.96
N LEU P 227 -22.30 37.90 20.17
CA LEU P 227 -22.97 39.11 19.70
C LEU P 227 -22.46 40.36 20.42
N GLY P 228 -22.20 40.23 21.74
CA GLY P 228 -21.64 41.35 22.47
C GLY P 228 -20.24 41.72 21.99
N ASP P 229 -19.43 40.71 21.70
CA ASP P 229 -18.10 40.97 21.15
C ASP P 229 -18.18 41.64 19.79
N HIS P 230 -19.12 41.20 18.95
CA HIS P 230 -19.29 41.83 17.64
C HIS P 230 -19.74 43.28 17.78
N VAL P 231 -20.67 43.55 18.70
CA VAL P 231 -21.12 44.93 18.92
C VAL P 231 -19.98 45.79 19.44
N THR P 232 -19.17 45.25 20.35
CA THR P 232 -18.03 46.00 20.88
C THR P 232 -17.01 46.29 19.79
N ASN P 233 -16.78 45.34 18.88
CA ASN P 233 -15.85 45.56 17.78
C ASN P 233 -16.40 46.60 16.80
N LEU P 234 -17.71 46.57 16.56
CA LEU P 234 -18.30 47.54 15.64
C LEU P 234 -18.33 48.95 16.23
N ARG P 235 -18.48 49.06 17.55
CA ARG P 235 -18.54 50.36 18.21
C ARG P 235 -17.15 50.89 18.60
N LYS P 236 -16.09 50.42 17.93
CA LYS P 236 -14.74 50.91 18.21
C LYS P 236 -13.98 51.15 16.91
N MET P 237 -14.26 50.36 15.88
CA MET P 237 -13.56 50.52 14.61
C MET P 237 -13.99 51.79 13.88
N GLY P 238 -15.26 52.19 14.02
CA GLY P 238 -15.74 53.39 13.39
C GLY P 238 -17.14 53.26 12.81
N ALA P 239 -17.74 52.08 12.95
CA ALA P 239 -19.08 51.86 12.44
C ALA P 239 -20.09 52.69 13.23
N PRO P 240 -21.16 53.17 12.59
CA PRO P 240 -21.45 52.98 11.16
C PRO P 240 -20.81 54.03 10.25
N CYS P 241 -20.06 54.96 10.84
CA CYS P 241 -19.42 56.04 10.08
C CYS P 241 -18.06 55.64 9.54
N ALA P 242 -17.91 54.39 9.10
CA ALA P 242 -16.64 53.93 8.53
C ALA P 242 -16.96 52.74 7.61
N GLY P 243 -16.99 53.00 6.31
CA GLY P 243 -17.31 51.96 5.35
C GLY P 243 -16.27 50.86 5.27
N MET P 244 -15.00 51.18 5.54
CA MET P 244 -13.94 50.17 5.49
C MET P 244 -13.99 49.25 6.69
N ALA P 245 -14.49 49.72 7.84
CA ALA P 245 -14.55 48.89 9.02
C ALA P 245 -15.51 47.72 8.82
N GLU P 246 -16.64 47.95 8.15
CA GLU P 246 -17.58 46.88 7.88
C GLU P 246 -16.95 45.82 6.97
N TYR P 247 -16.23 46.26 5.92
CA TYR P 247 -15.58 45.31 5.03
C TYR P 247 -14.48 44.53 5.76
N LEU P 248 -13.76 45.19 6.66
CA LEU P 248 -12.73 44.50 7.43
C LEU P 248 -13.34 43.46 8.36
N PHE P 249 -14.43 43.81 9.05
CA PHE P 249 -15.11 42.85 9.91
C PHE P 249 -15.76 41.73 9.12
N ASP P 250 -16.12 41.98 7.86
CA ASP P 250 -16.72 40.95 7.01
C ASP P 250 -15.68 39.97 6.50
N LYS P 251 -14.55 40.49 6.01
CA LYS P 251 -13.52 39.65 5.39
C LYS P 251 -12.47 39.16 6.38
N HIS P 252 -12.82 39.04 7.66
CA HIS P 252 -11.88 38.55 8.66
C HIS P 252 -12.61 37.76 9.75
N THR P 253 -13.57 38.38 10.41
CA THR P 253 -14.28 37.72 11.51
C THR P 253 -15.16 36.60 10.98
N LEU P 254 -16.18 36.94 10.19
CA LEU P 254 -17.09 35.96 9.63
C LEU P 254 -16.65 35.41 8.28
N GLY P 255 -15.45 35.78 7.82
CA GLY P 255 -14.94 35.30 6.55
C GLY P 255 -14.00 34.12 6.68
N THR Q 13 68.91 -5.34 37.15
CA THR Q 13 69.17 -3.91 37.37
C THR Q 13 69.50 -3.22 36.05
N GLN Q 14 70.27 -3.91 35.20
CA GLN Q 14 70.64 -3.33 33.91
C GLN Q 14 69.45 -3.23 32.97
N ASP Q 15 68.46 -4.12 33.11
CA ASP Q 15 67.24 -3.98 32.32
C ASP Q 15 66.49 -2.70 32.67
N LEU Q 16 66.39 -2.40 33.96
CA LEU Q 16 65.83 -1.13 34.39
C LEU Q 16 66.65 0.06 33.88
N ARG Q 17 67.97 -0.09 33.84
CA ARG Q 17 68.83 0.96 33.32
C ARG Q 17 68.55 1.22 31.85
N SER Q 18 68.43 0.15 31.06
CA SER Q 18 68.10 0.30 29.65
C SER Q 18 66.72 0.92 29.46
N HIS Q 19 65.76 0.50 30.29
CA HIS Q 19 64.41 1.04 30.16
C HIS Q 19 64.36 2.52 30.51
N LEU Q 20 65.15 2.95 31.49
CA LEU Q 20 65.16 4.36 31.86
C LEU Q 20 66.00 5.22 30.92
N VAL Q 21 66.98 4.63 30.24
CA VAL Q 21 67.76 5.39 29.28
C VAL Q 21 67.11 5.45 27.91
N HIS Q 22 66.27 4.48 27.56
CA HIS Q 22 65.56 4.50 26.28
C HIS Q 22 64.42 5.49 26.24
N LYS Q 23 64.19 6.25 27.31
CA LYS Q 23 63.15 7.27 27.32
C LYS Q 23 63.66 8.61 26.83
N LEU Q 24 64.79 9.08 27.37
CA LEU Q 24 65.33 10.38 26.95
C LEU Q 24 65.89 10.31 25.54
N VAL Q 25 66.54 9.21 25.17
CA VAL Q 25 67.09 9.09 23.82
C VAL Q 25 65.99 9.01 22.77
N GLN Q 26 64.77 8.66 23.16
CA GLN Q 26 63.62 8.69 22.26
C GLN Q 26 62.88 10.02 22.32
N ALA Q 27 62.91 10.70 23.47
CA ALA Q 27 62.24 11.98 23.58
C ALA Q 27 63.02 13.10 22.91
N ILE Q 28 64.35 12.98 22.84
CA ILE Q 28 65.15 14.01 22.18
C ILE Q 28 64.89 14.00 20.67
N PHE Q 29 65.11 12.86 20.03
CA PHE Q 29 64.92 12.69 18.59
C PHE Q 29 63.89 11.60 18.37
N PRO Q 30 62.59 11.96 18.32
CA PRO Q 30 61.54 10.94 18.25
C PRO Q 30 61.23 10.46 16.84
N CYS Q 31 61.65 11.17 15.80
CA CYS Q 31 61.32 10.82 14.42
C CYS Q 31 62.59 10.53 13.65
N PRO Q 32 63.07 9.28 13.68
CA PRO Q 32 64.25 8.92 12.86
C PRO Q 32 63.88 8.77 11.39
N ASP Q 33 63.69 9.90 10.71
CA ASP Q 33 63.26 9.88 9.32
C ASP Q 33 64.42 9.48 8.42
N PRO Q 34 64.34 8.35 7.70
CA PRO Q 34 65.43 7.95 6.80
C PRO Q 34 65.36 8.59 5.42
N CYS Q 35 64.39 9.46 5.16
CA CYS Q 35 64.22 10.08 3.86
C CYS Q 35 65.02 11.37 3.71
N ALA Q 36 66.11 11.51 4.47
CA ALA Q 36 66.93 12.71 4.39
C ALA Q 36 68.39 12.39 4.71
N LEU Q 37 68.79 12.57 5.97
CA LEU Q 37 70.15 12.31 6.37
C LEU Q 37 70.36 10.82 6.65
N LYS Q 38 71.55 10.48 7.14
CA LYS Q 38 71.88 9.09 7.45
C LYS Q 38 71.46 8.75 8.87
N ASP Q 39 72.28 7.94 9.56
CA ASP Q 39 71.97 7.51 10.91
C ASP Q 39 73.17 7.64 11.85
N ARG Q 40 74.11 8.52 11.52
CA ARG Q 40 75.26 8.74 12.39
C ARG Q 40 75.00 9.85 13.41
N ARG Q 41 74.20 10.85 13.06
CA ARG Q 41 73.83 11.88 14.02
C ARG Q 41 72.98 11.30 15.14
N MET Q 42 72.13 10.33 14.83
CA MET Q 42 71.34 9.67 15.86
C MET Q 42 72.26 8.91 16.82
N GLU Q 43 73.28 8.23 16.30
CA GLU Q 43 74.21 7.53 17.17
C GLU Q 43 75.03 8.49 18.02
N ASN Q 44 75.41 9.63 17.44
CA ASN Q 44 76.13 10.65 18.23
C ASN Q 44 75.25 11.18 19.35
N LEU Q 45 73.97 11.44 19.06
CA LEU Q 45 73.06 11.93 20.09
C LEU Q 45 72.84 10.87 21.16
N VAL Q 46 72.76 9.59 20.78
CA VAL Q 46 72.60 8.53 21.75
C VAL Q 46 73.83 8.44 22.66
N ALA Q 47 75.03 8.56 22.07
CA ALA Q 47 76.24 8.51 22.88
C ALA Q 47 76.32 9.71 23.83
N TYR Q 48 75.93 10.89 23.34
CA TYR Q 48 75.94 12.07 24.21
C TYR Q 48 74.96 11.92 25.36
N ALA Q 49 73.76 11.39 25.06
CA ALA Q 49 72.77 11.18 26.11
C ALA Q 49 73.24 10.13 27.12
N LYS Q 50 73.92 9.08 26.63
CA LYS Q 50 74.48 8.07 27.53
C LYS Q 50 75.52 8.70 28.45
N LYS Q 51 76.41 9.52 27.90
CA LYS Q 51 77.42 10.16 28.72
C LYS Q 51 76.79 11.10 29.76
N VAL Q 52 75.76 11.85 29.34
CA VAL Q 52 75.07 12.74 30.27
C VAL Q 52 74.42 11.94 31.39
N GLU Q 53 73.74 10.84 31.04
CA GLU Q 53 73.12 10.00 32.06
C GLU Q 53 74.16 9.42 32.99
N GLY Q 54 75.32 9.01 32.45
CA GLY Q 54 76.36 8.47 33.30
C GLY Q 54 76.89 9.48 34.30
N ASP Q 55 77.19 10.69 33.83
CA ASP Q 55 77.74 11.69 34.75
C ASP Q 55 76.70 12.16 35.76
N MET Q 56 75.43 12.25 35.34
CA MET Q 56 74.40 12.67 36.29
C MET Q 56 74.02 11.57 37.27
N TYR Q 57 74.26 10.30 36.92
CA TYR Q 57 74.09 9.22 37.89
C TYR Q 57 75.29 9.14 38.83
N GLU Q 58 76.49 9.46 38.33
CA GLU Q 58 77.65 9.55 39.21
C GLU Q 58 77.49 10.70 40.20
N SER Q 59 76.89 11.80 39.76
CA SER Q 59 76.66 12.96 40.62
C SER Q 59 75.29 12.93 41.27
N ALA Q 60 74.75 11.75 41.55
CA ALA Q 60 73.45 11.60 42.17
C ALA Q 60 73.63 11.41 43.68
N ASN Q 61 72.56 11.01 44.37
CA ASN Q 61 72.62 10.81 45.81
C ASN Q 61 71.58 9.81 46.29
N SER Q 62 70.40 9.83 45.68
CA SER Q 62 69.32 8.94 46.09
C SER Q 62 68.66 8.35 44.84
N ARG Q 63 67.42 7.89 44.98
CA ARG Q 63 66.69 7.27 43.87
C ARG Q 63 65.43 8.03 43.50
N ASP Q 64 64.64 8.47 44.48
CA ASP Q 64 63.40 9.18 44.16
C ASP Q 64 63.69 10.56 43.58
N GLU Q 65 64.64 11.28 44.17
CA GLU Q 65 65.02 12.57 43.62
C GLU Q 65 65.62 12.44 42.22
N TYR Q 66 66.29 11.33 41.94
CA TYR Q 66 66.81 11.08 40.60
C TYR Q 66 65.67 10.95 39.60
N TYR Q 67 64.64 10.18 39.94
CA TYR Q 67 63.49 10.04 39.05
C TYR Q 67 62.76 11.37 38.89
N HIS Q 68 62.66 12.16 39.96
CA HIS Q 68 62.02 13.47 39.85
C HIS Q 68 62.80 14.39 38.93
N LEU Q 69 64.14 14.39 39.05
CA LEU Q 69 64.96 15.21 38.17
C LEU Q 69 64.86 14.74 36.72
N LEU Q 70 64.79 13.43 36.50
CA LEU Q 70 64.62 12.92 35.15
C LEU Q 70 63.27 13.34 34.56
N ALA Q 71 62.21 13.29 35.37
CA ALA Q 71 60.90 13.72 34.89
C ALA Q 71 60.90 15.22 34.57
N GLU Q 72 61.55 16.03 35.42
CA GLU Q 72 61.64 17.46 35.15
C GLU Q 72 62.43 17.73 33.88
N LYS Q 73 63.52 16.99 33.67
CA LYS Q 73 64.31 17.16 32.45
C LYS Q 73 63.51 16.78 31.21
N ILE Q 74 62.74 15.70 31.29
CA ILE Q 74 61.91 15.28 30.16
C ILE Q 74 60.85 16.34 29.86
N TYR Q 75 60.22 16.88 30.91
CA TYR Q 75 59.22 17.91 30.72
C TYR Q 75 59.82 19.19 30.17
N LYS Q 76 61.08 19.47 30.51
CA LYS Q 76 61.72 20.69 30.02
C LYS Q 76 62.14 20.54 28.55
N ILE Q 77 62.69 19.38 28.19
CA ILE Q 77 63.17 19.19 26.82
C ILE Q 77 62.03 19.02 25.83
N GLN Q 78 60.84 18.65 26.29
CA GLN Q 78 59.70 18.49 25.39
C GLN Q 78 59.02 19.82 25.06
N LYS Q 79 59.58 20.95 25.53
CA LYS Q 79 59.06 22.28 25.22
C LYS Q 79 60.25 23.15 24.77
N GLU Q 80 60.86 22.77 23.65
CA GLU Q 80 62.05 23.42 23.14
C GLU Q 80 61.66 24.22 21.89
N LEU Q 81 61.75 23.66 20.68
CA LEU Q 81 61.42 24.38 19.46
C LEU Q 81 60.67 23.48 18.48
N GLU Q 82 59.48 23.06 18.90
CA GLU Q 82 58.60 22.23 18.08
C GLU Q 82 57.62 23.06 17.25
N GLU Q 83 57.96 24.31 16.95
CA GLU Q 83 57.13 25.23 16.18
C GLU Q 83 55.75 25.41 16.79
N LYS Q 84 55.63 25.18 18.10
CA LYS Q 84 54.37 25.32 18.83
C LYS Q 84 53.27 24.50 18.17
N SER Q 85 52.49 25.15 17.31
CA SER Q 85 51.41 24.49 16.57
C SER Q 85 50.95 25.44 15.48
N GLN Q 86 50.02 24.97 14.65
CA GLN Q 86 49.46 25.77 13.57
C GLN Q 86 48.07 26.31 13.87
N VAL Q 87 47.37 25.75 14.86
CA VAL Q 87 46.05 26.21 15.25
C VAL Q 87 46.00 26.70 16.68
N ARG Q 88 47.13 26.69 17.40
CA ARG Q 88 47.19 27.14 18.78
C ARG Q 88 47.30 28.65 18.80
N GLN Q 89 46.32 29.31 19.43
CA GLN Q 89 46.29 30.77 19.52
C GLN Q 89 45.84 31.16 20.92
N ASN Q 90 46.72 31.83 21.66
CA ASN Q 90 46.44 32.27 23.03
C ASN Q 90 46.06 31.10 23.92
N TYR Q 91 47.05 30.35 24.40
CA TYR Q 91 46.80 29.21 25.26
C TYR Q 91 48.04 28.97 26.12
N HIS Q 92 47.90 29.17 27.42
CA HIS Q 92 49.00 29.05 28.38
C HIS Q 92 49.18 27.58 28.77
N GLN Q 93 50.37 27.28 29.30
CA GLN Q 93 50.69 25.91 29.70
C GLN Q 93 49.89 25.48 30.93
N ASP Q 94 49.45 26.42 31.76
CA ASP Q 94 48.64 26.05 32.92
C ASP Q 94 47.31 25.45 32.51
N ALA Q 95 46.67 26.01 31.48
CA ALA Q 95 45.43 25.43 30.96
C ALA Q 95 45.68 24.04 30.38
N GLU Q 96 46.82 23.85 29.71
CA GLU Q 96 47.13 22.53 29.17
C GLU Q 96 47.33 21.51 30.28
N ALA Q 97 48.03 21.89 31.36
CA ALA Q 97 48.21 20.99 32.49
C ALA Q 97 46.89 20.68 33.16
N ALA Q 98 46.00 21.69 33.27
CA ALA Q 98 44.69 21.46 33.85
C ALA Q 98 43.85 20.51 33.00
N ILE Q 99 43.93 20.66 31.67
CA ILE Q 99 43.20 19.75 30.79
C ILE Q 99 43.76 18.33 30.90
N ASN Q 100 45.08 18.21 31.03
CA ASN Q 100 45.68 16.89 31.20
C ASN Q 100 45.23 16.24 32.51
N ARG Q 101 45.20 17.01 33.60
CA ARG Q 101 44.74 16.48 34.87
C ARG Q 101 43.27 16.10 34.80
N GLN Q 102 42.45 16.90 34.10
CA GLN Q 102 41.04 16.57 33.95
C GLN Q 102 40.85 15.30 33.14
N ILE Q 103 41.66 15.11 32.10
CA ILE Q 103 41.58 13.88 31.31
C ILE Q 103 41.99 12.68 32.14
N ASN Q 104 43.04 12.83 32.96
CA ASN Q 104 43.46 11.75 33.85
C ASN Q 104 42.36 11.40 34.84
N LEU Q 105 41.69 12.42 35.40
CA LEU Q 105 40.60 12.17 36.33
C LEU Q 105 39.42 11.49 35.64
N GLU Q 106 39.14 11.88 34.39
CA GLU Q 106 38.07 11.23 33.63
C GLU Q 106 38.40 9.76 33.38
N LEU Q 107 39.66 9.47 33.04
CA LEU Q 107 40.05 8.08 32.84
C LEU Q 107 39.97 7.28 34.13
N TYR Q 108 40.37 7.89 35.25
CA TYR Q 108 40.25 7.21 36.53
C TYR Q 108 38.79 6.94 36.89
N ALA Q 109 37.91 7.90 36.62
CA ALA Q 109 36.50 7.70 36.89
C ALA Q 109 35.92 6.60 36.00
N SER Q 110 36.33 6.55 34.73
CA SER Q 110 35.88 5.49 33.85
C SER Q 110 36.35 4.12 34.34
N TYR Q 111 37.60 4.06 34.82
CA TYR Q 111 38.12 2.79 35.35
C TYR Q 111 37.35 2.37 36.61
N VAL Q 112 37.04 3.33 37.48
CA VAL Q 112 36.29 3.01 38.70
C VAL Q 112 34.89 2.54 38.35
N TYR Q 113 34.26 3.18 37.36
CA TYR Q 113 32.92 2.76 36.96
C TYR Q 113 32.94 1.38 36.30
N LEU Q 114 33.99 1.08 35.53
CA LEU Q 114 34.12 -0.25 34.97
C LEU Q 114 34.30 -1.30 36.06
N SER Q 115 35.11 -0.99 37.07
CA SER Q 115 35.28 -1.91 38.20
C SER Q 115 33.97 -2.13 38.95
N MET Q 116 33.19 -1.06 39.12
CA MET Q 116 31.89 -1.19 39.78
C MET Q 116 30.94 -2.04 38.95
N SER Q 117 30.92 -1.84 37.63
CA SER Q 117 30.06 -2.63 36.76
C SER Q 117 30.45 -4.10 36.77
N CYS Q 118 31.76 -4.39 36.83
CA CYS Q 118 32.22 -5.77 36.86
C CYS Q 118 32.08 -6.42 38.23
N TYR Q 119 32.01 -5.63 39.29
CA TYR Q 119 31.84 -6.20 40.62
C TYR Q 119 30.40 -6.62 40.87
N PHE Q 120 29.44 -5.76 40.50
CA PHE Q 120 28.03 -6.09 40.69
C PHE Q 120 27.54 -7.16 39.72
N ASP Q 121 28.30 -7.44 38.66
CA ASP Q 121 27.96 -8.48 37.70
C ASP Q 121 28.47 -9.85 38.11
N ARG Q 122 29.11 -9.95 39.27
CA ARG Q 122 29.67 -11.22 39.73
C ARG Q 122 28.58 -12.14 40.26
N ASP Q 123 28.99 -13.21 40.96
CA ASP Q 123 28.05 -14.17 41.53
C ASP Q 123 27.71 -13.89 42.98
N ASP Q 124 28.58 -13.17 43.71
CA ASP Q 124 28.32 -12.86 45.11
C ASP Q 124 27.46 -11.62 45.30
N VAL Q 125 27.10 -10.92 44.22
CA VAL Q 125 26.27 -9.74 44.28
C VAL Q 125 24.96 -9.95 43.55
N ALA Q 126 25.02 -10.37 42.28
CA ALA Q 126 23.85 -10.68 41.46
C ALA Q 126 22.92 -9.46 41.34
N LEU Q 127 23.44 -8.42 40.69
CA LEU Q 127 22.69 -7.20 40.41
C LEU Q 127 23.00 -6.75 38.99
N LYS Q 128 22.11 -7.08 38.07
CA LYS Q 128 22.33 -6.78 36.66
C LYS Q 128 22.00 -5.33 36.30
N ASN Q 129 20.97 -4.74 36.93
CA ASN Q 129 20.61 -3.36 36.60
C ASN Q 129 21.69 -2.39 37.07
N PHE Q 130 22.23 -2.60 38.27
CA PHE Q 130 23.32 -1.76 38.75
C PHE Q 130 24.55 -1.90 37.85
N ALA Q 131 24.84 -3.13 37.41
CA ALA Q 131 25.98 -3.34 36.50
C ALA Q 131 25.77 -2.61 35.18
N LYS Q 132 24.55 -2.68 34.64
CA LYS Q 132 24.27 -1.98 33.38
C LYS Q 132 24.36 -0.47 33.55
N TYR Q 133 23.87 0.06 34.68
CA TYR Q 133 23.96 1.49 34.93
C TYR Q 133 25.42 1.93 35.07
N PHE Q 134 26.24 1.14 35.77
CA PHE Q 134 27.64 1.48 35.92
C PHE Q 134 28.38 1.38 34.59
N LEU Q 135 28.01 0.41 33.75
CA LEU Q 135 28.62 0.31 32.43
C LEU Q 135 28.24 1.51 31.56
N HIS Q 136 26.99 1.96 31.65
CA HIS Q 136 26.58 3.14 30.90
C HIS Q 136 27.32 4.38 31.40
N GLN Q 137 27.51 4.49 32.72
CA GLN Q 137 28.28 5.61 33.26
C GLN Q 137 29.73 5.57 32.80
N SER Q 138 30.31 4.37 32.74
CA SER Q 138 31.68 4.23 32.26
C SER Q 138 31.78 4.61 30.79
N HIS Q 139 30.78 4.22 29.99
CA HIS Q 139 30.76 4.62 28.59
C HIS Q 139 30.65 6.12 28.43
N GLU Q 140 29.81 6.76 29.27
CA GLU Q 140 29.70 8.21 29.23
C GLU Q 140 31.01 8.89 29.61
N GLU Q 141 31.69 8.37 30.63
CA GLU Q 141 32.98 8.92 31.02
C GLU Q 141 34.00 8.75 29.90
N ARG Q 142 33.98 7.60 29.22
CA ARG Q 142 34.90 7.37 28.12
CA ARG Q 142 34.90 7.37 28.11
C ARG Q 142 34.63 8.35 26.97
N GLU Q 143 33.35 8.57 26.66
CA GLU Q 143 33.00 9.52 25.60
C GLU Q 143 33.41 10.94 25.98
N HIS Q 144 33.23 11.31 27.25
CA HIS Q 144 33.66 12.64 27.69
C HIS Q 144 35.17 12.79 27.62
N ALA Q 145 35.91 11.74 27.97
CA ALA Q 145 37.37 11.79 27.87
C ALA Q 145 37.82 11.91 26.42
N GLU Q 146 37.17 11.16 25.52
CA GLU Q 146 37.51 11.26 24.10
C GLU Q 146 37.18 12.65 23.56
N LYS Q 147 36.07 13.24 24.01
CA LYS Q 147 35.71 14.58 23.58
C LYS Q 147 36.72 15.61 24.08
N LEU Q 148 37.18 15.46 25.32
CA LEU Q 148 38.21 16.34 25.85
C LEU Q 148 39.51 16.20 25.07
N MET Q 149 39.89 14.96 24.74
CA MET Q 149 41.09 14.75 23.94
C MET Q 149 40.97 15.38 22.56
N LYS Q 150 39.80 15.24 21.92
CA LYS Q 150 39.59 15.85 20.62
C LYS Q 150 39.63 17.37 20.70
N LEU Q 151 39.04 17.94 21.75
CA LEU Q 151 39.07 19.39 21.92
C LEU Q 151 40.49 19.89 22.15
N GLN Q 152 41.29 19.14 22.92
CA GLN Q 152 42.68 19.53 23.12
C GLN Q 152 43.48 19.41 21.83
N ASN Q 153 43.18 18.40 21.01
CA ASN Q 153 43.88 18.25 19.74
C ASN Q 153 43.49 19.36 18.76
N GLN Q 154 42.24 19.84 18.82
CA GLN Q 154 41.81 20.91 17.93
C GLN Q 154 42.40 22.26 18.33
N ARG Q 155 42.82 22.42 19.58
CA ARG Q 155 43.41 23.66 20.04
C ARG Q 155 44.92 23.70 19.89
N GLY Q 156 45.52 22.68 19.29
CA GLY Q 156 46.96 22.66 19.10
C GLY Q 156 47.75 22.45 20.37
N GLY Q 157 47.32 21.51 21.22
CA GLY Q 157 48.02 21.26 22.47
C GLY Q 157 48.46 19.82 22.62
N ARG Q 158 49.54 19.60 23.37
CA ARG Q 158 50.07 18.26 23.59
C ARG Q 158 49.28 17.56 24.69
N ILE Q 159 49.19 16.23 24.57
CA ILE Q 159 48.48 15.40 25.54
C ILE Q 159 49.51 14.46 26.16
N PHE Q 160 49.73 14.60 27.47
CA PHE Q 160 50.70 13.80 28.21
C PHE Q 160 49.92 12.74 28.98
N LEU Q 161 49.77 11.56 28.37
CA LEU Q 161 49.06 10.46 29.01
C LEU Q 161 49.95 9.81 30.06
N GLN Q 162 49.53 9.88 31.32
CA GLN Q 162 50.28 9.29 32.42
C GLN Q 162 49.74 7.88 32.70
N ASP Q 163 49.99 7.36 33.88
CA ASP Q 163 49.55 6.02 34.26
C ASP Q 163 48.21 6.11 35.00
N ILE Q 164 47.25 5.31 34.55
CA ILE Q 164 45.92 5.29 35.17
C ILE Q 164 46.02 4.57 36.50
N LYS Q 165 45.61 5.24 37.57
CA LYS Q 165 45.67 4.65 38.91
C LYS Q 165 44.55 3.63 39.09
N LYS Q 166 44.81 2.65 39.96
CA LYS Q 166 43.85 1.60 40.25
C LYS Q 166 42.89 2.04 41.36
N PRO Q 167 41.66 1.52 41.35
CA PRO Q 167 40.71 1.88 42.41
C PRO Q 167 41.20 1.40 43.77
N ASP Q 168 41.05 2.28 44.77
CA ASP Q 168 41.50 1.95 46.12
C ASP Q 168 40.61 0.91 46.79
N ARG Q 169 39.37 0.76 46.35
CA ARG Q 169 38.43 -0.19 46.93
C ARG Q 169 38.02 -1.19 45.85
N ASP Q 170 38.16 -2.47 46.16
CA ASP Q 170 37.81 -3.54 45.23
C ASP Q 170 36.57 -4.32 45.67
N ASP Q 171 36.35 -4.44 46.97
CA ASP Q 171 35.20 -5.17 47.51
C ASP Q 171 34.17 -4.14 47.97
N TRP Q 172 33.17 -3.89 47.12
CA TRP Q 172 32.13 -2.92 47.44
C TRP Q 172 31.05 -3.48 48.36
N CYS Q 173 31.06 -4.79 48.62
CA CYS Q 173 30.12 -5.43 49.54
C CYS Q 173 28.68 -5.19 49.12
N SER Q 174 28.05 -4.16 49.70
CA SER Q 174 26.66 -3.84 49.37
C SER Q 174 26.60 -2.84 48.23
N GLY Q 175 25.62 -1.94 48.28
CA GLY Q 175 25.46 -0.94 47.23
C GLY Q 175 25.56 0.49 47.73
N LEU Q 176 25.33 0.68 49.04
CA LEU Q 176 25.40 2.02 49.60
C LEU Q 176 26.81 2.58 49.57
N ASN Q 177 27.81 1.75 49.89
CA ASN Q 177 29.20 2.21 49.84
C ASN Q 177 29.60 2.58 48.41
N ALA Q 178 29.14 1.80 47.43
CA ALA Q 178 29.43 2.12 46.04
C ALA Q 178 28.79 3.45 45.63
N MET Q 179 27.56 3.70 46.09
CA MET Q 179 26.91 4.97 45.78
C MET Q 179 27.64 6.13 46.45
N GLU Q 180 28.10 5.95 47.68
CA GLU Q 180 28.85 7.01 48.35
C GLU Q 180 30.17 7.28 47.63
N SER Q 181 30.85 6.22 47.19
CA SER Q 181 32.11 6.41 46.45
C SER Q 181 31.86 7.12 45.13
N ALA Q 182 30.78 6.76 44.43
CA ALA Q 182 30.45 7.43 43.18
C ALA Q 182 30.11 8.90 43.41
N LEU Q 183 29.39 9.20 44.49
CA LEU Q 183 29.06 10.59 44.80
C LEU Q 183 30.32 11.39 45.13
N HIS Q 184 31.24 10.80 45.89
CA HIS Q 184 32.49 11.50 46.19
C HIS Q 184 33.31 11.71 44.93
N LEU Q 185 33.33 10.72 44.03
CA LEU Q 185 34.05 10.87 42.78
C LEU Q 185 33.45 11.96 41.91
N GLU Q 186 32.12 12.03 41.86
CA GLU Q 186 31.46 13.09 41.08
C GLU Q 186 31.71 14.46 41.69
N LYS Q 187 31.75 14.54 43.03
CA LYS Q 187 32.08 15.82 43.67
C LYS Q 187 33.51 16.23 43.37
N SER Q 188 34.44 15.28 43.36
CA SER Q 188 35.82 15.59 43.00
C SER Q 188 35.92 16.05 41.55
N VAL Q 189 35.18 15.40 40.65
CA VAL Q 189 35.18 15.82 39.25
C VAL Q 189 34.60 17.21 39.10
N ASN Q 190 33.54 17.53 39.85
CA ASN Q 190 32.96 18.86 39.79
C ASN Q 190 33.93 19.90 40.33
N GLN Q 191 34.65 19.58 41.40
CA GLN Q 191 35.65 20.51 41.92
C GLN Q 191 36.78 20.73 40.92
N SER Q 192 37.21 19.67 40.25
CA SER Q 192 38.24 19.82 39.23
C SER Q 192 37.75 20.67 38.06
N LEU Q 193 36.49 20.50 37.67
CA LEU Q 193 35.92 21.31 36.60
C LEU Q 193 35.83 22.78 37.02
N LEU Q 194 35.47 23.04 38.28
CA LEU Q 194 35.42 24.41 38.76
C LEU Q 194 36.81 25.03 38.78
N GLU Q 195 37.83 24.26 39.20
CA GLU Q 195 39.20 24.77 39.17
C GLU Q 195 39.66 25.04 37.75
N LEU Q 196 39.31 24.17 36.81
CA LEU Q 196 39.65 24.40 35.41
C LEU Q 196 38.98 25.65 34.87
N HIS Q 197 37.70 25.85 35.23
CA HIS Q 197 36.99 27.05 34.79
C HIS Q 197 37.64 28.30 35.36
N LYS Q 198 38.00 28.28 36.65
CA LYS Q 198 38.65 29.43 37.25
C LYS Q 198 40.01 29.72 36.61
N LEU Q 199 40.77 28.66 36.31
CA LEU Q 199 42.07 28.87 35.67
C LEU Q 199 41.93 29.40 34.25
N ALA Q 200 40.90 28.93 33.52
CA ALA Q 200 40.68 29.44 32.17
C ALA Q 200 40.18 30.88 32.21
N THR Q 201 39.41 31.26 33.23
CA THR Q 201 38.97 32.64 33.35
C THR Q 201 40.12 33.56 33.72
N ASP Q 202 41.00 33.11 34.62
CA ASP Q 202 42.13 33.93 35.03
C ASP Q 202 43.21 34.02 33.96
N LYS Q 203 43.21 33.11 33.00
CA LYS Q 203 44.21 33.10 31.92
C LYS Q 203 43.60 33.47 30.57
N ASN Q 204 42.39 34.03 30.57
CA ASN Q 204 41.71 34.47 29.35
C ASN Q 204 41.55 33.33 28.35
N ASP Q 205 40.55 32.49 28.56
CA ASP Q 205 40.24 31.38 27.65
C ASP Q 205 38.73 31.25 27.56
N PRO Q 206 38.09 32.03 26.69
CA PRO Q 206 36.63 32.02 26.63
C PRO Q 206 36.07 30.77 25.96
N HIS Q 207 36.74 30.28 24.93
CA HIS Q 207 36.23 29.14 24.18
C HIS Q 207 36.21 27.87 25.05
N LEU Q 208 37.34 27.57 25.70
CA LEU Q 208 37.39 26.39 26.57
C LEU Q 208 36.42 26.53 27.73
N CYS Q 209 36.33 27.72 28.31
CA CYS Q 209 35.40 27.96 29.41
C CYS Q 209 33.96 27.68 28.99
N ASP Q 210 33.56 28.23 27.84
CA ASP Q 210 32.20 28.01 27.35
C ASP Q 210 31.96 26.54 27.03
N PHE Q 211 32.93 25.88 26.41
CA PHE Q 211 32.76 24.47 26.07
C PHE Q 211 32.59 23.62 27.32
N ILE Q 212 33.40 23.88 28.36
CA ILE Q 212 33.31 23.11 29.58
C ILE Q 212 31.99 23.39 30.30
N GLU Q 213 31.57 24.66 30.35
CA GLU Q 213 30.34 24.99 31.07
C GLU Q 213 29.09 24.58 30.30
N THR Q 214 29.20 24.31 29.00
CA THR Q 214 28.05 23.91 28.19
C THR Q 214 27.96 22.40 28.00
N TYR Q 215 28.98 21.80 27.37
CA TYR Q 215 28.92 20.40 26.97
C TYR Q 215 29.51 19.45 28.00
N TYR Q 216 29.52 19.84 29.29
CA TYR Q 216 30.05 18.96 30.32
C TYR Q 216 29.29 19.12 31.63
N LEU Q 217 29.10 20.36 32.09
CA LEU Q 217 28.41 20.58 33.35
C LEU Q 217 26.94 20.17 33.28
N SER Q 218 26.32 20.30 32.10
CA SER Q 218 24.91 19.96 31.95
C SER Q 218 24.67 18.48 32.24
N GLU Q 219 25.66 17.62 32.00
CA GLU Q 219 25.54 16.20 32.31
C GLU Q 219 26.05 15.88 33.70
N GLN Q 220 27.11 16.56 34.15
CA GLN Q 220 27.66 16.29 35.47
C GLN Q 220 26.68 16.66 36.57
N VAL Q 221 25.98 17.79 36.42
CA VAL Q 221 24.99 18.19 37.43
C VAL Q 221 23.85 17.18 37.50
N LYS Q 222 23.40 16.71 36.33
CA LYS Q 222 22.32 15.71 36.31
C LYS Q 222 22.79 14.40 36.94
N SER Q 223 24.03 14.00 36.67
CA SER Q 223 24.55 12.77 37.27
C SER Q 223 24.66 12.90 38.78
N ILE Q 224 25.13 14.05 39.26
CA ILE Q 224 25.23 14.27 40.71
C ILE Q 224 23.85 14.26 41.34
N LYS Q 225 22.87 14.87 40.68
CA LYS Q 225 21.51 14.89 41.21
C LYS Q 225 20.92 13.48 41.26
N GLU Q 226 21.17 12.69 40.22
CA GLU Q 226 20.66 11.31 40.20
C GLU Q 226 21.32 10.47 41.28
N LEU Q 227 22.62 10.62 41.48
CA LEU Q 227 23.29 9.87 42.53
C LEU Q 227 22.80 10.31 43.91
N GLY Q 228 22.56 11.60 44.10
CA GLY Q 228 22.01 12.06 45.37
C GLY Q 228 20.62 11.51 45.63
N ASP Q 229 19.78 11.47 44.58
CA ASP Q 229 18.45 10.88 44.72
C ASP Q 229 18.53 9.40 45.06
N HIS Q 230 19.46 8.69 44.42
CA HIS Q 230 19.64 7.27 44.72
C HIS Q 230 20.09 7.05 46.16
N VAL Q 231 21.02 7.89 46.64
CA VAL Q 231 21.49 7.77 48.01
C VAL Q 231 20.36 8.08 48.99
N THR Q 232 19.55 9.10 48.68
CA THR Q 232 18.43 9.44 49.55
C THR Q 232 17.41 8.32 49.59
N ASN Q 233 17.15 7.68 48.44
CA ASN Q 233 16.22 6.55 48.42
C ASN Q 233 16.76 5.36 49.19
N LEU Q 234 18.08 5.11 49.10
CA LEU Q 234 18.67 3.99 49.82
C LEU Q 234 18.70 4.23 51.32
N ARG Q 235 18.86 5.49 51.75
CA ARG Q 235 18.94 5.83 53.16
C ARG Q 235 17.57 6.09 53.77
N LYS Q 236 16.50 5.55 53.17
CA LYS Q 236 15.15 5.71 53.72
C LYS Q 236 14.38 4.41 53.66
N MET Q 237 14.65 3.59 52.65
CA MET Q 237 13.94 2.31 52.52
C MET Q 237 14.38 1.32 53.57
N GLY Q 238 15.64 1.35 53.98
CA GLY Q 238 16.13 0.45 55.00
C GLY Q 238 17.51 -0.09 54.73
N ALA Q 239 18.11 0.31 53.61
CA ALA Q 239 19.44 -0.14 53.26
C ALA Q 239 20.47 0.43 54.25
N PRO Q 240 21.53 -0.32 54.55
CA PRO Q 240 21.81 -1.66 54.02
C PRO Q 240 21.18 -2.78 54.85
N CYS Q 241 20.44 -2.43 55.89
CA CYS Q 241 19.80 -3.41 56.77
C CYS Q 241 18.43 -3.84 56.27
N ALA Q 242 18.27 -3.97 54.95
CA ALA Q 242 16.99 -4.41 54.38
C ALA Q 242 17.30 -5.02 53.01
N GLY Q 243 17.32 -6.36 52.95
CA GLY Q 243 17.62 -7.05 51.71
C GLY Q 243 16.56 -6.87 50.64
N MET Q 244 15.30 -6.67 51.02
CA MET Q 244 14.25 -6.47 50.05
C MET Q 244 14.28 -5.08 49.42
N ALA Q 245 14.80 -4.09 50.15
CA ALA Q 245 14.87 -2.74 49.60
C ALA Q 245 15.82 -2.66 48.42
N GLU Q 246 16.95 -3.38 48.48
CA GLU Q 246 17.88 -3.40 47.36
C GLU Q 246 17.23 -4.04 46.14
N TYR Q 247 16.51 -5.14 46.32
CA TYR Q 247 15.84 -5.78 45.19
C TYR Q 247 14.75 -4.89 44.61
N LEU Q 248 14.04 -4.16 45.47
CA LEU Q 248 13.01 -3.24 44.99
C LEU Q 248 13.62 -2.11 44.19
N PHE Q 249 14.72 -1.52 44.68
CA PHE Q 249 15.39 -0.46 43.94
C PHE Q 249 16.03 -0.98 42.65
N ASP Q 250 16.38 -2.27 42.61
CA ASP Q 250 16.97 -2.84 41.40
C ASP Q 250 15.91 -3.11 40.34
N LYS Q 251 14.78 -3.69 40.73
CA LYS Q 251 13.74 -4.10 39.79
C LYS Q 251 12.70 -3.02 39.55
N HIS Q 252 13.06 -1.75 39.74
CA HIS Q 252 12.13 -0.65 39.50
C HIS Q 252 12.84 0.59 38.98
N THR Q 253 13.82 1.08 39.74
CA THR Q 253 14.54 2.30 39.34
C THR Q 253 15.41 2.04 38.11
N LEU Q 254 16.42 1.18 38.25
CA LEU Q 254 17.33 0.87 37.16
C LEU Q 254 16.86 -0.31 36.32
N GLY Q 255 15.66 -0.83 36.57
CA GLY Q 255 15.15 -1.96 35.82
C GLY Q 255 14.19 -1.56 34.71
N THR R 13 38.06 1.77 -69.43
CA THR R 13 38.49 3.14 -69.74
C THR R 13 37.28 4.07 -69.86
N GLN R 14 36.09 3.49 -69.85
CA GLN R 14 34.85 4.25 -69.94
C GLN R 14 34.05 4.26 -68.65
N ASP R 15 34.55 3.61 -67.60
CA ASP R 15 33.84 3.59 -66.32
C ASP R 15 33.78 4.99 -65.71
N LEU R 16 34.93 5.67 -65.65
CA LEU R 16 34.96 7.02 -65.11
C LEU R 16 34.15 7.97 -65.98
N ARG R 17 34.21 7.79 -67.30
CA ARG R 17 33.43 8.64 -68.20
C ARG R 17 31.93 8.47 -67.96
N SER R 18 31.48 7.23 -67.81
CA SER R 18 30.07 6.98 -67.52
C SER R 18 29.68 7.55 -66.16
N HIS R 19 30.56 7.41 -65.17
CA HIS R 19 30.24 7.93 -63.84
C HIS R 19 30.18 9.45 -63.82
N LEU R 20 31.01 10.12 -64.62
CA LEU R 20 30.97 11.58 -64.67
C LEU R 20 29.84 12.11 -65.56
N VAL R 21 29.39 11.32 -66.53
CA VAL R 21 28.26 11.76 -67.35
C VAL R 21 26.91 11.45 -66.72
N HIS R 22 26.83 10.43 -65.86
CA HIS R 22 25.59 10.11 -65.18
C HIS R 22 25.23 11.08 -64.07
N LYS R 23 26.04 12.12 -63.86
CA LYS R 23 25.74 13.13 -62.84
C LYS R 23 24.90 14.26 -63.41
N LEU R 24 25.31 14.84 -64.55
CA LEU R 24 24.56 15.94 -65.13
C LEU R 24 23.23 15.46 -65.71
N VAL R 25 23.21 14.27 -66.33
CA VAL R 25 21.98 13.77 -66.90
C VAL R 25 20.96 13.42 -65.81
N GLN R 26 21.40 13.24 -64.57
CA GLN R 26 20.48 13.04 -63.46
C GLN R 26 20.15 14.35 -62.76
N ALA R 27 21.06 15.33 -62.79
CA ALA R 27 20.79 16.61 -62.16
C ALA R 27 19.84 17.47 -62.99
N ILE R 28 19.85 17.29 -64.30
CA ILE R 28 18.95 18.07 -65.16
C ILE R 28 17.50 17.64 -64.92
N PHE R 29 17.21 16.35 -65.11
CA PHE R 29 15.87 15.80 -64.95
C PHE R 29 15.95 14.72 -63.87
N PRO R 30 15.77 15.09 -62.61
CA PRO R 30 15.95 14.12 -61.52
C PRO R 30 14.74 13.26 -61.22
N CYS R 31 13.54 13.64 -61.68
CA CYS R 31 12.30 12.92 -61.35
C CYS R 31 11.68 12.38 -62.64
N PRO R 32 12.07 11.18 -63.07
CA PRO R 32 11.44 10.57 -64.24
C PRO R 32 10.05 10.03 -63.91
N ASP R 33 9.08 10.92 -63.76
CA ASP R 33 7.74 10.51 -63.36
C ASP R 33 7.02 9.85 -64.52
N PRO R 34 6.65 8.57 -64.41
CA PRO R 34 5.93 7.90 -65.50
C PRO R 34 4.43 8.12 -65.48
N CYS R 35 3.90 8.90 -64.54
CA CYS R 35 2.47 9.13 -64.42
C CYS R 35 1.99 10.30 -65.26
N ALA R 36 2.70 10.62 -66.35
CA ALA R 36 2.31 11.72 -67.21
C ALA R 36 2.74 11.47 -68.65
N LEU R 37 3.91 11.99 -69.03
CA LEU R 37 4.41 11.83 -70.38
C LEU R 37 5.10 10.47 -70.54
N LYS R 38 5.70 10.25 -71.70
CA LYS R 38 6.39 9.00 -71.98
C LYS R 38 7.85 9.07 -71.53
N ASP R 39 8.76 8.48 -72.30
CA ASP R 39 10.17 8.46 -71.95
C ASP R 39 11.06 8.81 -73.14
N ARG R 40 10.52 9.54 -74.13
CA ARG R 40 11.33 9.97 -75.26
C ARG R 40 11.99 11.32 -75.02
N ARG R 41 11.34 12.20 -74.25
CA ARG R 41 11.96 13.48 -73.91
C ARG R 41 13.18 13.27 -73.02
N MET R 42 13.13 12.27 -72.13
CA MET R 42 14.29 11.94 -71.31
C MET R 42 15.45 11.47 -72.19
N GLU R 43 15.16 10.65 -73.18
CA GLU R 43 16.23 10.18 -74.08
C GLU R 43 16.79 11.34 -74.91
N ASN R 44 15.92 12.26 -75.35
CA ASN R 44 16.40 13.43 -76.08
C ASN R 44 17.30 14.30 -75.20
N LEU R 45 16.91 14.50 -73.95
CA LEU R 45 17.74 15.26 -73.02
C LEU R 45 19.07 14.56 -72.77
N VAL R 46 19.05 13.24 -72.64
CA VAL R 46 20.29 12.49 -72.43
C VAL R 46 21.21 12.63 -73.64
N ALA R 47 20.65 12.55 -74.85
CA ALA R 47 21.47 12.70 -76.05
C ALA R 47 22.04 14.11 -76.15
N TYR R 48 21.24 15.13 -75.81
CA TYR R 48 21.72 16.50 -75.84
C TYR R 48 22.84 16.70 -74.82
N ALA R 49 22.68 16.15 -73.62
CA ALA R 49 23.72 16.26 -72.60
C ALA R 49 24.99 15.53 -73.02
N LYS R 50 24.85 14.38 -73.69
CA LYS R 50 26.01 13.66 -74.18
C LYS R 50 26.74 14.46 -75.24
N LYS R 51 26.00 15.09 -76.16
CA LYS R 51 26.63 15.91 -77.18
C LYS R 51 27.34 17.12 -76.56
N VAL R 52 26.70 17.74 -75.56
CA VAL R 52 27.33 18.89 -74.88
C VAL R 52 28.61 18.46 -74.18
N GLU R 53 28.57 17.33 -73.48
CA GLU R 53 29.76 16.82 -72.82
C GLU R 53 30.85 16.50 -73.83
N GLY R 54 30.48 15.92 -74.97
CA GLY R 54 31.47 15.62 -75.98
C GLY R 54 32.16 16.85 -76.53
N ASP R 55 31.37 17.88 -76.87
CA ASP R 55 31.98 19.08 -77.43
C ASP R 55 32.79 19.84 -76.40
N MET R 56 32.34 19.85 -75.13
CA MET R 56 33.11 20.56 -74.11
C MET R 56 34.34 19.78 -73.67
N TYR R 57 34.37 18.46 -73.87
CA TYR R 57 35.60 17.71 -73.66
C TYR R 57 36.56 17.86 -74.83
N GLU R 58 36.02 17.99 -76.05
CA GLU R 58 36.87 18.30 -77.20
C GLU R 58 37.49 19.68 -77.05
N SER R 59 36.74 20.63 -76.50
CA SER R 59 37.22 22.00 -76.30
C SER R 59 37.82 22.20 -74.91
N ALA R 60 38.41 21.15 -74.33
CA ALA R 60 39.02 21.22 -73.02
C ALA R 60 40.52 21.46 -73.15
N ASN R 61 41.26 21.29 -72.07
CA ASN R 61 42.71 21.52 -72.09
C ASN R 61 43.42 20.73 -71.01
N SER R 62 42.81 20.60 -69.84
CA SER R 62 43.42 19.89 -68.73
C SER R 62 42.36 19.00 -68.07
N ARG R 63 42.59 18.63 -66.83
CA ARG R 63 41.69 17.74 -66.09
C ARG R 63 41.09 18.39 -64.86
N ASP R 64 41.88 19.10 -64.06
CA ASP R 64 41.35 19.73 -62.85
C ASP R 64 40.40 20.88 -63.20
N GLU R 65 40.78 21.72 -64.17
CA GLU R 65 39.90 22.80 -64.60
C GLU R 65 38.62 22.25 -65.21
N TYR R 66 38.69 21.08 -65.85
CA TYR R 66 37.48 20.46 -66.39
C TYR R 66 36.52 20.07 -65.27
N TYR R 67 37.05 19.46 -64.20
CA TYR R 67 36.20 19.12 -63.07
C TYR R 67 35.64 20.36 -62.38
N HIS R 68 36.45 21.41 -62.29
CA HIS R 68 35.97 22.66 -61.69
C HIS R 68 34.83 23.26 -62.52
N LEU R 69 34.98 23.25 -63.85
CA LEU R 69 33.93 23.78 -64.72
C LEU R 69 32.67 22.92 -64.63
N LEU R 70 32.84 21.60 -64.52
CA LEU R 70 31.67 20.73 -64.35
C LEU R 70 30.95 21.00 -63.04
N ALA R 71 31.71 21.21 -61.96
CA ALA R 71 31.10 21.53 -60.68
C ALA R 71 30.37 22.87 -60.74
N GLU R 72 30.98 23.86 -61.39
CA GLU R 72 30.31 25.16 -61.53
C GLU R 72 29.04 25.04 -62.35
N LYS R 73 29.07 24.23 -63.42
CA LYS R 73 27.87 24.04 -64.24
C LYS R 73 26.77 23.34 -63.45
N ILE R 74 27.13 22.34 -62.65
CA ILE R 74 26.15 21.65 -61.82
C ILE R 74 25.54 22.60 -60.81
N TYR R 75 26.38 23.44 -60.17
CA TYR R 75 25.87 24.40 -59.20
C TYR R 75 25.00 25.46 -59.86
N LYS R 76 25.28 25.80 -61.13
CA LYS R 76 24.48 26.79 -61.82
C LYS R 76 23.13 26.22 -62.24
N ILE R 77 23.12 24.99 -62.77
CA ILE R 77 21.88 24.41 -63.27
C ILE R 77 20.94 23.99 -62.14
N GLN R 78 21.45 23.80 -60.93
CA GLN R 78 20.62 23.43 -59.80
C GLN R 78 19.90 24.63 -59.18
N LYS R 79 20.05 25.82 -59.76
CA LYS R 79 19.35 27.03 -59.30
C LYS R 79 18.71 27.70 -60.52
N GLU R 80 17.77 27.01 -61.13
CA GLU R 80 17.11 27.45 -62.35
C GLU R 80 15.68 27.87 -62.02
N LEU R 81 14.70 26.99 -62.10
CA LEU R 81 13.29 27.35 -61.83
C LEU R 81 12.59 26.22 -61.06
N GLU R 82 13.09 25.97 -59.85
CA GLU R 82 12.51 24.97 -58.96
C GLU R 82 11.46 25.55 -58.03
N GLU R 83 10.81 26.65 -58.44
CA GLU R 83 9.81 27.38 -57.64
C GLU R 83 10.31 27.71 -56.23
N LYS R 84 11.62 27.88 -56.09
CA LYS R 84 12.24 28.25 -54.83
C LYS R 84 11.81 27.31 -53.71
N SER R 85 10.79 27.71 -52.96
CA SER R 85 10.24 26.89 -51.87
C SER R 85 8.90 27.51 -51.46
N GLN R 86 8.21 26.85 -50.54
CA GLN R 86 6.94 27.32 -50.02
C GLN R 86 7.05 27.96 -48.65
N VAL R 87 8.13 27.72 -47.92
CA VAL R 87 8.34 28.31 -46.61
C VAL R 87 9.57 29.20 -46.54
N ARG R 88 10.29 29.35 -47.66
CA ARG R 88 11.50 30.18 -47.70
C ARG R 88 11.09 31.63 -47.86
N GLN R 89 11.48 32.48 -46.90
CA GLN R 89 11.15 33.90 -46.91
C GLN R 89 12.37 34.68 -46.45
N ASN R 90 12.92 35.51 -47.34
CA ASN R 90 14.10 36.32 -47.06
C ASN R 90 15.26 35.46 -46.62
N TYR R 91 15.96 34.85 -47.58
CA TYR R 91 17.11 34.01 -47.28
C TYR R 91 18.03 33.99 -48.50
N HIS R 92 19.22 34.56 -48.33
CA HIS R 92 20.20 34.68 -49.41
C HIS R 92 21.00 33.38 -49.54
N GLN R 93 21.62 33.21 -50.71
CA GLN R 93 22.40 32.01 -50.97
C GLN R 93 23.68 31.97 -50.13
N ASP R 94 24.20 33.12 -49.71
CA ASP R 94 25.40 33.12 -48.87
C ASP R 94 25.13 32.45 -47.53
N ALA R 95 23.97 32.72 -46.93
CA ALA R 95 23.61 32.05 -45.68
C ALA R 95 23.45 30.55 -45.89
N GLU R 96 22.89 30.14 -47.04
CA GLU R 96 22.76 28.71 -47.32
C GLU R 96 24.12 28.04 -47.45
N ALA R 97 25.05 28.70 -48.15
CA ALA R 97 26.40 28.14 -48.28
C ALA R 97 27.10 28.09 -46.93
N ALA R 98 26.89 29.09 -46.08
CA ALA R 98 27.49 29.09 -44.75
C ALA R 98 26.91 27.96 -43.90
N ILE R 99 25.60 27.72 -44.00
CA ILE R 99 24.99 26.62 -43.26
C ILE R 99 25.52 25.28 -43.77
N ASN R 100 25.71 25.16 -45.09
CA ASN R 100 26.27 23.92 -45.64
C ASN R 100 27.69 23.68 -45.15
N ARG R 101 28.51 24.73 -45.12
CA ARG R 101 29.87 24.60 -44.62
C ARG R 101 29.87 24.26 -43.13
N GLN R 102 28.96 24.85 -42.36
CA GLN R 102 28.86 24.53 -40.94
C GLN R 102 28.45 23.08 -40.73
N ILE R 103 27.52 22.58 -41.55
CA ILE R 103 27.11 21.18 -41.44
C ILE R 103 28.27 20.26 -41.80
N ASN R 104 29.03 20.61 -42.83
CA ASN R 104 30.20 19.82 -43.19
C ASN R 104 31.22 19.79 -42.07
N LEU R 105 31.45 20.94 -41.43
CA LEU R 105 32.38 20.99 -40.30
C LEU R 105 31.88 20.18 -39.12
N GLU R 106 30.57 20.21 -38.87
CA GLU R 106 29.99 19.39 -37.80
C GLU R 106 30.18 17.91 -38.08
N LEU R 107 29.97 17.50 -39.33
CA LEU R 107 30.18 16.09 -39.69
C LEU R 107 31.64 15.70 -39.56
N TYR R 108 32.55 16.59 -39.95
CA TYR R 108 33.97 16.31 -39.80
C TYR R 108 34.36 16.19 -38.33
N ALA R 109 33.80 17.06 -37.48
CA ALA R 109 34.08 16.98 -36.05
C ALA R 109 33.53 15.70 -35.45
N SER R 110 32.33 15.28 -35.89
CA SER R 110 31.77 14.01 -35.42
C SER R 110 32.64 12.84 -35.84
N TYR R 111 33.15 12.87 -37.06
CA TYR R 111 34.04 11.79 -37.53
C TYR R 111 35.33 11.76 -36.73
N VAL R 112 35.90 12.94 -36.44
CA VAL R 112 37.13 13.01 -35.66
C VAL R 112 36.89 12.49 -34.24
N TYR R 113 35.76 12.84 -33.65
CA TYR R 113 35.45 12.36 -32.30
C TYR R 113 35.21 10.86 -32.29
N LEU R 114 34.59 10.32 -33.34
CA LEU R 114 34.43 8.87 -33.45
C LEU R 114 35.78 8.18 -33.57
N SER R 115 36.68 8.75 -34.37
CA SER R 115 38.02 8.17 -34.50
C SER R 115 38.76 8.22 -33.16
N MET R 116 38.61 9.31 -32.42
CA MET R 116 39.24 9.40 -31.11
C MET R 116 38.67 8.38 -30.13
N SER R 117 37.34 8.20 -30.15
CA SER R 117 36.71 7.22 -29.28
C SER R 117 37.14 5.80 -29.63
N CYS R 118 37.32 5.51 -30.92
CA CYS R 118 37.74 4.17 -31.32
C CYS R 118 39.24 3.95 -31.15
N TYR R 119 40.04 5.01 -31.08
CA TYR R 119 41.48 4.85 -30.86
C TYR R 119 41.79 4.56 -29.41
N PHE R 120 41.16 5.30 -28.48
CA PHE R 120 41.40 5.07 -27.06
C PHE R 120 40.77 3.78 -26.56
N ASP R 121 39.85 3.19 -27.32
CA ASP R 121 39.21 1.94 -26.96
C ASP R 121 40.00 0.72 -27.43
N ARG R 122 41.17 0.94 -28.04
CA ARG R 122 41.98 -0.16 -28.54
C ARG R 122 42.72 -0.87 -27.42
N ASP R 123 43.70 -1.70 -27.78
CA ASP R 123 44.51 -2.44 -26.80
C ASP R 123 45.81 -1.74 -26.44
N ASP R 124 46.32 -0.87 -27.31
CA ASP R 124 47.57 -0.16 -27.05
C ASP R 124 47.37 1.09 -26.23
N VAL R 125 46.13 1.46 -25.91
CA VAL R 125 45.82 2.65 -25.12
C VAL R 125 45.15 2.27 -23.81
N ALA R 126 44.06 1.50 -23.88
CA ALA R 126 43.34 1.01 -22.71
C ALA R 126 42.84 2.17 -21.83
N LEU R 127 41.94 2.97 -22.39
CA LEU R 127 41.32 4.08 -21.69
C LEU R 127 39.84 4.09 -22.05
N LYS R 128 39.01 3.53 -21.16
CA LYS R 128 37.57 3.43 -21.41
C LYS R 128 36.83 4.72 -21.14
N ASN R 129 37.22 5.49 -20.12
CA ASN R 129 36.52 6.72 -19.82
C ASN R 129 36.72 7.76 -20.91
N PHE R 130 37.95 7.88 -21.43
CA PHE R 130 38.18 8.80 -22.54
C PHE R 130 37.41 8.37 -23.78
N ALA R 131 37.33 7.07 -24.03
CA ALA R 131 36.56 6.59 -25.18
C ALA R 131 35.08 6.90 -25.02
N LYS R 132 34.54 6.72 -23.81
CA LYS R 132 33.13 7.03 -23.57
C LYS R 132 32.87 8.53 -23.71
N TYR R 133 33.79 9.36 -23.22
CA TYR R 133 33.63 10.80 -23.36
C TYR R 133 33.67 11.23 -24.83
N PHE R 134 34.59 10.66 -25.60
CA PHE R 134 34.68 10.99 -27.02
C PHE R 134 33.45 10.50 -27.77
N LEU R 135 32.91 9.33 -27.38
CA LEU R 135 31.69 8.84 -28.01
C LEU R 135 30.50 9.75 -27.69
N HIS R 136 30.42 10.24 -26.45
CA HIS R 136 29.37 11.17 -26.09
C HIS R 136 29.51 12.49 -26.87
N GLN R 137 30.74 12.96 -27.04
CA GLN R 137 30.96 14.17 -27.82
C GLN R 137 30.58 13.95 -29.29
N SER R 138 30.89 12.78 -29.83
CA SER R 138 30.50 12.47 -31.21
C SER R 138 28.98 12.41 -31.34
N HIS R 139 28.29 11.84 -30.35
CA HIS R 139 26.83 11.81 -30.37
C HIS R 139 26.26 13.22 -30.30
N GLU R 140 26.86 14.09 -29.48
CA GLU R 140 26.40 15.48 -29.41
C GLU R 140 26.61 16.20 -30.74
N GLU R 141 27.76 15.97 -31.38
CA GLU R 141 28.01 16.58 -32.68
C GLU R 141 27.02 16.07 -33.72
N ARG R 142 26.69 14.78 -33.67
CA ARG R 142 25.71 14.22 -34.61
CA ARG R 142 25.71 14.21 -34.60
C ARG R 142 24.34 14.83 -34.38
N GLU R 143 23.94 15.00 -33.12
CA GLU R 143 22.65 15.61 -32.82
C GLU R 143 22.62 17.07 -33.27
N HIS R 144 23.73 17.79 -33.08
CA HIS R 144 23.79 19.18 -33.55
C HIS R 144 23.70 19.26 -35.06
N ALA R 145 24.36 18.33 -35.76
CA ALA R 145 24.30 18.31 -37.22
C ALA R 145 22.87 18.00 -37.70
N GLU R 146 22.21 17.04 -37.05
CA GLU R 146 20.84 16.74 -37.41
C GLU R 146 19.91 17.92 -37.13
N LYS R 147 20.15 18.64 -36.03
CA LYS R 147 19.35 19.81 -35.74
C LYS R 147 19.57 20.91 -36.77
N LEU R 148 20.82 21.11 -37.20
CA LEU R 148 21.09 22.08 -38.24
C LEU R 148 20.42 21.69 -39.56
N MET R 149 20.45 20.40 -39.89
CA MET R 149 19.79 19.93 -41.12
C MET R 149 18.28 20.16 -41.04
N LYS R 150 17.69 19.87 -39.88
CA LYS R 150 16.25 20.08 -39.72
C LYS R 150 15.89 21.56 -39.79
N LEU R 151 16.73 22.42 -39.21
CA LEU R 151 16.48 23.86 -39.28
C LEU R 151 16.59 24.37 -40.71
N GLN R 152 17.56 23.85 -41.47
CA GLN R 152 17.69 24.24 -42.87
C GLN R 152 16.50 23.74 -43.69
N ASN R 153 16.01 22.54 -43.38
CA ASN R 153 14.84 22.03 -44.08
C ASN R 153 13.58 22.81 -43.75
N GLN R 154 13.47 23.33 -42.52
CA GLN R 154 12.30 24.11 -42.14
C GLN R 154 12.32 25.50 -42.76
N ARG R 155 13.48 26.00 -43.17
CA ARG R 155 13.59 27.32 -43.79
C ARG R 155 13.47 27.26 -45.31
N GLY R 156 13.20 26.09 -45.88
CA GLY R 156 13.07 25.98 -47.33
C GLY R 156 14.37 26.12 -48.08
N GLY R 157 15.44 25.48 -47.61
CA GLY R 157 16.72 25.57 -48.27
C GLY R 157 17.28 24.22 -48.66
N ARG R 158 18.09 24.19 -49.72
CA ARG R 158 18.70 22.97 -50.21
C ARG R 158 19.93 22.61 -49.37
N ILE R 159 20.19 21.32 -49.24
CA ILE R 159 21.34 20.81 -48.49
C ILE R 159 22.22 20.06 -49.47
N PHE R 160 23.44 20.57 -49.67
CA PHE R 160 24.40 19.98 -50.60
C PHE R 160 25.43 19.19 -49.77
N LEU R 161 25.17 17.90 -49.60
CA LEU R 161 26.08 17.05 -48.83
C LEU R 161 27.29 16.69 -49.68
N GLN R 162 28.46 17.13 -49.24
CA GLN R 162 29.71 16.87 -49.95
C GLN R 162 30.35 15.61 -49.37
N ASP R 163 31.66 15.43 -49.58
CA ASP R 163 32.38 14.27 -49.09
C ASP R 163 33.02 14.60 -47.74
N ILE R 164 32.81 13.73 -46.76
CA ILE R 164 33.36 13.93 -45.43
C ILE R 164 34.84 13.62 -45.47
N LYS R 165 35.68 14.57 -45.06
CA LYS R 165 37.12 14.38 -45.08
C LYS R 165 37.55 13.48 -43.93
N LYS R 166 38.67 12.78 -44.14
CA LYS R 166 39.23 11.89 -43.14
C LYS R 166 40.13 12.65 -42.18
N PRO R 167 40.24 12.19 -40.93
CA PRO R 167 41.12 12.86 -39.98
C PRO R 167 42.58 12.77 -40.42
N ASP R 168 43.29 13.90 -40.28
CA ASP R 168 44.69 13.96 -40.70
C ASP R 168 45.61 13.17 -39.76
N ARG R 169 45.19 12.95 -38.51
CA ARG R 169 45.99 12.23 -37.54
C ARG R 169 45.23 10.97 -37.12
N ASP R 170 45.89 9.82 -37.21
CA ASP R 170 45.30 8.55 -36.84
C ASP R 170 45.90 7.95 -35.57
N ASP R 171 47.18 8.20 -35.32
CA ASP R 171 47.87 7.70 -34.14
C ASP R 171 47.99 8.85 -33.14
N TRP R 172 47.09 8.87 -32.16
CA TRP R 172 47.09 9.92 -31.14
C TRP R 172 48.10 9.67 -30.03
N CYS R 173 48.72 8.48 -29.99
CA CYS R 173 49.76 8.15 -29.02
C CYS R 173 49.24 8.31 -27.59
N SER R 174 49.50 9.48 -26.98
CA SER R 174 49.06 9.73 -25.62
C SER R 174 47.67 10.37 -25.60
N GLY R 175 47.44 11.28 -24.66
CA GLY R 175 46.15 11.93 -24.55
C GLY R 175 46.24 13.44 -24.68
N LEU R 176 47.42 14.00 -24.44
CA LEU R 176 47.58 15.45 -24.54
C LEU R 176 47.43 15.94 -25.98
N ASN R 177 47.98 15.20 -26.95
CA ASN R 177 47.85 15.60 -28.34
C ASN R 177 46.39 15.53 -28.79
N ALA R 178 45.66 14.52 -28.32
CA ALA R 178 44.24 14.43 -28.65
C ALA R 178 43.46 15.60 -28.06
N MET R 179 43.79 16.00 -26.83
CA MET R 179 43.13 17.14 -26.23
C MET R 179 43.44 18.43 -26.98
N GLU R 180 44.69 18.60 -27.40
CA GLU R 180 45.05 19.78 -28.18
C GLU R 180 44.33 19.80 -29.53
N SER R 181 44.22 18.64 -30.18
CA SER R 181 43.49 18.58 -31.45
C SER R 181 42.02 18.89 -31.25
N ALA R 182 41.42 18.37 -30.17
CA ALA R 182 40.02 18.67 -29.90
C ALA R 182 39.82 20.15 -29.60
N LEU R 183 40.76 20.77 -28.87
CA LEU R 183 40.65 22.20 -28.58
C LEU R 183 40.76 23.02 -29.86
N HIS R 184 41.69 22.66 -30.74
CA HIS R 184 41.81 23.37 -32.01
C HIS R 184 40.56 23.20 -32.86
N LEU R 185 39.99 21.99 -32.86
CA LEU R 185 38.76 21.76 -33.61
C LEU R 185 37.60 22.57 -33.06
N GLU R 186 37.49 22.67 -31.73
CA GLU R 186 36.44 23.47 -31.13
C GLU R 186 36.64 24.96 -31.41
N LYS R 187 37.89 25.42 -31.43
CA LYS R 187 38.16 26.81 -31.78
C LYS R 187 37.79 27.08 -33.23
N SER R 188 38.07 26.13 -34.13
CA SER R 188 37.68 26.31 -35.53
C SER R 188 36.17 26.33 -35.67
N VAL R 189 35.47 25.47 -34.92
CA VAL R 189 34.00 25.47 -34.96
C VAL R 189 33.44 26.78 -34.43
N ASN R 190 34.05 27.31 -33.38
CA ASN R 190 33.61 28.60 -32.84
C ASN R 190 33.84 29.72 -33.83
N GLN R 191 34.99 29.70 -34.52
CA GLN R 191 35.26 30.71 -35.54
C GLN R 191 34.26 30.61 -36.69
N SER R 192 33.92 29.38 -37.10
CA SER R 192 32.93 29.21 -38.16
C SER R 192 31.57 29.71 -37.71
N LEU R 193 31.20 29.46 -36.46
CA LEU R 193 29.92 29.96 -35.94
C LEU R 193 29.91 31.49 -35.88
N LEU R 194 31.04 32.10 -35.51
CA LEU R 194 31.10 33.56 -35.51
C LEU R 194 30.99 34.12 -36.92
N GLU R 195 31.63 33.47 -37.90
CA GLU R 195 31.51 33.91 -39.28
C GLU R 195 30.07 33.77 -39.78
N LEU R 196 29.40 32.66 -39.42
CA LEU R 196 28.01 32.47 -39.79
C LEU R 196 27.12 33.55 -39.17
N HIS R 197 27.36 33.88 -37.90
CA HIS R 197 26.60 34.91 -37.23
C HIS R 197 26.80 36.27 -37.90
N LYS R 198 28.05 36.59 -38.25
CA LYS R 198 28.32 37.86 -38.93
C LYS R 198 27.66 37.91 -40.29
N LEU R 199 27.69 36.80 -41.03
CA LEU R 199 27.06 36.77 -42.35
C LEU R 199 25.54 36.89 -42.25
N ALA R 200 24.94 36.26 -41.23
CA ALA R 200 23.50 36.37 -41.03
C ALA R 200 23.11 37.78 -40.59
N THR R 201 23.97 38.44 -39.82
CA THR R 201 23.68 39.82 -39.41
C THR R 201 23.82 40.77 -40.59
N ASP R 202 24.82 40.57 -41.44
CA ASP R 202 25.01 41.44 -42.59
C ASP R 202 23.98 41.19 -43.69
N LYS R 203 23.32 40.04 -43.68
CA LYS R 203 22.32 39.71 -44.69
C LYS R 203 20.90 39.69 -44.12
N ASN R 204 20.71 40.26 -42.93
CA ASN R 204 19.40 40.36 -42.29
C ASN R 204 18.76 38.99 -42.11
N ASP R 205 19.17 38.26 -41.08
CA ASP R 205 18.61 36.95 -40.76
C ASP R 205 18.52 36.83 -39.24
N PRO R 206 17.45 37.36 -38.64
CA PRO R 206 17.36 37.37 -37.17
C PRO R 206 17.05 36.00 -36.58
N HIS R 207 16.22 35.22 -37.27
CA HIS R 207 15.81 33.92 -36.73
C HIS R 207 16.99 32.96 -36.65
N LEU R 208 17.75 32.82 -37.75
CA LEU R 208 18.91 31.94 -37.75
C LEU R 208 19.97 32.43 -36.77
N CYS R 209 20.18 33.74 -36.71
CA CYS R 209 21.14 34.30 -35.76
C CYS R 209 20.77 33.95 -34.33
N ASP R 210 19.50 34.17 -33.96
CA ASP R 210 19.06 33.85 -32.61
C ASP R 210 19.17 32.36 -32.32
N PHE R 211 18.79 31.52 -33.29
CA PHE R 211 18.85 30.08 -33.08
C PHE R 211 20.29 29.62 -32.86
N ILE R 212 21.22 30.15 -33.65
CA ILE R 212 22.62 29.77 -33.51
C ILE R 212 23.19 30.27 -32.19
N GLU R 213 22.87 31.51 -31.81
CA GLU R 213 23.43 32.06 -30.58
C GLU R 213 22.78 31.49 -29.33
N THR R 214 21.61 30.85 -29.46
CA THR R 214 20.92 30.27 -28.31
C THR R 214 21.16 28.77 -28.18
N TYR R 215 20.75 27.99 -29.18
CA TYR R 215 20.76 26.54 -29.08
C TYR R 215 22.05 25.91 -29.62
N TYR R 216 23.16 26.64 -29.62
CA TYR R 216 24.42 26.09 -30.11
C TYR R 216 25.61 26.63 -29.32
N LEU R 217 25.69 27.95 -29.17
CA LEU R 217 26.83 28.54 -28.46
C LEU R 217 26.83 28.17 -26.98
N SER R 218 25.64 27.98 -26.39
CA SER R 218 25.57 27.64 -24.98
C SER R 218 26.25 26.31 -24.67
N GLU R 219 26.29 25.40 -25.65
CA GLU R 219 26.98 24.13 -25.47
C GLU R 219 28.43 24.19 -25.95
N GLN R 220 28.69 24.95 -27.01
CA GLN R 220 30.05 25.05 -27.54
C GLN R 220 30.98 25.75 -26.54
N VAL R 221 30.49 26.80 -25.89
CA VAL R 221 31.31 27.49 -24.90
C VAL R 221 31.63 26.58 -23.72
N LYS R 222 30.64 25.81 -23.26
CA LYS R 222 30.88 24.88 -22.17
C LYS R 222 31.86 23.79 -22.57
N SER R 223 31.75 23.29 -23.81
CA SER R 223 32.69 22.27 -24.28
C SER R 223 34.11 22.83 -24.36
N ILE R 224 34.25 24.05 -24.87
CA ILE R 224 35.58 24.66 -24.95
C ILE R 224 36.16 24.87 -23.55
N LYS R 225 35.31 25.30 -22.61
CA LYS R 225 35.79 25.50 -21.24
C LYS R 225 36.21 24.18 -20.61
N GLU R 226 35.45 23.11 -20.84
CA GLU R 226 35.80 21.81 -20.29
C GLU R 226 37.10 21.29 -20.89
N LEU R 227 37.28 21.46 -22.20
CA LEU R 227 38.52 21.03 -22.83
C LEU R 227 39.71 21.84 -22.33
N GLY R 228 39.53 23.15 -22.12
CA GLY R 228 40.59 23.96 -21.57
C GLY R 228 40.95 23.54 -20.16
N ASP R 229 39.94 23.23 -19.34
CA ASP R 229 40.21 22.75 -17.99
C ASP R 229 40.95 21.42 -18.02
N HIS R 230 40.57 20.52 -18.93
CA HIS R 230 41.26 19.25 -19.05
C HIS R 230 42.71 19.44 -19.47
N VAL R 231 42.95 20.35 -20.42
CA VAL R 231 44.33 20.62 -20.86
C VAL R 231 45.14 21.22 -19.73
N THR R 232 44.53 22.13 -18.96
CA THR R 232 45.24 22.73 -17.83
C THR R 232 45.57 21.69 -16.76
N ASN R 233 44.65 20.76 -16.52
CA ASN R 233 44.92 19.70 -15.54
C ASN R 233 46.01 18.76 -16.04
N LEU R 234 46.02 18.46 -17.34
CA LEU R 234 47.05 17.58 -17.87
C LEU R 234 48.42 18.24 -17.90
N ARG R 235 48.47 19.55 -18.10
CA ARG R 235 49.74 20.28 -18.15
C ARG R 235 50.22 20.74 -16.77
N LYS R 236 49.77 20.09 -15.71
CA LYS R 236 50.21 20.44 -14.36
C LYS R 236 50.51 19.18 -13.54
N MET R 237 49.77 18.11 -13.80
CA MET R 237 49.98 16.87 -13.06
C MET R 237 51.29 16.19 -13.44
N GLY R 238 51.71 16.31 -14.70
CA GLY R 238 52.95 15.72 -15.13
C GLY R 238 52.88 15.10 -16.50
N ALA R 239 51.72 15.14 -17.13
CA ALA R 239 51.54 14.58 -18.45
C ALA R 239 52.34 15.37 -19.48
N PRO R 240 52.88 14.71 -20.52
CA PRO R 240 52.77 13.27 -20.76
C PRO R 240 53.85 12.45 -20.07
N CYS R 241 54.74 13.11 -19.33
CA CYS R 241 55.84 12.43 -18.65
C CYS R 241 55.44 11.91 -17.27
N ALA R 242 54.22 11.42 -17.13
CA ALA R 242 53.76 10.87 -15.84
C ALA R 242 52.63 9.88 -16.16
N GLY R 243 52.96 8.59 -16.13
CA GLY R 243 51.97 7.57 -16.42
C GLY R 243 50.86 7.46 -15.40
N MET R 244 51.14 7.80 -14.14
CA MET R 244 50.12 7.74 -13.11
C MET R 244 49.12 8.89 -13.21
N ALA R 245 49.56 10.03 -13.74
CA ALA R 245 48.65 11.17 -13.87
C ALA R 245 47.52 10.88 -14.84
N GLU R 246 47.82 10.18 -15.94
CA GLU R 246 46.77 9.82 -16.89
C GLU R 246 45.75 8.87 -16.25
N TYR R 247 46.23 7.89 -15.48
CA TYR R 247 45.31 6.98 -14.81
C TYR R 247 44.47 7.69 -13.76
N LEU R 248 45.07 8.66 -13.06
CA LEU R 248 44.32 9.42 -12.07
C LEU R 248 43.24 10.28 -12.73
N PHE R 249 43.59 10.94 -13.84
CA PHE R 249 42.59 11.72 -14.56
C PHE R 249 41.52 10.85 -15.21
N ASP R 250 41.86 9.60 -15.52
CA ASP R 250 40.88 8.69 -16.10
C ASP R 250 39.90 8.16 -15.06
N LYS R 251 40.42 7.73 -13.90
CA LYS R 251 39.60 7.11 -12.87
C LYS R 251 39.03 8.12 -11.87
N HIS R 252 38.87 9.38 -12.26
CA HIS R 252 38.29 10.37 -11.38
C HIS R 252 37.47 11.39 -12.14
N THR R 253 38.08 12.06 -13.12
CA THR R 253 37.38 13.09 -13.89
C THR R 253 36.29 12.47 -14.77
N LEU R 254 36.70 11.67 -15.74
CA LEU R 254 35.76 11.02 -16.66
C LEU R 254 35.29 9.67 -16.17
N GLY R 255 35.64 9.28 -14.95
CA GLY R 255 35.23 7.99 -14.41
C GLY R 255 34.03 8.10 -13.50
N THR S 13 -65.03 -19.66 -38.52
CA THR S 13 -66.43 -19.28 -38.60
C THR S 13 -66.74 -18.12 -37.64
N GLN S 14 -66.77 -18.43 -36.34
CA GLN S 14 -67.04 -17.44 -35.31
C GLN S 14 -65.78 -16.70 -34.87
N ASP S 15 -64.65 -16.92 -35.55
CA ASP S 15 -63.38 -16.38 -35.08
C ASP S 15 -63.39 -14.86 -35.05
N LEU S 16 -63.60 -14.22 -36.20
CA LEU S 16 -63.48 -12.77 -36.27
C LEU S 16 -64.60 -12.09 -35.51
N ARG S 17 -65.81 -12.64 -35.57
CA ARG S 17 -66.94 -12.07 -34.84
C ARG S 17 -66.70 -12.12 -33.34
N SER S 18 -66.22 -13.26 -32.85
CA SER S 18 -65.91 -13.38 -31.42
C SER S 18 -64.78 -12.43 -31.03
N HIS S 19 -63.76 -12.30 -31.88
CA HIS S 19 -62.65 -11.42 -31.56
C HIS S 19 -63.07 -9.96 -31.54
N LEU S 20 -64.00 -9.56 -32.41
CA LEU S 20 -64.47 -8.18 -32.42
C LEU S 20 -65.50 -7.90 -31.33
N VAL S 21 -66.22 -8.92 -30.86
CA VAL S 21 -67.17 -8.71 -29.77
C VAL S 21 -66.51 -8.79 -28.40
N HIS S 22 -65.38 -9.51 -28.28
CA HIS S 22 -64.68 -9.59 -27.01
C HIS S 22 -63.90 -8.33 -26.67
N LYS S 23 -63.96 -7.30 -27.49
CA LYS S 23 -63.30 -6.03 -27.21
C LYS S 23 -64.19 -5.09 -26.42
N LEU S 24 -65.43 -4.88 -26.87
CA LEU S 24 -66.32 -3.97 -26.17
C LEU S 24 -66.78 -4.55 -24.84
N VAL S 25 -67.03 -5.86 -24.79
CA VAL S 25 -67.47 -6.49 -23.54
C VAL S 25 -66.36 -6.48 -22.50
N GLN S 26 -65.11 -6.31 -22.92
CA GLN S 26 -64.00 -6.16 -21.98
C GLN S 26 -63.71 -4.70 -21.68
N ALA S 27 -64.00 -3.79 -22.61
CA ALA S 27 -63.77 -2.37 -22.37
C ALA S 27 -64.84 -1.76 -21.47
N ILE S 28 -66.05 -2.31 -21.49
CA ILE S 28 -67.11 -1.79 -20.64
C ILE S 28 -66.81 -2.09 -19.17
N PHE S 29 -66.63 -3.37 -18.85
CA PHE S 29 -66.35 -3.82 -17.48
C PHE S 29 -65.01 -4.56 -17.50
N PRO S 30 -63.90 -3.83 -17.31
CA PRO S 30 -62.57 -4.45 -17.44
C PRO S 30 -62.07 -5.15 -16.19
N CYS S 31 -62.66 -4.89 -15.02
CA CYS S 31 -62.18 -5.45 -13.75
C CYS S 31 -63.26 -6.33 -13.14
N PRO S 32 -63.33 -7.61 -13.50
CA PRO S 32 -64.29 -8.51 -12.86
C PRO S 32 -63.85 -8.90 -11.46
N ASP S 33 -63.99 -7.98 -10.51
CA ASP S 33 -63.52 -8.22 -9.14
C ASP S 33 -64.47 -9.17 -8.44
N PRO S 34 -64.00 -10.35 -8.02
CA PRO S 34 -64.88 -11.29 -7.30
C PRO S 34 -64.97 -11.04 -5.80
N CYS S 35 -64.29 -10.01 -5.29
CA CYS S 35 -64.28 -9.70 -3.86
C CYS S 35 -65.44 -8.82 -3.43
N ALA S 36 -66.54 -8.83 -4.17
CA ALA S 36 -67.70 -8.01 -3.84
C ALA S 36 -69.00 -8.69 -4.28
N LEU S 37 -69.48 -8.33 -5.47
CA LEU S 37 -70.72 -8.89 -6.00
C LEU S 37 -70.45 -10.25 -6.64
N LYS S 38 -71.49 -10.81 -7.25
CA LYS S 38 -71.38 -12.11 -7.91
C LYS S 38 -70.93 -11.94 -9.35
N ASP S 39 -71.48 -12.75 -10.26
CA ASP S 39 -71.10 -12.70 -11.67
C ASP S 39 -72.32 -12.72 -12.59
N ARG S 40 -73.48 -12.31 -12.09
CA ARG S 40 -74.67 -12.24 -12.93
C ARG S 40 -74.82 -10.89 -13.63
N ARG S 41 -74.35 -9.82 -13.00
CA ARG S 41 -74.37 -8.52 -13.65
C ARG S 41 -73.42 -8.49 -14.85
N MET S 42 -72.28 -9.19 -14.75
CA MET S 42 -71.39 -9.29 -15.89
C MET S 42 -72.04 -10.03 -17.05
N GLU S 43 -72.78 -11.10 -16.75
CA GLU S 43 -73.48 -11.83 -17.80
C GLU S 43 -74.59 -10.98 -18.42
N ASN S 44 -75.29 -10.20 -17.59
CA ASN S 44 -76.32 -9.30 -18.13
C ASN S 44 -75.70 -8.24 -19.04
N LEU S 45 -74.56 -7.68 -18.63
CA LEU S 45 -73.87 -6.71 -19.47
C LEU S 45 -73.39 -7.33 -20.78
N VAL S 46 -72.90 -8.57 -20.71
CA VAL S 46 -72.44 -9.25 -21.92
C VAL S 46 -73.61 -9.49 -22.86
N ALA S 47 -74.76 -9.90 -22.33
CA ALA S 47 -75.94 -10.12 -23.17
C ALA S 47 -76.42 -8.81 -23.79
N TYR S 48 -76.41 -7.73 -23.01
CA TYR S 48 -76.82 -6.43 -23.55
C TYR S 48 -75.87 -5.97 -24.65
N ALA S 49 -74.57 -6.16 -24.45
CA ALA S 49 -73.60 -5.78 -25.48
C ALA S 49 -73.77 -6.63 -26.73
N LYS S 50 -74.07 -7.92 -26.56
CA LYS S 50 -74.30 -8.79 -27.70
C LYS S 50 -75.53 -8.35 -28.48
N LYS S 51 -76.61 -7.98 -27.78
CA LYS S 51 -77.81 -7.51 -28.46
C LYS S 51 -77.54 -6.19 -29.19
N VAL S 52 -76.78 -5.29 -28.57
CA VAL S 52 -76.44 -4.02 -29.20
C VAL S 52 -75.61 -4.26 -30.46
N GLU S 53 -74.61 -5.14 -30.37
CA GLU S 53 -73.80 -5.47 -31.53
C GLU S 53 -74.65 -6.09 -32.64
N GLY S 54 -75.58 -6.97 -32.27
CA GLY S 54 -76.44 -7.58 -33.26
C GLY S 54 -77.30 -6.56 -34.00
N ASP S 55 -77.94 -5.66 -33.26
CA ASP S 55 -78.82 -4.68 -33.91
C ASP S 55 -78.01 -3.68 -34.73
N MET S 56 -76.82 -3.30 -34.25
CA MET S 56 -76.02 -2.35 -35.02
C MET S 56 -75.35 -3.00 -36.22
N TYR S 57 -75.17 -4.32 -36.21
CA TYR S 57 -74.70 -5.02 -37.41
C TYR S 57 -75.85 -5.23 -38.39
N GLU S 58 -77.07 -5.43 -37.89
CA GLU S 58 -78.23 -5.50 -38.78
C GLU S 58 -78.51 -4.15 -39.42
N SER S 59 -78.24 -3.06 -38.70
CA SER S 59 -78.42 -1.71 -39.22
C SER S 59 -77.13 -1.14 -39.80
N ALA S 60 -76.26 -1.99 -40.34
CA ALA S 60 -75.00 -1.56 -40.93
C ALA S 60 -75.17 -1.40 -42.44
N ASN S 61 -74.06 -1.27 -43.16
CA ASN S 61 -74.12 -1.10 -44.61
C ASN S 61 -72.82 -1.57 -45.28
N SER S 62 -71.69 -1.34 -44.64
CA SER S 62 -70.40 -1.72 -45.21
C SER S 62 -69.55 -2.35 -44.11
N ARG S 63 -68.24 -2.35 -44.30
CA ARG S 63 -67.31 -2.97 -43.37
C ARG S 63 -66.32 -1.98 -42.76
N ASP S 64 -65.75 -1.09 -43.56
CA ASP S 64 -64.79 -0.12 -43.03
C ASP S 64 -65.47 0.90 -42.12
N GLU S 65 -66.64 1.41 -42.55
CA GLU S 65 -67.37 2.35 -41.71
C GLU S 65 -67.84 1.68 -40.42
N TYR S 66 -68.11 0.38 -40.46
CA TYR S 66 -68.48 -0.34 -39.26
C TYR S 66 -67.32 -0.36 -38.26
N TYR S 67 -66.12 -0.65 -38.74
CA TYR S 67 -64.95 -0.64 -37.87
C TYR S 67 -64.66 0.75 -37.34
N HIS S 68 -64.86 1.78 -38.18
CA HIS S 68 -64.66 3.16 -37.72
C HIS S 68 -65.66 3.52 -36.62
N LEU S 69 -66.92 3.13 -36.80
CA LEU S 69 -67.93 3.41 -35.78
C LEU S 69 -67.63 2.64 -34.49
N LEU S 70 -67.14 1.41 -34.61
CA LEU S 70 -66.76 0.65 -33.42
C LEU S 70 -65.60 1.31 -32.69
N ALA S 71 -64.61 1.81 -33.43
CA ALA S 71 -63.49 2.50 -32.80
C ALA S 71 -63.94 3.77 -32.12
N GLU S 72 -64.84 4.53 -32.77
CA GLU S 72 -65.36 5.74 -32.16
C GLU S 72 -66.15 5.43 -30.89
N LYS S 73 -66.94 4.35 -30.92
CA LYS S 73 -67.71 3.96 -29.73
C LYS S 73 -66.78 3.54 -28.60
N ILE S 74 -65.72 2.79 -28.90
CA ILE S 74 -64.76 2.42 -27.86
C ILE S 74 -64.12 3.66 -27.28
N TYR S 75 -63.68 4.58 -28.14
CA TYR S 75 -63.04 5.80 -27.65
C TYR S 75 -64.00 6.65 -26.83
N LYS S 76 -65.29 6.59 -27.13
CA LYS S 76 -66.27 7.37 -26.38
C LYS S 76 -66.57 6.75 -25.03
N ILE S 77 -66.70 5.41 -24.99
CA ILE S 77 -67.05 4.75 -23.73
C ILE S 77 -65.88 4.69 -22.76
N GLN S 78 -64.64 4.83 -23.26
CA GLN S 78 -63.46 4.85 -22.41
C GLN S 78 -63.22 6.20 -21.73
N LYS S 79 -64.14 7.16 -21.89
CA LYS S 79 -64.06 8.47 -21.23
C LYS S 79 -65.43 8.78 -20.63
N GLU S 80 -65.85 7.95 -19.67
CA GLU S 80 -67.16 8.05 -19.05
C GLU S 80 -67.00 8.59 -17.63
N LEU S 81 -66.86 7.74 -16.61
CA LEU S 81 -66.72 8.20 -15.23
C LEU S 81 -65.69 7.37 -14.48
N GLU S 82 -64.44 7.45 -14.93
CA GLU S 82 -63.33 6.76 -14.32
C GLU S 82 -62.62 7.62 -13.26
N GLU S 83 -63.33 8.59 -12.67
CA GLU S 83 -62.79 9.48 -11.65
C GLU S 83 -61.57 10.27 -12.15
N LYS S 84 -61.43 10.40 -13.47
CA LYS S 84 -60.31 11.10 -14.08
C LYS S 84 -58.98 10.54 -13.60
N SER S 85 -58.41 11.15 -12.57
CA SER S 85 -57.15 10.70 -11.97
C SER S 85 -56.97 11.44 -10.66
N GLN S 86 -55.91 11.09 -9.94
CA GLN S 86 -55.59 11.73 -8.67
C GLN S 86 -54.45 12.73 -8.76
N VAL S 87 -53.66 12.69 -9.83
CA VAL S 87 -52.55 13.63 -10.04
C VAL S 87 -52.73 14.46 -11.29
N ARG S 88 -53.81 14.26 -12.04
CA ARG S 88 -54.06 15.01 -13.27
C ARG S 88 -54.65 16.37 -12.91
N GLN S 89 -53.95 17.44 -13.30
CA GLN S 89 -54.39 18.81 -13.03
C GLN S 89 -54.13 19.66 -14.27
N ASN S 90 -55.20 20.18 -14.85
CA ASN S 90 -55.13 21.01 -16.05
C ASN S 90 -54.44 20.28 -17.19
N TYR S 91 -55.16 19.41 -17.89
CA TYR S 91 -54.60 18.66 -19.00
C TYR S 91 -55.74 18.27 -19.94
N HIS S 92 -55.71 18.82 -21.15
CA HIS S 92 -56.74 18.61 -22.14
C HIS S 92 -56.48 17.31 -22.89
N GLN S 93 -57.54 16.79 -23.54
CA GLN S 93 -57.42 15.54 -24.28
C GLN S 93 -56.59 15.70 -25.54
N ASP S 94 -56.49 16.92 -26.09
CA ASP S 94 -55.65 17.12 -27.27
C ASP S 94 -54.18 16.87 -26.96
N ALA S 95 -53.72 17.34 -25.80
CA ALA S 95 -52.34 17.06 -25.40
C ALA S 95 -52.12 15.58 -25.18
N GLU S 96 -53.11 14.87 -24.64
CA GLU S 96 -52.98 13.42 -24.47
C GLU S 96 -52.87 12.71 -25.81
N ALA S 97 -53.71 13.11 -26.78
CA ALA S 97 -53.64 12.51 -28.11
C ALA S 97 -52.30 12.82 -28.78
N ALA S 98 -51.79 14.04 -28.58
CA ALA S 98 -50.50 14.40 -29.16
C ALA S 98 -49.37 13.57 -28.53
N ILE S 99 -49.43 13.35 -27.21
CA ILE S 99 -48.42 12.52 -26.55
C ILE S 99 -48.51 11.08 -27.05
N ASN S 100 -49.74 10.58 -27.26
CA ASN S 100 -49.90 9.22 -27.78
C ASN S 100 -49.32 9.11 -29.19
N ARG S 101 -49.58 10.10 -30.05
CA ARG S 101 -49.02 10.07 -31.39
C ARG S 101 -47.50 10.17 -31.36
N GLN S 102 -46.96 10.98 -30.44
CA GLN S 102 -45.51 11.09 -30.32
C GLN S 102 -44.89 9.77 -29.86
N ILE S 103 -45.55 9.08 -28.92
CA ILE S 103 -45.07 7.78 -28.46
C ILE S 103 -45.12 6.76 -29.60
N ASN S 104 -46.19 6.79 -30.39
CA ASN S 104 -46.28 5.88 -31.54
C ASN S 104 -45.17 6.16 -32.54
N LEU S 105 -44.87 7.44 -32.79
CA LEU S 105 -43.79 7.79 -33.71
C LEU S 105 -42.44 7.37 -33.15
N GLU S 106 -42.25 7.49 -31.84
CA GLU S 106 -41.00 7.04 -31.23
C GLU S 106 -40.84 5.53 -31.36
N LEU S 107 -41.92 4.78 -31.16
CA LEU S 107 -41.86 3.33 -31.33
C LEU S 107 -41.57 2.96 -32.78
N TYR S 108 -42.19 3.67 -33.73
CA TYR S 108 -41.92 3.41 -35.14
C TYR S 108 -40.47 3.71 -35.48
N ALA S 109 -39.92 4.80 -34.95
CA ALA S 109 -38.52 5.13 -35.18
C ALA S 109 -37.59 4.09 -34.58
N SER S 110 -37.93 3.59 -33.39
CA SER S 110 -37.12 2.52 -32.78
C SER S 110 -37.17 1.26 -33.62
N TYR S 111 -38.35 0.91 -34.15
CA TYR S 111 -38.46 -0.26 -35.00
C TYR S 111 -37.65 -0.09 -36.29
N VAL S 112 -37.69 1.11 -36.88
CA VAL S 112 -36.93 1.35 -38.10
C VAL S 112 -35.43 1.27 -37.83
N TYR S 113 -34.99 1.80 -36.69
CA TYR S 113 -33.57 1.74 -36.35
C TYR S 113 -33.14 0.31 -36.05
N LEU S 114 -34.01 -0.49 -35.43
CA LEU S 114 -33.69 -1.90 -35.23
C LEU S 114 -33.58 -2.64 -36.56
N SER S 115 -34.48 -2.35 -37.50
CA SER S 115 -34.40 -2.96 -38.82
C SER S 115 -33.12 -2.56 -39.53
N MET S 116 -32.73 -1.29 -39.40
CA MET S 116 -31.47 -0.84 -40.01
C MET S 116 -30.27 -1.53 -39.39
N SER S 117 -30.27 -1.68 -38.06
CA SER S 117 -29.17 -2.35 -37.39
C SER S 117 -29.08 -3.82 -37.77
N CYS S 118 -30.23 -4.47 -37.96
CA CYS S 118 -30.23 -5.88 -38.35
C CYS S 118 -29.95 -6.08 -39.83
N TYR S 119 -30.18 -5.06 -40.67
CA TYR S 119 -29.88 -5.20 -42.09
C TYR S 119 -28.39 -5.07 -42.37
N PHE S 120 -27.73 -4.08 -41.75
CA PHE S 120 -26.31 -3.89 -41.96
C PHE S 120 -25.48 -4.97 -41.28
N ASP S 121 -26.06 -5.72 -40.34
CA ASP S 121 -25.37 -6.80 -39.67
C ASP S 121 -25.45 -8.12 -40.42
N ARG S 122 -26.06 -8.13 -41.61
CA ARG S 122 -26.22 -9.34 -42.39
C ARG S 122 -24.91 -9.71 -43.10
N ASP S 123 -24.99 -10.64 -44.05
CA ASP S 123 -23.83 -11.09 -44.80
C ASP S 123 -23.65 -10.35 -46.13
N ASP S 124 -24.72 -9.79 -46.69
CA ASP S 124 -24.63 -9.07 -47.95
C ASP S 124 -24.21 -7.62 -47.77
N VAL S 125 -24.05 -7.15 -46.55
CA VAL S 125 -23.63 -5.78 -46.27
C VAL S 125 -22.28 -5.74 -45.55
N ALA S 126 -22.17 -6.47 -44.43
CA ALA S 126 -20.93 -6.58 -43.68
C ALA S 126 -20.43 -5.21 -43.22
N LEU S 127 -21.22 -4.58 -42.34
CA LEU S 127 -20.89 -3.30 -41.74
C LEU S 127 -21.27 -3.35 -40.27
N LYS S 128 -20.27 -3.60 -39.41
CA LYS S 128 -20.52 -3.74 -37.98
C LYS S 128 -20.66 -2.41 -37.26
N ASN S 129 -19.89 -1.39 -37.67
CA ASN S 129 -19.97 -0.10 -37.00
C ASN S 129 -21.31 0.57 -37.26
N PHE S 130 -21.81 0.51 -38.50
CA PHE S 130 -23.13 1.06 -38.79
C PHE S 130 -24.21 0.32 -38.01
N ALA S 131 -24.08 -1.01 -37.90
CA ALA S 131 -25.06 -1.78 -37.13
C ALA S 131 -25.04 -1.39 -35.66
N LYS S 132 -23.84 -1.20 -35.10
CA LYS S 132 -23.75 -0.79 -33.70
C LYS S 132 -24.32 0.61 -33.49
N TYR S 133 -24.06 1.52 -34.42
CA TYR S 133 -24.62 2.88 -34.31
C TYR S 133 -26.13 2.86 -34.39
N PHE S 134 -26.69 2.05 -35.31
CA PHE S 134 -28.14 1.96 -35.43
C PHE S 134 -28.75 1.30 -34.20
N LEU S 135 -28.06 0.33 -33.62
CA LEU S 135 -28.55 -0.29 -32.39
C LEU S 135 -28.54 0.70 -31.24
N HIS S 136 -27.50 1.52 -31.15
CA HIS S 136 -27.45 2.55 -30.11
C HIS S 136 -28.56 3.58 -30.32
N GLN S 137 -28.83 3.94 -31.57
CA GLN S 137 -29.92 4.88 -31.85
C GLN S 137 -31.27 4.26 -31.47
N SER S 138 -31.45 2.96 -31.75
CA SER S 138 -32.68 2.30 -31.37
C SER S 138 -32.84 2.23 -29.86
N HIS S 139 -31.74 2.00 -29.15
CA HIS S 139 -31.80 2.00 -27.68
C HIS S 139 -32.14 3.38 -27.16
N GLU S 140 -31.59 4.43 -27.77
CA GLU S 140 -31.93 5.80 -27.36
C GLU S 140 -33.40 6.10 -27.61
N GLU S 141 -33.92 5.66 -28.76
CA GLU S 141 -35.34 5.87 -29.05
C GLU S 141 -36.21 5.11 -28.06
N ARG S 142 -35.81 3.89 -27.70
CA ARG S 142 -36.57 3.11 -26.71
CA ARG S 142 -36.56 3.11 -26.72
C ARG S 142 -36.56 3.80 -25.36
N GLU S 143 -35.41 4.33 -24.94
CA GLU S 143 -35.34 5.04 -23.67
C GLU S 143 -36.19 6.31 -23.70
N HIS S 144 -36.19 7.03 -24.82
CA HIS S 144 -37.02 8.22 -24.93
C HIS S 144 -38.51 7.87 -24.89
N ALA S 145 -38.89 6.76 -25.53
CA ALA S 145 -40.28 6.32 -25.48
C ALA S 145 -40.68 5.93 -24.07
N GLU S 146 -39.81 5.22 -23.35
CA GLU S 146 -40.10 4.84 -21.97
C GLU S 146 -40.21 6.08 -21.08
N LYS S 147 -39.36 7.08 -21.33
CA LYS S 147 -39.43 8.32 -20.56
C LYS S 147 -40.71 9.07 -20.83
N LEU S 148 -41.15 9.10 -22.09
CA LEU S 148 -42.43 9.73 -22.42
C LEU S 148 -43.59 8.98 -21.76
N MET S 149 -43.55 7.65 -21.76
CA MET S 149 -44.60 6.87 -21.10
C MET S 149 -44.62 7.15 -19.60
N LYS S 150 -43.45 7.22 -18.97
CA LYS S 150 -43.39 7.51 -17.54
C LYS S 150 -43.90 8.91 -17.24
N LEU S 151 -43.57 9.89 -18.09
CA LEU S 151 -44.05 11.25 -17.89
C LEU S 151 -45.57 11.32 -18.05
N GLN S 152 -46.12 10.58 -19.02
CA GLN S 152 -47.57 10.55 -19.17
C GLN S 152 -48.24 9.86 -17.99
N ASN S 153 -47.61 8.82 -17.45
CA ASN S 153 -48.17 8.16 -16.27
C ASN S 153 -48.11 9.04 -15.04
N GLN S 154 -47.08 9.88 -14.92
CA GLN S 154 -46.97 10.78 -13.78
C GLN S 154 -47.96 11.93 -13.85
N ARG S 155 -48.47 12.26 -15.03
CA ARG S 155 -49.44 13.33 -15.19
C ARG S 155 -50.88 12.85 -15.11
N GLY S 156 -51.10 11.58 -14.81
CA GLY S 156 -52.46 11.05 -14.69
C GLY S 156 -53.19 10.95 -16.01
N GLY S 157 -52.53 10.44 -17.04
CA GLY S 157 -53.15 10.29 -18.34
C GLY S 157 -53.12 8.88 -18.87
N ARG S 158 -54.10 8.53 -19.69
CA ARG S 158 -54.19 7.19 -20.27
C ARG S 158 -53.26 7.07 -21.47
N ILE S 159 -52.76 5.86 -21.69
CA ILE S 159 -51.87 5.56 -22.81
C ILE S 159 -52.57 4.53 -23.69
N PHE S 160 -52.88 4.93 -24.92
CA PHE S 160 -53.57 4.08 -25.88
C PHE S 160 -52.52 3.54 -26.87
N LEU S 161 -52.00 2.35 -26.56
CA LEU S 161 -51.00 1.73 -27.43
C LEU S 161 -51.68 1.11 -28.64
N GLN S 162 -51.35 1.63 -29.83
CA GLN S 162 -51.92 1.14 -31.08
C GLN S 162 -50.98 0.08 -31.66
N ASP S 163 -51.10 -0.18 -32.97
CA ASP S 163 -50.28 -1.16 -33.64
C ASP S 163 -49.07 -0.48 -34.26
N ILE S 164 -47.88 -1.03 -34.00
CA ILE S 164 -46.65 -0.47 -34.54
C ILE S 164 -46.56 -0.83 -36.02
N LYS S 165 -46.42 0.18 -36.87
CA LYS S 165 -46.35 -0.04 -38.30
C LYS S 165 -44.97 -0.58 -38.69
N LYS S 166 -44.95 -1.33 -39.79
CA LYS S 166 -43.71 -1.93 -40.30
C LYS S 166 -42.99 -0.94 -41.21
N PRO S 167 -41.66 -1.02 -41.28
CA PRO S 167 -40.90 -0.14 -42.18
C PRO S 167 -41.27 -0.38 -43.63
N ASP S 168 -41.44 0.72 -44.37
CA ASP S 168 -41.82 0.62 -45.78
C ASP S 168 -40.68 0.11 -46.65
N ARG S 169 -39.44 0.27 -46.21
CA ARG S 169 -38.27 -0.17 -46.96
C ARG S 169 -37.52 -1.23 -46.16
N ASP S 170 -37.27 -2.37 -46.78
CA ASP S 170 -36.56 -3.48 -46.14
C ASP S 170 -35.17 -3.70 -46.70
N ASP S 171 -34.95 -3.41 -47.98
CA ASP S 171 -33.66 -3.58 -48.64
C ASP S 171 -33.03 -2.20 -48.77
N TRP S 172 -32.11 -1.87 -47.85
CA TRP S 172 -31.45 -0.57 -47.87
C TRP S 172 -30.29 -0.52 -48.86
N CYS S 173 -29.89 -1.66 -49.43
CA CYS S 173 -28.84 -1.72 -50.44
C CYS S 173 -27.53 -1.15 -49.91
N SER S 174 -27.28 0.13 -50.19
CA SER S 174 -26.05 0.78 -49.74
C SER S 174 -26.26 1.44 -48.37
N GLY S 175 -25.62 2.58 -48.15
CA GLY S 175 -25.74 3.27 -46.88
C GLY S 175 -26.30 4.68 -47.02
N LEU S 176 -26.20 5.26 -48.22
CA LEU S 176 -26.70 6.61 -48.43
C LEU S 176 -28.22 6.67 -48.32
N ASN S 177 -28.92 5.68 -48.87
CA ASN S 177 -30.38 5.66 -48.77
C ASN S 177 -30.82 5.49 -47.32
N ALA S 178 -30.10 4.69 -46.55
CA ALA S 178 -30.43 4.54 -45.13
C ALA S 178 -30.23 5.85 -44.38
N MET S 179 -29.15 6.58 -44.70
CA MET S 179 -28.92 7.87 -44.06
C MET S 179 -29.99 8.88 -44.44
N GLU S 180 -30.43 8.88 -45.70
CA GLU S 180 -31.50 9.78 -46.11
C GLU S 180 -32.80 9.43 -45.41
N SER S 181 -33.11 8.14 -45.28
CA SER S 181 -34.32 7.73 -44.57
C SER S 181 -34.26 8.13 -43.10
N ALA S 182 -33.10 7.95 -42.47
CA ALA S 182 -32.95 8.35 -41.07
C ALA S 182 -33.09 9.86 -40.91
N LEU S 183 -32.55 10.64 -41.86
CA LEU S 183 -32.69 12.09 -41.79
C LEU S 183 -34.13 12.51 -41.95
N HIS S 184 -34.86 11.88 -42.89
CA HIS S 184 -36.27 12.20 -43.06
C HIS S 184 -37.07 11.82 -41.82
N LEU S 185 -36.74 10.68 -41.20
CA LEU S 185 -37.43 10.27 -39.98
C LEU S 185 -37.16 11.25 -38.84
N GLU S 186 -35.92 11.72 -38.71
CA GLU S 186 -35.60 12.69 -37.67
C GLU S 186 -36.29 14.03 -37.94
N LYS S 187 -36.41 14.43 -39.20
CA LYS S 187 -37.14 15.65 -39.52
C LYS S 187 -38.62 15.50 -39.18
N SER S 188 -39.20 14.34 -39.45
CA SER S 188 -40.59 14.11 -39.09
C SER S 188 -40.78 14.12 -37.57
N VAL S 189 -39.83 13.55 -36.84
CA VAL S 189 -39.91 13.56 -35.37
C VAL S 189 -39.80 14.99 -34.85
N ASN S 190 -38.92 15.79 -35.46
CA ASN S 190 -38.79 17.18 -35.03
C ASN S 190 -40.05 17.97 -35.34
N GLN S 191 -40.68 17.72 -36.49
CA GLN S 191 -41.94 18.39 -36.81
C GLN S 191 -43.03 17.99 -35.83
N SER S 192 -43.09 16.71 -35.46
CA SER S 192 -44.07 16.26 -34.49
C SER S 192 -43.83 16.90 -33.12
N LEU S 193 -42.56 17.04 -32.74
CA LEU S 193 -42.24 17.69 -31.47
C LEU S 193 -42.63 19.17 -31.50
N LEU S 194 -42.41 19.84 -32.63
CA LEU S 194 -42.83 21.23 -32.76
C LEU S 194 -44.34 21.37 -32.68
N GLU S 195 -45.07 20.45 -33.31
CA GLU S 195 -46.53 20.48 -33.23
C GLU S 195 -47.00 20.24 -31.80
N LEU S 196 -46.36 19.30 -31.10
CA LEU S 196 -46.71 19.05 -29.70
C LEU S 196 -46.43 20.27 -28.83
N HIS S 197 -45.30 20.95 -29.07
CA HIS S 197 -44.99 22.15 -28.32
C HIS S 197 -46.01 23.25 -28.59
N LYS S 198 -46.41 23.42 -29.85
CA LYS S 198 -47.40 24.44 -30.18
C LYS S 198 -48.75 24.11 -29.54
N LEU S 199 -49.13 22.83 -29.55
CA LEU S 199 -50.41 22.44 -28.94
C LEU S 199 -50.38 22.64 -27.42
N ALA S 200 -49.24 22.34 -26.79
CA ALA S 200 -49.13 22.54 -25.35
C ALA S 200 -49.12 24.02 -24.99
N THR S 201 -48.55 24.86 -25.86
CA THR S 201 -48.55 26.29 -25.61
C THR S 201 -49.95 26.87 -25.79
N ASP S 202 -50.68 26.41 -26.81
CA ASP S 202 -52.03 26.91 -27.05
C ASP S 202 -53.04 26.38 -26.03
N LYS S 203 -52.73 25.30 -25.33
CA LYS S 203 -53.62 24.72 -24.34
C LYS S 203 -53.11 24.90 -22.92
N ASN S 204 -52.13 25.79 -22.72
CA ASN S 204 -51.58 26.10 -21.40
C ASN S 204 -51.03 24.87 -20.72
N ASP S 205 -49.82 24.45 -21.09
CA ASP S 205 -49.15 23.30 -20.47
C ASP S 205 -47.67 23.62 -20.35
N PRO S 206 -47.27 24.33 -19.29
CA PRO S 206 -45.88 24.77 -19.17
C PRO S 206 -44.93 23.64 -18.81
N HIS S 207 -45.39 22.70 -17.96
CA HIS S 207 -44.51 21.63 -17.50
C HIS S 207 -44.13 20.70 -18.65
N LEU S 208 -45.12 20.23 -19.42
CA LEU S 208 -44.83 19.36 -20.55
C LEU S 208 -44.01 20.08 -21.61
N CYS S 209 -44.32 21.35 -21.86
CA CYS S 209 -43.55 22.14 -22.83
C CYS S 209 -42.09 22.23 -22.42
N ASP S 210 -41.83 22.56 -21.15
CA ASP S 210 -40.45 22.67 -20.68
C ASP S 210 -39.75 21.31 -20.73
N PHE S 211 -40.44 20.24 -20.34
CA PHE S 211 -39.83 18.92 -20.35
C PHE S 211 -39.45 18.51 -21.77
N ILE S 212 -40.34 18.77 -22.73
CA ILE S 212 -40.05 18.40 -24.12
C ILE S 212 -38.92 19.25 -24.68
N GLU S 213 -38.92 20.55 -24.39
CA GLU S 213 -37.89 21.41 -24.95
C GLU S 213 -36.54 21.25 -24.25
N THR S 214 -36.51 20.63 -23.07
CA THR S 214 -35.27 20.43 -22.34
C THR S 214 -34.70 19.02 -22.53
N TYR S 215 -35.45 17.99 -22.11
CA TYR S 215 -34.94 16.62 -22.08
C TYR S 215 -35.23 15.83 -23.34
N TYR S 216 -35.42 16.51 -24.49
CA TYR S 216 -35.69 15.80 -25.73
C TYR S 216 -35.06 16.52 -26.92
N LEU S 217 -35.30 17.83 -27.05
CA LEU S 217 -34.76 18.57 -28.18
C LEU S 217 -33.23 18.63 -28.15
N SER S 218 -32.64 18.65 -26.95
CA SER S 218 -31.19 18.73 -26.84
C SER S 218 -30.50 17.53 -27.47
N GLU S 219 -31.17 16.38 -27.49
CA GLU S 219 -30.62 15.19 -28.15
C GLU S 219 -31.06 15.07 -29.60
N GLN S 220 -32.29 15.49 -29.91
CA GLN S 220 -32.78 15.41 -31.28
C GLN S 220 -32.01 16.33 -32.21
N VAL S 221 -31.69 17.54 -31.75
CA VAL S 221 -30.92 18.47 -32.57
C VAL S 221 -29.53 17.92 -32.84
N LYS S 222 -28.90 17.34 -31.82
CA LYS S 222 -27.57 16.76 -32.01
C LYS S 222 -27.62 15.57 -32.95
N SER S 223 -28.67 14.74 -32.86
CA SER S 223 -28.79 13.61 -33.76
C SER S 223 -29.00 14.08 -35.20
N ILE S 224 -29.83 15.10 -35.40
CA ILE S 224 -30.05 15.63 -36.74
C ILE S 224 -28.76 16.21 -37.30
N LYS S 225 -27.99 16.92 -36.46
CA LYS S 225 -26.72 17.49 -36.91
C LYS S 225 -25.73 16.40 -37.29
N GLU S 226 -25.67 15.32 -36.48
CA GLU S 226 -24.76 14.24 -36.79
C GLU S 226 -25.15 13.53 -38.08
N LEU S 227 -26.46 13.30 -38.29
CA LEU S 227 -26.91 12.68 -39.52
C LEU S 227 -26.63 13.57 -40.73
N GLY S 228 -26.80 14.88 -40.58
CA GLY S 228 -26.47 15.79 -41.66
C GLY S 228 -25.00 15.79 -41.99
N ASP S 229 -24.15 15.75 -40.95
CA ASP S 229 -22.71 15.67 -41.18
C ASP S 229 -22.33 14.38 -41.88
N HIS S 230 -22.97 13.26 -41.49
CA HIS S 230 -22.70 11.98 -42.15
C HIS S 230 -23.12 12.02 -43.60
N VAL S 231 -24.28 12.60 -43.90
CA VAL S 231 -24.74 12.69 -45.28
C VAL S 231 -23.81 13.58 -46.09
N THR S 232 -23.35 14.68 -45.50
CA THR S 232 -22.42 15.57 -46.21
C THR S 232 -21.09 14.87 -46.48
N ASN S 233 -20.61 14.08 -45.52
CA ASN S 233 -19.37 13.34 -45.75
C ASN S 233 -19.55 12.26 -46.81
N LEU S 234 -20.71 11.61 -46.84
CA LEU S 234 -20.94 10.57 -47.85
C LEU S 234 -21.11 11.17 -49.23
N ARG S 235 -21.68 12.37 -49.34
CA ARG S 235 -21.91 13.01 -50.63
C ARG S 235 -20.71 13.83 -51.10
N LYS S 236 -19.51 13.53 -50.61
CA LYS S 236 -18.31 14.24 -51.03
C LYS S 236 -17.16 13.26 -51.28
N MET S 237 -17.12 12.18 -50.51
CA MET S 237 -16.04 11.21 -50.67
C MET S 237 -16.17 10.41 -51.96
N GLY S 238 -17.40 10.16 -52.41
CA GLY S 238 -17.62 9.43 -53.64
C GLY S 238 -18.76 8.44 -53.58
N ALA S 239 -19.40 8.33 -52.41
CA ALA S 239 -20.52 7.41 -52.25
C ALA S 239 -21.71 7.87 -53.09
N PRO S 240 -22.49 6.92 -53.63
CA PRO S 240 -22.32 5.47 -53.47
C PRO S 240 -21.40 4.86 -54.51
N CYS S 241 -20.85 5.68 -55.41
CA CYS S 241 -19.97 5.19 -56.48
C CYS S 241 -18.51 5.11 -56.04
N ALA S 242 -18.26 4.70 -54.79
CA ALA S 242 -16.89 4.55 -54.29
C ALA S 242 -16.94 3.55 -53.13
N GLY S 243 -16.53 2.31 -53.43
CA GLY S 243 -16.56 1.28 -52.40
C GLY S 243 -15.58 1.50 -51.28
N MET S 244 -14.46 2.18 -51.54
CA MET S 244 -13.47 2.43 -50.50
C MET S 244 -13.93 3.54 -49.55
N ALA S 245 -14.75 4.47 -50.03
CA ALA S 245 -15.23 5.55 -49.17
C ALA S 245 -16.11 5.02 -48.04
N GLU S 246 -16.94 4.03 -48.33
CA GLU S 246 -17.78 3.43 -47.30
C GLU S 246 -16.93 2.74 -46.24
N TYR S 247 -15.89 2.00 -46.66
CA TYR S 247 -15.01 1.34 -45.71
C TYR S 247 -14.24 2.36 -44.87
N LEU S 248 -13.83 3.47 -45.49
CA LEU S 248 -13.11 4.51 -44.75
C LEU S 248 -14.02 5.16 -43.72
N PHE S 249 -15.27 5.47 -44.10
CA PHE S 249 -16.20 6.04 -43.14
C PHE S 249 -16.60 5.05 -42.05
N ASP S 250 -16.53 3.75 -42.35
CA ASP S 250 -16.86 2.74 -41.36
C ASP S 250 -15.73 2.55 -40.34
N LYS S 251 -14.49 2.46 -40.82
CA LYS S 251 -13.34 2.18 -39.98
C LYS S 251 -12.69 3.45 -39.42
N HIS S 252 -13.44 4.55 -39.30
CA HIS S 252 -12.88 5.78 -38.74
C HIS S 252 -13.93 6.55 -37.97
N THR S 253 -15.04 6.89 -38.62
CA THR S 253 -16.09 7.68 -37.96
C THR S 253 -16.79 6.85 -36.88
N LEU S 254 -17.48 5.79 -37.27
CA LEU S 254 -18.20 4.95 -36.33
C LEU S 254 -17.35 3.80 -35.80
N GLY S 255 -16.07 3.76 -36.12
CA GLY S 255 -15.19 2.70 -35.66
C GLY S 255 -14.37 3.09 -34.44
N THR T 13 -32.66 -28.47 66.06
CA THR T 13 -33.62 -27.51 66.59
C THR T 13 -32.95 -26.18 66.91
N GLN T 14 -31.62 -26.17 66.89
CA GLN T 14 -30.84 -24.98 67.17
C GLN T 14 -30.39 -24.26 65.91
N ASP T 15 -30.86 -24.70 64.74
CA ASP T 15 -30.38 -24.14 63.47
C ASP T 15 -30.78 -22.67 63.33
N LEU T 16 -32.08 -22.38 63.43
CA LEU T 16 -32.55 -21.02 63.26
C LEU T 16 -32.05 -20.11 64.38
N ARG T 17 -31.98 -20.63 65.61
CA ARG T 17 -31.46 -19.85 66.72
C ARG T 17 -30.00 -19.47 66.50
N SER T 18 -29.20 -20.43 66.06
CA SER T 18 -27.79 -20.14 65.77
C SER T 18 -27.66 -19.15 64.62
N HIS T 19 -28.50 -19.29 63.59
CA HIS T 19 -28.42 -18.39 62.45
C HIS T 19 -28.83 -16.97 62.82
N LEU T 20 -29.79 -16.82 63.74
CA LEU T 20 -30.21 -15.49 64.17
C LEU T 20 -29.26 -14.88 65.20
N VAL T 21 -28.54 -15.71 65.95
CA VAL T 21 -27.58 -15.16 66.91
C VAL T 21 -26.22 -14.87 66.27
N HIS T 22 -25.88 -15.55 65.18
CA HIS T 22 -24.62 -15.28 64.49
C HIS T 22 -24.63 -13.99 63.68
N LYS T 23 -25.73 -13.24 63.70
CA LYS T 23 -25.80 -11.97 63.00
C LYS T 23 -25.34 -10.81 63.87
N LEU T 24 -25.85 -10.71 65.10
CA LEU T 24 -25.46 -9.62 65.97
C LEU T 24 -24.03 -9.79 66.47
N VAL T 25 -23.61 -11.03 66.76
CA VAL T 25 -22.25 -11.25 67.23
C VAL T 25 -21.23 -10.96 66.13
N GLN T 26 -21.65 -10.96 64.87
CA GLN T 26 -20.76 -10.56 63.78
C GLN T 26 -20.89 -9.08 63.44
N ALA T 27 -22.06 -8.49 63.69
CA ALA T 27 -22.22 -7.06 63.42
C ALA T 27 -21.56 -6.20 64.48
N ILE T 28 -21.45 -6.69 65.72
CA ILE T 28 -20.80 -5.92 66.77
C ILE T 28 -19.30 -5.80 66.49
N PHE T 29 -18.62 -6.94 66.36
CA PHE T 29 -17.18 -6.98 66.10
C PHE T 29 -16.96 -7.72 64.79
N PRO T 30 -16.96 -7.00 63.66
CA PRO T 30 -16.89 -7.67 62.35
C PRO T 30 -15.48 -7.99 61.89
N CYS T 31 -14.43 -7.40 62.48
CA CYS T 31 -13.06 -7.58 62.03
C CYS T 31 -12.24 -8.21 63.16
N PRO T 32 -12.23 -9.54 63.25
CA PRO T 32 -11.37 -10.20 64.25
C PRO T 32 -9.91 -10.18 63.84
N ASP T 33 -9.27 -9.02 63.97
CA ASP T 33 -7.88 -8.87 63.53
C ASP T 33 -6.94 -9.56 64.51
N PRO T 34 -6.19 -10.59 64.09
CA PRO T 34 -5.26 -11.25 65.00
C PRO T 34 -3.90 -10.58 65.10
N CYS T 35 -3.69 -9.46 64.41
CA CYS T 35 -2.41 -8.77 64.40
C CYS T 35 -2.27 -7.77 65.54
N ALA T 36 -3.00 -7.97 66.63
CA ALA T 36 -2.94 -7.06 67.77
C ALA T 36 -3.20 -7.79 69.08
N LEU T 37 -4.45 -7.78 69.53
CA LEU T 37 -4.82 -8.44 70.78
C LEU T 37 -5.04 -9.92 70.55
N LYS T 38 -5.49 -10.61 71.60
CA LYS T 38 -5.74 -12.04 71.52
C LYS T 38 -7.17 -12.31 71.05
N ASP T 39 -7.81 -13.34 71.59
CA ASP T 39 -9.17 -13.70 71.20
C ASP T 39 -10.06 -13.97 72.41
N ARG T 40 -9.74 -13.38 73.56
CA ARG T 40 -10.59 -13.53 74.74
C ARG T 40 -11.64 -12.44 74.84
N ARG T 41 -11.34 -11.24 74.34
CA ARG T 41 -12.34 -10.18 74.32
C ARG T 41 -13.47 -10.52 73.36
N MET T 42 -13.16 -11.19 72.24
CA MET T 42 -14.18 -11.65 71.33
C MET T 42 -15.10 -12.66 72.00
N GLU T 43 -14.53 -13.59 72.76
CA GLU T 43 -15.35 -14.56 73.48
C GLU T 43 -16.21 -13.90 74.55
N ASN T 44 -15.66 -12.89 75.24
CA ASN T 44 -16.45 -12.17 76.23
C ASN T 44 -17.61 -11.43 75.57
N LEU T 45 -17.36 -10.81 74.41
CA LEU T 45 -18.43 -10.12 73.70
C LEU T 45 -19.49 -11.11 73.21
N VAL T 46 -19.05 -12.29 72.76
CA VAL T 46 -20.01 -13.30 72.31
C VAL T 46 -20.88 -13.77 73.47
N ALA T 47 -20.26 -13.99 74.64
CA ALA T 47 -21.02 -14.40 75.81
C ALA T 47 -22.01 -13.32 76.25
N TYR T 48 -21.57 -12.06 76.21
CA TYR T 48 -22.47 -10.96 76.58
C TYR T 48 -23.64 -10.86 75.60
N ALA T 49 -23.37 -11.01 74.31
CA ALA T 49 -24.44 -10.96 73.32
C ALA T 49 -25.39 -12.14 73.48
N LYS T 50 -24.86 -13.31 73.83
CA LYS T 50 -25.71 -14.47 74.07
C LYS T 50 -26.62 -14.24 75.28
N LYS T 51 -26.07 -13.66 76.36
CA LYS T 51 -26.88 -13.37 77.53
C LYS T 51 -27.96 -12.33 77.20
N VAL T 52 -27.60 -11.30 76.43
CA VAL T 52 -28.57 -10.28 76.05
C VAL T 52 -29.69 -10.89 75.21
N GLU T 53 -29.33 -11.74 74.23
CA GLU T 53 -30.33 -12.41 73.42
C GLU T 53 -31.23 -13.30 74.27
N GLY T 54 -30.64 -14.00 75.24
CA GLY T 54 -31.44 -14.85 76.10
C GLY T 54 -32.45 -14.07 76.92
N ASP T 55 -32.00 -12.97 77.55
CA ASP T 55 -32.93 -12.21 78.38
C ASP T 55 -33.99 -11.50 77.53
N MET T 56 -33.61 -11.02 76.34
CA MET T 56 -34.60 -10.36 75.49
C MET T 56 -35.57 -11.35 74.86
N TYR T 57 -35.17 -12.61 74.69
CA TYR T 57 -36.11 -13.63 74.24
C TYR T 57 -37.01 -14.09 75.37
N GLU T 58 -36.50 -14.11 76.61
CA GLU T 58 -37.34 -14.39 77.76
C GLU T 58 -38.37 -13.28 77.97
N SER T 59 -37.97 -12.03 77.70
CA SER T 59 -38.87 -10.89 77.82
C SER T 59 -39.57 -10.54 76.51
N ALA T 60 -39.81 -11.53 75.66
CA ALA T 60 -40.47 -11.32 74.39
C ALA T 60 -41.97 -11.59 74.53
N ASN T 61 -42.68 -11.71 73.40
CA ASN T 61 -44.11 -11.96 73.44
C ASN T 61 -44.59 -12.63 72.15
N SER T 62 -44.02 -12.25 71.01
CA SER T 62 -44.43 -12.81 69.73
C SER T 62 -43.18 -13.14 68.92
N ARG T 63 -43.34 -13.22 67.60
CA ARG T 63 -42.26 -13.58 66.69
C ARG T 63 -41.93 -12.47 65.71
N ASP T 64 -42.94 -11.85 65.09
CA ASP T 64 -42.68 -10.80 64.11
C ASP T 64 -42.12 -9.54 64.77
N GLU T 65 -42.70 -9.15 65.90
CA GLU T 65 -42.18 -8.00 66.63
C GLU T 65 -40.76 -8.25 67.13
N TYR T 66 -40.44 -9.50 67.45
CA TYR T 66 -39.08 -9.84 67.85
C TYR T 66 -38.10 -9.60 66.71
N TYR T 67 -38.45 -10.05 65.50
CA TYR T 67 -37.59 -9.82 64.35
C TYR T 67 -37.48 -8.34 64.03
N HIS T 68 -38.58 -7.59 64.18
CA HIS T 68 -38.53 -6.15 63.95
C HIS T 68 -37.61 -5.46 64.95
N LEU T 69 -37.69 -5.85 66.21
CA LEU T 69 -36.81 -5.26 67.23
C LEU T 69 -35.36 -5.64 66.97
N LEU T 70 -35.11 -6.87 66.52
CA LEU T 70 -33.74 -7.25 66.18
C LEU T 70 -33.21 -6.44 65.02
N ALA T 71 -34.04 -6.21 64.00
CA ALA T 71 -33.61 -5.40 62.86
C ALA T 71 -33.33 -3.96 63.28
N GLU T 72 -34.19 -3.41 64.14
CA GLU T 72 -33.96 -2.06 64.65
C GLU T 72 -32.67 -1.98 65.46
N LYS T 73 -32.40 -3.00 66.29
CA LYS T 73 -31.18 -3.01 67.07
C LYS T 73 -29.94 -3.11 66.17
N ILE T 74 -30.00 -3.95 65.13
CA ILE T 74 -28.88 -4.03 64.19
C ILE T 74 -28.66 -2.68 63.52
N TYR T 75 -29.75 -2.05 63.05
CA TYR T 75 -29.61 -0.77 62.38
C TYR T 75 -29.09 0.31 63.32
N LYS T 76 -29.37 0.20 64.62
CA LYS T 76 -28.89 1.24 65.54
C LYS T 76 -27.46 0.98 66.03
N ILE T 77 -27.02 -0.28 66.07
CA ILE T 77 -25.64 -0.55 66.47
C ILE T 77 -24.67 -0.36 65.30
N GLN T 78 -25.17 -0.41 64.07
CA GLN T 78 -24.33 -0.17 62.89
C GLN T 78 -24.05 1.31 62.63
N LYS T 79 -24.49 2.22 63.51
CA LYS T 79 -24.24 3.65 63.40
C LYS T 79 -23.79 4.16 64.77
N GLU T 80 -22.64 3.65 65.22
CA GLU T 80 -22.10 3.96 66.55
C GLU T 80 -20.88 4.87 66.38
N LEU T 81 -19.68 4.34 66.27
CA LEU T 81 -18.48 5.18 66.15
C LEU T 81 -17.49 4.57 65.15
N GLU T 82 -17.94 4.50 63.90
CA GLU T 82 -17.11 3.98 62.81
C GLU T 82 -16.34 5.09 62.10
N GLU T 83 -16.06 6.20 62.78
CA GLU T 83 -15.33 7.34 62.23
C GLU T 83 -16.00 7.91 60.97
N LYS T 84 -17.30 7.67 60.82
CA LYS T 84 -18.07 8.14 59.67
C LYS T 84 -17.41 7.69 58.36
N SER T 85 -16.60 8.56 57.78
CA SER T 85 -15.88 8.27 56.55
C SER T 85 -14.82 9.36 56.36
N GLN T 86 -14.00 9.20 55.32
CA GLN T 86 -12.96 10.17 55.01
C GLN T 86 -13.32 11.07 53.83
N VAL T 87 -14.31 10.70 53.03
CA VAL T 87 -14.75 11.51 51.89
C VAL T 87 -16.20 11.95 52.02
N ARG T 88 -16.88 11.58 53.10
CA ARG T 88 -18.28 11.95 53.31
C ARG T 88 -18.34 13.37 53.86
N GLN T 89 -19.01 14.26 53.13
CA GLN T 89 -19.14 15.66 53.52
C GLN T 89 -20.56 16.11 53.23
N ASN T 90 -21.30 16.48 54.28
CA ASN T 90 -22.69 16.93 54.17
C ASN T 90 -23.55 15.88 53.48
N TYR T 91 -23.98 14.86 54.22
CA TYR T 91 -24.82 13.81 53.67
C TYR T 91 -25.63 13.20 54.80
N HIS T 92 -26.95 13.39 54.75
CA HIS T 92 -27.86 12.92 55.78
C HIS T 92 -28.21 11.45 55.54
N GLN T 93 -28.69 10.79 56.60
CA GLN T 93 -29.06 9.39 56.51
C GLN T 93 -30.29 9.15 55.65
N ASP T 94 -31.16 10.15 55.52
CA ASP T 94 -32.34 10.00 54.66
C ASP T 94 -31.93 9.81 53.20
N ALA T 95 -30.94 10.58 52.73
CA ALA T 95 -30.45 10.40 51.38
C ALA T 95 -29.82 9.02 51.20
N GLU T 96 -29.12 8.53 52.21
CA GLU T 96 -28.53 7.20 52.13
C GLU T 96 -29.61 6.12 52.04
N ALA T 97 -30.66 6.25 52.84
CA ALA T 97 -31.76 5.29 52.77
C ALA T 97 -32.47 5.37 51.42
N ALA T 98 -32.62 6.57 50.87
CA ALA T 98 -33.24 6.71 49.57
C ALA T 98 -32.39 6.08 48.48
N ILE T 99 -31.06 6.24 48.56
CA ILE T 99 -30.17 5.61 47.59
C ILE T 99 -30.24 4.09 47.72
N ASN T 100 -30.33 3.59 48.94
CA ASN T 100 -30.43 2.15 49.14
C ASN T 100 -31.74 1.61 48.55
N ARG T 101 -32.84 2.32 48.76
CA ARG T 101 -34.12 1.89 48.18
C ARG T 101 -34.08 1.96 46.66
N GLN T 102 -33.43 2.99 46.10
CA GLN T 102 -33.30 3.09 44.65
C GLN T 102 -32.47 1.95 44.10
N ILE T 103 -31.39 1.57 44.79
CA ILE T 103 -30.57 0.44 44.35
C ILE T 103 -31.36 -0.86 44.41
N ASN T 104 -32.16 -1.04 45.47
CA ASN T 104 -32.99 -2.23 45.57
C ASN T 104 -34.02 -2.27 44.44
N LEU T 105 -34.61 -1.13 44.10
CA LEU T 105 -35.57 -1.08 43.00
C LEU T 105 -34.89 -1.36 41.67
N GLU T 106 -33.67 -0.87 41.48
CA GLU T 106 -32.91 -1.16 40.27
C GLU T 106 -32.62 -2.65 40.15
N LEU T 107 -32.23 -3.29 41.25
CA LEU T 107 -31.97 -4.72 41.23
C LEU T 107 -33.25 -5.50 40.94
N TYR T 108 -34.37 -5.08 41.52
CA TYR T 108 -35.65 -5.74 41.25
C TYR T 108 -36.03 -5.59 39.78
N ALA T 109 -35.81 -4.40 39.20
CA ALA T 109 -36.12 -4.19 37.80
C ALA T 109 -35.22 -5.05 36.91
N SER T 110 -33.93 -5.17 37.27
CA SER T 110 -33.04 -6.02 36.51
C SER T 110 -33.47 -7.48 36.58
N TYR T 111 -33.92 -7.94 37.76
CA TYR T 111 -34.40 -9.30 37.90
C TYR T 111 -35.66 -9.53 37.06
N VAL T 112 -36.58 -8.56 37.07
CA VAL T 112 -37.80 -8.68 36.28
C VAL T 112 -37.48 -8.72 34.79
N TYR T 113 -36.52 -7.89 34.34
CA TYR T 113 -36.15 -7.89 32.94
C TYR T 113 -35.45 -9.19 32.55
N LEU T 114 -34.64 -9.76 33.45
CA LEU T 114 -34.04 -11.06 33.19
C LEU T 114 -35.10 -12.14 33.07
N SER T 115 -36.10 -12.12 33.96
CA SER T 115 -37.18 -13.09 33.87
C SER T 115 -37.97 -12.94 32.57
N MET T 116 -38.19 -11.70 32.14
CA MET T 116 -38.88 -11.47 30.87
C MET T 116 -38.05 -11.98 29.69
N SER T 117 -36.75 -11.74 29.71
CA SER T 117 -35.88 -12.22 28.64
C SER T 117 -35.83 -13.74 28.60
N CYS T 118 -35.85 -14.40 29.76
CA CYS T 118 -35.83 -15.85 29.80
C CYS T 118 -37.17 -16.48 29.51
N TYR T 119 -38.27 -15.73 29.69
CA TYR T 119 -39.59 -16.28 29.38
C TYR T 119 -39.86 -16.27 27.89
N PHE T 120 -39.54 -15.16 27.21
CA PHE T 120 -39.76 -15.08 25.76
C PHE T 120 -38.78 -15.93 24.98
N ASP T 121 -37.69 -16.38 25.60
CA ASP T 121 -36.71 -17.24 24.95
C ASP T 121 -37.06 -18.71 25.06
N ARG T 122 -38.20 -19.04 25.66
CA ARG T 122 -38.61 -20.43 25.83
C ARG T 122 -39.15 -21.02 24.53
N ASP T 123 -39.81 -22.17 24.63
CA ASP T 123 -40.37 -22.84 23.47
C ASP T 123 -41.85 -22.53 23.25
N ASP T 124 -42.57 -22.12 24.30
CA ASP T 124 -43.98 -21.79 24.18
C ASP T 124 -44.22 -20.37 23.71
N VAL T 125 -43.17 -19.56 23.56
CA VAL T 125 -43.29 -18.18 23.10
C VAL T 125 -42.59 -17.98 21.76
N ALA T 126 -41.31 -18.36 21.68
CA ALA T 126 -40.53 -18.28 20.45
C ALA T 126 -40.46 -16.85 19.91
N LEU T 127 -39.82 -15.98 20.70
CA LEU T 127 -39.61 -14.58 20.34
C LEU T 127 -38.19 -14.20 20.73
N LYS T 128 -37.27 -14.22 19.77
CA LYS T 128 -35.87 -13.94 20.04
C LYS T 128 -35.57 -12.45 20.14
N ASN T 129 -36.23 -11.62 19.34
CA ASN T 129 -35.96 -10.19 19.39
C ASN T 129 -36.43 -9.58 20.70
N PHE T 130 -37.61 -9.98 21.18
CA PHE T 130 -38.07 -9.51 22.49
C PHE T 130 -37.14 -9.96 23.60
N ALA T 131 -36.65 -11.20 23.52
CA ALA T 131 -35.72 -11.70 24.52
C ALA T 131 -34.42 -10.90 24.51
N LYS T 132 -33.90 -10.59 23.32
CA LYS T 132 -32.68 -9.81 23.23
C LYS T 132 -32.89 -8.39 23.76
N TYR T 133 -34.04 -7.79 23.46
CA TYR T 133 -34.33 -6.45 23.97
C TYR T 133 -34.44 -6.46 25.49
N PHE T 134 -35.10 -7.47 26.06
CA PHE T 134 -35.22 -7.55 27.51
C PHE T 134 -33.87 -7.82 28.16
N LEU T 135 -33.02 -8.60 27.51
CA LEU T 135 -31.68 -8.83 28.03
C LEU T 135 -30.85 -7.55 28.00
N HIS T 136 -30.98 -6.77 26.93
CA HIS T 136 -30.28 -5.48 26.87
C HIS T 136 -30.79 -4.53 27.95
N GLN T 137 -32.10 -4.53 28.19
CA GLN T 137 -32.66 -3.69 29.25
C GLN T 137 -32.16 -4.14 30.62
N SER T 138 -32.06 -5.46 30.84
CA SER T 138 -31.53 -5.96 32.09
C SER T 138 -30.06 -5.58 32.27
N HIS T 139 -29.29 -5.63 31.18
CA HIS T 139 -27.89 -5.20 31.26
C HIS T 139 -27.79 -3.71 31.59
N GLU T 140 -28.66 -2.90 30.99
CA GLU T 140 -28.66 -1.48 31.29
C GLU T 140 -29.03 -1.22 32.75
N GLU T 141 -30.02 -1.95 33.27
CA GLU T 141 -30.38 -1.81 34.68
C GLU T 141 -29.23 -2.23 35.58
N ARG T 142 -28.53 -3.30 35.22
CA ARG T 142 -27.39 -3.74 36.01
CA ARG T 142 -27.37 -3.75 36.01
C ARG T 142 -26.28 -2.69 36.01
N GLU T 143 -26.01 -2.09 34.85
CA GLU T 143 -24.99 -1.05 34.77
C GLU T 143 -25.40 0.18 35.58
N HIS T 144 -26.68 0.55 35.54
CA HIS T 144 -27.15 1.67 36.34
C HIS T 144 -27.03 1.38 37.83
N ALA T 145 -27.34 0.15 38.24
CA ALA T 145 -27.20 -0.22 39.65
C ALA T 145 -25.73 -0.18 40.08
N GLU T 146 -24.83 -0.69 39.23
CA GLU T 146 -23.41 -0.63 39.55
C GLU T 146 -22.92 0.80 39.63
N LYS T 147 -23.42 1.68 38.75
CA LYS T 147 -23.03 3.08 38.79
C LYS T 147 -23.53 3.75 40.06
N LEU T 148 -24.76 3.43 40.47
CA LEU T 148 -25.29 3.96 41.73
C LEU T 148 -24.46 3.48 42.91
N MET T 149 -24.08 2.20 42.92
CA MET T 149 -23.25 1.67 44.00
C MET T 149 -21.89 2.37 44.04
N LYS T 150 -21.28 2.59 42.87
CA LYS T 150 -20.00 3.27 42.82
C LYS T 150 -20.12 4.72 43.29
N LEU T 151 -21.21 5.39 42.91
CA LEU T 151 -21.41 6.77 43.37
C LEU T 151 -21.62 6.82 44.88
N GLN T 152 -22.34 5.86 45.43
CA GLN T 152 -22.52 5.82 46.89
C GLN T 152 -21.21 5.52 47.59
N ASN T 153 -20.37 4.66 47.00
CA ASN T 153 -19.07 4.37 47.59
C ASN T 153 -18.14 5.58 47.53
N GLN T 154 -18.25 6.39 46.47
CA GLN T 154 -17.40 7.58 46.35
C GLN T 154 -17.82 8.68 47.31
N ARG T 155 -19.06 8.67 47.78
CA ARG T 155 -19.55 9.67 48.72
C ARG T 155 -19.35 9.27 50.18
N GLY T 156 -18.70 8.15 50.44
CA GLY T 156 -18.47 7.72 51.80
C GLY T 156 -19.72 7.25 52.52
N GLY T 157 -20.55 6.45 51.86
CA GLY T 157 -21.77 5.95 52.47
C GLY T 157 -21.86 4.44 52.49
N ARG T 158 -22.59 3.90 53.47
CA ARG T 158 -22.75 2.46 53.59
C ARG T 158 -23.85 1.98 52.65
N ILE T 159 -23.70 0.74 52.18
CA ILE T 159 -24.67 0.11 51.29
C ILE T 159 -25.23 -1.11 52.01
N PHE T 160 -26.53 -1.08 52.29
CA PHE T 160 -27.22 -2.16 52.98
C PHE T 160 -27.99 -2.97 51.94
N LEU T 161 -27.35 -4.04 51.46
CA LEU T 161 -27.97 -4.91 50.47
C LEU T 161 -28.98 -5.82 51.15
N GLN T 162 -30.25 -5.68 50.79
CA GLN T 162 -31.31 -6.49 51.36
C GLN T 162 -31.56 -7.70 50.45
N ASP T 163 -32.74 -8.31 50.56
CA ASP T 163 -33.09 -9.48 49.75
C ASP T 163 -33.85 -9.03 48.52
N ILE T 164 -33.41 -9.51 47.35
CA ILE T 164 -34.06 -9.16 46.09
C ILE T 164 -35.38 -9.93 46.00
N LYS T 165 -36.48 -9.21 45.82
CA LYS T 165 -37.79 -9.83 45.73
C LYS T 165 -37.98 -10.49 44.37
N LYS T 166 -38.81 -11.54 44.35
CA LYS T 166 -39.10 -12.28 43.13
C LYS T 166 -40.24 -11.61 42.36
N PRO T 167 -40.26 -11.76 41.03
CA PRO T 167 -41.35 -11.17 40.25
C PRO T 167 -42.68 -11.81 40.60
N ASP T 168 -43.71 -10.97 40.72
CA ASP T 168 -45.04 -11.46 41.09
C ASP T 168 -45.71 -12.23 39.96
N ARG T 169 -45.30 -11.99 38.71
CA ARG T 169 -45.88 -12.65 37.54
C ARG T 169 -44.78 -13.45 36.85
N ASP T 170 -45.04 -14.73 36.61
CA ASP T 170 -44.10 -15.62 35.95
C ASP T 170 -44.55 -16.03 34.56
N ASP T 171 -45.86 -16.13 34.33
CA ASP T 171 -46.40 -16.50 33.02
C ASP T 171 -46.92 -15.24 32.34
N TRP T 172 -46.11 -14.68 31.44
CA TRP T 172 -46.48 -13.46 30.74
C TRP T 172 -47.42 -13.73 29.56
N CYS T 173 -47.63 -14.99 29.19
CA CYS T 173 -48.56 -15.37 28.13
C CYS T 173 -48.19 -14.70 26.80
N SER T 174 -48.81 -13.56 26.51
CA SER T 174 -48.54 -12.84 25.28
C SER T 174 -47.43 -11.83 25.48
N GLY T 175 -47.53 -10.67 24.81
CA GLY T 175 -46.52 -9.64 24.92
C GLY T 175 -47.05 -8.33 25.43
N LEU T 176 -48.37 -8.11 25.30
CA LEU T 176 -48.97 -6.87 25.77
C LEU T 176 -48.92 -6.74 27.28
N ASN T 177 -49.18 -7.84 28.00
CA ASN T 177 -49.10 -7.79 29.46
C ASN T 177 -47.68 -7.51 29.93
N ALA T 178 -46.69 -8.08 29.24
CA ALA T 178 -45.30 -7.81 29.59
C ALA T 178 -44.95 -6.34 29.36
N MET T 179 -45.45 -5.77 28.26
CA MET T 179 -45.20 -4.35 27.99
C MET T 179 -45.86 -3.46 29.04
N GLU T 180 -47.09 -3.82 29.45
CA GLU T 180 -47.76 -3.04 30.49
C GLU T 180 -47.02 -3.14 31.82
N SER T 181 -46.53 -4.33 32.16
CA SER T 181 -45.76 -4.50 33.39
C SER T 181 -44.47 -3.70 33.34
N ALA T 182 -43.78 -3.70 32.19
CA ALA T 182 -42.56 -2.93 32.05
C ALA T 182 -42.84 -1.44 32.15
N LEU T 183 -43.96 -0.98 31.57
CA LEU T 183 -44.31 0.43 31.66
C LEU T 183 -44.62 0.82 33.10
N HIS T 184 -45.35 -0.02 33.83
CA HIS T 184 -45.63 0.26 35.23
C HIS T 184 -44.35 0.28 36.06
N LEU T 185 -43.43 -0.64 35.77
CA LEU T 185 -42.16 -0.66 36.49
C LEU T 185 -41.34 0.59 36.20
N GLU T 186 -41.33 1.05 34.95
CA GLU T 186 -40.60 2.26 34.61
C GLU T 186 -41.24 3.48 35.27
N LYS T 187 -42.58 3.51 35.35
CA LYS T 187 -43.25 4.61 36.04
C LYS T 187 -42.92 4.61 37.52
N SER T 188 -42.85 3.42 38.14
CA SER T 188 -42.46 3.34 39.54
C SER T 188 -41.03 3.80 39.75
N VAL T 189 -40.13 3.42 38.83
CA VAL T 189 -38.73 3.86 38.93
C VAL T 189 -38.64 5.38 38.78
N ASN T 190 -39.43 5.95 37.87
CA ASN T 190 -39.44 7.41 37.70
C ASN T 190 -39.96 8.10 38.94
N GLN T 191 -41.01 7.55 39.55
CA GLN T 191 -41.53 8.13 40.78
C GLN T 191 -40.50 8.05 41.91
N SER T 192 -39.79 6.93 42.01
CA SER T 192 -38.75 6.81 43.01
C SER T 192 -37.62 7.81 42.77
N LEU T 193 -37.26 8.03 41.51
CA LEU T 193 -36.23 9.00 41.18
C LEU T 193 -36.68 10.42 41.52
N LEU T 194 -37.96 10.72 41.27
CA LEU T 194 -38.49 12.04 41.64
C LEU T 194 -38.49 12.23 43.16
N GLU T 195 -38.84 11.19 43.90
CA GLU T 195 -38.81 11.28 45.36
C GLU T 195 -37.37 11.46 45.86
N LEU T 196 -36.42 10.75 45.25
CA LEU T 196 -35.02 10.92 45.62
C LEU T 196 -34.54 12.33 45.32
N HIS T 197 -34.93 12.88 44.17
CA HIS T 197 -34.55 14.24 43.82
C HIS T 197 -35.14 15.24 44.81
N LYS T 198 -36.41 15.06 45.19
CA LYS T 198 -37.04 15.96 46.15
C LYS T 198 -36.35 15.87 47.52
N LEU T 199 -36.00 14.66 47.94
CA LEU T 199 -35.34 14.49 49.23
C LEU T 199 -33.94 15.10 49.22
N ALA T 200 -33.23 14.96 48.10
CA ALA T 200 -31.91 15.57 48.00
C ALA T 200 -31.98 17.09 47.95
N THR T 201 -33.04 17.63 47.34
CA THR T 201 -33.22 19.08 47.31
C THR T 201 -33.58 19.62 48.69
N ASP T 202 -34.43 18.89 49.41
CA ASP T 202 -34.84 19.35 50.74
C ASP T 202 -33.74 19.15 51.78
N LYS T 203 -32.75 18.31 51.51
CA LYS T 203 -31.65 18.05 52.43
C LYS T 203 -30.33 18.63 51.93
N ASN T 204 -30.38 19.52 50.94
CA ASN T 204 -29.19 20.18 50.39
C ASN T 204 -28.16 19.17 49.90
N ASP T 205 -28.37 18.64 48.69
CA ASP T 205 -27.45 17.70 48.06
C ASP T 205 -27.39 18.01 46.58
N PRO T 206 -26.58 18.98 46.18
CA PRO T 206 -26.55 19.39 44.77
C PRO T 206 -25.86 18.39 43.85
N HIS T 207 -24.79 17.75 44.35
CA HIS T 207 -24.03 16.83 43.51
C HIS T 207 -24.86 15.60 43.14
N LEU T 208 -25.48 14.96 44.14
CA LEU T 208 -26.30 13.79 43.87
C LEU T 208 -27.51 14.16 43.01
N CYS T 209 -28.12 15.32 43.27
CA CYS T 209 -29.25 15.76 42.47
C CYS T 209 -28.86 15.93 41.00
N ASP T 210 -27.73 16.61 40.76
CA ASP T 210 -27.27 16.82 39.39
C ASP T 210 -26.93 15.49 38.72
N PHE T 211 -26.26 14.59 39.45
CA PHE T 211 -25.88 13.31 38.87
C PHE T 211 -27.12 12.50 38.49
N ILE T 212 -28.14 12.48 39.36
CA ILE T 212 -29.35 11.73 39.07
C ILE T 212 -30.10 12.35 37.91
N GLU T 213 -30.20 13.69 37.87
CA GLU T 213 -30.96 14.33 36.80
C GLU T 213 -30.21 14.33 35.47
N THR T 214 -28.90 14.07 35.47
CA THR T 214 -28.12 14.05 34.25
C THR T 214 -27.89 12.65 33.73
N TYR T 215 -27.21 11.80 34.50
CA TYR T 215 -26.77 10.49 34.03
C TYR T 215 -27.77 9.38 34.35
N TYR T 216 -29.06 9.70 34.49
CA TYR T 216 -30.05 8.68 34.77
C TYR T 216 -31.38 9.00 34.10
N LEU T 217 -31.88 10.22 34.30
CA LEU T 217 -33.18 10.59 33.72
C LEU T 217 -33.13 10.62 32.19
N SER T 218 -31.97 10.97 31.62
CA SER T 218 -31.86 11.05 30.16
C SER T 218 -32.11 9.70 29.51
N GLU T 219 -31.81 8.60 30.21
CA GLU T 219 -32.08 7.27 29.69
C GLU T 219 -33.45 6.74 30.11
N GLN T 220 -33.89 7.08 31.32
CA GLN T 220 -35.19 6.63 31.80
C GLN T 220 -36.33 7.23 30.98
N VAL T 221 -36.23 8.51 30.64
CA VAL T 221 -37.27 9.14 29.83
C VAL T 221 -37.34 8.50 28.45
N LYS T 222 -36.18 8.23 27.85
CA LYS T 222 -36.17 7.58 26.54
C LYS T 222 -36.73 6.17 26.61
N SER T 223 -36.42 5.43 27.68
CA SER T 223 -36.97 4.09 27.83
C SER T 223 -38.49 4.13 28.01
N ILE T 224 -38.99 5.07 28.80
CA ILE T 224 -40.43 5.21 28.98
C ILE T 224 -41.11 5.58 27.67
N LYS T 225 -40.49 6.47 26.90
CA LYS T 225 -41.06 6.86 25.62
C LYS T 225 -41.08 5.68 24.65
N GLU T 226 -40.01 4.88 24.63
CA GLU T 226 -39.97 3.72 23.74
C GLU T 226 -41.00 2.68 24.14
N LEU T 227 -41.17 2.45 25.45
CA LEU T 227 -42.18 1.50 25.90
C LEU T 227 -43.59 2.00 25.57
N GLY T 228 -43.83 3.30 25.72
CA GLY T 228 -45.12 3.86 25.34
C GLY T 228 -45.39 3.74 23.87
N ASP T 229 -44.38 3.97 23.03
CA ASP T 229 -44.54 3.79 21.59
C ASP T 229 -44.83 2.34 21.25
N HIS T 230 -44.15 1.40 21.92
CA HIS T 230 -44.40 -0.02 21.67
C HIS T 230 -45.82 -0.40 22.08
N VAL T 231 -46.29 0.11 23.23
CA VAL T 231 -47.66 -0.19 23.67
C VAL T 231 -48.67 0.41 22.69
N THR T 232 -48.41 1.62 22.20
CA THR T 232 -49.32 2.24 21.25
C THR T 232 -49.35 1.46 19.93
N ASN T 233 -48.21 0.96 19.49
CA ASN T 233 -48.17 0.16 18.27
C ASN T 233 -48.89 -1.17 18.46
N LEU T 234 -48.76 -1.78 19.64
CA LEU T 234 -49.42 -3.05 19.90
C LEU T 234 -50.93 -2.88 20.03
N ARG T 235 -51.39 -1.75 20.56
CA ARG T 235 -52.81 -1.48 20.75
C ARG T 235 -53.47 -0.86 19.52
N LYS T 236 -52.88 -1.05 18.33
CA LYS T 236 -53.48 -0.52 17.11
C LYS T 236 -53.41 -1.55 15.99
N MET T 237 -52.35 -2.38 15.98
CA MET T 237 -52.20 -3.38 14.93
C MET T 237 -53.22 -4.50 15.09
N GLY T 238 -53.60 -4.85 16.32
CA GLY T 238 -54.58 -5.89 16.53
C GLY T 238 -54.25 -6.80 17.71
N ALA T 239 -53.13 -6.54 18.37
CA ALA T 239 -52.73 -7.35 19.50
C ALA T 239 -53.70 -7.12 20.68
N PRO T 240 -53.95 -8.17 21.49
CA PRO T 240 -53.39 -9.51 21.35
C PRO T 240 -54.19 -10.43 20.43
N CYS T 241 -55.27 -9.91 19.84
CA CYS T 241 -56.13 -10.70 18.97
C CYS T 241 -55.66 -10.70 17.53
N ALA T 242 -54.34 -10.73 17.30
CA ALA T 242 -53.80 -10.76 15.95
C ALA T 242 -52.41 -11.39 16.03
N GLY T 243 -52.31 -12.67 15.67
CA GLY T 243 -51.04 -13.37 15.73
C GLY T 243 -50.00 -12.86 14.75
N MET T 244 -50.43 -12.32 13.62
CA MET T 244 -49.48 -11.79 12.64
C MET T 244 -48.90 -10.45 13.07
N ALA T 245 -49.64 -9.68 13.87
CA ALA T 245 -49.14 -8.38 14.32
C ALA T 245 -47.92 -8.55 15.22
N GLU T 246 -47.93 -9.56 16.09
CA GLU T 246 -46.79 -9.81 16.95
C GLU T 246 -45.55 -10.19 16.14
N TYR T 247 -45.73 -11.04 15.12
CA TYR T 247 -44.61 -11.42 14.28
C TYR T 247 -44.09 -10.23 13.48
N LEU T 248 -44.98 -9.36 13.02
CA LEU T 248 -44.56 -8.17 12.29
C LEU T 248 -43.77 -7.22 13.20
N PHE T 249 -44.25 -7.00 14.42
CA PHE T 249 -43.52 -6.16 15.36
C PHE T 249 -42.21 -6.79 15.80
N ASP T 250 -42.11 -8.12 15.76
CA ASP T 250 -40.88 -8.80 16.14
C ASP T 250 -39.83 -8.72 15.03
N LYS T 251 -40.24 -8.97 13.78
CA LYS T 251 -39.32 -9.01 12.65
C LYS T 251 -39.14 -7.67 11.97
N HIS T 252 -39.36 -6.56 12.69
CA HIS T 252 -39.17 -5.24 12.10
C HIS T 252 -38.66 -4.24 13.14
N THR T 253 -39.40 -4.08 14.23
CA THR T 253 -39.03 -3.11 15.26
C THR T 253 -37.77 -3.57 16.00
N LEU T 254 -37.86 -4.68 16.72
CA LEU T 254 -36.73 -5.20 17.48
C LEU T 254 -35.87 -6.17 16.67
N GLY T 255 -36.15 -6.33 15.38
CA GLY T 255 -35.37 -7.24 14.55
C GLY T 255 -34.30 -6.54 13.73
N THR U 13 -54.61 -3.91 58.20
CA THR U 13 -54.34 -5.34 58.21
C THR U 13 -55.01 -6.02 57.01
N GLN U 14 -55.24 -5.24 55.95
CA GLN U 14 -55.85 -5.75 54.73
C GLN U 14 -54.94 -5.67 53.51
N ASP U 15 -53.90 -4.85 53.53
CA ASP U 15 -52.97 -4.81 52.40
C ASP U 15 -52.25 -6.14 52.24
N LEU U 16 -51.79 -6.72 53.36
CA LEU U 16 -51.16 -8.03 53.31
C LEU U 16 -52.14 -9.10 52.85
N ARG U 17 -53.40 -8.98 53.29
CA ARG U 17 -54.42 -9.95 52.86
C ARG U 17 -54.64 -9.88 51.36
N SER U 18 -54.73 -8.67 50.81
CA SER U 18 -54.89 -8.51 49.36
C SER U 18 -53.68 -9.04 48.63
N HIS U 19 -52.47 -8.78 49.16
CA HIS U 19 -51.26 -9.23 48.49
C HIS U 19 -51.15 -10.75 48.50
N LEU U 20 -51.61 -11.39 49.57
CA LEU U 20 -51.54 -12.85 49.63
C LEU U 20 -52.68 -13.51 48.86
N VAL U 21 -53.80 -12.83 48.67
CA VAL U 21 -54.89 -13.41 47.88
C VAL U 21 -54.71 -13.17 46.38
N HIS U 22 -53.99 -12.12 45.99
CA HIS U 22 -53.73 -11.85 44.58
C HIS U 22 -52.70 -12.78 43.97
N LYS U 23 -52.19 -13.74 44.73
CA LYS U 23 -51.22 -14.70 44.20
C LYS U 23 -51.91 -15.93 43.63
N LEU U 24 -52.83 -16.53 44.40
CA LEU U 24 -53.52 -17.72 43.92
C LEU U 24 -54.50 -17.40 42.80
N VAL U 25 -55.20 -16.26 42.91
CA VAL U 25 -56.15 -15.88 41.87
C VAL U 25 -55.44 -15.55 40.55
N GLN U 26 -54.15 -15.26 40.59
CA GLN U 26 -53.37 -15.06 39.38
C GLN U 26 -52.68 -16.34 38.93
N ALA U 27 -52.38 -17.25 39.85
CA ALA U 27 -51.75 -18.51 39.48
C ALA U 27 -52.75 -19.49 38.88
N ILE U 28 -54.02 -19.40 39.27
CA ILE U 28 -55.03 -20.30 38.71
C ILE U 28 -55.28 -19.97 37.24
N PHE U 29 -55.65 -18.72 36.95
CA PHE U 29 -55.93 -18.26 35.59
C PHE U 29 -54.97 -17.13 35.27
N PRO U 30 -53.79 -17.43 34.75
CA PRO U 30 -52.77 -16.39 34.54
C PRO U 30 -52.91 -15.61 33.23
N CYS U 31 -53.68 -16.10 32.26
CA CYS U 31 -53.79 -15.47 30.95
C CYS U 31 -55.24 -15.06 30.72
N PRO U 32 -55.63 -13.86 31.14
CA PRO U 32 -56.99 -13.38 30.85
C PRO U 32 -57.12 -12.92 29.40
N ASP U 33 -57.19 -13.87 28.49
CA ASP U 33 -57.24 -13.56 27.06
C ASP U 33 -58.62 -13.02 26.69
N PRO U 34 -58.73 -11.77 26.23
CA PRO U 34 -60.03 -11.23 25.84
C PRO U 34 -60.44 -11.57 24.41
N CYS U 35 -59.63 -12.32 23.68
CA CYS U 35 -59.91 -12.66 22.29
C CYS U 35 -60.77 -13.92 22.15
N ALA U 36 -61.57 -14.24 23.17
CA ALA U 36 -62.42 -15.42 23.12
C ALA U 36 -63.68 -15.23 23.95
N LEU U 37 -63.65 -15.67 25.20
CA LEU U 37 -64.80 -15.55 26.08
C LEU U 37 -64.85 -14.15 26.70
N LYS U 38 -65.81 -13.95 27.61
CA LYS U 38 -65.96 -12.67 28.28
C LYS U 38 -65.10 -12.60 29.53
N ASP U 39 -65.62 -11.97 30.59
CA ASP U 39 -64.86 -11.85 31.84
C ASP U 39 -65.68 -12.23 33.05
N ARG U 40 -66.74 -13.01 32.88
CA ARG U 40 -67.55 -13.44 34.02
C ARG U 40 -67.02 -14.73 34.65
N ARG U 41 -66.41 -15.61 33.86
CA ARG U 41 -65.80 -16.80 34.42
C ARG U 41 -64.61 -16.45 35.30
N MET U 42 -63.86 -15.41 34.92
CA MET U 42 -62.77 -14.94 35.77
C MET U 42 -63.28 -14.43 37.11
N GLU U 43 -64.40 -13.69 37.09
CA GLU U 43 -64.98 -13.20 38.34
C GLU U 43 -65.51 -14.35 39.19
N ASN U 44 -66.11 -15.36 38.55
CA ASN U 44 -66.56 -16.53 39.30
C ASN U 44 -65.39 -17.27 39.94
N LEU U 45 -64.29 -17.42 39.20
CA LEU U 45 -63.11 -18.07 39.76
C LEU U 45 -62.52 -17.25 40.90
N VAL U 46 -62.52 -15.93 40.78
CA VAL U 46 -62.01 -15.07 41.86
C VAL U 46 -62.87 -15.21 43.09
N ALA U 47 -64.20 -15.24 42.93
CA ALA U 47 -65.09 -15.40 44.07
C ALA U 47 -64.91 -16.77 44.73
N TYR U 48 -64.74 -17.82 43.91
CA TYR U 48 -64.51 -19.15 44.48
C TYR U 48 -63.20 -19.20 45.24
N ALA U 49 -62.14 -18.60 44.69
CA ALA U 49 -60.86 -18.57 45.39
C ALA U 49 -60.95 -17.77 46.68
N LYS U 50 -61.70 -16.66 46.67
CA LYS U 50 -61.90 -15.88 47.89
C LYS U 50 -62.62 -16.70 48.95
N LYS U 51 -63.67 -17.43 48.56
CA LYS U 51 -64.38 -18.26 49.52
C LYS U 51 -63.49 -19.36 50.07
N VAL U 52 -62.67 -19.98 49.20
CA VAL U 52 -61.76 -21.02 49.66
C VAL U 52 -60.75 -20.45 50.65
N GLU U 53 -60.17 -19.29 50.31
CA GLU U 53 -59.24 -18.63 51.22
C GLU U 53 -59.90 -18.31 52.56
N GLY U 54 -61.14 -17.83 52.52
CA GLY U 54 -61.84 -17.50 53.75
C GLY U 54 -62.05 -18.72 54.63
N ASP U 55 -62.53 -19.82 54.05
CA ASP U 55 -62.80 -20.99 54.86
C ASP U 55 -61.50 -21.63 55.37
N MET U 56 -60.44 -21.59 54.56
CA MET U 56 -59.17 -22.18 55.02
C MET U 56 -58.45 -21.28 56.01
N TYR U 57 -58.75 -19.99 56.04
CA TYR U 57 -58.24 -19.11 57.10
C TYR U 57 -59.06 -19.26 58.37
N GLU U 58 -60.37 -19.52 58.23
CA GLU U 58 -61.18 -19.82 59.41
C GLU U 58 -60.77 -21.15 60.04
N SER U 59 -60.37 -22.11 59.20
CA SER U 59 -59.92 -23.42 59.68
C SER U 59 -58.41 -23.48 59.85
N ALA U 60 -57.77 -22.36 60.17
CA ALA U 60 -56.34 -22.30 60.37
C ALA U 60 -56.01 -22.44 61.86
N ASN U 61 -54.77 -22.15 62.22
CA ASN U 61 -54.35 -22.25 63.62
C ASN U 61 -53.17 -21.34 63.92
N SER U 62 -52.25 -21.20 62.98
CA SER U 62 -51.06 -20.37 63.19
C SER U 62 -50.83 -19.53 61.94
N ARG U 63 -49.59 -19.07 61.75
CA ARG U 63 -49.22 -18.20 60.65
C ARG U 63 -48.19 -18.83 59.72
N ASP U 64 -47.13 -19.44 60.27
CA ASP U 64 -46.09 -20.04 59.44
C ASP U 64 -46.61 -21.27 58.72
N GLU U 65 -47.36 -22.13 59.41
CA GLU U 65 -47.94 -23.30 58.77
C GLU U 65 -48.94 -22.89 57.70
N TYR U 66 -49.62 -21.76 57.88
CA TYR U 66 -50.54 -21.27 56.87
C TYR U 66 -49.79 -20.90 55.60
N TYR U 67 -48.66 -20.19 55.74
CA TYR U 67 -47.86 -19.84 54.57
C TYR U 67 -47.27 -21.08 53.92
N HIS U 68 -46.87 -22.06 54.71
CA HIS U 68 -46.35 -23.30 54.14
C HIS U 68 -47.42 -24.04 53.35
N LEU U 69 -48.64 -24.10 53.88
CA LEU U 69 -49.73 -24.76 53.18
C LEU U 69 -50.08 -24.00 51.90
N LEU U 70 -50.04 -22.66 51.95
CA LEU U 70 -50.30 -21.88 50.75
C LEU U 70 -49.24 -22.14 49.68
N ALA U 71 -47.97 -22.22 50.09
CA ALA U 71 -46.90 -22.51 49.13
C ALA U 71 -47.07 -23.90 48.54
N GLU U 72 -47.42 -24.88 49.37
CA GLU U 72 -47.65 -26.23 48.86
C GLU U 72 -48.83 -26.26 47.88
N LYS U 73 -49.89 -25.52 48.18
CA LYS U 73 -51.04 -25.47 47.29
C LYS U 73 -50.68 -24.81 45.96
N ILE U 74 -49.89 -23.73 46.00
CA ILE U 74 -49.45 -23.09 44.76
C ILE U 74 -48.61 -24.08 43.94
N TYR U 75 -47.67 -24.75 44.60
CA TYR U 75 -46.81 -25.69 43.89
C TYR U 75 -47.61 -26.85 43.32
N LYS U 76 -48.71 -27.23 43.97
CA LYS U 76 -49.51 -28.34 43.48
C LYS U 76 -50.40 -27.92 42.31
N ILE U 77 -50.97 -26.71 42.37
CA ILE U 77 -51.86 -26.26 41.31
C ILE U 77 -51.10 -25.85 40.05
N GLN U 78 -49.81 -25.53 40.18
CA GLN U 78 -48.99 -25.18 39.03
C GLN U 78 -48.49 -26.39 38.24
N LYS U 79 -48.95 -27.61 38.59
CA LYS U 79 -48.61 -28.83 37.86
C LYS U 79 -49.90 -29.62 37.66
N GLU U 80 -50.83 -29.03 36.90
CA GLU U 80 -52.15 -29.61 36.67
C GLU U 80 -52.22 -30.12 35.23
N LEU U 81 -52.66 -29.32 34.26
CA LEU U 81 -52.78 -29.77 32.87
C LEU U 81 -52.35 -28.67 31.91
N GLU U 82 -51.07 -28.31 32.00
CA GLU U 82 -50.48 -27.30 31.12
C GLU U 82 -49.86 -27.90 29.87
N GLU U 83 -50.32 -29.09 29.45
CA GLU U 83 -49.81 -29.79 28.28
C GLU U 83 -48.32 -30.07 28.37
N LYS U 84 -47.77 -30.10 29.59
CA LYS U 84 -46.35 -30.34 29.82
C LYS U 84 -45.50 -29.37 29.02
N SER U 85 -45.05 -29.80 27.84
CA SER U 85 -44.25 -28.98 26.95
C SER U 85 -44.20 -29.67 25.59
N GLN U 86 -43.57 -29.00 24.62
CA GLN U 86 -43.42 -29.55 23.28
C GLN U 86 -42.03 -30.10 23.00
N VAL U 87 -41.04 -29.73 23.80
CA VAL U 87 -39.67 -30.22 23.63
C VAL U 87 -39.18 -31.00 24.85
N ARG U 88 -40.02 -31.17 25.87
CA ARG U 88 -39.64 -31.89 27.08
C ARG U 88 -39.79 -33.38 26.83
N GLN U 89 -38.70 -34.13 26.95
CA GLN U 89 -38.69 -35.57 26.74
C GLN U 89 -37.82 -36.22 27.80
N ASN U 90 -38.45 -37.06 28.64
CA ASN U 90 -37.76 -37.76 29.71
C ASN U 90 -37.06 -36.78 30.65
N TYR U 91 -37.82 -36.19 31.57
CA TYR U 91 -37.27 -35.23 32.53
C TYR U 91 -38.15 -35.21 33.76
N HIS U 92 -37.60 -35.68 34.88
CA HIS U 92 -38.32 -35.78 36.13
C HIS U 92 -38.32 -34.44 36.86
N GLN U 93 -39.26 -34.28 37.79
CA GLN U 93 -39.38 -33.04 38.55
C GLN U 93 -38.22 -32.84 39.52
N ASP U 94 -37.56 -33.93 39.94
CA ASP U 94 -36.41 -33.79 40.84
C ASP U 94 -35.27 -33.06 40.14
N ALA U 95 -35.02 -33.38 38.87
CA ALA U 95 -33.99 -32.67 38.11
C ALA U 95 -34.36 -31.20 37.93
N GLU U 96 -35.64 -30.91 37.73
CA GLU U 96 -36.07 -29.51 37.60
C GLU U 96 -35.85 -28.75 38.90
N ALA U 97 -36.19 -29.37 40.04
CA ALA U 97 -35.95 -28.72 41.33
C ALA U 97 -34.47 -28.53 41.59
N ALA U 98 -33.64 -29.50 41.19
CA ALA U 98 -32.20 -29.35 41.35
C ALA U 98 -31.65 -28.22 40.49
N ILE U 99 -32.15 -28.10 39.26
CA ILE U 99 -31.71 -27.00 38.39
C ILE U 99 -32.15 -25.67 38.97
N ASN U 100 -33.36 -25.60 39.54
CA ASN U 100 -33.82 -24.37 40.16
C ASN U 100 -32.95 -23.99 41.35
N ARG U 101 -32.60 -24.97 42.19
CA ARG U 101 -31.73 -24.69 43.32
C ARG U 101 -30.34 -24.26 42.86
N GLN U 102 -29.83 -24.87 41.79
CA GLN U 102 -28.53 -24.48 41.26
C GLN U 102 -28.57 -23.06 40.72
N ILE U 103 -29.66 -22.68 40.05
CA ILE U 103 -29.80 -21.32 39.55
C ILE U 103 -29.87 -20.33 40.70
N ASN U 104 -30.60 -20.68 41.77
CA ASN U 104 -30.67 -19.82 42.94
C ASN U 104 -29.29 -19.65 43.57
N LEU U 105 -28.52 -20.74 43.65
CA LEU U 105 -27.18 -20.65 44.21
C LEU U 105 -26.26 -19.81 43.33
N GLU U 106 -26.41 -19.93 42.01
CA GLU U 106 -25.63 -19.10 41.10
C GLU U 106 -25.96 -17.62 41.27
N LEU U 107 -27.24 -17.30 41.42
CA LEU U 107 -27.64 -15.91 41.64
C LEU U 107 -27.11 -15.40 42.98
N TYR U 108 -27.14 -16.24 44.01
CA TYR U 108 -26.60 -15.83 45.31
C TYR U 108 -25.10 -15.60 45.22
N ALA U 109 -24.38 -16.46 44.49
CA ALA U 109 -22.95 -16.27 44.31
C ALA U 109 -22.64 -15.00 43.54
N SER U 110 -23.44 -14.70 42.51
CA SER U 110 -23.26 -13.46 41.76
C SER U 110 -23.50 -12.25 42.65
N TYR U 111 -24.52 -12.30 43.50
CA TYR U 111 -24.78 -11.20 44.42
C TYR U 111 -23.64 -11.02 45.42
N VAL U 112 -23.11 -12.13 45.94
CA VAL U 112 -22.00 -12.05 46.88
C VAL U 112 -20.76 -11.47 46.20
N TYR U 113 -20.50 -11.88 44.95
CA TYR U 113 -19.35 -11.34 44.23
C TYR U 113 -19.52 -9.86 43.92
N LEU U 114 -20.75 -9.44 43.61
CA LEU U 114 -21.02 -8.01 43.41
C LEU U 114 -20.79 -7.23 44.68
N SER U 115 -21.24 -7.77 45.81
CA SER U 115 -21.01 -7.10 47.10
C SER U 115 -19.52 -7.01 47.40
N MET U 116 -18.76 -8.06 47.10
CA MET U 116 -17.32 -8.02 47.31
C MET U 116 -16.65 -6.99 46.41
N SER U 117 -17.08 -6.91 45.15
CA SER U 117 -16.50 -5.93 44.23
C SER U 117 -16.83 -4.51 44.66
N CYS U 118 -18.03 -4.29 45.20
CA CYS U 118 -18.40 -2.94 45.65
C CYS U 118 -17.80 -2.59 47.01
N TYR U 119 -17.41 -3.59 47.81
CA TYR U 119 -16.80 -3.30 49.09
C TYR U 119 -15.35 -2.89 48.94
N PHE U 120 -14.59 -3.62 48.12
CA PHE U 120 -13.19 -3.30 47.90
C PHE U 120 -13.00 -2.04 47.07
N ASP U 121 -14.04 -1.57 46.39
CA ASP U 121 -13.99 -0.35 45.60
C ASP U 121 -14.30 0.89 46.43
N ARG U 122 -14.52 0.75 47.73
CA ARG U 122 -14.86 1.87 48.59
C ARG U 122 -13.61 2.70 48.93
N ASP U 123 -13.74 3.57 49.92
CA ASP U 123 -12.64 4.43 50.34
C ASP U 123 -11.85 3.87 51.51
N ASP U 124 -12.47 2.99 52.32
CA ASP U 124 -11.78 2.41 53.47
C ASP U 124 -10.95 1.18 53.11
N VAL U 125 -11.00 0.74 51.85
CA VAL U 125 -10.23 -0.42 51.39
C VAL U 125 -9.21 -0.02 50.33
N ALA U 126 -9.67 0.65 49.27
CA ALA U 126 -8.81 1.16 48.20
C ALA U 126 -8.02 0.02 47.54
N LEU U 127 -8.76 -0.88 46.90
CA LEU U 127 -8.19 -2.00 46.15
C LEU U 127 -8.96 -2.15 44.85
N LYS U 128 -8.40 -1.61 43.76
CA LYS U 128 -9.07 -1.63 42.46
C LYS U 128 -8.93 -2.96 41.74
N ASN U 129 -7.79 -3.63 41.87
CA ASN U 129 -7.60 -4.90 41.17
C ASN U 129 -8.50 -5.98 41.76
N PHE U 130 -8.62 -6.04 43.08
CA PHE U 130 -9.54 -7.00 43.70
C PHE U 130 -10.97 -6.70 43.30
N ALA U 131 -11.35 -5.43 43.24
CA ALA U 131 -12.70 -5.07 42.82
C ALA U 131 -12.96 -5.49 41.38
N LYS U 132 -11.98 -5.29 40.49
CA LYS U 132 -12.15 -5.70 39.10
C LYS U 132 -12.25 -7.22 38.98
N TYR U 133 -11.43 -7.94 39.75
CA TYR U 133 -11.50 -9.41 39.72
C TYR U 133 -12.84 -9.91 40.23
N PHE U 134 -13.35 -9.31 41.31
CA PHE U 134 -14.65 -9.72 41.82
C PHE U 134 -15.78 -9.36 40.86
N LEU U 135 -15.66 -8.23 40.16
CA LEU U 135 -16.65 -7.88 39.15
C LEU U 135 -16.63 -8.85 37.99
N HIS U 136 -15.43 -9.28 37.57
CA HIS U 136 -15.33 -10.27 36.51
C HIS U 136 -15.92 -11.60 36.95
N GLN U 137 -15.68 -12.00 38.21
CA GLN U 137 -16.27 -13.22 38.73
C GLN U 137 -17.79 -13.13 38.79
N SER U 138 -18.31 -11.97 39.17
CA SER U 138 -19.76 -11.78 39.19
C SER U 138 -20.34 -11.85 37.79
N HIS U 139 -19.64 -11.28 36.80
CA HIS U 139 -20.09 -11.37 35.42
C HIS U 139 -20.08 -12.81 34.93
N GLU U 140 -19.05 -13.58 35.31
CA GLU U 140 -19.01 -14.99 34.93
C GLU U 140 -20.15 -15.77 35.57
N GLU U 141 -20.44 -15.49 36.84
CA GLU U 141 -21.57 -16.15 37.51
C GLU U 141 -22.89 -15.78 36.84
N ARG U 142 -23.04 -14.51 36.45
CA ARG U 142 -24.26 -14.10 35.76
CA ARG U 142 -24.25 -14.09 35.76
C ARG U 142 -24.40 -14.80 34.42
N GLU U 143 -23.30 -14.92 33.68
CA GLU U 143 -23.36 -15.62 32.39
C GLU U 143 -23.68 -17.10 32.58
N HIS U 144 -23.11 -17.73 33.62
CA HIS U 144 -23.42 -19.12 33.89
C HIS U 144 -24.88 -19.31 34.28
N ALA U 145 -25.43 -18.36 35.06
CA ALA U 145 -26.84 -18.45 35.43
C ALA U 145 -27.73 -18.28 34.21
N GLU U 146 -27.39 -17.34 33.33
CA GLU U 146 -28.17 -17.16 32.10
C GLU U 146 -28.08 -18.39 31.21
N LYS U 147 -26.92 -19.02 31.15
CA LYS U 147 -26.76 -20.24 30.36
C LYS U 147 -27.59 -21.37 30.94
N LEU U 148 -27.62 -21.49 32.27
CA LEU U 148 -28.46 -22.51 32.91
C LEU U 148 -29.93 -22.24 32.64
N MET U 149 -30.36 -20.98 32.70
CA MET U 149 -31.75 -20.65 32.41
C MET U 149 -32.09 -20.98 30.96
N LYS U 150 -31.20 -20.68 30.03
CA LYS U 150 -31.44 -20.99 28.62
C LYS U 150 -31.51 -22.50 28.40
N LEU U 151 -30.63 -23.25 29.06
CA LEU U 151 -30.66 -24.71 28.93
C LEU U 151 -31.95 -25.29 29.50
N GLN U 152 -32.43 -24.74 30.62
CA GLN U 152 -33.69 -25.20 31.18
C GLN U 152 -34.86 -24.85 30.27
N ASN U 153 -34.81 -23.67 29.63
CA ASN U 153 -35.87 -23.30 28.71
C ASN U 153 -35.86 -24.16 27.45
N GLN U 154 -34.67 -24.60 27.00
CA GLN U 154 -34.60 -25.46 25.83
C GLN U 154 -35.07 -26.88 26.10
N ARG U 155 -35.07 -27.31 27.37
CA ARG U 155 -35.53 -28.64 27.74
C ARG U 155 -37.01 -28.68 28.07
N GLY U 156 -37.74 -27.58 27.91
CA GLY U 156 -39.15 -27.57 28.21
C GLY U 156 -39.48 -27.65 29.70
N GLY U 157 -38.77 -26.89 30.52
CA GLY U 157 -39.02 -26.92 31.96
C GLY U 157 -39.33 -25.55 32.53
N ARG U 158 -40.10 -25.54 33.62
CA ARG U 158 -40.47 -24.29 34.28
C ARG U 158 -39.34 -23.79 35.17
N ILE U 159 -39.25 -22.48 35.30
CA ILE U 159 -38.24 -21.83 36.14
C ILE U 159 -38.98 -21.08 37.24
N PHE U 160 -38.77 -21.49 38.49
CA PHE U 160 -39.40 -20.88 39.65
C PHE U 160 -38.38 -19.98 40.32
N LEU U 161 -38.40 -18.70 39.96
CA LEU U 161 -37.48 -17.74 40.54
C LEU U 161 -37.95 -17.34 41.93
N GLN U 162 -37.15 -17.66 42.94
CA GLN U 162 -37.48 -17.33 44.33
C GLN U 162 -36.84 -15.99 44.69
N ASP U 163 -36.67 -15.73 45.98
CA ASP U 163 -36.07 -14.49 46.46
C ASP U 163 -34.58 -14.69 46.68
N ILE U 164 -33.78 -13.78 46.13
CA ILE U 164 -32.33 -13.85 46.27
C ILE U 164 -31.96 -13.41 47.69
N LYS U 165 -31.25 -14.29 48.40
CA LYS U 165 -30.86 -13.97 49.77
C LYS U 165 -29.70 -12.98 49.79
N LYS U 166 -29.63 -12.21 50.88
CA LYS U 166 -28.58 -11.21 51.06
C LYS U 166 -27.33 -11.84 51.67
N PRO U 167 -26.16 -11.30 51.37
CA PRO U 167 -24.93 -11.84 51.97
C PRO U 167 -24.93 -11.67 53.49
N ASP U 168 -24.50 -12.72 54.18
CA ASP U 168 -24.48 -12.69 55.64
C ASP U 168 -23.39 -11.79 56.19
N ARG U 169 -22.34 -11.52 55.40
CA ARG U 169 -21.23 -10.67 55.83
C ARG U 169 -21.15 -9.46 54.90
N ASP U 170 -21.14 -8.27 55.50
CA ASP U 170 -21.07 -7.03 54.74
C ASP U 170 -19.73 -6.31 54.91
N ASP U 171 -19.09 -6.45 56.06
CA ASP U 171 -17.80 -5.82 56.34
C ASP U 171 -16.72 -6.89 56.21
N TRP U 172 -16.06 -6.92 55.07
CA TRP U 172 -15.01 -7.91 54.83
C TRP U 172 -13.67 -7.52 55.44
N CYS U 173 -13.54 -6.29 55.95
CA CYS U 173 -12.34 -5.82 56.62
C CYS U 173 -11.12 -5.93 55.71
N SER U 174 -10.38 -7.03 55.84
CA SER U 174 -9.18 -7.24 55.03
C SER U 174 -9.52 -7.98 53.74
N GLY U 175 -8.63 -8.85 53.29
CA GLY U 175 -8.84 -9.60 52.07
C GLY U 175 -8.82 -11.10 52.28
N LEU U 176 -8.20 -11.55 53.37
CA LEU U 176 -8.13 -12.98 53.63
C LEU U 176 -9.50 -13.56 53.95
N ASN U 177 -10.32 -12.85 54.72
CA ASN U 177 -11.65 -13.34 55.04
C ASN U 177 -12.51 -13.41 53.78
N ALA U 178 -12.37 -12.44 52.88
CA ALA U 178 -13.10 -12.48 51.62
C ALA U 178 -12.69 -13.67 50.77
N MET U 179 -11.38 -13.97 50.75
CA MET U 179 -10.90 -15.12 49.99
C MET U 179 -11.42 -16.43 50.59
N GLU U 180 -11.45 -16.52 51.93
CA GLU U 180 -11.99 -17.72 52.57
C GLU U 180 -13.48 -17.88 52.28
N SER U 181 -14.23 -16.77 52.31
CA SER U 181 -15.66 -16.83 52.00
C SER U 181 -15.88 -17.25 50.55
N ALA U 182 -15.07 -16.73 49.63
CA ALA U 182 -15.19 -17.11 48.23
C ALA U 182 -14.85 -18.58 48.02
N LEU U 183 -13.83 -19.08 48.74
CA LEU U 183 -13.47 -20.49 48.63
C LEU U 183 -14.59 -21.37 49.17
N HIS U 184 -15.19 -20.99 50.30
CA HIS U 184 -16.30 -21.77 50.84
C HIS U 184 -17.49 -21.74 49.89
N LEU U 185 -17.76 -20.60 49.27
CA LEU U 185 -18.86 -20.51 48.32
C LEU U 185 -18.61 -21.38 47.10
N GLU U 186 -17.36 -21.40 46.61
CA GLU U 186 -17.04 -22.24 45.46
C GLU U 186 -17.13 -23.72 45.83
N LYS U 187 -16.74 -24.08 47.05
CA LYS U 187 -16.89 -25.46 47.50
C LYS U 187 -18.35 -25.86 47.59
N SER U 188 -19.21 -24.94 48.08
CA SER U 188 -20.64 -25.22 48.13
C SER U 188 -21.21 -25.38 46.73
N VAL U 189 -20.78 -24.54 45.79
CA VAL U 189 -21.25 -24.64 44.41
C VAL U 189 -20.81 -25.97 43.80
N ASN U 190 -19.57 -26.39 44.09
CA ASN U 190 -19.09 -27.68 43.58
C ASN U 190 -19.88 -28.83 44.17
N GLN U 191 -20.19 -28.76 45.46
CA GLN U 191 -21.01 -29.80 46.09
C GLN U 191 -22.41 -29.85 45.47
N SER U 192 -23.00 -28.69 45.20
CA SER U 192 -24.31 -28.65 44.57
C SER U 192 -24.25 -29.23 43.16
N LEU U 193 -23.17 -28.94 42.42
CA LEU U 193 -23.02 -29.50 41.08
C LEU U 193 -22.85 -31.02 41.14
N LEU U 194 -22.11 -31.52 42.13
CA LEU U 194 -21.97 -32.97 42.28
C LEU U 194 -23.30 -33.62 42.63
N GLU U 195 -24.10 -32.98 43.49
CA GLU U 195 -25.41 -33.52 43.82
C GLU U 195 -26.32 -33.52 42.59
N LEU U 196 -26.26 -32.45 41.79
CA LEU U 196 -27.05 -32.39 40.56
C LEU U 196 -26.62 -33.48 39.59
N HIS U 197 -25.32 -33.71 39.46
CA HIS U 197 -24.83 -34.78 38.58
C HIS U 197 -25.30 -36.14 39.07
N LYS U 198 -25.24 -36.39 40.38
CA LYS U 198 -25.69 -37.67 40.92
C LYS U 198 -27.19 -37.85 40.70
N LEU U 199 -27.97 -36.78 40.87
CA LEU U 199 -29.42 -36.89 40.68
C LEU U 199 -29.75 -37.12 39.21
N ALA U 200 -29.01 -36.49 38.30
CA ALA U 200 -29.25 -36.70 36.87
C ALA U 200 -28.82 -38.10 36.44
N THR U 201 -27.79 -38.65 37.08
CA THR U 201 -27.37 -40.01 36.75
C THR U 201 -28.38 -41.03 37.29
N ASP U 202 -28.90 -40.80 38.49
CA ASP U 202 -29.87 -41.71 39.07
C ASP U 202 -31.24 -41.62 38.40
N LYS U 203 -31.52 -40.52 37.70
CA LYS U 203 -32.81 -40.33 37.03
C LYS U 203 -32.69 -40.40 35.52
N ASN U 204 -31.56 -40.90 35.01
CA ASN U 204 -31.33 -41.06 33.58
C ASN U 204 -31.46 -39.75 32.82
N ASP U 205 -30.41 -38.92 32.87
CA ASP U 205 -30.38 -37.65 32.16
C ASP U 205 -28.97 -37.45 31.61
N PRO U 206 -28.67 -38.02 30.45
CA PRO U 206 -27.31 -37.96 29.91
C PRO U 206 -26.95 -36.58 29.37
N HIS U 207 -27.90 -35.90 28.73
CA HIS U 207 -27.62 -34.61 28.12
C HIS U 207 -27.27 -33.56 29.16
N LEU U 208 -28.10 -33.43 30.20
CA LEU U 208 -27.84 -32.46 31.25
C LEU U 208 -26.56 -32.80 32.00
N CYS U 209 -26.32 -34.09 32.25
CA CYS U 209 -25.09 -34.51 32.92
C CYS U 209 -23.87 -34.11 32.11
N ASP U 210 -23.87 -34.39 30.81
CA ASP U 210 -22.74 -34.05 29.96
C ASP U 210 -22.55 -32.54 29.90
N PHE U 211 -23.65 -31.79 29.77
CA PHE U 211 -23.54 -30.33 29.69
C PHE U 211 -22.96 -29.75 30.96
N ILE U 212 -23.39 -30.25 32.13
CA ILE U 212 -22.88 -29.74 33.39
C ILE U 212 -21.41 -30.12 33.57
N GLU U 213 -21.04 -31.36 33.22
CA GLU U 213 -19.67 -31.79 33.42
C GLU U 213 -18.71 -31.21 32.39
N THR U 214 -19.23 -30.66 31.28
CA THR U 214 -18.38 -30.08 30.24
C THR U 214 -18.30 -28.56 30.34
N TYR U 215 -19.44 -27.88 30.21
CA TYR U 215 -19.47 -26.42 30.10
C TYR U 215 -19.65 -25.73 31.45
N TYR U 216 -19.27 -26.36 32.55
CA TYR U 216 -19.40 -25.74 33.87
C TYR U 216 -18.26 -26.13 34.80
N LEU U 217 -17.99 -27.44 34.91
CA LEU U 217 -16.93 -27.90 35.80
C LEU U 217 -15.55 -27.43 35.34
N SER U 218 -15.35 -27.31 34.03
CA SER U 218 -14.05 -26.88 33.51
C SER U 218 -13.67 -25.50 33.99
N GLU U 219 -14.66 -24.64 34.27
CA GLU U 219 -14.39 -23.31 34.79
C GLU U 219 -14.41 -23.28 36.32
N GLN U 220 -15.29 -24.09 36.94
CA GLN U 220 -15.37 -24.11 38.39
C GLN U 220 -14.10 -24.66 39.02
N VAL U 221 -13.53 -25.72 38.42
CA VAL U 221 -12.30 -26.28 38.95
C VAL U 221 -11.16 -25.28 38.85
N LYS U 222 -11.08 -24.56 37.72
CA LYS U 222 -10.03 -23.55 37.56
C LYS U 222 -10.22 -22.41 38.56
N SER U 223 -11.47 -22.00 38.80
CA SER U 223 -11.72 -20.93 39.77
C SER U 223 -11.34 -21.38 41.18
N ILE U 224 -11.68 -22.61 41.54
CA ILE U 224 -11.31 -23.13 42.86
C ILE U 224 -9.79 -23.21 43.00
N LYS U 225 -9.11 -23.65 41.95
CA LYS U 225 -7.65 -23.72 42.00
C LYS U 225 -7.03 -22.34 42.13
N GLU U 226 -7.56 -21.35 41.41
CA GLU U 226 -7.04 -20.00 41.50
C GLU U 226 -7.27 -19.41 42.90
N LEU U 227 -8.46 -19.64 43.47
CA LEU U 227 -8.72 -19.15 44.82
C LEU U 227 -7.83 -19.84 45.84
N GLY U 228 -7.59 -21.13 45.67
CA GLY U 228 -6.67 -21.82 46.58
C GLY U 228 -5.25 -21.30 46.47
N ASP U 229 -4.81 -21.02 45.24
CA ASP U 229 -3.48 -20.44 45.06
C ASP U 229 -3.39 -19.06 45.70
N HIS U 230 -4.45 -18.25 45.57
CA HIS U 230 -4.45 -16.94 46.19
C HIS U 230 -4.41 -17.04 47.71
N VAL U 231 -5.18 -17.97 48.28
CA VAL U 231 -5.17 -18.16 49.72
C VAL U 231 -3.80 -18.63 50.20
N THR U 232 -3.17 -19.54 49.44
CA THR U 232 -1.84 -20.02 49.81
C THR U 232 -0.81 -18.89 49.74
N ASN U 233 -0.92 -18.02 48.73
CA ASN U 233 0.00 -16.89 48.64
C ASN U 233 -0.23 -15.89 49.77
N LEU U 234 -1.48 -15.68 50.17
CA LEU U 234 -1.77 -14.74 51.25
C LEU U 234 -1.33 -15.29 52.60
N ARG U 235 -1.39 -16.61 52.78
CA ARG U 235 -1.02 -17.24 54.04
C ARG U 235 0.47 -17.57 54.11
N LYS U 236 1.31 -16.89 53.32
CA LYS U 236 2.74 -17.13 53.36
C LYS U 236 3.51 -15.81 53.34
N MET U 237 2.96 -14.81 52.65
CA MET U 237 3.63 -13.51 52.55
C MET U 237 3.60 -12.77 53.88
N GLY U 238 2.53 -12.93 54.66
CA GLY U 238 2.44 -12.27 55.94
C GLY U 238 1.06 -11.72 56.25
N ALA U 239 0.13 -11.91 55.32
CA ALA U 239 -1.23 -11.44 55.53
C ALA U 239 -1.91 -12.24 56.65
N PRO U 240 -2.79 -11.59 57.42
CA PRO U 240 -3.17 -10.18 57.31
C PRO U 240 -2.26 -9.24 58.08
N CYS U 241 -1.24 -9.77 58.74
CA CYS U 241 -0.32 -8.97 59.55
C CYS U 241 0.84 -8.40 58.74
N ALA U 242 0.57 -8.00 57.49
CA ALA U 242 1.60 -7.42 56.63
C ALA U 242 0.90 -6.55 55.60
N GLY U 243 0.91 -5.23 55.83
CA GLY U 243 0.26 -4.31 54.91
C GLY U 243 0.89 -4.23 53.54
N MET U 244 2.20 -4.47 53.45
CA MET U 244 2.88 -4.42 52.16
C MET U 244 2.59 -5.65 51.31
N ALA U 245 2.30 -6.80 51.96
CA ALA U 245 2.00 -8.01 51.20
C ALA U 245 0.72 -7.86 50.39
N GLU U 246 -0.29 -7.20 50.97
CA GLU U 246 -1.54 -6.98 50.23
C GLU U 246 -1.30 -6.10 49.02
N TYR U 247 -0.51 -5.03 49.19
CA TYR U 247 -0.22 -4.15 48.06
C TYR U 247 0.60 -4.87 46.99
N LEU U 248 1.52 -5.73 47.40
CA LEU U 248 2.30 -6.50 46.43
C LEU U 248 1.42 -7.48 45.66
N PHE U 249 0.52 -8.18 46.35
CA PHE U 249 -0.40 -9.08 45.67
C PHE U 249 -1.40 -8.33 44.80
N ASP U 250 -1.70 -7.07 45.13
CA ASP U 250 -2.62 -6.28 44.33
C ASP U 250 -1.96 -5.77 43.05
N LYS U 251 -0.73 -5.24 43.17
CA LYS U 251 -0.04 -4.62 42.05
C LYS U 251 0.82 -5.60 41.26
N HIS U 252 0.49 -6.90 41.30
CA HIS U 252 1.26 -7.89 40.55
C HIS U 252 0.36 -9.01 40.05
N THR U 253 -0.34 -9.68 40.96
CA THR U 253 -1.18 -10.81 40.58
C THR U 253 -2.40 -10.33 39.78
N LEU U 254 -3.27 -9.55 40.41
CA LEU U 254 -4.47 -9.05 39.76
C LEU U 254 -4.26 -7.70 39.08
N GLY U 255 -3.02 -7.21 39.03
CA GLY U 255 -2.74 -5.94 38.39
C GLY U 255 -2.20 -6.08 36.98
N THR V 13 -57.38 11.97 -51.86
CA THR V 13 -58.20 11.08 -52.66
C THR V 13 -57.38 9.89 -53.16
N GLN V 14 -56.30 10.18 -53.88
CA GLN V 14 -55.42 9.16 -54.42
C GLN V 14 -54.29 8.78 -53.47
N ASP V 15 -54.41 9.16 -52.19
CA ASP V 15 -53.34 8.91 -51.24
C ASP V 15 -53.17 7.42 -50.99
N LEU V 16 -54.26 6.71 -50.71
CA LEU V 16 -54.17 5.27 -50.48
C LEU V 16 -53.72 4.54 -51.74
N ARG V 17 -54.17 4.99 -52.91
CA ARG V 17 -53.76 4.37 -54.16
C ARG V 17 -52.26 4.53 -54.38
N SER V 18 -51.74 5.74 -54.14
CA SER V 18 -50.31 5.96 -54.27
C SER V 18 -49.52 5.14 -53.25
N HIS V 19 -50.03 5.04 -52.03
CA HIS V 19 -49.33 4.27 -50.99
C HIS V 19 -49.31 2.79 -51.33
N LEU V 20 -50.38 2.26 -51.93
CA LEU V 20 -50.40 0.86 -52.29
C LEU V 20 -49.65 0.56 -53.58
N VAL V 21 -49.49 1.54 -54.46
CA VAL V 21 -48.72 1.31 -55.67
C VAL V 21 -47.22 1.54 -55.46
N HIS V 22 -46.84 2.35 -54.47
CA HIS V 22 -45.42 2.56 -54.17
C HIS V 22 -44.77 1.40 -53.46
N LYS V 23 -45.50 0.31 -53.22
CA LYS V 23 -44.93 -0.87 -52.58
C LYS V 23 -44.35 -1.84 -53.61
N LEU V 24 -45.13 -2.18 -54.64
CA LEU V 24 -44.64 -3.11 -55.65
C LEU V 24 -43.55 -2.48 -56.52
N VAL V 25 -43.69 -1.19 -56.85
CA VAL V 25 -42.68 -0.54 -57.67
C VAL V 25 -41.36 -0.40 -56.93
N GLN V 26 -41.38 -0.47 -55.60
CA GLN V 26 -40.15 -0.48 -54.80
C GLN V 26 -39.66 -1.90 -54.53
N ALA V 27 -40.56 -2.88 -54.48
CA ALA V 27 -40.14 -4.26 -54.24
C ALA V 27 -39.54 -4.89 -55.49
N ILE V 28 -39.96 -4.45 -56.67
CA ILE V 28 -39.41 -5.01 -57.91
C ILE V 28 -37.95 -4.60 -58.06
N PHE V 29 -37.69 -3.28 -58.07
CA PHE V 29 -36.36 -2.73 -58.23
C PHE V 29 -36.04 -1.90 -57.00
N PRO V 30 -35.47 -2.51 -55.95
CA PRO V 30 -35.27 -1.80 -54.69
C PRO V 30 -33.99 -0.98 -54.62
N CYS V 31 -33.02 -1.20 -55.51
CA CYS V 31 -31.72 -0.54 -55.45
C CYS V 31 -31.52 0.28 -56.73
N PRO V 32 -31.99 1.52 -56.76
CA PRO V 32 -31.73 2.38 -57.92
C PRO V 32 -30.31 2.89 -57.95
N ASP V 33 -29.36 2.02 -58.30
CA ASP V 33 -27.95 2.38 -58.28
C ASP V 33 -27.62 3.29 -59.45
N PRO V 34 -27.19 4.53 -59.20
CA PRO V 34 -26.83 5.43 -60.30
C PRO V 34 -25.41 5.27 -60.81
N CYS V 35 -24.65 4.33 -60.27
CA CYS V 35 -23.25 4.13 -60.65
C CYS V 35 -23.11 3.17 -61.84
N ALA V 36 -24.13 3.05 -62.67
CA ALA V 36 -24.08 2.17 -63.82
C ALA V 36 -24.94 2.69 -64.97
N LEU V 37 -26.18 2.22 -65.04
CA LEU V 37 -27.09 2.65 -66.10
C LEU V 37 -27.74 3.98 -65.75
N LYS V 38 -28.67 4.42 -66.60
CA LYS V 38 -29.38 5.68 -66.37
C LYS V 38 -30.61 5.46 -65.50
N ASP V 39 -31.69 6.18 -65.81
CA ASP V 39 -32.93 6.07 -65.03
C ASP V 39 -34.16 5.95 -65.92
N ARG V 40 -33.99 5.45 -67.15
CA ARG V 40 -35.13 5.23 -68.02
C ARG V 40 -35.73 3.84 -67.88
N ARG V 41 -34.90 2.85 -67.55
CA ARG V 41 -35.42 1.50 -67.30
C ARG V 41 -36.28 1.49 -66.04
N MET V 42 -35.92 2.29 -65.03
CA MET V 42 -36.75 2.39 -63.83
C MET V 42 -38.11 2.99 -64.18
N GLU V 43 -38.13 4.02 -65.03
CA GLU V 43 -39.40 4.63 -65.43
C GLU V 43 -40.24 3.65 -66.25
N ASN V 44 -39.59 2.87 -67.11
CA ASN V 44 -40.32 1.85 -67.87
C ASN V 44 -40.92 0.80 -66.96
N LEU V 45 -40.16 0.36 -65.96
CA LEU V 45 -40.68 -0.61 -65.00
C LEU V 45 -41.82 -0.03 -64.19
N VAL V 46 -41.73 1.25 -63.81
CA VAL V 46 -42.81 1.89 -63.06
C VAL V 46 -44.07 1.97 -63.91
N ALA V 47 -43.92 2.32 -65.19
CA ALA V 47 -45.08 2.40 -66.08
C ALA V 47 -45.71 1.01 -66.28
N TYR V 48 -44.87 -0.02 -66.43
CA TYR V 48 -45.40 -1.37 -66.58
C TYR V 48 -46.13 -1.82 -65.32
N ALA V 49 -45.58 -1.52 -64.15
CA ALA V 49 -46.25 -1.87 -62.90
C ALA V 49 -47.55 -1.11 -62.74
N LYS V 50 -47.59 0.15 -63.16
CA LYS V 50 -48.83 0.92 -63.09
C LYS V 50 -49.88 0.34 -64.01
N LYS V 51 -49.50 -0.07 -65.22
CA LYS V 51 -50.45 -0.69 -66.13
C LYS V 51 -50.96 -2.01 -65.58
N VAL V 52 -50.07 -2.81 -64.98
CA VAL V 52 -50.48 -4.08 -64.40
C VAL V 52 -51.46 -3.85 -63.25
N GLU V 53 -51.15 -2.89 -62.38
CA GLU V 53 -52.05 -2.57 -61.27
C GLU V 53 -53.40 -2.09 -61.81
N GLY V 54 -53.38 -1.27 -62.85
CA GLY V 54 -54.64 -0.79 -63.42
C GLY V 54 -55.50 -1.92 -63.95
N ASP V 55 -54.91 -2.82 -64.73
CA ASP V 55 -55.71 -3.90 -65.31
C ASP V 55 -56.17 -4.88 -64.24
N MET V 56 -55.34 -5.14 -63.22
CA MET V 56 -55.75 -6.06 -62.17
C MET V 56 -56.77 -5.44 -61.22
N TYR V 57 -56.81 -4.10 -61.12
CA TYR V 57 -57.88 -3.45 -60.38
C TYR V 57 -59.16 -3.39 -61.18
N GLU V 58 -59.06 -3.26 -62.51
CA GLU V 58 -60.24 -3.35 -63.35
C GLU V 58 -60.83 -4.75 -63.34
N SER V 59 -59.97 -5.77 -63.25
CA SER V 59 -60.42 -7.16 -63.18
C SER V 59 -60.55 -7.66 -61.74
N ALA V 60 -60.88 -6.77 -60.81
CA ALA V 60 -61.04 -7.13 -59.40
C ALA V 60 -62.52 -7.40 -59.11
N ASN V 61 -62.87 -7.48 -57.83
CA ASN V 61 -64.25 -7.73 -57.44
C ASN V 61 -64.55 -7.20 -56.04
N SER V 62 -63.58 -7.30 -55.14
CA SER V 62 -63.79 -6.85 -53.77
C SER V 62 -62.55 -6.08 -53.32
N ARG V 63 -62.35 -5.98 -52.01
CA ARG V 63 -61.24 -5.24 -51.43
C ARG V 63 -60.29 -6.10 -50.62
N ASP V 64 -60.81 -6.99 -49.77
CA ASP V 64 -59.94 -7.84 -48.96
C ASP V 64 -59.20 -8.86 -49.81
N GLU V 65 -59.91 -9.49 -50.76
CA GLU V 65 -59.24 -10.43 -51.66
C GLU V 65 -58.20 -9.73 -52.53
N TYR V 66 -58.43 -8.46 -52.85
CA TYR V 66 -57.44 -7.69 -53.61
C TYR V 66 -56.16 -7.51 -52.81
N TYR V 67 -56.29 -7.16 -51.52
CA TYR V 67 -55.12 -7.02 -50.67
C TYR V 67 -54.42 -8.36 -50.46
N HIS V 68 -55.19 -9.44 -50.35
CA HIS V 68 -54.58 -10.76 -50.20
C HIS V 68 -53.80 -11.14 -51.46
N LEU V 69 -54.36 -10.87 -52.64
CA LEU V 69 -53.66 -11.17 -53.88
C LEU V 69 -52.42 -10.31 -54.02
N LEU V 70 -52.48 -9.04 -53.60
CA LEU V 70 -51.30 -8.19 -53.64
C LEU V 70 -50.21 -8.71 -52.71
N ALA V 71 -50.59 -9.16 -51.51
CA ALA V 71 -49.61 -9.71 -50.59
C ALA V 71 -48.98 -10.98 -51.14
N GLU V 72 -49.80 -11.85 -51.76
CA GLU V 72 -49.26 -13.06 -52.36
C GLU V 72 -48.32 -12.72 -53.52
N LYS V 73 -48.66 -11.72 -54.32
CA LYS V 73 -47.79 -11.33 -55.42
C LYS V 73 -46.47 -10.77 -54.91
N ILE V 74 -46.51 -9.97 -53.84
CA ILE V 74 -45.29 -9.43 -53.25
C ILE V 74 -44.42 -10.55 -52.70
N TYR V 75 -45.05 -11.52 -52.02
CA TYR V 75 -44.29 -12.65 -51.48
C TYR V 75 -43.71 -13.52 -52.59
N LYS V 76 -44.37 -13.59 -53.75
CA LYS V 76 -43.85 -14.44 -54.81
C LYS V 76 -42.78 -13.74 -55.67
N ILE V 77 -42.85 -12.41 -55.77
CA ILE V 77 -41.81 -11.70 -56.52
C ILE V 77 -40.55 -11.48 -55.69
N GLN V 78 -40.64 -11.56 -54.37
CA GLN V 78 -39.47 -11.41 -53.52
C GLN V 78 -38.64 -12.68 -53.42
N LYS V 79 -39.00 -13.74 -54.15
CA LYS V 79 -38.24 -14.99 -54.19
C LYS V 79 -38.05 -15.38 -55.65
N GLU V 80 -37.32 -14.53 -56.38
CA GLU V 80 -37.11 -14.70 -57.82
C GLU V 80 -35.65 -15.13 -58.05
N LEU V 81 -34.72 -14.22 -58.26
CA LEU V 81 -33.33 -14.58 -58.53
C LEU V 81 -32.37 -13.62 -57.81
N GLU V 82 -32.45 -13.64 -56.49
CA GLU V 82 -31.58 -12.81 -55.65
C GLU V 82 -30.31 -13.55 -55.23
N GLU V 83 -29.87 -14.53 -56.01
CA GLU V 83 -28.67 -15.32 -55.75
C GLU V 83 -28.72 -16.02 -54.39
N LYS V 84 -29.93 -16.23 -53.87
CA LYS V 84 -30.12 -16.87 -52.57
C LYS V 84 -29.32 -16.17 -51.49
N SER V 85 -28.13 -16.67 -51.20
CA SER V 85 -27.24 -16.08 -50.20
C SER V 85 -25.86 -16.73 -50.38
N GLN V 86 -24.89 -16.24 -49.60
CA GLN V 86 -23.54 -16.77 -49.63
C GLN V 86 -23.22 -17.68 -48.46
N VAL V 87 -24.01 -17.63 -47.38
CA VAL V 87 -23.81 -18.49 -46.22
C VAL V 87 -24.99 -19.41 -45.96
N ARG V 88 -26.03 -19.35 -46.79
CA ARG V 88 -27.21 -20.19 -46.61
C ARG V 88 -26.93 -21.57 -47.19
N GLN V 89 -27.02 -22.60 -46.35
CA GLN V 89 -26.77 -23.97 -46.76
C GLN V 89 -27.80 -24.87 -46.10
N ASN V 90 -28.63 -25.52 -46.92
CA ASN V 90 -29.68 -26.42 -46.45
C ASN V 90 -30.62 -25.70 -45.49
N TYR V 91 -31.57 -24.94 -46.03
CA TYR V 91 -32.54 -24.21 -45.22
C TYR V 91 -33.79 -23.98 -46.04
N HIS V 92 -34.89 -24.60 -45.62
CA HIS V 92 -36.15 -24.52 -46.33
C HIS V 92 -36.91 -23.26 -45.93
N GLN V 93 -37.86 -22.87 -46.78
CA GLN V 93 -38.64 -21.67 -46.52
C GLN V 93 -39.59 -21.83 -45.34
N ASP V 94 -39.98 -23.07 -45.02
CA ASP V 94 -40.85 -23.28 -43.86
C ASP V 94 -40.15 -22.89 -42.56
N ALA V 95 -38.87 -23.24 -42.44
CA ALA V 95 -38.11 -22.83 -41.26
C ALA V 95 -37.96 -21.31 -41.19
N GLU V 96 -37.79 -20.66 -42.34
CA GLU V 96 -37.70 -19.20 -42.36
C GLU V 96 -39.02 -18.57 -41.92
N ALA V 97 -40.14 -19.09 -42.40
CA ALA V 97 -41.44 -18.57 -41.97
C ALA V 97 -41.66 -18.82 -40.48
N ALA V 98 -41.23 -19.97 -39.98
CA ALA V 98 -41.37 -20.24 -38.55
C ALA V 98 -40.52 -19.30 -37.72
N ILE V 99 -39.30 -19.00 -38.17
CA ILE V 99 -38.45 -18.06 -37.46
C ILE V 99 -39.06 -16.66 -37.50
N ASN V 100 -39.66 -16.28 -38.62
CA ASN V 100 -40.31 -14.97 -38.71
C ASN V 100 -41.50 -14.89 -37.75
N ARG V 101 -42.30 -15.95 -37.68
CA ARG V 101 -43.43 -15.96 -36.74
C ARG V 101 -42.95 -15.93 -35.30
N GLN V 102 -41.86 -16.63 -35.00
CA GLN V 102 -41.30 -16.61 -33.65
C GLN V 102 -40.79 -15.23 -33.29
N ILE V 103 -40.15 -14.54 -34.24
CA ILE V 103 -39.68 -13.18 -33.99
C ILE V 103 -40.86 -12.23 -33.76
N ASN V 104 -41.93 -12.40 -34.55
CA ASN V 104 -43.12 -11.58 -34.34
C ASN V 104 -43.73 -11.83 -32.97
N LEU V 105 -43.77 -13.09 -32.54
CA LEU V 105 -44.31 -13.40 -31.22
C LEU V 105 -43.42 -12.84 -30.11
N GLU V 106 -42.10 -12.86 -30.32
CA GLU V 106 -41.19 -12.27 -29.34
C GLU V 106 -41.40 -10.77 -29.23
N LEU V 107 -41.59 -10.09 -30.37
CA LEU V 107 -41.84 -8.66 -30.35
C LEU V 107 -43.18 -8.35 -29.68
N TYR V 108 -44.20 -9.17 -29.94
CA TYR V 108 -45.49 -8.98 -29.28
C TYR V 108 -45.37 -9.17 -27.77
N ALA V 109 -44.61 -10.18 -27.35
CA ALA V 109 -44.41 -10.41 -25.92
C ALA V 109 -43.65 -9.25 -25.28
N SER V 110 -42.65 -8.72 -25.97
CA SER V 110 -41.93 -7.56 -25.45
C SER V 110 -42.84 -6.35 -25.34
N TYR V 111 -43.72 -6.14 -26.32
CA TYR V 111 -44.66 -5.03 -26.24
C TYR V 111 -45.63 -5.21 -25.07
N VAL V 112 -46.12 -6.44 -24.87
CA VAL V 112 -47.04 -6.70 -23.76
C VAL V 112 -46.35 -6.48 -22.43
N TYR V 113 -45.08 -6.90 -22.32
CA TYR V 113 -44.35 -6.70 -21.06
C TYR V 113 -44.07 -5.22 -20.82
N LEU V 114 -43.80 -4.46 -21.89
CA LEU V 114 -43.63 -3.02 -21.74
C LEU V 114 -44.92 -2.36 -21.27
N SER V 115 -46.05 -2.77 -21.85
CA SER V 115 -47.33 -2.24 -21.42
C SER V 115 -47.61 -2.57 -19.96
N MET V 116 -47.27 -3.80 -19.53
CA MET V 116 -47.45 -4.18 -18.14
C MET V 116 -46.56 -3.35 -17.22
N SER V 117 -45.31 -3.13 -17.62
CA SER V 117 -44.40 -2.33 -16.81
C SER V 117 -44.86 -0.88 -16.71
N CYS V 118 -45.44 -0.34 -17.78
CA CYS V 118 -45.92 1.03 -17.76
C CYS V 118 -47.27 1.17 -17.06
N TYR V 119 -48.04 0.08 -16.96
CA TYR V 119 -49.33 0.16 -16.27
C TYR V 119 -49.14 0.14 -14.77
N PHE V 120 -48.29 -0.75 -14.26
CA PHE V 120 -48.05 -0.84 -12.82
C PHE V 120 -47.25 0.35 -12.30
N ASP V 121 -46.60 1.10 -13.18
CA ASP V 121 -45.83 2.28 -12.79
C ASP V 121 -46.70 3.54 -12.71
N ARG V 122 -47.99 3.42 -12.96
CA ARG V 122 -48.89 4.57 -12.94
C ARG V 122 -49.22 5.00 -11.52
N ASP V 123 -50.22 5.85 -11.36
CA ASP V 123 -50.64 6.35 -10.06
C ASP V 123 -51.79 5.56 -9.45
N ASP V 124 -52.58 4.87 -10.28
CA ASP V 124 -53.70 4.09 -9.77
C ASP V 124 -53.30 2.68 -9.33
N VAL V 125 -52.04 2.30 -9.52
CA VAL V 125 -51.54 0.99 -9.12
C VAL V 125 -50.46 1.11 -8.04
N ALA V 126 -49.43 1.92 -8.30
CA ALA V 126 -48.35 2.18 -7.35
C ALA V 126 -47.65 0.89 -6.92
N LEU V 127 -47.00 0.25 -7.90
CA LEU V 127 -46.22 -0.97 -7.69
C LEU V 127 -44.94 -0.86 -8.49
N LYS V 128 -43.85 -0.47 -7.81
CA LYS V 128 -42.57 -0.26 -8.48
C LYS V 128 -41.82 -1.56 -8.74
N ASN V 129 -41.90 -2.53 -7.83
CA ASN V 129 -41.17 -3.79 -8.02
C ASN V 129 -41.75 -4.58 -9.18
N PHE V 130 -43.08 -4.63 -9.29
CA PHE V 130 -43.70 -5.30 -10.43
C PHE V 130 -43.34 -4.61 -11.73
N ALA V 131 -43.30 -3.28 -11.73
CA ALA V 131 -42.92 -2.55 -12.93
C ALA V 131 -41.48 -2.83 -13.32
N LYS V 132 -40.58 -2.90 -12.34
CA LYS V 132 -39.18 -3.21 -12.64
C LYS V 132 -39.03 -4.63 -13.16
N TYR V 133 -39.78 -5.58 -12.58
CA TYR V 133 -39.71 -6.96 -13.06
C TYR V 133 -40.24 -7.07 -14.48
N PHE V 134 -41.34 -6.37 -14.79
CA PHE V 134 -41.88 -6.42 -16.14
C PHE V 134 -40.94 -5.73 -17.14
N LEU V 135 -40.26 -4.67 -16.71
CA LEU V 135 -39.29 -4.02 -17.58
C LEU V 135 -38.10 -4.93 -17.84
N HIS V 136 -37.65 -5.66 -16.82
CA HIS V 136 -36.57 -6.62 -17.02
C HIS V 136 -37.00 -7.74 -17.97
N GLN V 137 -38.24 -8.21 -17.82
CA GLN V 137 -38.74 -9.24 -18.73
C GLN V 137 -38.83 -8.72 -20.16
N SER V 138 -39.26 -7.46 -20.33
CA SER V 138 -39.31 -6.87 -21.66
C SER V 138 -37.92 -6.73 -22.26
N HIS V 139 -36.93 -6.36 -21.43
CA HIS V 139 -35.55 -6.28 -21.92
C HIS V 139 -35.04 -7.66 -22.33
N GLU V 140 -35.37 -8.69 -21.56
CA GLU V 140 -34.96 -10.05 -21.91
C GLU V 140 -35.61 -10.49 -23.22
N GLU V 141 -36.90 -10.17 -23.41
CA GLU V 141 -37.57 -10.50 -24.66
C GLU V 141 -36.94 -9.75 -25.83
N ARG V 142 -36.58 -8.49 -25.63
CA ARG V 142 -35.93 -7.73 -26.68
CA ARG V 142 -35.93 -7.72 -26.68
C ARG V 142 -34.58 -8.32 -27.05
N GLU V 143 -33.81 -8.74 -26.04
CA GLU V 143 -32.51 -9.36 -26.30
C GLU V 143 -32.68 -10.69 -27.02
N HIS V 144 -33.69 -11.47 -26.65
CA HIS V 144 -33.94 -12.74 -27.33
C HIS V 144 -34.35 -12.50 -28.78
N ALA V 145 -35.17 -11.47 -29.03
CA ALA V 145 -35.57 -11.15 -30.40
C ALA V 145 -34.36 -10.70 -31.23
N GLU V 146 -33.49 -9.88 -30.64
CA GLU V 146 -32.29 -9.45 -31.36
C GLU V 146 -31.38 -10.64 -31.64
N LYS V 147 -31.28 -11.58 -30.69
CA LYS V 147 -30.45 -12.76 -30.92
C LYS V 147 -31.03 -13.64 -32.02
N LEU V 148 -32.36 -13.77 -32.06
CA LEU V 148 -32.99 -14.52 -33.15
C LEU V 148 -32.75 -13.85 -34.49
N MET V 149 -32.86 -12.51 -34.54
CA MET V 149 -32.60 -11.79 -35.78
C MET V 149 -31.15 -11.97 -36.22
N LYS V 150 -30.20 -11.91 -35.29
CA LYS V 150 -28.80 -12.11 -35.64
C LYS V 150 -28.55 -13.53 -36.13
N LEU V 151 -29.18 -14.52 -35.49
CA LEU V 151 -29.02 -15.90 -35.94
C LEU V 151 -29.60 -16.10 -37.33
N GLN V 152 -30.75 -15.47 -37.62
CA GLN V 152 -31.33 -15.57 -38.95
C GLN V 152 -30.45 -14.87 -39.99
N ASN V 153 -29.83 -13.75 -39.61
CA ASN V 153 -28.93 -13.07 -40.53
C ASN V 153 -27.66 -13.87 -40.79
N GLN V 154 -27.19 -14.61 -39.78
CA GLN V 154 -25.99 -15.42 -39.97
C GLN V 154 -26.24 -16.66 -40.82
N ARG V 155 -27.49 -17.10 -40.93
CA ARG V 155 -27.84 -18.26 -41.74
C ARG V 155 -28.21 -17.89 -43.17
N GLY V 156 -28.10 -16.63 -43.55
CA GLY V 156 -28.42 -16.21 -44.90
C GLY V 156 -29.90 -16.25 -45.22
N GLY V 157 -30.74 -15.74 -44.31
CA GLY V 157 -32.17 -15.73 -44.53
C GLY V 157 -32.79 -14.35 -44.44
N ARG V 158 -33.89 -14.14 -45.15
CA ARG V 158 -34.57 -12.85 -45.15
C ARG V 158 -35.45 -12.72 -43.91
N ILE V 159 -35.62 -11.49 -43.44
CA ILE V 159 -36.44 -11.18 -42.29
C ILE V 159 -37.58 -10.28 -42.76
N PHE V 160 -38.81 -10.77 -42.65
CA PHE V 160 -39.99 -10.04 -43.08
C PHE V 160 -40.67 -9.48 -41.83
N LEU V 161 -40.33 -8.24 -41.49
CA LEU V 161 -40.91 -7.59 -40.32
C LEU V 161 -42.32 -7.11 -40.64
N GLN V 162 -43.31 -7.67 -39.95
CA GLN V 162 -44.71 -7.30 -40.15
C GLN V 162 -45.09 -6.20 -39.15
N ASP V 163 -46.38 -6.04 -38.90
CA ASP V 163 -46.87 -5.02 -37.97
C ASP V 163 -47.06 -5.65 -36.58
N ILE V 164 -46.50 -4.99 -35.57
CA ILE V 164 -46.61 -5.47 -34.19
C ILE V 164 -48.03 -5.20 -33.69
N LYS V 165 -48.71 -6.25 -33.25
CA LYS V 165 -50.08 -6.11 -32.78
C LYS V 165 -50.09 -5.48 -31.38
N LYS V 166 -51.20 -4.79 -31.07
CA LYS V 166 -51.37 -4.13 -29.78
C LYS V 166 -51.95 -5.11 -28.76
N PRO V 167 -51.63 -4.91 -27.48
CA PRO V 167 -52.19 -5.79 -26.45
C PRO V 167 -53.71 -5.67 -26.38
N ASP V 168 -54.38 -6.82 -26.25
CA ASP V 168 -55.84 -6.84 -26.20
C ASP V 168 -56.38 -6.30 -24.89
N ARG V 169 -55.58 -6.32 -23.83
CA ARG V 169 -56.00 -5.84 -22.51
C ARG V 169 -55.10 -4.67 -22.11
N ASP V 170 -55.71 -3.54 -21.76
CA ASP V 170 -54.98 -2.36 -21.33
C ASP V 170 -55.14 -2.06 -19.85
N ASP V 171 -56.27 -2.39 -19.26
CA ASP V 171 -56.53 -2.16 -17.83
C ASP V 171 -56.36 -3.50 -17.12
N TRP V 172 -55.20 -3.69 -16.50
CA TRP V 172 -54.91 -4.92 -15.78
C TRP V 172 -55.51 -4.94 -14.37
N CYS V 173 -56.03 -3.81 -13.89
CA CYS V 173 -56.70 -3.72 -12.60
C CYS V 173 -55.77 -4.15 -11.47
N SER V 174 -55.85 -5.42 -11.07
CA SER V 174 -55.01 -5.94 -10.00
C SER V 174 -53.72 -6.52 -10.56
N GLY V 175 -53.23 -7.59 -9.95
CA GLY V 175 -52.00 -8.22 -10.39
C GLY V 175 -52.16 -9.67 -10.80
N LEU V 176 -53.23 -10.30 -10.31
CA LEU V 176 -53.47 -11.71 -10.64
C LEU V 176 -53.81 -11.89 -12.12
N ASN V 177 -54.62 -10.99 -12.69
CA ASN V 177 -54.94 -11.09 -14.10
C ASN V 177 -53.70 -10.87 -14.97
N ALA V 178 -52.82 -9.96 -14.56
CA ALA V 178 -51.58 -9.76 -15.30
C ALA V 178 -50.69 -10.99 -15.25
N MET V 179 -50.63 -11.65 -14.09
CA MET V 179 -49.84 -12.87 -13.97
C MET V 179 -50.44 -13.99 -14.83
N GLU V 180 -51.76 -14.11 -14.86
CA GLU V 180 -52.40 -15.12 -15.71
C GLU V 180 -52.13 -14.84 -17.18
N SER V 181 -52.20 -13.57 -17.59
CA SER V 181 -51.92 -13.22 -18.98
C SER V 181 -50.47 -13.52 -19.34
N ALA V 182 -49.54 -13.21 -18.42
CA ALA V 182 -48.13 -13.52 -18.67
C ALA V 182 -47.89 -15.02 -18.76
N LEU V 183 -48.57 -15.80 -17.92
CA LEU V 183 -48.43 -17.25 -17.97
C LEU V 183 -48.98 -17.80 -19.29
N HIS V 184 -50.13 -17.29 -19.73
CA HIS V 184 -50.67 -17.73 -21.01
C HIS V 184 -49.75 -17.35 -22.17
N LEU V 185 -49.16 -16.16 -22.11
CA LEU V 185 -48.23 -15.72 -23.15
C LEU V 185 -46.99 -16.62 -23.17
N GLU V 186 -46.47 -16.96 -21.99
CA GLU V 186 -45.30 -17.85 -21.93
C GLU V 186 -45.64 -19.24 -22.44
N LYS V 187 -46.85 -19.73 -22.15
CA LYS V 187 -47.26 -21.03 -22.68
C LYS V 187 -47.38 -20.99 -24.19
N SER V 188 -47.91 -19.88 -24.74
CA SER V 188 -47.98 -19.74 -26.19
C SER V 188 -46.59 -19.69 -26.82
N VAL V 189 -45.66 -18.98 -26.17
CA VAL V 189 -44.29 -18.92 -26.67
C VAL V 189 -43.64 -20.30 -26.64
N ASN V 190 -43.89 -21.06 -25.57
CA ASN V 190 -43.35 -22.41 -25.48
C ASN V 190 -43.94 -23.32 -26.55
N GLN V 191 -45.23 -23.19 -26.82
CA GLN V 191 -45.85 -23.98 -27.88
C GLN V 191 -45.27 -23.61 -29.25
N SER V 192 -45.04 -22.32 -29.48
CA SER V 192 -44.43 -21.90 -30.74
C SER V 192 -43.01 -22.43 -30.86
N LEU V 193 -42.26 -22.44 -29.77
CA LEU V 193 -40.90 -22.98 -29.80
C LEU V 193 -40.93 -24.49 -30.06
N LEU V 194 -41.89 -25.21 -29.48
CA LEU V 194 -42.01 -26.63 -29.75
C LEU V 194 -42.37 -26.89 -31.22
N GLU V 195 -43.26 -26.08 -31.78
CA GLU V 195 -43.60 -26.23 -33.20
C GLU V 195 -42.40 -25.94 -34.08
N LEU V 196 -41.62 -24.91 -33.73
CA LEU V 196 -40.41 -24.60 -34.48
C LEU V 196 -39.40 -25.74 -34.41
N HIS V 197 -39.24 -26.33 -33.22
CA HIS V 197 -38.33 -27.47 -33.07
C HIS V 197 -38.80 -28.65 -33.90
N LYS V 198 -40.10 -28.94 -33.90
CA LYS V 198 -40.62 -30.04 -34.69
C LYS V 198 -40.43 -29.79 -36.18
N LEU V 199 -40.66 -28.55 -36.63
CA LEU V 199 -40.47 -28.23 -38.04
C LEU V 199 -39.02 -28.32 -38.45
N ALA V 200 -38.10 -27.90 -37.58
CA ALA V 200 -36.68 -28.00 -37.87
C ALA V 200 -36.21 -29.46 -37.87
N THR V 201 -36.80 -30.30 -37.03
CA THR V 201 -36.45 -31.71 -37.02
C THR V 201 -36.99 -32.41 -38.27
N ASP V 202 -38.20 -32.07 -38.69
CA ASP V 202 -38.77 -32.69 -39.88
C ASP V 202 -38.15 -32.19 -41.17
N LYS V 203 -37.47 -31.05 -41.14
CA LYS V 203 -36.84 -30.48 -42.32
C LYS V 203 -35.31 -30.54 -42.24
N ASN V 204 -34.78 -31.33 -41.32
CA ASN V 204 -33.33 -31.52 -41.16
C ASN V 204 -32.62 -30.19 -40.92
N ASP V 205 -32.65 -29.71 -39.69
CA ASP V 205 -31.97 -28.47 -39.30
C ASP V 205 -31.40 -28.67 -37.90
N PRO V 206 -30.21 -29.28 -37.79
CA PRO V 206 -29.65 -29.58 -36.47
C PRO V 206 -29.13 -28.34 -35.74
N HIS V 207 -28.53 -27.41 -36.48
CA HIS V 207 -27.93 -26.24 -35.86
C HIS V 207 -28.99 -25.36 -35.21
N LEU V 208 -30.04 -25.02 -35.95
CA LEU V 208 -31.12 -24.19 -35.40
C LEU V 208 -31.83 -24.91 -34.26
N CYS V 209 -32.05 -26.22 -34.40
CA CYS V 209 -32.68 -26.99 -33.33
C CYS V 209 -31.86 -26.93 -32.05
N ASP V 210 -30.55 -27.17 -32.16
CA ASP V 210 -29.69 -27.13 -30.99
C ASP V 210 -29.65 -25.73 -30.38
N PHE V 211 -29.56 -24.70 -31.22
CA PHE V 211 -29.50 -23.33 -30.71
C PHE V 211 -30.78 -22.97 -29.96
N ILE V 212 -31.94 -23.37 -30.50
CA ILE V 212 -33.20 -23.06 -29.85
C ILE V 212 -33.34 -23.84 -28.54
N GLU V 213 -32.96 -25.13 -28.55
CA GLU V 213 -33.11 -25.94 -27.34
C GLU V 213 -32.07 -25.61 -26.28
N THR V 214 -31.00 -24.92 -26.64
CA THR V 214 -29.95 -24.57 -25.68
C THR V 214 -30.09 -23.14 -25.18
N TYR V 215 -29.99 -22.16 -26.08
CA TYR V 215 -29.92 -20.75 -25.68
C TYR V 215 -31.28 -20.06 -25.64
N TYR V 216 -32.36 -20.82 -25.44
CA TYR V 216 -33.68 -20.22 -25.37
C TYR V 216 -34.58 -20.95 -24.37
N LEU V 217 -34.66 -22.27 -24.48
CA LEU V 217 -35.53 -23.04 -23.58
C LEU V 217 -35.05 -22.97 -22.14
N SER V 218 -33.73 -22.87 -21.93
CA SER V 218 -33.19 -22.82 -20.57
C SER V 218 -33.70 -21.61 -19.80
N GLU V 219 -34.01 -20.52 -20.50
CA GLU V 219 -34.56 -19.34 -19.86
C GLU V 219 -36.09 -19.34 -19.86
N GLN V 220 -36.70 -19.87 -20.91
CA GLN V 220 -38.16 -19.91 -20.98
C GLN V 220 -38.74 -20.83 -19.91
N VAL V 221 -38.12 -21.98 -19.67
CA VAL V 221 -38.60 -22.89 -18.63
C VAL V 221 -38.50 -22.24 -17.27
N LYS V 222 -37.39 -21.56 -17.00
CA LYS V 222 -37.23 -20.87 -15.71
C LYS V 222 -38.24 -19.75 -15.55
N SER V 223 -38.53 -19.01 -16.62
CA SER V 223 -39.52 -17.94 -16.55
C SER V 223 -40.91 -18.52 -16.29
N ILE V 224 -41.26 -19.62 -16.96
CA ILE V 224 -42.56 -20.25 -16.74
C ILE V 224 -42.67 -20.75 -15.31
N LYS V 225 -41.59 -21.34 -14.79
CA LYS V 225 -41.61 -21.83 -13.41
C LYS V 225 -41.76 -20.68 -12.42
N GLU V 226 -41.06 -19.57 -12.66
CA GLU V 226 -41.18 -18.42 -11.77
C GLU V 226 -42.59 -17.83 -11.80
N LEU V 227 -43.18 -17.73 -13.00
CA LEU V 227 -44.54 -17.21 -13.09
C LEU V 227 -45.54 -18.16 -12.42
N GLY V 228 -45.34 -19.47 -12.56
CA GLY V 228 -46.20 -20.41 -11.87
C GLY V 228 -46.08 -20.31 -10.36
N ASP V 229 -44.85 -20.13 -9.86
CA ASP V 229 -44.65 -19.94 -8.43
C ASP V 229 -45.32 -18.67 -7.95
N HIS V 230 -45.22 -17.59 -8.73
CA HIS V 230 -45.87 -16.34 -8.35
C HIS V 230 -47.39 -16.50 -8.32
N VAL V 231 -47.95 -17.19 -9.31
CA VAL V 231 -49.40 -17.40 -9.34
C VAL V 231 -49.82 -18.26 -8.14
N THR V 232 -49.04 -19.28 -7.81
CA THR V 232 -49.36 -20.13 -6.68
C THR V 232 -49.30 -19.35 -5.37
N ASN V 233 -48.33 -18.45 -5.24
CA ASN V 233 -48.22 -17.63 -4.04
C ASN V 233 -49.39 -16.65 -3.96
N LEU V 234 -49.81 -16.08 -5.09
CA LEU V 234 -50.91 -15.14 -5.08
C LEU V 234 -52.25 -15.82 -4.80
N ARG V 235 -52.40 -17.08 -5.23
CA ARG V 235 -53.64 -17.82 -5.03
C ARG V 235 -53.67 -18.56 -3.70
N LYS V 236 -52.88 -18.13 -2.72
CA LYS V 236 -52.89 -18.76 -1.40
C LYS V 236 -52.86 -17.71 -0.30
N MET V 237 -52.21 -16.57 -0.55
CA MET V 237 -52.13 -15.53 0.46
C MET V 237 -53.47 -14.83 0.67
N GLY V 238 -54.26 -14.71 -0.39
CA GLY V 238 -55.57 -14.08 -0.28
C GLY V 238 -55.92 -13.18 -1.44
N ALA V 239 -55.00 -13.06 -2.40
CA ALA V 239 -55.25 -12.23 -3.57
C ALA V 239 -56.37 -12.83 -4.43
N PRO V 240 -57.18 -11.98 -5.08
CA PRO V 240 -57.09 -10.52 -5.04
C PRO V 240 -57.88 -9.89 -3.89
N CYS V 241 -58.50 -10.72 -3.05
CA CYS V 241 -59.31 -10.23 -1.93
C CYS V 241 -58.48 -10.00 -0.67
N ALA V 242 -57.24 -9.50 -0.83
CA ALA V 242 -56.38 -9.21 0.31
C ALA V 242 -55.37 -8.15 -0.13
N GLY V 243 -55.63 -6.90 0.26
CA GLY V 243 -54.75 -5.80 -0.12
C GLY V 243 -53.37 -5.88 0.49
N MET V 244 -53.25 -6.47 1.68
CA MET V 244 -51.94 -6.59 2.33
C MET V 244 -51.08 -7.67 1.68
N ALA V 245 -51.70 -8.69 1.08
CA ALA V 245 -50.93 -9.76 0.45
C ALA V 245 -50.15 -9.23 -0.75
N GLU V 246 -50.76 -8.32 -1.53
CA GLU V 246 -50.06 -7.74 -2.67
C GLU V 246 -48.86 -6.92 -2.21
N TYR V 247 -49.03 -6.13 -1.15
CA TYR V 247 -47.91 -5.34 -0.63
C TYR V 247 -46.81 -6.23 -0.07
N LEU V 248 -47.19 -7.34 0.58
CA LEU V 248 -46.18 -8.27 1.09
C LEU V 248 -45.41 -8.93 -0.04
N PHE V 249 -46.10 -9.36 -1.09
CA PHE V 249 -45.43 -9.95 -2.24
C PHE V 249 -44.59 -8.93 -3.00
N ASP V 250 -44.96 -7.65 -2.93
CA ASP V 250 -44.19 -6.61 -3.60
C ASP V 250 -42.91 -6.27 -2.83
N LYS V 251 -43.01 -6.11 -1.51
CA LYS V 251 -41.89 -5.68 -0.68
C LYS V 251 -41.07 -6.85 -0.15
N HIS V 252 -41.08 -8.00 -0.83
CA HIS V 252 -40.30 -9.14 -0.39
C HIS V 252 -39.79 -9.96 -1.57
N THR V 253 -40.70 -10.43 -2.41
CA THR V 253 -40.32 -11.25 -3.56
C THR V 253 -39.56 -10.43 -4.59
N LEU V 254 -40.22 -9.45 -5.20
CA LEU V 254 -39.60 -8.61 -6.23
C LEU V 254 -38.95 -7.37 -5.64
N GLY V 255 -38.88 -7.25 -4.32
CA GLY V 255 -38.27 -6.09 -3.69
C GLY V 255 -36.84 -6.34 -3.25
N THR W 13 51.10 29.63 -54.19
CA THR W 13 50.93 29.31 -52.77
C THR W 13 51.35 27.88 -52.49
N GLN W 14 52.22 27.70 -51.49
CA GLN W 14 52.72 26.40 -51.08
C GLN W 14 51.76 25.65 -50.16
N ASP W 15 50.48 26.02 -50.17
CA ASP W 15 49.51 25.40 -49.27
C ASP W 15 49.40 23.90 -49.52
N LEU W 16 49.16 23.52 -50.78
CA LEU W 16 48.98 22.11 -51.10
C LEU W 16 50.26 21.32 -50.90
N ARG W 17 51.41 21.92 -51.22
CA ARG W 17 52.69 21.25 -51.03
C ARG W 17 52.93 20.98 -49.55
N SER W 18 52.67 21.97 -48.69
CA SER W 18 52.82 21.78 -47.25
C SER W 18 51.86 20.73 -46.73
N HIS W 19 50.62 20.74 -47.24
CA HIS W 19 49.63 19.77 -46.77
C HIS W 19 50.00 18.35 -47.17
N LEU W 20 50.59 18.19 -48.36
CA LEU W 20 50.98 16.86 -48.80
C LEU W 20 52.29 16.39 -48.18
N VAL W 21 53.15 17.32 -47.76
CA VAL W 21 54.39 16.92 -47.09
C VAL W 21 54.20 16.69 -45.60
N HIS W 22 53.20 17.32 -44.98
CA HIS W 22 52.94 17.12 -43.56
C HIS W 22 52.27 15.79 -43.27
N LYS W 23 52.04 14.94 -44.27
CA LYS W 23 51.45 13.64 -43.98
C LYS W 23 52.51 12.55 -43.80
N LEU W 24 53.54 12.51 -44.65
CA LEU W 24 54.58 11.51 -44.47
C LEU W 24 55.45 11.83 -43.26
N VAL W 25 55.75 13.10 -43.03
CA VAL W 25 56.58 13.47 -41.88
C VAL W 25 55.86 13.20 -40.56
N GLN W 26 54.53 13.08 -40.59
CA GLN W 26 53.79 12.69 -39.40
C GLN W 26 53.48 11.20 -39.34
N ALA W 27 53.49 10.52 -40.48
CA ALA W 27 53.30 9.07 -40.48
C ALA W 27 54.58 8.32 -40.11
N ILE W 28 55.74 8.91 -40.40
CA ILE W 28 57.00 8.26 -40.05
C ILE W 28 57.19 8.24 -38.54
N PHE W 29 57.16 9.42 -37.91
CA PHE W 29 57.33 9.57 -36.47
C PHE W 29 56.09 10.24 -35.90
N PRO W 30 55.07 9.45 -35.53
CA PRO W 30 53.79 10.04 -35.11
C PRO W 30 53.73 10.44 -33.65
N CYS W 31 54.65 9.98 -32.80
CA CYS W 31 54.61 10.24 -31.36
C CYS W 31 55.86 11.00 -30.96
N PRO W 32 55.86 12.33 -31.05
CA PRO W 32 57.00 13.12 -30.57
C PRO W 32 57.03 13.20 -29.05
N ASP W 33 57.44 12.10 -28.41
CA ASP W 33 57.43 12.03 -26.94
C ASP W 33 58.59 12.86 -26.39
N PRO W 34 58.32 13.91 -25.61
CA PRO W 34 59.41 14.70 -25.02
C PRO W 34 59.95 14.15 -23.71
N CYS W 35 59.44 13.01 -23.25
CA CYS W 35 59.87 12.43 -21.99
C CYS W 35 61.08 11.51 -22.14
N ALA W 36 61.90 11.72 -23.17
CA ALA W 36 63.07 10.88 -23.39
C ALA W 36 64.17 11.68 -24.07
N LEU W 37 64.24 11.60 -25.40
CA LEU W 37 65.28 12.29 -26.16
C LEU W 37 64.86 13.75 -26.39
N LYS W 38 65.68 14.46 -27.17
CA LYS W 38 65.40 15.86 -27.47
C LYS W 38 64.52 15.98 -28.71
N ASP W 39 64.77 17.00 -29.54
CA ASP W 39 63.97 17.21 -30.74
C ASP W 39 64.82 17.43 -31.98
N ARG W 40 66.08 17.00 -31.96
CA ARG W 40 66.94 17.16 -33.13
C ARG W 40 66.81 15.99 -34.10
N ARG W 41 66.53 14.78 -33.59
CA ARG W 41 66.31 13.65 -34.48
C ARG W 41 65.03 13.84 -35.29
N MET W 42 64.01 14.46 -34.70
CA MET W 42 62.79 14.77 -35.44
C MET W 42 63.08 15.75 -36.58
N GLU W 43 63.90 16.76 -36.31
CA GLU W 43 64.26 17.72 -37.36
C GLU W 43 65.08 17.04 -38.45
N ASN W 44 65.99 16.14 -38.07
CA ASN W 44 66.77 15.41 -39.07
C ASN W 44 65.86 14.55 -39.94
N LEU W 45 64.88 13.87 -39.33
CA LEU W 45 63.94 13.06 -40.08
C LEU W 45 63.09 13.93 -41.01
N VAL W 46 62.68 15.11 -40.54
CA VAL W 46 61.89 16.01 -41.38
C VAL W 46 62.71 16.47 -42.57
N ALA W 47 63.99 16.81 -42.34
CA ALA W 47 64.84 17.24 -43.45
C ALA W 47 65.06 16.11 -44.45
N TYR W 48 65.27 14.88 -43.95
CA TYR W 48 65.44 13.74 -44.85
C TYR W 48 64.18 13.50 -45.67
N ALA W 49 63.00 13.58 -45.03
CA ALA W 49 61.76 13.39 -45.76
C ALA W 49 61.54 14.49 -46.79
N LYS W 50 61.93 15.73 -46.46
CA LYS W 50 61.81 16.81 -47.42
C LYS W 50 62.73 16.60 -48.62
N LYS W 51 63.96 16.13 -48.37
CA LYS W 51 64.86 15.84 -49.48
C LYS W 51 64.33 14.70 -50.35
N VAL W 52 63.78 13.66 -49.72
CA VAL W 52 63.21 12.55 -50.46
C VAL W 52 62.04 13.01 -51.32
N GLU W 53 61.14 13.81 -50.73
CA GLU W 53 60.02 14.34 -51.49
C GLU W 53 60.49 15.22 -52.65
N GLY W 54 61.53 16.03 -52.42
CA GLY W 54 62.05 16.87 -53.48
C GLY W 54 62.60 16.06 -54.65
N ASP W 55 63.42 15.04 -54.35
CA ASP W 55 64.00 14.25 -55.43
C ASP W 55 62.95 13.41 -56.14
N MET W 56 61.97 12.89 -55.40
CA MET W 56 60.90 12.12 -56.03
C MET W 56 60.02 12.99 -56.90
N TYR W 57 59.80 14.25 -56.49
CA TYR W 57 59.01 15.16 -57.32
C TYR W 57 59.79 15.61 -58.54
N GLU W 58 61.12 15.75 -58.42
CA GLU W 58 61.93 16.03 -59.58
C GLU W 58 61.94 14.86 -60.56
N SER W 59 61.89 13.63 -60.03
CA SER W 59 61.85 12.42 -60.85
C SER W 59 60.43 11.95 -61.10
N ALA W 60 59.46 12.85 -61.15
CA ALA W 60 58.07 12.51 -61.38
C ALA W 60 57.75 12.68 -62.87
N ASN W 61 56.46 12.66 -63.21
CA ASN W 61 56.05 12.80 -64.60
C ASN W 61 54.63 13.35 -64.72
N SER W 62 53.75 12.96 -63.82
CA SER W 62 52.36 13.39 -63.85
C SER W 62 51.92 13.76 -62.45
N ARG W 63 50.62 13.75 -62.21
CA ARG W 63 50.05 14.13 -60.91
C ARG W 63 49.28 13.00 -60.25
N ASP W 64 48.45 12.27 -61.00
CA ASP W 64 47.67 11.18 -60.40
C ASP W 64 48.57 10.02 -59.99
N GLU W 65 49.52 9.65 -60.86
CA GLU W 65 50.46 8.59 -60.51
C GLU W 65 51.33 8.99 -59.33
N TYR W 66 51.62 10.28 -59.18
CA TYR W 66 52.37 10.75 -58.03
C TYR W 66 51.59 10.52 -56.73
N TYR W 67 50.30 10.87 -56.74
CA TYR W 67 49.47 10.63 -55.57
C TYR W 67 49.32 9.14 -55.28
N HIS W 68 49.20 8.33 -56.33
CA HIS W 68 49.12 6.87 -56.12
C HIS W 68 50.40 6.33 -55.51
N LEU W 69 51.56 6.79 -55.98
CA LEU W 69 52.82 6.35 -55.41
C LEU W 69 52.97 6.81 -53.97
N LEU W 70 52.52 8.03 -53.66
CA LEU W 70 52.56 8.51 -52.29
C LEU W 70 51.66 7.67 -51.39
N ALA W 71 50.47 7.31 -51.86
CA ALA W 71 49.58 6.46 -51.07
C ALA W 71 50.19 5.09 -50.84
N GLU W 72 50.81 4.51 -51.89
CA GLU W 72 51.46 3.22 -51.74
C GLU W 72 52.62 3.30 -50.74
N LYS W 73 53.39 4.38 -50.79
CA LYS W 73 54.50 4.55 -49.86
C LYS W 73 54.00 4.69 -48.42
N ILE W 74 52.91 5.43 -48.22
CA ILE W 74 52.34 5.57 -46.89
C ILE W 74 51.84 4.23 -46.38
N TYR W 75 51.17 3.46 -47.25
CA TYR W 75 50.67 2.15 -46.84
C TYR W 75 51.82 1.18 -46.56
N LYS W 76 52.96 1.35 -47.22
CA LYS W 76 54.07 0.42 -46.98
C LYS W 76 54.92 0.81 -45.78
N ILE W 77 55.00 2.10 -45.44
CA ILE W 77 55.75 2.51 -44.26
C ILE W 77 54.94 2.32 -42.98
N GLN W 78 53.62 2.23 -43.07
CA GLN W 78 52.79 2.01 -41.89
C GLN W 78 52.73 0.54 -41.46
N LYS W 79 53.50 -0.34 -42.13
CA LYS W 79 53.58 -1.75 -41.77
C LYS W 79 55.06 -2.13 -41.71
N GLU W 80 55.79 -1.51 -40.79
CA GLU W 80 57.23 -1.69 -40.65
C GLU W 80 57.50 -2.51 -39.38
N LEU W 81 57.71 -1.89 -38.22
CA LEU W 81 58.02 -2.64 -37.00
C LEU W 81 57.30 -2.02 -35.80
N GLU W 82 55.97 -2.05 -35.86
CA GLU W 82 55.13 -1.54 -34.78
C GLU W 82 54.77 -2.62 -33.76
N GLU W 83 55.58 -3.67 -33.64
CA GLU W 83 55.36 -4.76 -32.70
C GLU W 83 54.03 -5.48 -32.94
N LYS W 84 53.49 -5.34 -34.15
CA LYS W 84 52.20 -5.94 -34.52
C LYS W 84 51.12 -5.53 -33.53
N SER W 85 50.86 -6.37 -32.53
CA SER W 85 49.88 -6.10 -31.49
C SER W 85 50.10 -7.10 -30.36
N GLN W 86 49.34 -6.95 -29.29
CA GLN W 86 49.42 -7.84 -28.14
C GLN W 86 48.27 -8.84 -28.08
N VAL W 87 47.18 -8.61 -28.81
CA VAL W 87 46.04 -9.52 -28.85
C VAL W 87 45.78 -10.07 -30.24
N ARG W 88 46.57 -9.69 -31.23
CA ARG W 88 46.40 -10.16 -32.60
C ARG W 88 47.02 -11.54 -32.73
N GLN W 89 46.21 -12.52 -33.11
CA GLN W 89 46.65 -13.90 -33.27
C GLN W 89 46.00 -14.48 -34.51
N ASN W 90 46.82 -14.84 -35.50
CA ASN W 90 46.35 -15.41 -36.76
C ASN W 90 45.35 -14.48 -37.44
N TYR W 91 45.84 -13.46 -38.13
CA TYR W 91 44.99 -12.51 -38.84
C TYR W 91 45.78 -11.90 -39.98
N HIS W 92 45.36 -12.20 -41.21
CA HIS W 92 46.03 -11.73 -42.41
C HIS W 92 45.58 -10.32 -42.76
N GLN W 93 46.39 -9.64 -43.57
CA GLN W 93 46.09 -8.28 -43.97
C GLN W 93 44.90 -8.19 -44.91
N ASP W 94 44.59 -9.27 -45.63
CA ASP W 94 43.43 -9.27 -46.51
C ASP W 94 42.14 -9.13 -45.71
N ALA W 95 42.04 -9.85 -44.59
CA ALA W 95 40.88 -9.71 -43.72
C ALA W 95 40.77 -8.31 -43.14
N GLU W 96 41.91 -7.69 -42.81
CA GLU W 96 41.88 -6.32 -42.30
C GLU W 96 41.39 -5.35 -43.37
N ALA W 97 41.87 -5.51 -44.61
CA ALA W 97 41.40 -4.65 -45.69
C ALA W 97 39.92 -4.86 -45.95
N ALA W 98 39.45 -6.11 -45.87
CA ALA W 98 38.03 -6.38 -46.06
C ALA W 98 37.19 -5.75 -44.96
N ILE W 99 37.67 -5.80 -43.71
CA ILE W 99 36.94 -5.16 -42.62
C ILE W 99 36.92 -3.65 -42.80
N ASN W 100 38.03 -3.08 -43.28
CA ASN W 100 38.06 -1.63 -43.53
C ASN W 100 37.08 -1.25 -44.63
N ARG W 101 37.02 -2.03 -45.70
CA ARG W 101 36.06 -1.75 -46.76
C ARG W 101 34.62 -1.90 -46.28
N GLN W 102 34.37 -2.90 -45.43
CA GLN W 102 33.03 -3.08 -44.87
C GLN W 102 32.64 -1.92 -43.98
N ILE W 103 33.59 -1.41 -43.19
CA ILE W 103 33.31 -0.26 -42.34
C ILE W 103 33.04 0.97 -43.19
N ASN W 104 33.80 1.16 -44.26
CA ASN W 104 33.55 2.28 -45.16
C ASN W 104 32.18 2.17 -45.80
N LEU W 105 31.77 0.96 -46.21
CA LEU W 105 30.45 0.78 -46.79
C LEU W 105 29.35 1.03 -45.76
N GLU W 106 29.58 0.62 -44.51
CA GLU W 106 28.60 0.90 -43.46
C GLU W 106 28.46 2.39 -43.22
N LEU W 107 29.58 3.13 -43.22
CA LEU W 107 29.51 4.57 -43.05
C LEU W 107 28.79 5.23 -44.23
N TYR W 108 29.06 4.75 -45.45
CA TYR W 108 28.37 5.29 -46.61
C TYR W 108 26.87 5.02 -46.54
N ALA W 109 26.48 3.83 -46.09
CA ALA W 109 25.07 3.50 -45.94
C ALA W 109 24.42 4.36 -44.88
N SER W 110 25.12 4.62 -43.77
CA SER W 110 24.58 5.49 -42.73
C SER W 110 24.40 6.91 -43.26
N TYR W 111 25.37 7.40 -44.06
CA TYR W 111 25.23 8.73 -44.64
C TYR W 111 24.06 8.80 -45.61
N VAL W 112 23.87 7.76 -46.42
CA VAL W 112 22.76 7.74 -47.36
C VAL W 112 21.43 7.71 -46.61
N TYR W 113 21.35 6.93 -45.53
CA TYR W 113 20.12 6.87 -44.76
C TYR W 113 19.84 8.19 -44.05
N LEU W 114 20.89 8.88 -43.58
CA LEU W 114 20.71 10.21 -43.01
C LEU W 114 20.20 11.19 -44.04
N SER W 115 20.75 11.14 -45.26
CA SER W 115 20.28 12.02 -46.33
C SER W 115 18.83 11.73 -46.67
N MET W 116 18.45 10.44 -46.69
CA MET W 116 17.06 10.09 -46.95
C MET W 116 16.13 10.59 -45.85
N SER W 117 16.56 10.45 -44.59
CA SER W 117 15.74 10.94 -43.47
C SER W 117 15.60 12.45 -43.50
N CYS W 118 16.64 13.16 -43.91
CA CYS W 118 16.56 14.62 -43.98
C CYS W 118 15.84 15.12 -45.22
N TYR W 119 15.76 14.31 -46.27
CA TYR W 119 15.03 14.72 -47.47
C TYR W 119 13.53 14.59 -47.29
N PHE W 120 13.07 13.48 -46.71
CA PHE W 120 11.64 13.28 -46.49
C PHE W 120 11.10 14.17 -45.36
N ASP W 121 11.97 14.73 -44.54
CA ASP W 121 11.57 15.63 -43.46
C ASP W 121 11.44 17.08 -43.92
N ARG W 122 11.66 17.34 -45.21
CA ARG W 122 11.59 18.71 -45.73
C ARG W 122 10.15 19.16 -45.89
N ASP W 123 9.95 20.27 -46.62
CA ASP W 123 8.63 20.82 -46.85
C ASP W 123 8.01 20.38 -48.17
N ASP W 124 8.83 19.98 -49.14
CA ASP W 124 8.33 19.52 -50.43
C ASP W 124 7.94 18.05 -50.44
N VAL W 125 8.16 17.33 -49.35
CA VAL W 125 7.81 15.92 -49.25
C VAL W 125 6.75 15.70 -48.17
N ALA W 126 7.02 16.17 -46.95
CA ALA W 126 6.09 16.08 -45.82
C ALA W 126 5.71 14.63 -45.53
N LEU W 127 6.72 13.87 -45.10
CA LEU W 127 6.55 12.47 -44.70
C LEU W 127 7.38 12.23 -43.45
N LYS W 128 6.72 12.27 -42.29
CA LYS W 128 7.41 12.12 -41.01
C LYS W 128 7.72 10.67 -40.67
N ASN W 129 6.84 9.73 -41.01
CA ASN W 129 7.08 8.33 -40.68
C ASN W 129 8.24 7.77 -41.49
N PHE W 130 8.33 8.11 -42.77
CA PHE W 130 9.47 7.68 -43.58
C PHE W 130 10.76 8.28 -43.05
N ALA W 131 10.72 9.55 -42.63
CA ALA W 131 11.91 10.17 -42.07
C ALA W 131 12.35 9.49 -40.78
N LYS W 132 11.39 9.15 -39.92
CA LYS W 132 11.72 8.46 -38.68
C LYS W 132 12.29 7.06 -38.96
N TYR W 133 11.72 6.35 -39.93
CA TYR W 133 12.23 5.03 -40.27
C TYR W 133 13.65 5.12 -40.83
N PHE W 134 13.90 6.11 -41.68
CA PHE W 134 15.25 6.27 -42.24
C PHE W 134 16.24 6.69 -41.15
N LEU W 135 15.80 7.50 -40.19
CA LEU W 135 16.67 7.87 -39.08
C LEU W 135 17.00 6.66 -38.22
N HIS W 136 16.01 5.80 -37.98
CA HIS W 136 16.26 4.57 -37.22
C HIS W 136 17.22 3.65 -37.97
N GLN W 137 17.06 3.56 -39.29
CA GLN W 137 17.98 2.75 -40.09
C GLN W 137 19.40 3.33 -40.04
N SER W 138 19.52 4.65 -40.08
CA SER W 138 20.83 5.28 -39.98
C SER W 138 21.45 5.02 -38.62
N HIS W 139 20.65 5.07 -37.56
CA HIS W 139 21.16 4.76 -36.23
C HIS W 139 21.62 3.31 -36.13
N GLU W 140 20.86 2.39 -36.74
CA GLU W 140 21.27 0.99 -36.75
C GLU W 140 22.58 0.80 -37.52
N GLU W 141 22.72 1.47 -38.66
CA GLU W 141 23.97 1.40 -39.42
C GLU W 141 25.13 1.97 -38.61
N ARG W 142 24.90 3.06 -37.90
CA ARG W 142 25.96 3.65 -37.07
CA ARG W 142 25.95 3.64 -37.06
C ARG W 142 26.36 2.69 -35.95
N GLU W 143 25.38 2.04 -35.31
CA GLU W 143 25.69 1.08 -34.26
C GLU W 143 26.45 -0.12 -34.81
N HIS W 144 26.07 -0.59 -36.00
CA HIS W 144 26.79 -1.70 -36.62
C HIS W 144 28.22 -1.32 -36.97
N ALA W 145 28.42 -0.09 -37.45
CA ALA W 145 29.77 0.38 -37.76
C ALA W 145 30.61 0.49 -36.49
N GLU W 146 30.02 1.01 -35.41
CA GLU W 146 30.75 1.09 -34.15
C GLU W 146 31.09 -0.30 -33.62
N LYS W 147 30.17 -1.25 -33.78
CA LYS W 147 30.44 -2.62 -33.34
C LYS W 147 31.55 -3.26 -34.16
N LEU W 148 31.57 -3.01 -35.48
CA LEU W 148 32.65 -3.50 -36.31
C LEU W 148 33.99 -2.88 -35.91
N MET W 149 33.99 -1.57 -35.63
CA MET W 149 35.22 -0.91 -35.18
C MET W 149 35.71 -1.49 -33.87
N LYS W 150 34.80 -1.73 -32.92
CA LYS W 150 35.18 -2.31 -31.64
C LYS W 150 35.71 -3.73 -31.81
N LEU W 151 35.09 -4.52 -32.70
CA LEU W 151 35.57 -5.87 -32.94
C LEU W 151 36.97 -5.85 -33.58
N GLN W 152 37.20 -4.91 -34.50
CA GLN W 152 38.53 -4.79 -35.10
C GLN W 152 39.56 -4.34 -34.08
N ASN W 153 39.17 -3.47 -33.15
CA ASN W 153 40.09 -3.04 -32.10
C ASN W 153 40.40 -4.16 -31.13
N GLN W 154 39.43 -5.05 -30.87
CA GLN W 154 39.66 -6.16 -29.95
C GLN W 154 40.55 -7.24 -30.57
N ARG W 155 40.64 -7.30 -31.90
CA ARG W 155 41.47 -8.28 -32.58
C ARG W 155 42.87 -7.77 -32.85
N GLY W 156 43.22 -6.58 -32.38
CA GLY W 156 44.56 -6.05 -32.60
C GLY W 156 44.84 -5.64 -34.02
N GLY W 157 43.90 -4.95 -34.66
CA GLY W 157 44.09 -4.53 -36.03
C GLY W 157 43.95 -3.02 -36.22
N ARG W 158 44.63 -2.48 -37.22
CA ARG W 158 44.57 -1.05 -37.51
C ARG W 158 43.32 -0.71 -38.29
N ILE W 159 42.81 0.50 -38.09
CA ILE W 159 41.62 0.99 -38.78
C ILE W 159 42.04 2.20 -39.61
N PHE W 160 41.93 2.08 -40.93
CA PHE W 160 42.31 3.13 -41.86
C PHE W 160 41.03 3.82 -42.32
N LEU W 161 40.66 4.90 -41.64
CA LEU W 161 39.46 5.65 -41.99
C LEU W 161 39.74 6.53 -43.21
N GLN W 162 39.04 6.26 -44.30
CA GLN W 162 39.20 7.02 -45.53
C GLN W 162 38.16 8.15 -45.57
N ASP W 163 37.87 8.66 -46.75
CA ASP W 163 36.90 9.75 -46.92
C ASP W 163 35.54 9.16 -47.25
N ILE W 164 34.52 9.60 -46.53
CA ILE W 164 33.16 9.12 -46.75
C ILE W 164 32.62 9.77 -48.02
N LYS W 165 32.19 8.95 -48.97
CA LYS W 165 31.67 9.47 -50.22
C LYS W 165 30.26 10.03 -50.04
N LYS W 166 29.92 11.01 -50.89
CA LYS W 166 28.61 11.64 -50.85
C LYS W 166 27.59 10.84 -51.67
N PRO W 167 26.31 10.89 -51.30
CA PRO W 167 25.29 10.17 -52.07
C PRO W 167 25.19 10.73 -53.48
N ASP W 168 25.08 9.82 -54.46
CA ASP W 168 25.00 10.22 -55.86
C ASP W 168 23.65 10.85 -56.20
N ARG W 169 22.61 10.57 -55.42
CA ARG W 169 21.28 11.12 -55.67
C ARG W 169 20.87 11.95 -54.47
N ASP W 170 20.46 13.20 -54.73
CA ASP W 170 20.03 14.11 -53.68
C ASP W 170 18.53 14.39 -53.72
N ASP W 171 17.93 14.37 -54.90
CA ASP W 171 16.50 14.62 -55.06
C ASP W 171 15.80 13.27 -55.28
N TRP W 172 15.23 12.73 -54.21
CA TRP W 172 14.55 11.45 -54.28
C TRP W 172 13.13 11.56 -54.84
N CYS W 173 12.61 12.77 -55.01
CA CYS W 173 11.30 13.01 -55.59
C CYS W 173 10.20 12.30 -54.81
N SER W 174 9.84 11.09 -55.26
CA SER W 174 8.79 10.31 -54.58
C SER W 174 9.40 9.41 -53.52
N GLY W 175 8.83 8.22 -53.35
CA GLY W 175 9.31 7.28 -52.36
C GLY W 175 9.75 5.96 -52.95
N LEU W 176 9.26 5.63 -54.15
CA LEU W 176 9.63 4.38 -54.78
C LEU W 176 11.10 4.35 -55.17
N ASN W 177 11.62 5.45 -55.70
CA ASN W 177 13.04 5.52 -56.07
C ASN W 177 13.92 5.38 -54.83
N ALA W 178 13.52 5.98 -53.71
CA ALA W 178 14.28 5.85 -52.48
C ALA W 178 14.27 4.41 -51.99
N MET W 179 13.14 3.72 -52.10
CA MET W 179 13.07 2.31 -51.70
C MET W 179 13.94 1.45 -52.60
N GLU W 180 13.95 1.73 -53.91
CA GLU W 180 14.81 0.97 -54.81
C GLU W 180 16.28 1.20 -54.50
N SER W 181 16.65 2.45 -54.21
CA SER W 181 18.04 2.75 -53.85
C SER W 181 18.43 2.06 -52.55
N ALA W 182 17.53 2.05 -51.57
CA ALA W 182 17.82 1.36 -50.31
C ALA W 182 17.95 -0.14 -50.51
N LEU W 183 17.12 -0.72 -51.38
CA LEU W 183 17.22 -2.14 -51.66
C LEU W 183 18.53 -2.47 -52.36
N HIS W 184 18.95 -1.64 -53.33
CA HIS W 184 20.22 -1.86 -54.00
C HIS W 184 21.38 -1.73 -53.02
N LEU W 185 21.30 -0.75 -52.10
CA LEU W 185 22.35 -0.58 -51.11
C LEU W 185 22.43 -1.78 -50.17
N GLU W 186 21.27 -2.31 -49.76
CA GLU W 186 21.26 -3.49 -48.90
C GLU W 186 21.80 -4.71 -49.63
N LYS W 187 21.49 -4.84 -50.93
CA LYS W 187 22.05 -5.94 -51.71
C LYS W 187 23.56 -5.82 -51.83
N SER W 188 24.06 -4.60 -52.02
CA SER W 188 25.52 -4.40 -52.07
C SER W 188 26.16 -4.72 -50.74
N VAL W 189 25.52 -4.34 -49.63
CA VAL W 189 26.05 -4.65 -48.31
C VAL W 189 26.07 -6.16 -48.08
N ASN W 190 25.02 -6.85 -48.53
CA ASN W 190 24.97 -8.31 -48.39
C ASN W 190 26.06 -8.97 -49.23
N GLN W 191 26.29 -8.47 -50.44
CA GLN W 191 27.37 -9.01 -51.27
C GLN W 191 28.73 -8.78 -50.63
N SER W 192 28.94 -7.60 -50.04
CA SER W 192 30.20 -7.33 -49.35
C SER W 192 30.37 -8.25 -48.15
N LEU W 193 29.28 -8.51 -47.42
CA LEU W 193 29.36 -9.42 -46.29
C LEU W 193 29.67 -10.85 -46.73
N LEU W 194 29.09 -11.27 -47.86
CA LEU W 194 29.40 -12.60 -48.39
C LEU W 194 30.85 -12.70 -48.83
N GLU W 195 31.38 -11.64 -49.46
CA GLU W 195 32.78 -11.64 -49.84
C GLU W 195 33.69 -11.67 -48.62
N LEU W 196 33.33 -10.93 -47.58
CA LEU W 196 34.11 -10.96 -46.33
C LEU W 196 34.08 -12.35 -45.70
N HIS W 197 32.91 -12.99 -45.71
CA HIS W 197 32.81 -14.34 -45.16
C HIS W 197 33.67 -15.32 -45.96
N LYS W 198 33.64 -15.22 -47.29
CA LYS W 198 34.45 -16.10 -48.12
C LYS W 198 35.94 -15.87 -47.88
N LEU W 199 36.35 -14.61 -47.75
CA LEU W 199 37.75 -14.31 -47.50
C LEU W 199 38.19 -14.80 -46.13
N ALA W 200 37.33 -14.69 -45.13
CA ALA W 200 37.67 -15.19 -43.80
C ALA W 200 37.71 -16.71 -43.77
N THR W 201 36.87 -17.37 -44.57
CA THR W 201 36.92 -18.82 -44.64
C THR W 201 38.16 -19.30 -45.37
N ASP W 202 38.56 -18.61 -46.44
CA ASP W 202 39.74 -19.00 -47.19
C ASP W 202 41.04 -18.66 -46.46
N LYS W 203 40.99 -17.76 -45.48
CA LYS W 203 42.17 -17.36 -44.73
C LYS W 203 42.13 -17.85 -43.29
N ASN W 204 41.24 -18.81 -42.98
CA ASN W 204 41.12 -19.40 -41.66
C ASN W 204 40.86 -18.35 -40.59
N ASP W 205 39.61 -17.91 -40.47
CA ASP W 205 39.20 -16.94 -39.45
C ASP W 205 37.83 -17.34 -38.94
N PRO W 206 37.77 -18.26 -37.98
CA PRO W 206 36.46 -18.76 -37.51
C PRO W 206 35.71 -17.76 -36.64
N HIS W 207 36.44 -17.01 -35.81
CA HIS W 207 35.79 -16.08 -34.89
C HIS W 207 35.09 -14.95 -35.64
N LEU W 208 35.82 -14.30 -36.57
CA LEU W 208 35.22 -13.22 -37.34
C LEU W 208 34.08 -13.74 -38.20
N CYS W 209 34.24 -14.92 -38.81
CA CYS W 209 33.19 -15.51 -39.62
C CYS W 209 31.93 -15.73 -38.79
N ASP W 210 32.06 -16.33 -37.61
CA ASP W 210 30.91 -16.58 -36.75
C ASP W 210 30.27 -15.28 -36.31
N PHE W 211 31.09 -14.29 -35.94
CA PHE W 211 30.54 -13.02 -35.49
C PHE W 211 29.75 -12.33 -36.59
N ILE W 212 30.28 -12.35 -37.82
CA ILE W 212 29.59 -11.71 -38.93
C ILE W 212 28.31 -12.47 -39.28
N GLU W 213 28.35 -13.80 -39.28
CA GLU W 213 27.17 -14.56 -39.65
C GLU W 213 26.12 -14.59 -38.55
N THR W 214 26.48 -14.23 -37.31
CA THR W 214 25.54 -14.23 -36.20
C THR W 214 24.99 -12.84 -35.91
N TYR W 215 25.87 -11.90 -35.55
CA TYR W 215 25.43 -10.58 -35.06
C TYR W 215 25.35 -9.54 -36.17
N TYR W 216 25.14 -9.96 -37.42
CA TYR W 216 25.02 -9.00 -38.51
C TYR W 216 24.02 -9.47 -39.57
N LEU W 217 24.17 -10.72 -40.03
CA LEU W 217 23.28 -11.22 -41.07
C LEU W 217 21.84 -11.35 -40.57
N SER W 218 21.65 -11.63 -39.27
CA SER W 218 20.30 -11.79 -38.73
C SER W 218 19.50 -10.50 -38.85
N GLU W 219 20.17 -9.36 -38.84
CA GLU W 219 19.48 -8.08 -39.02
C GLU W 219 19.44 -7.65 -40.49
N GLN W 220 20.49 -7.94 -41.24
CA GLN W 220 20.52 -7.56 -42.65
C GLN W 220 19.47 -8.29 -43.45
N VAL W 221 19.27 -9.60 -43.18
CA VAL W 221 18.25 -10.35 -43.90
C VAL W 221 16.87 -9.81 -43.59
N LYS W 222 16.61 -9.48 -42.33
CA LYS W 222 15.31 -8.92 -41.96
C LYS W 222 15.09 -7.56 -42.61
N SER W 223 16.14 -6.73 -42.67
CA SER W 223 16.02 -5.42 -43.32
C SER W 223 15.74 -5.58 -44.81
N ILE W 224 16.43 -6.51 -45.47
CA ILE W 224 16.20 -6.75 -46.89
C ILE W 224 14.78 -7.24 -47.12
N LYS W 225 14.30 -8.14 -46.26
CA LYS W 225 12.94 -8.65 -46.39
C LYS W 225 11.91 -7.54 -46.19
N GLU W 226 12.14 -6.66 -45.21
CA GLU W 226 11.22 -5.56 -44.98
C GLU W 226 11.21 -4.59 -46.15
N LEU W 227 12.38 -4.28 -46.71
CA LEU W 227 12.43 -3.40 -47.87
C LEU W 227 11.76 -4.03 -49.08
N GLY W 228 11.94 -5.33 -49.27
CA GLY W 228 11.25 -6.01 -50.36
C GLY W 228 9.75 -5.99 -50.19
N ASP W 229 9.28 -6.20 -48.95
CA ASP W 229 7.84 -6.12 -48.70
C ASP W 229 7.31 -4.72 -48.96
N HIS W 230 8.06 -3.70 -48.56
CA HIS W 230 7.64 -2.33 -48.82
C HIS W 230 7.57 -2.04 -50.31
N VAL W 231 8.57 -2.50 -51.07
CA VAL W 231 8.57 -2.30 -52.52
C VAL W 231 7.39 -3.03 -53.15
N THR W 232 7.11 -4.25 -52.70
CA THR W 232 5.98 -5.00 -53.24
C THR W 232 4.66 -4.30 -52.94
N ASN W 233 4.53 -3.74 -51.73
CA ASN W 233 3.31 -3.01 -51.38
C ASN W 233 3.17 -1.74 -52.21
N LEU W 234 4.28 -1.05 -52.47
CA LEU W 234 4.22 0.17 -53.25
C LEU W 234 3.93 -0.11 -54.72
N ARG W 235 4.39 -1.24 -55.24
CA ARG W 235 4.19 -1.60 -56.64
C ARG W 235 2.87 -2.34 -56.86
N LYS W 236 1.90 -2.19 -55.97
CA LYS W 236 0.60 -2.84 -56.13
C LYS W 236 -0.54 -1.88 -55.80
N MET W 237 -0.29 -0.97 -54.84
CA MET W 237 -1.34 -0.03 -54.45
C MET W 237 -1.59 1.02 -55.53
N GLY W 238 -0.55 1.41 -56.27
CA GLY W 238 -0.71 2.38 -57.33
C GLY W 238 0.42 3.37 -57.43
N ALA W 239 1.39 3.26 -56.53
CA ALA W 239 2.53 4.16 -56.54
C ALA W 239 3.38 3.94 -57.79
N PRO W 240 3.99 5.00 -58.34
CA PRO W 240 3.92 6.37 -57.84
C PRO W 240 2.73 7.16 -58.39
N CYS W 241 1.91 6.53 -59.21
CA CYS W 241 0.75 7.19 -59.82
C CYS W 241 -0.49 7.14 -58.94
N ALA W 242 -0.31 7.25 -57.62
CA ALA W 242 -1.45 7.25 -56.69
C ALA W 242 -1.02 7.99 -55.43
N GLY W 243 -1.44 9.25 -55.31
CA GLY W 243 -1.07 10.05 -54.16
C GLY W 243 -1.65 9.57 -52.85
N MET W 244 -2.82 8.92 -52.88
CA MET W 244 -3.43 8.41 -51.66
C MET W 244 -2.74 7.16 -51.16
N ALA W 245 -2.14 6.37 -52.05
CA ALA W 245 -1.45 5.16 -51.63
C ALA W 245 -0.24 5.47 -50.75
N GLU W 246 0.49 6.54 -51.09
CA GLU W 246 1.63 6.94 -50.26
C GLU W 246 1.18 7.35 -48.87
N TYR W 247 0.09 8.13 -48.79
CA TYR W 247 -0.42 8.55 -47.48
C TYR W 247 -0.93 7.35 -46.68
N LEU W 248 -1.55 6.38 -47.35
CA LEU W 248 -2.03 5.18 -46.65
C LEU W 248 -0.85 4.37 -46.12
N PHE W 249 0.19 4.19 -46.93
CA PHE W 249 1.37 3.46 -46.47
C PHE W 249 2.11 4.23 -45.38
N ASP W 250 2.00 5.56 -45.36
CA ASP W 250 2.66 6.35 -44.32
C ASP W 250 1.91 6.28 -42.99
N LYS W 251 0.59 6.42 -43.03
CA LYS W 251 -0.22 6.48 -41.82
C LYS W 251 -0.71 5.11 -41.37
N HIS W 252 0.00 4.04 -41.72
CA HIS W 252 -0.39 2.70 -41.29
C HIS W 252 0.83 1.81 -41.06
N THR W 253 1.66 1.66 -42.09
CA THR W 253 2.84 0.79 -41.97
C THR W 253 3.87 1.39 -41.02
N LEU W 254 4.44 2.54 -41.38
CA LEU W 254 5.45 3.20 -40.56
C LEU W 254 4.84 4.17 -39.56
N GLY W 255 3.52 4.24 -39.44
CA GLY W 255 2.88 5.15 -38.52
C GLY W 255 2.47 4.48 -37.21
N THR X 13 52.74 15.78 56.49
CA THR X 13 53.84 14.83 56.36
C THR X 13 53.35 13.39 56.52
N GLN X 14 52.13 13.24 57.03
CA GLN X 14 51.53 11.93 57.25
C GLN X 14 50.75 11.43 56.04
N ASP X 15 50.87 12.11 54.90
CA ASP X 15 50.03 11.78 53.74
C ASP X 15 50.32 10.38 53.22
N LEU X 16 51.58 10.12 52.85
CA LEU X 16 51.93 8.82 52.26
C LEU X 16 51.78 7.69 53.27
N ARG X 17 52.12 7.96 54.54
CA ARG X 17 51.98 6.95 55.58
C ARG X 17 50.50 6.57 55.76
N SER X 18 49.63 7.58 55.82
CA SER X 18 48.20 7.30 55.94
C SER X 18 47.67 6.56 54.73
N HIS X 19 48.13 6.94 53.53
CA HIS X 19 47.66 6.28 52.32
C HIS X 19 48.11 4.82 52.27
N LEU X 20 49.32 4.52 52.75
CA LEU X 20 49.80 3.15 52.74
C LEU X 20 49.23 2.32 53.87
N VAL X 21 48.81 2.95 54.98
CA VAL X 21 48.20 2.20 56.06
C VAL X 21 46.69 1.98 55.85
N HIS X 22 46.03 2.86 55.09
CA HIS X 22 44.61 2.70 54.81
C HIS X 22 44.32 1.61 53.79
N LYS X 23 45.35 0.90 53.30
CA LYS X 23 45.15 -0.20 52.37
C LYS X 23 44.94 -1.52 53.10
N LEU X 24 45.83 -1.85 54.04
CA LEU X 24 45.69 -3.12 54.76
C LEU X 24 44.50 -3.10 55.71
N VAL X 25 44.25 -1.97 56.37
CA VAL X 25 43.13 -1.88 57.29
C VAL X 25 41.79 -1.98 56.56
N GLN X 26 41.78 -1.71 55.25
CA GLN X 26 40.58 -1.90 54.43
C GLN X 26 40.54 -3.27 53.78
N ALA X 27 41.70 -3.88 53.53
CA ALA X 27 41.72 -5.21 52.93
C ALA X 27 41.41 -6.29 53.95
N ILE X 28 41.72 -6.06 55.23
CA ILE X 28 41.42 -7.06 56.25
C ILE X 28 39.91 -7.16 56.46
N PHE X 29 39.26 -6.05 56.78
CA PHE X 29 37.82 -5.99 57.03
C PHE X 29 37.21 -5.02 56.03
N PRO X 30 36.82 -5.50 54.84
CA PRO X 30 36.35 -4.57 53.79
C PRO X 30 34.88 -4.21 53.88
N CYS X 31 34.07 -4.94 54.65
CA CYS X 31 32.62 -4.73 54.72
C CYS X 31 32.24 -4.37 56.14
N PRO X 32 32.30 -3.09 56.52
CA PRO X 32 31.83 -2.68 57.85
C PRO X 32 30.32 -2.66 57.93
N ASP X 33 29.71 -3.83 58.02
CA ASP X 33 28.26 -3.94 58.04
C ASP X 33 27.71 -3.50 59.39
N PRO X 34 26.90 -2.44 59.44
CA PRO X 34 26.33 -2.00 60.73
C PRO X 34 25.05 -2.72 61.12
N CYS X 35 24.60 -3.68 60.32
CA CYS X 35 23.36 -4.40 60.59
C CYS X 35 23.57 -5.62 61.49
N ALA X 36 24.61 -5.62 62.30
CA ALA X 36 24.89 -6.75 63.18
C ALA X 36 25.58 -6.27 64.45
N LEU X 37 26.92 -6.34 64.47
CA LEU X 37 27.69 -5.94 65.64
C LEU X 37 27.88 -4.42 65.65
N LYS X 38 28.67 -3.95 66.62
CA LYS X 38 28.93 -2.52 66.75
C LYS X 38 30.14 -2.11 65.91
N ASP X 39 30.96 -1.20 66.42
CA ASP X 39 32.12 -0.72 65.68
C ASP X 39 33.38 -0.69 66.57
N ARG X 40 33.41 -1.49 67.62
CA ARG X 40 34.60 -1.56 68.46
C ARG X 40 35.60 -2.61 67.99
N ARG X 41 35.11 -3.69 67.39
CA ARG X 41 36.01 -4.70 66.83
C ARG X 41 36.78 -4.12 65.64
N MET X 42 36.14 -3.26 64.86
CA MET X 42 36.84 -2.59 63.76
C MET X 42 37.96 -1.71 64.29
N GLU X 43 37.70 -0.97 65.37
CA GLU X 43 38.73 -0.13 65.97
C GLU X 43 39.86 -0.97 66.54
N ASN X 44 39.53 -2.11 67.15
CA ASN X 44 40.58 -3.00 67.67
C ASN X 44 41.44 -3.55 66.53
N LEU X 45 40.80 -3.93 65.42
CA LEU X 45 41.56 -4.42 64.27
C LEU X 45 42.43 -3.32 63.69
N VAL X 46 41.93 -2.08 63.64
CA VAL X 46 42.72 -0.98 63.12
C VAL X 46 43.92 -0.73 64.01
N ALA X 47 43.73 -0.77 65.33
CA ALA X 47 44.85 -0.57 66.26
C ALA X 47 45.88 -1.69 66.12
N TYR X 48 45.41 -2.93 65.97
CA TYR X 48 46.34 -4.05 65.80
C TYR X 48 47.13 -3.91 64.50
N ALA X 49 46.46 -3.52 63.41
CA ALA X 49 47.15 -3.32 62.15
C ALA X 49 48.15 -2.17 62.23
N LYS X 50 47.80 -1.10 62.96
CA LYS X 50 48.74 0.00 63.15
C LYS X 50 49.97 -0.44 63.92
N LYS X 51 49.78 -1.24 64.98
CA LYS X 51 50.91 -1.74 65.74
C LYS X 51 51.79 -2.66 64.89
N VAL X 52 51.16 -3.51 64.08
CA VAL X 52 51.91 -4.41 63.20
C VAL X 52 52.73 -3.60 62.19
N GLU X 53 52.10 -2.59 61.58
CA GLU X 53 52.81 -1.73 60.64
C GLU X 53 53.96 -1.00 61.31
N GLY X 54 53.74 -0.54 62.53
CA GLY X 54 54.80 0.15 63.25
C GLY X 54 56.00 -0.74 63.52
N ASP X 55 55.75 -1.95 64.01
CA ASP X 55 56.87 -2.84 64.34
C ASP X 55 57.56 -3.33 63.07
N MET X 56 56.81 -3.57 61.98
CA MET X 56 57.45 -4.01 60.76
C MET X 56 58.17 -2.88 60.03
N TYR X 57 57.80 -1.63 60.28
CA TYR X 57 58.58 -0.51 59.76
C TYR X 57 59.82 -0.25 60.61
N GLU X 58 59.73 -0.51 61.92
CA GLU X 58 60.93 -0.42 62.76
C GLU X 58 61.90 -1.55 62.45
N SER X 59 61.41 -2.71 62.03
CA SER X 59 62.26 -3.82 61.63
C SER X 59 62.48 -3.87 60.13
N ALA X 60 62.48 -2.73 59.46
CA ALA X 60 62.67 -2.65 58.02
C ALA X 60 64.15 -2.36 57.73
N ASN X 61 64.45 -2.00 56.48
CA ASN X 61 65.83 -1.71 56.10
C ASN X 61 65.90 -0.78 54.89
N SER X 62 64.96 -0.93 53.95
CA SER X 62 64.97 -0.11 52.74
C SER X 62 63.53 0.32 52.46
N ARG X 63 63.25 0.68 51.21
CA ARG X 63 61.93 1.16 50.80
C ARG X 63 61.27 0.28 49.75
N ASP X 64 62.01 -0.17 48.73
CA ASP X 64 61.42 -1.00 47.71
C ASP X 64 61.07 -2.39 48.24
N GLU X 65 61.97 -2.98 49.02
CA GLU X 65 61.67 -4.27 49.63
C GLU X 65 60.50 -4.17 50.60
N TYR X 66 60.33 -3.02 51.25
CA TYR X 66 59.19 -2.82 52.13
C TYR X 66 57.88 -2.86 51.35
N TYR X 67 57.85 -2.17 50.21
CA TYR X 67 56.65 -2.18 49.38
C TYR X 67 56.40 -3.58 48.81
N HIS X 68 57.46 -4.30 48.45
CA HIS X 68 57.28 -5.66 47.95
C HIS X 68 56.71 -6.57 49.03
N LEU X 69 57.21 -6.45 50.27
CA LEU X 69 56.69 -7.25 51.37
C LEU X 69 55.24 -6.89 51.67
N LEU X 70 54.90 -5.60 51.59
CA LEU X 70 53.52 -5.19 51.80
C LEU X 70 52.60 -5.77 50.72
N ALA X 71 53.05 -5.76 49.47
CA ALA X 71 52.25 -6.34 48.39
C ALA X 71 52.07 -7.84 48.58
N GLU X 72 53.14 -8.53 48.99
CA GLU X 72 53.04 -9.97 49.25
C GLU X 72 52.08 -10.25 50.41
N LYS X 73 52.13 -9.43 51.46
CA LYS X 73 51.23 -9.61 52.59
C LYS X 73 49.78 -9.37 52.18
N ILE X 74 49.53 -8.35 51.35
CA ILE X 74 48.17 -8.10 50.87
C ILE X 74 47.68 -9.26 50.02
N TYR X 75 48.54 -9.78 49.14
CA TYR X 75 48.15 -10.91 48.30
C TYR X 75 47.92 -12.17 49.13
N LYS X 76 48.63 -12.32 50.25
CA LYS X 76 48.46 -13.50 51.09
C LYS X 76 47.17 -13.41 51.92
N ILE X 77 46.89 -12.23 52.46
CA ILE X 77 45.72 -12.09 53.32
C ILE X 77 44.42 -12.07 52.53
N GLN X 78 44.47 -11.79 51.23
CA GLN X 78 43.27 -11.79 50.40
C GLN X 78 42.88 -13.19 49.94
N LYS X 79 43.58 -14.24 50.40
CA LYS X 79 43.25 -15.62 50.10
C LYS X 79 43.25 -16.40 51.41
N GLU X 80 42.33 -16.05 52.29
CA GLU X 80 42.24 -16.63 53.62
C GLU X 80 41.00 -17.53 53.68
N LEU X 81 39.83 -17.04 54.08
CA LEU X 81 38.64 -17.87 54.20
C LEU X 81 37.41 -17.10 53.71
N GLU X 82 37.42 -16.76 52.42
CA GLU X 82 36.31 -16.07 51.79
C GLU X 82 35.31 -17.03 51.15
N GLU X 83 35.23 -18.26 51.64
CA GLU X 83 34.32 -19.29 51.15
C GLU X 83 34.54 -19.58 49.65
N LYS X 84 35.72 -19.26 49.14
CA LYS X 84 36.06 -19.46 47.73
C LYS X 84 35.03 -18.79 46.83
N SER X 85 34.04 -19.55 46.37
CA SER X 85 32.97 -19.04 45.53
C SER X 85 31.87 -20.10 45.49
N GLN X 86 30.76 -19.76 44.82
CA GLN X 86 29.64 -20.68 44.66
C GLN X 86 29.58 -21.31 43.28
N VAL X 87 30.26 -20.75 42.28
CA VAL X 87 30.28 -21.30 40.93
C VAL X 87 31.68 -21.71 40.49
N ARG X 88 32.69 -21.55 41.35
CA ARG X 88 34.06 -21.90 41.01
C ARG X 88 34.25 -23.40 41.22
N GLN X 89 34.62 -24.11 40.15
CA GLN X 89 34.82 -25.55 40.18
C GLN X 89 36.06 -25.88 39.36
N ASN X 90 37.08 -26.43 40.02
CA ASN X 90 38.34 -26.80 39.37
C ASN X 90 38.97 -25.61 38.67
N TYR X 91 39.65 -24.75 39.42
CA TYR X 91 40.30 -23.58 38.86
C TYR X 91 41.46 -23.18 39.77
N HIS X 92 42.68 -23.31 39.25
CA HIS X 92 43.89 -23.03 40.00
C HIS X 92 44.19 -21.53 39.96
N GLN X 93 45.01 -21.09 40.92
CA GLN X 93 45.37 -19.68 41.00
C GLN X 93 46.28 -19.24 39.86
N ASP X 94 47.02 -20.16 39.25
CA ASP X 94 47.85 -19.80 38.11
C ASP X 94 47.02 -19.34 36.93
N ALA X 95 45.90 -20.02 36.67
CA ALA X 95 45.00 -19.59 35.60
C ALA X 95 44.39 -18.23 35.92
N GLU X 96 44.07 -17.97 37.19
CA GLU X 96 43.54 -16.66 37.57
C GLU X 96 44.57 -15.56 37.35
N ALA X 97 45.82 -15.81 37.73
CA ALA X 97 46.87 -14.83 37.51
C ALA X 97 47.11 -14.60 36.01
N ALA X 98 47.03 -15.66 35.21
CA ALA X 98 47.19 -15.52 33.77
C ALA X 98 46.05 -14.70 33.17
N ILE X 99 44.81 -14.92 33.64
CA ILE X 99 43.68 -14.14 33.16
C ILE X 99 43.83 -12.68 33.56
N ASN X 100 44.33 -12.43 34.78
CA ASN X 100 44.56 -11.06 35.21
C ASN X 100 45.61 -10.36 34.35
N ARG X 101 46.70 -11.07 34.05
CA ARG X 101 47.73 -10.50 33.18
C ARG X 101 47.20 -10.25 31.78
N GLN X 102 46.37 -11.17 31.27
CA GLN X 102 45.78 -10.98 29.95
C GLN X 102 44.85 -9.76 29.93
N ILE X 103 44.07 -9.58 31.00
CA ILE X 103 43.19 -8.42 31.08
C ILE X 103 44.01 -7.13 31.14
N ASN X 104 45.11 -7.15 31.91
CA ASN X 104 45.97 -5.97 31.97
C ASN X 104 46.58 -5.66 30.60
N LEU X 105 46.99 -6.70 29.87
CA LEU X 105 47.54 -6.48 28.53
C LEU X 105 46.47 -5.96 27.57
N GLU X 106 45.23 -6.45 27.70
CA GLU X 106 44.15 -5.95 26.87
C GLU X 106 43.87 -4.48 27.17
N LEU X 107 43.89 -4.09 28.44
CA LEU X 107 43.69 -2.69 28.79
C LEU X 107 44.83 -1.82 28.27
N TYR X 108 46.06 -2.32 28.36
CA TYR X 108 47.20 -1.57 27.82
C TYR X 108 47.08 -1.40 26.31
N ALA X 109 46.66 -2.46 25.61
CA ALA X 109 46.48 -2.37 24.16
C ALA X 109 45.36 -1.39 23.81
N SER X 110 44.28 -1.38 24.58
CA SER X 110 43.21 -0.42 24.34
C SER X 110 43.70 1.01 24.57
N TYR X 111 44.51 1.23 25.60
CA TYR X 111 45.06 2.56 25.85
C TYR X 111 45.99 2.98 24.72
N VAL X 112 46.82 2.07 24.23
CA VAL X 112 47.73 2.39 23.12
C VAL X 112 46.94 2.72 21.86
N TYR X 113 45.88 1.96 21.59
CA TYR X 113 45.07 2.23 20.41
C TYR X 113 44.32 3.57 20.54
N LEU X 114 43.88 3.91 21.76
CA LEU X 114 43.26 5.21 21.97
C LEU X 114 44.26 6.33 21.73
N SER X 115 45.49 6.16 22.22
CA SER X 115 46.53 7.16 22.00
C SER X 115 46.83 7.31 20.51
N MET X 116 46.87 6.19 19.79
CA MET X 116 47.11 6.25 18.35
C MET X 116 45.96 6.96 17.62
N SER X 117 44.71 6.67 18.03
CA SER X 117 43.57 7.34 17.40
C SER X 117 43.56 8.83 17.69
N CYS X 118 43.98 9.23 18.89
CA CYS X 118 44.02 10.65 19.23
C CYS X 118 45.22 11.36 18.65
N TYR X 119 46.29 10.64 18.31
CA TYR X 119 47.46 11.27 17.71
C TYR X 119 47.23 11.59 16.24
N PHE X 120 46.67 10.63 15.49
CA PHE X 120 46.41 10.84 14.08
C PHE X 120 45.26 11.80 13.83
N ASP X 121 44.45 12.08 14.85
CA ASP X 121 43.33 13.02 14.74
C ASP X 121 43.75 14.45 15.02
N ARG X 122 45.04 14.69 15.27
CA ARG X 122 45.53 16.03 15.59
C ARG X 122 45.64 16.89 14.34
N ASP X 123 46.33 18.01 14.44
CA ASP X 123 46.52 18.93 13.32
C ASP X 123 47.83 18.71 12.57
N ASP X 124 48.83 18.12 13.23
CA ASP X 124 50.12 17.88 12.59
C ASP X 124 50.15 16.58 11.80
N VAL X 125 49.08 15.79 11.83
CA VAL X 125 48.99 14.54 11.09
C VAL X 125 47.89 14.58 10.04
N ALA X 126 46.67 14.93 10.45
CA ALA X 126 45.52 15.08 9.56
C ALA X 126 45.25 13.78 8.79
N LEU X 127 44.87 12.75 9.55
CA LEU X 127 44.50 11.45 9.00
C LEU X 127 43.27 10.95 9.75
N LYS X 128 42.09 11.14 9.16
CA LYS X 128 40.84 10.76 9.80
C LYS X 128 40.54 9.27 9.70
N ASN X 129 40.88 8.64 8.57
CA ASN X 129 40.59 7.21 8.41
C ASN X 129 41.43 6.37 9.36
N PHE X 130 42.72 6.71 9.50
CA PHE X 130 43.56 6.00 10.46
C PHE X 130 43.05 6.19 11.88
N ALA X 131 42.60 7.40 12.22
CA ALA X 131 42.07 7.65 13.55
C ALA X 131 40.81 6.84 13.79
N LYS X 132 39.93 6.75 12.80
CA LYS X 132 38.71 5.96 12.95
C LYS X 132 39.03 4.47 13.08
N TYR X 133 40.00 3.98 12.32
CA TYR X 133 40.39 2.58 12.42
C TYR X 133 40.99 2.28 13.79
N PHE X 134 41.83 3.18 14.30
CA PHE X 134 42.42 2.97 15.63
C PHE X 134 41.37 3.06 16.72
N LEU X 135 40.37 3.93 16.55
CA LEU X 135 39.28 4.00 17.52
C LEU X 135 38.44 2.72 17.50
N HIS X 136 38.19 2.18 16.31
CA HIS X 136 37.47 0.91 16.22
C HIS X 136 38.27 -0.22 16.86
N GLN X 137 39.59 -0.24 16.65
CA GLN X 137 40.42 -1.25 17.29
C GLN X 137 40.41 -1.09 18.81
N SER X 138 40.43 0.14 19.30
CA SER X 138 40.35 0.36 20.75
C SER X 138 39.01 -0.10 21.30
N HIS X 139 37.93 0.14 20.56
CA HIS X 139 36.62 -0.33 20.99
C HIS X 139 36.57 -1.85 21.02
N GLU X 140 37.18 -2.50 20.02
CA GLU X 140 37.23 -3.97 20.01
C GLU X 140 38.04 -4.50 21.20
N GLU X 141 39.16 -3.85 21.51
CA GLU X 141 39.96 -4.26 22.65
C GLU X 141 39.19 -4.07 23.96
N ARG X 142 38.44 -2.97 24.06
CA ARG X 142 37.63 -2.75 25.25
CA ARG X 142 37.63 -2.74 25.24
C ARG X 142 36.55 -3.80 25.39
N GLU X 143 35.89 -4.17 24.28
CA GLU X 143 34.87 -5.21 24.33
C GLU X 143 35.46 -6.55 24.70
N HIS X 144 36.65 -6.86 24.18
CA HIS X 144 37.32 -8.12 24.53
C HIS X 144 37.70 -8.14 26.01
N ALA X 145 38.17 -7.00 26.55
CA ALA X 145 38.50 -6.93 27.96
C ALA X 145 37.26 -7.10 28.83
N GLU X 146 36.14 -6.47 28.44
CA GLU X 146 34.91 -6.63 29.19
C GLU X 146 34.41 -8.07 29.13
N LYS X 147 34.57 -8.73 27.97
CA LYS X 147 34.17 -10.13 27.85
C LYS X 147 35.04 -11.02 28.72
N LEU X 148 36.34 -10.75 28.78
CA LEU X 148 37.22 -11.51 29.66
C LEU X 148 36.84 -11.31 31.12
N MET X 149 36.53 -10.07 31.50
CA MET X 149 36.12 -9.80 32.87
C MET X 149 34.82 -10.52 33.21
N LYS X 150 33.86 -10.52 32.28
CA LYS X 150 32.60 -11.23 32.51
C LYS X 150 32.82 -12.74 32.62
N LEU X 151 33.70 -13.29 31.78
CA LEU X 151 33.99 -14.72 31.86
C LEU X 151 34.67 -15.07 33.18
N GLN X 152 35.58 -14.21 33.66
CA GLN X 152 36.21 -14.46 34.94
C GLN X 152 35.21 -14.36 36.09
N ASN X 153 34.26 -13.42 35.98
CA ASN X 153 33.23 -13.31 37.01
C ASN X 153 32.28 -14.50 37.00
N GLN X 154 32.02 -15.07 35.83
CA GLN X 154 31.14 -16.24 35.75
C GLN X 154 31.81 -17.51 36.28
N ARG X 155 33.13 -17.55 36.32
CA ARG X 155 33.86 -18.71 36.82
C ARG X 155 34.16 -18.61 38.32
N GLY X 156 33.67 -17.59 39.00
CA GLY X 156 33.91 -17.45 40.42
C GLY X 156 35.34 -17.10 40.78
N GLY X 157 35.94 -16.15 40.06
CA GLY X 157 37.30 -15.75 40.33
C GLY X 157 37.46 -14.27 40.61
N ARG X 158 38.46 -13.92 41.40
CA ARG X 158 38.71 -12.52 41.75
C ARG X 158 39.46 -11.82 40.62
N ILE X 159 39.21 -10.52 40.50
CA ILE X 159 39.86 -9.69 39.48
C ILE X 159 40.67 -8.63 40.20
N PHE X 160 41.98 -8.67 40.03
CA PHE X 160 42.91 -7.74 40.67
C PHE X 160 43.32 -6.69 39.63
N LEU X 161 42.59 -5.58 39.61
CA LEU X 161 42.90 -4.51 38.66
C LEU X 161 44.10 -3.72 39.15
N GLN X 162 45.18 -3.74 38.38
CA GLN X 162 46.40 -3.02 38.72
C GLN X 162 46.37 -1.65 38.05
N ASP X 163 47.54 -1.03 37.89
CA ASP X 163 47.66 0.29 37.28
C ASP X 163 47.97 0.13 35.79
N ILE X 164 47.20 0.81 34.95
CA ILE X 164 47.40 0.75 33.50
C ILE X 164 48.63 1.57 33.14
N LYS X 165 49.58 0.93 32.48
CA LYS X 165 50.81 1.61 32.11
C LYS X 165 50.58 2.53 30.92
N LYS X 166 51.40 3.58 30.84
CA LYS X 166 51.30 4.57 29.76
C LYS X 166 52.10 4.11 28.55
N PRO X 167 51.70 4.52 27.34
CA PRO X 167 52.46 4.15 26.15
C PRO X 167 53.85 4.75 26.17
N ASP X 168 54.84 3.93 25.79
CA ASP X 168 56.23 4.38 25.80
C ASP X 168 56.52 5.37 24.68
N ARG X 169 55.72 5.38 23.61
CA ARG X 169 55.92 6.28 22.49
C ARG X 169 54.69 7.18 22.36
N ASP X 170 54.90 8.48 22.32
CA ASP X 170 53.82 9.46 22.19
C ASP X 170 53.81 10.15 20.83
N ASP X 171 54.97 10.35 20.22
CA ASP X 171 55.09 11.00 18.92
C ASP X 171 55.31 9.91 17.87
N TRP X 172 54.24 9.52 17.19
CA TRP X 172 54.32 8.48 16.17
C TRP X 172 54.83 9.01 14.83
N CYS X 173 54.96 10.32 14.67
CA CYS X 173 55.51 10.94 13.47
C CYS X 173 54.71 10.54 12.23
N SER X 174 55.16 9.51 11.53
CA SER X 174 54.47 9.04 10.33
C SER X 174 53.46 7.97 10.67
N GLY X 175 53.30 6.98 9.78
CA GLY X 175 52.34 5.92 10.00
C GLY X 175 52.97 4.54 10.04
N LEU X 176 54.16 4.40 9.45
CA LEU X 176 54.84 3.12 9.42
C LEU X 176 55.27 2.68 10.83
N ASN X 177 55.78 3.61 11.62
CA ASN X 177 56.18 3.27 12.99
C ASN X 177 54.98 2.85 13.83
N ALA X 178 53.85 3.52 13.63
CA ALA X 178 52.64 3.14 14.35
C ALA X 178 52.17 1.74 13.95
N MET X 179 52.27 1.41 12.66
CA MET X 179 51.90 0.08 12.20
C MET X 179 52.84 -0.98 12.77
N GLU X 180 54.14 -0.68 12.83
CA GLU X 180 55.09 -1.62 13.42
C GLU X 180 54.82 -1.82 14.91
N SER X 181 54.50 -0.75 15.63
CA SER X 181 54.19 -0.86 17.04
C SER X 181 52.92 -1.67 17.25
N ALA X 182 51.90 -1.45 16.41
CA ALA X 182 50.67 -2.23 16.52
C ALA X 182 50.92 -3.70 16.22
N LEU X 183 51.77 -3.99 15.23
CA LEU X 183 52.09 -5.38 14.92
C LEU X 183 52.83 -6.05 16.07
N HIS X 184 53.79 -5.34 16.67
CA HIS X 184 54.50 -5.89 17.82
C HIS X 184 53.55 -6.12 19.00
N LEU X 185 52.61 -5.19 19.21
CA LEU X 185 51.64 -5.35 20.29
C LEU X 185 50.73 -6.56 20.04
N GLU X 186 50.30 -6.75 18.79
CA GLU X 186 49.46 -7.89 18.47
C GLU X 186 50.24 -9.20 18.62
N LYS X 187 51.52 -9.20 18.25
CA LYS X 187 52.35 -10.39 18.46
C LYS X 187 52.51 -10.70 19.94
N SER X 188 52.69 -9.67 20.77
CA SER X 188 52.79 -9.89 22.21
C SER X 188 51.47 -10.42 22.77
N VAL X 189 50.34 -9.90 22.28
CA VAL X 189 49.04 -10.40 22.73
C VAL X 189 48.86 -11.85 22.32
N ASN X 190 49.29 -12.21 21.11
CA ASN X 190 49.17 -13.59 20.66
C ASN X 190 50.06 -14.51 21.49
N GLN X 191 51.27 -14.05 21.84
CA GLN X 191 52.13 -14.85 22.69
C GLN X 191 51.53 -15.04 24.08
N SER X 192 50.93 -13.98 24.62
CA SER X 192 50.27 -14.11 25.92
C SER X 192 49.09 -15.08 25.86
N LEU X 193 48.33 -15.03 24.75
CA LEU X 193 47.22 -15.97 24.60
C LEU X 193 47.72 -17.40 24.47
N LEU X 194 48.83 -17.61 23.76
CA LEU X 194 49.40 -18.96 23.67
C LEU X 194 49.87 -19.45 25.04
N GLU X 195 50.50 -18.56 25.82
CA GLU X 195 50.93 -18.95 27.17
C GLU X 195 49.73 -19.28 28.04
N LEU X 196 48.66 -18.50 27.94
CA LEU X 196 47.45 -18.78 28.70
C LEU X 196 46.84 -20.12 28.30
N HIS X 197 46.83 -20.42 26.99
CA HIS X 197 46.31 -21.69 26.52
C HIS X 197 47.15 -22.84 27.05
N LYS X 198 48.48 -22.70 27.02
CA LYS X 198 49.35 -23.76 27.52
C LYS X 198 49.16 -23.97 29.02
N LEU X 199 49.00 -22.87 29.77
CA LEU X 199 48.79 -22.99 31.21
C LEU X 199 47.44 -23.64 31.53
N ALA X 200 46.41 -23.30 30.75
CA ALA X 200 45.11 -23.92 30.96
C ALA X 200 45.12 -25.39 30.58
N THR X 201 45.90 -25.76 29.57
CA THR X 201 46.00 -27.17 29.20
C THR X 201 46.78 -27.97 30.25
N ASP X 202 47.85 -27.38 30.78
CA ASP X 202 48.65 -28.07 31.80
C ASP X 202 47.94 -28.13 33.14
N LYS X 203 46.95 -27.27 33.38
CA LYS X 203 46.22 -27.25 34.65
C LYS X 203 44.79 -27.76 34.49
N ASN X 204 44.48 -28.43 33.37
CA ASN X 204 43.17 -29.00 33.12
C ASN X 204 42.06 -27.95 33.20
N ASP X 205 41.89 -27.18 32.13
CA ASP X 205 40.84 -26.16 32.04
C ASP X 205 40.30 -26.17 30.62
N PRO X 206 39.36 -27.07 30.32
CA PRO X 206 38.87 -27.18 28.94
C PRO X 206 37.95 -26.04 28.52
N HIS X 207 37.12 -25.56 29.45
CA HIS X 207 36.16 -24.50 29.11
C HIS X 207 36.87 -23.21 28.76
N LEU X 208 37.80 -22.76 29.61
CA LEU X 208 38.53 -21.53 29.32
C LEU X 208 39.39 -21.67 28.06
N CYS X 209 40.01 -22.84 27.87
CA CYS X 209 40.80 -23.07 26.68
C CYS X 209 39.95 -22.95 25.42
N ASP X 210 38.78 -23.61 25.42
CA ASP X 210 37.90 -23.55 24.26
C ASP X 210 37.40 -22.12 24.02
N PHE X 211 37.04 -21.41 25.08
CA PHE X 211 36.54 -20.06 24.94
C PHE X 211 37.61 -19.14 24.35
N ILE X 212 38.85 -19.28 24.82
CA ILE X 212 39.93 -18.43 24.32
C ILE X 212 40.25 -18.78 22.87
N GLU X 213 40.28 -20.07 22.53
CA GLU X 213 40.64 -20.47 21.17
C GLU X 213 39.50 -20.22 20.18
N THR X 214 38.27 -20.02 20.66
CA THR X 214 37.13 -19.79 19.78
C THR X 214 36.80 -18.30 19.67
N TYR X 215 36.44 -17.65 20.77
CA TYR X 215 35.91 -16.29 20.75
C TYR X 215 36.99 -15.23 20.94
N TYR X 216 38.25 -15.53 20.59
CA TYR X 216 39.31 -14.55 20.72
C TYR X 216 40.36 -14.69 19.62
N LEU X 217 40.84 -15.91 19.39
CA LEU X 217 41.87 -16.11 18.36
C LEU X 217 41.32 -15.83 16.97
N SER X 218 40.03 -16.10 16.74
CA SER X 218 39.46 -15.89 15.41
C SER X 218 39.52 -14.42 14.99
N GLU X 219 39.51 -13.50 15.96
CA GLU X 219 39.64 -12.08 15.66
C GLU X 219 41.09 -11.62 15.71
N GLN X 220 41.89 -12.17 16.63
CA GLN X 220 43.28 -11.78 16.74
C GLN X 220 44.07 -12.16 15.49
N VAL X 221 43.83 -13.35 14.95
CA VAL X 221 44.54 -13.77 13.74
C VAL X 221 44.17 -12.87 12.57
N LYS X 222 42.89 -12.51 12.44
CA LYS X 222 42.47 -11.61 11.37
C LYS X 222 43.09 -10.23 11.53
N SER X 223 43.16 -9.74 12.77
CA SER X 223 43.78 -8.43 13.01
C SER X 223 45.27 -8.45 12.67
N ILE X 224 45.96 -9.53 13.05
CA ILE X 224 47.38 -9.64 12.73
C ILE X 224 47.58 -9.72 11.22
N LYS X 225 46.72 -10.46 10.52
CA LYS X 225 46.83 -10.55 9.08
C LYS X 225 46.58 -9.21 8.41
N GLU X 226 45.58 -8.45 8.91
CA GLU X 226 45.30 -7.14 8.34
C GLU X 226 46.45 -6.18 8.58
N LEU X 227 47.04 -6.20 9.78
CA LEU X 227 48.17 -5.33 10.05
C LEU X 227 49.38 -5.70 9.21
N GLY X 228 49.61 -7.01 9.00
CA GLY X 228 50.68 -7.43 8.12
C GLY X 228 50.47 -6.99 6.69
N ASP X 229 49.23 -7.09 6.20
CA ASP X 229 48.92 -6.62 4.85
C ASP X 229 49.14 -5.12 4.73
N HIS X 230 48.74 -4.36 5.77
CA HIS X 230 48.96 -2.92 5.75
C HIS X 230 50.45 -2.58 5.73
N VAL X 231 51.24 -3.29 6.53
CA VAL X 231 52.68 -3.04 6.56
C VAL X 231 53.30 -3.40 5.21
N THR X 232 52.86 -4.50 4.60
CA THR X 232 53.38 -4.88 3.30
C THR X 232 53.03 -3.85 2.23
N ASN X 233 51.81 -3.30 2.30
CA ASN X 233 51.42 -2.28 1.34
C ASN X 233 52.20 -0.98 1.55
N LEU X 234 52.48 -0.63 2.80
CA LEU X 234 53.23 0.58 3.08
C LEU X 234 54.70 0.43 2.69
N ARG X 235 55.26 -0.77 2.80
CA ARG X 235 56.65 -1.02 2.46
C ARG X 235 56.87 -1.35 0.99
N LYS X 236 55.94 -0.95 0.11
CA LYS X 236 56.07 -1.19 -1.31
C LYS X 236 55.68 0.04 -2.11
N MET X 237 54.71 0.81 -1.62
CA MET X 237 54.27 1.99 -2.33
C MET X 237 55.32 3.11 -2.30
N GLY X 238 56.09 3.20 -1.21
CA GLY X 238 57.12 4.21 -1.12
C GLY X 238 57.22 4.85 0.26
N ALA X 239 56.36 4.43 1.18
CA ALA X 239 56.38 4.97 2.52
C ALA X 239 57.67 4.56 3.24
N PRO X 240 58.21 5.42 4.12
CA PRO X 240 57.68 6.74 4.45
C PRO X 240 58.17 7.85 3.53
N CYS X 241 58.98 7.50 2.53
CA CYS X 241 59.54 8.48 1.60
C CYS X 241 58.63 8.76 0.42
N ALA X 242 57.31 8.78 0.65
CA ALA X 242 56.35 9.07 -0.42
C ALA X 242 55.10 9.62 0.24
N GLY X 243 54.93 10.95 0.19
CA GLY X 243 53.77 11.58 0.81
C GLY X 243 52.46 11.24 0.13
N MET X 244 52.47 10.95 -1.17
CA MET X 244 51.25 10.60 -1.87
C MET X 244 50.78 9.18 -1.56
N ALA X 245 51.71 8.29 -1.22
CA ALA X 245 51.34 6.92 -0.89
C ALA X 245 50.49 6.85 0.36
N GLU X 246 50.82 7.67 1.36
CA GLU X 246 50.02 7.70 2.59
C GLU X 246 48.61 8.20 2.31
N TYR X 247 48.48 9.25 1.48
CA TYR X 247 47.16 9.75 1.14
C TYR X 247 46.36 8.73 0.33
N LEU X 248 47.04 8.00 -0.56
CA LEU X 248 46.35 6.97 -1.33
C LEU X 248 45.87 5.83 -0.43
N PHE X 249 46.71 5.38 0.50
CA PHE X 249 46.29 4.34 1.43
C PHE X 249 45.21 4.83 2.39
N ASP X 250 45.16 6.14 2.66
CA ASP X 250 44.14 6.69 3.54
C ASP X 250 42.79 6.79 2.83
N LYS X 251 42.78 7.30 1.61
CA LYS X 251 41.55 7.55 0.87
C LYS X 251 41.10 6.36 0.02
N HIS X 252 41.50 5.14 0.39
CA HIS X 252 41.09 3.95 -0.35
C HIS X 252 40.91 2.76 0.57
N THR X 253 41.97 2.40 1.29
CA THR X 253 41.90 1.23 2.18
C THR X 253 40.97 1.49 3.36
N LEU X 254 41.33 2.43 4.22
CA LEU X 254 40.52 2.75 5.39
C LEU X 254 39.48 3.83 5.12
N GLY X 255 39.33 4.26 3.87
CA GLY X 255 38.36 5.29 3.54
C GLY X 255 37.06 4.73 2.98
#